data_7RIE
#
_entry.id   7RIE
#
_cell.length_a   175.290
_cell.length_b   175.858
_cell.length_c   234.679
_cell.angle_alpha   90.000
_cell.angle_beta   90.000
_cell.angle_gamma   90.000
#
_symmetry.space_group_name_H-M   'P 21 21 21'
#
loop_
_entity.id
_entity.type
_entity.pdbx_description
1 polymer 'M17 leucyl aminopeptidase'
2 non-polymer 'CARBONATE ION'
3 non-polymer 'ZINC ION'
4 non-polymer 'PENTAETHYLENE GLYCOL'
5 non-polymer "N-{(1R)-2-(hydroxyamino)-1-[4'-(hydroxymethyl)[1,1'-biphenyl]-4-yl]-2-oxoethyl}-2,2-dimethylpropanamide"
6 non-polymer 'SULFATE ION'
7 water water
#
_entity_poly.entity_id   1
_entity_poly.type   'polypeptide(L)'
_entity_poly.pdbx_seq_one_letter_code
;ASEVPQVVSLDPTSIPIEYNTPIHDIKVQVYDIKGGCNVEEGLTIFLVNNPGKENGPVKISSKVNDKQVSEFLKDENMEK
FNVKLGTSKHFYMFNDNKNSVAVGYVGCGSVADLSEADMKRVVLSLVTMLHDNKLSKLTVVFEINVDKNLFRFFLETLFY
EYMTDERFKSTDKNVNMEYIKHLGVYINNADTYKEEVEKARVYYFGTYYASQLIAAPSNYCNPVSLSNAAVELAQKLNLE
YKILGVKELEELKMGAYLSVGKGSMYPNKFIHLTYKSKGDVKKKIALVGKGITFDSGGYNLKAAPGSMIDLMKFDMSGCA
AVLGCAYCVGTLKPENVEIHFLSAVCENMVSKNSYRPGDIITASNGKTIEVGNTDAEGRLTLADALVYAEKLGVDYIVDI
ATLTGAMLYSLGTSYAGVFGNNEELINKILQSSKTSNEPVWWLPIINEYRATLNSKYADINQISSSVKASSIVASLFLKE
FVQNTAWAHIDIAGVSWNFKARKPKGFGVRLLTEFVLNDALHHHHHH
;
_entity_poly.pdbx_strand_id   A,B,C,D,E,F,G,H,I,J,K,L
#
loop_
_chem_comp.id
_chem_comp.type
_chem_comp.name
_chem_comp.formula
1PE non-polymer 'PENTAETHYLENE GLYCOL' 'C10 H22 O6'
5IF non-polymer N-{(1R)-2-(hydroxyamino)-1-[4'-(hydroxymethyl)[1,1'-biphenyl]-4-yl]-2-oxoethyl}-2,2-dimethylpropanamide 'C20 H24 N2 O4'
CO3 non-polymer 'CARBONATE ION' 'C O3 -2'
SO4 non-polymer 'SULFATE ION' 'O4 S -2'
ZN non-polymer 'ZINC ION' 'Zn 2'
#
# COMPACT_ATOMS: atom_id res chain seq x y z
N ALA A 1 -73.68 -2.63 2.47
CA ALA A 1 -73.14 -1.28 2.42
C ALA A 1 -73.88 -0.36 3.39
N SER A 2 -73.15 0.61 3.95
CA SER A 2 -73.77 1.62 4.79
C SER A 2 -74.32 2.75 3.92
N GLU A 3 -75.07 3.64 4.57
CA GLU A 3 -75.65 4.80 3.89
C GLU A 3 -74.82 6.04 4.23
N VAL A 4 -74.38 6.75 3.20
CA VAL A 4 -73.55 7.93 3.39
C VAL A 4 -74.45 9.08 3.80
N PRO A 5 -74.21 9.72 4.94
CA PRO A 5 -75.04 10.87 5.32
C PRO A 5 -74.73 12.09 4.47
N GLN A 6 -75.74 12.93 4.30
CA GLN A 6 -75.61 14.15 3.52
C GLN A 6 -76.09 15.33 4.33
N VAL A 7 -75.51 16.50 4.04
CA VAL A 7 -76.01 17.76 4.56
C VAL A 7 -77.06 18.35 3.63
N VAL A 8 -76.77 18.33 2.32
CA VAL A 8 -77.72 18.72 1.28
C VAL A 8 -77.85 17.55 0.32
N SER A 9 -78.93 17.56 -0.46
CA SER A 9 -79.19 16.47 -1.39
C SER A 9 -78.14 16.39 -2.50
N LEU A 10 -77.39 17.47 -2.73
CA LEU A 10 -76.35 17.48 -3.75
C LEU A 10 -75.03 16.89 -3.26
N ASP A 11 -74.92 16.52 -1.99
CA ASP A 11 -73.70 15.89 -1.51
C ASP A 11 -73.56 14.51 -2.11
N PRO A 12 -72.39 14.14 -2.63
CA PRO A 12 -72.23 12.82 -3.23
C PRO A 12 -72.30 11.71 -2.19
N THR A 13 -72.74 10.54 -2.65
CA THR A 13 -72.93 9.38 -1.77
C THR A 13 -72.04 8.21 -2.14
N SER A 14 -71.10 8.39 -3.07
CA SER A 14 -70.20 7.30 -3.43
C SER A 14 -68.97 7.88 -4.14
N ILE A 15 -67.90 7.11 -4.11
CA ILE A 15 -66.67 7.47 -4.81
C ILE A 15 -66.76 6.91 -6.23
N PRO A 16 -66.69 7.75 -7.26
CA PRO A 16 -66.64 7.21 -8.63
C PRO A 16 -65.35 6.45 -8.85
N ILE A 17 -65.46 5.20 -9.28
CA ILE A 17 -64.31 4.32 -9.50
C ILE A 17 -64.38 3.78 -10.91
N GLU A 18 -63.29 3.95 -11.66
CA GLU A 18 -63.17 3.41 -13.02
C GLU A 18 -62.40 2.11 -12.93
N TYR A 19 -63.09 0.99 -13.18
CA TYR A 19 -62.44 -0.31 -13.15
C TYR A 19 -61.90 -0.70 -14.52
N ASN A 20 -62.70 -0.54 -15.57
CA ASN A 20 -62.30 -0.89 -16.92
C ASN A 20 -61.67 0.34 -17.55
N THR A 21 -60.35 0.45 -17.43
CA THR A 21 -59.64 1.58 -17.98
C THR A 21 -59.20 1.27 -19.41
N PRO A 22 -58.95 2.30 -20.23
CA PRO A 22 -58.46 2.05 -21.59
C PRO A 22 -57.17 1.22 -21.63
N ILE A 23 -56.37 1.24 -20.57
CA ILE A 23 -55.18 0.40 -20.51
C ILE A 23 -55.56 -1.07 -20.61
N HIS A 24 -56.68 -1.45 -20.00
CA HIS A 24 -57.11 -2.84 -20.01
C HIS A 24 -57.55 -3.29 -21.39
N ASP A 25 -57.86 -2.36 -22.29
CA ASP A 25 -58.26 -2.70 -23.65
C ASP A 25 -57.07 -2.75 -24.61
N ILE A 26 -55.86 -2.53 -24.11
CA ILE A 26 -54.67 -2.52 -24.95
C ILE A 26 -54.15 -3.93 -25.11
N LYS A 27 -54.11 -4.41 -26.35
CA LYS A 27 -53.52 -5.71 -26.65
C LYS A 27 -52.01 -5.57 -26.73
N VAL A 28 -51.29 -6.30 -25.89
CA VAL A 28 -49.84 -6.20 -25.78
C VAL A 28 -49.21 -7.43 -26.43
N GLN A 29 -48.28 -7.20 -27.34
CA GLN A 29 -47.54 -8.25 -28.02
C GLN A 29 -46.05 -8.02 -27.83
N VAL A 30 -45.32 -9.08 -27.48
CA VAL A 30 -43.88 -9.00 -27.24
C VAL A 30 -43.18 -9.89 -28.25
N TYR A 31 -42.28 -9.30 -29.04
CA TYR A 31 -41.50 -10.04 -30.03
C TYR A 31 -40.02 -9.98 -29.67
N ASP A 32 -39.28 -10.98 -30.13
CA ASP A 32 -37.84 -11.02 -29.93
C ASP A 32 -37.13 -10.19 -30.99
N ILE A 33 -36.09 -9.47 -30.58
CA ILE A 33 -35.36 -8.62 -31.52
C ILE A 33 -34.63 -9.46 -32.55
N LYS A 34 -34.23 -10.67 -32.19
CA LYS A 34 -33.49 -11.53 -33.12
C LYS A 34 -34.37 -12.07 -34.23
N GLY A 35 -35.21 -11.21 -34.81
CA GLY A 35 -36.10 -11.60 -35.87
C GLY A 35 -36.58 -10.42 -36.69
N GLY A 36 -36.02 -9.26 -36.43
CA GLY A 36 -36.37 -8.06 -37.18
C GLY A 36 -37.61 -7.36 -36.63
N CYS A 37 -37.67 -6.06 -36.86
CA CYS A 37 -38.78 -5.22 -36.43
C CYS A 37 -39.62 -4.82 -37.62
N ASN A 38 -40.94 -4.95 -37.49
CA ASN A 38 -41.88 -4.51 -38.51
C ASN A 38 -42.38 -3.11 -38.15
N VAL A 39 -42.24 -2.18 -39.08
CA VAL A 39 -42.64 -0.79 -38.89
C VAL A 39 -43.86 -0.54 -39.78
N GLU A 40 -45.03 -0.58 -39.18
CA GLU A 40 -46.30 -0.44 -39.98
C GLU A 40 -47.09 0.70 -39.37
N GLU A 41 -48.34 0.45 -38.97
CA GLU A 41 -49.22 1.47 -38.44
C GLU A 41 -48.70 2.07 -37.14
N GLY A 42 -49.23 3.24 -36.79
CA GLY A 42 -48.98 3.85 -35.51
C GLY A 42 -47.58 4.43 -35.39
N LEU A 43 -47.06 4.45 -34.16
CA LEU A 43 -45.77 5.04 -33.85
C LEU A 43 -44.80 3.97 -33.36
N THR A 44 -43.57 3.99 -33.88
CA THR A 44 -42.52 3.07 -33.49
C THR A 44 -41.39 3.88 -32.85
N ILE A 45 -41.07 3.57 -31.60
CA ILE A 45 -40.09 4.33 -30.83
C ILE A 45 -38.96 3.40 -30.40
N PHE A 46 -37.73 3.85 -30.63
CA PHE A 46 -36.53 3.13 -30.20
C PHE A 46 -35.98 3.77 -28.93
N LEU A 47 -35.74 2.95 -27.91
CA LEU A 47 -35.09 3.42 -26.69
C LEU A 47 -33.58 3.21 -26.87
N VAL A 48 -32.86 4.30 -27.17
CA VAL A 48 -31.46 4.20 -27.53
C VAL A 48 -30.62 4.95 -26.50
N ASN A 49 -29.38 4.48 -26.33
CA ASN A 49 -28.43 5.07 -25.42
C ASN A 49 -27.04 5.01 -26.07
N ASN A 50 -26.08 5.70 -25.45
CA ASN A 50 -24.70 5.69 -25.90
C ASN A 50 -23.81 5.60 -24.66
N PRO A 51 -23.42 4.40 -24.26
CA PRO A 51 -22.63 4.24 -23.04
C PRO A 51 -21.28 4.95 -23.13
N GLY A 52 -20.96 5.73 -22.10
CA GLY A 52 -19.72 6.45 -22.05
C GLY A 52 -19.79 7.84 -22.64
N LYS A 53 -20.20 7.93 -23.90
CA LYS A 53 -20.21 9.19 -24.64
C LYS A 53 -21.39 10.03 -24.18
N GLU A 54 -21.15 10.94 -23.23
CA GLU A 54 -22.16 11.87 -22.74
C GLU A 54 -22.70 12.71 -23.89
N ASN A 55 -23.96 12.46 -24.28
CA ASN A 55 -24.63 13.13 -25.39
C ASN A 55 -24.09 12.63 -26.74
N GLY A 56 -23.76 11.34 -26.80
CA GLY A 56 -23.25 10.75 -28.02
C GLY A 56 -24.32 10.62 -29.08
N PRO A 57 -23.91 10.20 -30.28
CA PRO A 57 -24.88 10.10 -31.38
C PRO A 57 -25.83 8.94 -31.19
N VAL A 58 -26.94 8.99 -31.92
CA VAL A 58 -27.93 7.92 -31.93
C VAL A 58 -27.50 6.85 -32.91
N LYS A 59 -27.60 5.59 -32.50
CA LYS A 59 -27.28 4.45 -33.37
C LYS A 59 -28.33 3.37 -33.18
N ILE A 60 -29.05 3.05 -34.25
CA ILE A 60 -30.05 1.99 -34.21
C ILE A 60 -29.36 0.67 -34.54
N SER A 61 -29.42 -0.28 -33.61
CA SER A 61 -28.73 -1.55 -33.77
C SER A 61 -29.64 -2.70 -34.16
N SER A 62 -30.95 -2.54 -34.00
CA SER A 62 -31.89 -3.62 -34.28
C SER A 62 -32.10 -3.76 -35.79
N LYS A 63 -32.30 -5.00 -36.23
CA LYS A 63 -32.62 -5.25 -37.62
C LYS A 63 -34.06 -4.84 -37.89
N VAL A 64 -34.26 -4.01 -38.91
CA VAL A 64 -35.59 -3.55 -39.31
C VAL A 64 -35.95 -4.27 -40.60
N ASN A 65 -37.11 -4.93 -40.59
CA ASN A 65 -37.54 -5.73 -41.74
C ASN A 65 -38.17 -4.85 -42.82
N ASP A 66 -37.48 -3.76 -43.18
CA ASP A 66 -37.94 -2.86 -44.23
C ASP A 66 -36.73 -2.16 -44.82
N LYS A 67 -36.57 -2.27 -46.15
CA LYS A 67 -35.40 -1.69 -46.79
C LYS A 67 -35.43 -0.16 -46.70
N GLN A 68 -36.60 0.44 -46.93
CA GLN A 68 -36.71 1.90 -46.87
C GLN A 68 -36.45 2.42 -45.47
N VAL A 69 -37.05 1.79 -44.45
CA VAL A 69 -36.88 2.26 -43.09
C VAL A 69 -35.44 2.06 -42.62
N SER A 70 -34.83 0.92 -42.96
CA SER A 70 -33.45 0.68 -42.57
C SER A 70 -32.52 1.74 -43.16
N GLU A 71 -32.79 2.17 -44.39
CA GLU A 71 -32.00 3.23 -45.00
C GLU A 71 -32.16 4.55 -44.26
N PHE A 72 -33.40 4.87 -43.84
CA PHE A 72 -33.62 6.09 -43.08
C PHE A 72 -32.87 6.05 -41.75
N LEU A 73 -32.86 4.90 -41.08
CA LEU A 73 -32.25 4.76 -39.77
C LEU A 73 -30.77 4.41 -39.83
N LYS A 74 -30.12 4.61 -40.98
CA LYS A 74 -28.70 4.35 -41.07
C LYS A 74 -27.93 5.36 -40.23
N ASP A 75 -26.71 4.95 -39.83
CA ASP A 75 -25.92 5.75 -38.89
C ASP A 75 -25.62 7.14 -39.45
N GLU A 76 -25.33 7.24 -40.74
CA GLU A 76 -25.02 8.54 -41.33
C GLU A 76 -26.19 9.51 -41.20
N ASN A 77 -27.42 9.00 -41.23
CA ASN A 77 -28.59 9.86 -41.06
C ASN A 77 -28.84 10.17 -39.59
N MET A 78 -28.61 9.19 -38.71
CA MET A 78 -28.91 9.31 -37.30
C MET A 78 -27.84 10.03 -36.49
N GLU A 79 -26.65 10.25 -37.05
CA GLU A 79 -25.56 10.86 -36.29
C GLU A 79 -25.85 12.30 -35.88
N LYS A 80 -26.81 12.96 -36.53
CA LYS A 80 -27.15 14.33 -36.16
C LYS A 80 -27.98 14.43 -34.89
N PHE A 81 -28.47 13.30 -34.36
CA PHE A 81 -29.26 13.28 -33.14
C PHE A 81 -28.46 12.64 -32.01
N ASN A 82 -28.71 13.10 -30.79
CA ASN A 82 -28.00 12.63 -29.61
C ASN A 82 -28.95 11.89 -28.68
N VAL A 83 -28.35 11.23 -27.69
CA VAL A 83 -29.07 10.31 -26.80
C VAL A 83 -29.30 10.94 -25.42
N LYS A 84 -29.25 12.26 -25.32
CA LYS A 84 -29.46 12.94 -24.04
C LYS A 84 -30.77 12.49 -23.40
N LEU A 85 -30.71 12.23 -22.10
CA LEU A 85 -31.84 11.67 -21.37
C LEU A 85 -33.08 12.54 -21.48
N GLY A 86 -34.16 11.98 -22.02
CA GLY A 86 -35.42 12.65 -22.14
C GLY A 86 -35.72 13.23 -23.51
N THR A 87 -34.71 13.48 -24.33
CA THR A 87 -34.93 14.02 -25.66
C THR A 87 -35.60 12.98 -26.57
N SER A 88 -36.43 13.48 -27.48
CA SER A 88 -37.19 12.63 -28.38
C SER A 88 -37.33 13.34 -29.72
N LYS A 89 -37.46 12.54 -30.78
CA LYS A 89 -37.62 13.03 -32.13
C LYS A 89 -38.63 12.16 -32.86
N HIS A 90 -39.28 12.74 -33.86
CA HIS A 90 -40.24 12.03 -34.71
C HIS A 90 -39.72 12.03 -36.14
N PHE A 91 -39.91 10.89 -36.82
CA PHE A 91 -39.51 10.76 -38.22
C PHE A 91 -40.70 10.35 -39.06
N TYR A 92 -40.78 10.90 -40.27
CA TYR A 92 -41.81 10.55 -41.25
C TYR A 92 -41.14 9.93 -42.47
N MET A 93 -41.67 8.80 -42.94
CA MET A 93 -41.09 8.15 -44.11
C MET A 93 -42.12 7.19 -44.69
N PHE A 94 -41.79 6.65 -45.86
CA PHE A 94 -42.58 5.62 -46.52
C PHE A 94 -41.83 4.30 -46.44
N ASN A 95 -42.55 3.22 -46.15
CA ASN A 95 -41.90 1.93 -45.99
C ASN A 95 -41.82 1.21 -47.33
N ASP A 96 -41.44 -0.08 -47.30
CA ASP A 96 -41.29 -0.84 -48.54
C ASP A 96 -42.61 -0.97 -49.28
N ASN A 97 -43.74 -1.02 -48.55
CA ASN A 97 -45.06 -1.18 -49.15
C ASN A 97 -45.68 0.14 -49.55
N LYS A 98 -44.86 1.19 -49.71
CA LYS A 98 -45.31 2.52 -50.10
C LYS A 98 -46.36 3.09 -49.14
N ASN A 99 -46.25 2.74 -47.86
CA ASN A 99 -47.12 3.26 -46.83
C ASN A 99 -46.34 4.19 -45.92
N SER A 100 -46.99 5.30 -45.52
CA SER A 100 -46.38 6.25 -44.61
C SER A 100 -46.32 5.67 -43.20
N VAL A 101 -45.15 5.74 -42.58
CA VAL A 101 -44.97 5.25 -41.23
C VAL A 101 -44.33 6.35 -40.39
N ALA A 102 -44.56 6.29 -39.08
CA ALA A 102 -44.00 7.25 -38.13
C ALA A 102 -43.05 6.51 -37.20
N VAL A 103 -41.81 6.99 -37.13
CA VAL A 103 -40.75 6.38 -36.33
C VAL A 103 -40.08 7.47 -35.50
N GLY A 104 -39.56 7.08 -34.35
CA GLY A 104 -38.85 8.02 -33.52
C GLY A 104 -38.03 7.31 -32.47
N TYR A 105 -37.47 8.10 -31.56
CA TYR A 105 -36.63 7.54 -30.50
C TYR A 105 -36.80 8.37 -29.24
N VAL A 106 -36.36 7.80 -28.13
CA VAL A 106 -36.27 8.49 -26.84
C VAL A 106 -34.87 8.25 -26.30
N GLY A 107 -34.18 9.34 -25.96
CA GLY A 107 -32.82 9.22 -25.46
C GLY A 107 -32.80 8.66 -24.05
N CYS A 108 -31.88 7.71 -23.82
CA CYS A 108 -31.75 7.04 -22.53
C CYS A 108 -30.42 7.37 -21.86
N GLY A 109 -29.78 8.48 -22.24
CA GLY A 109 -28.58 8.92 -21.58
C GLY A 109 -27.34 8.13 -21.98
N SER A 110 -26.34 8.18 -21.11
CA SER A 110 -25.06 7.54 -21.37
C SER A 110 -24.69 6.49 -20.32
N VAL A 111 -25.48 6.31 -19.29
CA VAL A 111 -25.24 5.28 -18.28
C VAL A 111 -26.02 4.04 -18.69
N ALA A 112 -25.35 2.87 -18.59
CA ALA A 112 -25.98 1.64 -19.05
C ALA A 112 -27.12 1.21 -18.14
N ASP A 113 -26.99 1.44 -16.84
CA ASP A 113 -28.00 1.04 -15.86
C ASP A 113 -28.85 2.25 -15.50
N LEU A 114 -30.11 2.23 -15.91
CA LEU A 114 -31.04 3.31 -15.62
C LEU A 114 -31.68 3.10 -14.24
N SER A 115 -31.68 4.16 -13.43
CA SER A 115 -32.37 4.10 -12.16
C SER A 115 -33.88 4.24 -12.38
N GLU A 116 -34.63 4.04 -11.29
CA GLU A 116 -36.08 4.21 -11.37
C GLU A 116 -36.46 5.66 -11.72
N ALA A 117 -35.68 6.63 -11.24
CA ALA A 117 -35.96 8.02 -11.59
C ALA A 117 -35.67 8.30 -13.06
N ASP A 118 -34.57 7.73 -13.58
CA ASP A 118 -34.26 7.89 -15.00
C ASP A 118 -35.32 7.24 -15.87
N MET A 119 -35.73 6.01 -15.52
CA MET A 119 -36.75 5.32 -16.30
C MET A 119 -38.07 6.09 -16.29
N LYS A 120 -38.39 6.73 -15.17
CA LYS A 120 -39.59 7.57 -15.11
C LYS A 120 -39.48 8.74 -16.09
N ARG A 121 -38.29 9.33 -16.17
CA ARG A 121 -38.06 10.44 -17.10
C ARG A 121 -38.16 9.97 -18.55
N VAL A 122 -37.68 8.75 -18.82
CA VAL A 122 -37.79 8.19 -20.17
C VAL A 122 -39.24 7.94 -20.51
N VAL A 123 -40.02 7.40 -19.58
CA VAL A 123 -41.42 7.11 -19.82
C VAL A 123 -42.20 8.41 -20.04
N LEU A 124 -41.89 9.44 -19.26
CA LEU A 124 -42.57 10.73 -19.40
C LEU A 124 -42.32 11.33 -20.77
N SER A 125 -41.13 11.14 -21.33
CA SER A 125 -40.89 11.56 -22.70
C SER A 125 -41.72 10.76 -23.68
N LEU A 126 -41.92 9.47 -23.40
CA LEU A 126 -42.75 8.63 -24.27
C LEU A 126 -44.21 9.08 -24.26
N VAL A 127 -44.75 9.39 -23.09
CA VAL A 127 -46.15 9.79 -23.02
C VAL A 127 -46.36 11.13 -23.73
N THR A 128 -45.34 11.99 -23.71
CA THR A 128 -45.42 13.25 -24.46
C THR A 128 -45.65 12.98 -25.94
N MET A 129 -45.04 11.92 -26.47
CA MET A 129 -45.27 11.55 -27.86
C MET A 129 -46.64 10.91 -28.05
N LEU A 130 -47.16 10.23 -27.02
CA LEU A 130 -48.49 9.64 -27.12
C LEU A 130 -49.59 10.67 -27.02
N HIS A 131 -49.38 11.74 -26.26
CA HIS A 131 -50.39 12.76 -26.10
C HIS A 131 -50.46 13.65 -27.33
N ASP A 132 -51.62 14.26 -27.54
CA ASP A 132 -51.87 15.15 -28.67
C ASP A 132 -51.58 14.46 -30.00
N ASN A 133 -51.76 13.13 -30.03
CA ASN A 133 -51.53 12.34 -31.24
C ASN A 133 -52.52 11.19 -31.23
N LYS A 134 -53.31 11.09 -32.30
CA LYS A 134 -54.41 10.13 -32.38
C LYS A 134 -53.94 8.79 -32.96
N LEU A 135 -52.94 8.20 -32.31
CA LEU A 135 -52.37 6.95 -32.79
C LEU A 135 -53.19 5.75 -32.32
N SER A 136 -53.13 4.67 -33.09
CA SER A 136 -53.81 3.43 -32.77
C SER A 136 -52.90 2.38 -32.16
N LYS A 137 -51.60 2.45 -32.44
CA LYS A 137 -50.62 1.48 -31.96
C LYS A 137 -49.32 2.19 -31.64
N LEU A 138 -48.67 1.76 -30.56
CA LEU A 138 -47.33 2.21 -30.20
C LEU A 138 -46.41 1.00 -30.15
N THR A 139 -45.23 1.12 -30.76
CA THR A 139 -44.24 0.06 -30.76
C THR A 139 -42.97 0.59 -30.13
N VAL A 140 -42.50 -0.10 -29.08
CA VAL A 140 -41.29 0.26 -28.35
C VAL A 140 -40.23 -0.81 -28.60
N VAL A 141 -39.06 -0.40 -29.06
CA VAL A 141 -37.95 -1.30 -29.34
C VAL A 141 -36.88 -1.05 -28.29
N PHE A 142 -36.61 -2.05 -27.47
CA PHE A 142 -35.67 -1.91 -26.35
C PHE A 142 -34.26 -2.17 -26.88
N GLU A 143 -33.54 -1.09 -27.19
CA GLU A 143 -32.13 -1.15 -27.51
C GLU A 143 -31.26 -0.81 -26.30
N ILE A 144 -31.80 -1.02 -25.09
CA ILE A 144 -31.09 -0.80 -23.84
C ILE A 144 -31.23 -2.07 -23.01
N ASN A 145 -30.50 -2.11 -21.90
CA ASN A 145 -30.41 -3.29 -21.04
C ASN A 145 -31.21 -3.04 -19.77
N VAL A 146 -32.27 -3.81 -19.58
CA VAL A 146 -33.12 -3.73 -18.39
C VAL A 146 -33.39 -5.15 -17.90
N ASP A 147 -33.47 -5.31 -16.58
CA ASP A 147 -33.82 -6.61 -16.03
C ASP A 147 -35.34 -6.79 -16.09
N LYS A 148 -35.81 -7.93 -15.58
CA LYS A 148 -37.24 -8.21 -15.61
C LYS A 148 -38.01 -7.20 -14.76
N ASN A 149 -37.46 -6.82 -13.61
CA ASN A 149 -38.14 -5.87 -12.74
C ASN A 149 -38.23 -4.49 -13.40
N LEU A 150 -37.14 -4.02 -14.00
CA LEU A 150 -37.15 -2.71 -14.64
C LEU A 150 -38.02 -2.69 -15.89
N PHE A 151 -38.12 -3.82 -16.60
CA PHE A 151 -39.02 -3.88 -17.74
C PHE A 151 -40.48 -3.78 -17.29
N ARG A 152 -40.83 -4.49 -16.22
CA ARG A 152 -42.16 -4.34 -15.65
C ARG A 152 -42.40 -2.93 -15.16
N PHE A 153 -41.38 -2.31 -14.54
CA PHE A 153 -41.50 -0.94 -14.07
C PHE A 153 -41.75 0.02 -15.24
N PHE A 154 -41.13 -0.24 -16.39
CA PHE A 154 -41.39 0.58 -17.57
C PHE A 154 -42.85 0.51 -17.97
N LEU A 155 -43.43 -0.70 -17.98
CA LEU A 155 -44.83 -0.84 -18.37
C LEU A 155 -45.77 -0.23 -17.34
N GLU A 156 -45.51 -0.47 -16.06
CA GLU A 156 -46.34 0.13 -15.01
C GLU A 156 -46.37 1.64 -15.13
N THR A 157 -45.19 2.26 -15.23
CA THR A 157 -45.12 3.72 -15.34
C THR A 157 -45.75 4.21 -16.64
N LEU A 158 -45.53 3.48 -17.73
CA LEU A 158 -46.17 3.86 -19.00
C LEU A 158 -47.69 3.83 -18.88
N PHE A 159 -48.23 2.72 -18.37
CA PHE A 159 -49.68 2.63 -18.22
C PHE A 159 -50.21 3.70 -17.27
N TYR A 160 -49.51 3.94 -16.16
CA TYR A 160 -49.98 4.89 -15.16
C TYR A 160 -49.95 6.32 -15.68
N GLU A 161 -48.82 6.74 -16.27
CA GLU A 161 -48.71 8.11 -16.74
C GLU A 161 -49.59 8.37 -17.97
N TYR A 162 -49.79 7.36 -18.81
CA TYR A 162 -50.64 7.51 -19.99
C TYR A 162 -52.08 7.81 -19.61
N MET A 163 -52.57 7.20 -18.54
CA MET A 163 -53.96 7.36 -18.13
C MET A 163 -54.26 8.76 -17.61
N THR A 164 -55.43 9.27 -17.97
CA THR A 164 -55.90 10.58 -17.53
C THR A 164 -57.21 10.40 -16.78
N ASP A 165 -57.26 10.92 -15.55
CA ASP A 165 -58.43 10.77 -14.69
C ASP A 165 -59.41 11.90 -14.98
N GLU A 166 -60.59 11.55 -15.50
CA GLU A 166 -61.62 12.53 -15.84
C GLU A 166 -62.91 12.29 -15.07
N ARG A 167 -62.85 11.59 -13.93
CA ARG A 167 -64.05 11.28 -13.18
C ARG A 167 -64.77 12.54 -12.71
N PHE A 168 -64.04 13.62 -12.47
CA PHE A 168 -64.60 14.85 -11.95
C PHE A 168 -64.67 15.96 -12.99
N LYS A 169 -64.42 15.64 -14.25
CA LYS A 169 -64.58 16.60 -15.33
C LYS A 169 -66.00 16.53 -15.87
N SER A 170 -66.68 17.67 -15.92
CA SER A 170 -68.00 17.75 -16.52
C SER A 170 -67.93 18.42 -17.89
N THR A 171 -67.85 19.75 -17.89
CA THR A 171 -67.85 20.55 -19.11
C THR A 171 -66.47 20.70 -19.73
N ASP A 172 -65.44 20.12 -19.14
CA ASP A 172 -64.06 20.33 -19.58
C ASP A 172 -63.35 19.02 -19.84
N LYS A 173 -64.07 18.04 -20.39
CA LYS A 173 -63.44 16.80 -20.82
C LYS A 173 -62.61 17.07 -22.07
N ASN A 174 -61.48 16.37 -22.19
CA ASN A 174 -60.63 16.50 -23.36
C ASN A 174 -61.32 15.84 -24.56
N VAL A 175 -61.64 16.65 -25.57
CA VAL A 175 -62.36 16.16 -26.73
C VAL A 175 -61.50 15.28 -27.65
N ASN A 176 -60.17 15.31 -27.47
CA ASN A 176 -59.26 14.53 -28.32
C ASN A 176 -58.62 13.37 -27.57
N MET A 177 -59.25 12.88 -26.50
CA MET A 177 -58.74 11.74 -25.77
C MET A 177 -58.93 10.47 -26.59
N GLU A 178 -57.83 9.84 -26.99
CA GLU A 178 -57.89 8.69 -27.89
C GLU A 178 -56.72 7.76 -27.57
N TYR A 179 -56.97 6.80 -26.68
CA TYR A 179 -55.95 5.85 -26.27
C TYR A 179 -55.65 4.84 -27.38
N ILE A 180 -54.39 4.38 -27.42
CA ILE A 180 -54.01 3.33 -28.35
C ILE A 180 -54.72 2.04 -28.00
N LYS A 181 -54.85 1.16 -29.00
CA LYS A 181 -55.46 -0.14 -28.81
C LYS A 181 -54.46 -1.29 -28.85
N HIS A 182 -53.23 -1.04 -29.28
CA HIS A 182 -52.22 -2.08 -29.37
C HIS A 182 -50.87 -1.52 -28.93
N LEU A 183 -50.09 -2.35 -28.24
CA LEU A 183 -48.73 -2.00 -27.82
C LEU A 183 -47.81 -3.14 -28.18
N GLY A 184 -46.80 -2.86 -29.01
CA GLY A 184 -45.81 -3.85 -29.40
C GLY A 184 -44.49 -3.54 -28.72
N VAL A 185 -43.81 -4.60 -28.27
CA VAL A 185 -42.55 -4.47 -27.55
C VAL A 185 -41.53 -5.40 -28.21
N TYR A 186 -40.39 -4.83 -28.61
CA TYR A 186 -39.26 -5.60 -29.13
C TYR A 186 -38.13 -5.57 -28.13
N ILE A 187 -37.64 -6.74 -27.73
CA ILE A 187 -36.59 -6.83 -26.72
C ILE A 187 -35.87 -8.16 -26.91
N ASN A 188 -34.57 -8.16 -26.62
CA ASN A 188 -33.79 -9.39 -26.60
C ASN A 188 -34.27 -10.33 -25.51
N ASN A 189 -34.27 -11.63 -25.83
CA ASN A 189 -34.77 -12.66 -24.91
C ASN A 189 -36.20 -12.33 -24.49
N ALA A 190 -37.04 -12.10 -25.49
CA ALA A 190 -38.43 -11.71 -25.25
C ALA A 190 -39.16 -12.69 -24.34
N ASP A 191 -38.84 -13.99 -24.47
CA ASP A 191 -39.59 -15.01 -23.73
C ASP A 191 -39.47 -14.84 -22.22
N THR A 192 -38.32 -14.36 -21.74
CA THR A 192 -38.10 -14.22 -20.31
C THR A 192 -38.77 -13.01 -19.67
N TYR A 193 -39.05 -11.95 -20.44
CA TYR A 193 -39.72 -10.75 -19.94
C TYR A 193 -41.22 -10.80 -20.16
N LYS A 194 -41.64 -11.75 -20.97
CA LYS A 194 -42.95 -11.88 -21.55
C LYS A 194 -44.03 -12.12 -20.49
N GLU A 195 -43.69 -12.79 -19.38
CA GLU A 195 -44.62 -12.96 -18.27
C GLU A 195 -44.84 -11.69 -17.44
N GLU A 196 -43.98 -10.68 -17.60
CA GLU A 196 -44.08 -9.44 -16.83
C GLU A 196 -45.18 -8.51 -17.34
N VAL A 197 -45.76 -8.81 -18.51
CA VAL A 197 -46.75 -7.92 -19.10
C VAL A 197 -48.00 -7.85 -18.23
N GLU A 198 -48.60 -9.01 -17.94
CA GLU A 198 -49.83 -9.01 -17.17
C GLU A 198 -49.59 -8.67 -15.71
N LYS A 199 -48.39 -8.92 -15.19
CA LYS A 199 -48.07 -8.48 -13.84
C LYS A 199 -47.98 -6.96 -13.77
N ALA A 200 -47.43 -6.33 -14.81
CA ALA A 200 -47.39 -4.88 -14.85
C ALA A 200 -48.79 -4.29 -14.94
N ARG A 201 -49.68 -4.92 -15.72
CA ARG A 201 -51.05 -4.43 -15.84
C ARG A 201 -51.78 -4.54 -14.51
N VAL A 202 -51.55 -5.62 -13.76
CA VAL A 202 -52.15 -5.75 -12.43
C VAL A 202 -51.55 -4.73 -11.48
N TYR A 203 -50.22 -4.59 -11.49
CA TYR A 203 -49.57 -3.61 -10.63
C TYR A 203 -49.99 -2.20 -11.00
N TYR A 204 -50.20 -1.94 -12.29
CA TYR A 204 -50.62 -0.60 -12.72
C TYR A 204 -51.97 -0.23 -12.10
N PHE A 205 -52.96 -1.12 -12.22
CA PHE A 205 -54.31 -0.74 -11.78
C PHE A 205 -54.38 -0.64 -10.26
N GLY A 206 -53.69 -1.53 -9.54
CA GLY A 206 -53.61 -1.39 -8.10
C GLY A 206 -53.07 -0.04 -7.70
N THR A 207 -52.05 0.44 -8.41
CA THR A 207 -51.53 1.79 -8.16
C THR A 207 -52.52 2.84 -8.61
N TYR A 208 -53.16 2.63 -9.77
CA TYR A 208 -54.11 3.61 -10.27
C TYR A 208 -55.40 3.61 -9.44
N TYR A 209 -55.82 2.44 -8.96
CA TYR A 209 -56.99 2.36 -8.09
C TYR A 209 -56.75 3.15 -6.80
N ALA A 210 -55.59 2.95 -6.18
CA ALA A 210 -55.24 3.74 -4.99
C ALA A 210 -55.19 5.22 -5.31
N SER A 211 -54.63 5.58 -6.47
CA SER A 211 -54.58 6.98 -6.89
C SER A 211 -55.98 7.56 -7.03
N GLN A 212 -56.93 6.76 -7.52
CA GLN A 212 -58.30 7.23 -7.65
C GLN A 212 -58.91 7.55 -6.28
N LEU A 213 -58.61 6.73 -5.28
CA LEU A 213 -59.13 6.98 -3.94
C LEU A 213 -58.50 8.22 -3.32
N ILE A 214 -57.19 8.41 -3.53
CA ILE A 214 -56.51 9.57 -2.95
C ILE A 214 -56.99 10.85 -3.61
N ALA A 215 -57.05 10.87 -4.94
CA ALA A 215 -57.45 12.07 -5.66
C ALA A 215 -58.90 12.43 -5.40
N ALA A 216 -59.73 11.46 -5.05
CA ALA A 216 -61.13 11.71 -4.74
C ALA A 216 -61.21 12.66 -3.55
N PRO A 217 -61.91 13.79 -3.69
CA PRO A 217 -61.98 14.76 -2.59
C PRO A 217 -62.72 14.18 -1.38
N SER A 218 -62.59 14.89 -0.26
CA SER A 218 -63.11 14.39 1.01
C SER A 218 -64.63 14.39 1.07
N ASN A 219 -65.31 15.18 0.24
CA ASN A 219 -66.76 15.11 0.19
C ASN A 219 -67.23 13.89 -0.61
N TYR A 220 -66.43 13.44 -1.58
CA TYR A 220 -66.72 12.20 -2.28
C TYR A 220 -66.20 11.00 -1.48
N CYS A 221 -64.96 11.09 -1.00
CA CYS A 221 -64.31 10.00 -0.28
C CYS A 221 -64.34 10.32 1.22
N ASN A 222 -65.32 9.75 1.91
CA ASN A 222 -65.49 9.91 3.34
C ASN A 222 -65.39 8.54 4.00
N PRO A 223 -65.35 8.45 5.34
CA PRO A 223 -65.22 7.12 5.97
C PRO A 223 -66.29 6.13 5.54
N VAL A 224 -67.52 6.58 5.28
CA VAL A 224 -68.56 5.65 4.87
C VAL A 224 -68.38 5.25 3.41
N SER A 225 -68.14 6.22 2.52
CA SER A 225 -67.99 5.90 1.11
C SER A 225 -66.70 5.14 0.83
N LEU A 226 -65.65 5.39 1.62
CA LEU A 226 -64.40 4.66 1.43
C LEU A 226 -64.53 3.21 1.85
N SER A 227 -65.17 2.96 3.00
CA SER A 227 -65.40 1.58 3.43
C SER A 227 -66.36 0.87 2.49
N ASN A 228 -67.34 1.59 1.94
CA ASN A 228 -68.24 1.00 0.94
C ASN A 228 -67.46 0.57 -0.30
N ALA A 229 -66.49 1.39 -0.73
CA ALA A 229 -65.68 1.04 -1.89
C ALA A 229 -64.82 -0.18 -1.59
N ALA A 230 -64.36 -0.34 -0.34
CA ALA A 230 -63.59 -1.53 0.02
C ALA A 230 -64.46 -2.77 -0.05
N VAL A 231 -65.72 -2.67 0.35
CA VAL A 231 -66.64 -3.80 0.25
C VAL A 231 -66.82 -4.20 -1.21
N GLU A 232 -67.05 -3.21 -2.08
CA GLU A 232 -67.19 -3.49 -3.51
C GLU A 232 -65.95 -4.17 -4.07
N LEU A 233 -64.77 -3.74 -3.63
CA LEU A 233 -63.54 -4.38 -4.08
C LEU A 233 -63.45 -5.81 -3.59
N ALA A 234 -63.79 -6.05 -2.32
CA ALA A 234 -63.74 -7.41 -1.79
C ALA A 234 -64.74 -8.32 -2.49
N GLN A 235 -65.90 -7.78 -2.86
CA GLN A 235 -66.89 -8.58 -3.57
C GLN A 235 -66.42 -8.95 -4.97
N LYS A 236 -65.75 -8.01 -5.65
CA LYS A 236 -65.25 -8.28 -7.00
C LYS A 236 -64.08 -9.25 -7.00
N LEU A 237 -63.32 -9.32 -5.90
CA LEU A 237 -62.14 -10.16 -5.81
C LEU A 237 -62.35 -11.43 -4.99
N ASN A 238 -63.57 -11.66 -4.49
CA ASN A 238 -63.88 -12.83 -3.66
C ASN A 238 -63.02 -12.86 -2.40
N LEU A 239 -62.80 -11.69 -1.81
CA LEU A 239 -62.13 -11.59 -0.52
C LEU A 239 -63.16 -11.55 0.61
N GLU A 240 -62.79 -12.13 1.75
CA GLU A 240 -63.59 -11.97 2.96
C GLU A 240 -63.46 -10.54 3.45
N TYR A 241 -64.57 -9.97 3.92
CA TYR A 241 -64.57 -8.59 4.37
C TYR A 241 -65.44 -8.44 5.61
N LYS A 242 -65.09 -7.45 6.42
CA LYS A 242 -65.83 -7.12 7.64
C LYS A 242 -65.57 -5.66 7.95
N ILE A 243 -66.64 -4.88 8.06
CA ILE A 243 -66.55 -3.45 8.36
C ILE A 243 -67.11 -3.25 9.76
N LEU A 244 -66.26 -2.82 10.68
CA LEU A 244 -66.65 -2.64 12.07
C LEU A 244 -67.18 -1.22 12.27
N GLY A 245 -68.42 -1.12 12.76
CA GLY A 245 -69.03 0.16 13.05
C GLY A 245 -68.75 0.62 14.47
N VAL A 246 -69.34 1.78 14.80
CA VAL A 246 -69.04 2.42 16.09
C VAL A 246 -69.40 1.50 17.25
N LYS A 247 -70.50 0.77 17.13
CA LYS A 247 -70.93 -0.11 18.22
C LYS A 247 -69.92 -1.22 18.47
N GLU A 248 -69.41 -1.84 17.39
CA GLU A 248 -68.38 -2.86 17.54
C GLU A 248 -67.05 -2.24 18.01
N LEU A 249 -66.73 -1.04 17.53
CA LEU A 249 -65.49 -0.40 17.95
C LEU A 249 -65.55 0.00 19.42
N GLU A 250 -66.73 0.39 19.91
CA GLU A 250 -66.89 0.68 21.34
C GLU A 250 -66.69 -0.59 22.17
N GLU A 251 -67.24 -1.72 21.69
CA GLU A 251 -67.07 -2.98 22.41
C GLU A 251 -65.61 -3.42 22.45
N LEU A 252 -64.85 -3.11 21.40
CA LEU A 252 -63.42 -3.40 21.39
C LEU A 252 -62.61 -2.34 22.09
N LYS A 253 -63.26 -1.32 22.67
CA LYS A 253 -62.61 -0.31 23.50
C LYS A 253 -61.54 0.48 22.74
N MET A 254 -61.80 0.73 21.46
CA MET A 254 -60.87 1.48 20.61
C MET A 254 -61.05 2.98 20.87
N GLY A 255 -60.61 3.39 22.05
CA GLY A 255 -60.81 4.78 22.48
C GLY A 255 -59.96 5.77 21.71
N ALA A 256 -58.74 5.38 21.36
CA ALA A 256 -57.87 6.28 20.61
C ALA A 256 -58.41 6.52 19.20
N TYR A 257 -58.80 5.45 18.51
CA TYR A 257 -59.35 5.58 17.16
C TYR A 257 -60.68 6.32 17.18
N LEU A 258 -61.55 6.02 18.14
CA LEU A 258 -62.86 6.65 18.18
C LEU A 258 -62.78 8.12 18.55
N SER A 259 -61.79 8.51 19.35
CA SER A 259 -61.67 9.91 19.75
C SER A 259 -61.39 10.81 18.57
N VAL A 260 -60.63 10.33 17.58
CA VAL A 260 -60.29 11.15 16.42
C VAL A 260 -61.53 11.49 15.62
N GLY A 261 -62.43 10.52 15.46
CA GLY A 261 -63.62 10.71 14.66
C GLY A 261 -64.83 11.26 15.37
N LYS A 262 -64.70 11.63 16.65
CA LYS A 262 -65.86 12.13 17.39
C LYS A 262 -66.45 13.38 16.74
N GLY A 263 -65.62 14.26 16.21
CA GLY A 263 -66.06 15.50 15.62
C GLY A 263 -66.53 15.42 14.18
N SER A 264 -66.61 14.23 13.61
CA SER A 264 -67.01 14.06 12.22
C SER A 264 -68.49 13.68 12.13
N MET A 265 -69.13 14.14 11.05
CA MET A 265 -70.51 13.73 10.76
C MET A 265 -70.59 12.33 10.18
N TYR A 266 -69.46 11.73 9.81
CA TYR A 266 -69.41 10.38 9.26
C TYR A 266 -68.98 9.40 10.33
N PRO A 267 -69.75 8.35 10.58
CA PRO A 267 -69.35 7.38 11.61
C PRO A 267 -68.06 6.67 11.22
N ASN A 268 -67.29 6.29 12.24
CA ASN A 268 -66.05 5.57 12.01
C ASN A 268 -66.33 4.22 11.35
N LYS A 269 -65.44 3.81 10.46
CA LYS A 269 -65.56 2.52 9.77
C LYS A 269 -64.20 1.86 9.74
N PHE A 270 -64.10 0.67 10.33
CA PHE A 270 -62.86 -0.10 10.35
C PHE A 270 -62.92 -1.15 9.26
N ILE A 271 -62.01 -1.05 8.29
CA ILE A 271 -61.97 -1.96 7.16
C ILE A 271 -61.11 -3.16 7.52
N HIS A 272 -61.65 -4.36 7.29
CA HIS A 272 -60.90 -5.60 7.51
C HIS A 272 -61.20 -6.53 6.33
N LEU A 273 -60.29 -6.55 5.36
CA LEU A 273 -60.36 -7.50 4.26
C LEU A 273 -59.34 -8.61 4.51
N THR A 274 -59.68 -9.82 4.05
CA THR A 274 -58.83 -10.98 4.28
C THR A 274 -58.71 -11.78 3.00
N TYR A 275 -57.47 -12.13 2.64
CA TYR A 275 -57.20 -13.08 1.57
C TYR A 275 -56.53 -14.30 2.19
N LYS A 276 -57.16 -15.46 2.05
CA LYS A 276 -56.58 -16.72 2.50
C LYS A 276 -56.30 -17.60 1.28
N SER A 277 -55.19 -18.33 1.33
CA SER A 277 -54.82 -19.20 0.23
C SER A 277 -55.49 -20.56 0.41
N LYS A 278 -55.66 -21.26 -0.71
CA LYS A 278 -56.28 -22.58 -0.64
C LYS A 278 -55.33 -23.60 -0.02
N GLY A 279 -54.08 -23.59 -0.45
CA GLY A 279 -53.06 -24.46 0.12
C GLY A 279 -52.87 -24.25 1.62
N ASP A 280 -51.83 -24.93 2.12
CA ASP A 280 -51.42 -24.78 3.52
C ASP A 280 -50.88 -23.38 3.75
N VAL A 281 -51.43 -22.67 4.72
CA VAL A 281 -50.97 -21.31 5.01
C VAL A 281 -49.65 -21.38 5.75
N LYS A 282 -48.61 -20.80 5.16
CA LYS A 282 -47.27 -20.80 5.76
C LYS A 282 -46.84 -19.46 6.32
N LYS A 283 -47.46 -18.36 5.90
CA LYS A 283 -47.10 -17.03 6.38
C LYS A 283 -48.36 -16.19 6.57
N LYS A 284 -48.46 -15.53 7.72
CA LYS A 284 -49.57 -14.64 8.04
C LYS A 284 -49.08 -13.20 8.11
N ILE A 285 -49.74 -12.31 7.36
CA ILE A 285 -49.32 -10.91 7.23
C ILE A 285 -50.52 -10.02 7.50
N ALA A 286 -50.29 -8.93 8.24
CA ALA A 286 -51.30 -7.91 8.47
C ALA A 286 -50.80 -6.59 7.89
N LEU A 287 -51.59 -6.00 6.98
CA LEU A 287 -51.26 -4.72 6.37
C LEU A 287 -52.22 -3.66 6.90
N VAL A 288 -51.66 -2.63 7.52
CA VAL A 288 -52.44 -1.57 8.15
C VAL A 288 -52.19 -0.27 7.39
N GLY A 289 -53.26 0.38 6.96
CA GLY A 289 -53.17 1.64 6.24
C GLY A 289 -53.87 2.76 6.99
N LYS A 290 -53.21 3.91 7.06
CA LYS A 290 -53.82 5.08 7.67
C LYS A 290 -54.95 5.61 6.79
N GLY A 291 -56.14 5.75 7.37
CA GLY A 291 -57.30 6.14 6.60
C GLY A 291 -58.03 7.37 7.11
N ILE A 292 -57.35 8.51 7.16
CA ILE A 292 -57.98 9.77 7.50
C ILE A 292 -58.46 10.41 6.19
N THR A 293 -59.77 10.39 5.97
CA THR A 293 -60.30 10.89 4.70
C THR A 293 -60.11 12.39 4.56
N PHE A 294 -60.10 13.13 5.68
CA PHE A 294 -59.70 14.52 5.66
C PHE A 294 -59.09 14.87 7.01
N ASP A 295 -57.96 15.56 6.98
CA ASP A 295 -57.24 15.95 8.18
C ASP A 295 -57.25 17.48 8.26
N SER A 296 -58.29 18.03 8.89
CA SER A 296 -58.28 19.45 9.18
C SER A 296 -57.33 19.81 10.30
N GLY A 297 -56.87 18.82 11.06
CA GLY A 297 -56.05 19.05 12.24
C GLY A 297 -56.81 19.05 13.54
N GLY A 298 -58.15 19.07 13.50
CA GLY A 298 -58.91 19.20 14.72
C GLY A 298 -58.78 20.61 15.29
N TYR A 299 -58.96 20.72 16.61
CA TYR A 299 -58.82 22.01 17.26
C TYR A 299 -57.40 22.56 17.14
N ASN A 300 -56.41 21.69 16.93
CA ASN A 300 -55.09 22.10 16.46
C ASN A 300 -55.15 22.30 14.94
N LEU A 301 -55.95 23.28 14.53
CA LEU A 301 -56.29 23.47 13.13
C LEU A 301 -55.04 23.74 12.29
N LYS A 302 -55.04 23.21 11.07
CA LYS A 302 -53.97 23.44 10.11
C LYS A 302 -54.12 24.86 9.56
N ALA A 303 -53.66 25.83 10.35
CA ALA A 303 -53.72 27.23 9.97
C ALA A 303 -52.36 27.90 9.83
N ALA A 304 -51.29 27.23 10.25
CA ALA A 304 -49.97 27.83 10.10
C ALA A 304 -49.57 27.86 8.62
N PRO A 305 -48.76 28.85 8.22
CA PRO A 305 -48.30 28.90 6.83
C PRO A 305 -47.54 27.64 6.45
N GLY A 306 -47.87 27.10 5.28
CA GLY A 306 -47.25 25.88 4.80
C GLY A 306 -47.91 24.60 5.29
N SER A 307 -48.95 24.68 6.11
CA SER A 307 -49.62 23.48 6.60
C SER A 307 -50.42 22.78 5.49
N MET A 308 -50.78 23.50 4.43
CA MET A 308 -51.40 22.92 3.24
C MET A 308 -52.63 22.10 3.58
N ILE A 309 -53.64 22.79 4.12
CA ILE A 309 -54.87 22.12 4.52
C ILE A 309 -55.63 21.59 3.31
N ASP A 310 -55.44 22.21 2.14
CA ASP A 310 -56.14 21.79 0.93
C ASP A 310 -55.64 20.48 0.36
N LEU A 311 -54.48 19.99 0.81
CA LEU A 311 -53.96 18.72 0.35
C LEU A 311 -54.46 17.54 1.18
N MET A 312 -55.00 17.79 2.37
CA MET A 312 -55.25 16.76 3.36
C MET A 312 -56.33 15.76 2.97
N LYS A 313 -56.90 15.80 1.76
CA LYS A 313 -57.67 14.67 1.30
C LYS A 313 -56.80 13.45 1.07
N PHE A 314 -55.49 13.65 0.94
CA PHE A 314 -54.55 12.56 0.67
C PHE A 314 -54.15 11.82 1.94
N ASP A 315 -54.70 12.18 3.09
CA ASP A 315 -54.34 11.58 4.36
C ASP A 315 -54.85 10.15 4.52
N MET A 316 -55.54 9.60 3.51
CA MET A 316 -55.87 8.19 3.48
C MET A 316 -55.02 7.44 2.46
N SER A 317 -53.86 7.99 2.10
CA SER A 317 -52.98 7.36 1.12
C SER A 317 -52.50 5.99 1.60
N GLY A 318 -52.26 5.85 2.91
CA GLY A 318 -51.89 4.55 3.44
C GLY A 318 -52.99 3.52 3.26
N CYS A 319 -54.24 3.92 3.56
CA CYS A 319 -55.37 3.03 3.32
C CYS A 319 -55.50 2.68 1.85
N ALA A 320 -55.28 3.65 0.96
CA ALA A 320 -55.39 3.38 -0.46
C ALA A 320 -54.32 2.40 -0.93
N ALA A 321 -53.10 2.54 -0.40
CA ALA A 321 -52.03 1.61 -0.76
C ALA A 321 -52.37 0.19 -0.32
N VAL A 322 -52.95 0.06 0.88
CA VAL A 322 -53.35 -1.27 1.35
C VAL A 322 -54.47 -1.83 0.50
N LEU A 323 -55.43 -0.99 0.11
CA LEU A 323 -56.53 -1.46 -0.74
C LEU A 323 -56.02 -1.78 -2.14
N GLY A 324 -55.12 -0.97 -2.68
CA GLY A 324 -54.53 -1.28 -3.97
C GLY A 324 -53.72 -2.56 -3.94
N CYS A 325 -53.05 -2.82 -2.82
CA CYS A 325 -52.35 -4.09 -2.65
C CYS A 325 -53.33 -5.26 -2.59
N ALA A 326 -54.49 -5.03 -1.98
CA ALA A 326 -55.52 -6.08 -1.95
C ALA A 326 -55.99 -6.45 -3.34
N TYR A 327 -56.03 -5.49 -4.27
CA TYR A 327 -56.40 -5.80 -5.64
C TYR A 327 -55.36 -6.70 -6.29
N CYS A 328 -54.07 -6.34 -6.17
CA CYS A 328 -53.01 -7.13 -6.79
C CYS A 328 -52.98 -8.55 -6.23
N VAL A 329 -53.11 -8.68 -4.90
CA VAL A 329 -53.09 -9.99 -4.28
C VAL A 329 -54.32 -10.79 -4.68
N GLY A 330 -55.50 -10.16 -4.68
CA GLY A 330 -56.71 -10.86 -5.05
C GLY A 330 -56.74 -11.28 -6.51
N THR A 331 -56.02 -10.55 -7.37
CA THR A 331 -55.97 -10.89 -8.78
C THR A 331 -54.88 -11.92 -9.08
N LEU A 332 -53.68 -11.73 -8.54
CA LEU A 332 -52.58 -12.66 -8.79
C LEU A 332 -52.71 -13.95 -7.99
N LYS A 333 -53.43 -13.91 -6.87
CA LYS A 333 -53.71 -15.09 -6.05
C LYS A 333 -52.44 -15.83 -5.66
N PRO A 334 -51.63 -15.29 -4.74
CA PRO A 334 -50.46 -16.04 -4.26
C PRO A 334 -50.89 -17.24 -3.43
N GLU A 335 -49.92 -18.11 -3.17
CA GLU A 335 -50.17 -19.36 -2.47
C GLU A 335 -49.48 -19.39 -1.11
N ASN A 336 -50.05 -20.18 -0.20
CA ASN A 336 -49.47 -20.44 1.12
C ASN A 336 -49.31 -19.17 1.95
N VAL A 337 -50.20 -18.20 1.74
CA VAL A 337 -50.12 -16.92 2.44
C VAL A 337 -51.53 -16.49 2.85
N GLU A 338 -51.63 -15.86 4.02
CA GLU A 338 -52.86 -15.27 4.52
C GLU A 338 -52.60 -13.82 4.88
N ILE A 339 -53.29 -12.90 4.21
CA ILE A 339 -53.05 -11.46 4.36
C ILE A 339 -54.31 -10.78 4.86
N HIS A 340 -54.15 -9.92 5.86
CA HIS A 340 -55.23 -9.09 6.38
C HIS A 340 -54.99 -7.65 5.99
N PHE A 341 -56.00 -7.02 5.39
CA PHE A 341 -55.93 -5.64 4.94
C PHE A 341 -56.78 -4.79 5.90
N LEU A 342 -56.11 -3.96 6.68
CA LEU A 342 -56.75 -3.22 7.76
C LEU A 342 -56.60 -1.72 7.57
N SER A 343 -57.61 -0.98 8.01
CA SER A 343 -57.57 0.48 8.00
C SER A 343 -58.62 1.02 8.95
N ALA A 344 -58.20 1.80 9.93
CA ALA A 344 -59.12 2.47 10.85
C ALA A 344 -59.48 3.82 10.24
N VAL A 345 -60.59 3.84 9.50
CA VAL A 345 -60.97 5.00 8.70
C VAL A 345 -61.83 5.95 9.53
N CYS A 346 -61.52 7.23 9.47
CA CYS A 346 -62.30 8.26 10.15
C CYS A 346 -61.93 9.61 9.54
N GLU A 347 -62.48 10.69 10.12
CA GLU A 347 -62.26 12.04 9.63
C GLU A 347 -61.99 12.96 10.81
N ASN A 348 -60.96 13.79 10.70
CA ASN A 348 -60.52 14.68 11.78
C ASN A 348 -61.05 16.08 11.51
N MET A 349 -62.09 16.48 12.26
CA MET A 349 -62.81 17.71 12.00
C MET A 349 -62.93 18.53 13.28
N VAL A 350 -63.38 19.77 13.11
CA VAL A 350 -63.62 20.70 14.21
C VAL A 350 -65.12 20.79 14.45
N SER A 351 -65.54 20.55 15.68
CA SER A 351 -66.96 20.50 16.01
C SER A 351 -67.11 20.63 17.52
N LYS A 352 -68.37 20.78 17.95
CA LYS A 352 -68.67 20.72 19.37
C LYS A 352 -68.40 19.33 19.95
N ASN A 353 -68.33 18.31 19.11
CA ASN A 353 -68.12 16.94 19.54
C ASN A 353 -66.68 16.48 19.38
N SER A 354 -65.80 17.33 18.85
CA SER A 354 -64.41 16.93 18.63
C SER A 354 -63.69 16.71 19.95
N TYR A 355 -62.65 15.89 19.91
CA TYR A 355 -61.79 15.72 21.08
C TYR A 355 -60.82 16.89 21.18
N ARG A 356 -60.46 17.22 22.41
CA ARG A 356 -59.74 18.44 22.69
C ARG A 356 -58.27 18.17 22.97
N PRO A 357 -57.40 19.16 22.74
CA PRO A 357 -56.03 19.06 23.26
C PRO A 357 -56.05 18.96 24.77
N GLY A 358 -55.28 18.00 25.31
CA GLY A 358 -55.25 17.75 26.73
C GLY A 358 -56.11 16.58 27.17
N ASP A 359 -57.06 16.15 26.34
CA ASP A 359 -57.90 15.01 26.68
C ASP A 359 -57.05 13.77 26.90
N ILE A 360 -57.47 12.95 27.87
CA ILE A 360 -56.81 11.68 28.15
C ILE A 360 -57.75 10.57 27.71
N ILE A 361 -57.29 9.73 26.78
CA ILE A 361 -58.09 8.67 26.20
C ILE A 361 -57.40 7.34 26.43
N THR A 362 -58.17 6.28 26.32
CA THR A 362 -57.71 4.93 26.62
C THR A 362 -57.74 4.08 25.37
N ALA A 363 -56.59 3.53 24.99
CA ALA A 363 -56.51 2.66 23.83
C ALA A 363 -57.10 1.28 24.16
N SER A 364 -57.22 0.46 23.12
CA SER A 364 -57.83 -0.87 23.29
C SER A 364 -56.96 -1.83 24.08
N ASN A 365 -55.69 -1.51 24.30
CA ASN A 365 -54.81 -2.34 25.12
C ASN A 365 -54.71 -1.84 26.55
N GLY A 366 -55.55 -0.87 26.94
CA GLY A 366 -55.59 -0.37 28.29
C GLY A 366 -54.71 0.82 28.56
N LYS A 367 -53.82 1.18 27.63
CA LYS A 367 -52.91 2.30 27.85
C LYS A 367 -53.65 3.63 27.70
N THR A 368 -53.50 4.50 28.70
CA THR A 368 -54.07 5.84 28.64
C THR A 368 -53.11 6.79 27.93
N ILE A 369 -53.66 7.61 27.05
CA ILE A 369 -52.89 8.51 26.20
C ILE A 369 -53.32 9.94 26.48
N GLU A 370 -52.35 10.82 26.70
CA GLU A 370 -52.61 12.25 26.86
C GLU A 370 -52.45 12.93 25.50
N VAL A 371 -53.52 13.51 25.00
CA VAL A 371 -53.51 14.15 23.69
C VAL A 371 -52.89 15.54 23.83
N GLY A 372 -51.75 15.74 23.20
CA GLY A 372 -51.08 17.04 23.23
C GLY A 372 -51.32 17.87 21.99
N ASN A 373 -51.79 17.22 20.92
CA ASN A 373 -52.01 17.90 19.64
C ASN A 373 -53.00 17.06 18.84
N THR A 374 -54.19 17.61 18.59
CA THR A 374 -55.21 16.89 17.84
C THR A 374 -54.83 16.65 16.38
N ASP A 375 -53.81 17.34 15.86
CA ASP A 375 -53.35 17.10 14.50
C ASP A 375 -52.43 15.90 14.40
N ALA A 376 -51.99 15.34 15.53
CA ALA A 376 -51.26 14.07 15.52
C ALA A 376 -52.21 12.89 15.70
N GLU A 377 -53.26 12.88 14.89
CA GLU A 377 -54.33 11.90 15.04
C GLU A 377 -54.03 10.57 14.33
N GLY A 378 -53.10 10.56 13.38
CA GLY A 378 -52.80 9.34 12.66
C GLY A 378 -52.28 8.24 13.56
N ARG A 379 -51.33 8.59 14.44
CA ARG A 379 -50.78 7.61 15.36
C ARG A 379 -51.82 7.11 16.36
N LEU A 380 -52.86 7.90 16.63
CA LEU A 380 -53.92 7.45 17.52
C LEU A 380 -54.77 6.38 16.85
N THR A 381 -55.15 6.60 15.59
CA THR A 381 -55.91 5.59 14.86
C THR A 381 -55.07 4.35 14.60
N LEU A 382 -53.78 4.55 14.29
CA LEU A 382 -52.90 3.40 14.06
C LEU A 382 -52.68 2.59 15.34
N ALA A 383 -52.68 3.26 16.50
CA ALA A 383 -52.48 2.56 17.77
C ALA A 383 -53.54 1.48 17.98
N ASP A 384 -54.82 1.85 17.82
CA ASP A 384 -55.88 0.87 17.98
C ASP A 384 -55.87 -0.17 16.85
N ALA A 385 -55.49 0.25 15.64
CA ALA A 385 -55.41 -0.70 14.53
C ALA A 385 -54.26 -1.68 14.72
N LEU A 386 -53.15 -1.22 15.30
CA LEU A 386 -52.02 -2.12 15.53
C LEU A 386 -52.35 -3.17 16.59
N VAL A 387 -53.05 -2.76 17.65
CA VAL A 387 -53.49 -3.72 18.66
C VAL A 387 -54.45 -4.73 18.04
N TYR A 388 -55.36 -4.26 17.18
CA TYR A 388 -56.26 -5.17 16.46
C TYR A 388 -55.48 -6.14 15.58
N ALA A 389 -54.42 -5.65 14.92
CA ALA A 389 -53.65 -6.50 14.02
C ALA A 389 -52.92 -7.60 14.79
N GLU A 390 -52.29 -7.26 15.92
CA GLU A 390 -51.56 -8.26 16.68
C GLU A 390 -52.48 -9.34 17.23
N LYS A 391 -53.73 -8.99 17.51
CA LYS A 391 -54.69 -9.99 17.99
C LYS A 391 -55.00 -11.05 16.93
N LEU A 392 -54.73 -10.76 15.66
CA LEU A 392 -54.97 -11.74 14.60
C LEU A 392 -53.91 -12.84 14.58
N GLY A 393 -52.81 -12.68 15.31
CA GLY A 393 -51.77 -13.69 15.33
C GLY A 393 -51.06 -13.86 14.00
N VAL A 394 -50.42 -12.78 13.53
CA VAL A 394 -49.74 -12.80 12.26
C VAL A 394 -48.23 -12.86 12.50
N ASP A 395 -47.48 -13.12 11.43
CA ASP A 395 -46.03 -13.13 11.51
C ASP A 395 -45.42 -11.75 11.33
N TYR A 396 -46.00 -10.93 10.47
CA TYR A 396 -45.51 -9.59 10.18
C TYR A 396 -46.66 -8.60 10.21
N ILE A 397 -46.41 -7.43 10.82
CA ILE A 397 -47.33 -6.30 10.76
C ILE A 397 -46.60 -5.15 10.08
N VAL A 398 -47.16 -4.68 8.97
CA VAL A 398 -46.59 -3.57 8.21
C VAL A 398 -47.66 -2.50 8.07
N ASP A 399 -47.38 -1.31 8.60
CA ASP A 399 -48.26 -0.17 8.46
C ASP A 399 -47.62 0.87 7.56
N ILE A 400 -48.47 1.58 6.81
CA ILE A 400 -48.05 2.61 5.88
C ILE A 400 -48.96 3.82 6.08
N ALA A 401 -48.37 5.01 6.19
CA ALA A 401 -49.14 6.16 6.65
C ALA A 401 -48.46 7.46 6.22
N THR A 402 -49.30 8.46 5.89
CA THR A 402 -48.83 9.84 5.73
C THR A 402 -48.81 10.47 7.12
N LEU A 403 -47.80 10.10 7.89
CA LEU A 403 -47.82 10.34 9.33
C LEU A 403 -47.25 11.70 9.73
N THR A 404 -46.04 12.03 9.28
CA THR A 404 -45.32 13.19 9.76
C THR A 404 -44.82 14.04 8.60
N GLY A 405 -45.12 15.35 8.65
CA GLY A 405 -44.60 16.26 7.66
C GLY A 405 -43.09 16.45 7.72
N ALA A 406 -42.46 16.04 8.83
CA ALA A 406 -41.02 16.14 8.95
C ALA A 406 -40.28 15.28 7.94
N MET A 407 -40.97 14.31 7.31
CA MET A 407 -40.32 13.50 6.28
C MET A 407 -39.88 14.33 5.09
N LEU A 408 -40.51 15.48 4.86
CA LEU A 408 -40.08 16.36 3.77
C LEU A 408 -38.70 16.93 4.04
N TYR A 409 -38.30 17.03 5.31
CA TYR A 409 -37.00 17.56 5.69
C TYR A 409 -35.96 16.47 5.91
N SER A 410 -36.36 15.20 5.94
CA SER A 410 -35.43 14.09 6.10
C SER A 410 -35.10 13.41 4.78
N LEU A 411 -36.10 12.78 4.15
CA LEU A 411 -35.89 12.05 2.91
C LEU A 411 -36.44 12.74 1.67
N GLY A 412 -37.37 13.68 1.83
CA GLY A 412 -37.87 14.43 0.70
C GLY A 412 -39.10 13.83 0.05
N THR A 413 -39.26 14.04 -1.25
CA THR A 413 -40.46 13.65 -1.97
C THR A 413 -40.29 12.36 -2.77
N SER A 414 -39.08 11.78 -2.79
CA SER A 414 -38.83 10.60 -3.60
C SER A 414 -38.67 9.32 -2.79
N TYR A 415 -38.19 9.39 -1.56
CA TYR A 415 -37.89 8.21 -0.75
C TYR A 415 -38.80 8.18 0.48
N ALA A 416 -39.46 7.05 0.68
CA ALA A 416 -40.20 6.84 1.92
C ALA A 416 -39.26 6.31 3.00
N GLY A 417 -39.66 6.51 4.25
CA GLY A 417 -38.89 6.04 5.39
C GLY A 417 -39.55 4.80 6.02
N VAL A 418 -38.72 3.86 6.44
CA VAL A 418 -39.19 2.65 7.10
C VAL A 418 -38.57 2.58 8.49
N PHE A 419 -39.41 2.34 9.48
CA PHE A 419 -39.01 2.09 10.86
C PHE A 419 -39.53 0.72 11.25
N GLY A 420 -38.95 0.14 12.30
CA GLY A 420 -39.40 -1.16 12.74
C GLY A 420 -38.70 -1.62 13.99
N ASN A 421 -39.18 -2.74 14.52
CA ASN A 421 -38.62 -3.38 15.69
C ASN A 421 -37.93 -4.70 15.36
N ASN A 422 -37.76 -5.00 14.08
CA ASN A 422 -37.23 -6.29 13.64
C ASN A 422 -36.34 -6.06 12.43
N GLU A 423 -35.07 -6.45 12.55
CA GLU A 423 -34.11 -6.23 11.48
C GLU A 423 -34.47 -7.05 10.24
N GLU A 424 -34.88 -8.30 10.43
CA GLU A 424 -35.19 -9.16 9.29
C GLU A 424 -36.37 -8.62 8.49
N LEU A 425 -37.38 -8.09 9.18
CA LEU A 425 -38.54 -7.53 8.48
C LEU A 425 -38.15 -6.26 7.72
N ILE A 426 -37.32 -5.41 8.33
CA ILE A 426 -36.85 -4.22 7.62
C ILE A 426 -36.09 -4.60 6.35
N ASN A 427 -35.31 -5.68 6.40
CA ASN A 427 -34.58 -6.11 5.22
C ASN A 427 -35.53 -6.60 4.13
N LYS A 428 -36.60 -7.29 4.53
CA LYS A 428 -37.59 -7.73 3.55
C LYS A 428 -38.28 -6.55 2.90
N ILE A 429 -38.57 -5.49 3.67
CA ILE A 429 -39.15 -4.28 3.09
C ILE A 429 -38.18 -3.64 2.11
N LEU A 430 -36.89 -3.60 2.48
CA LEU A 430 -35.88 -3.05 1.58
C LEU A 430 -35.78 -3.85 0.30
N GLN A 431 -35.92 -5.18 0.38
CA GLN A 431 -35.91 -6.00 -0.82
C GLN A 431 -37.10 -5.69 -1.70
N SER A 432 -38.28 -5.50 -1.11
CA SER A 432 -39.46 -5.14 -1.89
C SER A 432 -39.33 -3.75 -2.50
N SER A 433 -38.63 -2.84 -1.81
CA SER A 433 -38.38 -1.53 -2.39
C SER A 433 -37.48 -1.63 -3.62
N LYS A 434 -36.55 -2.59 -3.62
CA LYS A 434 -35.65 -2.77 -4.76
C LYS A 434 -36.37 -3.39 -5.95
N THR A 435 -37.19 -4.41 -5.71
CA THR A 435 -37.85 -5.10 -6.81
C THR A 435 -39.08 -4.36 -7.32
N SER A 436 -39.78 -3.63 -6.46
CA SER A 436 -40.91 -2.82 -6.89
C SER A 436 -40.49 -1.45 -7.41
N ASN A 437 -39.24 -1.05 -7.17
CA ASN A 437 -38.71 0.24 -7.61
C ASN A 437 -39.47 1.41 -6.98
N GLU A 438 -40.04 1.18 -5.81
CA GLU A 438 -40.58 2.26 -4.99
C GLU A 438 -39.57 2.53 -3.89
N PRO A 439 -38.77 3.59 -3.98
CA PRO A 439 -37.59 3.71 -3.11
C PRO A 439 -37.96 3.97 -1.66
N VAL A 440 -37.26 3.28 -0.76
CA VAL A 440 -37.47 3.37 0.68
C VAL A 440 -36.11 3.37 1.36
N TRP A 441 -35.97 4.16 2.43
CA TRP A 441 -34.73 4.25 3.19
C TRP A 441 -35.00 3.95 4.65
N TRP A 442 -34.08 3.21 5.28
CA TRP A 442 -34.23 2.80 6.66
C TRP A 442 -33.82 3.92 7.61
N LEU A 443 -34.73 4.28 8.52
CA LEU A 443 -34.49 5.30 9.53
C LEU A 443 -34.60 4.69 10.92
N PRO A 444 -33.87 5.22 11.90
CA PRO A 444 -33.80 4.56 13.21
C PRO A 444 -34.91 4.97 14.17
N ILE A 445 -35.25 4.03 15.05
CA ILE A 445 -36.12 4.30 16.19
C ILE A 445 -35.20 4.50 17.38
N ILE A 446 -34.92 5.77 17.69
CA ILE A 446 -33.93 6.11 18.71
C ILE A 446 -34.59 6.04 20.08
N ASN A 447 -34.18 5.06 20.89
CA ASN A 447 -34.82 4.82 22.18
C ASN A 447 -34.56 5.95 23.18
N GLU A 448 -33.51 6.74 22.98
CA GLU A 448 -33.23 7.84 23.90
C GLU A 448 -34.35 8.88 23.91
N TYR A 449 -35.13 8.98 22.83
CA TYR A 449 -36.23 9.94 22.78
C TYR A 449 -37.49 9.44 23.47
N ARG A 450 -37.50 8.17 23.91
CA ARG A 450 -38.70 7.60 24.51
C ARG A 450 -39.13 8.35 25.77
N ALA A 451 -38.17 8.90 26.52
CA ALA A 451 -38.50 9.57 27.78
C ALA A 451 -39.39 10.78 27.59
N THR A 452 -39.38 11.41 26.42
CA THR A 452 -40.23 12.58 26.19
C THR A 452 -41.70 12.22 26.04
N LEU A 453 -42.02 10.93 25.93
CA LEU A 453 -43.41 10.47 25.90
C LEU A 453 -43.91 10.08 27.28
N ASN A 454 -43.12 10.31 28.33
CA ASN A 454 -43.53 10.01 29.69
C ASN A 454 -44.52 11.07 30.14
N SER A 455 -45.79 10.70 30.26
CA SER A 455 -46.82 11.64 30.67
C SER A 455 -46.85 11.75 32.19
N LYS A 456 -47.19 12.95 32.67
CA LYS A 456 -47.28 13.15 34.11
C LYS A 456 -48.53 12.48 34.68
N TYR A 457 -49.59 12.36 33.88
CA TYR A 457 -50.86 11.82 34.35
C TYR A 457 -51.29 10.57 33.62
N ALA A 458 -51.14 10.51 32.30
CA ALA A 458 -51.50 9.33 31.53
C ALA A 458 -50.32 8.35 31.49
N ASP A 459 -50.54 7.19 30.89
CA ASP A 459 -49.47 6.22 30.75
C ASP A 459 -48.39 6.73 29.81
N ILE A 460 -48.78 7.44 28.76
CA ILE A 460 -47.85 7.88 27.72
C ILE A 460 -48.37 9.14 27.07
N ASN A 461 -47.46 9.95 26.57
CA ASN A 461 -47.82 11.14 25.80
C ASN A 461 -48.08 10.76 24.35
N GLN A 462 -49.04 11.47 23.73
CA GLN A 462 -49.27 11.27 22.31
C GLN A 462 -48.12 11.87 21.49
N ILE A 463 -47.65 13.05 21.89
CA ILE A 463 -46.57 13.73 21.20
C ILE A 463 -45.51 14.17 22.21
N SER A 464 -44.32 14.42 21.69
CA SER A 464 -43.29 15.08 22.47
C SER A 464 -43.39 16.58 22.25
N SER A 465 -43.28 17.34 23.34
CA SER A 465 -43.30 18.79 23.27
C SER A 465 -41.91 19.36 23.00
N SER A 466 -40.86 18.56 23.01
CA SER A 466 -39.48 19.04 22.88
C SER A 466 -38.80 18.54 21.63
N VAL A 467 -38.60 17.22 21.50
CA VAL A 467 -37.91 16.67 20.35
C VAL A 467 -38.74 16.94 19.10
N LYS A 468 -38.11 17.65 18.12
CA LYS A 468 -38.82 17.76 16.85
C LYS A 468 -38.58 16.64 15.87
N ALA A 469 -37.82 15.60 16.21
CA ALA A 469 -37.71 14.48 15.28
C ALA A 469 -39.01 13.68 15.28
N SER A 470 -40.02 14.29 14.65
CA SER A 470 -41.40 13.82 14.78
C SER A 470 -41.58 12.43 14.19
N SER A 471 -40.88 12.14 13.10
CA SER A 471 -41.02 10.81 12.49
C SER A 471 -40.47 9.72 13.41
N ILE A 472 -39.42 10.01 14.16
CA ILE A 472 -38.87 9.03 15.09
C ILE A 472 -39.73 8.94 16.34
N VAL A 473 -40.18 10.08 16.86
CA VAL A 473 -41.04 10.08 18.05
C VAL A 473 -42.34 9.34 17.77
N ALA A 474 -42.93 9.58 16.60
CA ALA A 474 -44.17 8.88 16.24
C ALA A 474 -43.94 7.37 16.15
N SER A 475 -42.78 6.95 15.63
CA SER A 475 -42.46 5.53 15.58
C SER A 475 -42.30 4.95 16.98
N LEU A 476 -41.74 5.74 17.92
CA LEU A 476 -41.64 5.29 19.29
C LEU A 476 -43.02 5.13 19.92
N PHE A 477 -43.97 6.02 19.58
CA PHE A 477 -45.32 5.91 20.08
C PHE A 477 -46.02 4.68 19.52
N LEU A 478 -45.90 4.47 18.21
CA LEU A 478 -46.51 3.30 17.58
C LEU A 478 -45.93 2.00 18.13
N LYS A 479 -44.64 2.01 18.48
CA LYS A 479 -44.00 0.80 18.99
C LYS A 479 -44.64 0.34 20.30
N GLU A 480 -45.21 1.26 21.08
CA GLU A 480 -45.83 0.92 22.35
C GLU A 480 -47.10 0.08 22.18
N PHE A 481 -47.56 -0.13 20.95
CA PHE A 481 -48.78 -0.88 20.71
C PHE A 481 -48.54 -2.17 19.93
N VAL A 482 -47.29 -2.59 19.78
CA VAL A 482 -46.93 -3.90 19.24
C VAL A 482 -46.01 -4.57 20.25
N GLN A 483 -46.49 -5.63 20.90
CA GLN A 483 -45.81 -6.21 22.04
C GLN A 483 -44.84 -7.33 21.66
N ASN A 484 -45.23 -8.24 20.77
CA ASN A 484 -44.41 -9.42 20.51
C ASN A 484 -44.59 -9.90 19.08
N THR A 485 -44.55 -8.97 18.12
CA THR A 485 -44.67 -9.31 16.71
C THR A 485 -43.72 -8.43 15.91
N ALA A 486 -43.08 -9.01 14.89
CA ALA A 486 -42.26 -8.22 13.98
C ALA A 486 -43.12 -7.19 13.28
N TRP A 487 -42.74 -5.92 13.41
CA TRP A 487 -43.56 -4.82 12.94
C TRP A 487 -42.70 -3.77 12.25
N ALA A 488 -43.22 -3.22 11.15
CA ALA A 488 -42.55 -2.17 10.40
C ALA A 488 -43.55 -1.05 10.09
N HIS A 489 -43.01 0.16 9.95
CA HIS A 489 -43.83 1.36 9.76
C HIS A 489 -43.22 2.19 8.65
N ILE A 490 -44.00 2.45 7.61
CA ILE A 490 -43.55 3.20 6.42
C ILE A 490 -44.24 4.55 6.41
N ASP A 491 -43.48 5.62 6.54
CA ASP A 491 -44.01 6.98 6.54
C ASP A 491 -43.92 7.53 5.12
N ILE A 492 -45.08 7.73 4.49
CA ILE A 492 -45.16 8.16 3.10
C ILE A 492 -45.71 9.58 2.99
N ALA A 493 -45.57 10.39 4.05
CA ALA A 493 -46.14 11.73 4.03
C ALA A 493 -45.46 12.62 2.98
N GLY A 494 -44.19 12.36 2.68
CA GLY A 494 -43.47 13.20 1.74
C GLY A 494 -43.56 12.75 0.30
N VAL A 495 -43.79 11.45 0.08
CA VAL A 495 -43.74 10.87 -1.26
C VAL A 495 -45.10 10.58 -1.86
N SER A 496 -46.18 10.75 -1.10
CA SER A 496 -47.49 10.31 -1.57
C SER A 496 -47.98 11.18 -2.74
N TRP A 497 -47.77 12.48 -2.66
CA TRP A 497 -48.30 13.41 -3.65
C TRP A 497 -47.21 13.89 -4.60
N ASN A 498 -47.54 13.91 -5.89
CA ASN A 498 -46.65 14.42 -6.94
C ASN A 498 -47.05 15.87 -7.21
N PHE A 499 -46.22 16.80 -6.73
CA PHE A 499 -46.58 18.21 -6.82
C PHE A 499 -46.34 18.79 -8.21
N LYS A 500 -45.36 18.27 -8.96
CA LYS A 500 -45.17 18.75 -10.32
C LYS A 500 -46.34 18.38 -11.22
N ALA A 501 -46.86 17.16 -11.08
CA ALA A 501 -47.97 16.69 -11.90
C ALA A 501 -49.33 16.93 -11.26
N ARG A 502 -49.37 17.36 -9.99
CA ARG A 502 -50.62 17.67 -9.29
C ARG A 502 -51.56 16.46 -9.24
N LYS A 503 -51.02 15.33 -8.82
CA LYS A 503 -51.80 14.08 -8.78
C LYS A 503 -51.14 13.15 -7.78
N PRO A 504 -51.89 12.18 -7.25
CA PRO A 504 -51.28 11.20 -6.34
C PRO A 504 -50.36 10.26 -7.09
N LYS A 505 -49.51 9.57 -6.32
CA LYS A 505 -48.61 8.58 -6.89
C LYS A 505 -49.10 7.15 -6.74
N GLY A 506 -50.04 6.89 -5.83
CA GLY A 506 -50.35 5.51 -5.50
C GLY A 506 -49.19 4.80 -4.84
N PHE A 507 -48.36 5.52 -4.11
CA PHE A 507 -47.15 4.96 -3.54
C PHE A 507 -47.46 3.87 -2.52
N GLY A 508 -46.74 2.75 -2.63
CA GLY A 508 -46.84 1.67 -1.67
C GLY A 508 -47.55 0.44 -2.18
N VAL A 509 -48.36 0.57 -3.24
CA VAL A 509 -49.11 -0.59 -3.75
C VAL A 509 -48.16 -1.68 -4.23
N ARG A 510 -47.23 -1.32 -5.12
CA ARG A 510 -46.31 -2.31 -5.66
C ARG A 510 -45.30 -2.76 -4.61
N LEU A 511 -44.89 -1.86 -3.71
CA LEU A 511 -43.96 -2.23 -2.66
C LEU A 511 -44.57 -3.27 -1.72
N LEU A 512 -45.79 -3.04 -1.26
CA LEU A 512 -46.45 -3.97 -0.35
C LEU A 512 -46.77 -5.29 -1.05
N THR A 513 -47.14 -5.24 -2.33
CA THR A 513 -47.45 -6.45 -3.06
C THR A 513 -46.21 -7.33 -3.24
N GLU A 514 -45.08 -6.71 -3.61
CA GLU A 514 -43.83 -7.47 -3.72
C GLU A 514 -43.44 -8.09 -2.37
N PHE A 515 -43.69 -7.38 -1.27
CA PHE A 515 -43.38 -7.92 0.05
C PHE A 515 -44.22 -9.15 0.35
N VAL A 516 -45.44 -9.21 -0.18
N VAL A 516 -45.44 -9.21 -0.18
CA VAL A 516 -46.30 -10.37 0.06
CA VAL A 516 -46.30 -10.37 0.06
C VAL A 516 -45.90 -11.52 -0.85
C VAL A 516 -45.90 -11.52 -0.85
N LEU A 517 -45.52 -11.23 -2.10
CA LEU A 517 -45.22 -12.28 -3.06
C LEU A 517 -43.86 -12.93 -2.83
N ASN A 518 -42.88 -12.20 -2.29
CA ASN A 518 -41.51 -12.70 -2.16
C ASN A 518 -41.20 -13.24 -0.77
N ASP A 519 -42.20 -13.79 -0.08
CA ASP A 519 -41.93 -14.51 1.17
C ASP A 519 -42.76 -15.80 1.22
N SER B 2 -78.01 17.01 34.86
CA SER B 2 -77.15 16.31 35.80
C SER B 2 -76.54 15.07 35.16
N GLU B 3 -76.97 14.74 33.95
CA GLU B 3 -76.44 13.61 33.21
C GLU B 3 -75.49 14.12 32.14
N VAL B 4 -74.28 13.58 32.13
CA VAL B 4 -73.24 14.04 31.21
C VAL B 4 -73.49 13.44 29.82
N PRO B 5 -73.64 14.26 28.79
CA PRO B 5 -73.82 13.73 27.44
C PRO B 5 -72.51 13.14 26.91
N GLN B 6 -72.65 12.16 26.02
CA GLN B 6 -71.51 11.49 25.42
C GLN B 6 -71.63 11.51 23.90
N VAL B 7 -70.48 11.49 23.23
CA VAL B 7 -70.44 11.25 21.79
C VAL B 7 -70.31 9.76 21.49
N VAL B 8 -69.42 9.09 22.20
CA VAL B 8 -69.28 7.64 22.14
C VAL B 8 -69.42 7.10 23.55
N SER B 9 -69.70 5.78 23.64
CA SER B 9 -69.92 5.16 24.93
C SER B 9 -68.67 5.16 25.81
N LEU B 10 -67.49 5.36 25.21
CA LEU B 10 -66.24 5.40 25.96
C LEU B 10 -65.95 6.77 26.57
N ASP B 11 -66.78 7.77 26.31
CA ASP B 11 -66.58 9.09 26.90
C ASP B 11 -66.86 9.02 28.40
N PRO B 12 -66.00 9.58 29.24
CA PRO B 12 -66.23 9.53 30.69
C PRO B 12 -67.41 10.40 31.08
N THR B 13 -68.08 10.01 32.17
CA THR B 13 -69.26 10.70 32.67
C THR B 13 -69.07 11.30 34.06
N SER B 14 -67.85 11.26 34.59
CA SER B 14 -67.60 11.83 35.91
C SER B 14 -66.10 12.09 36.07
N ILE B 15 -65.78 13.01 36.97
CA ILE B 15 -64.39 13.32 37.30
C ILE B 15 -63.96 12.39 38.43
N PRO B 16 -62.93 11.55 38.23
CA PRO B 16 -62.41 10.76 39.35
C PRO B 16 -61.76 11.67 40.37
N ILE B 17 -62.21 11.56 41.62
CA ILE B 17 -61.74 12.41 42.70
C ILE B 17 -61.28 11.54 43.86
N GLU B 18 -60.05 11.76 44.32
CA GLU B 18 -59.51 11.05 45.47
C GLU B 18 -59.64 11.93 46.71
N TYR B 19 -60.54 11.54 47.62
CA TYR B 19 -60.74 12.21 48.89
C TYR B 19 -59.80 11.59 49.93
N ASN B 20 -59.73 10.25 49.93
CA ASN B 20 -58.81 9.44 50.76
C ASN B 20 -57.37 9.59 50.30
N THR B 21 -56.72 10.57 50.79
CA THR B 21 -55.35 10.48 50.32
C THR B 21 -54.49 9.73 51.32
N PRO B 22 -53.41 9.11 50.86
CA PRO B 22 -52.45 8.50 51.79
C PRO B 22 -51.86 9.50 52.77
N ILE B 23 -51.87 10.79 52.42
CA ILE B 23 -51.43 11.82 53.36
C ILE B 23 -52.31 11.81 54.60
N HIS B 24 -53.61 11.53 54.41
CA HIS B 24 -54.54 11.50 55.54
C HIS B 24 -54.27 10.32 56.47
N ASP B 25 -53.55 9.31 56.01
CA ASP B 25 -53.22 8.16 56.83
C ASP B 25 -51.92 8.34 57.61
N ILE B 26 -51.28 9.50 57.49
CA ILE B 26 -50.03 9.77 58.17
C ILE B 26 -50.35 10.32 59.56
N LYS B 27 -49.91 9.61 60.59
CA LYS B 27 -50.06 10.09 61.96
C LYS B 27 -48.94 11.08 62.25
N VAL B 28 -49.30 12.31 62.59
CA VAL B 28 -48.34 13.38 62.78
C VAL B 28 -48.24 13.68 64.27
N GLN B 29 -47.01 13.64 64.78
CA GLN B 29 -46.74 13.96 66.18
C GLN B 29 -45.66 15.03 66.22
N VAL B 30 -45.88 16.06 67.03
CA VAL B 30 -44.94 17.17 67.16
C VAL B 30 -44.48 17.22 68.62
N TYR B 31 -43.17 17.14 68.81
CA TYR B 31 -42.56 17.18 70.12
C TYR B 31 -41.69 18.42 70.28
N ASP B 32 -41.46 18.81 71.53
CA ASP B 32 -40.63 19.97 71.82
C ASP B 32 -39.15 19.63 71.75
N ILE B 33 -38.36 20.56 71.23
CA ILE B 33 -36.93 20.35 71.03
C ILE B 33 -36.19 20.22 72.36
N LYS B 34 -36.73 20.79 73.44
CA LYS B 34 -36.02 20.76 74.71
C LYS B 34 -35.96 19.36 75.31
N GLY B 35 -37.00 18.55 75.10
CA GLY B 35 -37.01 17.22 75.65
C GLY B 35 -36.14 16.21 74.95
N GLY B 36 -35.33 16.64 73.99
CA GLY B 36 -34.45 15.72 73.28
C GLY B 36 -35.13 15.03 72.12
N CYS B 37 -34.35 14.62 71.12
CA CYS B 37 -34.89 13.93 69.95
C CYS B 37 -34.51 12.46 70.03
N ASN B 38 -35.49 11.59 69.79
CA ASN B 38 -35.29 10.15 69.76
C ASN B 38 -35.13 9.68 68.32
N VAL B 39 -34.05 8.96 68.05
CA VAL B 39 -33.76 8.42 66.73
C VAL B 39 -33.92 6.91 66.82
N GLU B 40 -35.07 6.41 66.38
CA GLU B 40 -35.37 4.98 66.51
C GLU B 40 -35.72 4.36 65.16
N GLU B 41 -36.85 4.71 64.55
CA GLU B 41 -37.26 4.15 63.28
C GLU B 41 -37.22 5.20 62.17
N GLY B 42 -37.18 4.72 60.93
CA GLY B 42 -37.37 5.57 59.78
C GLY B 42 -36.20 6.51 59.54
N LEU B 43 -36.52 7.68 58.99
CA LEU B 43 -35.53 8.68 58.62
C LEU B 43 -35.69 9.93 59.48
N THR B 44 -34.58 10.44 59.99
CA THR B 44 -34.57 11.65 60.81
C THR B 44 -33.77 12.71 60.07
N ILE B 45 -34.40 13.85 59.79
CA ILE B 45 -33.81 14.91 58.99
C ILE B 45 -33.74 16.18 59.84
N PHE B 46 -32.56 16.81 59.85
CA PHE B 46 -32.35 18.07 60.54
C PHE B 46 -32.35 19.22 59.55
N LEU B 47 -33.18 20.22 59.80
CA LEU B 47 -33.21 21.45 59.01
C LEU B 47 -32.26 22.45 59.67
N VAL B 48 -31.09 22.64 59.08
CA VAL B 48 -30.02 23.41 59.72
C VAL B 48 -29.76 24.68 58.93
N ASN B 49 -29.29 25.71 59.65
CA ASN B 49 -28.97 26.99 59.04
C ASN B 49 -27.69 27.52 59.67
N ASN B 50 -27.04 28.43 58.95
CA ASN B 50 -25.83 29.09 59.44
C ASN B 50 -25.81 30.52 58.91
N PRO B 51 -26.33 31.48 59.69
CA PRO B 51 -26.37 32.86 59.20
C PRO B 51 -24.97 33.43 59.00
N GLY B 52 -24.89 34.43 58.13
CA GLY B 52 -23.62 35.06 57.81
C GLY B 52 -22.75 34.19 56.91
N LYS B 53 -22.23 33.11 57.48
CA LYS B 53 -21.58 32.03 56.73
C LYS B 53 -22.42 31.64 55.52
N GLU B 54 -22.02 32.09 54.33
CA GLU B 54 -22.78 31.80 53.11
C GLU B 54 -23.02 30.30 52.96
N ASN B 55 -21.95 29.51 52.98
CA ASN B 55 -22.05 28.06 52.84
C ASN B 55 -21.25 27.37 53.94
N GLY B 56 -21.34 27.90 55.16
CA GLY B 56 -20.60 27.37 56.27
C GLY B 56 -21.07 25.98 56.64
N PRO B 57 -20.37 25.37 57.59
CA PRO B 57 -20.64 23.97 57.93
C PRO B 57 -21.97 23.80 58.66
N VAL B 58 -22.45 22.57 58.65
CA VAL B 58 -23.68 22.20 59.34
C VAL B 58 -23.36 21.89 60.79
N LYS B 59 -24.20 22.36 61.70
CA LYS B 59 -24.03 22.13 63.13
C LYS B 59 -25.39 21.79 63.73
N ILE B 60 -25.50 20.59 64.31
CA ILE B 60 -26.73 20.15 64.94
C ILE B 60 -26.70 20.63 66.39
N SER B 61 -27.68 21.43 66.78
CA SER B 61 -27.74 22.03 68.10
C SER B 61 -28.72 21.33 69.03
N SER B 62 -29.60 20.49 68.51
CA SER B 62 -30.61 19.85 69.33
C SER B 62 -30.00 18.70 70.13
N LYS B 63 -30.51 18.51 71.34
CA LYS B 63 -30.08 17.40 72.17
C LYS B 63 -30.67 16.10 71.63
N VAL B 64 -29.81 15.11 71.41
CA VAL B 64 -30.22 13.80 70.91
C VAL B 64 -30.14 12.82 72.06
N ASN B 65 -31.26 12.15 72.34
CA ASN B 65 -31.33 11.22 73.45
C ASN B 65 -30.76 9.87 73.05
N ASP B 66 -29.57 9.87 72.46
CA ASP B 66 -28.89 8.63 72.07
C ASP B 66 -27.40 8.91 72.06
N LYS B 67 -26.64 8.11 72.83
CA LYS B 67 -25.20 8.35 72.94
C LYS B 67 -24.49 8.07 71.62
N GLN B 68 -24.85 6.97 70.94
CA GLN B 68 -24.21 6.62 69.69
C GLN B 68 -24.46 7.67 68.62
N VAL B 69 -25.71 8.14 68.50
CA VAL B 69 -26.06 9.10 67.46
C VAL B 69 -25.38 10.44 67.70
N SER B 70 -25.38 10.90 68.96
CA SER B 70 -24.76 12.20 69.29
C SER B 70 -23.27 12.21 68.96
N GLU B 71 -22.58 11.09 69.16
CA GLU B 71 -21.15 11.05 68.84
C GLU B 71 -20.92 11.20 67.35
N PHE B 72 -21.75 10.55 66.52
CA PHE B 72 -21.67 10.72 65.07
C PHE B 72 -21.95 12.17 64.68
N LEU B 73 -22.92 12.80 65.34
CA LEU B 73 -23.35 14.15 64.99
C LEU B 73 -22.47 15.23 65.61
N LYS B 74 -21.28 14.88 66.08
CA LYS B 74 -20.36 15.86 66.64
C LYS B 74 -19.92 16.83 65.56
N ASP B 75 -19.54 18.04 65.99
CA ASP B 75 -19.19 19.10 65.04
C ASP B 75 -18.02 18.70 64.14
N GLU B 76 -17.05 17.98 64.70
CA GLU B 76 -15.90 17.55 63.90
C GLU B 76 -16.31 16.65 62.74
N ASN B 77 -17.38 15.87 62.92
CA ASN B 77 -17.86 15.02 61.84
C ASN B 77 -18.69 15.80 60.84
N MET B 78 -19.49 16.76 61.33
CA MET B 78 -20.42 17.50 60.49
C MET B 78 -19.77 18.66 59.75
N GLU B 79 -18.55 19.05 60.11
CA GLU B 79 -17.89 20.18 59.46
C GLU B 79 -17.61 19.93 57.98
N LYS B 80 -17.64 18.68 57.54
CA LYS B 80 -17.42 18.35 56.14
C LYS B 80 -18.62 18.64 55.25
N PHE B 81 -19.77 18.97 55.83
CA PHE B 81 -20.98 19.29 55.08
C PHE B 81 -21.31 20.77 55.22
N ASN B 82 -21.90 21.33 54.17
CA ASN B 82 -22.26 22.74 54.12
C ASN B 82 -23.77 22.92 54.11
N VAL B 83 -24.20 24.17 54.28
CA VAL B 83 -25.60 24.51 54.53
C VAL B 83 -26.26 25.13 53.30
N LYS B 84 -25.70 24.95 52.10
CA LYS B 84 -26.30 25.51 50.90
C LYS B 84 -27.75 25.09 50.74
N LEU B 85 -28.59 26.04 50.36
CA LEU B 85 -30.03 25.81 50.23
C LEU B 85 -30.31 24.71 49.23
N GLY B 86 -31.01 23.66 49.67
CA GLY B 86 -31.39 22.56 48.82
C GLY B 86 -30.52 21.32 48.93
N THR B 87 -29.31 21.46 49.44
CA THR B 87 -28.42 20.32 49.59
C THR B 87 -28.93 19.36 50.66
N SER B 88 -28.65 18.07 50.47
CA SER B 88 -29.13 17.03 51.37
C SER B 88 -28.11 15.92 51.46
N LYS B 89 -28.07 15.24 52.61
CA LYS B 89 -27.18 14.13 52.87
C LYS B 89 -27.90 13.07 53.69
N HIS B 90 -27.43 11.83 53.57
CA HIS B 90 -27.95 10.70 54.34
C HIS B 90 -26.82 10.06 55.14
N PHE B 91 -27.14 9.64 56.37
CA PHE B 91 -26.20 8.93 57.22
C PHE B 91 -26.79 7.59 57.66
N TYR B 92 -25.94 6.58 57.75
CA TYR B 92 -26.31 5.26 58.27
C TYR B 92 -25.53 5.01 59.55
N MET B 93 -26.21 4.53 60.59
CA MET B 93 -25.53 4.31 61.86
C MET B 93 -26.32 3.30 62.68
N PHE B 94 -25.71 2.87 63.78
CA PHE B 94 -26.35 2.07 64.80
C PHE B 94 -26.55 2.93 66.04
N ASN B 95 -27.71 2.81 66.67
CA ASN B 95 -27.96 3.64 67.84
C ASN B 95 -27.41 2.93 69.07
N ASP B 96 -27.72 3.42 70.27
CA ASP B 96 -27.21 2.80 71.48
C ASP B 96 -27.58 1.35 71.51
N ASN B 97 -28.61 1.03 70.75
CA ASN B 97 -29.55 0.07 71.18
C ASN B 97 -29.48 -1.08 70.20
N LYS B 98 -28.37 -1.01 69.44
CA LYS B 98 -27.88 -1.88 68.37
C LYS B 98 -28.83 -1.96 67.17
N ASN B 99 -29.56 -0.90 66.87
CA ASN B 99 -30.49 -0.87 65.75
C ASN B 99 -30.02 0.09 64.66
N SER B 100 -30.23 -0.31 63.40
CA SER B 100 -29.89 0.54 62.27
C SER B 100 -30.88 1.68 62.13
N VAL B 101 -30.37 2.91 62.06
CA VAL B 101 -31.19 4.11 61.89
C VAL B 101 -30.60 4.95 60.76
N ALA B 102 -31.46 5.78 60.15
CA ALA B 102 -31.06 6.69 59.08
C ALA B 102 -31.24 8.13 59.51
N VAL B 103 -30.17 8.92 59.37
CA VAL B 103 -30.15 10.33 59.78
C VAL B 103 -29.61 11.16 58.63
N GLY B 104 -30.09 12.40 58.52
CA GLY B 104 -29.59 13.29 57.49
C GLY B 104 -29.99 14.72 57.75
N TYR B 105 -29.71 15.58 56.78
CA TYR B 105 -30.01 16.99 56.91
C TYR B 105 -30.38 17.58 55.56
N VAL B 106 -30.98 18.77 55.59
CA VAL B 106 -31.25 19.57 54.40
C VAL B 106 -30.77 20.99 54.69
N GLY B 107 -29.94 21.52 53.80
CA GLY B 107 -29.40 22.86 54.00
C GLY B 107 -30.45 23.93 53.75
N CYS B 108 -30.51 24.91 54.65
CA CYS B 108 -31.48 25.99 54.57
C CYS B 108 -30.85 27.35 54.33
N GLY B 109 -29.64 27.38 53.78
CA GLY B 109 -29.02 28.65 53.41
C GLY B 109 -28.44 29.41 54.59
N SER B 110 -28.31 30.72 54.39
CA SER B 110 -27.70 31.60 55.37
C SER B 110 -28.62 32.74 55.82
N VAL B 111 -29.81 32.87 55.26
CA VAL B 111 -30.74 33.92 55.65
C VAL B 111 -31.66 33.40 56.74
N ALA B 112 -31.88 34.22 57.77
CA ALA B 112 -32.67 33.78 58.92
C ALA B 112 -34.14 33.66 58.56
N ASP B 113 -34.65 34.53 57.69
CA ASP B 113 -36.05 34.55 57.31
C ASP B 113 -36.19 33.81 55.97
N LEU B 114 -36.84 32.65 56.01
CA LEU B 114 -37.00 31.80 54.83
C LEU B 114 -38.15 32.29 53.97
N SER B 115 -37.91 32.36 52.66
CA SER B 115 -38.95 32.74 51.72
C SER B 115 -39.98 31.63 51.54
N GLU B 116 -41.12 32.00 50.95
CA GLU B 116 -42.08 30.96 50.56
C GLU B 116 -41.50 30.12 49.43
N ALA B 117 -40.73 30.76 48.54
CA ALA B 117 -40.00 30.04 47.50
C ALA B 117 -38.85 29.25 48.10
N ASP B 118 -38.16 29.84 49.08
CA ASP B 118 -37.08 29.11 49.75
C ASP B 118 -37.61 27.91 50.50
N MET B 119 -38.72 28.08 51.24
CA MET B 119 -39.30 26.96 51.96
C MET B 119 -39.75 25.87 51.01
N LYS B 120 -40.24 26.24 49.83
CA LYS B 120 -40.59 25.25 48.82
C LYS B 120 -39.35 24.50 48.34
N ARG B 121 -38.23 25.22 48.18
CA ARG B 121 -37.00 24.58 47.70
C ARG B 121 -36.44 23.57 48.71
N VAL B 122 -36.47 23.90 50.00
CA VAL B 122 -36.01 22.93 51.00
C VAL B 122 -36.98 21.76 51.08
N VAL B 123 -38.28 22.04 51.01
CA VAL B 123 -39.28 20.98 51.10
C VAL B 123 -39.14 20.02 49.92
N LEU B 124 -38.88 20.56 48.72
CA LEU B 124 -38.71 19.70 47.55
C LEU B 124 -37.50 18.79 47.71
N SER B 125 -36.44 19.29 48.35
CA SER B 125 -35.28 18.44 48.65
C SER B 125 -35.66 17.35 49.64
N LEU B 126 -36.53 17.67 50.60
CA LEU B 126 -36.99 16.65 51.56
C LEU B 126 -37.78 15.55 50.85
N VAL B 127 -38.64 15.93 49.91
CA VAL B 127 -39.49 14.95 49.23
C VAL B 127 -38.64 14.00 48.38
N THR B 128 -37.54 14.49 47.81
CA THR B 128 -36.64 13.63 47.06
C THR B 128 -36.09 12.51 47.95
N MET B 129 -35.86 12.80 49.23
CA MET B 129 -35.40 11.74 50.14
C MET B 129 -36.52 10.76 50.45
N LEU B 130 -37.78 11.22 50.40
CA LEU B 130 -38.91 10.31 50.63
C LEU B 130 -39.15 9.41 49.43
N HIS B 131 -38.87 9.90 48.22
CA HIS B 131 -39.10 9.11 47.02
C HIS B 131 -38.01 8.06 46.86
N ASP B 132 -38.35 6.97 46.18
CA ASP B 132 -37.43 5.85 45.96
C ASP B 132 -36.87 5.31 47.27
N ASN B 133 -37.66 5.41 48.35
CA ASN B 133 -37.24 4.93 49.66
C ASN B 133 -38.48 4.43 50.39
N LYS B 134 -38.45 3.17 50.82
CA LYS B 134 -39.59 2.48 51.41
C LYS B 134 -39.65 2.70 52.93
N LEU B 135 -39.65 3.97 53.34
CA LEU B 135 -39.63 4.28 54.75
C LEU B 135 -41.02 4.21 55.37
N SER B 136 -41.05 3.93 56.67
CA SER B 136 -42.30 3.87 57.43
C SER B 136 -42.57 5.12 58.24
N LYS B 137 -41.52 5.86 58.62
CA LYS B 137 -41.64 7.05 59.43
C LYS B 137 -40.62 8.08 58.99
N LEU B 138 -41.02 9.35 59.01
CA LEU B 138 -40.11 10.46 58.77
C LEU B 138 -40.14 11.39 59.98
N THR B 139 -38.97 11.79 60.44
CA THR B 139 -38.83 12.70 61.58
C THR B 139 -38.08 13.93 61.13
N VAL B 140 -38.68 15.10 61.34
CA VAL B 140 -38.09 16.38 60.96
C VAL B 140 -37.76 17.16 62.23
N VAL B 141 -36.51 17.60 62.34
CA VAL B 141 -36.02 18.35 63.49
C VAL B 141 -35.78 19.78 63.03
N PHE B 142 -36.57 20.72 63.59
CA PHE B 142 -36.53 22.12 63.18
C PHE B 142 -35.43 22.85 63.94
N GLU B 143 -34.26 22.99 63.33
CA GLU B 143 -33.19 23.83 63.84
C GLU B 143 -33.18 25.21 63.19
N ILE B 144 -34.33 25.66 62.69
CA ILE B 144 -34.46 26.98 62.08
C ILE B 144 -35.63 27.72 62.73
N ASN B 145 -35.78 28.99 62.37
CA ASN B 145 -36.75 29.87 62.99
C ASN B 145 -37.90 30.09 62.01
N VAL B 146 -39.08 29.60 62.37
CA VAL B 146 -40.29 29.76 61.56
C VAL B 146 -41.44 30.15 62.47
N ASP B 147 -42.33 31.01 61.99
CA ASP B 147 -43.53 31.33 62.73
C ASP B 147 -44.57 30.23 62.49
N LYS B 148 -45.75 30.39 63.10
CA LYS B 148 -46.80 29.39 62.94
C LYS B 148 -47.26 29.28 61.49
N ASN B 149 -47.38 30.41 60.80
CA ASN B 149 -47.86 30.38 59.42
C ASN B 149 -46.86 29.68 58.50
N LEU B 150 -45.57 30.00 58.62
CA LEU B 150 -44.58 29.36 57.78
C LEU B 150 -44.40 27.89 58.14
N PHE B 151 -44.59 27.54 59.42
CA PHE B 151 -44.54 26.13 59.81
C PHE B 151 -45.70 25.36 59.18
N ARG B 152 -46.90 25.94 59.21
CA ARG B 152 -48.04 25.32 58.54
C ARG B 152 -47.80 25.23 57.04
N PHE B 153 -47.22 26.28 56.44
CA PHE B 153 -46.90 26.25 55.02
C PHE B 153 -45.92 25.12 54.70
N PHE B 154 -44.99 24.85 55.60
CA PHE B 154 -44.08 23.72 55.42
C PHE B 154 -44.85 22.42 55.32
N LEU B 155 -45.83 22.21 56.20
CA LEU B 155 -46.60 20.97 56.19
C LEU B 155 -47.49 20.89 54.95
N GLU B 156 -48.18 21.98 54.61
CA GLU B 156 -49.01 22.00 53.41
C GLU B 156 -48.21 21.65 52.17
N THR B 157 -47.07 22.33 51.98
CA THR B 157 -46.23 22.08 50.81
C THR B 157 -45.67 20.68 50.83
N LEU B 158 -45.27 20.20 52.01
CA LEU B 158 -44.77 18.82 52.13
C LEU B 158 -45.85 17.83 51.70
N PHE B 159 -47.06 17.98 52.23
CA PHE B 159 -48.15 17.08 51.88
C PHE B 159 -48.46 17.14 50.38
N TYR B 160 -48.47 18.35 49.82
CA TYR B 160 -48.86 18.51 48.42
C TYR B 160 -47.83 17.88 47.47
N GLU B 161 -46.56 18.22 47.65
CA GLU B 161 -45.54 17.69 46.76
C GLU B 161 -45.31 16.20 46.96
N TYR B 162 -45.50 15.70 48.19
CA TYR B 162 -45.36 14.27 48.45
C TYR B 162 -46.43 13.48 47.72
N MET B 163 -47.65 14.01 47.66
CA MET B 163 -48.75 13.30 47.02
C MET B 163 -48.56 13.25 45.50
N THR B 164 -48.88 12.10 44.92
CA THR B 164 -48.77 11.87 43.48
C THR B 164 -50.14 11.48 42.93
N ASP B 165 -50.57 12.19 41.88
CA ASP B 165 -51.88 11.97 41.28
C ASP B 165 -51.77 10.86 40.23
N GLU B 166 -52.43 9.74 40.50
CA GLU B 166 -52.39 8.57 39.62
C GLU B 166 -53.77 8.19 39.11
N ARG B 167 -54.72 9.13 39.12
CA ARG B 167 -56.10 8.81 38.71
C ARG B 167 -56.17 8.33 37.26
N PHE B 168 -55.26 8.79 36.40
CA PHE B 168 -55.31 8.49 34.98
C PHE B 168 -54.23 7.50 34.55
N LYS B 169 -53.53 6.87 35.49
CA LYS B 169 -52.57 5.84 35.15
C LYS B 169 -53.25 4.47 35.16
N SER B 170 -53.10 3.74 34.05
CA SER B 170 -53.59 2.37 33.96
C SER B 170 -52.43 1.37 34.04
N THR B 171 -51.64 1.26 32.99
CA THR B 171 -50.53 0.30 32.93
C THR B 171 -49.21 0.86 33.44
N ASP B 172 -49.16 2.15 33.78
CA ASP B 172 -47.94 2.76 34.28
C ASP B 172 -48.17 3.33 35.68
N LYS B 173 -48.51 2.45 36.62
CA LYS B 173 -48.95 2.88 37.94
C LYS B 173 -47.83 2.89 38.96
N ASN B 174 -48.19 2.68 40.23
CA ASN B 174 -47.30 2.86 41.38
C ASN B 174 -46.02 2.05 41.29
N VAL B 175 -46.15 0.72 41.31
CA VAL B 175 -45.03 -0.24 41.28
C VAL B 175 -44.29 -0.24 42.61
N ASN B 176 -43.77 0.92 43.03
CA ASN B 176 -42.98 1.00 44.26
C ASN B 176 -43.46 2.09 45.19
N MET B 177 -44.70 2.56 45.04
CA MET B 177 -45.21 3.69 45.81
C MET B 177 -45.55 3.22 47.23
N GLU B 178 -44.79 3.70 48.21
CA GLU B 178 -44.92 3.27 49.61
C GLU B 178 -44.80 4.51 50.49
N TYR B 179 -45.94 5.12 50.80
CA TYR B 179 -45.96 6.32 51.63
C TYR B 179 -45.62 5.99 53.08
N ILE B 180 -45.00 6.96 53.76
CA ILE B 180 -44.76 6.82 55.18
C ILE B 180 -46.08 6.81 55.93
N LYS B 181 -46.07 6.22 57.12
CA LYS B 181 -47.26 6.15 57.96
C LYS B 181 -47.19 7.04 59.19
N HIS B 182 -46.02 7.58 59.52
CA HIS B 182 -45.85 8.44 60.69
C HIS B 182 -44.94 9.60 60.36
N LEU B 183 -45.25 10.77 60.91
CA LEU B 183 -44.42 11.96 60.75
C LEU B 183 -44.18 12.59 62.11
N GLY B 184 -42.93 12.69 62.51
CA GLY B 184 -42.54 13.32 63.76
C GLY B 184 -41.87 14.66 63.50
N VAL B 185 -42.21 15.64 64.34
CA VAL B 185 -41.67 17.00 64.21
C VAL B 185 -41.16 17.45 65.58
N TYR B 186 -39.90 17.87 65.62
CA TYR B 186 -39.29 18.43 66.83
C TYR B 186 -39.04 19.93 66.62
N ILE B 187 -39.56 20.74 67.53
CA ILE B 187 -39.47 22.20 67.41
C ILE B 187 -39.69 22.81 68.78
N ASN B 188 -38.99 23.92 69.06
CA ASN B 188 -39.34 24.73 70.24
C ASN B 188 -40.74 25.25 70.00
N ASN B 189 -41.60 25.26 71.04
CA ASN B 189 -43.04 25.28 70.78
C ASN B 189 -43.54 24.19 69.85
N ALA B 190 -43.44 22.98 70.36
CA ALA B 190 -44.47 22.03 69.99
C ALA B 190 -45.86 22.61 70.29
N ASP B 191 -46.01 23.36 71.40
CA ASP B 191 -47.37 23.69 71.88
C ASP B 191 -48.16 24.61 70.95
N THR B 192 -47.58 25.74 70.50
CA THR B 192 -48.41 26.58 69.62
C THR B 192 -48.42 26.07 68.18
N TYR B 193 -47.48 25.22 67.81
CA TYR B 193 -47.49 24.68 66.46
C TYR B 193 -48.35 23.44 66.36
N LYS B 194 -48.86 22.93 67.49
CA LYS B 194 -49.67 21.72 67.48
C LYS B 194 -51.00 21.98 66.77
N GLU B 195 -51.55 23.18 66.95
CA GLU B 195 -52.83 23.51 66.32
C GLU B 195 -52.70 23.71 64.81
N GLU B 196 -51.48 23.91 64.31
CA GLU B 196 -51.27 24.10 62.88
C GLU B 196 -51.24 22.79 62.11
N VAL B 197 -51.14 21.66 62.80
CA VAL B 197 -51.02 20.37 62.12
C VAL B 197 -52.29 20.04 61.37
N GLU B 198 -53.42 20.03 62.07
CA GLU B 198 -54.68 19.67 61.42
C GLU B 198 -55.16 20.76 60.47
N LYS B 199 -54.78 22.01 60.70
CA LYS B 199 -55.10 23.07 59.75
C LYS B 199 -54.33 22.88 58.45
N ALA B 200 -53.07 22.44 58.54
CA ALA B 200 -52.29 22.17 57.33
C ALA B 200 -52.89 21.02 56.54
N ARG B 201 -53.39 20.00 57.23
CA ARG B 201 -53.99 18.86 56.53
C ARG B 201 -55.24 19.29 55.76
N VAL B 202 -56.06 20.17 56.35
CA VAL B 202 -57.23 20.68 55.66
C VAL B 202 -56.81 21.57 54.49
N TYR B 203 -55.86 22.48 54.72
CA TYR B 203 -55.38 23.34 53.65
C TYR B 203 -54.74 22.52 52.53
N TYR B 204 -54.07 21.43 52.88
CA TYR B 204 -53.44 20.59 51.86
C TYR B 204 -54.49 20.02 50.90
N PHE B 205 -55.56 19.44 51.44
CA PHE B 205 -56.51 18.77 50.58
C PHE B 205 -57.30 19.77 49.74
N GLY B 206 -57.64 20.93 50.33
CA GLY B 206 -58.27 21.98 49.54
C GLY B 206 -57.45 22.36 48.33
N THR B 207 -56.13 22.48 48.51
CA THR B 207 -55.25 22.75 47.38
C THR B 207 -55.14 21.53 46.46
N TYR B 208 -55.05 20.34 47.03
CA TYR B 208 -54.92 19.14 46.20
C TYR B 208 -56.24 18.82 45.49
N TYR B 209 -57.37 19.08 46.15
CA TYR B 209 -58.66 18.87 45.50
C TYR B 209 -58.80 19.77 44.28
N ALA B 210 -58.45 21.04 44.41
CA ALA B 210 -58.46 21.93 43.26
C ALA B 210 -57.49 21.44 42.18
N SER B 211 -56.32 20.96 42.58
CA SER B 211 -55.37 20.41 41.62
C SER B 211 -55.95 19.22 40.88
N GLN B 212 -56.74 18.39 41.57
CA GLN B 212 -57.36 17.24 40.93
C GLN B 212 -58.34 17.67 39.85
N LEU B 213 -59.11 18.73 40.12
CA LEU B 213 -60.07 19.22 39.13
C LEU B 213 -59.35 19.86 37.94
N ILE B 214 -58.29 20.62 38.20
CA ILE B 214 -57.57 21.29 37.12
C ILE B 214 -56.88 20.26 36.23
N ALA B 215 -56.16 19.32 36.85
CA ALA B 215 -55.40 18.33 36.08
C ALA B 215 -56.33 17.40 35.30
N ALA B 216 -57.57 17.24 35.76
CA ALA B 216 -58.53 16.42 35.05
C ALA B 216 -58.77 16.99 33.66
N PRO B 217 -58.59 16.22 32.59
CA PRO B 217 -58.76 16.76 31.23
C PRO B 217 -60.20 17.16 30.97
N SER B 218 -60.38 17.89 29.86
CA SER B 218 -61.67 18.50 29.56
C SER B 218 -62.73 17.46 29.16
N ASN B 219 -62.33 16.27 28.73
CA ASN B 219 -63.30 15.22 28.47
C ASN B 219 -63.80 14.60 29.77
N TYR B 220 -62.97 14.60 30.82
CA TYR B 220 -63.42 14.19 32.14
C TYR B 220 -64.10 15.34 32.88
N CYS B 221 -63.50 16.52 32.85
CA CYS B 221 -64.01 17.69 33.56
C CYS B 221 -64.70 18.60 32.56
N ASN B 222 -66.01 18.46 32.45
CA ASN B 222 -66.84 19.28 31.56
C ASN B 222 -67.84 20.04 32.42
N PRO B 223 -68.61 20.99 31.86
CA PRO B 223 -69.55 21.75 32.70
C PRO B 223 -70.52 20.89 33.49
N VAL B 224 -70.96 19.76 32.96
CA VAL B 224 -71.89 18.91 33.68
C VAL B 224 -71.17 18.11 34.76
N SER B 225 -70.05 17.49 34.42
CA SER B 225 -69.32 16.67 35.40
C SER B 225 -68.70 17.52 36.50
N LEU B 226 -68.30 18.75 36.19
CA LEU B 226 -67.72 19.61 37.22
C LEU B 226 -68.78 20.05 38.24
N SER B 227 -69.96 20.43 37.76
CA SER B 227 -71.04 20.80 38.67
C SER B 227 -71.53 19.60 39.47
N ASN B 228 -71.51 18.41 38.87
CA ASN B 228 -71.86 17.20 39.63
C ASN B 228 -70.90 16.98 40.78
N ALA B 229 -69.60 17.19 40.55
CA ALA B 229 -68.62 17.07 41.62
C ALA B 229 -68.81 18.15 42.69
N ALA B 230 -69.24 19.34 42.29
CA ALA B 230 -69.49 20.40 43.27
C ALA B 230 -70.67 20.04 44.17
N VAL B 231 -71.71 19.43 43.61
CA VAL B 231 -72.83 18.98 44.43
C VAL B 231 -72.39 17.91 45.41
N GLU B 232 -71.60 16.94 44.92
CA GLU B 232 -71.10 15.88 45.78
C GLU B 232 -70.26 16.43 46.92
N LEU B 233 -69.43 17.44 46.64
CA LEU B 233 -68.64 18.06 47.68
C LEU B 233 -69.51 18.77 48.71
N ALA B 234 -70.52 19.52 48.24
CA ALA B 234 -71.41 20.22 49.15
C ALA B 234 -72.19 19.23 50.02
N GLN B 235 -72.55 18.09 49.45
CA GLN B 235 -73.28 17.07 50.21
C GLN B 235 -72.41 16.46 51.30
N LYS B 236 -71.12 16.25 51.01
CA LYS B 236 -70.23 15.67 52.01
C LYS B 236 -69.94 16.65 53.14
N LEU B 237 -70.05 17.95 52.88
CA LEU B 237 -69.77 18.97 53.88
C LEU B 237 -71.04 19.58 54.46
N ASN B 238 -72.21 19.11 54.04
CA ASN B 238 -73.50 19.62 54.51
C ASN B 238 -73.65 21.11 54.20
N LEU B 239 -73.18 21.52 53.02
CA LEU B 239 -73.39 22.87 52.53
C LEU B 239 -74.63 22.93 51.66
N GLU B 240 -75.30 24.07 51.68
CA GLU B 240 -76.38 24.31 50.73
C GLU B 240 -75.83 24.40 49.33
N TYR B 241 -76.53 23.78 48.37
CA TYR B 241 -76.07 23.76 47.00
C TYR B 241 -77.24 23.95 46.05
N LYS B 242 -76.94 24.56 44.91
CA LYS B 242 -77.96 24.82 43.88
C LYS B 242 -77.25 24.96 42.54
N ILE B 243 -77.67 24.16 41.56
CA ILE B 243 -77.08 24.19 40.22
C ILE B 243 -78.13 24.73 39.26
N LEU B 244 -77.84 25.87 38.66
CA LEU B 244 -78.77 26.54 37.75
C LEU B 244 -78.56 26.03 36.33
N GLY B 245 -79.64 25.52 35.72
CA GLY B 245 -79.57 25.05 34.35
C GLY B 245 -79.90 26.14 33.35
N VAL B 246 -79.88 25.76 32.08
CA VAL B 246 -80.03 26.73 30.99
C VAL B 246 -81.35 27.47 31.10
N LYS B 247 -82.42 26.76 31.47
CA LYS B 247 -83.74 27.38 31.53
C LYS B 247 -83.77 28.47 32.60
N GLU B 248 -83.20 28.21 33.78
CA GLU B 248 -83.13 29.22 34.81
C GLU B 248 -82.19 30.36 34.42
N LEU B 249 -81.08 30.04 33.73
CA LEU B 249 -80.16 31.07 33.30
C LEU B 249 -80.79 31.97 32.24
N GLU B 250 -81.63 31.40 31.37
CA GLU B 250 -82.35 32.20 30.40
C GLU B 250 -83.33 33.15 31.09
N GLU B 251 -84.03 32.66 32.12
CA GLU B 251 -84.96 33.51 32.86
C GLU B 251 -84.23 34.64 33.58
N LEU B 252 -83.01 34.40 34.02
CA LEU B 252 -82.19 35.45 34.64
C LEU B 252 -81.48 36.33 33.62
N LYS B 253 -81.70 36.09 32.32
CA LYS B 253 -81.20 36.95 31.25
C LYS B 253 -79.68 37.02 31.23
N MET B 254 -79.02 35.92 31.58
CA MET B 254 -77.56 35.84 31.58
C MET B 254 -77.06 35.61 30.16
N GLY B 255 -77.20 36.66 29.34
CA GLY B 255 -76.89 36.54 27.92
C GLY B 255 -75.40 36.41 27.64
N ALA B 256 -74.57 37.11 28.40
CA ALA B 256 -73.13 37.04 28.19
C ALA B 256 -72.60 35.64 28.53
N TYR B 257 -73.01 35.11 29.68
CA TYR B 257 -72.58 33.78 30.09
C TYR B 257 -73.09 32.71 29.13
N LEU B 258 -74.35 32.82 28.71
CA LEU B 258 -74.93 31.81 27.83
C LEU B 258 -74.31 31.85 26.44
N SER B 259 -73.90 33.02 25.96
CA SER B 259 -73.33 33.12 24.62
C SER B 259 -72.01 32.37 24.52
N VAL B 260 -71.22 32.36 25.59
CA VAL B 260 -69.92 31.69 25.55
C VAL B 260 -70.08 30.19 25.35
N GLY B 261 -71.08 29.59 26.01
CA GLY B 261 -71.30 28.16 25.94
C GLY B 261 -72.21 27.70 24.83
N LYS B 262 -72.62 28.60 23.93
CA LYS B 262 -73.54 28.23 22.87
C LYS B 262 -72.96 27.13 21.98
N GLY B 263 -71.66 27.19 21.70
CA GLY B 263 -71.03 26.25 20.82
C GLY B 263 -70.61 24.94 21.44
N SER B 264 -70.96 24.70 22.71
CA SER B 264 -70.56 23.50 23.42
C SER B 264 -71.65 22.44 23.39
N MET B 265 -71.23 21.18 23.41
CA MET B 265 -72.16 20.08 23.56
C MET B 265 -72.64 19.88 24.98
N TYR B 266 -72.01 20.56 25.95
CA TYR B 266 -72.38 20.49 27.36
C TYR B 266 -73.15 21.72 27.76
N PRO B 267 -74.34 21.58 28.33
CA PRO B 267 -75.11 22.76 28.75
C PRO B 267 -74.42 23.51 29.88
N ASN B 268 -74.65 24.81 29.92
CA ASN B 268 -74.08 25.64 30.99
C ASN B 268 -74.64 25.24 32.34
N LYS B 269 -73.79 25.31 33.36
CA LYS B 269 -74.17 24.99 34.74
C LYS B 269 -73.59 26.02 35.67
N PHE B 270 -74.43 26.72 36.42
CA PHE B 270 -74.02 27.74 37.38
C PHE B 270 -73.98 27.12 38.77
N ILE B 271 -72.79 27.08 39.37
CA ILE B 271 -72.59 26.49 40.68
C ILE B 271 -72.82 27.54 41.75
N HIS B 272 -73.64 27.19 42.76
CA HIS B 272 -73.90 28.08 43.90
C HIS B 272 -73.90 27.25 45.18
N LEU B 273 -72.79 27.27 45.91
CA LEU B 273 -72.70 26.69 47.24
C LEU B 273 -72.71 27.78 48.29
N THR B 274 -73.28 27.48 49.46
CA THR B 274 -73.39 28.46 50.54
C THR B 274 -73.03 27.81 51.87
N TYR B 275 -72.18 28.48 52.64
CA TYR B 275 -71.90 28.11 54.03
C TYR B 275 -72.36 29.24 54.94
N LYS B 276 -73.29 28.92 55.84
CA LYS B 276 -73.74 29.85 56.87
C LYS B 276 -73.40 29.33 58.26
N SER B 277 -73.03 30.23 59.15
CA SER B 277 -72.72 29.86 60.52
C SER B 277 -73.98 29.85 61.37
N LYS B 278 -73.94 29.08 62.46
CA LYS B 278 -75.07 28.99 63.36
C LYS B 278 -75.26 30.24 64.21
N GLY B 279 -74.27 31.12 64.28
CA GLY B 279 -74.35 32.35 65.04
C GLY B 279 -74.76 33.53 64.19
N ASP B 280 -74.69 34.71 64.79
CA ASP B 280 -75.02 35.94 64.08
C ASP B 280 -74.01 36.18 62.97
N VAL B 281 -74.49 36.29 61.73
CA VAL B 281 -73.63 36.57 60.59
C VAL B 281 -73.27 38.06 60.58
N LYS B 282 -71.97 38.35 60.64
CA LYS B 282 -71.52 39.74 60.66
C LYS B 282 -70.93 40.19 59.32
N LYS B 283 -70.53 39.25 58.47
CA LYS B 283 -69.99 39.58 57.15
C LYS B 283 -70.48 38.55 56.14
N LYS B 284 -70.95 39.02 54.99
CA LYS B 284 -71.38 38.18 53.90
C LYS B 284 -70.41 38.34 52.73
N ILE B 285 -69.90 37.22 52.23
CA ILE B 285 -68.85 37.21 51.22
C ILE B 285 -69.28 36.32 50.05
N ALA B 286 -69.00 36.78 48.83
CA ALA B 286 -69.24 36.01 47.62
C ALA B 286 -67.90 35.77 46.93
N LEU B 287 -67.58 34.50 46.69
CA LEU B 287 -66.36 34.11 46.00
C LEU B 287 -66.74 33.57 44.62
N VAL B 288 -66.21 34.20 43.57
CA VAL B 288 -66.57 33.89 42.20
C VAL B 288 -65.36 33.27 41.49
N GLY B 289 -65.56 32.10 40.90
CA GLY B 289 -64.49 31.44 40.18
C GLY B 289 -64.78 31.25 38.70
N LYS B 290 -63.81 31.55 37.85
CA LYS B 290 -63.96 31.34 36.43
C LYS B 290 -63.96 29.84 36.14
N GLY B 291 -64.99 29.37 35.45
CA GLY B 291 -65.15 27.94 35.22
C GLY B 291 -65.26 27.55 33.76
N ILE B 292 -64.22 27.83 32.98
CA ILE B 292 -64.15 27.39 31.60
C ILE B 292 -63.45 26.04 31.59
N THR B 293 -64.22 24.98 31.37
CA THR B 293 -63.65 23.63 31.42
C THR B 293 -62.67 23.39 30.27
N PHE B 294 -62.89 24.04 29.13
CA PHE B 294 -61.91 24.09 28.07
C PHE B 294 -62.08 25.38 27.29
N ASP B 295 -60.97 26.03 27.00
CA ASP B 295 -60.96 27.31 26.28
C ASP B 295 -60.25 27.10 24.95
N SER B 296 -61.00 26.71 23.93
CA SER B 296 -60.43 26.65 22.59
C SER B 296 -60.24 28.03 21.99
N GLY B 297 -60.88 29.05 22.55
CA GLY B 297 -60.86 30.39 22.01
C GLY B 297 -62.05 30.74 21.16
N GLY B 298 -62.88 29.76 20.80
CA GLY B 298 -63.96 30.04 19.89
C GLY B 298 -63.44 30.27 18.48
N TYR B 299 -64.20 31.04 17.70
CA TYR B 299 -63.77 31.36 16.35
C TYR B 299 -62.48 32.18 16.33
N ASN B 300 -62.16 32.87 17.43
CA ASN B 300 -60.81 33.39 17.65
C ASN B 300 -59.94 32.26 18.20
N LEU B 301 -59.74 31.25 17.34
CA LEU B 301 -59.11 30.01 17.76
C LEU B 301 -57.69 30.24 18.26
N LYS B 302 -57.31 29.49 19.28
CA LYS B 302 -55.95 29.54 19.82
C LYS B 302 -55.03 28.79 18.87
N ALA B 303 -54.65 29.48 17.80
CA ALA B 303 -53.76 28.93 16.78
C ALA B 303 -52.44 29.67 16.65
N ALA B 304 -52.30 30.84 17.28
CA ALA B 304 -51.06 31.58 17.20
C ALA B 304 -49.97 30.86 17.99
N PRO B 305 -48.71 31.01 17.57
CA PRO B 305 -47.61 30.39 18.32
C PRO B 305 -47.57 30.89 19.76
N GLY B 306 -47.43 29.95 20.69
CA GLY B 306 -47.40 30.27 22.10
C GLY B 306 -48.74 30.37 22.78
N SER B 307 -49.85 30.18 22.03
CA SER B 307 -51.17 30.26 22.65
C SER B 307 -51.45 29.07 23.56
N MET B 308 -50.76 27.95 23.36
CA MET B 308 -50.79 26.80 24.26
C MET B 308 -52.22 26.32 24.50
N ILE B 309 -52.85 25.86 23.42
CA ILE B 309 -54.23 25.39 23.51
C ILE B 309 -54.30 24.10 24.33
N ASP B 310 -53.20 23.33 24.37
CA ASP B 310 -53.18 22.08 25.10
C ASP B 310 -53.19 22.27 26.62
N LEU B 311 -52.93 23.47 27.10
CA LEU B 311 -52.98 23.76 28.52
C LEU B 311 -54.37 24.17 28.99
N MET B 312 -55.25 24.54 28.06
CA MET B 312 -56.51 25.21 28.35
C MET B 312 -57.52 24.35 29.12
N LYS B 313 -57.18 23.13 29.55
CA LYS B 313 -58.03 22.46 30.53
C LYS B 313 -57.97 23.16 31.88
N PHE B 314 -56.96 23.99 32.11
CA PHE B 314 -56.78 24.70 33.37
C PHE B 314 -57.60 25.97 33.47
N ASP B 315 -58.41 26.28 32.45
CA ASP B 315 -59.15 27.54 32.45
C ASP B 315 -60.28 27.56 33.46
N MET B 316 -60.47 26.49 34.24
CA MET B 316 -61.38 26.49 35.37
C MET B 316 -60.62 26.52 36.69
N SER B 317 -59.36 26.98 36.69
CA SER B 317 -58.58 27.03 37.91
C SER B 317 -59.23 27.93 38.95
N GLY B 318 -59.85 29.02 38.51
CA GLY B 318 -60.57 29.87 39.45
C GLY B 318 -61.72 29.15 40.11
N CYS B 319 -62.50 28.41 39.33
CA CYS B 319 -63.56 27.60 39.90
C CYS B 319 -63.02 26.55 40.85
N ALA B 320 -61.90 25.91 40.48
CA ALA B 320 -61.31 24.88 41.34
C ALA B 320 -60.83 25.47 42.67
N ALA B 321 -60.25 26.67 42.62
CA ALA B 321 -59.81 27.31 43.86
C ALA B 321 -61.00 27.65 44.76
N VAL B 322 -62.10 28.11 44.16
CA VAL B 322 -63.30 28.43 44.94
C VAL B 322 -63.87 27.16 45.58
N LEU B 323 -63.91 26.06 44.82
CA LEU B 323 -64.41 24.80 45.36
C LEU B 323 -63.47 24.25 46.42
N GLY B 324 -62.16 24.36 46.20
CA GLY B 324 -61.21 23.95 47.22
C GLY B 324 -61.33 24.77 48.49
N CYS B 325 -61.62 26.07 48.34
CA CYS B 325 -61.88 26.90 49.50
C CYS B 325 -63.17 26.47 50.19
N ALA B 326 -64.16 26.03 49.42
CA ALA B 326 -65.42 25.55 50.00
C ALA B 326 -65.18 24.34 50.89
N TYR B 327 -64.22 23.48 50.53
CA TYR B 327 -63.88 22.35 51.41
C TYR B 327 -63.28 22.84 52.72
N CYS B 328 -62.31 23.76 52.64
CA CYS B 328 -61.67 24.26 53.85
C CYS B 328 -62.65 24.97 54.76
N VAL B 329 -63.51 25.83 54.19
CA VAL B 329 -64.49 26.54 55.00
C VAL B 329 -65.51 25.55 55.57
N GLY B 330 -65.97 24.60 54.76
CA GLY B 330 -66.92 23.62 55.24
C GLY B 330 -66.36 22.69 56.30
N THR B 331 -65.05 22.47 56.29
CA THR B 331 -64.41 21.59 57.25
C THR B 331 -64.07 22.31 58.56
N LEU B 332 -63.43 23.47 58.47
CA LEU B 332 -63.05 24.21 59.67
C LEU B 332 -64.24 24.92 60.32
N LYS B 333 -65.29 25.21 59.54
CA LYS B 333 -66.52 25.82 60.04
C LYS B 333 -66.26 27.11 60.80
N PRO B 334 -65.89 28.20 60.12
CA PRO B 334 -65.74 29.48 60.80
C PRO B 334 -67.09 30.01 61.27
N GLU B 335 -67.03 31.05 62.11
CA GLU B 335 -68.21 31.60 62.74
C GLU B 335 -68.47 33.01 62.24
N ASN B 336 -69.74 33.42 62.33
CA ASN B 336 -70.18 34.78 62.01
C ASN B 336 -69.91 35.14 60.55
N VAL B 337 -69.97 34.15 59.65
CA VAL B 337 -69.68 34.38 58.24
C VAL B 337 -70.71 33.63 57.39
N GLU B 338 -71.08 34.24 56.27
CA GLU B 338 -71.91 33.61 55.26
C GLU B 338 -71.19 33.74 53.93
N ILE B 339 -70.82 32.60 53.34
CA ILE B 339 -69.99 32.56 52.14
C ILE B 339 -70.78 31.92 51.01
N HIS B 340 -70.77 32.56 49.84
CA HIS B 340 -71.37 32.02 48.64
C HIS B 340 -70.26 31.65 47.67
N PHE B 341 -70.29 30.42 47.18
CA PHE B 341 -69.30 29.90 46.24
C PHE B 341 -69.93 29.81 44.87
N LEU B 342 -69.50 30.68 43.95
CA LEU B 342 -70.13 30.84 42.66
C LEU B 342 -69.15 30.54 41.53
N SER B 343 -69.68 30.00 40.43
CA SER B 343 -68.89 29.76 39.22
C SER B 343 -69.84 29.57 38.06
N ALA B 344 -69.70 30.41 37.03
CA ALA B 344 -70.48 30.27 35.81
C ALA B 344 -69.71 29.35 34.88
N VAL B 345 -70.04 28.06 34.93
CA VAL B 345 -69.28 27.03 34.24
C VAL B 345 -69.84 26.82 32.84
N CYS B 346 -68.93 26.75 31.86
CA CYS B 346 -69.30 26.48 30.47
C CYS B 346 -68.05 26.04 29.72
N GLU B 347 -68.18 25.85 28.42
CA GLU B 347 -67.07 25.40 27.57
C GLU B 347 -67.05 26.25 26.31
N ASN B 348 -65.86 26.71 25.93
CA ASN B 348 -65.67 27.60 24.78
C ASN B 348 -65.18 26.77 23.61
N MET B 349 -66.08 26.51 22.65
CA MET B 349 -65.80 25.60 21.55
C MET B 349 -66.14 26.26 20.22
N VAL B 350 -65.72 25.60 19.14
CA VAL B 350 -65.99 26.04 17.78
C VAL B 350 -67.07 25.14 17.19
N SER B 351 -68.15 25.74 16.70
CA SER B 351 -69.29 24.99 16.21
C SER B 351 -70.16 25.91 15.37
N LYS B 352 -71.14 25.32 14.68
CA LYS B 352 -72.15 26.10 14.00
C LYS B 352 -73.02 26.89 14.97
N ASN B 353 -73.05 26.50 16.24
CA ASN B 353 -73.86 27.15 17.25
C ASN B 353 -73.07 28.14 18.09
N SER B 354 -71.77 28.28 17.85
CA SER B 354 -70.94 29.18 18.63
C SER B 354 -71.31 30.63 18.36
N TYR B 355 -71.01 31.49 19.32
CA TYR B 355 -71.17 32.93 19.11
C TYR B 355 -69.97 33.46 18.33
N ARG B 356 -70.21 34.49 17.54
CA ARG B 356 -69.24 34.96 16.57
C ARG B 356 -68.57 36.23 17.03
N PRO B 357 -67.36 36.52 16.52
CA PRO B 357 -66.78 37.84 16.71
C PRO B 357 -67.66 38.91 16.07
N GLY B 358 -67.91 39.98 16.81
CA GLY B 358 -68.79 41.03 16.38
C GLY B 358 -70.20 40.95 16.94
N ASP B 359 -70.59 39.79 17.46
CA ASP B 359 -71.91 39.63 18.04
C ASP B 359 -72.11 40.59 19.20
N ILE B 360 -73.34 41.10 19.33
CA ILE B 360 -73.74 41.98 20.42
C ILE B 360 -74.67 41.19 21.33
N ILE B 361 -74.29 41.05 22.60
CA ILE B 361 -75.03 40.26 23.56
C ILE B 361 -75.39 41.15 24.75
N THR B 362 -76.39 40.72 25.51
CA THR B 362 -76.95 41.51 26.60
C THR B 362 -76.72 40.78 27.92
N ALA B 363 -76.03 41.45 28.85
CA ALA B 363 -75.80 40.89 30.16
C ALA B 363 -77.06 40.97 31.02
N SER B 364 -77.02 40.32 32.18
CA SER B 364 -78.17 40.27 33.06
C SER B 364 -78.50 41.61 33.71
N ASN B 365 -77.61 42.59 33.62
CA ASN B 365 -77.89 43.93 34.12
C ASN B 365 -78.36 44.87 33.02
N GLY B 366 -78.65 44.35 31.83
CA GLY B 366 -79.17 45.14 30.74
C GLY B 366 -78.12 45.73 29.82
N LYS B 367 -76.84 45.67 30.18
CA LYS B 367 -75.79 46.26 29.38
C LYS B 367 -75.52 45.42 28.14
N THR B 368 -75.52 46.04 26.97
CA THR B 368 -75.18 45.37 25.73
C THR B 368 -73.67 45.40 25.52
N ILE B 369 -73.11 44.26 25.13
CA ILE B 369 -71.67 44.09 24.98
C ILE B 369 -71.38 43.69 23.53
N GLU B 370 -70.43 44.38 22.91
CA GLU B 370 -69.97 44.02 21.57
C GLU B 370 -68.76 43.10 21.70
N VAL B 371 -68.90 41.87 21.21
CA VAL B 371 -67.84 40.88 21.30
C VAL B 371 -66.80 41.16 20.23
N GLY B 372 -65.59 41.50 20.65
CA GLY B 372 -64.51 41.76 19.71
C GLY B 372 -63.58 40.58 19.54
N ASN B 373 -63.64 39.64 20.48
CA ASN B 373 -62.75 38.49 20.47
C ASN B 373 -63.39 37.39 21.31
N THR B 374 -63.75 36.27 20.66
CA THR B 374 -64.37 35.17 21.37
C THR B 374 -63.45 34.49 22.37
N ASP B 375 -62.14 34.73 22.29
CA ASP B 375 -61.21 34.17 23.26
C ASP B 375 -61.16 34.98 24.56
N ALA B 376 -61.77 36.16 24.60
CA ALA B 376 -61.93 36.90 25.84
C ALA B 376 -63.25 36.54 26.50
N GLU B 377 -63.48 35.24 26.66
CA GLU B 377 -64.76 34.73 27.15
C GLU B 377 -64.85 34.71 28.66
N GLY B 378 -63.72 34.74 29.37
CA GLY B 378 -63.77 34.70 30.82
C GLY B 378 -64.50 35.89 31.41
N ARG B 379 -64.21 37.08 30.92
CA ARG B 379 -64.88 38.28 31.41
C ARG B 379 -66.36 38.31 31.06
N LEU B 380 -66.78 37.61 30.01
CA LEU B 380 -68.19 37.55 29.68
C LEU B 380 -68.95 36.68 30.68
N THR B 381 -68.41 35.51 31.01
CA THR B 381 -69.03 34.67 32.02
C THR B 381 -68.97 35.32 33.39
N LEU B 382 -67.86 35.99 33.70
CA LEU B 382 -67.72 36.67 34.99
C LEU B 382 -68.68 37.83 35.12
N ALA B 383 -69.00 38.50 34.01
CA ALA B 383 -69.90 39.64 34.06
C ALA B 383 -71.25 39.25 34.64
N ASP B 384 -71.85 38.17 34.12
CA ASP B 384 -73.12 37.70 34.66
C ASP B 384 -72.97 37.15 36.07
N ALA B 385 -71.83 36.52 36.36
CA ALA B 385 -71.61 35.99 37.71
C ALA B 385 -71.47 37.10 38.73
N LEU B 386 -70.87 38.24 38.34
CA LEU B 386 -70.74 39.36 39.26
C LEU B 386 -72.10 40.01 39.51
N VAL B 387 -72.94 40.11 38.48
CA VAL B 387 -74.30 40.63 38.67
C VAL B 387 -75.10 39.72 39.60
N TYR B 388 -74.97 38.41 39.41
CA TYR B 388 -75.60 37.45 40.31
C TYR B 388 -75.06 37.61 41.74
N ALA B 389 -73.75 37.82 41.88
CA ALA B 389 -73.14 37.91 43.20
C ALA B 389 -73.63 39.15 43.94
N GLU B 390 -73.66 40.29 43.26
CA GLU B 390 -74.10 41.53 43.91
C GLU B 390 -75.58 41.46 44.30
N LYS B 391 -76.38 40.72 43.54
CA LYS B 391 -77.80 40.57 43.87
C LYS B 391 -78.01 39.83 45.18
N LEU B 392 -77.02 39.08 45.65
CA LEU B 392 -77.11 38.39 46.93
C LEU B 392 -76.96 39.32 48.12
N GLY B 393 -76.52 40.57 47.90
CA GLY B 393 -76.34 41.52 48.98
C GLY B 393 -75.22 41.14 49.93
N VAL B 394 -74.00 41.06 49.42
CA VAL B 394 -72.85 40.67 50.21
C VAL B 394 -72.02 41.91 50.53
N ASP B 395 -71.06 41.75 51.45
CA ASP B 395 -70.14 42.82 51.80
C ASP B 395 -68.92 42.86 50.88
N TYR B 396 -68.43 41.70 50.47
CA TYR B 396 -67.26 41.60 49.60
C TYR B 396 -67.54 40.65 48.45
N ILE B 397 -67.12 41.05 47.25
CA ILE B 397 -67.12 40.17 46.09
C ILE B 397 -65.68 39.99 45.64
N VAL B 398 -65.22 38.75 45.64
CA VAL B 398 -63.86 38.42 45.23
C VAL B 398 -63.95 37.38 44.13
N ASP B 399 -63.43 37.72 42.94
CA ASP B 399 -63.36 36.78 41.83
C ASP B 399 -61.91 36.41 41.56
N ILE B 400 -61.71 35.17 41.14
CA ILE B 400 -60.39 34.64 40.82
C ILE B 400 -60.49 33.91 39.49
N ALA B 401 -59.54 34.19 38.59
CA ALA B 401 -59.70 33.74 37.21
C ALA B 401 -58.36 33.72 36.50
N THR B 402 -58.19 32.73 35.62
CA THR B 402 -57.09 32.71 34.66
C THR B 402 -57.53 33.55 33.45
N LEU B 403 -57.49 34.87 33.65
CA LEU B 403 -58.18 35.78 32.74
C LEU B 403 -57.33 36.23 31.56
N THR B 404 -56.11 36.72 31.81
CA THR B 404 -55.31 37.37 30.77
C THR B 404 -53.91 36.77 30.74
N GLY B 405 -53.47 36.39 29.54
CA GLY B 405 -52.10 35.93 29.37
C GLY B 405 -51.06 37.00 29.60
N ALA B 406 -51.46 38.27 29.60
CA ALA B 406 -50.53 39.35 29.86
C ALA B 406 -49.95 39.27 31.27
N MET B 407 -50.56 38.49 32.16
CA MET B 407 -50.02 38.32 33.51
C MET B 407 -48.62 37.72 33.48
N LEU B 408 -48.30 36.95 32.44
CA LEU B 408 -46.96 36.39 32.32
C LEU B 408 -45.91 37.45 32.07
N TYR B 409 -46.30 38.58 31.48
CA TYR B 409 -45.38 39.67 31.17
C TYR B 409 -45.35 40.74 32.25
N SER B 410 -46.28 40.71 33.21
CA SER B 410 -46.30 41.68 34.30
C SER B 410 -45.69 41.10 35.58
N LEU B 411 -46.32 40.07 36.14
CA LEU B 411 -45.87 39.49 37.40
C LEU B 411 -45.22 38.12 37.24
N GLY B 412 -45.45 37.43 36.14
CA GLY B 412 -44.78 36.16 35.91
C GLY B 412 -45.53 34.95 36.41
N THR B 413 -44.78 33.91 36.81
CA THR B 413 -45.35 32.63 37.20
C THR B 413 -45.44 32.44 38.70
N SER B 414 -45.02 33.42 39.51
CA SER B 414 -45.03 33.29 40.96
C SER B 414 -46.05 34.17 41.65
N TYR B 415 -46.18 35.44 41.25
CA TYR B 415 -47.06 36.39 41.91
C TYR B 415 -48.34 36.56 41.10
N ALA B 416 -49.47 36.41 41.77
CA ALA B 416 -50.74 36.74 41.15
C ALA B 416 -51.02 38.23 41.28
N GLY B 417 -51.87 38.74 40.40
CA GLY B 417 -52.27 40.13 40.42
C GLY B 417 -53.66 40.29 40.97
N VAL B 418 -53.85 41.32 41.79
CA VAL B 418 -55.16 41.64 42.36
C VAL B 418 -55.54 43.05 41.92
N PHE B 419 -56.77 43.18 41.42
CA PHE B 419 -57.36 44.47 41.09
C PHE B 419 -58.63 44.62 41.91
N GLY B 420 -59.09 45.86 42.07
CA GLY B 420 -60.29 46.08 42.84
C GLY B 420 -60.70 47.53 42.85
N ASN B 421 -61.88 47.77 43.43
CA ASN B 421 -62.43 49.10 43.57
C ASN B 421 -62.47 49.56 45.02
N ASN B 422 -61.86 48.83 45.94
CA ASN B 422 -61.96 49.11 47.37
C ASN B 422 -60.63 48.83 48.06
N GLU B 423 -60.08 49.85 48.72
CA GLU B 423 -58.78 49.70 49.37
C GLU B 423 -58.85 48.71 50.52
N GLU B 424 -59.92 48.76 51.32
CA GLU B 424 -60.03 47.87 52.47
C GLU B 424 -60.04 46.41 52.04
N LEU B 425 -60.75 46.10 50.95
CA LEU B 425 -60.79 44.72 50.47
C LEU B 425 -59.44 44.30 49.89
N ILE B 426 -58.79 45.20 49.15
CA ILE B 426 -57.47 44.90 48.60
C ILE B 426 -56.47 44.64 49.72
N ASN B 427 -56.56 45.42 50.82
CA ASN B 427 -55.64 45.22 51.93
C ASN B 427 -55.87 43.88 52.61
N LYS B 428 -57.13 43.48 52.75
CA LYS B 428 -57.43 42.17 53.33
C LYS B 428 -56.90 41.04 52.44
N ILE B 429 -57.02 41.19 51.12
CA ILE B 429 -56.49 40.20 50.20
C ILE B 429 -54.97 40.09 50.35
N LEU B 430 -54.29 41.24 50.43
CA LEU B 430 -52.84 41.23 50.62
C LEU B 430 -52.46 40.63 51.96
N GLN B 431 -53.24 40.90 53.01
CA GLN B 431 -52.94 40.33 54.32
C GLN B 431 -53.12 38.83 54.32
N SER B 432 -54.20 38.32 53.70
CA SER B 432 -54.38 36.88 53.60
C SER B 432 -53.34 36.25 52.68
N SER B 433 -52.89 37.00 51.66
CA SER B 433 -51.81 36.50 50.82
C SER B 433 -50.52 36.37 51.61
N LYS B 434 -50.33 37.23 52.61
CA LYS B 434 -49.13 37.17 53.44
C LYS B 434 -49.17 35.97 54.37
N THR B 435 -50.33 35.70 54.97
CA THR B 435 -50.44 34.62 55.94
C THR B 435 -50.58 33.25 55.28
N SER B 436 -51.17 33.20 54.08
CA SER B 436 -51.27 31.95 53.33
C SER B 436 -50.02 31.63 52.54
N ASN B 437 -49.13 32.61 52.36
CA ASN B 437 -47.88 32.44 51.61
C ASN B 437 -48.14 32.13 50.14
N GLU B 438 -49.29 32.54 49.63
CA GLU B 438 -49.55 32.52 48.20
C GLU B 438 -49.39 33.94 47.68
N PRO B 439 -48.28 34.28 47.03
CA PRO B 439 -47.95 35.69 46.79
C PRO B 439 -48.88 36.34 45.78
N VAL B 440 -49.29 37.56 46.11
CA VAL B 440 -50.18 38.37 45.27
C VAL B 440 -49.68 39.80 45.29
N TRP B 441 -49.77 40.48 44.15
CA TRP B 441 -49.32 41.86 44.03
C TRP B 441 -50.46 42.74 43.52
N TRP B 442 -50.55 43.95 44.08
CA TRP B 442 -51.61 44.88 43.74
C TRP B 442 -51.26 45.62 42.45
N LEU B 443 -52.16 45.55 41.47
CA LEU B 443 -52.02 46.22 40.19
C LEU B 443 -53.15 47.25 40.02
N PRO B 444 -52.90 48.32 39.28
CA PRO B 444 -53.89 49.41 39.22
C PRO B 444 -54.93 49.22 38.14
N ILE B 445 -56.11 49.76 38.41
CA ILE B 445 -57.18 49.88 37.43
C ILE B 445 -57.12 51.30 36.88
N ILE B 446 -56.46 51.46 35.74
CA ILE B 446 -56.20 52.79 35.18
C ILE B 446 -57.44 53.22 34.40
N ASN B 447 -58.13 54.24 34.92
CA ASN B 447 -59.39 54.68 34.32
C ASN B 447 -59.22 55.34 32.95
N GLU B 448 -58.00 55.82 32.64
CA GLU B 448 -57.80 56.45 31.33
C GLU B 448 -58.03 55.47 30.19
N TYR B 449 -57.86 54.17 30.44
CA TYR B 449 -58.07 53.18 29.39
C TYR B 449 -59.54 52.82 29.20
N ARG B 450 -60.44 53.33 30.06
CA ARG B 450 -61.85 52.97 29.95
C ARG B 450 -62.44 53.45 28.63
N ALA B 451 -61.94 54.56 28.09
CA ALA B 451 -62.49 55.10 26.84
C ALA B 451 -62.29 54.14 25.68
N THR B 452 -61.30 53.25 25.75
CA THR B 452 -61.09 52.29 24.68
C THR B 452 -62.15 51.19 24.66
N LEU B 453 -62.98 51.10 25.70
CA LEU B 453 -64.09 50.17 25.74
C LEU B 453 -65.40 50.81 25.27
N ASN B 454 -65.34 52.04 24.76
CA ASN B 454 -66.54 52.72 24.27
C ASN B 454 -66.92 52.12 22.91
N SER B 455 -68.02 51.38 22.88
CA SER B 455 -68.48 50.79 21.63
C SER B 455 -69.31 51.78 20.84
N LYS B 456 -69.23 51.67 19.51
CA LYS B 456 -70.01 52.54 18.64
C LYS B 456 -71.49 52.16 18.66
N TYR B 457 -71.80 50.88 18.86
CA TYR B 457 -73.17 50.39 18.77
C TYR B 457 -73.69 49.80 20.07
N ALA B 458 -72.88 49.01 20.77
CA ALA B 458 -73.31 48.42 22.03
C ALA B 458 -73.04 49.38 23.18
N ASP B 459 -73.47 49.00 24.39
CA ASP B 459 -73.20 49.83 25.56
C ASP B 459 -71.71 49.87 25.87
N ILE B 460 -71.01 48.75 25.67
CA ILE B 460 -69.61 48.65 26.04
C ILE B 460 -68.95 47.61 25.15
N ASN B 461 -67.65 47.79 24.91
CA ASN B 461 -66.87 46.80 24.19
C ASN B 461 -66.38 45.71 25.14
N GLN B 462 -66.31 44.48 24.62
CA GLN B 462 -65.74 43.40 25.40
C GLN B 462 -64.23 43.58 25.55
N ILE B 463 -63.55 44.01 24.48
CA ILE B 463 -62.11 44.20 24.46
C ILE B 463 -61.78 45.57 23.91
N SER B 464 -60.56 46.02 24.22
CA SER B 464 -59.96 47.20 23.62
C SER B 464 -59.19 46.80 22.36
N SER B 465 -59.29 47.61 21.31
CA SER B 465 -58.63 47.29 20.05
C SER B 465 -57.18 47.77 19.96
N SER B 466 -56.73 48.65 20.87
CA SER B 466 -55.37 49.18 20.80
C SER B 466 -54.58 48.87 22.06
N VAL B 467 -55.07 49.31 23.23
CA VAL B 467 -54.30 49.18 24.47
C VAL B 467 -53.99 47.71 24.72
N LYS B 468 -52.71 47.42 24.93
CA LYS B 468 -52.22 46.06 25.15
C LYS B 468 -52.15 45.67 26.61
N ALA B 469 -52.48 46.58 27.53
CA ALA B 469 -52.54 46.25 28.95
C ALA B 469 -53.83 45.49 29.23
N SER B 470 -53.85 44.24 28.77
CA SER B 470 -55.09 43.46 28.74
C SER B 470 -55.60 43.16 30.15
N SER B 471 -54.69 42.93 31.10
CA SER B 471 -55.12 42.63 32.45
C SER B 471 -55.84 43.82 33.09
N ILE B 472 -55.42 45.04 32.77
CA ILE B 472 -56.08 46.23 33.29
C ILE B 472 -57.38 46.51 32.54
N VAL B 473 -57.37 46.35 31.22
CA VAL B 473 -58.58 46.57 30.43
C VAL B 473 -59.67 45.58 30.84
N ALA B 474 -59.29 44.32 31.04
CA ALA B 474 -60.25 43.32 31.49
C ALA B 474 -60.81 43.69 32.86
N SER B 475 -59.97 44.23 33.73
CA SER B 475 -60.44 44.69 35.03
C SER B 475 -61.42 45.85 34.89
N LEU B 476 -61.18 46.73 33.91
CA LEU B 476 -62.13 47.80 33.65
C LEU B 476 -63.48 47.25 33.18
N PHE B 477 -63.45 46.17 32.40
CA PHE B 477 -64.70 45.56 31.95
C PHE B 477 -65.46 44.95 33.12
N LEU B 478 -64.76 44.20 33.98
CA LEU B 478 -65.40 43.58 35.13
C LEU B 478 -66.00 44.62 36.08
N LYS B 479 -65.35 45.78 36.20
CA LYS B 479 -65.84 46.81 37.11
C LYS B 479 -67.21 47.32 36.70
N GLU B 480 -67.54 47.27 35.40
CA GLU B 480 -68.82 47.76 34.93
C GLU B 480 -70.00 46.90 35.37
N PHE B 481 -69.76 45.75 36.01
CA PHE B 481 -70.82 44.86 36.44
C PHE B 481 -70.87 44.72 37.95
N VAL B 482 -70.18 45.59 38.69
CA VAL B 482 -70.30 45.71 40.13
C VAL B 482 -70.63 47.17 40.40
N GLN B 483 -71.85 47.44 40.86
CA GLN B 483 -72.33 48.81 40.93
C GLN B 483 -72.06 49.48 42.28
N ASN B 484 -72.25 48.78 43.38
CA ASN B 484 -72.18 49.42 44.69
C ASN B 484 -71.74 48.40 45.75
N THR B 485 -70.71 47.62 45.44
CA THR B 485 -70.19 46.63 46.38
C THR B 485 -68.68 46.59 46.29
N ALA B 486 -68.03 46.46 47.45
CA ALA B 486 -66.58 46.28 47.47
C ALA B 486 -66.20 45.01 46.72
N TRP B 487 -65.33 45.16 45.71
CA TRP B 487 -65.03 44.06 44.82
C TRP B 487 -63.54 44.03 44.52
N ALA B 488 -62.98 42.81 44.48
CA ALA B 488 -61.59 42.60 44.13
C ALA B 488 -61.50 41.46 43.13
N HIS B 489 -60.47 41.49 42.29
CA HIS B 489 -60.32 40.55 41.18
C HIS B 489 -58.88 40.06 41.15
N ILE B 490 -58.69 38.74 41.25
CA ILE B 490 -57.37 38.13 41.29
C ILE B 490 -57.15 37.36 39.99
N ASP B 491 -56.18 37.82 39.21
CA ASP B 491 -55.82 37.19 37.93
C ASP B 491 -54.70 36.19 38.17
N ILE B 492 -55.01 34.90 38.02
CA ILE B 492 -54.06 33.83 38.30
C ILE B 492 -53.64 33.11 37.02
N ALA B 493 -53.75 33.78 35.87
CA ALA B 493 -53.44 33.12 34.60
C ALA B 493 -51.98 32.72 34.51
N GLY B 494 -51.09 33.44 35.17
CA GLY B 494 -49.66 33.15 35.09
C GLY B 494 -49.16 32.18 36.14
N VAL B 495 -49.85 32.11 37.29
CA VAL B 495 -49.38 31.33 38.43
C VAL B 495 -50.12 30.02 38.62
N SER B 496 -51.16 29.76 37.84
CA SER B 496 -52.00 28.59 38.11
C SER B 496 -51.27 27.28 37.82
N TRP B 497 -50.50 27.24 36.73
CA TRP B 497 -49.84 26.02 36.29
C TRP B 497 -48.36 26.05 36.63
N ASN B 498 -47.86 24.93 37.14
CA ASN B 498 -46.44 24.76 37.44
C ASN B 498 -45.81 24.01 36.26
N PHE B 499 -45.08 24.74 35.43
CA PHE B 499 -44.53 24.17 34.21
C PHE B 499 -43.30 23.32 34.49
N LYS B 500 -42.54 23.65 35.54
CA LYS B 500 -41.39 22.83 35.90
C LYS B 500 -41.84 21.44 36.33
N ALA B 501 -42.90 21.35 37.12
CA ALA B 501 -43.41 20.07 37.59
C ALA B 501 -44.50 19.48 36.69
N ARG B 502 -44.98 20.24 35.70
CA ARG B 502 -46.00 19.79 34.76
C ARG B 502 -47.28 19.37 35.49
N LYS B 503 -47.74 20.23 36.40
CA LYS B 503 -48.92 19.94 37.21
C LYS B 503 -49.50 21.26 37.70
N PRO B 504 -50.77 21.27 38.08
CA PRO B 504 -51.35 22.51 38.63
C PRO B 504 -50.79 22.81 40.01
N LYS B 505 -51.01 24.05 40.44
CA LYS B 505 -50.58 24.50 41.76
C LYS B 505 -51.71 24.49 42.79
N GLY B 506 -52.96 24.48 42.36
CA GLY B 506 -54.06 24.72 43.28
C GLY B 506 -54.03 26.11 43.87
N PHE B 507 -53.55 27.09 43.11
CA PHE B 507 -53.36 28.44 43.61
C PHE B 507 -54.70 29.08 43.96
N GLY B 508 -54.75 29.73 45.13
CA GLY B 508 -55.90 30.49 45.57
C GLY B 508 -56.71 29.86 46.67
N VAL B 509 -56.59 28.55 46.88
CA VAL B 509 -57.40 27.88 47.90
C VAL B 509 -57.07 28.43 49.28
N ARG B 510 -55.79 28.43 49.64
CA ARG B 510 -55.39 28.89 50.97
C ARG B 510 -55.55 30.40 51.12
N LEU B 511 -55.32 31.16 50.04
CA LEU B 511 -55.50 32.60 50.10
C LEU B 511 -56.95 32.98 50.40
N LEU B 512 -57.89 32.37 49.67
CA LEU B 512 -59.30 32.68 49.90
C LEU B 512 -59.77 32.21 51.27
N THR B 513 -59.25 31.06 51.73
CA THR B 513 -59.63 30.56 53.05
C THR B 513 -59.11 31.47 54.15
N GLU B 514 -57.85 31.89 54.06
CA GLU B 514 -57.31 32.83 55.03
C GLU B 514 -58.07 34.14 55.03
N PHE B 515 -58.53 34.58 53.85
CA PHE B 515 -59.31 35.80 53.75
C PHE B 515 -60.64 35.67 54.49
N VAL B 516 -61.27 34.50 54.40
CA VAL B 516 -62.56 34.30 55.05
C VAL B 516 -62.40 34.14 56.55
N LEU B 517 -61.36 33.42 56.99
CA LEU B 517 -61.22 33.10 58.40
C LEU B 517 -60.67 34.26 59.22
N ASN B 518 -59.81 35.10 58.63
CA ASN B 518 -59.15 36.17 59.36
C ASN B 518 -59.81 37.53 59.15
N ASP B 519 -61.08 37.54 58.78
CA ASP B 519 -61.80 38.80 58.54
C ASP B 519 -61.95 39.60 59.84
N SER C 2 -89.24 30.40 7.54
CA SER C 2 -89.00 31.85 7.43
C SER C 2 -88.81 32.47 8.80
N GLU C 3 -88.50 31.68 9.83
CA GLU C 3 -88.35 32.21 11.18
C GLU C 3 -87.18 31.54 11.88
N VAL C 4 -86.40 32.36 12.56
CA VAL C 4 -84.96 32.14 12.79
C VAL C 4 -84.77 31.10 13.89
N PRO C 5 -83.93 30.08 13.66
CA PRO C 5 -83.63 29.13 14.73
C PRO C 5 -82.74 29.77 15.78
N GLN C 6 -82.85 29.25 17.02
CA GLN C 6 -82.10 29.77 18.15
C GLN C 6 -81.34 28.65 18.84
N VAL C 7 -80.22 29.02 19.46
CA VAL C 7 -79.51 28.12 20.36
C VAL C 7 -80.03 28.28 21.79
N VAL C 8 -80.19 29.51 22.24
CA VAL C 8 -80.82 29.83 23.51
C VAL C 8 -81.96 30.80 23.24
N SER C 9 -82.88 30.90 24.21
CA SER C 9 -84.05 31.76 24.05
C SER C 9 -83.67 33.23 23.95
N LEU C 10 -82.45 33.60 24.38
CA LEU C 10 -81.99 34.97 24.31
C LEU C 10 -81.43 35.34 22.93
N ASP C 11 -81.33 34.37 22.02
CA ASP C 11 -80.86 34.67 20.68
C ASP C 11 -81.90 35.52 19.96
N PRO C 12 -81.51 36.60 19.29
CA PRO C 12 -82.49 37.44 18.62
C PRO C 12 -83.10 36.72 17.43
N THR C 13 -84.33 37.10 17.12
CA THR C 13 -85.07 36.46 16.04
C THR C 13 -85.38 37.45 14.91
N SER C 14 -84.87 38.67 14.99
CA SER C 14 -85.13 39.61 13.91
C SER C 14 -84.10 40.73 13.98
N ILE C 15 -83.91 41.38 12.85
CA ILE C 15 -82.99 42.54 12.78
C ILE C 15 -83.80 43.76 13.13
N PRO C 16 -83.43 44.50 14.20
CA PRO C 16 -84.10 45.78 14.48
C PRO C 16 -83.80 46.77 13.36
N ILE C 17 -84.84 47.31 12.75
CA ILE C 17 -84.72 48.23 11.64
C ILE C 17 -85.52 49.48 11.96
N GLU C 18 -84.88 50.64 11.84
CA GLU C 18 -85.51 51.93 12.07
C GLU C 18 -85.95 52.48 10.70
N TYR C 19 -87.26 52.51 10.47
CA TYR C 19 -87.77 53.04 9.21
C TYR C 19 -88.04 54.54 9.30
N ASN C 20 -88.71 54.97 10.37
CA ASN C 20 -89.03 56.39 10.56
C ASN C 20 -87.91 57.00 11.40
N THR C 21 -86.93 57.57 10.72
CA THR C 21 -85.78 58.17 11.38
C THR C 21 -86.06 59.65 11.66
N PRO C 22 -85.38 60.23 12.64
CA PRO C 22 -85.54 61.67 12.89
C PRO C 22 -85.26 62.54 11.68
N ILE C 23 -84.46 62.05 10.73
CA ILE C 23 -84.23 62.80 9.49
C ILE C 23 -85.55 62.98 8.74
N HIS C 24 -86.42 61.97 8.80
CA HIS C 24 -87.70 62.03 8.09
C HIS C 24 -88.65 63.05 8.72
N ASP C 25 -88.40 63.46 9.96
CA ASP C 25 -89.23 64.44 10.63
C ASP C 25 -88.75 65.87 10.41
N ILE C 26 -87.71 66.07 9.60
CA ILE C 26 -87.14 67.39 9.35
C ILE C 26 -87.90 68.03 8.19
N LYS C 27 -88.51 69.19 8.47
CA LYS C 27 -89.17 69.96 7.43
C LYS C 27 -88.12 70.78 6.67
N VAL C 28 -88.01 70.57 5.37
CA VAL C 28 -86.99 71.19 4.55
C VAL C 28 -87.64 72.24 3.66
N GLN C 29 -87.11 73.47 3.68
CA GLN C 29 -87.57 74.56 2.86
C GLN C 29 -86.39 75.15 2.10
N VAL C 30 -86.58 75.42 0.81
CA VAL C 30 -85.54 75.98 -0.05
C VAL C 30 -86.01 77.33 -0.56
N TYR C 31 -85.24 78.38 -0.26
CA TYR C 31 -85.54 79.73 -0.71
C TYR C 31 -84.43 80.22 -1.63
N ASP C 32 -84.78 81.18 -2.49
CA ASP C 32 -83.81 81.79 -3.38
C ASP C 32 -83.03 82.88 -2.65
N ILE C 33 -81.72 82.93 -2.90
CA ILE C 33 -80.87 83.89 -2.20
C ILE C 33 -81.18 85.32 -2.66
N LYS C 34 -81.62 85.49 -3.91
CA LYS C 34 -81.91 86.82 -4.44
C LYS C 34 -83.19 87.39 -3.84
N GLY C 35 -83.35 87.26 -2.53
CA GLY C 35 -84.54 87.75 -1.85
C GLY C 35 -84.27 87.95 -0.37
N GLY C 36 -83.01 87.83 0.01
CA GLY C 36 -82.58 88.06 1.39
C GLY C 36 -82.73 86.82 2.25
N CYS C 37 -81.88 86.74 3.27
CA CYS C 37 -81.89 85.64 4.24
C CYS C 37 -82.46 86.14 5.56
N ASN C 38 -83.37 85.37 6.13
CA ASN C 38 -83.96 85.68 7.42
C ASN C 38 -83.24 84.91 8.52
N VAL C 39 -82.77 85.64 9.53
CA VAL C 39 -82.06 85.07 10.67
C VAL C 39 -82.99 85.23 11.88
N GLU C 40 -83.69 84.17 12.24
CA GLU C 40 -84.68 84.22 13.31
C GLU C 40 -84.40 83.20 14.41
N GLU C 41 -84.56 81.91 14.14
CA GLU C 41 -84.34 80.88 15.14
C GLU C 41 -83.15 80.01 14.78
N GLY C 42 -82.63 79.30 15.80
CA GLY C 42 -81.67 78.25 15.57
C GLY C 42 -80.30 78.77 15.14
N LEU C 43 -79.63 77.95 14.33
CA LEU C 43 -78.28 78.22 13.87
C LEU C 43 -78.31 78.44 12.35
N THR C 44 -77.65 79.49 11.90
CA THR C 44 -77.56 79.83 10.49
C THR C 44 -76.10 79.79 10.07
N ILE C 45 -75.78 78.95 9.09
CA ILE C 45 -74.41 78.70 8.67
C ILE C 45 -74.26 79.10 7.21
N PHE C 46 -73.23 79.88 6.90
CA PHE C 46 -72.90 80.28 5.55
C PHE C 46 -71.75 79.41 5.04
N LEU C 47 -71.95 78.80 3.87
CA LEU C 47 -70.88 78.03 3.23
C LEU C 47 -70.12 78.99 2.31
N VAL C 48 -68.96 79.45 2.76
CA VAL C 48 -68.22 80.50 2.07
C VAL C 48 -66.88 79.95 1.61
N ASN C 49 -66.37 80.51 0.51
CA ASN C 49 -65.09 80.15 -0.06
C ASN C 49 -64.40 81.42 -0.55
N ASN C 50 -63.11 81.29 -0.85
CA ASN C 50 -62.32 82.41 -1.38
C ASN C 50 -61.41 81.88 -2.47
N PRO C 51 -61.85 81.95 -3.73
CA PRO C 51 -61.03 81.43 -4.83
C PRO C 51 -59.73 82.19 -4.97
N GLY C 52 -58.64 81.45 -5.14
CA GLY C 52 -57.33 82.05 -5.30
C GLY C 52 -56.58 82.20 -3.99
N LYS C 53 -57.14 82.98 -3.07
CA LYS C 53 -56.47 83.29 -1.80
C LYS C 53 -56.49 82.06 -0.90
N GLU C 54 -55.39 81.30 -0.92
CA GLU C 54 -55.20 80.12 -0.09
C GLU C 54 -55.33 80.48 1.39
N ASN C 55 -56.51 80.21 1.97
CA ASN C 55 -56.85 80.53 3.36
C ASN C 55 -57.16 82.01 3.49
N GLY C 56 -57.81 82.58 2.48
CA GLY C 56 -58.17 83.98 2.48
C GLY C 56 -59.26 84.30 3.48
N PRO C 57 -59.57 85.58 3.62
CA PRO C 57 -60.56 86.00 4.62
C PRO C 57 -61.98 85.60 4.24
N VAL C 58 -62.85 85.61 5.24
CA VAL C 58 -64.26 85.29 5.06
C VAL C 58 -65.00 86.55 4.59
N LYS C 59 -65.85 86.39 3.59
CA LYS C 59 -66.66 87.49 3.07
C LYS C 59 -68.08 86.99 2.82
N ILE C 60 -69.05 87.57 3.52
CA ILE C 60 -70.45 87.21 3.35
C ILE C 60 -71.03 88.12 2.28
N SER C 61 -71.54 87.51 1.19
CA SER C 61 -72.05 88.27 0.06
C SER C 61 -73.57 88.33 0.01
N SER C 62 -74.27 87.48 0.74
CA SER C 62 -75.73 87.43 0.66
C SER C 62 -76.34 88.59 1.45
N LYS C 63 -77.44 89.10 0.94
CA LYS C 63 -78.19 90.15 1.63
C LYS C 63 -78.96 89.54 2.80
N VAL C 64 -78.80 90.10 3.98
CA VAL C 64 -79.46 89.64 5.19
C VAL C 64 -80.56 90.64 5.55
N ASN C 65 -81.79 90.15 5.68
CA ASN C 65 -82.92 91.01 5.97
C ASN C 65 -82.99 91.35 7.45
N ASP C 66 -81.87 91.79 8.01
CA ASP C 66 -81.81 92.20 9.41
C ASP C 66 -80.68 93.21 9.55
N LYS C 67 -81.00 94.39 10.07
CA LYS C 67 -79.99 95.45 10.16
C LYS C 67 -78.90 95.08 11.15
N GLN C 68 -79.28 94.54 12.31
CA GLN C 68 -78.29 94.17 13.32
C GLN C 68 -77.39 93.06 12.83
N VAL C 69 -77.98 92.02 12.22
CA VAL C 69 -77.20 90.88 11.73
C VAL C 69 -76.30 91.30 10.58
N SER C 70 -76.81 92.13 9.67
CA SER C 70 -76.00 92.61 8.55
C SER C 70 -74.79 93.38 9.04
N GLU C 71 -74.96 94.18 10.09
CA GLU C 71 -73.83 94.91 10.66
C GLU C 71 -72.79 93.97 11.25
N PHE C 72 -73.26 92.92 11.94
CA PHE C 72 -72.33 91.93 12.49
C PHE C 72 -71.54 91.24 11.39
N LEU C 73 -72.18 90.94 10.26
CA LEU C 73 -71.57 90.21 9.16
C LEU C 73 -70.82 91.12 8.19
N LYS C 74 -70.50 92.34 8.60
CA LYS C 74 -69.76 93.25 7.74
C LYS C 74 -68.35 92.71 7.48
N ASP C 75 -67.77 93.12 6.34
CA ASP C 75 -66.47 92.59 5.94
C ASP C 75 -65.39 92.92 6.96
N GLU C 76 -65.43 94.13 7.54
CA GLU C 76 -64.46 94.50 8.56
C GLU C 76 -64.55 93.58 9.77
N ASN C 77 -65.74 93.07 10.06
CA ASN C 77 -65.93 92.12 11.16
C ASN C 77 -65.53 90.72 10.75
N MET C 78 -65.77 90.35 9.50
CA MET C 78 -65.50 89.00 9.03
C MET C 78 -64.05 88.78 8.62
N GLU C 79 -63.25 89.84 8.46
CA GLU C 79 -61.88 89.70 7.97
C GLU C 79 -60.98 88.93 8.94
N LYS C 80 -61.35 88.80 10.21
CA LYS C 80 -60.52 88.06 11.16
C LYS C 80 -60.63 86.54 11.00
N PHE C 81 -61.57 86.05 10.19
CA PHE C 81 -61.73 84.61 9.97
C PHE C 81 -61.34 84.24 8.54
N ASN C 82 -60.84 83.01 8.38
CA ASN C 82 -60.39 82.51 7.09
C ASN C 82 -61.30 81.37 6.62
N VAL C 83 -61.11 81.00 5.35
CA VAL C 83 -61.99 80.06 4.66
C VAL C 83 -61.36 78.68 4.52
N LYS C 84 -60.35 78.35 5.34
CA LYS C 84 -59.71 77.05 5.25
C LYS C 84 -60.74 75.92 5.30
N LEU C 85 -60.57 74.94 4.42
CA LEU C 85 -61.54 73.86 4.27
C LEU C 85 -61.74 73.12 5.58
N GLY C 86 -62.97 73.11 6.07
CA GLY C 86 -63.32 72.43 7.30
C GLY C 86 -63.43 73.33 8.51
N THR C 87 -62.82 74.52 8.45
CA THR C 87 -62.89 75.44 9.58
C THR C 87 -64.30 75.99 9.75
N SER C 88 -64.67 76.25 10.99
CA SER C 88 -66.01 76.73 11.32
C SER C 88 -65.93 77.64 12.53
N LYS C 89 -66.87 78.58 12.61
CA LYS C 89 -66.99 79.52 13.71
C LYS C 89 -68.46 79.73 14.05
N HIS C 90 -68.71 80.11 15.31
CA HIS C 90 -70.05 80.43 15.78
C HIS C 90 -70.09 81.88 16.23
N PHE C 91 -71.20 82.56 15.94
CA PHE C 91 -71.40 83.93 16.36
C PHE C 91 -72.69 84.05 17.17
N TYR C 92 -72.67 84.91 18.18
CA TYR C 92 -73.84 85.23 18.98
C TYR C 92 -74.18 86.71 18.81
N MET C 93 -75.46 87.00 18.55
CA MET C 93 -75.87 88.38 18.37
C MET C 93 -77.37 88.49 18.56
N PHE C 94 -77.85 89.73 18.61
CA PHE C 94 -79.27 90.04 18.67
C PHE C 94 -79.73 90.63 17.34
N ASN C 95 -80.89 90.21 16.87
CA ASN C 95 -81.42 90.66 15.59
C ASN C 95 -82.25 91.93 15.77
N ASP C 96 -82.98 92.31 14.70
CA ASP C 96 -83.79 93.53 14.75
C ASP C 96 -84.88 93.44 15.80
N ASN C 97 -85.41 92.24 16.04
CA ASN C 97 -86.49 92.04 17.01
C ASN C 97 -85.96 91.79 18.41
N LYS C 98 -84.70 92.16 18.68
CA LYS C 98 -84.08 91.99 19.99
C LYS C 98 -84.08 90.54 20.44
N ASN C 99 -83.94 89.60 19.51
CA ASN C 99 -83.89 88.19 19.80
C ASN C 99 -82.48 87.65 19.58
N SER C 100 -82.05 86.77 20.47
CA SER C 100 -80.73 86.15 20.35
C SER C 100 -80.73 85.16 19.20
N VAL C 101 -79.75 85.28 18.31
CA VAL C 101 -79.61 84.40 17.16
C VAL C 101 -78.18 83.85 17.13
N ALA C 102 -78.03 82.68 16.52
CA ALA C 102 -76.73 82.04 16.35
C ALA C 102 -76.42 81.97 14.86
N VAL C 103 -75.28 82.53 14.48
CA VAL C 103 -74.83 82.61 13.10
C VAL C 103 -73.41 82.09 13.02
N GLY C 104 -73.06 81.51 11.88
CA GLY C 104 -71.70 81.04 11.71
C GLY C 104 -71.42 80.72 10.26
N TYR C 105 -70.25 80.12 10.04
CA TYR C 105 -69.82 79.76 8.69
C TYR C 105 -69.02 78.48 8.75
N VAL C 106 -68.85 77.87 7.58
CA VAL C 106 -67.94 76.74 7.41
C VAL C 106 -67.07 77.02 6.19
N GLY C 107 -65.75 76.94 6.37
CA GLY C 107 -64.83 77.24 5.30
C GLY C 107 -64.84 76.15 4.23
N CYS C 108 -64.87 76.58 2.98
CA CYS C 108 -64.91 75.66 1.85
C CYS C 108 -63.65 75.73 0.99
N GLY C 109 -62.54 76.20 1.57
CA GLY C 109 -61.27 76.21 0.87
C GLY C 109 -61.16 77.31 -0.16
N SER C 110 -60.27 77.10 -1.12
CA SER C 110 -59.98 78.07 -2.16
C SER C 110 -60.25 77.55 -3.56
N VAL C 111 -60.66 76.30 -3.70
CA VAL C 111 -61.00 75.72 -5.00
C VAL C 111 -62.48 75.93 -5.26
N ALA C 112 -62.82 76.33 -6.49
CA ALA C 112 -64.21 76.62 -6.81
C ALA C 112 -65.03 75.35 -6.90
N ASP C 113 -64.45 74.28 -7.42
CA ASP C 113 -65.15 73.00 -7.59
C ASP C 113 -64.75 72.07 -6.46
N LEU C 114 -65.70 71.77 -5.57
CA LEU C 114 -65.44 70.88 -4.45
C LEU C 114 -65.63 69.42 -4.88
N SER C 115 -64.66 68.59 -4.54
CA SER C 115 -64.78 67.16 -4.79
C SER C 115 -65.72 66.52 -3.77
N GLU C 116 -66.03 65.24 -3.99
CA GLU C 116 -66.83 64.51 -3.03
C GLU C 116 -66.13 64.41 -1.68
N ALA C 117 -64.81 64.30 -1.68
CA ALA C 117 -64.07 64.28 -0.42
C ALA C 117 -64.10 65.66 0.24
N ASP C 118 -63.99 66.73 -0.56
CA ASP C 118 -64.06 68.08 0.00
C ASP C 118 -65.44 68.36 0.58
N MET C 119 -66.50 68.01 -0.15
CA MET C 119 -67.85 68.23 0.34
C MET C 119 -68.13 67.42 1.59
N LYS C 120 -67.57 66.21 1.67
CA LYS C 120 -67.74 65.41 2.88
C LYS C 120 -67.09 66.09 4.07
N ARG C 121 -65.92 66.70 3.87
CA ARG C 121 -65.26 67.41 4.95
C ARG C 121 -66.07 68.64 5.38
N VAL C 122 -66.71 69.32 4.42
CA VAL C 122 -67.56 70.45 4.77
C VAL C 122 -68.77 70.00 5.56
N VAL C 123 -69.38 68.89 5.16
CA VAL C 123 -70.56 68.39 5.86
C VAL C 123 -70.19 67.95 7.26
N LEU C 124 -69.04 67.30 7.42
CA LEU C 124 -68.60 66.84 8.73
C LEU C 124 -68.39 68.01 9.69
N SER C 125 -67.87 69.13 9.19
CA SER C 125 -67.75 70.32 10.02
C SER C 125 -69.11 70.85 10.43
N LEU C 126 -70.09 70.77 9.53
CA LEU C 126 -71.45 71.18 9.87
C LEU C 126 -72.04 70.30 10.96
N VAL C 127 -71.82 68.99 10.87
CA VAL C 127 -72.38 68.06 11.85
C VAL C 127 -71.77 68.30 13.23
N THR C 128 -70.49 68.69 13.28
CA THR C 128 -69.88 69.03 14.56
C THR C 128 -70.61 70.18 15.24
N MET C 129 -71.12 71.13 14.46
CA MET C 129 -71.88 72.23 15.03
C MET C 129 -73.27 71.78 15.46
N LEU C 130 -73.82 70.77 14.80
CA LEU C 130 -75.13 70.24 15.19
C LEU C 130 -75.05 69.38 16.44
N HIS C 131 -73.92 68.69 16.65
CA HIS C 131 -73.77 67.82 17.80
C HIS C 131 -73.50 68.63 19.06
N ASP C 132 -73.90 68.06 20.21
CA ASP C 132 -73.73 68.68 21.52
C ASP C 132 -74.31 70.10 21.56
N ASN C 133 -75.36 70.32 20.78
CA ASN C 133 -76.05 71.61 20.74
C ASN C 133 -77.53 71.31 20.48
N LYS C 134 -78.39 71.77 21.38
CA LYS C 134 -79.80 71.44 21.36
C LYS C 134 -80.60 72.43 20.50
N LEU C 135 -80.19 72.54 19.23
CA LEU C 135 -80.84 73.47 18.33
C LEU C 135 -82.11 72.86 17.76
N SER C 136 -83.06 73.73 17.41
CA SER C 136 -84.32 73.30 16.82
C SER C 136 -84.37 73.46 15.30
N LYS C 137 -83.56 74.37 14.75
CA LYS C 137 -83.57 74.65 13.32
C LYS C 137 -82.15 74.92 12.85
N LEU C 138 -81.81 74.43 11.66
CA LEU C 138 -80.56 74.74 11.00
C LEU C 138 -80.86 75.37 9.65
N THR C 139 -80.16 76.47 9.34
CA THR C 139 -80.31 77.16 8.07
C THR C 139 -78.95 77.21 7.39
N VAL C 140 -78.90 76.72 6.15
CA VAL C 140 -77.67 76.68 5.37
C VAL C 140 -77.79 77.64 4.20
N VAL C 141 -76.84 78.56 4.08
CA VAL C 141 -76.81 79.55 3.01
C VAL C 141 -75.64 79.21 2.09
N PHE C 142 -75.93 78.85 0.85
CA PHE C 142 -74.92 78.41 -0.10
C PHE C 142 -74.31 79.62 -0.78
N GLU C 143 -73.14 80.06 -0.28
CA GLU C 143 -72.34 81.07 -0.96
C GLU C 143 -71.26 80.39 -1.80
N ILE C 144 -71.50 79.14 -2.17
CA ILE C 144 -70.58 78.42 -3.01
C ILE C 144 -71.33 77.87 -4.20
N ASN C 145 -70.56 77.26 -5.09
CA ASN C 145 -71.02 76.94 -6.43
C ASN C 145 -71.18 75.41 -6.50
N VAL C 146 -72.44 74.94 -6.58
CA VAL C 146 -72.70 73.51 -6.68
C VAL C 146 -73.80 73.21 -7.70
N ASP C 147 -73.63 72.11 -8.45
CA ASP C 147 -74.68 71.69 -9.36
C ASP C 147 -75.74 70.88 -8.60
N LYS C 148 -76.75 70.41 -9.32
CA LYS C 148 -77.83 69.66 -8.69
C LYS C 148 -77.31 68.38 -8.05
N ASN C 149 -76.37 67.71 -8.72
CA ASN C 149 -75.84 66.46 -8.16
C ASN C 149 -75.06 66.70 -6.88
N LEU C 150 -74.20 67.72 -6.86
CA LEU C 150 -73.43 68.01 -5.65
C LEU C 150 -74.31 68.55 -4.54
N PHE C 151 -75.37 69.28 -4.89
CA PHE C 151 -76.30 69.75 -3.87
C PHE C 151 -77.03 68.58 -3.23
N ARG C 152 -77.49 67.63 -4.03
CA ARG C 152 -78.11 66.42 -3.49
C ARG C 152 -77.12 65.64 -2.64
N PHE C 153 -75.87 65.54 -3.08
CA PHE C 153 -74.85 64.85 -2.30
C PHE C 153 -74.64 65.53 -0.95
N PHE C 154 -74.73 66.86 -0.91
CA PHE C 154 -74.62 67.59 0.35
C PHE C 154 -75.73 67.17 1.32
N LEU C 155 -76.97 67.05 0.82
CA LEU C 155 -78.08 66.68 1.69
C LEU C 155 -77.98 65.22 2.15
N GLU C 156 -77.65 64.30 1.23
CA GLU C 156 -77.50 62.90 1.61
C GLU C 156 -76.45 62.74 2.70
N THR C 157 -75.27 63.34 2.50
CA THR C 157 -74.19 63.21 3.47
C THR C 157 -74.58 63.87 4.79
N LEU C 158 -75.24 65.03 4.73
CA LEU C 158 -75.71 65.69 5.94
C LEU C 158 -76.67 64.79 6.70
N PHE C 159 -77.68 64.25 6.02
CA PHE C 159 -78.64 63.36 6.67
C PHE C 159 -77.94 62.12 7.23
N TYR C 160 -77.02 61.54 6.46
CA TYR C 160 -76.37 60.30 6.87
C TYR C 160 -75.48 60.50 8.08
N GLU C 161 -74.62 61.52 8.04
CA GLU C 161 -73.69 61.74 9.16
C GLU C 161 -74.41 62.27 10.39
N TYR C 162 -75.47 63.06 10.20
CA TYR C 162 -76.24 63.57 11.34
C TYR C 162 -76.92 62.43 12.10
N MET C 163 -77.39 61.42 11.38
CA MET C 163 -78.12 60.33 12.00
C MET C 163 -77.20 59.47 12.87
N THR C 164 -77.71 59.07 14.03
CA THR C 164 -76.97 58.23 14.98
C THR C 164 -77.76 56.96 15.23
N ASP C 165 -77.09 55.82 15.06
CA ASP C 165 -77.71 54.50 15.22
C ASP C 165 -77.63 54.09 16.68
N GLU C 166 -78.80 53.98 17.33
CA GLU C 166 -78.87 53.61 18.74
C GLU C 166 -79.69 52.33 18.93
N ARG C 167 -79.84 51.52 17.88
CA ARG C 167 -80.66 50.31 17.97
C ARG C 167 -80.13 49.34 19.00
N PHE C 168 -78.81 49.32 19.21
CA PHE C 168 -78.18 48.35 20.11
C PHE C 168 -77.69 48.99 21.40
N LYS C 169 -78.07 50.23 21.68
CA LYS C 169 -77.75 50.86 22.95
C LYS C 169 -78.88 50.60 23.95
N SER C 170 -78.52 50.08 25.12
CA SER C 170 -79.48 49.88 26.20
C SER C 170 -79.33 50.96 27.27
N THR C 171 -78.34 50.79 28.13
CA THR C 171 -78.08 51.71 29.24
C THR C 171 -77.21 52.89 28.85
N ASP C 172 -76.74 52.95 27.61
CA ASP C 172 -75.81 53.99 27.18
C ASP C 172 -76.37 54.81 26.01
N LYS C 173 -77.68 55.03 25.99
CA LYS C 173 -78.26 55.93 25.01
C LYS C 173 -77.85 57.36 25.32
N ASN C 174 -77.77 58.18 24.27
CA ASN C 174 -77.38 59.57 24.44
C ASN C 174 -78.54 60.35 25.06
N VAL C 175 -78.34 60.84 26.29
CA VAL C 175 -79.40 61.57 26.98
C VAL C 175 -79.63 62.94 26.36
N ASN C 176 -78.67 63.46 25.58
CA ASN C 176 -78.75 64.79 25.00
C ASN C 176 -79.01 64.76 23.50
N MET C 177 -79.44 63.61 22.97
CA MET C 177 -79.73 63.51 21.53
C MET C 177 -81.02 64.24 21.22
N GLU C 178 -80.91 65.33 20.44
CA GLU C 178 -82.05 66.20 20.15
C GLU C 178 -81.87 66.73 18.72
N TYR C 179 -82.47 66.01 17.77
CA TYR C 179 -82.36 66.38 16.36
C TYR C 179 -83.15 67.64 16.06
N ILE C 180 -82.66 68.42 15.09
CA ILE C 180 -83.40 69.58 14.61
C ILE C 180 -84.68 69.12 13.93
N LYS C 181 -85.67 70.01 13.90
CA LYS C 181 -86.94 69.72 13.25
C LYS C 181 -87.16 70.46 11.95
N HIS C 182 -86.33 71.46 11.63
CA HIS C 182 -86.49 72.22 10.40
C HIS C 182 -85.12 72.50 9.79
N LEU C 183 -85.07 72.44 8.46
CA LEU C 183 -83.86 72.76 7.71
C LEU C 183 -84.21 73.73 6.59
N GLY C 184 -83.60 74.92 6.62
CA GLY C 184 -83.79 75.92 5.59
C GLY C 184 -82.54 76.04 4.75
N VAL C 185 -82.72 76.19 3.44
CA VAL C 185 -81.61 76.28 2.49
C VAL C 185 -81.81 77.49 1.60
N TYR C 186 -80.81 78.37 1.57
CA TYR C 186 -80.78 79.51 0.67
C TYR C 186 -79.72 79.26 -0.39
N ILE C 187 -80.11 79.34 -1.65
CA ILE C 187 -79.19 79.02 -2.72
C ILE C 187 -79.69 79.77 -3.94
N ASN C 188 -78.74 80.19 -4.79
CA ASN C 188 -79.16 80.74 -6.07
C ASN C 188 -80.03 79.76 -6.79
N ASN C 189 -80.93 80.27 -7.59
CA ASN C 189 -81.59 79.48 -8.60
C ASN C 189 -82.29 78.30 -7.95
N ALA C 190 -82.94 78.63 -6.84
CA ALA C 190 -83.60 77.69 -5.92
C ALA C 190 -84.63 76.77 -6.55
N ASP C 191 -85.37 77.26 -7.56
CA ASP C 191 -86.43 76.44 -8.14
C ASP C 191 -85.85 75.18 -8.77
N THR C 192 -84.63 75.26 -9.29
CA THR C 192 -84.01 74.11 -9.91
C THR C 192 -83.48 73.09 -8.91
N TYR C 193 -83.23 73.48 -7.65
CA TYR C 193 -82.70 72.57 -6.65
C TYR C 193 -83.77 71.91 -5.80
N LYS C 194 -85.04 72.34 -5.90
CA LYS C 194 -86.07 71.83 -5.01
C LYS C 194 -86.35 70.35 -5.23
N GLU C 195 -86.22 69.87 -6.47
CA GLU C 195 -86.49 68.46 -6.75
C GLU C 195 -85.44 67.53 -6.16
N GLU C 196 -84.28 68.06 -5.78
CA GLU C 196 -83.24 67.22 -5.20
C GLU C 196 -83.44 66.94 -3.71
N VAL C 197 -84.35 67.67 -3.05
CA VAL C 197 -84.53 67.51 -1.61
C VAL C 197 -85.09 66.13 -1.29
N GLU C 198 -86.25 65.80 -1.86
CA GLU C 198 -86.87 64.52 -1.56
C GLU C 198 -86.10 63.36 -2.18
N LYS C 199 -85.38 63.62 -3.28
CA LYS C 199 -84.51 62.59 -3.84
C LYS C 199 -83.33 62.30 -2.91
N ALA C 200 -82.79 63.35 -2.27
CA ALA C 200 -81.73 63.14 -1.30
C ALA C 200 -82.24 62.39 -0.08
N ARG C 201 -83.48 62.68 0.35
CA ARG C 201 -84.05 61.97 1.49
C ARG C 201 -84.24 60.50 1.17
N VAL C 202 -84.66 60.19 -0.05
CA VAL C 202 -84.79 58.80 -0.47
C VAL C 202 -83.42 58.14 -0.57
N TYR C 203 -82.46 58.82 -1.20
CA TYR C 203 -81.11 58.28 -1.30
C TYR C 203 -80.48 58.10 0.07
N TYR C 204 -80.78 59.00 1.00
CA TYR C 204 -80.21 58.90 2.35
C TYR C 204 -80.67 57.61 3.02
N PHE C 205 -81.98 57.34 3.01
CA PHE C 205 -82.47 56.19 3.76
C PHE C 205 -82.05 54.88 3.12
N GLY C 206 -82.03 54.83 1.78
CA GLY C 206 -81.51 53.66 1.11
C GLY C 206 -80.10 53.33 1.55
N THR C 207 -79.25 54.36 1.68
CA THR C 207 -77.91 54.16 2.19
C THR C 207 -77.93 53.82 3.67
N TYR C 208 -78.80 54.50 4.44
CA TYR C 208 -78.88 54.24 5.88
C TYR C 208 -79.49 52.88 6.16
N TYR C 209 -80.46 52.46 5.33
CA TYR C 209 -81.03 51.13 5.47
C TYR C 209 -79.97 50.05 5.27
N ALA C 210 -79.15 50.20 4.22
CA ALA C 210 -78.05 49.28 4.02
C ALA C 210 -77.07 49.34 5.18
N SER C 211 -76.80 50.54 5.68
CA SER C 211 -75.93 50.69 6.85
C SER C 211 -76.50 49.98 8.06
N GLN C 212 -77.83 50.01 8.22
CA GLN C 212 -78.46 49.32 9.34
C GLN C 212 -78.28 47.81 9.23
N LEU C 213 -78.38 47.26 8.02
CA LEU C 213 -78.20 45.83 7.84
C LEU C 213 -76.75 45.41 8.06
N ILE C 214 -75.80 46.21 7.56
CA ILE C 214 -74.40 45.86 7.70
C ILE C 214 -73.97 45.96 9.16
N ALA C 215 -74.34 47.06 9.83
CA ALA C 215 -73.91 47.27 11.22
C ALA C 215 -74.55 46.25 12.17
N ALA C 216 -75.71 45.70 11.81
CA ALA C 216 -76.35 44.69 12.62
C ALA C 216 -75.44 43.48 12.75
N PRO C 217 -75.10 43.04 13.97
CA PRO C 217 -74.18 41.91 14.12
C PRO C 217 -74.76 40.63 13.56
N SER C 218 -73.89 39.62 13.42
CA SER C 218 -74.24 38.39 12.73
C SER C 218 -75.23 37.53 13.52
N ASN C 219 -75.32 37.72 14.85
CA ASN C 219 -76.35 37.00 15.59
C ASN C 219 -77.73 37.62 15.38
N TYR C 220 -77.78 38.92 15.09
CA TYR C 220 -79.03 39.56 14.71
C TYR C 220 -79.33 39.35 13.23
N CYS C 221 -78.33 39.57 12.37
CA CYS C 221 -78.48 39.50 10.92
C CYS C 221 -77.91 38.17 10.43
N ASN C 222 -78.78 37.19 10.26
CA ASN C 222 -78.42 35.87 9.75
C ASN C 222 -79.18 35.64 8.45
N PRO C 223 -78.90 34.56 7.70
CA PRO C 223 -79.62 34.35 6.43
C PRO C 223 -81.14 34.36 6.55
N VAL C 224 -81.69 33.86 7.65
CA VAL C 224 -83.15 33.84 7.80
C VAL C 224 -83.68 35.21 8.15
N SER C 225 -83.06 35.89 9.12
CA SER C 225 -83.55 37.20 9.53
C SER C 225 -83.33 38.25 8.46
N LEU C 226 -82.26 38.12 7.67
CA LEU C 226 -82.01 39.07 6.60
C LEU C 226 -83.02 38.91 5.47
N SER C 227 -83.32 37.66 5.09
CA SER C 227 -84.33 37.43 4.06
C SER C 227 -85.72 37.82 4.55
N ASN C 228 -86.00 37.66 5.85
CA ASN C 228 -87.26 38.12 6.40
C ASN C 228 -87.40 39.63 6.26
N ALA C 229 -86.31 40.37 6.51
CA ALA C 229 -86.35 41.82 6.33
C ALA C 229 -86.55 42.20 4.87
N ALA C 230 -86.00 41.40 3.95
CA ALA C 230 -86.19 41.68 2.52
C ALA C 230 -87.65 41.51 2.12
N VAL C 231 -88.33 40.50 2.66
CA VAL C 231 -89.75 40.32 2.38
C VAL C 231 -90.54 41.51 2.92
N GLU C 232 -90.27 41.90 4.17
CA GLU C 232 -90.94 43.03 4.77
C GLU C 232 -90.70 44.31 3.98
N LEU C 233 -89.48 44.51 3.48
CA LEU C 233 -89.19 45.68 2.67
C LEU C 233 -89.96 45.64 1.35
N ALA C 234 -89.98 44.48 0.69
CA ALA C 234 -90.71 44.36 -0.57
C ALA C 234 -92.20 44.57 -0.37
N GLN C 235 -92.73 44.10 0.76
CA GLN C 235 -94.16 44.28 1.04
C GLN C 235 -94.50 45.75 1.26
N LYS C 236 -93.61 46.49 1.90
CA LYS C 236 -93.88 47.91 2.15
C LYS C 236 -93.79 48.72 0.85
N LEU C 237 -93.04 48.25 -0.13
CA LEU C 237 -92.87 48.96 -1.39
C LEU C 237 -93.70 48.37 -2.52
N ASN C 238 -94.49 47.33 -2.25
CA ASN C 238 -95.33 46.67 -3.26
C ASN C 238 -94.47 46.09 -4.39
N LEU C 239 -93.32 45.54 -4.04
CA LEU C 239 -92.49 44.82 -5.00
C LEU C 239 -92.81 43.34 -4.96
N GLU C 240 -92.67 42.70 -6.12
CA GLU C 240 -92.75 41.23 -6.15
C GLU C 240 -91.54 40.64 -5.43
N TYR C 241 -91.78 39.59 -4.66
CA TYR C 241 -90.72 38.98 -3.87
C TYR C 241 -90.86 37.47 -3.89
N LYS C 242 -89.71 36.79 -3.77
CA LYS C 242 -89.66 35.35 -3.76
C LYS C 242 -88.40 34.92 -3.02
N ILE C 243 -88.57 34.08 -2.01
CA ILE C 243 -87.46 33.57 -1.19
C ILE C 243 -87.31 32.09 -1.49
N LEU C 244 -86.16 31.73 -2.05
CA LEU C 244 -85.89 30.35 -2.44
C LEU C 244 -85.26 29.62 -1.26
N GLY C 245 -85.89 28.55 -0.81
CA GLY C 245 -85.38 27.75 0.28
C GLY C 245 -84.49 26.61 -0.20
N VAL C 246 -84.03 25.82 0.77
CA VAL C 246 -83.05 24.77 0.47
C VAL C 246 -83.63 23.79 -0.55
N LYS C 247 -84.92 23.48 -0.42
CA LYS C 247 -85.54 22.53 -1.36
C LYS C 247 -85.54 23.09 -2.77
N GLU C 248 -85.87 24.38 -2.93
CA GLU C 248 -85.80 24.99 -4.26
C GLU C 248 -84.35 25.13 -4.72
N LEU C 249 -83.44 25.49 -3.81
CA LEU C 249 -82.04 25.65 -4.18
C LEU C 249 -81.38 24.33 -4.54
N GLU C 250 -81.74 23.25 -3.83
CA GLU C 250 -81.28 21.94 -4.24
C GLU C 250 -81.77 21.63 -5.64
N GLU C 251 -82.97 22.09 -6.00
CA GLU C 251 -83.48 21.75 -7.31
C GLU C 251 -82.97 22.68 -8.40
N LEU C 252 -82.58 23.93 -8.03
CA LEU C 252 -81.85 24.66 -9.10
C LEU C 252 -80.36 24.16 -9.21
N LYS C 253 -80.01 23.14 -8.42
CA LYS C 253 -78.69 22.49 -8.48
C LYS C 253 -77.56 23.46 -8.16
N MET C 254 -77.84 24.39 -7.24
CA MET C 254 -76.88 25.41 -6.83
C MET C 254 -75.89 24.80 -5.82
N GLY C 255 -75.04 23.92 -6.33
CA GLY C 255 -74.13 23.18 -5.45
C GLY C 255 -73.05 24.06 -4.85
N ALA C 256 -72.57 25.04 -5.61
CA ALA C 256 -71.54 25.95 -5.10
C ALA C 256 -72.10 26.80 -3.97
N TYR C 257 -73.28 27.39 -4.18
CA TYR C 257 -73.91 28.21 -3.15
C TYR C 257 -74.29 27.38 -1.93
N LEU C 258 -74.84 26.18 -2.14
CA LEU C 258 -75.28 25.38 -1.01
C LEU C 258 -74.09 24.84 -0.20
N SER C 259 -72.96 24.60 -0.87
CA SER C 259 -71.79 24.09 -0.16
C SER C 259 -71.25 25.10 0.85
N VAL C 260 -71.35 26.39 0.54
CA VAL C 260 -70.83 27.42 1.44
C VAL C 260 -71.60 27.41 2.76
N GLY C 261 -72.91 27.24 2.68
CA GLY C 261 -73.78 27.27 3.84
C GLY C 261 -73.97 25.94 4.55
N LYS C 262 -73.26 24.89 4.13
CA LYS C 262 -73.44 23.57 4.72
C LYS C 262 -73.15 23.58 6.22
N GLY C 263 -72.12 24.30 6.64
CA GLY C 263 -71.72 24.31 8.03
C GLY C 263 -72.45 25.27 8.94
N SER C 264 -73.48 25.95 8.45
CA SER C 264 -74.20 26.95 9.23
C SER C 264 -75.46 26.36 9.84
N MET C 265 -75.83 26.87 11.02
CA MET C 265 -77.10 26.51 11.65
C MET C 265 -78.29 27.20 11.00
N TYR C 266 -78.05 28.18 10.12
CA TYR C 266 -79.11 28.89 9.43
C TYR C 266 -79.22 28.37 8.00
N PRO C 267 -80.39 27.94 7.56
CA PRO C 267 -80.54 27.45 6.19
C PRO C 267 -80.32 28.56 5.17
N ASN C 268 -79.83 28.17 4.00
CA ASN C 268 -79.62 29.14 2.93
C ASN C 268 -80.95 29.76 2.50
N LYS C 269 -80.90 31.05 2.17
CA LYS C 269 -82.08 31.78 1.71
C LYS C 269 -81.65 32.65 0.53
N PHE C 270 -82.28 32.42 -0.62
CA PHE C 270 -81.99 33.19 -1.83
C PHE C 270 -83.05 34.27 -1.99
N ILE C 271 -82.63 35.52 -1.94
CA ILE C 271 -83.55 36.65 -2.04
C ILE C 271 -83.70 37.01 -3.51
N HIS C 272 -84.95 37.15 -3.95
CA HIS C 272 -85.27 37.57 -5.32
C HIS C 272 -86.40 38.58 -5.23
N LEU C 273 -86.06 39.86 -5.28
CA LEU C 273 -87.03 40.93 -5.36
C LEU C 273 -87.07 41.45 -6.80
N THR C 274 -88.26 41.89 -7.22
CA THR C 274 -88.46 42.36 -8.58
C THR C 274 -89.29 43.64 -8.55
N TYR C 275 -88.81 44.65 -9.30
CA TYR C 275 -89.58 45.85 -9.57
C TYR C 275 -89.87 45.88 -11.06
N LYS C 276 -91.15 45.91 -11.42
CA LYS C 276 -91.57 46.00 -12.81
C LYS C 276 -92.20 47.36 -13.06
N SER C 277 -91.92 47.91 -14.24
CA SER C 277 -92.42 49.24 -14.58
C SER C 277 -93.79 49.15 -15.23
N LYS C 278 -94.57 50.21 -15.05
CA LYS C 278 -95.85 50.35 -15.72
C LYS C 278 -95.58 50.78 -17.15
N GLY C 279 -96.01 49.98 -18.12
CA GLY C 279 -95.79 50.29 -19.51
C GLY C 279 -94.76 49.36 -20.14
N ASP C 280 -94.35 49.72 -21.34
CA ASP C 280 -93.36 48.93 -22.08
C ASP C 280 -92.02 48.94 -21.35
N VAL C 281 -91.51 47.76 -21.02
CA VAL C 281 -90.20 47.61 -20.40
C VAL C 281 -89.13 47.71 -21.48
N LYS C 282 -88.22 48.67 -21.33
CA LYS C 282 -87.17 48.86 -22.32
C LYS C 282 -85.81 48.34 -21.89
N LYS C 283 -85.60 48.13 -20.59
CA LYS C 283 -84.34 47.60 -20.08
C LYS C 283 -84.61 46.64 -18.94
N LYS C 284 -83.98 45.48 -18.99
CA LYS C 284 -84.07 44.48 -17.93
C LYS C 284 -82.72 44.38 -17.24
N ILE C 285 -82.71 44.53 -15.93
CA ILE C 285 -81.48 44.63 -15.15
C ILE C 285 -81.54 43.66 -13.98
N ALA C 286 -80.43 42.98 -13.72
CA ALA C 286 -80.28 42.10 -12.56
C ALA C 286 -79.17 42.65 -11.68
N LEU C 287 -79.48 42.91 -10.41
CA LEU C 287 -78.51 43.37 -9.43
C LEU C 287 -78.24 42.24 -8.45
N VAL C 288 -76.99 41.83 -8.34
CA VAL C 288 -76.60 40.69 -7.53
C VAL C 288 -75.74 41.18 -6.37
N GLY C 289 -76.12 40.84 -5.15
CA GLY C 289 -75.36 41.23 -3.99
C GLY C 289 -74.83 40.06 -3.19
N LYS C 290 -73.56 40.12 -2.80
CA LYS C 290 -72.98 39.07 -1.97
C LYS C 290 -73.58 39.14 -0.57
N GLY C 291 -74.13 38.02 -0.10
CA GLY C 291 -74.82 38.00 1.17
C GLY C 291 -74.31 36.99 2.17
N ILE C 292 -73.03 37.12 2.55
CA ILE C 292 -72.46 36.29 3.61
C ILE C 292 -72.69 37.02 4.92
N THR C 293 -73.64 36.54 5.73
CA THR C 293 -73.98 37.23 6.96
C THR C 293 -72.84 37.19 7.96
N PHE C 294 -72.03 36.13 7.94
CA PHE C 294 -70.77 36.11 8.68
C PHE C 294 -69.79 35.21 7.94
N ASP C 295 -68.56 35.69 7.80
CA ASP C 295 -67.51 34.96 7.10
C ASP C 295 -66.40 34.62 8.10
N SER C 296 -66.53 33.46 8.74
CA SER C 296 -65.45 32.99 9.58
C SER C 296 -64.27 32.49 8.77
N GLY C 297 -64.48 32.25 7.48
CA GLY C 297 -63.47 31.65 6.61
C GLY C 297 -63.63 30.16 6.41
N GLY C 298 -64.50 29.52 7.17
CA GLY C 298 -64.58 28.08 7.09
C GLY C 298 -63.35 27.43 7.70
N TYR C 299 -63.04 26.22 7.24
CA TYR C 299 -61.86 25.53 7.74
C TYR C 299 -60.58 26.27 7.39
N ASN C 300 -60.60 27.11 6.35
CA ASN C 300 -59.56 28.12 6.15
C ASN C 300 -59.85 29.32 7.04
N LEU C 301 -59.79 29.08 8.35
CA LEU C 301 -60.24 30.05 9.33
C LEU C 301 -59.43 31.34 9.24
N LYS C 302 -60.11 32.47 9.45
CA LYS C 302 -59.47 33.78 9.48
C LYS C 302 -58.75 33.94 10.82
N ALA C 303 -57.55 33.34 10.88
CA ALA C 303 -56.73 33.40 12.08
C ALA C 303 -55.40 34.11 11.87
N ALA C 304 -55.04 34.42 10.62
CA ALA C 304 -53.80 35.13 10.35
C ALA C 304 -53.90 36.56 10.86
N PRO C 305 -52.76 37.16 11.23
CA PRO C 305 -52.79 38.56 11.67
C PRO C 305 -53.29 39.48 10.56
N GLY C 306 -54.20 40.38 10.92
CA GLY C 306 -54.80 41.30 9.98
C GLY C 306 -56.02 40.76 9.24
N SER C 307 -56.42 39.52 9.49
CA SER C 307 -57.59 38.98 8.82
C SER C 307 -58.88 39.61 9.33
N MET C 308 -58.88 40.16 10.53
CA MET C 308 -60.00 40.94 11.07
C MET C 308 -61.31 40.17 11.02
N ILE C 309 -61.35 39.05 11.75
CA ILE C 309 -62.54 38.21 11.75
C ILE C 309 -63.71 38.93 12.42
N ASP C 310 -63.44 39.88 13.32
CA ASP C 310 -64.50 40.60 14.01
C ASP C 310 -65.24 41.58 13.11
N LEU C 311 -64.68 41.90 11.94
CA LEU C 311 -65.35 42.78 11.00
C LEU C 311 -66.28 42.04 10.07
N MET C 312 -66.14 40.72 9.97
CA MET C 312 -66.74 39.91 8.93
C MET C 312 -68.27 39.84 9.00
N LYS C 313 -68.92 40.57 9.90
CA LYS C 313 -70.36 40.76 9.79
C LYS C 313 -70.72 41.60 8.57
N PHE C 314 -69.76 42.34 8.01
CA PHE C 314 -69.98 43.21 6.87
C PHE C 314 -69.95 42.47 5.55
N ASP C 315 -69.75 41.16 5.55
CA ASP C 315 -69.62 40.40 4.30
C ASP C 315 -70.93 40.29 3.53
N MET C 316 -72.02 40.87 4.04
CA MET C 316 -73.26 41.00 3.29
C MET C 316 -73.48 42.44 2.83
N SER C 317 -72.41 43.23 2.74
CA SER C 317 -72.53 44.62 2.32
C SER C 317 -73.07 44.73 0.90
N GLY C 318 -72.70 43.79 0.03
CA GLY C 318 -73.24 43.78 -1.31
C GLY C 318 -74.75 43.55 -1.31
N CYS C 319 -75.22 42.60 -0.51
CA CYS C 319 -76.65 42.37 -0.38
C CYS C 319 -77.36 43.60 0.16
N ALA C 320 -76.75 44.27 1.15
CA ALA C 320 -77.36 45.46 1.72
C ALA C 320 -77.46 46.58 0.69
N ALA C 321 -76.42 46.74 -0.13
CA ALA C 321 -76.45 47.76 -1.17
C ALA C 321 -77.54 47.48 -2.19
N VAL C 322 -77.72 46.21 -2.56
CA VAL C 322 -78.77 45.86 -3.49
C VAL C 322 -80.14 46.10 -2.87
N LEU C 323 -80.30 45.75 -1.58
CA LEU C 323 -81.58 45.99 -0.91
C LEU C 323 -81.82 47.48 -0.72
N GLY C 324 -80.78 48.24 -0.41
CA GLY C 324 -80.94 49.69 -0.32
C GLY C 324 -81.33 50.31 -1.64
N CYS C 325 -80.78 49.77 -2.74
CA CYS C 325 -81.20 50.22 -4.07
C CYS C 325 -82.65 49.85 -4.35
N ALA C 326 -83.08 48.67 -3.87
CA ALA C 326 -84.46 48.27 -4.05
C ALA C 326 -85.43 49.23 -3.38
N TYR C 327 -85.03 49.80 -2.24
CA TYR C 327 -85.87 50.81 -1.59
C TYR C 327 -85.99 52.06 -2.45
N CYS C 328 -84.86 52.56 -2.95
CA CYS C 328 -84.87 53.77 -3.76
C CYS C 328 -85.68 53.57 -5.04
N VAL C 329 -85.51 52.43 -5.70
CA VAL C 329 -86.25 52.15 -6.92
C VAL C 329 -87.74 51.99 -6.61
N GLY C 330 -88.06 51.28 -5.52
CA GLY C 330 -89.45 51.09 -5.15
C GLY C 330 -90.14 52.38 -4.74
N THR C 331 -89.38 53.35 -4.23
CA THR C 331 -89.94 54.63 -3.82
C THR C 331 -90.03 55.61 -4.99
N LEU C 332 -88.94 55.76 -5.75
CA LEU C 332 -88.91 56.70 -6.86
C LEU C 332 -89.68 56.20 -8.08
N LYS C 333 -89.85 54.89 -8.22
CA LYS C 333 -90.63 54.26 -9.28
C LYS C 333 -90.20 54.74 -10.67
N PRO C 334 -89.04 54.31 -11.16
CA PRO C 334 -88.65 54.65 -12.54
C PRO C 334 -89.54 53.92 -13.54
N GLU C 335 -89.44 54.36 -14.78
CA GLU C 335 -90.28 53.84 -15.85
C GLU C 335 -89.45 53.10 -16.89
N ASN C 336 -90.12 52.17 -17.58
CA ASN C 336 -89.54 51.43 -18.71
C ASN C 336 -88.34 50.58 -18.28
N VAL C 337 -88.35 50.10 -17.03
CA VAL C 337 -87.25 49.30 -16.50
C VAL C 337 -87.82 48.15 -15.68
N GLU C 338 -87.16 46.99 -15.76
CA GLU C 338 -87.48 45.85 -14.91
C GLU C 338 -86.19 45.41 -14.22
N ILE C 339 -86.18 45.47 -12.89
CA ILE C 339 -84.98 45.25 -12.11
C ILE C 339 -85.20 44.06 -11.19
N HIS C 340 -84.23 43.16 -11.15
CA HIS C 340 -84.23 42.02 -10.25
C HIS C 340 -83.15 42.23 -9.18
N PHE C 341 -83.53 42.10 -7.93
CA PHE C 341 -82.63 42.26 -6.79
C PHE C 341 -82.36 40.88 -6.22
N LEU C 342 -81.14 40.39 -6.39
CA LEU C 342 -80.78 39.03 -6.06
C LEU C 342 -79.67 38.98 -5.03
N SER C 343 -79.71 37.96 -4.18
CA SER C 343 -78.65 37.72 -3.21
C SER C 343 -78.75 36.29 -2.72
N ALA C 344 -77.67 35.52 -2.90
CA ALA C 344 -77.58 34.16 -2.37
C ALA C 344 -77.00 34.26 -0.96
N VAL C 345 -77.90 34.32 0.03
CA VAL C 345 -77.52 34.61 1.41
C VAL C 345 -77.20 33.31 2.14
N CYS C 346 -76.10 33.30 2.88
CA CYS C 346 -75.71 32.15 3.68
C CYS C 346 -74.67 32.61 4.72
N GLU C 347 -74.13 31.65 5.46
CA GLU C 347 -73.16 31.91 6.51
C GLU C 347 -72.04 30.88 6.40
N ASN C 348 -70.79 31.36 6.47
CA ASN C 348 -69.61 30.51 6.30
C ASN C 348 -69.04 30.20 7.68
N MET C 349 -69.26 28.98 8.15
CA MET C 349 -68.93 28.59 9.52
C MET C 349 -68.11 27.32 9.52
N VAL C 350 -67.57 27.00 10.70
CA VAL C 350 -66.79 25.79 10.94
C VAL C 350 -67.64 24.81 11.72
N SER C 351 -67.77 23.60 11.18
CA SER C 351 -68.63 22.58 11.79
C SER C 351 -68.26 21.23 11.18
N LYS C 352 -68.83 20.17 11.77
CA LYS C 352 -68.70 18.85 11.17
C LYS C 352 -69.41 18.77 9.81
N ASN C 353 -70.32 19.69 9.52
CA ASN C 353 -71.06 19.70 8.27
C ASN C 353 -70.49 20.66 7.24
N SER C 354 -69.44 21.41 7.58
CA SER C 354 -68.88 22.38 6.66
C SER C 354 -68.20 21.68 5.49
N TYR C 355 -68.11 22.39 4.37
CA TYR C 355 -67.35 21.90 3.23
C TYR C 355 -65.86 22.13 3.45
N ARG C 356 -65.05 21.23 2.91
CA ARG C 356 -63.63 21.19 3.21
C ARG C 356 -62.80 21.75 2.06
N PRO C 357 -61.59 22.22 2.35
CA PRO C 357 -60.64 22.50 1.28
C PRO C 357 -60.33 21.23 0.49
N GLY C 358 -60.38 21.35 -0.83
CA GLY C 358 -60.19 20.21 -1.71
C GLY C 358 -61.48 19.62 -2.24
N ASP C 359 -62.60 19.92 -1.60
CA ASP C 359 -63.89 19.41 -2.07
C ASP C 359 -64.16 19.88 -3.50
N ILE C 360 -64.77 19.00 -4.29
CA ILE C 360 -65.17 19.33 -5.66
C ILE C 360 -66.69 19.40 -5.69
N ILE C 361 -67.21 20.57 -6.07
CA ILE C 361 -68.64 20.83 -6.08
C ILE C 361 -69.06 21.23 -7.49
N THR C 362 -70.36 21.12 -7.74
CA THR C 362 -70.93 21.34 -9.07
C THR C 362 -71.87 22.53 -9.04
N ALA C 363 -71.59 23.54 -9.86
CA ALA C 363 -72.45 24.70 -9.95
C ALA C 363 -73.72 24.38 -10.75
N SER C 364 -74.65 25.33 -10.76
CA SER C 364 -75.93 25.11 -11.42
C SER C 364 -75.81 25.07 -12.94
N ASN C 365 -74.69 25.50 -13.50
CA ASN C 365 -74.47 25.41 -14.94
C ASN C 365 -73.67 24.17 -15.33
N GLY C 366 -73.44 23.26 -14.40
CA GLY C 366 -72.74 22.01 -14.67
C GLY C 366 -71.24 22.03 -14.47
N LYS C 367 -70.65 23.20 -14.25
CA LYS C 367 -69.20 23.28 -14.09
C LYS C 367 -68.78 22.77 -12.72
N THR C 368 -67.81 21.85 -12.70
CA THR C 368 -67.25 21.35 -11.46
C THR C 368 -66.13 22.27 -10.99
N ILE C 369 -66.13 22.57 -9.69
CA ILE C 369 -65.20 23.52 -9.09
C ILE C 369 -64.41 22.81 -8.01
N GLU C 370 -63.08 22.97 -8.04
CA GLU C 370 -62.22 22.45 -6.99
C GLU C 370 -62.00 23.54 -5.95
N VAL C 371 -62.44 23.28 -4.72
CA VAL C 371 -62.32 24.27 -3.65
C VAL C 371 -60.90 24.24 -3.11
N GLY C 372 -60.17 25.33 -3.29
CA GLY C 372 -58.81 25.42 -2.78
C GLY C 372 -58.70 26.20 -1.49
N ASN C 373 -59.74 26.97 -1.16
CA ASN C 373 -59.72 27.80 0.04
C ASN C 373 -61.18 28.10 0.40
N THR C 374 -61.62 27.60 1.55
CA THR C 374 -63.00 27.83 1.98
C THR C 374 -63.28 29.29 2.29
N ASP C 375 -62.25 30.12 2.45
CA ASP C 375 -62.45 31.55 2.67
C ASP C 375 -62.70 32.31 1.38
N ALA C 376 -62.54 31.67 0.22
CA ALA C 376 -62.95 32.27 -1.05
C ALA C 376 -64.37 31.85 -1.39
N GLU C 377 -65.28 32.00 -0.43
CA GLU C 377 -66.64 31.51 -0.57
C GLU C 377 -67.56 32.49 -1.30
N GLY C 378 -67.19 33.77 -1.35
CA GLY C 378 -68.05 34.74 -2.01
C GLY C 378 -68.24 34.45 -3.48
N ARG C 379 -67.15 34.12 -4.19
CA ARG C 379 -67.25 33.81 -5.61
C ARG C 379 -68.04 32.54 -5.85
N LEU C 380 -68.08 31.63 -4.88
CA LEU C 380 -68.87 30.41 -5.04
C LEU C 380 -70.36 30.71 -4.98
N THR C 381 -70.78 31.52 -4.00
CA THR C 381 -72.19 31.90 -3.92
C THR C 381 -72.58 32.80 -5.09
N LEU C 382 -71.68 33.69 -5.50
CA LEU C 382 -71.97 34.57 -6.64
C LEU C 382 -72.06 33.78 -7.94
N ALA C 383 -71.30 32.69 -8.07
CA ALA C 383 -71.33 31.89 -9.30
C ALA C 383 -72.74 31.37 -9.58
N ASP C 384 -73.37 30.76 -8.58
CA ASP C 384 -74.73 30.27 -8.75
C ASP C 384 -75.73 31.41 -8.91
N ALA C 385 -75.49 32.53 -8.23
CA ALA C 385 -76.38 33.68 -8.38
C ALA C 385 -76.29 34.28 -9.76
N LEU C 386 -75.10 34.27 -10.37
CA LEU C 386 -74.96 34.79 -11.73
C LEU C 386 -75.65 33.90 -12.74
N VAL C 387 -75.57 32.57 -12.55
CA VAL C 387 -76.30 31.65 -13.43
C VAL C 387 -77.79 31.88 -13.31
N TYR C 388 -78.29 32.05 -12.08
CA TYR C 388 -79.70 32.36 -11.87
C TYR C 388 -80.07 33.67 -12.54
N ALA C 389 -79.19 34.67 -12.45
CA ALA C 389 -79.49 35.98 -13.01
C ALA C 389 -79.59 35.93 -14.53
N GLU C 390 -78.63 35.26 -15.18
CA GLU C 390 -78.65 35.19 -16.64
C GLU C 390 -79.86 34.43 -17.15
N LYS C 391 -80.36 33.46 -16.37
CA LYS C 391 -81.54 32.72 -16.78
C LYS C 391 -82.79 33.59 -16.86
N LEU C 392 -82.77 34.75 -16.20
CA LEU C 392 -83.91 35.66 -16.26
C LEU C 392 -83.99 36.40 -17.59
N GLY C 393 -82.95 36.35 -18.41
CA GLY C 393 -82.94 37.04 -19.69
C GLY C 393 -82.96 38.54 -19.55
N VAL C 394 -81.93 39.10 -18.91
CA VAL C 394 -81.83 40.52 -18.68
C VAL C 394 -80.80 41.11 -19.65
N ASP C 395 -80.77 42.44 -19.71
CA ASP C 395 -79.78 43.14 -20.54
C ASP C 395 -78.46 43.34 -19.81
N TYR C 396 -78.51 43.61 -18.52
CA TYR C 396 -77.32 43.87 -17.73
C TYR C 396 -77.36 43.07 -16.43
N ILE C 397 -76.22 42.48 -16.07
CA ILE C 397 -76.01 41.87 -14.76
C ILE C 397 -74.90 42.62 -14.07
N VAL C 398 -75.20 43.18 -12.89
CA VAL C 398 -74.24 43.91 -12.09
C VAL C 398 -74.20 43.29 -10.71
N ASP C 399 -73.02 42.80 -10.31
CA ASP C 399 -72.83 42.25 -8.98
C ASP C 399 -71.94 43.17 -8.15
N ILE C 400 -72.20 43.21 -6.86
CA ILE C 400 -71.46 44.03 -5.91
C ILE C 400 -71.15 43.17 -4.69
N ALA C 401 -69.89 43.18 -4.24
CA ALA C 401 -69.45 42.20 -3.26
C ALA C 401 -68.20 42.68 -2.54
N THR C 402 -68.12 42.36 -1.24
CA THR C 402 -66.88 42.49 -0.48
C THR C 402 -66.08 41.22 -0.73
N LEU C 403 -65.47 41.15 -1.92
CA LEU C 403 -64.96 39.88 -2.43
C LEU C 403 -63.53 39.59 -2.00
N THR C 404 -62.61 40.53 -2.23
CA THR C 404 -61.18 40.27 -2.04
C THR C 404 -60.55 41.38 -1.21
N GLY C 405 -59.81 40.98 -0.17
CA GLY C 405 -59.06 41.93 0.63
C GLY C 405 -57.94 42.63 -0.10
N ALA C 406 -57.55 42.11 -1.27
CA ALA C 406 -56.52 42.76 -2.09
C ALA C 406 -56.93 44.14 -2.56
N MET C 407 -58.23 44.48 -2.48
CA MET C 407 -58.67 45.83 -2.86
C MET C 407 -58.00 46.90 -2.02
N LEU C 408 -57.61 46.58 -0.79
CA LEU C 408 -56.94 47.54 0.06
C LEU C 408 -55.55 47.91 -0.47
N TYR C 409 -54.93 47.01 -1.23
CA TYR C 409 -53.59 47.25 -1.77
C TYR C 409 -53.62 47.81 -3.18
N SER C 410 -54.77 47.81 -3.84
CA SER C 410 -54.90 48.36 -5.18
C SER C 410 -55.50 49.76 -5.17
N LEU C 411 -56.75 49.89 -4.73
CA LEU C 411 -57.43 51.17 -4.73
C LEU C 411 -57.63 51.77 -3.35
N GLY C 412 -57.55 50.97 -2.28
CA GLY C 412 -57.64 51.51 -0.94
C GLY C 412 -59.05 51.54 -0.38
N THR C 413 -59.32 52.53 0.48
CA THR C 413 -60.59 52.61 1.20
C THR C 413 -61.57 53.60 0.60
N SER C 414 -61.19 54.31 -0.46
CA SER C 414 -62.03 55.34 -1.05
C SER C 414 -62.66 54.92 -2.37
N TYR C 415 -61.93 54.21 -3.22
CA TYR C 415 -62.39 53.85 -4.56
C TYR C 415 -62.64 52.35 -4.63
N ALA C 416 -63.83 51.98 -5.11
CA ALA C 416 -64.12 50.59 -5.41
C ALA C 416 -63.64 50.27 -6.82
N GLY C 417 -63.43 48.98 -7.07
CA GLY C 417 -63.01 48.50 -8.37
C GLY C 417 -64.16 47.86 -9.13
N VAL C 418 -64.22 48.12 -10.44
CA VAL C 418 -65.22 47.54 -11.31
C VAL C 418 -64.52 46.73 -12.39
N PHE C 419 -64.98 45.50 -12.58
CA PHE C 419 -64.54 44.63 -13.66
C PHE C 419 -65.75 44.27 -14.51
N GLY C 420 -65.51 43.84 -15.73
CA GLY C 420 -66.63 43.47 -16.59
C GLY C 420 -66.17 42.91 -17.91
N ASN C 421 -67.16 42.42 -18.66
CA ASN C 421 -66.94 41.86 -19.99
C ASN C 421 -67.54 42.73 -21.09
N ASN C 422 -68.00 43.93 -20.77
CA ASN C 422 -68.71 44.78 -21.71
C ASN C 422 -68.30 46.23 -21.48
N GLU C 423 -67.74 46.86 -22.52
CA GLU C 423 -67.23 48.21 -22.38
C GLU C 423 -68.35 49.22 -22.10
N GLU C 424 -69.47 49.10 -22.82
CA GLU C 424 -70.56 50.07 -22.63
C GLU C 424 -71.14 49.97 -21.22
N LEU C 425 -71.27 48.76 -20.68
CA LEU C 425 -71.82 48.61 -19.34
C LEU C 425 -70.87 49.17 -18.29
N ILE C 426 -69.57 48.92 -18.44
CA ILE C 426 -68.59 49.51 -17.53
C ILE C 426 -68.65 51.04 -17.62
N ASN C 427 -68.85 51.56 -18.82
CA ASN C 427 -68.92 53.01 -18.98
C ASN C 427 -70.13 53.57 -18.25
N LYS C 428 -71.26 52.87 -18.28
CA LYS C 428 -72.45 53.32 -17.55
C LYS C 428 -72.20 53.32 -16.03
N ILE C 429 -71.49 52.31 -15.53
CA ILE C 429 -71.17 52.25 -14.10
C ILE C 429 -70.28 53.42 -13.68
N LEU C 430 -69.23 53.70 -14.47
CA LEU C 430 -68.36 54.83 -14.18
C LEU C 430 -69.14 56.12 -14.21
N GLN C 431 -70.11 56.17 -15.10
CA GLN C 431 -70.89 57.31 -15.43
C GLN C 431 -71.84 57.59 -14.27
N SER C 432 -72.42 56.52 -13.73
CA SER C 432 -73.19 56.52 -12.50
C SER C 432 -72.36 56.82 -11.25
N SER C 433 -71.08 56.42 -11.24
CA SER C 433 -70.21 56.73 -10.12
C SER C 433 -69.98 58.23 -10.02
N LYS C 434 -69.98 58.92 -11.16
CA LYS C 434 -69.76 60.36 -11.16
C LYS C 434 -70.96 61.11 -10.60
N THR C 435 -72.18 60.70 -10.98
CA THR C 435 -73.37 61.43 -10.54
C THR C 435 -73.77 61.05 -9.12
N SER C 436 -73.48 59.83 -8.69
CA SER C 436 -73.75 59.42 -7.31
C SER C 436 -72.65 59.82 -6.35
N ASN C 437 -71.48 60.23 -6.86
CA ASN C 437 -70.33 60.64 -6.04
C ASN C 437 -69.82 59.50 -5.17
N GLU C 438 -70.05 58.25 -5.59
CA GLU C 438 -69.43 57.09 -4.98
C GLU C 438 -68.30 56.62 -5.89
N PRO C 439 -67.04 56.90 -5.54
CA PRO C 439 -65.95 56.73 -6.53
C PRO C 439 -65.68 55.27 -6.85
N VAL C 440 -65.48 55.01 -8.15
CA VAL C 440 -65.20 53.68 -8.66
C VAL C 440 -64.14 53.80 -9.74
N TRP C 441 -63.22 52.82 -9.79
CA TRP C 441 -62.16 52.81 -10.78
C TRP C 441 -62.19 51.51 -11.56
N TRP C 442 -61.95 51.60 -12.87
CA TRP C 442 -62.00 50.44 -13.75
C TRP C 442 -60.69 49.67 -13.66
N LEU C 443 -60.78 48.38 -13.35
CA LEU C 443 -59.64 47.48 -13.27
C LEU C 443 -59.80 46.36 -14.30
N PRO C 444 -58.68 45.82 -14.80
CA PRO C 444 -58.76 44.88 -15.93
C PRO C 444 -58.98 43.43 -15.51
N ILE C 445 -59.62 42.69 -16.40
CA ILE C 445 -59.72 41.24 -16.31
C ILE C 445 -58.64 40.69 -17.23
N ILE C 446 -57.49 40.35 -16.67
CA ILE C 446 -56.32 39.95 -17.46
C ILE C 446 -56.47 38.47 -17.80
N ASN C 447 -56.67 38.18 -19.08
CA ASN C 447 -56.94 36.80 -19.51
C ASN C 447 -55.73 35.90 -19.38
N GLU C 448 -54.51 36.45 -19.32
CA GLU C 448 -53.32 35.62 -19.19
C GLU C 448 -53.32 34.83 -17.88
N TYR C 449 -54.01 35.33 -16.86
CA TYR C 449 -54.05 34.64 -15.57
C TYR C 449 -55.06 33.50 -15.56
N ARG C 450 -55.86 33.34 -16.62
CA ARG C 450 -56.90 32.32 -16.63
C ARG C 450 -56.34 30.91 -16.48
N ALA C 451 -55.14 30.68 -16.99
CA ALA C 451 -54.55 29.34 -16.94
C ALA C 451 -54.30 28.87 -15.51
N THR C 452 -54.13 29.79 -14.56
CA THR C 452 -53.90 29.40 -13.18
C THR C 452 -55.14 28.84 -12.51
N LEU C 453 -56.31 28.95 -13.14
CA LEU C 453 -57.53 28.34 -12.65
C LEU C 453 -57.79 26.97 -13.27
N ASN C 454 -56.86 26.46 -14.06
CA ASN C 454 -57.01 25.15 -14.68
C ASN C 454 -56.81 24.07 -13.64
N SER C 455 -57.88 23.39 -13.25
CA SER C 455 -57.80 22.32 -12.27
C SER C 455 -57.39 21.01 -12.94
N LYS C 456 -56.66 20.19 -12.17
CA LYS C 456 -56.24 18.89 -12.69
C LYS C 456 -57.41 17.91 -12.75
N TYR C 457 -58.39 18.05 -11.86
CA TYR C 457 -59.49 17.10 -11.77
C TYR C 457 -60.85 17.72 -12.03
N ALA C 458 -61.12 18.91 -11.51
CA ALA C 458 -62.40 19.57 -11.76
C ALA C 458 -62.31 20.37 -13.06
N ASP C 459 -63.45 20.94 -13.46
CA ASP C 459 -63.47 21.76 -14.66
C ASP C 459 -62.66 23.04 -14.47
N ILE C 460 -62.69 23.60 -13.27
CA ILE C 460 -62.05 24.88 -12.99
C ILE C 460 -61.69 24.93 -11.51
N ASN C 461 -60.64 25.67 -11.19
CA ASN C 461 -60.26 25.93 -9.82
C ASN C 461 -61.04 27.13 -9.27
N GLN C 462 -61.39 27.05 -7.99
CA GLN C 462 -62.01 28.19 -7.32
C GLN C 462 -60.98 29.30 -7.10
N ILE C 463 -59.75 28.90 -6.78
CA ILE C 463 -58.66 29.81 -6.45
C ILE C 463 -57.43 29.47 -7.30
N SER C 464 -56.56 30.46 -7.47
CA SER C 464 -55.26 30.30 -8.06
C SER C 464 -54.23 30.03 -6.98
N SER C 465 -53.32 29.08 -7.23
CA SER C 465 -52.24 28.76 -6.30
C SER C 465 -51.00 29.63 -6.49
N SER C 466 -50.94 30.41 -7.57
CA SER C 466 -49.75 31.20 -7.87
C SER C 466 -50.03 32.70 -7.90
N VAL C 467 -50.91 33.17 -8.80
CA VAL C 467 -51.13 34.60 -8.97
C VAL C 467 -51.70 35.21 -7.69
N LYS C 468 -51.07 36.30 -7.24
CA LYS C 468 -51.48 37.01 -6.04
C LYS C 468 -52.45 38.15 -6.34
N ALA C 469 -52.77 38.39 -7.61
CA ALA C 469 -53.74 39.41 -8.01
C ALA C 469 -55.15 38.87 -7.76
N SER C 470 -55.53 38.86 -6.48
CA SER C 470 -56.73 38.16 -6.06
C SER C 470 -58.00 38.77 -6.67
N SER C 471 -58.05 40.09 -6.81
CA SER C 471 -59.24 40.72 -7.38
C SER C 471 -59.41 40.37 -8.86
N ILE C 472 -58.32 40.21 -9.60
CA ILE C 472 -58.42 39.87 -11.02
C ILE C 472 -58.77 38.40 -11.19
N VAL C 473 -58.13 37.52 -10.42
CA VAL C 473 -58.40 36.08 -10.52
C VAL C 473 -59.85 35.80 -10.15
N ALA C 474 -60.34 36.45 -9.09
CA ALA C 474 -61.73 36.27 -8.70
C ALA C 474 -62.69 36.71 -9.79
N SER C 475 -62.37 37.81 -10.48
CA SER C 475 -63.19 38.25 -11.60
C SER C 475 -63.14 37.25 -12.74
N LEU C 476 -61.99 36.61 -12.95
CA LEU C 476 -61.90 35.57 -13.98
C LEU C 476 -62.78 34.37 -13.64
N PHE C 477 -62.89 34.04 -12.36
CA PHE C 477 -63.75 32.95 -11.94
C PHE C 477 -65.23 33.29 -12.17
N LEU C 478 -65.64 34.48 -11.78
CA LEU C 478 -67.04 34.91 -11.98
C LEU C 478 -67.40 34.99 -13.45
N LYS C 479 -66.44 35.35 -14.31
CA LYS C 479 -66.74 35.47 -15.73
C LYS C 479 -67.17 34.15 -16.35
N GLU C 480 -66.69 33.03 -15.80
CA GLU C 480 -67.05 31.72 -16.32
C GLU C 480 -68.50 31.34 -16.07
N PHE C 481 -69.25 32.17 -15.34
CA PHE C 481 -70.65 31.88 -15.04
C PHE C 481 -71.60 32.90 -15.65
N VAL C 482 -71.10 33.72 -16.58
CA VAL C 482 -71.92 34.60 -17.41
C VAL C 482 -71.55 34.27 -18.85
N GLN C 483 -72.48 33.68 -19.59
CA GLN C 483 -72.16 33.13 -20.90
C GLN C 483 -72.37 34.13 -22.04
N ASN C 484 -73.47 34.87 -22.04
CA ASN C 484 -73.81 35.71 -23.19
C ASN C 484 -74.62 36.92 -22.75
N THR C 485 -74.19 37.58 -21.69
CA THR C 485 -74.87 38.78 -21.19
C THR C 485 -73.84 39.78 -20.70
N ALA C 486 -74.09 41.05 -20.98
CA ALA C 486 -73.24 42.12 -20.46
C ALA C 486 -73.23 42.08 -18.93
N TRP C 487 -72.03 42.00 -18.35
CA TRP C 487 -71.89 41.78 -16.92
C TRP C 487 -70.78 42.65 -16.36
N ALA C 488 -71.01 43.22 -15.18
CA ALA C 488 -70.01 44.02 -14.48
C ALA C 488 -69.95 43.57 -13.02
N HIS C 489 -68.78 43.76 -12.41
CA HIS C 489 -68.51 43.26 -11.07
C HIS C 489 -67.81 44.35 -10.27
N ILE C 490 -68.42 44.72 -9.14
CA ILE C 490 -67.92 45.81 -8.29
C ILE C 490 -67.42 45.20 -6.99
N ASP C 491 -66.11 45.32 -6.75
CA ASP C 491 -65.49 44.82 -5.53
C ASP C 491 -65.42 45.96 -4.51
N ILE C 492 -66.20 45.85 -3.43
CA ILE C 492 -66.29 46.89 -2.43
C ILE C 492 -65.68 46.44 -1.10
N ALA C 493 -64.78 45.45 -1.13
CA ALA C 493 -64.21 44.93 0.10
C ALA C 493 -63.38 45.97 0.83
N GLY C 494 -62.78 46.91 0.10
CA GLY C 494 -61.93 47.91 0.71
C GLY C 494 -62.65 49.18 1.14
N VAL C 495 -63.77 49.49 0.49
CA VAL C 495 -64.47 50.76 0.72
C VAL C 495 -65.74 50.61 1.55
N SER C 496 -66.14 49.39 1.89
CA SER C 496 -67.44 49.19 2.54
C SER C 496 -67.45 49.76 3.95
N TRP C 497 -66.35 49.58 4.70
CA TRP C 497 -66.31 49.98 6.10
C TRP C 497 -65.54 51.28 6.28
N ASN C 498 -66.09 52.17 7.10
CA ASN C 498 -65.46 53.43 7.47
C ASN C 498 -64.76 53.20 8.81
N PHE C 499 -63.43 53.08 8.77
CA PHE C 499 -62.68 52.74 9.97
C PHE C 499 -62.47 53.93 10.89
N LYS C 500 -62.42 55.14 10.34
CA LYS C 500 -62.30 56.32 11.20
C LYS C 500 -63.55 56.51 12.04
N ALA C 501 -64.73 56.34 11.45
CA ALA C 501 -65.99 56.51 12.16
C ALA C 501 -66.53 55.21 12.77
N ARG C 502 -65.90 54.07 12.47
CA ARG C 502 -66.30 52.78 13.03
C ARG C 502 -67.75 52.44 12.70
N LYS C 503 -68.10 52.59 11.43
CA LYS C 503 -69.48 52.36 10.99
C LYS C 503 -69.45 52.05 9.49
N PRO C 504 -70.49 51.38 8.97
CA PRO C 504 -70.54 51.13 7.54
C PRO C 504 -70.81 52.40 6.75
N LYS C 505 -70.56 52.33 5.45
CA LYS C 505 -70.82 53.45 4.55
C LYS C 505 -72.12 53.32 3.78
N GLY C 506 -72.69 52.12 3.68
CA GLY C 506 -73.78 51.91 2.76
C GLY C 506 -73.36 52.09 1.32
N PHE C 507 -72.11 51.76 1.01
CA PHE C 507 -71.55 52.01 -0.32
C PHE C 507 -72.28 51.20 -1.38
N GLY C 508 -72.60 51.85 -2.50
CA GLY C 508 -73.19 51.21 -3.65
C GLY C 508 -74.66 51.49 -3.86
N VAL C 509 -75.37 51.92 -2.81
CA VAL C 509 -76.81 52.16 -2.95
C VAL C 509 -77.07 53.26 -3.96
N ARG C 510 -76.43 54.41 -3.77
CA ARG C 510 -76.68 55.54 -4.69
C ARG C 510 -76.10 55.27 -6.07
N LEU C 511 -74.96 54.58 -6.13
CA LEU C 511 -74.37 54.25 -7.42
C LEU C 511 -75.28 53.33 -8.23
N LEU C 512 -75.80 52.28 -7.59
CA LEU C 512 -76.67 51.36 -8.30
C LEU C 512 -77.99 52.02 -8.68
N THR C 513 -78.50 52.90 -7.80
CA THR C 513 -79.76 53.58 -8.10
C THR C 513 -79.59 54.54 -9.27
N GLU C 514 -78.50 55.32 -9.29
CA GLU C 514 -78.24 56.20 -10.42
C GLU C 514 -78.08 55.40 -11.71
N PHE C 515 -77.49 54.21 -11.63
CA PHE C 515 -77.35 53.36 -12.81
C PHE C 515 -78.71 52.94 -13.34
N VAL C 516 -79.62 52.57 -12.44
CA VAL C 516 -80.96 52.14 -12.84
C VAL C 516 -81.79 53.32 -13.34
N LEU C 517 -81.63 54.49 -12.73
CA LEU C 517 -82.48 55.63 -13.05
C LEU C 517 -82.03 56.36 -14.30
N ASN C 518 -80.73 56.38 -14.60
CA ASN C 518 -80.20 57.14 -15.71
C ASN C 518 -79.95 56.29 -16.95
N ASP C 519 -80.50 55.09 -17.01
CA ASP C 519 -80.34 54.21 -18.17
C ASP C 519 -81.13 54.73 -19.36
N ALA D 1 -14.71 56.83 -16.53
CA ALA D 1 -14.87 55.54 -15.86
C ALA D 1 -14.17 55.53 -14.51
N SER D 2 -14.93 55.33 -13.44
CA SER D 2 -14.33 55.29 -12.11
C SER D 2 -13.76 53.91 -11.83
N GLU D 3 -13.20 53.73 -10.64
CA GLU D 3 -12.61 52.46 -10.24
C GLU D 3 -13.54 51.75 -9.27
N VAL D 4 -13.86 50.49 -9.56
CA VAL D 4 -14.78 49.72 -8.73
C VAL D 4 -14.00 49.23 -7.50
N PRO D 5 -14.45 49.57 -6.29
CA PRO D 5 -13.76 49.06 -5.10
C PRO D 5 -14.02 47.58 -4.88
N GLN D 6 -13.05 46.92 -4.25
CA GLN D 6 -13.15 45.50 -3.95
C GLN D 6 -12.88 45.27 -2.47
N VAL D 7 -13.47 44.21 -1.94
CA VAL D 7 -13.12 43.72 -0.61
C VAL D 7 -11.97 42.73 -0.69
N VAL D 8 -12.07 41.78 -1.63
CA VAL D 8 -11.00 40.86 -1.95
C VAL D 8 -10.69 41.00 -3.44
N SER D 9 -9.51 40.52 -3.83
CA SER D 9 -9.06 40.66 -5.21
C SER D 9 -9.92 39.88 -6.19
N LEU D 10 -10.71 38.91 -5.70
CA LEU D 10 -11.57 38.12 -6.58
C LEU D 10 -12.89 38.79 -6.89
N ASP D 11 -13.18 39.94 -6.30
CA ASP D 11 -14.41 40.65 -6.60
C ASP D 11 -14.36 41.21 -8.02
N PRO D 12 -15.40 41.03 -8.83
CA PRO D 12 -15.37 41.54 -10.20
C PRO D 12 -15.43 43.07 -10.22
N THR D 13 -14.85 43.64 -11.27
CA THR D 13 -14.75 45.09 -11.40
C THR D 13 -15.52 45.64 -12.61
N SER D 14 -16.29 44.81 -13.30
CA SER D 14 -17.06 45.28 -14.44
C SER D 14 -18.16 44.27 -14.75
N ILE D 15 -19.20 44.75 -15.42
CA ILE D 15 -20.32 43.91 -15.85
C ILE D 15 -19.98 43.35 -17.22
N PRO D 16 -19.90 42.02 -17.38
CA PRO D 16 -19.72 41.44 -18.71
C PRO D 16 -20.96 41.71 -19.57
N ILE D 17 -20.73 42.28 -20.76
CA ILE D 17 -21.80 42.66 -21.67
C ILE D 17 -21.53 42.04 -23.03
N GLU D 18 -22.51 41.33 -23.57
CA GLU D 18 -22.44 40.75 -24.90
C GLU D 18 -23.15 41.68 -25.89
N TYR D 19 -22.38 42.31 -26.77
CA TYR D 19 -22.96 43.20 -27.76
C TYR D 19 -23.32 42.46 -29.05
N ASN D 20 -22.41 41.63 -29.56
CA ASN D 20 -22.62 40.88 -30.80
C ASN D 20 -23.21 39.52 -30.45
N THR D 21 -24.53 39.43 -30.44
CA THR D 21 -25.19 38.18 -30.11
C THR D 21 -25.42 37.36 -31.38
N PRO D 22 -25.57 36.03 -31.24
CA PRO D 22 -25.89 35.20 -32.42
C PRO D 22 -27.15 35.63 -33.14
N ILE D 23 -28.08 36.30 -32.45
CA ILE D 23 -29.29 36.80 -33.11
C ILE D 23 -28.92 37.78 -34.23
N HIS D 24 -27.86 38.57 -34.03
CA HIS D 24 -27.47 39.56 -35.03
C HIS D 24 -26.95 38.92 -36.31
N ASP D 25 -26.55 37.65 -36.27
CA ASP D 25 -26.08 36.95 -37.44
C ASP D 25 -27.19 36.23 -38.20
N ILE D 26 -28.44 36.38 -37.77
CA ILE D 26 -29.57 35.71 -38.40
C ILE D 26 -30.06 36.57 -39.55
N LYS D 27 -29.98 36.03 -40.77
CA LYS D 27 -30.51 36.69 -41.95
C LYS D 27 -32.00 36.40 -42.05
N VAL D 28 -32.82 37.45 -42.10
CA VAL D 28 -34.27 37.33 -42.08
C VAL D 28 -34.80 37.58 -43.48
N GLN D 29 -35.63 36.66 -43.97
CA GLN D 29 -36.24 36.74 -45.29
C GLN D 29 -37.76 36.67 -45.12
N VAL D 30 -38.47 37.58 -45.79
CA VAL D 30 -39.92 37.65 -45.72
C VAL D 30 -40.49 37.45 -47.11
N TYR D 31 -41.30 36.41 -47.28
CA TYR D 31 -41.96 36.10 -48.54
C TYR D 31 -43.47 36.21 -48.37
N ASP D 32 -44.15 36.42 -49.49
CA ASP D 32 -45.61 36.46 -49.47
C ASP D 32 -46.18 35.05 -49.49
N ILE D 33 -47.20 34.83 -48.66
CA ILE D 33 -47.78 33.50 -48.52
C ILE D 33 -48.56 33.09 -49.76
N LYS D 34 -49.07 34.05 -50.54
CA LYS D 34 -49.93 33.73 -51.67
C LYS D 34 -49.18 33.04 -52.81
N GLY D 35 -47.86 32.94 -52.74
CA GLY D 35 -47.08 32.30 -53.78
C GLY D 35 -46.59 30.91 -53.46
N GLY D 36 -47.05 30.32 -52.36
CA GLY D 36 -46.60 28.99 -51.99
C GLY D 36 -45.32 29.04 -51.17
N CYS D 37 -45.14 28.01 -50.35
CA CYS D 37 -43.97 27.91 -49.48
C CYS D 37 -43.00 26.86 -50.01
N ASN D 38 -41.72 27.21 -50.01
CA ASN D 38 -40.66 26.30 -50.40
C ASN D 38 -40.09 25.64 -49.15
N VAL D 39 -40.12 24.31 -49.11
CA VAL D 39 -39.56 23.54 -48.00
C VAL D 39 -38.37 22.78 -48.58
N GLU D 40 -37.17 23.32 -48.42
CA GLU D 40 -35.99 22.72 -49.02
C GLU D 40 -34.92 22.43 -47.98
N GLU D 41 -34.83 23.26 -46.96
CA GLU D 41 -33.81 23.09 -45.93
C GLU D 41 -34.36 23.52 -44.58
N GLY D 42 -33.69 23.06 -43.52
CA GLY D 42 -33.96 23.52 -42.18
C GLY D 42 -35.28 23.02 -41.63
N LEU D 43 -35.88 23.84 -40.76
CA LEU D 43 -37.11 23.49 -40.07
C LEU D 43 -38.21 24.45 -40.51
N THR D 44 -39.37 23.89 -40.87
CA THR D 44 -40.51 24.69 -41.30
C THR D 44 -41.68 24.46 -40.34
N ILE D 45 -42.17 25.54 -39.74
CA ILE D 45 -43.23 25.48 -38.74
C ILE D 45 -44.41 26.31 -39.25
N PHE D 46 -45.60 25.71 -39.20
CA PHE D 46 -46.84 26.38 -39.60
C PHE D 46 -47.60 26.85 -38.36
N LEU D 47 -47.98 28.12 -38.35
CA LEU D 47 -48.81 28.68 -37.28
C LEU D 47 -50.27 28.51 -37.69
N VAL D 48 -50.95 27.53 -37.09
CA VAL D 48 -52.29 27.13 -37.50
C VAL D 48 -53.27 27.37 -36.36
N ASN D 49 -54.52 27.66 -36.72
CA ASN D 49 -55.61 27.84 -35.78
C ASN D 49 -56.86 27.19 -36.36
N ASN D 50 -57.89 27.05 -35.52
CA ASN D 50 -59.17 26.50 -35.97
C ASN D 50 -60.29 27.31 -35.33
N PRO D 51 -60.77 28.35 -36.00
CA PRO D 51 -61.81 29.19 -35.41
C PRO D 51 -63.10 28.41 -35.20
N GLY D 52 -63.74 28.66 -34.06
CA GLY D 52 -64.97 27.97 -33.71
C GLY D 52 -64.73 26.65 -33.03
N LYS D 53 -63.98 25.76 -33.68
CA LYS D 53 -63.73 24.42 -33.15
C LYS D 53 -62.69 24.50 -32.03
N GLU D 54 -63.17 24.57 -30.80
CA GLU D 54 -62.34 24.59 -29.60
C GLU D 54 -61.45 23.35 -29.53
N ASN D 55 -60.17 23.51 -29.89
CA ASN D 55 -59.19 22.42 -29.94
C ASN D 55 -59.43 21.54 -31.17
N GLY D 56 -59.83 22.17 -32.27
CA GLY D 56 -60.11 21.46 -33.49
C GLY D 56 -58.86 20.92 -34.15
N PRO D 57 -59.04 20.15 -35.22
CA PRO D 57 -57.89 19.53 -35.88
C PRO D 57 -57.05 20.55 -36.63
N VAL D 58 -55.82 20.15 -36.93
CA VAL D 58 -54.89 20.97 -37.70
C VAL D 58 -55.17 20.79 -39.19
N LYS D 59 -55.20 21.89 -39.93
CA LYS D 59 -55.41 21.85 -41.37
C LYS D 59 -54.44 22.83 -42.03
N ILE D 60 -53.56 22.30 -42.86
CA ILE D 60 -52.58 23.11 -43.59
C ILE D 60 -53.20 23.54 -44.91
N SER D 61 -53.30 24.85 -45.13
CA SER D 61 -53.92 25.36 -46.35
C SER D 61 -52.93 25.83 -47.39
N SER D 62 -51.67 26.07 -47.02
CA SER D 62 -50.70 26.60 -47.98
C SER D 62 -50.17 25.50 -48.89
N LYS D 63 -49.96 25.83 -50.16
CA LYS D 63 -49.33 24.92 -51.10
C LYS D 63 -47.82 24.93 -50.89
N VAL D 64 -47.23 23.75 -50.71
CA VAL D 64 -45.80 23.59 -50.53
C VAL D 64 -45.22 22.97 -51.80
N ASN D 65 -44.17 23.58 -52.35
CA ASN D 65 -43.57 23.13 -53.59
C ASN D 65 -42.64 21.94 -53.38
N ASP D 66 -43.13 20.91 -52.69
CA ASP D 66 -42.38 19.68 -52.46
C ASP D 66 -43.35 18.53 -52.30
N LYS D 67 -43.18 17.49 -53.12
CA LYS D 67 -44.15 16.39 -53.13
C LYS D 67 -44.15 15.61 -51.83
N GLN D 68 -42.96 15.30 -51.29
CA GLN D 68 -42.90 14.52 -50.05
C GLN D 68 -43.53 15.28 -48.88
N VAL D 69 -43.21 16.57 -48.76
CA VAL D 69 -43.77 17.37 -47.67
C VAL D 69 -45.27 17.56 -47.88
N SER D 70 -45.70 17.77 -49.13
CA SER D 70 -47.12 17.94 -49.41
C SER D 70 -47.92 16.73 -48.97
N GLU D 71 -47.37 15.52 -49.17
CA GLU D 71 -48.06 14.33 -48.69
C GLU D 71 -48.10 14.29 -47.17
N PHE D 72 -47.01 14.71 -46.52
CA PHE D 72 -46.99 14.75 -45.06
C PHE D 72 -48.05 15.70 -44.52
N LEU D 73 -48.24 16.84 -45.19
CA LEU D 73 -49.18 17.86 -44.73
C LEU D 73 -50.60 17.64 -45.24
N LYS D 74 -50.92 16.46 -45.76
CA LYS D 74 -52.27 16.20 -46.21
C LYS D 74 -53.24 16.18 -45.02
N ASP D 75 -54.51 16.46 -45.33
CA ASP D 75 -55.51 16.64 -44.27
C ASP D 75 -55.67 15.40 -43.41
N GLU D 76 -55.64 14.22 -44.02
CA GLU D 76 -55.80 12.98 -43.25
C GLU D 76 -54.69 12.82 -42.22
N ASN D 77 -53.48 13.31 -42.52
CA ASN D 77 -52.38 13.21 -41.56
C ASN D 77 -52.44 14.29 -40.50
N MET D 78 -52.83 15.51 -40.87
CA MET D 78 -52.76 16.62 -39.92
C MET D 78 -53.94 16.66 -38.96
N GLU D 79 -55.04 15.98 -39.27
CA GLU D 79 -56.19 15.99 -38.37
C GLU D 79 -55.92 15.25 -37.07
N LYS D 80 -54.86 14.43 -37.02
CA LYS D 80 -54.52 13.72 -35.80
C LYS D 80 -53.91 14.64 -34.74
N PHE D 81 -53.59 15.87 -35.11
CA PHE D 81 -53.08 16.88 -34.19
C PHE D 81 -54.12 17.98 -34.02
N ASN D 82 -54.14 18.61 -32.85
CA ASN D 82 -55.10 19.66 -32.54
C ASN D 82 -54.38 21.00 -32.42
N VAL D 83 -55.18 22.07 -32.38
CA VAL D 83 -54.66 23.43 -32.46
C VAL D 83 -54.66 24.12 -31.11
N LYS D 84 -54.72 23.36 -30.01
CA LYS D 84 -54.67 23.95 -28.68
C LYS D 84 -53.45 24.85 -28.55
N LEU D 85 -53.66 26.03 -27.95
CA LEU D 85 -52.61 27.03 -27.89
C LEU D 85 -51.36 26.48 -27.22
N GLY D 86 -50.24 26.51 -27.96
CA GLY D 86 -48.98 26.04 -27.47
C GLY D 86 -48.61 24.64 -27.90
N THR D 87 -49.58 23.83 -28.30
CA THR D 87 -49.28 22.47 -28.73
C THR D 87 -48.50 22.49 -30.03
N SER D 88 -47.53 21.59 -30.15
CA SER D 88 -46.69 21.56 -31.34
C SER D 88 -46.17 20.15 -31.59
N LYS D 89 -45.96 19.84 -32.86
CA LYS D 89 -45.30 18.61 -33.28
C LYS D 89 -44.44 18.94 -34.48
N HIS D 90 -43.24 18.36 -34.55
CA HIS D 90 -42.40 18.48 -35.73
C HIS D 90 -41.84 17.10 -36.08
N PHE D 91 -41.73 16.82 -37.37
CA PHE D 91 -41.25 15.54 -37.87
C PHE D 91 -40.04 15.77 -38.79
N TYR D 92 -39.16 14.78 -38.84
CA TYR D 92 -37.99 14.79 -39.70
C TYR D 92 -38.20 13.83 -40.84
N MET D 93 -37.88 14.27 -42.05
CA MET D 93 -38.13 13.47 -43.24
C MET D 93 -37.19 13.93 -44.35
N PHE D 94 -37.24 13.21 -45.47
CA PHE D 94 -36.49 13.54 -46.67
C PHE D 94 -37.42 14.17 -47.70
N ASN D 95 -36.93 15.23 -48.35
CA ASN D 95 -37.73 15.96 -49.33
C ASN D 95 -37.53 15.31 -50.71
N ASP D 96 -38.00 16.00 -51.76
CA ASP D 96 -37.88 15.45 -53.11
C ASP D 96 -36.43 15.25 -53.51
N ASN D 97 -35.53 16.12 -53.05
CA ASN D 97 -34.12 16.04 -53.38
C ASN D 97 -33.32 15.19 -52.40
N LYS D 98 -33.99 14.34 -51.62
CA LYS D 98 -33.33 13.45 -50.65
C LYS D 98 -32.52 14.24 -49.62
N ASN D 99 -33.03 15.40 -49.21
CA ASN D 99 -32.41 16.22 -48.18
C ASN D 99 -33.22 16.15 -46.91
N SER D 100 -32.53 16.11 -45.77
CA SER D 100 -33.21 16.04 -44.48
C SER D 100 -33.86 17.38 -44.16
N VAL D 101 -35.16 17.36 -43.91
CA VAL D 101 -35.92 18.55 -43.54
C VAL D 101 -36.79 18.22 -42.34
N ALA D 102 -37.12 19.25 -41.57
CA ALA D 102 -38.03 19.13 -40.42
C ALA D 102 -39.25 20.01 -40.66
N VAL D 103 -40.44 19.41 -40.53
CA VAL D 103 -41.69 20.11 -40.76
C VAL D 103 -42.58 19.93 -39.54
N GLY D 104 -43.34 20.97 -39.20
CA GLY D 104 -44.21 20.89 -38.05
C GLY D 104 -45.18 22.05 -37.99
N TYR D 105 -45.86 22.16 -36.85
CA TYR D 105 -46.84 23.20 -36.63
C TYR D 105 -46.81 23.63 -35.17
N VAL D 106 -47.40 24.80 -34.90
CA VAL D 106 -47.67 25.27 -33.55
C VAL D 106 -49.12 25.72 -33.48
N GLY D 107 -49.88 25.19 -32.54
CA GLY D 107 -51.28 25.53 -32.43
C GLY D 107 -51.49 26.94 -31.90
N CYS D 108 -52.41 27.67 -32.54
CA CYS D 108 -52.71 29.05 -32.16
C CYS D 108 -54.14 29.21 -31.65
N GLY D 109 -54.75 28.12 -31.17
CA GLY D 109 -56.06 28.21 -30.55
C GLY D 109 -57.19 28.35 -31.55
N SER D 110 -58.30 28.90 -31.06
CA SER D 110 -59.51 29.05 -31.86
C SER D 110 -59.97 30.48 -32.00
N VAL D 111 -59.30 31.43 -31.36
CA VAL D 111 -59.62 32.85 -31.49
C VAL D 111 -58.75 33.44 -32.60
N ALA D 112 -59.37 34.26 -33.45
CA ALA D 112 -58.65 34.81 -34.60
C ALA D 112 -57.61 35.84 -34.17
N ASP D 113 -57.91 36.63 -33.14
CA ASP D 113 -57.03 37.70 -32.69
C ASP D 113 -56.20 37.22 -31.51
N LEU D 114 -54.90 37.07 -31.73
CA LEU D 114 -53.98 36.64 -30.68
C LEU D 114 -53.51 37.84 -29.87
N SER D 115 -53.60 37.73 -28.54
CA SER D 115 -53.06 38.75 -27.67
C SER D 115 -51.54 38.63 -27.58
N GLU D 116 -50.92 39.60 -26.91
CA GLU D 116 -49.48 39.52 -26.68
C GLU D 116 -49.13 38.30 -25.83
N ALA D 117 -50.01 37.93 -24.90
CA ALA D 117 -49.79 36.72 -24.10
C ALA D 117 -49.91 35.47 -24.95
N ASP D 118 -50.87 35.46 -25.88
CA ASP D 118 -51.03 34.31 -26.77
C ASP D 118 -49.81 34.16 -27.68
N MET D 119 -49.31 35.27 -28.22
CA MET D 119 -48.12 35.22 -29.07
C MET D 119 -46.91 34.71 -28.28
N LYS D 120 -46.83 35.04 -26.98
CA LYS D 120 -45.74 34.54 -26.16
C LYS D 120 -45.78 33.02 -26.06
N ARG D 121 -46.97 32.44 -25.91
CA ARG D 121 -47.08 30.99 -25.82
C ARG D 121 -46.69 30.32 -27.13
N VAL D 122 -47.05 30.94 -28.27
CA VAL D 122 -46.66 30.40 -29.57
C VAL D 122 -45.16 30.47 -29.74
N VAL D 123 -44.56 31.61 -29.37
CA VAL D 123 -43.11 31.77 -29.52
C VAL D 123 -42.36 30.82 -28.61
N LEU D 124 -42.84 30.65 -27.37
CA LEU D 124 -42.17 29.75 -26.44
C LEU D 124 -42.20 28.31 -26.93
N SER D 125 -43.30 27.91 -27.57
CA SER D 125 -43.34 26.59 -28.19
C SER D 125 -42.35 26.50 -29.35
N LEU D 126 -42.20 27.60 -30.11
CA LEU D 126 -41.23 27.62 -31.19
C LEU D 126 -39.80 27.53 -30.66
N VAL D 127 -39.50 28.28 -29.59
CA VAL D 127 -38.15 28.29 -29.05
C VAL D 127 -37.78 26.94 -28.45
N THR D 128 -38.75 26.22 -27.88
CA THR D 128 -38.48 24.89 -27.37
C THR D 128 -37.97 23.96 -28.48
N MET D 129 -38.50 24.13 -29.69
CA MET D 129 -38.01 23.35 -30.82
C MET D 129 -36.66 23.83 -31.32
N LEU D 130 -36.37 25.12 -31.17
CA LEU D 130 -35.08 25.64 -31.62
C LEU D 130 -33.95 25.24 -30.70
N HIS D 131 -34.21 25.08 -29.41
CA HIS D 131 -33.18 24.69 -28.45
C HIS D 131 -32.85 23.21 -28.53
N ASP D 132 -33.49 22.49 -29.44
CA ASP D 132 -33.29 21.06 -29.67
C ASP D 132 -33.16 20.79 -31.16
N ASN D 133 -32.57 21.73 -31.90
CA ASN D 133 -32.45 21.61 -33.34
C ASN D 133 -31.12 22.20 -33.78
N LYS D 134 -30.29 21.37 -34.41
CA LYS D 134 -28.97 21.76 -34.88
C LYS D 134 -29.00 22.22 -36.34
N LEU D 135 -30.17 22.54 -36.86
CA LEU D 135 -30.37 22.91 -38.24
C LEU D 135 -30.07 24.39 -38.46
N SER D 136 -29.85 24.74 -39.73
CA SER D 136 -29.35 26.07 -40.09
C SER D 136 -30.45 27.10 -40.39
N LYS D 137 -31.66 26.67 -40.71
CA LYS D 137 -32.70 27.63 -41.06
C LYS D 137 -34.03 27.25 -40.43
N LEU D 138 -34.77 28.26 -39.98
CA LEU D 138 -36.13 28.09 -39.50
C LEU D 138 -37.05 28.93 -40.37
N THR D 139 -38.14 28.33 -40.81
CA THR D 139 -39.13 29.01 -41.63
C THR D 139 -40.48 28.96 -40.93
N VAL D 140 -41.09 30.12 -40.74
CA VAL D 140 -42.38 30.24 -40.07
C VAL D 140 -43.40 30.67 -41.09
N VAL D 141 -44.49 29.90 -41.20
CA VAL D 141 -45.55 30.15 -42.16
C VAL D 141 -46.77 30.62 -41.38
N PHE D 142 -47.17 31.88 -41.60
CA PHE D 142 -48.26 32.49 -40.85
C PHE D 142 -49.58 32.16 -41.54
N GLU D 143 -50.26 31.13 -41.05
CA GLU D 143 -51.62 30.84 -41.47
C GLU D 143 -52.64 31.45 -40.51
N ILE D 144 -52.24 32.50 -39.80
CA ILE D 144 -53.09 33.26 -38.89
C ILE D 144 -52.96 34.73 -39.25
N ASN D 145 -53.80 35.55 -38.62
CA ASN D 145 -53.90 36.97 -38.94
C ASN D 145 -53.27 37.80 -37.82
N VAL D 146 -52.19 38.51 -38.14
CA VAL D 146 -51.51 39.39 -37.20
C VAL D 146 -51.22 40.71 -37.91
N ASP D 147 -51.32 41.82 -37.17
CA ASP D 147 -51.00 43.12 -37.72
C ASP D 147 -49.49 43.34 -37.70
N LYS D 148 -49.08 44.53 -38.17
CA LYS D 148 -47.65 44.84 -38.23
C LYS D 148 -47.02 44.89 -36.84
N ASN D 149 -47.74 45.45 -35.86
CA ASN D 149 -47.18 45.56 -34.51
C ASN D 149 -47.00 44.19 -33.87
N LEU D 150 -47.99 43.31 -33.99
CA LEU D 150 -47.87 41.99 -33.40
C LEU D 150 -46.82 41.14 -34.11
N PHE D 151 -46.64 41.35 -35.43
CA PHE D 151 -45.59 40.64 -36.14
C PHE D 151 -44.21 41.05 -35.65
N ARG D 152 -44.00 42.35 -35.45
CA ARG D 152 -42.74 42.80 -34.86
C ARG D 152 -42.56 42.24 -33.46
N PHE D 153 -43.64 42.20 -32.68
CA PHE D 153 -43.58 41.60 -31.35
C PHE D 153 -43.21 40.13 -31.43
N PHE D 154 -43.71 39.43 -32.46
CA PHE D 154 -43.35 38.03 -32.66
C PHE D 154 -41.84 37.87 -32.86
N LEU D 155 -41.24 38.74 -33.68
CA LEU D 155 -39.81 38.65 -33.95
C LEU D 155 -38.99 39.02 -32.71
N GLU D 156 -39.38 40.10 -32.02
CA GLU D 156 -38.69 40.49 -30.79
C GLU D 156 -38.73 39.37 -29.76
N THR D 157 -39.92 38.82 -29.51
CA THR D 157 -40.04 37.75 -28.52
C THR D 157 -39.27 36.51 -28.93
N LEU D 158 -39.31 36.18 -30.23
CA LEU D 158 -38.52 35.05 -30.72
C LEU D 158 -37.04 35.29 -30.49
N PHE D 159 -36.54 36.46 -30.89
CA PHE D 159 -35.13 36.77 -30.71
C PHE D 159 -34.75 36.76 -29.22
N TYR D 160 -35.59 37.35 -28.37
CA TYR D 160 -35.26 37.47 -26.96
C TYR D 160 -35.24 36.11 -26.28
N GLU D 161 -36.31 35.32 -26.47
CA GLU D 161 -36.38 34.01 -25.81
C GLU D 161 -35.37 33.02 -26.39
N TYR D 162 -35.07 33.14 -27.69
CA TYR D 162 -34.07 32.27 -28.31
C TYR D 162 -32.70 32.47 -27.70
N MET D 163 -32.36 33.72 -27.37
CA MET D 163 -31.04 34.04 -26.83
C MET D 163 -30.88 33.46 -25.43
N THR D 164 -29.69 32.93 -25.16
CA THR D 164 -29.35 32.33 -23.87
C THR D 164 -28.17 33.07 -23.26
N ASP D 165 -28.32 33.53 -22.03
CA ASP D 165 -27.30 34.29 -21.32
C ASP D 165 -26.34 33.32 -20.64
N GLU D 166 -25.09 33.29 -21.10
CA GLU D 166 -24.08 32.39 -20.55
C GLU D 166 -22.87 33.15 -19.99
N ARG D 167 -23.04 34.44 -19.66
CA ARG D 167 -21.91 35.25 -19.20
C ARG D 167 -21.30 34.70 -17.92
N PHE D 168 -22.09 34.05 -17.07
CA PHE D 168 -21.61 33.55 -15.79
C PHE D 168 -21.46 32.03 -15.78
N LYS D 169 -21.56 31.39 -16.93
CA LYS D 169 -21.32 29.97 -17.09
C LYS D 169 -19.85 29.74 -17.46
N SER D 170 -19.22 28.78 -16.78
CA SER D 170 -17.86 28.40 -17.12
C SER D 170 -17.83 27.14 -17.98
N MET D 177 -27.56 22.15 -29.40
CA MET D 177 -28.05 22.94 -30.52
C MET D 177 -26.99 23.88 -31.08
N GLU D 178 -27.25 24.39 -32.27
CA GLU D 178 -26.50 25.50 -32.85
C GLU D 178 -27.49 26.57 -33.25
N TYR D 179 -27.06 27.83 -33.21
CA TYR D 179 -27.98 28.91 -33.56
C TYR D 179 -28.23 28.90 -35.07
N ILE D 180 -29.45 29.24 -35.45
CA ILE D 180 -29.78 29.33 -36.86
C ILE D 180 -29.06 30.52 -37.49
N LYS D 181 -28.83 30.43 -38.80
CA LYS D 181 -28.22 31.51 -39.56
C LYS D 181 -29.20 32.18 -40.50
N HIS D 182 -30.37 31.59 -40.71
CA HIS D 182 -31.40 32.12 -41.60
C HIS D 182 -32.76 31.95 -40.97
N LEU D 183 -33.62 32.95 -41.16
CA LEU D 183 -35.00 32.89 -40.69
C LEU D 183 -35.89 33.31 -41.85
N GLY D 184 -36.78 32.42 -42.27
CA GLY D 184 -37.73 32.69 -43.34
C GLY D 184 -39.13 32.86 -42.75
N VAL D 185 -39.86 33.84 -43.28
CA VAL D 185 -41.20 34.15 -42.81
C VAL D 185 -42.13 34.22 -44.02
N TYR D 186 -43.20 33.43 -43.99
CA TYR D 186 -44.23 33.48 -45.02
C TYR D 186 -45.47 34.11 -44.39
N ILE D 187 -45.96 35.19 -45.01
CA ILE D 187 -47.08 35.94 -44.45
C ILE D 187 -47.74 36.72 -45.59
N ASN D 188 -49.06 36.90 -45.48
CA ASN D 188 -49.77 37.75 -46.42
C ASN D 188 -49.29 39.19 -46.32
N ASN D 189 -49.19 39.85 -47.48
CA ASN D 189 -48.71 41.23 -47.59
C ASN D 189 -47.31 41.37 -46.97
N ALA D 190 -46.40 40.52 -47.44
CA ALA D 190 -45.03 40.52 -46.92
C ALA D 190 -44.37 41.89 -47.04
N ASP D 191 -44.70 42.66 -48.09
CA ASP D 191 -44.01 43.92 -48.31
C ASP D 191 -44.23 44.92 -47.18
N THR D 192 -45.40 44.90 -46.56
CA THR D 192 -45.68 45.83 -45.47
C THR D 192 -45.02 45.41 -44.15
N TYR D 193 -44.67 44.14 -44.00
CA TYR D 193 -44.04 43.67 -42.77
C TYR D 193 -42.52 43.71 -42.82
N LYS D 194 -41.93 43.95 -43.99
CA LYS D 194 -40.47 43.87 -44.12
C LYS D 194 -39.78 44.96 -43.32
N GLU D 195 -40.39 46.14 -43.21
CA GLU D 195 -39.75 47.22 -42.46
C GLU D 195 -39.73 46.96 -40.96
N GLU D 196 -40.52 46.02 -40.47
CA GLU D 196 -40.55 45.69 -39.05
C GLU D 196 -39.41 44.77 -38.64
N VAL D 197 -38.70 44.16 -39.60
CA VAL D 197 -37.68 43.18 -39.26
C VAL D 197 -36.52 43.82 -38.52
N GLU D 198 -35.91 44.85 -39.11
CA GLU D 198 -34.75 45.48 -38.48
C GLU D 198 -35.16 46.28 -37.26
N LYS D 199 -36.40 46.76 -37.21
CA LYS D 199 -36.89 47.41 -36.00
C LYS D 199 -37.02 46.42 -34.86
N ALA D 200 -37.46 45.20 -35.17
CA ALA D 200 -37.53 44.16 -34.14
C ALA D 200 -36.14 43.80 -33.62
N ARG D 201 -35.15 43.76 -34.52
CA ARG D 201 -33.79 43.43 -34.09
C ARG D 201 -33.23 44.50 -33.16
N VAL D 202 -33.52 45.77 -33.44
CA VAL D 202 -33.09 46.84 -32.56
C VAL D 202 -33.83 46.75 -31.22
N TYR D 203 -35.14 46.55 -31.28
CA TYR D 203 -35.92 46.40 -30.05
C TYR D 203 -35.48 45.18 -29.27
N TYR D 204 -35.04 44.12 -29.96
CA TYR D 204 -34.59 42.92 -29.28
C TYR D 204 -33.38 43.21 -28.39
N PHE D 205 -32.36 43.88 -28.95
CA PHE D 205 -31.15 44.07 -28.17
C PHE D 205 -31.35 45.06 -27.03
N GLY D 206 -32.15 46.10 -27.24
CA GLY D 206 -32.48 46.99 -26.15
C GLY D 206 -33.09 46.26 -24.97
N THR D 207 -34.00 45.32 -25.25
CA THR D 207 -34.57 44.49 -24.19
C THR D 207 -33.54 43.52 -23.62
N TYR D 208 -32.73 42.91 -24.50
CA TYR D 208 -31.73 41.95 -24.02
C TYR D 208 -30.61 42.65 -23.27
N TYR D 209 -30.23 43.85 -23.69
CA TYR D 209 -29.22 44.62 -22.96
C TYR D 209 -29.70 44.93 -21.55
N ALA D 210 -30.95 45.37 -21.42
CA ALA D 210 -31.52 45.60 -20.09
C ALA D 210 -31.56 44.31 -19.29
N SER D 211 -31.90 43.19 -19.94
CA SER D 211 -31.92 41.91 -19.25
C SER D 211 -30.54 41.53 -18.71
N GLN D 212 -29.48 41.86 -19.46
CA GLN D 212 -28.13 41.56 -19.01
C GLN D 212 -27.78 42.34 -17.76
N LEU D 213 -28.19 43.61 -17.69
CA LEU D 213 -27.92 44.42 -16.51
C LEU D 213 -28.72 43.94 -15.31
N ILE D 214 -30.00 43.58 -15.52
CA ILE D 214 -30.83 43.12 -14.42
C ILE D 214 -30.36 41.77 -13.91
N ALA D 215 -30.11 40.83 -14.81
CA ALA D 215 -29.70 39.49 -14.40
C ALA D 215 -28.33 39.49 -13.74
N ALA D 216 -27.48 40.47 -14.08
CA ALA D 216 -26.16 40.56 -13.50
C ALA D 216 -26.26 40.71 -11.98
N PRO D 217 -25.63 39.85 -11.20
CA PRO D 217 -25.77 39.95 -9.73
C PRO D 217 -25.17 41.24 -9.20
N SER D 218 -25.50 41.53 -7.94
CA SER D 218 -25.17 42.82 -7.36
C SER D 218 -23.67 43.00 -7.14
N ASN D 219 -22.90 41.92 -7.07
CA ASN D 219 -21.46 42.06 -6.96
C ASN D 219 -20.84 42.41 -8.32
N TYR D 220 -21.45 41.98 -9.41
CA TYR D 220 -21.00 42.41 -10.73
C TYR D 220 -21.58 43.77 -11.09
N CYS D 221 -22.88 43.96 -10.87
CA CYS D 221 -23.58 45.19 -11.22
C CYS D 221 -23.77 46.01 -9.94
N ASN D 222 -22.86 46.94 -9.70
CA ASN D 222 -22.89 47.84 -8.56
C ASN D 222 -23.00 49.27 -9.07
N PRO D 223 -23.23 50.27 -8.21
CA PRO D 223 -23.36 51.64 -8.72
C PRO D 223 -22.18 52.12 -9.56
N VAL D 224 -20.97 51.69 -9.24
CA VAL D 224 -19.81 52.14 -10.01
C VAL D 224 -19.73 51.41 -11.35
N SER D 225 -19.88 50.09 -11.33
CA SER D 225 -19.80 49.32 -12.58
C SER D 225 -20.98 49.58 -13.48
N LEU D 226 -22.16 49.87 -12.92
CA LEU D 226 -23.33 50.15 -13.75
C LEU D 226 -23.18 51.49 -14.47
N SER D 227 -22.69 52.51 -13.78
CA SER D 227 -22.45 53.79 -14.43
C SER D 227 -21.34 53.69 -15.46
N ASN D 228 -20.32 52.85 -15.21
CA ASN D 228 -19.29 52.62 -16.20
C ASN D 228 -19.88 52.00 -17.47
N ALA D 229 -20.80 51.05 -17.31
CA ALA D 229 -21.44 50.43 -18.47
C ALA D 229 -22.29 51.44 -19.24
N ALA D 230 -22.92 52.39 -18.53
CA ALA D 230 -23.69 53.42 -19.20
C ALA D 230 -22.79 54.34 -20.03
N VAL D 231 -21.62 54.67 -19.50
CA VAL D 231 -20.65 55.49 -20.25
C VAL D 231 -20.19 54.74 -21.49
N GLU D 232 -19.83 53.46 -21.33
CA GLU D 232 -19.39 52.66 -22.47
C GLU D 232 -20.48 52.55 -23.52
N LEU D 233 -21.74 52.40 -23.10
CA LEU D 233 -22.84 52.36 -24.05
C LEU D 233 -23.02 53.71 -24.73
N ALA D 234 -22.95 54.80 -23.97
CA ALA D 234 -23.10 56.13 -24.56
C ALA D 234 -21.99 56.43 -25.54
N GLN D 235 -20.77 55.96 -25.26
CA GLN D 235 -19.66 56.19 -26.17
C GLN D 235 -19.85 55.40 -27.47
N LYS D 236 -20.38 54.18 -27.38
CA LYS D 236 -20.60 53.38 -28.58
C LYS D 236 -21.72 53.95 -29.44
N LEU D 237 -22.66 54.69 -28.84
CA LEU D 237 -23.79 55.25 -29.55
C LEU D 237 -23.63 56.72 -29.88
N ASN D 238 -22.49 57.32 -29.51
CA ASN D 238 -22.22 58.74 -29.73
C ASN D 238 -23.25 59.62 -29.02
N LEU D 239 -23.64 59.20 -27.82
CA LEU D 239 -24.51 60.00 -26.97
C LEU D 239 -23.67 60.85 -26.01
N GLU D 240 -24.18 62.03 -25.69
CA GLU D 240 -23.58 62.83 -24.62
C GLU D 240 -23.83 62.14 -23.28
N TYR D 241 -22.81 62.15 -22.41
CA TYR D 241 -22.91 61.47 -21.14
C TYR D 241 -22.25 62.30 -20.05
N LYS D 242 -22.75 62.14 -18.83
CA LYS D 242 -22.22 62.84 -17.66
C LYS D 242 -22.55 62.02 -16.43
N ILE D 243 -21.54 61.66 -15.65
CA ILE D 243 -21.71 60.86 -14.44
C ILE D 243 -21.39 61.75 -13.24
N LEU D 244 -22.40 61.98 -12.41
CA LEU D 244 -22.27 62.86 -11.25
C LEU D 244 -21.79 62.05 -10.04
N GLY D 245 -20.67 62.46 -9.45
CA GLY D 245 -20.15 61.81 -8.27
C GLY D 245 -20.68 62.42 -6.99
N VAL D 246 -20.21 61.87 -5.87
CA VAL D 246 -20.76 62.25 -4.57
C VAL D 246 -20.56 63.74 -4.31
N LYS D 247 -19.39 64.27 -4.67
CA LYS D 247 -19.11 65.68 -4.40
C LYS D 247 -20.06 66.60 -5.17
N GLU D 248 -20.32 66.29 -6.44
CA GLU D 248 -21.28 67.07 -7.21
C GLU D 248 -22.70 66.88 -6.68
N LEU D 249 -23.03 65.66 -6.23
CA LEU D 249 -24.35 65.43 -5.67
C LEU D 249 -24.52 66.17 -4.34
N GLU D 250 -23.44 66.29 -3.56
CA GLU D 250 -23.50 67.08 -2.33
C GLU D 250 -23.73 68.56 -2.64
N GLU D 251 -23.06 69.08 -3.67
CA GLU D 251 -23.26 70.47 -4.05
C GLU D 251 -24.68 70.71 -4.56
N LEU D 252 -25.28 69.72 -5.21
CA LEU D 252 -26.66 69.82 -5.63
C LEU D 252 -27.63 69.50 -4.51
N LYS D 253 -27.13 69.22 -3.31
CA LYS D 253 -27.95 69.05 -2.11
C LYS D 253 -28.94 67.90 -2.25
N MET D 254 -28.52 66.84 -2.93
CA MET D 254 -29.37 65.65 -3.14
C MET D 254 -29.34 64.79 -1.88
N GLY D 255 -29.97 65.31 -0.82
CA GLY D 255 -29.89 64.64 0.47
C GLY D 255 -30.70 63.36 0.53
N ALA D 256 -31.86 63.33 -0.13
CA ALA D 256 -32.67 62.11 -0.11
C ALA D 256 -31.98 60.98 -0.86
N TYR D 257 -31.46 61.27 -2.06
CA TYR D 257 -30.76 60.26 -2.84
C TYR D 257 -29.48 59.81 -2.14
N LEU D 258 -28.72 60.75 -1.56
CA LEU D 258 -27.46 60.39 -0.93
C LEU D 258 -27.68 59.59 0.35
N SER D 259 -28.79 59.83 1.06
CA SER D 259 -29.04 59.11 2.31
C SER D 259 -29.21 57.61 2.09
N VAL D 260 -29.80 57.22 0.96
CA VAL D 260 -30.02 55.80 0.69
C VAL D 260 -28.69 55.06 0.55
N GLY D 261 -27.73 55.68 -0.12
CA GLY D 261 -26.44 55.06 -0.38
C GLY D 261 -25.39 55.24 0.69
N LYS D 262 -25.73 55.85 1.83
CA LYS D 262 -24.74 56.09 2.87
C LYS D 262 -24.10 54.80 3.37
N GLY D 263 -24.90 53.74 3.50
CA GLY D 263 -24.42 52.48 4.02
C GLY D 263 -23.74 51.57 3.04
N SER D 264 -23.51 52.02 1.80
CA SER D 264 -22.92 51.17 0.78
C SER D 264 -21.42 51.44 0.66
N MET D 265 -20.68 50.39 0.30
CA MET D 265 -19.26 50.53 0.02
C MET D 265 -19.00 51.12 -1.36
N TYR D 266 -20.04 51.22 -2.21
CA TYR D 266 -19.92 51.80 -3.54
C TYR D 266 -20.49 53.20 -3.54
N PRO D 267 -19.73 54.20 -3.98
CA PRO D 267 -20.25 55.57 -3.99
C PRO D 267 -21.42 55.71 -4.97
N ASN D 268 -22.31 56.63 -4.64
CA ASN D 268 -23.46 56.91 -5.50
C ASN D 268 -22.98 57.45 -6.85
N LYS D 269 -23.69 57.07 -7.91
CA LYS D 269 -23.36 57.52 -9.27
C LYS D 269 -24.66 57.89 -9.98
N PHE D 270 -24.77 59.13 -10.43
CA PHE D 270 -25.94 59.62 -11.14
C PHE D 270 -25.66 59.58 -12.63
N ILE D 271 -26.44 58.77 -13.36
CA ILE D 271 -26.26 58.61 -14.80
C ILE D 271 -27.10 59.66 -15.52
N HIS D 272 -26.47 60.37 -16.47
CA HIS D 272 -27.17 61.36 -17.29
C HIS D 272 -26.69 61.21 -18.73
N LEU D 273 -27.46 60.50 -19.54
CA LEU D 273 -27.22 60.41 -20.97
C LEU D 273 -28.19 61.32 -21.71
N THR D 274 -27.74 61.85 -22.85
CA THR D 274 -28.56 62.78 -23.62
C THR D 274 -28.46 62.42 -25.09
N TYR D 275 -29.61 62.35 -25.76
CA TYR D 275 -29.68 62.24 -27.21
C TYR D 275 -30.34 63.50 -27.76
N LYS D 276 -29.62 64.22 -28.59
CA LYS D 276 -30.15 65.40 -29.28
C LYS D 276 -30.21 65.13 -30.77
N SER D 277 -31.26 65.64 -31.41
CA SER D 277 -31.42 65.46 -32.85
C SER D 277 -30.69 66.57 -33.60
N LYS D 278 -30.33 66.27 -34.84
CA LYS D 278 -29.62 67.26 -35.66
C LYS D 278 -30.55 68.38 -36.13
N GLY D 279 -31.85 68.13 -36.20
CA GLY D 279 -32.80 69.14 -36.61
C GLY D 279 -33.28 69.99 -35.45
N ASP D 280 -34.29 70.80 -35.72
CA ASP D 280 -34.90 71.63 -34.69
C ASP D 280 -35.56 70.75 -33.64
N VAL D 281 -35.18 70.93 -32.38
CA VAL D 281 -35.76 70.15 -31.29
C VAL D 281 -37.14 70.70 -30.98
N LYS D 282 -38.16 69.85 -31.14
CA LYS D 282 -39.54 70.22 -30.90
C LYS D 282 -40.13 69.61 -29.64
N LYS D 283 -39.53 68.55 -29.10
CA LYS D 283 -40.02 67.90 -27.90
C LYS D 283 -38.83 67.50 -27.03
N LYS D 284 -38.91 67.82 -25.75
CA LYS D 284 -37.89 67.47 -24.77
C LYS D 284 -38.46 66.48 -23.76
N ILE D 285 -37.78 65.35 -23.58
CA ILE D 285 -38.27 64.27 -22.73
C ILE D 285 -37.18 63.87 -21.76
N ALA D 286 -37.56 63.63 -20.51
CA ALA D 286 -36.66 63.10 -19.49
C ALA D 286 -37.17 61.75 -19.02
N LEU D 287 -36.32 60.72 -19.13
CA LEU D 287 -36.65 59.37 -18.69
C LEU D 287 -35.84 59.05 -17.44
N VAL D 288 -36.53 58.74 -16.34
CA VAL D 288 -35.92 58.51 -15.05
C VAL D 288 -36.11 57.05 -14.68
N GLY D 289 -35.01 56.36 -14.38
CA GLY D 289 -35.09 54.97 -13.97
C GLY D 289 -34.56 54.74 -12.58
N LYS D 290 -35.28 53.96 -11.77
CA LYS D 290 -34.80 53.62 -10.45
C LYS D 290 -33.60 52.67 -10.55
N GLY D 291 -32.49 53.06 -9.92
CA GLY D 291 -31.27 52.31 -10.05
C GLY D 291 -30.68 51.83 -8.74
N ILE D 292 -31.42 51.00 -8.01
CA ILE D 292 -30.91 50.36 -6.80
C ILE D 292 -30.28 49.04 -7.22
N THR D 293 -28.95 48.97 -7.21
CA THR D 293 -28.26 47.76 -7.67
C THR D 293 -28.51 46.58 -6.73
N PHE D 294 -28.72 46.84 -5.44
CA PHE D 294 -29.21 45.82 -4.53
C PHE D 294 -30.01 46.49 -3.43
N ASP D 295 -31.17 45.93 -3.12
CA ASP D 295 -32.07 46.46 -2.11
C ASP D 295 -32.19 45.44 -0.98
N SER D 296 -31.29 45.53 0.00
CA SER D 296 -31.45 44.70 1.19
C SER D 296 -32.58 45.18 2.08
N GLY D 297 -33.05 46.41 1.87
CA GLY D 297 -34.04 47.03 2.73
C GLY D 297 -33.47 47.98 3.76
N GLY D 298 -32.14 47.99 3.94
CA GLY D 298 -31.59 48.77 5.01
C GLY D 298 -31.90 48.13 6.35
N TYR D 299 -31.94 48.96 7.40
CA TYR D 299 -32.26 48.46 8.73
C TYR D 299 -33.67 47.90 8.79
N ASN D 300 -34.55 48.31 7.88
CA ASN D 300 -35.81 47.60 7.64
C ASN D 300 -35.54 46.41 6.70
N LEU D 301 -34.74 45.48 7.20
CA LEU D 301 -34.23 44.39 6.38
C LEU D 301 -35.37 43.53 5.82
N LYS D 302 -35.19 43.07 4.59
CA LYS D 302 -36.15 42.17 3.94
C LYS D 302 -35.97 40.77 4.54
N ALA D 303 -36.54 40.58 5.73
CA ALA D 303 -36.47 39.31 6.42
C ALA D 303 -37.81 38.63 6.61
N ALA D 304 -38.92 39.32 6.32
CA ALA D 304 -40.23 38.70 6.44
C ALA D 304 -40.41 37.64 5.36
N PRO D 305 -41.22 36.61 5.62
CA PRO D 305 -41.48 35.59 4.60
C PRO D 305 -42.10 36.21 3.35
N GLY D 306 -41.57 35.83 2.20
CA GLY D 306 -42.04 36.36 0.93
C GLY D 306 -41.40 37.66 0.50
N SER D 307 -40.49 38.23 1.30
CA SER D 307 -39.83 39.46 0.90
C SER D 307 -38.84 39.24 -0.22
N MET D 308 -38.36 38.00 -0.40
CA MET D 308 -37.55 37.59 -1.54
C MET D 308 -36.32 38.48 -1.69
N ILE D 309 -35.45 38.44 -0.67
CA ILE D 309 -34.23 39.26 -0.71
C ILE D 309 -33.30 38.79 -1.81
N ASP D 310 -33.37 37.51 -2.20
CA ASP D 310 -32.48 36.97 -3.23
C ASP D 310 -32.83 37.47 -4.62
N LEU D 311 -34.00 38.08 -4.79
CA LEU D 311 -34.39 38.65 -6.08
C LEU D 311 -33.93 40.10 -6.25
N MET D 312 -33.56 40.77 -5.15
CA MET D 312 -33.37 42.21 -5.12
C MET D 312 -32.19 42.71 -5.94
N LYS D 313 -31.50 41.88 -6.72
CA LYS D 313 -30.59 42.40 -7.74
C LYS D 313 -31.37 43.08 -8.86
N PHE D 314 -32.66 42.81 -8.98
CA PHE D 314 -33.50 43.38 -10.03
C PHE D 314 -34.01 44.78 -9.71
N ASP D 315 -33.62 45.35 -8.56
CA ASP D 315 -34.15 46.65 -8.17
C ASP D 315 -33.61 47.80 -9.01
N MET D 316 -32.76 47.52 -9.99
CA MET D 316 -32.36 48.50 -10.98
C MET D 316 -33.02 48.24 -12.34
N SER D 317 -34.15 47.53 -12.35
CA SER D 317 -34.84 47.24 -13.59
C SER D 317 -35.30 48.52 -14.29
N GLY D 318 -35.70 49.53 -13.52
CA GLY D 318 -36.06 50.80 -14.12
C GLY D 318 -34.89 51.46 -14.82
N CYS D 319 -33.72 51.47 -14.18
CA CYS D 319 -32.53 52.00 -14.81
C CYS D 319 -32.17 51.21 -16.06
N ALA D 320 -32.29 49.89 -16.01
CA ALA D 320 -31.96 49.07 -17.17
C ALA D 320 -32.89 49.36 -18.34
N ALA D 321 -34.18 49.58 -18.05
CA ALA D 321 -35.12 49.91 -19.11
C ALA D 321 -34.78 51.26 -19.76
N VAL D 322 -34.38 52.24 -18.95
CA VAL D 322 -34.00 53.53 -19.49
C VAL D 322 -32.73 53.40 -20.33
N LEU D 323 -31.76 52.62 -19.86
CA LEU D 323 -30.54 52.42 -20.64
C LEU D 323 -30.82 51.61 -21.89
N GLY D 324 -31.68 50.60 -21.80
CA GLY D 324 -32.07 49.85 -22.97
C GLY D 324 -32.80 50.72 -23.99
N CYS D 325 -33.61 51.67 -23.51
CA CYS D 325 -34.24 52.63 -24.40
C CYS D 325 -33.21 53.53 -25.05
N ALA D 326 -32.14 53.86 -24.33
CA ALA D 326 -31.08 54.69 -24.90
C ALA D 326 -30.41 54.00 -26.08
N TYR D 327 -30.30 52.67 -26.04
CA TYR D 327 -29.75 51.96 -27.20
C TYR D 327 -30.68 52.08 -28.40
N CYS D 328 -31.97 51.83 -28.20
CA CYS D 328 -32.92 51.90 -29.30
C CYS D 328 -33.00 53.29 -29.89
N VAL D 329 -33.04 54.32 -29.05
CA VAL D 329 -33.10 55.69 -29.54
C VAL D 329 -31.79 56.07 -30.22
N GLY D 330 -30.66 55.70 -29.63
CA GLY D 330 -29.38 56.01 -30.24
C GLY D 330 -29.14 55.31 -31.56
N THR D 331 -29.76 54.15 -31.75
CA THR D 331 -29.60 53.39 -33.00
C THR D 331 -30.57 53.85 -34.07
N LEU D 332 -31.86 53.99 -33.72
CA LEU D 332 -32.86 54.41 -34.69
C LEU D 332 -32.79 55.89 -35.01
N LYS D 333 -32.25 56.71 -34.09
CA LYS D 333 -32.02 58.13 -34.29
C LYS D 333 -33.27 58.87 -34.74
N PRO D 334 -34.25 59.07 -33.86
CA PRO D 334 -35.41 59.89 -34.23
C PRO D 334 -35.02 61.35 -34.39
N GLU D 335 -35.93 62.12 -34.98
CA GLU D 335 -35.67 63.52 -35.31
C GLU D 335 -36.55 64.44 -34.48
N ASN D 336 -36.07 65.67 -34.31
CA ASN D 336 -36.80 66.74 -33.63
C ASN D 336 -37.10 66.39 -32.17
N VAL D 337 -36.22 65.62 -31.54
CA VAL D 337 -36.42 65.20 -30.16
C VAL D 337 -35.11 65.30 -29.40
N GLU D 338 -35.20 65.69 -28.13
CA GLU D 338 -34.07 65.68 -27.21
C GLU D 338 -34.48 64.90 -25.97
N ILE D 339 -33.80 63.78 -25.71
CA ILE D 339 -34.17 62.86 -24.65
C ILE D 339 -33.04 62.79 -23.64
N HIS D 340 -33.38 62.89 -22.35
CA HIS D 340 -32.44 62.73 -21.26
C HIS D 340 -32.71 61.42 -20.53
N PHE D 341 -31.67 60.61 -20.36
CA PHE D 341 -31.76 59.32 -19.69
C PHE D 341 -31.10 59.45 -18.33
N LEU D 342 -31.90 59.39 -17.27
CA LEU D 342 -31.45 59.68 -15.91
C LEU D 342 -31.67 58.48 -15.01
N SER D 343 -30.77 58.31 -14.05
CA SER D 343 -30.92 57.26 -13.03
C SER D 343 -30.03 57.60 -11.85
N ALA D 344 -30.63 57.73 -10.67
CA ALA D 344 -29.88 57.96 -9.43
C ALA D 344 -29.52 56.59 -8.85
N VAL D 345 -28.32 56.13 -9.18
CA VAL D 345 -27.89 54.77 -8.86
C VAL D 345 -27.19 54.74 -7.51
N CYS D 346 -27.55 53.77 -6.68
CA CYS D 346 -26.92 53.57 -5.38
C CYS D 346 -27.26 52.15 -4.90
N GLU D 347 -26.87 51.84 -3.67
CA GLU D 347 -27.09 50.53 -3.08
C GLU D 347 -27.60 50.70 -1.65
N ASN D 348 -28.65 49.95 -1.30
CA ASN D 348 -29.30 50.04 0.00
C ASN D 348 -28.80 48.90 0.88
N MET D 349 -27.92 49.21 1.83
CA MET D 349 -27.23 48.19 2.61
C MET D 349 -27.36 48.50 4.10
N VAL D 350 -26.94 47.51 4.90
CA VAL D 350 -26.93 47.62 6.36
C VAL D 350 -25.49 47.81 6.80
N SER D 351 -25.25 48.88 7.55
CA SER D 351 -23.89 49.23 7.96
C SER D 351 -23.98 50.22 9.12
N LYS D 352 -22.83 50.50 9.73
CA LYS D 352 -22.77 51.56 10.72
C LYS D 352 -23.03 52.93 10.12
N ASN D 353 -22.88 53.07 8.80
CA ASN D 353 -23.07 54.34 8.12
C ASN D 353 -24.44 54.47 7.46
N SER D 354 -25.29 53.46 7.56
CA SER D 354 -26.60 53.50 6.92
C SER D 354 -27.48 54.54 7.58
N TYR D 355 -28.46 55.03 6.82
CA TYR D 355 -29.47 55.90 7.40
C TYR D 355 -30.51 55.07 8.13
N ARG D 356 -31.09 55.64 9.17
CA ARG D 356 -31.93 54.91 10.10
C ARG D 356 -33.41 55.20 9.86
N PRO D 357 -34.29 54.28 10.25
CA PRO D 357 -35.72 54.63 10.32
C PRO D 357 -35.93 55.75 11.32
N GLY D 358 -36.69 56.76 10.91
CA GLY D 358 -36.91 57.94 11.71
C GLY D 358 -36.06 59.13 11.33
N ASP D 359 -34.98 58.90 10.59
CA ASP D 359 -34.12 59.99 10.15
C ASP D 359 -34.91 60.99 9.31
N ILE D 360 -34.59 62.27 9.47
CA ILE D 360 -35.20 63.34 8.68
C ILE D 360 -34.12 63.89 7.75
N ILE D 361 -34.38 63.81 6.44
CA ILE D 361 -33.41 64.21 5.43
C ILE D 361 -34.05 65.30 4.56
N THR D 362 -33.19 66.03 3.85
CA THR D 362 -33.61 67.19 3.07
C THR D 362 -33.34 66.92 1.59
N ALA D 363 -34.39 66.99 0.78
CA ALA D 363 -34.26 66.81 -0.66
C ALA D 363 -33.67 68.07 -1.30
N SER D 364 -33.33 67.95 -2.59
CA SER D 364 -32.71 69.05 -3.31
C SER D 364 -33.64 70.22 -3.57
N ASN D 365 -34.95 70.04 -3.38
CA ASN D 365 -35.90 71.14 -3.50
C ASN D 365 -36.25 71.76 -2.16
N GLY D 366 -35.53 71.38 -1.10
CA GLY D 366 -35.72 71.94 0.21
C GLY D 366 -36.69 71.19 1.11
N LYS D 367 -37.45 70.23 0.58
CA LYS D 367 -38.44 69.53 1.37
C LYS D 367 -37.77 68.54 2.32
N THR D 368 -38.13 68.61 3.59
CA THR D 368 -37.65 67.66 4.58
C THR D 368 -38.55 66.44 4.61
N ILE D 369 -37.94 65.25 4.64
CA ILE D 369 -38.66 63.98 4.56
C ILE D 369 -38.35 63.17 5.81
N GLU D 370 -39.38 62.67 6.46
CA GLU D 370 -39.21 61.77 7.60
C GLU D 370 -39.23 60.33 7.11
N VAL D 371 -38.12 59.64 7.29
CA VAL D 371 -37.99 58.26 6.84
C VAL D 371 -38.70 57.34 7.84
N GLY D 372 -39.75 56.67 7.38
CA GLY D 372 -40.47 55.75 8.25
C GLY D 372 -40.07 54.31 7.99
N ASN D 373 -39.42 54.07 6.86
CA ASN D 373 -39.05 52.71 6.46
C ASN D 373 -37.91 52.82 5.46
N THR D 374 -36.73 52.32 5.85
CA THR D 374 -35.57 52.39 4.97
C THR D 374 -35.72 51.50 3.73
N ASP D 375 -36.68 50.58 3.73
CA ASP D 375 -36.93 49.75 2.55
C ASP D 375 -37.76 50.47 1.49
N ALA D 376 -38.32 51.63 1.81
CA ALA D 376 -38.96 52.47 0.80
C ALA D 376 -37.97 53.48 0.22
N GLU D 377 -36.82 52.96 -0.21
CA GLU D 377 -35.73 53.82 -0.64
C GLU D 377 -35.84 54.28 -2.09
N GLY D 378 -36.64 53.58 -2.91
CA GLY D 378 -36.76 53.96 -4.31
C GLY D 378 -37.32 55.36 -4.48
N ARG D 379 -38.40 55.67 -3.75
CA ARG D 379 -39.00 56.99 -3.87
C ARG D 379 -38.10 58.09 -3.35
N LEU D 380 -37.17 57.77 -2.44
CA LEU D 380 -36.23 58.78 -1.97
C LEU D 380 -35.22 59.14 -3.06
N THR D 381 -34.66 58.13 -3.73
CA THR D 381 -33.74 58.40 -4.82
C THR D 381 -34.47 59.04 -6.00
N LEU D 382 -35.70 58.59 -6.27
CA LEU D 382 -36.48 59.17 -7.36
C LEU D 382 -36.84 60.62 -7.10
N ALA D 383 -37.04 61.00 -5.83
CA ALA D 383 -37.39 62.38 -5.51
C ALA D 383 -36.32 63.35 -5.99
N ASP D 384 -35.06 63.07 -5.66
CA ASP D 384 -33.98 63.94 -6.11
C ASP D 384 -33.77 63.85 -7.62
N ALA D 385 -33.99 62.67 -8.21
CA ALA D 385 -33.86 62.53 -9.66
C ALA D 385 -34.95 63.29 -10.39
N LEU D 386 -36.16 63.35 -9.82
CA LEU D 386 -37.24 64.10 -10.45
C LEU D 386 -36.98 65.60 -10.38
N VAL D 387 -36.42 66.07 -9.27
CA VAL D 387 -36.04 67.48 -9.17
C VAL D 387 -34.98 67.81 -10.22
N TYR D 388 -34.01 66.92 -10.39
CA TYR D 388 -33.01 67.10 -11.44
C TYR D 388 -33.65 67.14 -12.82
N ALA D 389 -34.63 66.28 -13.06
CA ALA D 389 -35.25 66.21 -14.38
C ALA D 389 -36.01 67.49 -14.72
N GLU D 390 -36.81 68.00 -13.77
CA GLU D 390 -37.59 69.20 -14.03
C GLU D 390 -36.69 70.41 -14.24
N LYS D 391 -35.51 70.43 -13.62
CA LYS D 391 -34.58 71.53 -13.82
C LYS D 391 -34.05 71.58 -15.26
N LEU D 392 -34.14 70.48 -16.00
CA LEU D 392 -33.71 70.45 -17.39
C LEU D 392 -34.68 71.15 -18.33
N GLY D 393 -35.90 71.45 -17.86
CA GLY D 393 -36.88 72.11 -18.70
C GLY D 393 -37.36 71.26 -19.86
N VAL D 394 -37.96 70.11 -19.55
CA VAL D 394 -38.44 69.19 -20.55
C VAL D 394 -39.96 69.29 -20.64
N ASP D 395 -40.53 68.68 -21.68
CA ASP D 395 -41.98 68.67 -21.84
C ASP D 395 -42.63 67.52 -21.07
N TYR D 396 -41.99 66.36 -21.02
CA TYR D 396 -42.52 65.18 -20.35
C TYR D 396 -41.45 64.56 -19.48
N ILE D 397 -41.85 64.17 -18.26
CA ILE D 397 -41.01 63.37 -17.37
C ILE D 397 -41.72 62.04 -17.15
N VAL D 398 -41.05 60.95 -17.50
CA VAL D 398 -41.59 59.60 -17.32
C VAL D 398 -40.57 58.81 -16.51
N ASP D 399 -40.99 58.33 -15.34
CA ASP D 399 -40.14 57.50 -14.51
C ASP D 399 -40.68 56.07 -14.49
N ILE D 400 -39.75 55.12 -14.39
CA ILE D 400 -40.06 53.70 -14.36
C ILE D 400 -39.25 53.07 -13.24
N ALA D 401 -39.91 52.27 -12.40
CA ALA D 401 -39.29 51.83 -11.15
C ALA D 401 -39.98 50.57 -10.64
N THR D 402 -39.20 49.69 -10.03
CA THR D 402 -39.72 48.57 -9.25
C THR D 402 -39.99 49.11 -7.84
N LEU D 403 -41.09 49.85 -7.73
CA LEU D 403 -41.30 50.70 -6.56
C LEU D 403 -42.01 50.00 -5.41
N THR D 404 -43.16 49.36 -5.68
CA THR D 404 -44.01 48.84 -4.62
C THR D 404 -44.37 47.40 -4.89
N GLY D 405 -44.16 46.54 -3.89
CA GLY D 405 -44.56 45.15 -3.99
C GLY D 405 -46.06 44.95 -4.02
N ALA D 406 -46.83 45.97 -3.65
CA ALA D 406 -48.29 45.87 -3.72
C ALA D 406 -48.79 45.69 -5.15
N MET D 407 -47.96 45.98 -6.16
CA MET D 407 -48.37 45.80 -7.54
C MET D 407 -48.72 44.34 -7.84
N LEU D 408 -48.12 43.40 -7.09
CA LEU D 408 -48.44 42.00 -7.28
C LEU D 408 -49.89 41.70 -6.88
N TYR D 409 -50.46 42.51 -5.98
CA TYR D 409 -51.83 42.32 -5.52
C TYR D 409 -52.85 43.16 -6.28
N SER D 410 -52.40 44.11 -7.11
CA SER D 410 -53.32 44.94 -7.89
C SER D 410 -53.42 44.46 -9.34
N LEU D 411 -52.31 44.53 -10.08
CA LEU D 411 -52.31 44.14 -11.50
C LEU D 411 -51.59 42.82 -11.76
N GLY D 412 -50.74 42.36 -10.84
CA GLY D 412 -50.09 41.08 -11.00
C GLY D 412 -48.75 41.16 -11.69
N THR D 413 -48.39 40.09 -12.42
CA THR D 413 -47.08 39.95 -13.02
C THR D 413 -47.07 40.26 -14.51
N SER D 414 -48.22 40.59 -15.10
CA SER D 414 -48.33 40.85 -16.52
C SER D 414 -48.49 42.32 -16.88
N TYR D 415 -49.31 43.05 -16.14
CA TYR D 415 -49.60 44.45 -16.43
C TYR D 415 -48.90 45.35 -15.42
N ALA D 416 -48.17 46.34 -15.93
CA ALA D 416 -47.61 47.37 -15.09
C ALA D 416 -48.64 48.49 -14.87
N GLY D 417 -48.44 49.25 -13.80
CA GLY D 417 -49.32 50.36 -13.47
C GLY D 417 -48.67 51.69 -13.82
N VAL D 418 -49.48 52.60 -14.35
CA VAL D 418 -49.02 53.95 -14.69
C VAL D 418 -49.85 54.95 -13.89
N PHE D 419 -49.15 55.88 -13.24
CA PHE D 419 -49.75 57.00 -12.54
C PHE D 419 -49.21 58.28 -13.14
N GLY D 420 -49.90 59.39 -12.92
CA GLY D 420 -49.43 60.65 -13.47
C GLY D 420 -50.29 61.81 -13.05
N ASN D 421 -49.82 63.00 -13.42
CA ASN D 421 -50.51 64.26 -13.14
C ASN D 421 -51.05 64.92 -14.41
N ASN D 422 -50.99 64.23 -15.55
CA ASN D 422 -51.36 64.81 -16.83
C ASN D 422 -52.04 63.75 -17.68
N GLU D 423 -53.29 64.04 -18.09
CA GLU D 423 -54.06 63.06 -18.86
C GLU D 423 -53.43 62.79 -20.22
N GLU D 424 -52.93 63.83 -20.89
CA GLU D 424 -52.35 63.64 -22.22
C GLU D 424 -51.13 62.73 -22.16
N LEU D 425 -50.30 62.86 -21.12
CA LEU D 425 -49.13 62.01 -21.01
C LEU D 425 -49.51 60.57 -20.72
N ILE D 426 -50.51 60.36 -19.84
CA ILE D 426 -50.98 59.01 -19.56
C ILE D 426 -51.53 58.36 -20.82
N ASN D 427 -52.23 59.13 -21.65
CA ASN D 427 -52.79 58.58 -22.88
C ASN D 427 -51.68 58.18 -23.85
N LYS D 428 -50.61 58.98 -23.92
CA LYS D 428 -49.48 58.62 -24.76
C LYS D 428 -48.80 57.35 -24.26
N ILE D 429 -48.67 57.20 -22.94
CA ILE D 429 -48.10 55.98 -22.38
C ILE D 429 -48.98 54.79 -22.69
N LEU D 430 -50.29 54.94 -22.54
CA LEU D 430 -51.21 53.84 -22.85
C LEU D 430 -51.15 53.49 -24.34
N GLN D 431 -51.01 54.50 -25.19
CA GLN D 431 -50.87 54.24 -26.63
C GLN D 431 -49.56 53.52 -26.94
N SER D 432 -48.48 53.92 -26.27
CA SER D 432 -47.20 53.23 -26.47
C SER D 432 -47.24 51.81 -25.94
N SER D 433 -48.02 51.56 -24.88
CA SER D 433 -48.18 50.20 -24.39
C SER D 433 -48.92 49.33 -25.39
N LYS D 434 -49.84 49.92 -26.16
CA LYS D 434 -50.58 49.15 -27.16
C LYS D 434 -49.71 48.78 -28.35
N THR D 435 -48.89 49.73 -28.83
CA THR D 435 -48.08 49.47 -30.01
C THR D 435 -46.83 48.66 -29.69
N SER D 436 -46.29 48.80 -28.49
CA SER D 436 -45.14 48.00 -28.08
C SER D 436 -45.54 46.63 -27.54
N ASN D 437 -46.83 46.44 -27.23
CA ASN D 437 -47.36 45.19 -26.69
C ASN D 437 -46.78 44.85 -25.32
N GLU D 438 -46.34 45.88 -24.58
CA GLU D 438 -45.97 45.74 -23.18
C GLU D 438 -47.13 46.27 -22.34
N PRO D 439 -47.95 45.41 -21.75
CA PRO D 439 -49.24 45.88 -21.19
C PRO D 439 -49.06 46.75 -19.96
N VAL D 440 -49.84 47.83 -19.92
CA VAL D 440 -49.84 48.79 -18.82
C VAL D 440 -51.28 49.19 -18.54
N TRP D 441 -51.61 49.40 -17.26
CA TRP D 441 -52.94 49.80 -16.84
C TRP D 441 -52.88 51.09 -16.03
N TRP D 442 -53.84 51.97 -16.26
CA TRP D 442 -53.87 53.27 -15.59
C TRP D 442 -54.51 53.12 -14.21
N LEU D 443 -53.79 53.56 -13.18
CA LEU D 443 -54.27 53.54 -11.81
C LEU D 443 -54.33 54.97 -11.28
N PRO D 444 -55.25 55.26 -10.36
CA PRO D 444 -55.48 56.65 -9.94
C PRO D 444 -54.55 57.10 -8.82
N ILE D 445 -54.29 58.41 -8.83
CA ILE D 445 -53.61 59.08 -7.73
C ILE D 445 -54.71 59.70 -6.87
N ILE D 446 -55.10 59.00 -5.81
CA ILE D 446 -56.25 59.38 -5.01
C ILE D 446 -55.81 60.46 -4.02
N ASN D 447 -56.29 61.69 -4.21
CA ASN D 447 -55.83 62.81 -3.40
C ASN D 447 -56.30 62.72 -1.96
N GLU D 448 -57.34 61.95 -1.67
CA GLU D 448 -57.81 61.81 -0.30
C GLU D 448 -56.76 61.17 0.59
N TYR D 449 -55.85 60.38 0.02
CA TYR D 449 -54.79 59.74 0.78
C TYR D 449 -53.60 60.66 1.04
N ARG D 450 -53.58 61.85 0.44
CA ARG D 450 -52.41 62.73 0.58
C ARG D 450 -52.18 63.12 2.03
N ALA D 451 -53.24 63.25 2.82
CA ALA D 451 -53.10 63.68 4.21
C ALA D 451 -52.32 62.68 5.05
N THR D 452 -52.25 61.41 4.64
CA THR D 452 -51.52 60.43 5.41
C THR D 452 -50.00 60.61 5.32
N LEU D 453 -49.53 61.47 4.42
CA LEU D 453 -48.11 61.80 4.33
C LEU D 453 -47.76 63.05 5.12
N ASN D 454 -48.71 63.61 5.87
CA ASN D 454 -48.43 64.80 6.68
C ASN D 454 -47.62 64.39 7.90
N SER D 455 -46.35 64.77 7.91
CA SER D 455 -45.47 64.44 9.02
C SER D 455 -45.66 65.44 10.16
N LYS D 456 -45.47 64.96 11.38
CA LYS D 456 -45.57 65.83 12.54
C LYS D 456 -44.37 66.78 12.64
N TYR D 457 -43.21 66.37 12.15
CA TYR D 457 -41.99 67.15 12.29
C TYR D 457 -41.36 67.56 10.98
N ALA D 458 -41.33 66.67 9.99
CA ALA D 458 -40.76 67.00 8.69
C ALA D 458 -41.83 67.63 7.80
N ASP D 459 -41.41 68.07 6.60
CA ASP D 459 -42.36 68.64 5.66
C ASP D 459 -43.33 67.57 5.15
N ILE D 460 -42.86 66.34 4.97
CA ILE D 460 -43.67 65.28 4.40
C ILE D 460 -43.15 63.94 4.92
N ASN D 461 -44.05 62.97 5.01
CA ASN D 461 -43.67 61.62 5.36
C ASN D 461 -43.22 60.85 4.13
N GLN D 462 -42.24 59.97 4.31
CA GLN D 462 -41.82 59.10 3.21
C GLN D 462 -42.87 58.03 2.94
N ILE D 463 -43.44 57.44 3.98
CA ILE D 463 -44.43 56.37 3.87
C ILE D 463 -45.63 56.69 4.75
N SER D 464 -46.73 56.01 4.45
CA SER D 464 -47.89 56.01 5.32
C SER D 464 -47.80 54.88 6.33
N SER D 465 -48.16 55.16 7.57
CA SER D 465 -48.18 54.14 8.60
C SER D 465 -49.51 53.40 8.67
N SER D 466 -50.54 53.87 7.97
CA SER D 466 -51.88 53.28 8.02
C SER D 466 -52.35 52.79 6.66
N VAL D 467 -52.44 53.70 5.67
CA VAL D 467 -53.02 53.34 4.37
C VAL D 467 -52.18 52.25 3.71
N LYS D 468 -52.85 51.19 3.28
CA LYS D 468 -52.19 50.05 2.65
C LYS D 468 -52.12 50.16 1.12
N ALA D 469 -52.70 51.22 0.53
CA ALA D 469 -52.60 51.44 -0.91
C ALA D 469 -51.23 52.04 -1.23
N SER D 470 -50.21 51.17 -1.10
CA SER D 470 -48.83 51.65 -1.14
C SER D 470 -48.44 52.20 -2.50
N SER D 471 -48.95 51.58 -3.59
CA SER D 471 -48.62 52.07 -4.92
C SER D 471 -49.18 53.46 -5.17
N ILE D 472 -50.35 53.76 -4.62
CA ILE D 472 -50.94 55.09 -4.77
C ILE D 472 -50.25 56.09 -3.86
N VAL D 473 -49.95 55.69 -2.62
CA VAL D 473 -49.27 56.57 -1.68
C VAL D 473 -47.89 56.94 -2.21
N ALA D 474 -47.17 55.97 -2.77
CA ALA D 474 -45.86 56.25 -3.33
C ALA D 474 -45.97 57.24 -4.50
N SER D 475 -47.02 57.11 -5.31
CA SER D 475 -47.24 58.06 -6.38
C SER D 475 -47.53 59.45 -5.84
N LEU D 476 -48.26 59.55 -4.73
CA LEU D 476 -48.52 60.84 -4.11
C LEU D 476 -47.23 61.48 -3.62
N PHE D 477 -46.30 60.66 -3.11
CA PHE D 477 -45.01 61.19 -2.65
C PHE D 477 -44.20 61.72 -3.82
N LEU D 478 -44.12 60.94 -4.91
CA LEU D 478 -43.38 61.38 -6.08
C LEU D 478 -43.97 62.65 -6.69
N LYS D 479 -45.30 62.82 -6.60
CA LYS D 479 -45.95 63.99 -7.17
C LYS D 479 -45.47 65.28 -6.52
N GLU D 480 -45.05 65.21 -5.25
CA GLU D 480 -44.59 66.40 -4.54
C GLU D 480 -43.26 66.92 -5.05
N PHE D 481 -42.61 66.23 -5.99
CA PHE D 481 -41.32 66.65 -6.51
C PHE D 481 -41.37 66.99 -7.99
N VAL D 482 -42.57 67.15 -8.56
CA VAL D 482 -42.76 67.68 -9.91
C VAL D 482 -43.73 68.85 -9.78
N GLN D 483 -43.24 70.07 -10.02
CA GLN D 483 -44.00 71.27 -9.73
C GLN D 483 -44.86 71.74 -10.91
N ASN D 484 -44.32 71.73 -12.12
CA ASN D 484 -45.02 72.34 -13.25
C ASN D 484 -44.65 71.64 -14.55
N THR D 485 -44.63 70.30 -14.54
CA THR D 485 -44.31 69.53 -15.73
C THR D 485 -45.18 68.29 -15.78
N ALA D 486 -45.64 67.94 -16.98
CA ALA D 486 -46.37 66.70 -17.18
C ALA D 486 -45.48 65.52 -16.79
N TRP D 487 -45.96 64.68 -15.88
CA TRP D 487 -45.15 63.62 -15.31
C TRP D 487 -45.97 62.33 -15.22
N ALA D 488 -45.31 61.21 -15.52
CA ALA D 488 -45.93 59.90 -15.43
C ALA D 488 -44.98 58.94 -14.72
N HIS D 489 -45.55 57.94 -14.07
CA HIS D 489 -44.80 57.02 -13.22
C HIS D 489 -45.26 55.59 -13.50
N ILE D 490 -44.32 54.73 -13.89
CA ILE D 490 -44.62 53.35 -14.25
C ILE D 490 -44.02 52.44 -13.18
N ASP D 491 -44.89 51.73 -12.46
CA ASP D 491 -44.46 50.80 -11.42
C ASP D 491 -44.36 49.40 -12.02
N ILE D 492 -43.15 48.88 -12.13
CA ILE D 492 -42.90 47.59 -12.76
C ILE D 492 -42.42 46.55 -11.74
N ALA D 493 -42.73 46.76 -10.45
CA ALA D 493 -42.23 45.84 -9.43
C ALA D 493 -42.78 44.43 -9.61
N GLY D 494 -43.97 44.30 -10.16
CA GLY D 494 -44.60 43.00 -10.33
C GLY D 494 -44.28 42.33 -11.66
N VAL D 495 -43.96 43.13 -12.67
CA VAL D 495 -43.80 42.61 -14.03
C VAL D 495 -42.35 42.49 -14.49
N SER D 496 -41.39 42.95 -13.68
CA SER D 496 -40.01 43.01 -14.15
C SER D 496 -39.40 41.62 -14.29
N TRP D 497 -39.68 40.72 -13.35
CA TRP D 497 -39.04 39.41 -13.32
C TRP D 497 -40.01 38.34 -13.80
N ASN D 498 -39.50 37.43 -14.63
CA ASN D 498 -40.24 36.27 -15.12
C ASN D 498 -39.87 35.10 -14.22
N PHE D 499 -40.79 34.73 -13.32
CA PHE D 499 -40.48 33.72 -12.31
C PHE D 499 -40.55 32.31 -12.88
N LYS D 500 -41.38 32.07 -13.89
CA LYS D 500 -41.42 30.74 -14.51
C LYS D 500 -40.10 30.42 -15.22
N ALA D 501 -39.53 31.40 -15.93
CA ALA D 501 -38.29 31.19 -16.65
C ALA D 501 -37.06 31.58 -15.85
N ARG D 502 -37.24 32.18 -14.67
CA ARG D 502 -36.13 32.54 -13.77
C ARG D 502 -35.16 33.50 -14.46
N LYS D 503 -35.70 34.55 -15.09
CA LYS D 503 -34.90 35.52 -15.82
C LYS D 503 -35.69 36.80 -15.93
N PRO D 504 -35.02 37.93 -16.16
CA PRO D 504 -35.75 39.20 -16.32
C PRO D 504 -36.51 39.24 -17.64
N LYS D 505 -37.43 40.18 -17.72
CA LYS D 505 -38.21 40.39 -18.93
C LYS D 505 -37.67 41.54 -19.78
N GLY D 506 -36.85 42.41 -19.22
CA GLY D 506 -36.50 43.65 -19.90
C GLY D 506 -37.69 44.57 -20.10
N PHE D 507 -38.65 44.52 -19.18
CA PHE D 507 -39.89 45.26 -19.34
C PHE D 507 -39.63 46.76 -19.34
N GLY D 508 -40.26 47.46 -20.30
CA GLY D 508 -40.22 48.90 -20.39
C GLY D 508 -39.37 49.44 -21.51
N VAL D 509 -38.43 48.65 -22.04
CA VAL D 509 -37.55 49.14 -23.09
C VAL D 509 -38.35 49.52 -24.33
N ARG D 510 -39.17 48.59 -24.83
CA ARG D 510 -39.93 48.87 -26.04
C ARG D 510 -41.05 49.87 -25.79
N LEU D 511 -41.65 49.85 -24.60
CA LEU D 511 -42.69 50.82 -24.27
C LEU D 511 -42.15 52.24 -24.27
N LEU D 512 -41.00 52.45 -23.61
CA LEU D 512 -40.42 53.80 -23.56
C LEU D 512 -39.93 54.26 -24.93
N THR D 513 -39.39 53.33 -25.73
CA THR D 513 -38.91 53.71 -27.06
C THR D 513 -40.07 54.11 -27.98
N GLU D 514 -41.16 53.34 -27.97
CA GLU D 514 -42.33 53.69 -28.75
C GLU D 514 -42.89 55.05 -28.32
N PHE D 515 -42.81 55.35 -27.03
CA PHE D 515 -43.27 56.66 -26.54
C PHE D 515 -42.43 57.78 -27.13
N VAL D 516 -41.13 57.55 -27.28
CA VAL D 516 -40.26 58.59 -27.85
C VAL D 516 -40.45 58.68 -29.36
N LEU D 517 -40.63 57.54 -30.04
CA LEU D 517 -40.69 57.53 -31.49
C LEU D 517 -42.04 57.98 -32.02
N ASN D 518 -43.12 57.72 -31.31
CA ASN D 518 -44.46 58.02 -31.79
C ASN D 518 -45.04 59.31 -31.25
N ASP D 519 -44.51 59.82 -30.14
CA ASP D 519 -45.02 61.05 -29.54
C ASP D 519 -43.89 61.90 -28.97
N SER E 2 -16.10 65.62 20.36
CA SER E 2 -16.83 66.89 20.31
C SER E 2 -17.20 67.25 18.87
N GLU E 3 -16.55 66.62 17.90
CA GLU E 3 -16.84 66.84 16.49
C GLU E 3 -17.66 65.66 15.98
N VAL E 4 -18.82 65.95 15.40
CA VAL E 4 -19.73 64.92 14.93
C VAL E 4 -19.24 64.36 13.61
N PRO E 5 -19.02 63.05 13.50
CA PRO E 5 -18.60 62.48 12.22
C PRO E 5 -19.75 62.45 11.24
N GLN E 6 -19.41 62.52 9.95
CA GLN E 6 -20.39 62.50 8.88
C GLN E 6 -20.04 61.44 7.86
N VAL E 7 -21.06 60.91 7.19
CA VAL E 7 -20.86 60.07 6.01
C VAL E 7 -20.80 60.91 4.75
N VAL E 8 -21.75 61.84 4.61
CA VAL E 8 -21.76 62.83 3.55
C VAL E 8 -21.83 64.21 4.19
N SER E 9 -21.49 65.23 3.41
CA SER E 9 -21.47 66.59 3.93
C SER E 9 -22.85 67.10 4.32
N LEU E 10 -23.91 66.45 3.86
CA LEU E 10 -25.27 66.86 4.20
C LEU E 10 -25.75 66.31 5.52
N ASP E 11 -24.96 65.47 6.19
CA ASP E 11 -25.35 64.96 7.50
C ASP E 11 -25.26 66.09 8.53
N PRO E 12 -26.27 66.26 9.38
CA PRO E 12 -26.22 67.34 10.38
C PRO E 12 -25.17 67.05 11.44
N THR E 13 -24.63 68.14 12.02
CA THR E 13 -23.57 68.05 13.01
C THR E 13 -23.99 68.60 14.37
N SER E 14 -25.26 68.93 14.56
CA SER E 14 -25.74 69.43 15.84
C SER E 14 -27.24 69.30 15.90
N ILE E 15 -27.75 69.24 17.12
CA ILE E 15 -29.21 69.18 17.37
C ILE E 15 -29.73 70.58 17.46
N PRO E 16 -30.67 70.99 16.58
CA PRO E 16 -31.32 72.30 16.74
C PRO E 16 -32.14 72.35 18.01
N ILE E 17 -31.89 73.35 18.84
CA ILE E 17 -32.57 73.51 20.13
C ILE E 17 -33.18 74.90 20.20
N GLU E 18 -34.47 74.96 20.49
CA GLU E 18 -35.19 76.21 20.67
C GLU E 18 -35.28 76.50 22.17
N TYR E 19 -34.56 77.51 22.64
CA TYR E 19 -34.57 77.87 24.05
C TYR E 19 -35.65 78.89 24.38
N ASN E 20 -35.76 79.95 23.59
CA ASN E 20 -36.75 81.01 23.83
C ASN E 20 -38.01 80.69 23.02
N THR E 21 -38.95 80.03 23.67
CA THR E 21 -40.21 79.66 23.03
C THR E 21 -41.24 80.76 23.21
N PRO E 22 -42.24 80.83 22.32
CA PRO E 22 -43.33 81.81 22.50
C PRO E 22 -44.05 81.68 23.82
N ILE E 23 -44.03 80.50 24.45
CA ILE E 23 -44.65 80.34 25.75
C ILE E 23 -44.03 81.29 26.77
N HIS E 24 -42.71 81.53 26.64
CA HIS E 24 -42.03 82.42 27.57
C HIS E 24 -42.47 83.87 27.43
N ASP E 25 -43.09 84.23 26.31
CA ASP E 25 -43.58 85.59 26.09
C ASP E 25 -45.01 85.79 26.58
N ILE E 26 -45.62 84.79 27.19
CA ILE E 26 -47.01 84.88 27.65
C ILE E 26 -47.02 85.50 29.04
N LYS E 27 -47.68 86.66 29.16
CA LYS E 27 -47.88 87.30 30.45
C LYS E 27 -49.07 86.66 31.16
N VAL E 28 -48.83 86.09 32.33
CA VAL E 28 -49.85 85.34 33.07
C VAL E 28 -50.29 86.18 34.26
N GLN E 29 -51.60 86.36 34.39
CA GLN E 29 -52.20 87.08 35.51
C GLN E 29 -53.24 86.19 36.16
N VAL E 30 -53.22 86.12 37.49
CA VAL E 30 -54.15 85.30 38.26
C VAL E 30 -54.99 86.22 39.13
N TYR E 31 -56.30 86.19 38.94
CA TYR E 31 -57.24 86.98 39.71
C TYR E 31 -58.13 86.06 40.53
N ASP E 32 -58.69 86.62 41.60
CA ASP E 32 -59.62 85.86 42.43
C ASP E 32 -60.98 85.86 41.76
N ILE E 33 -61.65 84.70 41.82
CA ILE E 33 -62.93 84.57 41.11
C ILE E 33 -63.97 85.49 41.71
N LYS E 34 -63.84 85.83 43.00
CA LYS E 34 -64.79 86.73 43.63
C LYS E 34 -64.56 88.14 43.12
N GLY E 35 -65.64 88.92 43.07
CA GLY E 35 -65.57 90.26 42.56
C GLY E 35 -65.91 90.39 41.09
N GLY E 36 -66.38 89.33 40.46
CA GLY E 36 -66.77 89.38 39.07
C GLY E 36 -65.60 89.13 38.12
N CYS E 37 -65.93 88.63 36.94
CA CYS E 37 -64.98 88.36 35.89
C CYS E 37 -65.11 89.42 34.79
N ASN E 38 -63.98 89.92 34.31
CA ASN E 38 -63.97 90.91 33.25
C ASN E 38 -63.78 90.22 31.90
N VAL E 39 -64.70 90.48 30.97
CA VAL E 39 -64.65 89.96 29.62
C VAL E 39 -64.41 91.15 28.70
N GLU E 40 -63.17 91.35 28.28
CA GLU E 40 -62.79 92.52 27.49
C GLU E 40 -62.19 92.10 26.14
N GLU E 41 -61.01 91.51 26.13
CA GLU E 41 -60.36 91.07 24.91
C GLU E 41 -60.26 89.55 24.86
N GLY E 42 -60.03 89.03 23.65
CA GLY E 42 -59.65 87.65 23.47
C GLY E 42 -60.76 86.64 23.74
N LEU E 43 -60.34 85.47 24.20
CA LEU E 43 -61.22 84.33 24.42
C LEU E 43 -61.30 84.01 25.91
N THR E 44 -62.53 83.82 26.41
CA THR E 44 -62.78 83.51 27.81
C THR E 44 -63.46 82.15 27.89
N ILE E 45 -62.85 81.22 28.63
CA ILE E 45 -63.32 79.84 28.74
C ILE E 45 -63.63 79.53 30.20
N PHE E 46 -64.80 78.95 30.45
CA PHE E 46 -65.20 78.51 31.77
C PHE E 46 -65.03 77.00 31.87
N LEU E 47 -64.35 76.55 32.93
CA LEU E 47 -64.21 75.12 33.20
C LEU E 47 -65.36 74.70 34.10
N VAL E 48 -66.37 74.06 33.51
CA VAL E 48 -67.62 73.77 34.19
C VAL E 48 -67.82 72.26 34.30
N ASN E 49 -68.52 71.86 35.36
CA ASN E 49 -68.87 70.47 35.61
C ASN E 49 -70.29 70.42 36.15
N ASN E 50 -70.85 69.21 36.22
CA ASN E 50 -72.17 68.99 36.78
C ASN E 50 -72.12 67.71 37.61
N PRO E 51 -71.86 67.84 38.91
CA PRO E 51 -71.74 66.64 39.75
C PRO E 51 -73.04 65.86 39.82
N GLY E 52 -72.94 64.55 39.74
CA GLY E 52 -74.09 63.67 39.77
C GLY E 52 -74.71 63.43 38.41
N LYS E 53 -75.15 64.51 37.75
CA LYS E 53 -75.83 64.40 36.46
C LYS E 53 -74.80 64.09 35.37
N GLU E 54 -74.66 62.80 35.06
CA GLU E 54 -73.77 62.32 34.01
C GLU E 54 -74.08 62.97 32.67
N ASN E 55 -73.23 63.91 32.26
CA ASN E 55 -73.39 64.68 31.01
C ASN E 55 -74.51 65.71 31.15
N GLY E 56 -74.62 66.30 32.33
CA GLY E 56 -75.64 67.29 32.61
C GLY E 56 -75.42 68.61 31.90
N PRO E 57 -76.37 69.51 32.01
CA PRO E 57 -76.28 70.79 31.31
C PRO E 57 -75.21 71.69 31.91
N VAL E 58 -74.80 72.68 31.12
CA VAL E 58 -73.81 73.66 31.55
C VAL E 58 -74.50 74.77 32.33
N LYS E 59 -73.90 75.15 33.46
CA LYS E 59 -74.42 76.25 34.27
C LYS E 59 -73.24 77.10 34.73
N ILE E 60 -73.21 78.36 34.29
CA ILE E 60 -72.16 79.30 34.67
C ILE E 60 -72.60 80.03 35.93
N SER E 61 -71.79 79.94 36.99
CA SER E 61 -72.12 80.54 38.27
C SER E 61 -71.38 81.84 38.53
N SER E 62 -70.32 82.15 37.78
CA SER E 62 -69.54 83.34 38.04
C SER E 62 -70.24 84.58 37.51
N LYS E 63 -70.13 85.68 38.24
CA LYS E 63 -70.66 86.96 37.80
C LYS E 63 -69.72 87.57 36.76
N VAL E 64 -70.27 87.93 35.61
CA VAL E 64 -69.51 88.56 34.53
C VAL E 64 -69.91 90.02 34.46
N ASN E 65 -68.92 90.91 34.55
CA ASN E 65 -69.17 92.35 34.57
C ASN E 65 -69.38 92.89 33.16
N ASP E 66 -70.26 92.24 32.40
CA ASP E 66 -70.60 92.69 31.05
C ASP E 66 -72.01 92.21 30.75
N LYS E 67 -72.88 93.13 30.36
CA LYS E 67 -74.29 92.80 30.16
C LYS E 67 -74.47 91.85 28.97
N GLN E 68 -73.77 92.11 27.87
CA GLN E 68 -73.91 91.26 26.69
C GLN E 68 -73.46 89.83 26.98
N VAL E 69 -72.31 89.68 27.63
CA VAL E 69 -71.80 88.35 27.95
C VAL E 69 -72.69 87.69 29.00
N SER E 70 -73.15 88.46 29.99
CA SER E 70 -74.03 87.90 31.01
C SER E 70 -75.31 87.34 30.39
N GLU E 71 -75.83 88.01 29.36
CA GLU E 71 -77.00 87.48 28.67
C GLU E 71 -76.68 86.19 27.94
N PHE E 72 -75.49 86.12 27.31
CA PHE E 72 -75.08 84.90 26.63
C PHE E 72 -74.94 83.75 27.61
N LEU E 73 -74.42 84.01 28.81
CA LEU E 73 -74.16 82.99 29.81
C LEU E 73 -75.38 82.70 30.67
N LYS E 74 -76.56 83.12 30.25
CA LYS E 74 -77.78 82.83 31.01
C LYS E 74 -78.04 81.33 31.02
N ASP E 75 -78.72 80.87 32.07
CA ASP E 75 -78.95 79.44 32.25
C ASP E 75 -79.75 78.84 31.10
N GLU E 76 -80.75 79.57 30.60
CA GLU E 76 -81.54 79.08 29.48
C GLU E 76 -80.70 78.89 28.24
N ASN E 77 -79.67 79.72 28.05
CA ASN E 77 -78.81 79.57 26.88
C ASN E 77 -77.76 78.48 27.08
N MET E 78 -77.20 78.37 28.28
CA MET E 78 -76.11 77.42 28.50
C MET E 78 -76.59 76.00 28.70
N GLU E 79 -77.89 75.81 29.02
CA GLU E 79 -78.42 74.48 29.25
C GLU E 79 -78.46 73.66 27.97
N LYS E 80 -78.33 74.30 26.80
CA LYS E 80 -78.30 73.57 25.54
C LYS E 80 -76.98 72.84 25.32
N PHE E 81 -75.97 73.11 26.14
CA PHE E 81 -74.69 72.43 26.09
C PHE E 81 -74.54 71.55 27.32
N ASN E 82 -73.79 70.46 27.17
CA ASN E 82 -73.57 69.51 28.25
C ASN E 82 -72.11 69.55 28.68
N VAL E 83 -71.84 68.91 29.82
CA VAL E 83 -70.54 69.02 30.48
C VAL E 83 -69.69 67.76 30.29
N LYS E 84 -70.00 66.96 29.28
CA LYS E 84 -69.20 65.76 29.00
C LYS E 84 -67.74 66.14 28.85
N LEU E 85 -66.86 65.35 29.49
CA LEU E 85 -65.44 65.68 29.55
C LEU E 85 -64.87 65.85 28.16
N GLY E 86 -64.33 67.04 27.89
CA GLY E 86 -63.72 67.37 26.63
C GLY E 86 -64.61 68.16 25.69
N THR E 87 -65.92 68.15 25.90
CA THR E 87 -66.81 68.89 25.02
C THR E 87 -66.63 70.39 25.24
N SER E 88 -66.69 71.16 24.16
CA SER E 88 -66.48 72.59 24.25
C SER E 88 -67.23 73.31 23.13
N LYS E 89 -67.63 74.55 23.41
CA LYS E 89 -68.21 75.44 22.42
C LYS E 89 -67.74 76.85 22.73
N HIS E 90 -67.44 77.64 21.69
CA HIS E 90 -67.16 79.06 21.85
C HIS E 90 -67.92 79.85 20.79
N PHE E 91 -68.37 81.03 21.19
CA PHE E 91 -69.11 81.93 20.32
C PHE E 91 -68.40 83.27 20.26
N TYR E 92 -68.56 83.96 19.13
CA TYR E 92 -67.99 85.28 18.92
C TYR E 92 -69.12 86.30 18.98
N MET E 93 -68.88 87.39 19.70
CA MET E 93 -69.93 88.38 19.94
C MET E 93 -69.29 89.71 20.27
N PHE E 94 -70.14 90.72 20.39
CA PHE E 94 -69.71 92.05 20.80
C PHE E 94 -70.11 92.28 22.24
N ASN E 95 -69.20 92.85 23.03
CA ASN E 95 -69.45 93.11 24.44
C ASN E 95 -70.10 94.48 24.59
N ASP E 96 -70.16 94.99 25.82
CA ASP E 96 -70.80 96.28 26.05
C ASP E 96 -70.11 97.41 25.30
N ASN E 97 -68.79 97.31 25.11
CA ASN E 97 -68.04 98.34 24.41
C ASN E 97 -67.95 98.11 22.91
N LYS E 98 -68.81 97.26 22.35
CA LYS E 98 -68.82 96.94 20.93
C LYS E 98 -67.47 96.39 20.46
N ASN E 99 -66.83 95.61 21.32
CA ASN E 99 -65.56 94.96 20.98
C ASN E 99 -65.80 93.47 20.79
N SER E 100 -65.12 92.90 19.81
CA SER E 100 -65.28 91.48 19.53
C SER E 100 -64.63 90.64 20.62
N VAL E 101 -65.42 89.73 21.20
CA VAL E 101 -64.95 88.82 22.23
C VAL E 101 -65.42 87.42 21.89
N ALA E 102 -64.68 86.43 22.38
CA ALA E 102 -65.03 85.03 22.24
C ALA E 102 -65.23 84.44 23.63
N VAL E 103 -66.38 83.81 23.85
CA VAL E 103 -66.70 83.23 25.16
C VAL E 103 -67.10 81.78 24.94
N GLY E 104 -66.73 80.93 25.89
CA GLY E 104 -67.06 79.52 25.78
C GLY E 104 -66.80 78.77 27.06
N TYR E 105 -66.87 77.44 26.95
CA TYR E 105 -66.68 76.57 28.09
C TYR E 105 -66.00 75.29 27.62
N VAL E 106 -65.47 74.54 28.60
CA VAL E 106 -64.97 73.19 28.38
C VAL E 106 -65.58 72.30 29.44
N GLY E 107 -66.22 71.22 29.03
CA GLY E 107 -66.88 70.34 29.98
C GLY E 107 -65.87 69.54 30.78
N CYS E 108 -66.10 69.47 32.10
CA CYS E 108 -65.19 68.75 32.99
C CYS E 108 -65.85 67.55 33.65
N GLY E 109 -66.90 67.01 33.04
CA GLY E 109 -67.50 65.79 33.55
C GLY E 109 -68.35 66.00 34.79
N SER E 110 -68.52 64.92 35.55
CA SER E 110 -69.38 64.93 36.72
C SER E 110 -68.65 64.58 38.02
N VAL E 111 -67.36 64.26 37.98
CA VAL E 111 -66.60 63.99 39.20
C VAL E 111 -65.92 65.27 39.65
N ALA E 112 -65.96 65.52 40.96
CA ALA E 112 -65.44 66.77 41.49
C ALA E 112 -63.91 66.81 41.40
N ASP E 113 -63.24 65.68 41.62
CA ASP E 113 -61.79 65.61 41.60
C ASP E 113 -61.33 65.08 40.25
N LEU E 114 -60.68 65.94 39.47
CA LEU E 114 -60.19 65.55 38.16
C LEU E 114 -58.81 64.91 38.30
N SER E 115 -58.63 63.76 37.65
CA SER E 115 -57.34 63.11 37.61
C SER E 115 -56.41 63.84 36.64
N GLU E 116 -55.14 63.43 36.64
CA GLU E 116 -54.20 64.00 35.69
C GLU E 116 -54.61 63.70 34.25
N ALA E 117 -55.20 62.53 34.01
CA ALA E 117 -55.69 62.21 32.67
C ALA E 117 -56.90 63.07 32.31
N ASP E 118 -57.78 63.33 33.27
CA ASP E 118 -58.94 64.19 33.00
C ASP E 118 -58.50 65.61 32.68
N MET E 119 -57.55 66.15 33.45
CA MET E 119 -57.05 67.49 33.18
C MET E 119 -56.38 67.57 31.82
N LYS E 120 -55.71 66.49 31.39
CA LYS E 120 -55.12 66.46 30.06
C LYS E 120 -56.18 66.57 28.97
N ARG E 121 -57.31 65.89 29.15
CA ARG E 121 -58.39 65.98 28.18
C ARG E 121 -59.00 67.38 28.16
N VAL E 122 -59.09 68.01 29.34
CA VAL E 122 -59.60 69.37 29.40
C VAL E 122 -58.64 70.34 28.70
N VAL E 123 -57.34 70.17 28.93
CA VAL E 123 -56.35 71.04 28.31
C VAL E 123 -56.31 70.84 26.80
N LEU E 124 -56.42 69.59 26.34
CA LEU E 124 -56.38 69.31 24.90
C LEU E 124 -57.55 69.97 24.19
N SER E 125 -58.72 69.99 24.82
CA SER E 125 -59.86 70.72 24.25
C SER E 125 -59.57 72.22 24.21
N LEU E 126 -58.89 72.73 25.24
CA LEU E 126 -58.49 74.13 25.25
C LEU E 126 -57.49 74.45 24.14
N VAL E 127 -56.50 73.56 23.95
CA VAL E 127 -55.46 73.81 22.95
C VAL E 127 -56.04 73.76 21.53
N THR E 128 -57.05 72.91 21.30
CA THR E 128 -57.69 72.87 19.99
C THR E 128 -58.29 74.22 19.63
N MET E 129 -58.82 74.93 20.62
CA MET E 129 -59.36 76.26 20.40
C MET E 129 -58.26 77.30 20.22
N LEU E 130 -57.10 77.09 20.84
CA LEU E 130 -56.02 78.05 20.68
C LEU E 130 -55.38 77.93 19.31
N HIS E 131 -55.33 76.72 18.75
CA HIS E 131 -54.72 76.50 17.44
C HIS E 131 -55.60 76.94 16.29
N ASP E 132 -56.89 77.18 16.53
CA ASP E 132 -57.82 77.61 15.48
C ASP E 132 -58.42 78.98 15.79
N ASN E 133 -57.69 79.80 16.54
CA ASN E 133 -58.16 81.14 16.89
C ASN E 133 -56.96 82.06 17.02
N LYS E 134 -56.96 83.16 16.27
CA LYS E 134 -55.84 84.09 16.26
C LYS E 134 -55.98 85.14 17.34
N LEU E 135 -56.21 84.68 18.57
CA LEU E 135 -56.46 85.56 19.70
C LEU E 135 -55.16 86.05 20.32
N SER E 136 -55.25 87.20 21.00
CA SER E 136 -54.12 87.80 21.69
C SER E 136 -54.09 87.48 23.18
N LYS E 137 -55.24 87.14 23.76
CA LYS E 137 -55.35 86.84 25.17
C LYS E 137 -56.31 85.68 25.38
N LEU E 138 -55.98 84.80 26.31
CA LEU E 138 -56.86 83.73 26.73
C LEU E 138 -57.14 83.86 28.21
N THR E 139 -58.40 83.77 28.60
CA THR E 139 -58.81 83.84 30.00
C THR E 139 -59.56 82.57 30.36
N VAL E 140 -59.10 81.88 31.41
CA VAL E 140 -59.72 80.65 31.88
C VAL E 140 -60.32 80.91 33.26
N VAL E 141 -61.59 80.59 33.42
CA VAL E 141 -62.32 80.79 34.66
C VAL E 141 -62.56 79.42 35.27
N PHE E 142 -61.95 79.17 36.43
CA PHE E 142 -62.01 77.87 37.08
C PHE E 142 -63.26 77.78 37.95
N GLU E 143 -64.32 77.18 37.41
CA GLU E 143 -65.51 76.84 38.18
C GLU E 143 -65.47 75.40 38.68
N ILE E 144 -64.27 74.84 38.82
CA ILE E 144 -64.06 73.49 39.33
C ILE E 144 -63.04 73.57 40.46
N ASN E 145 -62.83 72.44 41.12
CA ASN E 145 -61.98 72.36 42.31
C ASN E 145 -60.65 71.72 41.93
N VAL E 146 -59.58 72.49 42.04
CA VAL E 146 -58.24 72.02 41.72
C VAL E 146 -57.30 72.47 42.82
N ASP E 147 -56.37 71.60 43.22
CA ASP E 147 -55.38 71.97 44.21
C ASP E 147 -54.22 72.72 43.55
N LYS E 148 -53.23 73.11 44.37
CA LYS E 148 -52.09 73.84 43.83
C LYS E 148 -51.28 73.00 42.86
N ASN E 149 -51.10 71.71 43.15
CA ASN E 149 -50.33 70.85 42.28
C ASN E 149 -51.01 70.65 40.93
N LEU E 150 -52.32 70.39 40.93
CA LEU E 150 -53.03 70.20 39.67
C LEU E 150 -53.14 71.49 38.89
N PHE E 151 -53.20 72.64 39.57
CA PHE E 151 -53.21 73.91 38.87
C PHE E 151 -51.89 74.14 38.13
N ARG E 152 -50.78 73.83 38.79
CA ARG E 152 -49.48 73.90 38.11
C ARG E 152 -49.45 72.91 36.94
N PHE E 153 -50.00 71.71 37.15
CA PHE E 153 -50.08 70.74 36.06
C PHE E 153 -50.93 71.25 34.91
N PHE E 154 -52.00 71.99 35.22
CA PHE E 154 -52.82 72.59 34.17
C PHE E 154 -52.01 73.55 33.32
N LEU E 155 -51.20 74.39 33.95
CA LEU E 155 -50.40 75.35 33.19
C LEU E 155 -49.31 74.65 32.40
N GLU E 156 -48.62 73.69 33.02
CA GLU E 156 -47.58 72.93 32.32
C GLU E 156 -48.15 72.22 31.10
N THR E 157 -49.25 71.50 31.28
CA THR E 157 -49.84 70.76 30.17
C THR E 157 -50.34 71.71 29.09
N LEU E 158 -50.93 72.83 29.48
CA LEU E 158 -51.35 73.82 28.50
C LEU E 158 -50.14 74.34 27.72
N PHE E 159 -49.09 74.73 28.43
CA PHE E 159 -47.89 75.24 27.77
C PHE E 159 -47.28 74.20 26.84
N TYR E 160 -47.21 72.94 27.29
CA TYR E 160 -46.56 71.90 26.50
C TYR E 160 -47.35 71.61 25.22
N GLU E 161 -48.67 71.38 25.35
CA GLU E 161 -49.46 71.05 24.17
C GLU E 161 -49.62 72.23 23.24
N TYR E 162 -49.66 73.45 23.79
CA TYR E 162 -49.75 74.65 22.96
C TYR E 162 -48.51 74.81 22.09
N MET E 163 -47.34 74.47 22.64
CA MET E 163 -46.09 74.62 21.91
C MET E 163 -46.03 73.64 20.75
N THR E 164 -45.54 74.11 19.61
CA THR E 164 -45.42 73.30 18.40
C THR E 164 -43.96 73.29 17.95
N ASP E 165 -43.42 72.09 17.74
CA ASP E 165 -42.03 71.91 17.34
C ASP E 165 -41.93 72.01 15.83
N GLU E 166 -41.28 73.05 15.33
CA GLU E 166 -41.13 73.29 13.89
C GLU E 166 -39.67 73.32 13.47
N ARG E 167 -38.78 72.74 14.27
CA ARG E 167 -37.35 72.80 13.97
C ARG E 167 -37.02 72.12 12.64
N PHE E 168 -37.80 71.12 12.25
CA PHE E 168 -37.51 70.33 11.05
C PHE E 168 -38.43 70.66 9.89
N LYS E 169 -39.22 71.73 9.98
CA LYS E 169 -40.03 72.17 8.85
C LYS E 169 -39.24 73.16 7.99
N SER E 170 -39.14 72.88 6.70
CA SER E 170 -38.50 73.79 5.76
C SER E 170 -39.55 74.52 4.92
N THR E 171 -39.99 73.88 3.83
CA THR E 171 -40.94 74.47 2.90
C THR E 171 -42.33 74.57 3.52
N GLU E 178 -49.29 82.61 15.38
CA GLU E 178 -49.57 83.75 16.24
C GLU E 178 -50.02 83.30 17.63
N TYR E 179 -49.04 83.12 18.52
CA TYR E 179 -49.31 82.70 19.88
C TYR E 179 -49.94 83.86 20.68
N ILE E 180 -50.74 83.50 21.68
CA ILE E 180 -51.30 84.51 22.56
C ILE E 180 -50.16 85.18 23.34
N LYS E 181 -50.40 86.42 23.76
CA LYS E 181 -49.43 87.18 24.52
C LYS E 181 -49.84 87.37 25.99
N HIS E 182 -51.08 87.06 26.34
CA HIS E 182 -51.56 87.23 27.70
C HIS E 182 -52.42 86.03 28.07
N LEU E 183 -52.30 85.59 29.33
CA LEU E 183 -53.11 84.51 29.88
C LEU E 183 -53.70 84.97 31.20
N GLY E 184 -55.02 84.97 31.28
CA GLY E 184 -55.73 85.34 32.49
C GLY E 184 -56.35 84.10 33.12
N VAL E 185 -56.29 84.03 34.45
CA VAL E 185 -56.81 82.90 35.20
C VAL E 185 -57.69 83.45 36.32
N TYR E 186 -58.94 82.99 36.38
CA TYR E 186 -59.86 83.30 37.46
C TYR E 186 -60.04 82.04 38.30
N ILE E 187 -59.79 82.15 39.60
CA ILE E 187 -59.84 81.00 40.49
C ILE E 187 -60.06 81.50 41.91
N ASN E 188 -60.78 80.71 42.70
CA ASN E 188 -60.94 80.99 44.12
C ASN E 188 -59.61 80.87 44.85
N ASN E 189 -59.37 81.78 45.80
CA ASN E 189 -58.12 81.85 46.56
C ASN E 189 -56.93 81.94 45.61
N ALA E 190 -57.01 82.90 44.69
CA ALA E 190 -55.98 83.11 43.68
C ALA E 190 -54.58 83.29 44.27
N ASP E 191 -54.48 83.91 45.44
CA ASP E 191 -53.17 84.25 45.99
C ASP E 191 -52.32 83.01 46.23
N THR E 192 -52.93 81.88 46.59
CA THR E 192 -52.17 80.67 46.85
C THR E 192 -51.68 79.99 45.58
N TYR E 193 -52.29 80.29 44.43
CA TYR E 193 -51.90 79.67 43.16
C TYR E 193 -50.87 80.49 42.39
N LYS E 194 -50.58 81.73 42.81
CA LYS E 194 -49.73 82.60 42.01
C LYS E 194 -48.30 82.08 41.92
N GLU E 195 -47.80 81.44 42.98
CA GLU E 195 -46.42 80.94 42.96
C GLU E 195 -46.24 79.75 42.03
N GLU E 196 -47.33 79.10 41.61
CA GLU E 196 -47.23 77.97 40.71
C GLU E 196 -47.05 78.37 39.26
N VAL E 197 -47.25 79.65 38.94
CA VAL E 197 -47.20 80.08 37.54
C VAL E 197 -45.78 79.95 37.00
N GLU E 198 -44.82 80.60 37.66
CA GLU E 198 -43.44 80.55 37.17
C GLU E 198 -42.82 79.19 37.40
N LYS E 199 -43.28 78.43 38.39
CA LYS E 199 -42.82 77.06 38.54
C LYS E 199 -43.30 76.20 37.38
N ALA E 200 -44.53 76.42 36.92
CA ALA E 200 -45.04 75.69 35.76
C ALA E 200 -44.27 76.05 34.51
N ARG E 201 -43.88 77.33 34.37
CA ARG E 201 -43.12 77.75 33.19
C ARG E 201 -41.76 77.06 33.16
N VAL E 202 -41.11 76.91 34.32
CA VAL E 202 -39.85 76.18 34.38
C VAL E 202 -40.08 74.70 34.10
N TYR E 203 -41.10 74.13 34.73
CA TYR E 203 -41.41 72.71 34.48
C TYR E 203 -41.80 72.47 33.03
N TYR E 204 -42.47 73.45 32.39
CA TYR E 204 -42.87 73.29 31.01
C TYR E 204 -41.64 73.12 30.10
N PHE E 205 -40.65 74.00 30.24
CA PHE E 205 -39.52 73.97 29.32
C PHE E 205 -38.65 72.75 29.55
N GLY E 206 -38.46 72.35 30.81
CA GLY E 206 -37.75 71.11 31.07
C GLY E 206 -38.37 69.93 30.37
N THR E 207 -39.70 69.85 30.38
CA THR E 207 -40.39 68.80 29.63
C THR E 207 -40.26 69.01 28.13
N TYR E 208 -40.39 70.27 27.68
CA TYR E 208 -40.29 70.54 26.25
C TYR E 208 -38.86 70.38 25.74
N TYR E 209 -37.87 70.76 26.55
CA TYR E 209 -36.47 70.56 26.17
C TYR E 209 -36.17 69.07 26.00
N ALA E 210 -36.61 68.25 26.96
CA ALA E 210 -36.46 66.81 26.81
C ALA E 210 -37.22 66.31 25.59
N SER E 211 -38.40 66.87 25.33
CA SER E 211 -39.17 66.49 24.15
C SER E 211 -38.39 66.80 22.87
N GLN E 212 -37.66 67.92 22.86
CA GLN E 212 -36.87 68.27 21.68
C GLN E 212 -35.77 67.24 21.42
N LEU E 213 -35.14 66.73 22.48
CA LEU E 213 -34.10 65.74 22.30
C LEU E 213 -34.67 64.42 21.82
N ILE E 214 -35.81 64.00 22.38
CA ILE E 214 -36.41 62.72 21.99
C ILE E 214 -36.92 62.79 20.56
N ALA E 215 -37.63 63.86 20.22
CA ALA E 215 -38.20 63.98 18.88
C ALA E 215 -37.11 64.12 17.81
N ALA E 216 -35.94 64.62 18.19
CA ALA E 216 -34.83 64.77 17.25
C ALA E 216 -34.44 63.41 16.67
N PRO E 217 -34.42 63.25 15.35
CA PRO E 217 -34.08 61.94 14.77
C PRO E 217 -32.65 61.54 15.07
N SER E 218 -32.36 60.27 14.81
CA SER E 218 -31.07 59.69 15.20
C SER E 218 -29.91 60.23 14.37
N ASN E 219 -30.16 60.75 13.17
CA ASN E 219 -29.09 61.39 12.43
C ASN E 219 -28.78 62.78 12.98
N TYR E 220 -29.77 63.44 13.57
CA TYR E 220 -29.52 64.71 14.26
C TYR E 220 -29.01 64.47 15.67
N CYS E 221 -29.66 63.57 16.41
CA CYS E 221 -29.32 63.29 17.80
C CYS E 221 -28.53 61.99 17.86
N ASN E 222 -27.20 62.11 17.90
CA ASN E 222 -26.29 60.97 18.00
C ASN E 222 -25.48 61.10 19.28
N PRO E 223 -24.70 60.09 19.68
CA PRO E 223 -23.95 60.21 20.94
C PRO E 223 -23.06 61.45 21.04
N VAL E 224 -22.47 61.90 19.93
CA VAL E 224 -21.62 63.07 19.98
C VAL E 224 -22.44 64.34 20.08
N SER E 225 -23.48 64.46 19.25
CA SER E 225 -24.30 65.67 19.25
C SER E 225 -25.13 65.79 20.53
N LEU E 226 -25.53 64.66 21.11
CA LEU E 226 -26.30 64.72 22.35
C LEU E 226 -25.44 65.19 23.52
N SER E 227 -24.22 64.67 23.62
CA SER E 227 -23.31 65.14 24.67
C SER E 227 -22.91 66.59 24.45
N ASN E 228 -22.76 67.01 23.20
CA ASN E 228 -22.49 68.42 22.91
C ASN E 228 -23.63 69.30 23.40
N ALA E 229 -24.88 68.87 23.19
CA ALA E 229 -26.02 69.62 23.68
C ALA E 229 -26.07 69.64 25.21
N ALA E 230 -25.65 68.55 25.85
CA ALA E 230 -25.60 68.52 27.31
C ALA E 230 -24.56 69.50 27.86
N VAL E 231 -23.41 69.61 27.18
CA VAL E 231 -22.40 70.58 27.58
C VAL E 231 -22.94 71.99 27.45
N GLU E 232 -23.59 72.28 26.32
CA GLU E 232 -24.17 73.60 26.11
C GLU E 232 -25.20 73.94 27.19
N LEU E 233 -26.01 72.97 27.59
CA LEU E 233 -26.99 73.19 28.65
C LEU E 233 -26.29 73.44 29.99
N ALA E 234 -25.26 72.64 30.30
CA ALA E 234 -24.55 72.81 31.56
C ALA E 234 -23.87 74.17 31.63
N GLN E 235 -23.36 74.65 30.49
CA GLN E 235 -22.72 75.96 30.48
C GLN E 235 -23.74 77.08 30.69
N LYS E 236 -24.93 76.93 30.13
CA LYS E 236 -25.97 77.95 30.29
C LYS E 236 -26.51 78.01 31.72
N LEU E 237 -26.45 76.91 32.45
CA LEU E 237 -26.96 76.84 33.81
C LEU E 237 -25.87 76.89 34.87
N ASN E 238 -24.61 77.03 34.46
CA ASN E 238 -23.47 77.05 35.38
C ASN E 238 -23.37 75.77 36.18
N LEU E 239 -23.64 74.65 35.52
CA LEU E 239 -23.43 73.33 36.12
C LEU E 239 -22.06 72.81 35.74
N GLU E 240 -21.46 72.04 36.65
CA GLU E 240 -20.24 71.33 36.32
C GLU E 240 -20.55 70.23 35.31
N TYR E 241 -19.66 70.05 34.34
CA TYR E 241 -19.88 69.07 33.30
C TYR E 241 -18.58 68.34 32.97
N LYS E 242 -18.72 67.09 32.56
CA LYS E 242 -17.58 66.26 32.20
C LYS E 242 -18.08 65.18 31.25
N ILE E 243 -17.48 65.09 30.07
CA ILE E 243 -17.86 64.11 29.06
C ILE E 243 -16.73 63.11 28.92
N LEU E 244 -16.99 61.86 29.27
CA LEU E 244 -15.98 60.80 29.22
C LEU E 244 -15.98 60.17 27.84
N GLY E 245 -14.81 60.19 27.20
CA GLY E 245 -14.66 59.58 25.88
C GLY E 245 -14.22 58.14 25.96
N VAL E 246 -14.04 57.54 24.79
CA VAL E 246 -13.76 56.10 24.69
C VAL E 246 -12.48 55.76 25.45
N LYS E 247 -11.47 56.64 25.38
CA LYS E 247 -10.20 56.36 26.04
C LYS E 247 -10.36 56.29 27.55
N GLU E 248 -11.11 57.23 28.13
CA GLU E 248 -11.36 57.20 29.58
C GLU E 248 -12.25 56.03 29.96
N LEU E 249 -13.24 55.71 29.12
CA LEU E 249 -14.13 54.59 29.44
C LEU E 249 -13.40 53.26 29.41
N GLU E 250 -12.41 53.11 28.53
CA GLU E 250 -11.61 51.88 28.51
C GLU E 250 -10.79 51.73 29.79
N GLU E 251 -10.21 52.82 30.29
CA GLU E 251 -9.44 52.74 31.53
C GLU E 251 -10.34 52.38 32.71
N LEU E 252 -11.60 52.82 32.68
CA LEU E 252 -12.56 52.44 33.71
C LEU E 252 -13.16 51.07 33.47
N LYS E 253 -12.75 50.38 32.42
CA LYS E 253 -13.14 48.98 32.15
C LYS E 253 -14.65 48.84 31.96
N MET E 254 -15.27 49.85 31.34
CA MET E 254 -16.71 49.84 31.09
C MET E 254 -17.00 48.96 29.86
N GLY E 255 -16.82 47.65 30.07
CA GLY E 255 -16.93 46.72 28.96
C GLY E 255 -18.36 46.53 28.48
N ALA E 256 -19.32 46.54 29.40
CA ALA E 256 -20.72 46.38 29.01
C ALA E 256 -21.20 47.57 28.20
N TYR E 257 -20.91 48.79 28.68
CA TYR E 257 -21.30 50.00 27.97
C TYR E 257 -20.58 50.12 26.63
N LEU E 258 -19.29 49.82 26.59
CA LEU E 258 -18.52 49.96 25.36
C LEU E 258 -18.91 48.93 24.32
N SER E 259 -19.33 47.74 24.76
CA SER E 259 -19.68 46.67 23.81
C SER E 259 -20.89 47.05 22.97
N VAL E 260 -21.84 47.77 23.55
CA VAL E 260 -23.06 48.13 22.83
C VAL E 260 -22.73 49.06 21.67
N GLY E 261 -21.82 50.00 21.88
CA GLY E 261 -21.47 50.98 20.88
C GLY E 261 -20.38 50.57 19.91
N LYS E 262 -19.92 49.31 19.99
CA LYS E 262 -18.85 48.86 19.10
C LYS E 262 -19.24 49.00 17.63
N GLY E 263 -20.50 48.70 17.30
CA GLY E 263 -20.96 48.75 15.94
C GLY E 263 -21.40 50.09 15.43
N SER E 264 -21.23 51.15 16.21
CA SER E 264 -21.68 52.49 15.82
C SER E 264 -20.51 53.30 15.27
N MET E 265 -20.84 54.19 14.33
CA MET E 265 -19.87 55.13 13.79
C MET E 265 -19.62 56.31 14.73
N TYR E 266 -20.42 56.47 15.77
CA TYR E 266 -20.26 57.55 16.73
C TYR E 266 -19.63 57.01 18.00
N PRO E 267 -18.53 57.61 18.47
CA PRO E 267 -17.89 57.12 19.69
C PRO E 267 -18.80 57.31 20.89
N ASN E 268 -18.65 56.41 21.87
CA ASN E 268 -19.43 56.50 23.09
C ASN E 268 -19.09 57.78 23.84
N LYS E 269 -20.10 58.38 24.46
CA LYS E 269 -19.92 59.60 25.25
C LYS E 269 -20.71 59.48 26.53
N PHE E 270 -20.02 59.56 27.66
CA PHE E 270 -20.64 59.48 28.98
C PHE E 270 -20.86 60.88 29.52
N ILE E 271 -22.12 61.25 29.73
CA ILE E 271 -22.47 62.58 30.22
C ILE E 271 -22.48 62.55 31.74
N HIS E 272 -21.80 63.53 32.35
CA HIS E 272 -21.78 63.68 33.81
C HIS E 272 -21.92 65.16 34.13
N LEU E 273 -23.13 65.58 34.46
CA LEU E 273 -23.38 66.93 34.96
C LEU E 273 -23.57 66.87 36.46
N THR E 274 -23.17 67.94 37.14
CA THR E 274 -23.26 68.01 38.59
C THR E 274 -23.83 69.36 38.99
N TYR E 275 -24.80 69.32 39.91
CA TYR E 275 -25.33 70.52 40.55
C TYR E 275 -24.97 70.47 42.02
N LYS E 276 -24.22 71.48 42.48
CA LYS E 276 -23.86 71.62 43.87
C LYS E 276 -24.54 72.87 44.44
N SER E 277 -24.99 72.76 45.69
CA SER E 277 -25.65 73.87 46.35
C SER E 277 -24.64 74.76 47.04
N LYS E 278 -25.02 76.02 47.25
CA LYS E 278 -24.13 76.95 47.91
C LYS E 278 -24.01 76.65 49.40
N GLY E 279 -25.07 76.10 50.00
CA GLY E 279 -25.06 75.76 51.41
C GLY E 279 -24.47 74.39 51.68
N ASP E 280 -24.63 73.94 52.92
CA ASP E 280 -24.15 72.63 53.32
C ASP E 280 -24.92 71.55 52.57
N VAL E 281 -24.18 70.65 51.91
CA VAL E 281 -24.81 69.57 51.17
C VAL E 281 -25.33 68.53 52.15
N LYS E 282 -26.65 68.31 52.14
CA LYS E 282 -27.29 67.36 53.03
C LYS E 282 -27.76 66.09 52.34
N LYS E 283 -27.93 66.10 51.02
CA LYS E 283 -28.36 64.93 50.28
C LYS E 283 -27.62 64.86 48.96
N LYS E 284 -27.10 63.68 48.64
CA LYS E 284 -26.42 63.42 47.38
C LYS E 284 -27.25 62.44 46.56
N ILE E 285 -27.55 62.84 45.32
CA ILE E 285 -28.44 62.08 44.45
C ILE E 285 -27.76 61.89 43.10
N ALA E 286 -27.88 60.68 42.55
CA ALA E 286 -27.38 60.37 41.21
C ALA E 286 -28.57 59.99 40.33
N LEU E 287 -28.75 60.69 39.23
CA LEU E 287 -29.81 60.42 38.27
C LEU E 287 -29.18 59.84 37.00
N VAL E 288 -29.58 58.62 36.64
CA VAL E 288 -29.02 57.90 35.51
C VAL E 288 -30.11 57.76 34.46
N GLY E 289 -29.81 58.19 33.25
CA GLY E 289 -30.76 58.10 32.14
C GLY E 289 -30.21 57.23 31.02
N LYS E 290 -31.06 56.34 30.50
CA LYS E 290 -30.67 55.52 29.37
C LYS E 290 -30.52 56.39 28.14
N GLY E 291 -29.36 56.33 27.50
CA GLY E 291 -29.08 57.19 26.37
C GLY E 291 -28.71 56.46 25.11
N ILE E 292 -29.62 55.62 24.61
CA ILE E 292 -29.43 54.96 23.33
C ILE E 292 -30.05 55.87 22.26
N THR E 293 -29.20 56.55 21.49
CA THR E 293 -29.70 57.50 20.50
C THR E 293 -30.45 56.78 19.38
N PHE E 294 -30.09 55.55 19.08
CA PHE E 294 -30.88 54.71 18.20
C PHE E 294 -30.67 53.25 18.58
N ASP E 295 -31.77 52.50 18.67
CA ASP E 295 -31.74 51.09 19.04
C ASP E 295 -32.25 50.28 17.85
N SER E 296 -31.33 49.89 16.95
CA SER E 296 -31.70 48.99 15.88
C SER E 296 -31.92 47.57 16.38
N GLY E 297 -31.44 47.26 17.58
CA GLY E 297 -31.48 45.92 18.11
C GLY E 297 -30.19 45.15 17.95
N GLY E 298 -29.24 45.67 17.16
CA GLY E 298 -28.05 44.90 16.90
C GLY E 298 -28.36 43.73 15.99
N TYR E 299 -27.53 42.68 16.08
CA TYR E 299 -27.77 41.48 15.28
C TYR E 299 -29.08 40.81 15.65
N ASN E 300 -29.61 41.04 16.85
CA ASN E 300 -31.00 40.74 17.16
C ASN E 300 -31.88 41.87 16.64
N LEU E 301 -31.88 42.01 15.31
CA LEU E 301 -32.51 43.16 14.66
C LEU E 301 -34.00 43.22 14.96
N LYS E 302 -34.50 44.45 15.11
CA LYS E 302 -35.93 44.69 15.33
C LYS E 302 -36.66 44.50 14.00
N ALA E 303 -36.91 43.23 13.68
CA ALA E 303 -37.61 42.87 12.44
C ALA E 303 -38.93 42.17 12.66
N ALA E 304 -39.25 41.76 13.90
CA ALA E 304 -40.51 41.12 14.16
C ALA E 304 -41.66 42.13 14.04
N PRO E 305 -42.85 41.66 13.67
CA PRO E 305 -44.00 42.58 13.58
C PRO E 305 -44.29 43.22 14.94
N GLY E 306 -44.50 44.54 14.92
CA GLY E 306 -44.75 45.29 16.13
C GLY E 306 -43.52 45.76 16.87
N SER E 307 -42.31 45.44 16.38
CA SER E 307 -41.09 45.88 17.05
C SER E 307 -40.87 47.37 16.90
N MET E 308 -41.45 48.00 15.89
CA MET E 308 -41.46 49.45 15.72
C MET E 308 -40.04 50.04 15.73
N ILE E 309 -39.26 49.64 14.72
CA ILE E 309 -37.88 50.11 14.63
C ILE E 309 -37.84 51.60 14.34
N ASP E 310 -38.87 52.13 13.68
CA ASP E 310 -38.90 53.55 13.34
C ASP E 310 -39.13 54.44 14.54
N LEU E 311 -39.54 53.89 15.68
CA LEU E 311 -39.72 54.66 16.90
C LEU E 311 -38.45 54.78 17.71
N MET E 312 -37.47 53.91 17.46
CA MET E 312 -36.33 53.71 18.35
C MET E 312 -35.38 54.89 18.44
N LYS E 313 -35.67 56.05 17.83
CA LYS E 313 -34.94 57.26 18.18
C LYS E 313 -35.26 57.72 19.59
N PHE E 314 -36.37 57.24 20.17
CA PHE E 314 -36.80 57.65 21.51
C PHE E 314 -36.10 56.87 22.61
N ASP E 315 -35.18 55.97 22.28
CA ASP E 315 -34.53 55.14 23.28
C ASP E 315 -33.56 55.92 24.16
N MET E 316 -33.42 57.23 23.96
CA MET E 316 -32.69 58.10 24.86
C MET E 316 -33.62 58.97 25.69
N SER E 317 -34.89 58.54 25.83
CA SER E 317 -35.85 59.32 26.60
C SER E 317 -35.44 59.44 28.07
N GLY E 318 -34.82 58.38 28.61
CA GLY E 318 -34.32 58.47 29.98
C GLY E 318 -33.24 59.52 30.13
N CYS E 319 -32.30 59.55 29.19
CA CYS E 319 -31.27 60.59 29.19
C CYS E 319 -31.91 61.97 29.03
N ALA E 320 -32.90 62.09 28.16
CA ALA E 320 -33.57 63.37 27.97
C ALA E 320 -34.30 63.81 29.24
N ALA E 321 -34.91 62.86 29.94
CA ALA E 321 -35.59 63.20 31.19
C ALA E 321 -34.59 63.69 32.23
N VAL E 322 -33.41 63.06 32.29
CA VAL E 322 -32.39 63.49 33.22
C VAL E 322 -31.87 64.88 32.85
N LEU E 323 -31.69 65.13 31.55
CA LEU E 323 -31.24 66.44 31.11
C LEU E 323 -32.32 67.49 31.33
N GLY E 324 -33.58 67.13 31.09
CA GLY E 324 -34.66 68.05 31.39
C GLY E 324 -34.76 68.36 32.87
N CYS E 325 -34.48 67.36 33.71
CA CYS E 325 -34.43 67.60 35.15
C CYS E 325 -33.27 68.52 35.50
N ALA E 326 -32.15 68.39 34.79
CA ALA E 326 -31.02 69.28 35.03
C ALA E 326 -31.38 70.74 34.77
N TYR E 327 -32.24 71.00 33.79
CA TYR E 327 -32.68 72.37 33.54
C TYR E 327 -33.49 72.90 34.71
N CYS E 328 -34.47 72.12 35.18
CA CYS E 328 -35.33 72.59 36.27
C CYS E 328 -34.52 72.81 37.55
N VAL E 329 -33.63 71.87 37.88
CA VAL E 329 -32.80 72.04 39.08
C VAL E 329 -31.84 73.20 38.91
N GLY E 330 -31.23 73.33 37.72
CA GLY E 330 -30.32 74.42 37.48
C GLY E 330 -31.00 75.77 37.46
N THR E 331 -32.29 75.81 37.11
CA THR E 331 -33.04 77.06 37.07
C THR E 331 -33.61 77.41 38.43
N LEU E 332 -34.27 76.47 39.10
CA LEU E 332 -34.88 76.73 40.39
C LEU E 332 -33.85 76.75 41.52
N LYS E 333 -32.70 76.09 41.33
CA LYS E 333 -31.58 76.12 42.26
C LYS E 333 -31.99 75.74 43.68
N PRO E 334 -32.29 74.47 43.96
CA PRO E 334 -32.57 74.06 45.34
C PRO E 334 -31.31 74.13 46.19
N GLU E 335 -31.51 74.02 47.49
CA GLU E 335 -30.44 74.16 48.46
C GLU E 335 -30.19 72.84 49.19
N ASN E 336 -28.95 72.71 49.69
CA ASN E 336 -28.54 71.58 50.53
C ASN E 336 -28.62 70.24 49.79
N VAL E 337 -28.41 70.27 48.47
CA VAL E 337 -28.47 69.06 47.65
C VAL E 337 -27.34 69.08 46.65
N GLU E 338 -26.78 67.91 46.37
CA GLU E 338 -25.78 67.72 45.33
C GLU E 338 -26.27 66.61 44.42
N ILE E 339 -26.51 66.94 43.15
CA ILE E 339 -27.14 66.04 42.21
C ILE E 339 -26.19 65.82 41.04
N HIS E 340 -26.03 64.55 40.65
CA HIS E 340 -25.25 64.18 39.48
C HIS E 340 -26.19 63.67 38.40
N PHE E 341 -26.06 64.22 37.20
CA PHE E 341 -26.88 63.85 36.05
C PHE E 341 -26.00 63.02 35.12
N LEU E 342 -26.28 61.73 35.02
CA LEU E 342 -25.43 60.79 34.31
C LEU E 342 -26.20 60.11 33.18
N SER E 343 -25.48 59.78 32.11
CA SER E 343 -26.06 59.03 30.99
C SER E 343 -24.93 58.45 30.17
N ALA E 344 -24.92 57.13 30.01
CA ALA E 344 -23.96 56.44 29.15
C ALA E 344 -24.55 56.37 27.74
N VAL E 345 -24.20 57.35 26.91
CA VAL E 345 -24.82 57.54 25.60
C VAL E 345 -24.05 56.74 24.56
N CYS E 346 -24.78 56.03 23.70
CA CYS E 346 -24.19 55.28 22.61
C CYS E 346 -25.28 54.95 21.59
N GLU E 347 -24.93 54.16 20.58
CA GLU E 347 -25.84 53.79 19.51
C GLU E 347 -25.71 52.31 19.23
N ASN E 348 -26.85 51.63 19.11
CA ASN E 348 -26.90 50.18 18.91
C ASN E 348 -27.15 49.91 17.43
N MET E 349 -26.10 49.48 16.73
CA MET E 349 -26.14 49.34 15.28
C MET E 349 -25.66 47.96 14.86
N VAL E 350 -25.86 47.65 13.58
CA VAL E 350 -25.42 46.42 12.96
C VAL E 350 -24.22 46.72 12.08
N SER E 351 -23.11 46.01 12.31
CA SER E 351 -21.87 46.29 11.60
C SER E 351 -20.95 45.10 11.74
N LYS E 352 -19.85 45.14 10.99
CA LYS E 352 -18.81 44.14 11.16
C LYS E 352 -18.14 44.25 12.52
N ASN E 353 -18.26 45.40 13.19
CA ASN E 353 -17.66 45.64 14.49
C ASN E 353 -18.64 45.46 15.64
N SER E 354 -19.90 45.14 15.36
CA SER E 354 -20.90 45.02 16.40
C SER E 354 -20.61 43.81 17.28
N TYR E 355 -21.11 43.86 18.52
CA TYR E 355 -21.03 42.71 19.39
C TYR E 355 -22.13 41.71 19.04
N ARG E 356 -21.84 40.45 19.25
CA ARG E 356 -22.70 39.37 18.77
C ARG E 356 -23.49 38.75 19.91
N PRO E 357 -24.63 38.13 19.61
CA PRO E 357 -25.30 37.29 20.59
C PRO E 357 -24.40 36.13 21.00
N GLY E 358 -24.30 35.89 22.30
CA GLY E 358 -23.42 34.88 22.85
C GLY E 358 -22.10 35.41 23.38
N ASP E 359 -21.71 36.62 22.99
CA ASP E 359 -20.48 37.21 23.47
C ASP E 359 -20.50 37.35 24.98
N ILE E 360 -19.34 37.14 25.61
CA ILE E 360 -19.17 37.30 27.05
C ILE E 360 -18.30 38.54 27.26
N ILE E 361 -18.85 39.52 27.97
CA ILE E 361 -18.19 40.80 28.20
C ILE E 361 -18.08 41.03 29.71
N THR E 362 -17.19 41.95 30.08
CA THR E 362 -16.85 42.20 31.48
C THR E 362 -17.25 43.62 31.85
N ALA E 363 -18.11 43.76 32.86
CA ALA E 363 -18.53 45.06 33.34
C ALA E 363 -17.41 45.71 34.15
N SER E 364 -17.61 46.98 34.49
CA SER E 364 -16.60 47.75 35.22
C SER E 364 -16.41 47.29 36.66
N ASN E 365 -17.31 46.48 37.20
CA ASN E 365 -17.16 45.93 38.54
C ASN E 365 -16.58 44.51 38.52
N GLY E 366 -16.11 44.04 37.36
CA GLY E 366 -15.51 42.73 37.25
C GLY E 366 -16.45 41.60 36.89
N LYS E 367 -17.75 41.84 36.89
CA LYS E 367 -18.71 40.77 36.59
C LYS E 367 -18.74 40.50 35.09
N THR E 368 -18.60 39.23 34.72
CA THR E 368 -18.71 38.81 33.33
C THR E 368 -20.17 38.54 32.99
N ILE E 369 -20.60 39.01 31.83
CA ILE E 369 -21.99 38.93 31.39
C ILE E 369 -22.05 38.17 30.07
N GLU E 370 -22.94 37.19 29.98
CA GLU E 370 -23.19 36.47 28.74
C GLU E 370 -24.33 37.14 28.00
N VAL E 371 -24.04 37.66 26.82
CA VAL E 371 -25.04 38.38 26.03
C VAL E 371 -25.94 37.37 25.32
N GLY E 372 -27.22 37.37 25.67
CA GLY E 372 -28.17 36.48 25.04
C GLY E 372 -29.00 37.15 23.97
N ASN E 373 -29.02 38.49 23.97
CA ASN E 373 -29.85 39.25 23.04
C ASN E 373 -29.24 40.64 22.92
N THR E 374 -28.73 40.99 21.73
CA THR E 374 -28.12 42.30 21.53
C THR E 374 -29.15 43.42 21.61
N ASP E 375 -30.44 43.12 21.52
CA ASP E 375 -31.47 44.14 21.66
C ASP E 375 -31.77 44.47 23.11
N ALA E 376 -31.24 43.70 24.05
CA ALA E 376 -31.32 44.05 25.47
C ALA E 376 -30.08 44.84 25.91
N GLU E 377 -29.77 45.89 25.14
CA GLU E 377 -28.54 46.65 25.36
C GLU E 377 -28.70 47.73 26.43
N GLY E 378 -29.93 48.11 26.76
CA GLY E 378 -30.13 49.16 27.75
C GLY E 378 -29.59 48.77 29.12
N ARG E 379 -29.87 47.55 29.56
CA ARG E 379 -29.37 47.09 30.85
C ARG E 379 -27.85 46.97 30.88
N LEU E 380 -27.21 46.78 29.72
CA LEU E 380 -25.75 46.73 29.68
C LEU E 380 -25.14 48.09 29.92
N THR E 381 -25.67 49.12 29.24
CA THR E 381 -25.19 50.47 29.47
C THR E 381 -25.54 50.96 30.87
N LEU E 382 -26.73 50.60 31.37
CA LEU E 382 -27.11 51.00 32.72
C LEU E 382 -26.24 50.31 33.77
N ALA E 383 -25.80 49.09 33.50
CA ALA E 383 -24.96 48.36 34.47
C ALA E 383 -23.69 49.14 34.77
N ASP E 384 -22.97 49.56 33.73
CA ASP E 384 -21.75 50.33 33.94
C ASP E 384 -22.05 51.72 34.49
N ALA E 385 -23.18 52.32 34.09
CA ALA E 385 -23.54 53.64 34.60
C ALA E 385 -23.89 53.57 36.09
N LEU E 386 -24.52 52.47 36.53
CA LEU E 386 -24.85 52.34 37.94
C LEU E 386 -23.60 52.12 38.78
N VAL E 387 -22.64 51.34 38.28
CA VAL E 387 -21.37 51.16 38.97
C VAL E 387 -20.64 52.49 39.07
N TYR E 388 -20.64 53.27 37.98
CA TYR E 388 -20.07 54.61 38.02
C TYR E 388 -20.80 55.49 39.02
N ALA E 389 -22.12 55.38 39.09
CA ALA E 389 -22.91 56.22 39.99
C ALA E 389 -22.63 55.90 41.44
N GLU E 390 -22.58 54.61 41.80
CA GLU E 390 -22.34 54.22 43.18
C GLU E 390 -20.97 54.65 43.66
N LYS E 391 -19.98 54.73 42.77
CA LYS E 391 -18.65 55.17 43.15
C LYS E 391 -18.64 56.63 43.59
N LEU E 392 -19.66 57.41 43.24
CA LEU E 392 -19.72 58.81 43.66
C LEU E 392 -20.10 58.96 45.13
N GLY E 393 -20.58 57.91 45.78
CA GLY E 393 -20.96 58.00 47.17
C GLY E 393 -22.17 58.88 47.38
N VAL E 394 -23.29 58.52 46.77
CA VAL E 394 -24.51 59.30 46.88
C VAL E 394 -25.48 58.59 47.83
N ASP E 395 -26.55 59.30 48.20
CA ASP E 395 -27.57 58.71 49.07
C ASP E 395 -28.61 57.93 48.28
N TYR E 396 -28.98 58.42 47.10
CA TYR E 396 -29.98 57.79 46.26
C TYR E 396 -29.49 57.69 44.83
N ILE E 397 -29.73 56.54 44.20
CA ILE E 397 -29.51 56.36 42.77
C ILE E 397 -30.86 56.04 42.14
N VAL E 398 -31.28 56.89 41.20
CA VAL E 398 -32.54 56.70 40.49
C VAL E 398 -32.23 56.65 39.00
N ASP E 399 -32.55 55.55 38.36
CA ASP E 399 -32.39 55.42 36.92
C ASP E 399 -33.75 55.39 36.24
N ILE E 400 -33.80 55.95 35.03
CA ILE E 400 -35.02 56.02 34.24
C ILE E 400 -34.65 55.62 32.81
N ALA E 401 -35.44 54.71 32.23
CA ALA E 401 -35.03 54.06 31.00
C ALA E 401 -36.23 53.49 30.27
N THR E 402 -36.19 53.56 28.94
CA THR E 402 -37.12 52.83 28.08
C THR E 402 -36.57 51.42 27.90
N LEU E 403 -36.74 50.61 28.96
CA LEU E 403 -36.00 49.36 29.08
C LEU E 403 -36.70 48.16 28.44
N THR E 404 -37.96 47.93 28.78
CA THR E 404 -38.64 46.70 28.38
C THR E 404 -39.99 47.00 27.75
N GLY E 405 -40.23 46.41 26.58
CA GLY E 405 -41.53 46.52 25.93
C GLY E 405 -42.65 45.82 26.66
N ALA E 406 -42.31 44.92 27.60
CA ALA E 406 -43.35 44.23 28.38
C ALA E 406 -44.15 45.19 29.25
N MET E 407 -43.66 46.42 29.45
CA MET E 407 -44.43 47.41 30.21
C MET E 407 -45.73 47.74 29.50
N LEU E 408 -45.79 47.57 28.18
CA LEU E 408 -47.03 47.81 27.45
C LEU E 408 -48.11 46.82 27.85
N TYR E 409 -47.72 45.63 28.31
CA TYR E 409 -48.66 44.59 28.71
C TYR E 409 -48.92 44.58 30.21
N SER E 410 -48.15 45.32 31.00
CA SER E 410 -48.33 45.41 32.44
C SER E 410 -49.08 46.67 32.85
N LEU E 411 -48.47 47.84 32.62
CA LEU E 411 -49.06 49.11 33.03
C LEU E 411 -49.59 49.94 31.87
N GLY E 412 -49.13 49.69 30.64
CA GLY E 412 -49.66 50.39 29.49
C GLY E 412 -48.92 51.67 29.12
N THR E 413 -49.64 52.63 28.55
CA THR E 413 -49.05 53.85 28.03
C THR E 413 -49.18 55.04 28.96
N SER E 414 -49.84 54.88 30.10
CA SER E 414 -50.07 56.00 31.02
C SER E 414 -49.25 55.92 32.30
N TYR E 415 -49.15 54.74 32.92
CA TYR E 415 -48.44 54.59 34.18
C TYR E 415 -47.08 53.96 33.91
N ALA E 416 -46.02 54.59 34.42
CA ALA E 416 -44.70 53.99 34.40
C ALA E 416 -44.52 53.09 35.61
N GLY E 417 -43.57 52.16 35.51
CA GLY E 417 -43.27 51.23 36.58
C GLY E 417 -41.98 51.63 37.29
N VAL E 418 -41.99 51.49 38.61
CA VAL E 418 -40.81 51.77 39.43
C VAL E 418 -40.43 50.51 40.19
N PHE E 419 -39.15 50.15 40.13
CA PHE E 419 -38.56 49.06 40.88
C PHE E 419 -37.45 49.62 41.75
N GLY E 420 -37.08 48.88 42.79
CA GLY E 420 -36.01 49.34 43.67
C GLY E 420 -35.68 48.32 44.73
N ASN E 421 -34.61 48.62 45.47
CA ASN E 421 -34.14 47.80 46.56
C ASN E 421 -34.33 48.45 47.93
N ASN E 422 -35.04 49.58 47.98
CA ASN E 422 -35.18 50.36 49.20
C ASN E 422 -36.59 50.92 49.27
N GLU E 423 -37.31 50.56 50.35
CA GLU E 423 -38.71 50.98 50.47
C GLU E 423 -38.85 52.49 50.58
N GLU E 424 -37.95 53.14 51.32
CA GLU E 424 -38.04 54.59 51.50
C GLU E 424 -37.89 55.32 50.17
N LEU E 425 -36.98 54.85 49.32
CA LEU E 425 -36.78 55.49 48.02
C LEU E 425 -37.99 55.30 47.12
N ILE E 426 -38.58 54.11 47.13
CA ILE E 426 -39.79 53.86 46.34
C ILE E 426 -40.91 54.79 46.81
N ASN E 427 -41.01 55.01 48.13
CA ASN E 427 -42.06 55.87 48.64
C ASN E 427 -41.86 57.31 48.20
N LYS E 428 -40.61 57.78 48.19
CA LYS E 428 -40.33 59.13 47.72
C LYS E 428 -40.65 59.27 46.24
N ILE E 429 -40.34 58.25 45.44
CA ILE E 429 -40.67 58.28 44.03
C ILE E 429 -42.19 58.30 43.83
N LEU E 430 -42.90 57.46 44.58
CA LEU E 430 -44.36 57.44 44.49
C LEU E 430 -44.95 58.77 44.97
N GLN E 431 -44.36 59.36 46.01
CA GLN E 431 -44.81 60.67 46.48
C GLN E 431 -44.57 61.72 45.40
N SER E 432 -43.45 61.61 44.69
CA SER E 432 -43.16 62.53 43.60
C SER E 432 -44.13 62.37 42.45
N SER E 433 -44.63 61.15 42.23
CA SER E 433 -45.63 60.93 41.18
C SER E 433 -46.94 61.65 41.49
N LYS E 434 -47.31 61.77 42.76
CA LYS E 434 -48.56 62.43 43.10
C LYS E 434 -48.47 63.94 42.91
N THR E 435 -47.36 64.56 43.34
CA THR E 435 -47.27 66.00 43.24
C THR E 435 -46.90 66.48 41.85
N SER E 436 -46.14 65.68 41.10
CA SER E 436 -45.83 66.02 39.71
C SER E 436 -46.92 65.59 38.74
N ASN E 437 -47.83 64.73 39.17
CA ASN E 437 -48.93 64.24 38.35
C ASN E 437 -48.44 63.45 37.14
N GLU E 438 -47.26 62.87 37.24
CA GLU E 438 -46.77 61.90 36.27
C GLU E 438 -46.94 60.51 36.86
N PRO E 439 -47.94 59.74 36.44
CA PRO E 439 -48.32 58.55 37.20
C PRO E 439 -47.28 57.44 37.12
N VAL E 440 -47.03 56.82 38.28
CA VAL E 440 -46.06 55.74 38.41
C VAL E 440 -46.64 54.70 39.35
N TRP E 441 -46.37 53.42 39.05
CA TRP E 441 -46.86 52.32 39.88
C TRP E 441 -45.69 51.44 40.31
N TRP E 442 -45.74 50.99 41.56
CA TRP E 442 -44.67 50.18 42.13
C TRP E 442 -44.84 48.72 41.74
N LEU E 443 -43.81 48.14 41.15
CA LEU E 443 -43.80 46.74 40.75
C LEU E 443 -42.70 45.99 41.50
N PRO E 444 -42.87 44.70 41.76
CA PRO E 444 -41.95 43.99 42.64
C PRO E 444 -40.74 43.41 41.91
N ILE E 445 -39.64 43.31 42.65
CA ILE E 445 -38.45 42.60 42.20
C ILE E 445 -38.51 41.21 42.83
N ILE E 446 -39.01 40.24 42.08
CA ILE E 446 -39.28 38.90 42.60
C ILE E 446 -37.98 38.11 42.59
N ASN E 447 -37.47 37.80 43.78
CA ASN E 447 -36.18 37.13 43.88
C ASN E 447 -36.22 35.70 43.36
N GLU E 448 -37.41 35.10 43.26
CA GLU E 448 -37.51 33.74 42.75
C GLU E 448 -37.04 33.65 41.30
N TYR E 449 -37.11 34.76 40.55
CA TYR E 449 -36.66 34.76 39.17
C TYR E 449 -35.16 34.96 39.02
N ARG E 450 -34.44 35.23 40.11
CA ARG E 450 -33.01 35.50 40.00
C ARG E 450 -32.24 34.30 39.46
N ALA E 451 -32.71 33.08 39.76
CA ALA E 451 -31.99 31.89 39.34
C ALA E 451 -31.94 31.75 37.82
N THR E 452 -32.88 32.36 37.10
CA THR E 452 -32.88 32.26 35.64
C THR E 452 -31.75 33.06 34.98
N LEU E 453 -31.07 33.92 35.74
CA LEU E 453 -29.92 34.66 35.22
C LEU E 453 -28.60 33.98 35.50
N ASN E 454 -28.62 32.76 36.06
CA ASN E 454 -27.38 32.02 36.33
C ASN E 454 -26.83 31.48 35.03
N SER E 455 -25.73 32.06 34.56
CA SER E 455 -25.10 31.62 33.33
C SER E 455 -24.22 30.41 33.56
N LYS E 456 -24.12 29.57 32.53
CA LYS E 456 -23.27 28.39 32.63
C LYS E 456 -21.78 28.75 32.58
N TYR E 457 -21.45 29.85 31.90
CA TYR E 457 -20.04 30.22 31.70
C TYR E 457 -19.67 31.56 32.29
N ALA E 458 -20.52 32.59 32.14
CA ALA E 458 -20.23 33.89 32.70
C ALA E 458 -20.75 33.97 34.14
N ASP E 459 -20.47 35.09 34.80
CA ASP E 459 -20.96 35.29 36.15
C ASP E 459 -22.48 35.41 36.16
N ILE E 460 -23.06 36.03 35.14
CA ILE E 460 -24.49 36.29 35.11
C ILE E 460 -24.94 36.38 33.66
N ASN E 461 -26.20 36.02 33.42
CA ASN E 461 -26.82 36.17 32.12
C ASN E 461 -27.37 37.58 31.95
N GLN E 462 -27.30 38.10 30.72
CA GLN E 462 -27.90 39.40 30.44
C GLN E 462 -29.42 39.30 30.42
N ILE E 463 -29.96 38.25 29.81
CA ILE E 463 -31.39 38.06 29.69
C ILE E 463 -31.76 36.65 30.09
N SER E 464 -33.04 36.47 30.40
CA SER E 464 -33.60 35.15 30.54
C SER E 464 -34.14 34.72 29.18
N SER E 465 -33.79 33.50 28.79
CA SER E 465 -34.32 32.87 27.60
C SER E 465 -35.67 32.26 27.93
N SER E 466 -36.04 32.36 29.23
CA SER E 466 -37.04 31.51 29.87
C SER E 466 -38.21 32.34 30.36
N VAL E 467 -38.02 33.06 31.48
CA VAL E 467 -39.07 33.83 32.14
C VAL E 467 -39.49 34.96 31.22
N LYS E 468 -40.79 35.10 31.05
CA LYS E 468 -41.33 36.12 30.18
C LYS E 468 -41.61 37.44 30.90
N ALA E 469 -41.43 37.50 32.21
CA ALA E 469 -41.57 38.74 32.97
C ALA E 469 -40.28 39.56 32.82
N SER E 470 -40.09 40.10 31.61
CA SER E 470 -38.81 40.71 31.27
C SER E 470 -38.55 41.97 32.08
N SER E 471 -39.59 42.74 32.41
CA SER E 471 -39.39 43.95 33.19
C SER E 471 -38.86 43.64 34.58
N ILE E 472 -39.30 42.53 35.17
CA ILE E 472 -38.80 42.14 36.49
C ILE E 472 -37.40 41.55 36.38
N VAL E 473 -37.16 40.73 35.35
CA VAL E 473 -35.84 40.13 35.16
C VAL E 473 -34.80 41.22 34.93
N ALA E 474 -35.14 42.23 34.14
CA ALA E 474 -34.21 43.34 33.91
C ALA E 474 -33.87 44.06 35.20
N SER E 475 -34.84 44.20 36.10
CA SER E 475 -34.57 44.81 37.40
C SER E 475 -33.63 43.95 38.23
N LEU E 476 -33.77 42.63 38.14
CA LEU E 476 -32.85 41.75 38.85
C LEU E 476 -31.42 41.89 38.32
N PHE E 477 -31.28 42.10 37.01
CA PHE E 477 -29.95 42.29 36.43
C PHE E 477 -29.33 43.60 36.91
N LEU E 478 -30.10 44.69 36.87
CA LEU E 478 -29.59 45.97 37.33
C LEU E 478 -29.24 45.96 38.81
N LYS E 479 -29.98 45.18 39.61
CA LYS E 479 -29.72 45.13 41.05
C LYS E 479 -28.33 44.59 41.35
N GLU E 480 -27.79 43.74 40.48
CA GLU E 480 -26.47 43.17 40.70
C GLU E 480 -25.35 44.19 40.57
N PHE E 481 -25.64 45.42 40.18
CA PHE E 481 -24.63 46.46 40.01
C PHE E 481 -24.81 47.62 40.99
N VAL E 482 -25.65 47.45 42.01
CA VAL E 482 -25.76 48.38 43.12
C VAL E 482 -25.58 47.55 44.38
N GLN E 483 -24.47 47.77 45.10
CA GLN E 483 -24.10 46.88 46.20
C GLN E 483 -24.65 47.34 47.54
N ASN E 484 -24.57 48.63 47.85
CA ASN E 484 -24.90 49.12 49.18
C ASN E 484 -25.42 50.55 49.12
N THR E 485 -26.32 50.82 48.18
CA THR E 485 -26.91 52.15 48.03
C THR E 485 -28.38 52.02 47.70
N ALA E 486 -29.20 52.89 48.28
CA ALA E 486 -30.62 52.94 47.94
C ALA E 486 -30.77 53.25 46.46
N TRP E 487 -31.48 52.39 45.75
CA TRP E 487 -31.56 52.47 44.30
C TRP E 487 -32.99 52.20 43.83
N ALA E 488 -33.43 52.97 42.85
CA ALA E 488 -34.74 52.82 42.24
C ALA E 488 -34.60 52.85 40.72
N HIS E 489 -35.52 52.18 40.04
CA HIS E 489 -35.46 52.01 38.60
C HIS E 489 -36.84 52.26 38.01
N ILE E 490 -36.94 53.23 37.10
CA ILE E 490 -38.21 53.62 36.49
C ILE E 490 -38.18 53.23 35.03
N ASP E 491 -39.06 52.31 34.64
CA ASP E 491 -39.17 51.85 33.26
C ASP E 491 -40.25 52.68 32.56
N ILE E 492 -39.83 53.51 31.60
CA ILE E 492 -40.73 54.40 30.89
C ILE E 492 -40.90 53.99 29.43
N ALA E 493 -40.66 52.73 29.11
CA ALA E 493 -40.73 52.29 27.71
C ALA E 493 -42.15 52.40 27.17
N GLY E 494 -43.16 52.26 28.01
CA GLY E 494 -44.53 52.30 27.55
C GLY E 494 -45.14 53.69 27.54
N VAL E 495 -44.64 54.58 28.39
CA VAL E 495 -45.25 55.89 28.57
C VAL E 495 -44.48 57.02 27.89
N SER E 496 -43.32 56.73 27.31
CA SER E 496 -42.47 57.80 26.81
C SER E 496 -43.07 58.47 25.57
N TRP E 497 -43.64 57.69 24.67
CA TRP E 497 -44.14 58.20 23.39
C TRP E 497 -45.65 58.32 23.40
N ASN E 498 -46.16 59.44 22.88
CA ASN E 498 -47.59 59.68 22.72
C ASN E 498 -47.94 59.33 21.28
N PHE E 499 -48.57 58.16 21.10
CA PHE E 499 -48.84 57.68 19.76
C PHE E 499 -50.04 58.37 19.12
N LYS E 500 -51.01 58.81 19.93
CA LYS E 500 -52.15 59.54 19.38
C LYS E 500 -51.72 60.89 18.82
N ALA E 501 -50.83 61.59 19.51
CA ALA E 501 -50.36 62.90 19.08
C ALA E 501 -49.09 62.83 18.25
N ARG E 502 -48.46 61.66 18.13
CA ARG E 502 -47.26 61.46 17.33
C ARG E 502 -46.12 62.37 17.79
N LYS E 503 -45.89 62.40 19.09
CA LYS E 503 -44.85 63.24 19.68
C LYS E 503 -44.48 62.67 21.04
N PRO E 504 -43.30 63.00 21.56
CA PRO E 504 -42.93 62.53 22.89
C PRO E 504 -43.72 63.23 23.97
N LYS E 505 -43.67 62.65 25.17
CA LYS E 505 -44.33 63.22 26.34
C LYS E 505 -43.37 64.00 27.24
N GLY E 506 -42.07 63.79 27.11
CA GLY E 506 -41.13 64.31 28.08
C GLY E 506 -41.29 63.72 29.46
N PHE E 507 -41.72 62.45 29.53
CA PHE E 507 -42.04 61.83 30.81
C PHE E 507 -40.80 61.72 31.70
N GLY E 508 -40.97 62.07 32.97
CA GLY E 508 -39.95 61.91 33.98
C GLY E 508 -39.29 63.20 34.42
N VAL E 509 -39.36 64.26 33.61
CA VAL E 509 -38.70 65.51 33.97
C VAL E 509 -39.30 66.09 35.25
N ARG E 510 -40.62 66.27 35.26
CA ARG E 510 -41.27 66.87 36.42
C ARG E 510 -41.27 65.92 37.61
N LEU E 511 -41.39 64.61 37.37
CA LEU E 511 -41.34 63.64 38.45
C LEU E 511 -39.98 63.65 39.14
N LEU E 512 -38.89 63.61 38.36
CA LEU E 512 -37.56 63.62 38.93
C LEU E 512 -37.24 64.94 39.62
N THR E 513 -37.73 66.06 39.06
CA THR E 513 -37.48 67.35 39.68
C THR E 513 -38.19 67.47 41.02
N GLU E 514 -39.44 67.02 41.09
CA GLU E 514 -40.16 67.01 42.36
C GLU E 514 -39.45 66.13 43.38
N PHE E 515 -38.85 65.02 42.93
CA PHE E 515 -38.10 64.16 43.83
C PHE E 515 -36.88 64.89 44.38
N VAL E 516 -36.23 65.69 43.55
CA VAL E 516 -35.05 66.43 43.99
C VAL E 516 -35.45 67.57 44.92
N LEU E 517 -36.52 68.29 44.59
CA LEU E 517 -36.87 69.50 45.33
C LEU E 517 -37.53 69.19 46.66
N ASN E 518 -38.29 68.10 46.75
CA ASN E 518 -39.02 67.78 47.97
C ASN E 518 -38.32 66.71 48.80
N SER F 2 -1.39 35.32 13.99
CA SER F 2 -1.19 36.75 13.76
C SER F 2 -1.73 37.55 14.93
N GLU F 3 -2.02 38.82 14.69
CA GLU F 3 -2.58 39.70 15.72
C GLU F 3 -4.07 39.89 15.42
N VAL F 4 -4.90 39.58 16.40
CA VAL F 4 -6.35 39.69 16.22
C VAL F 4 -6.77 41.15 16.36
N PRO F 5 -7.52 41.69 15.42
CA PRO F 5 -7.96 43.08 15.55
C PRO F 5 -9.01 43.25 16.63
N GLN F 6 -9.04 44.46 17.20
CA GLN F 6 -9.99 44.81 18.24
C GLN F 6 -10.74 46.05 17.84
N VAL F 7 -11.97 46.18 18.34
CA VAL F 7 -12.72 47.43 18.21
C VAL F 7 -12.43 48.35 19.39
N VAL F 8 -12.45 47.82 20.60
CA VAL F 8 -12.06 48.55 21.80
C VAL F 8 -10.94 47.78 22.48
N SER F 9 -10.21 48.47 23.36
CA SER F 9 -9.07 47.87 24.02
C SER F 9 -9.46 46.72 24.95
N LEU F 10 -10.74 46.64 25.34
CA LEU F 10 -11.23 45.57 26.20
C LEU F 10 -11.58 44.31 25.42
N ASP F 11 -11.48 44.32 24.10
CA ASP F 11 -11.78 43.14 23.31
C ASP F 11 -10.71 42.07 23.55
N PRO F 12 -11.09 40.82 23.77
CA PRO F 12 -10.08 39.78 24.02
C PRO F 12 -9.25 39.51 22.78
N THR F 13 -8.01 39.07 23.01
CA THR F 13 -7.07 38.82 21.93
C THR F 13 -6.64 37.37 21.81
N SER F 14 -7.24 36.47 22.59
CA SER F 14 -6.90 35.06 22.49
C SER F 14 -8.02 34.25 23.16
N ILE F 15 -8.09 32.99 22.77
CA ILE F 15 -9.05 32.04 23.41
C ILE F 15 -8.36 31.44 24.57
N PRO F 16 -8.90 31.60 25.82
CA PRO F 16 -8.32 30.92 26.97
C PRO F 16 -8.52 29.42 26.83
N ILE F 17 -7.42 28.68 26.91
CA ILE F 17 -7.45 27.23 26.78
C ILE F 17 -6.77 26.64 28.01
N GLU F 18 -7.48 25.78 28.72
CA GLU F 18 -6.98 25.10 29.90
C GLU F 18 -6.50 23.72 29.48
N TYR F 19 -5.20 23.50 29.50
CA TYR F 19 -4.64 22.23 29.07
C TYR F 19 -4.55 21.20 30.21
N ASN F 20 -4.03 21.60 31.37
CA ASN F 20 -3.87 20.67 32.49
C ASN F 20 -5.10 20.75 33.38
N THR F 21 -6.05 19.84 33.13
CA THR F 21 -7.28 19.79 33.89
C THR F 21 -7.12 18.90 35.12
N PRO F 22 -7.94 19.11 36.14
CA PRO F 22 -7.88 18.23 37.33
C PRO F 22 -8.09 16.76 37.02
N ILE F 23 -8.76 16.43 35.91
CA ILE F 23 -8.95 15.03 35.54
C ILE F 23 -7.61 14.34 35.34
N HIS F 24 -6.62 15.06 34.82
CA HIS F 24 -5.31 14.48 34.57
C HIS F 24 -4.57 14.10 35.84
N ASP F 25 -4.97 14.66 36.99
CA ASP F 25 -4.34 14.35 38.26
C ASP F 25 -5.00 13.18 38.98
N ILE F 26 -5.99 12.54 38.38
CA ILE F 26 -6.70 11.43 39.01
C ILE F 26 -5.95 10.13 38.73
N LYS F 27 -5.48 9.47 39.79
CA LYS F 27 -4.84 8.17 39.65
C LYS F 27 -5.92 7.09 39.56
N VAL F 28 -5.94 6.35 38.45
CA VAL F 28 -6.97 5.35 38.19
C VAL F 28 -6.37 3.97 38.37
N GLN F 29 -7.01 3.15 39.20
CA GLN F 29 -6.59 1.79 39.46
C GLN F 29 -7.77 0.85 39.22
N VAL F 30 -7.50 -0.26 38.53
CA VAL F 30 -8.51 -1.26 38.21
C VAL F 30 -8.13 -2.56 38.90
N TYR F 31 -9.02 -3.05 39.76
CA TYR F 31 -8.82 -4.31 40.49
C TYR F 31 -9.88 -5.32 40.07
N ASP F 32 -9.56 -6.59 40.26
CA ASP F 32 -10.50 -7.66 39.93
C ASP F 32 -11.52 -7.83 41.04
N ILE F 33 -12.78 -8.00 40.65
CA ILE F 33 -13.86 -8.12 41.63
C ILE F 33 -13.77 -9.45 42.36
N LYS F 34 -13.20 -10.48 41.73
CA LYS F 34 -13.15 -11.81 42.33
C LYS F 34 -12.14 -11.87 43.48
N GLY F 35 -12.17 -10.87 44.35
CA GLY F 35 -11.27 -10.80 45.47
C GLY F 35 -11.79 -9.87 46.55
N GLY F 36 -13.01 -9.40 46.38
CA GLY F 36 -13.59 -8.50 47.35
C GLY F 36 -13.21 -7.05 47.10
N CYS F 37 -14.07 -6.15 47.56
CA CYS F 37 -13.85 -4.72 47.42
C CYS F 37 -13.45 -4.13 48.77
N ASN F 38 -12.43 -3.28 48.76
CA ASN F 38 -11.96 -2.62 49.97
C ASN F 38 -12.62 -1.25 50.08
N VAL F 39 -13.28 -1.01 51.21
CA VAL F 39 -13.96 0.25 51.49
C VAL F 39 -13.19 0.92 52.62
N GLU F 40 -12.35 1.89 52.26
CA GLU F 40 -11.49 2.56 53.24
C GLU F 40 -11.75 4.06 53.25
N GLU F 41 -11.41 4.78 52.18
CA GLU F 41 -11.65 6.21 52.09
C GLU F 41 -12.64 6.51 50.98
N GLY F 42 -13.22 7.72 51.04
CA GLY F 42 -13.99 8.24 49.93
C GLY F 42 -15.35 7.58 49.72
N LEU F 43 -15.76 7.55 48.46
CA LEU F 43 -17.09 7.09 48.05
C LEU F 43 -16.98 5.82 47.24
N THR F 44 -17.81 4.83 47.57
CA THR F 44 -17.87 3.55 46.87
C THR F 44 -19.25 3.40 46.26
N ILE F 45 -19.30 3.21 44.94
CA ILE F 45 -20.55 3.16 44.19
C ILE F 45 -20.67 1.82 43.51
N PHE F 46 -21.82 1.17 43.68
CA PHE F 46 -22.13 -0.08 43.00
C PHE F 46 -23.09 0.19 41.85
N LEU F 47 -22.72 -0.25 40.65
CA LEU F 47 -23.60 -0.13 39.49
C LEU F 47 -24.41 -1.42 39.38
N VAL F 48 -25.67 -1.37 39.80
CA VAL F 48 -26.48 -2.57 39.94
C VAL F 48 -27.67 -2.51 38.98
N ASN F 49 -28.11 -3.69 38.55
CA ASN F 49 -29.25 -3.85 37.67
C ASN F 49 -30.03 -5.09 38.11
N ASN F 50 -31.25 -5.23 37.59
CA ASN F 50 -32.10 -6.38 37.90
C ASN F 50 -32.80 -6.84 36.63
N PRO F 51 -32.22 -7.81 35.90
CA PRO F 51 -32.76 -8.33 34.65
C PRO F 51 -34.11 -9.02 34.80
N LYS F 53 -37.02 -8.24 36.72
CA LYS F 53 -37.88 -7.40 37.55
C LYS F 53 -37.77 -5.93 37.18
N GLU F 54 -38.69 -5.46 36.33
CA GLU F 54 -38.76 -4.07 35.91
C GLU F 54 -38.87 -3.14 37.10
N ASN F 55 -37.75 -2.53 37.49
CA ASN F 55 -37.63 -1.63 38.64
C ASN F 55 -37.59 -2.46 39.92
N GLY F 56 -36.92 -3.60 39.88
CA GLY F 56 -36.81 -4.47 41.00
C GLY F 56 -35.90 -3.90 42.08
N PRO F 57 -35.78 -4.62 43.18
CA PRO F 57 -34.98 -4.14 44.32
C PRO F 57 -33.49 -4.20 44.03
N VAL F 58 -32.74 -3.47 44.84
CA VAL F 58 -31.28 -3.47 44.73
C VAL F 58 -30.72 -4.65 45.50
N LYS F 59 -29.79 -5.38 44.89
CA LYS F 59 -29.13 -6.51 45.52
C LYS F 59 -27.64 -6.43 45.21
N ILE F 60 -26.83 -6.31 46.25
CA ILE F 60 -25.38 -6.23 46.09
C ILE F 60 -24.80 -7.64 46.10
N SER F 61 -24.10 -7.99 45.04
CA SER F 61 -23.56 -9.34 44.89
C SER F 61 -22.07 -9.44 45.21
N SER F 62 -21.36 -8.31 45.24
CA SER F 62 -19.92 -8.34 45.49
C SER F 62 -19.63 -8.51 46.97
N LYS F 63 -18.57 -9.25 47.26
CA LYS F 63 -18.11 -9.40 48.64
C LYS F 63 -17.37 -8.14 49.07
N VAL F 64 -17.78 -7.57 50.22
CA VAL F 64 -17.17 -6.37 50.76
C VAL F 64 -16.32 -6.78 51.96
N ASN F 65 -15.03 -6.42 51.91
CA ASN F 65 -14.09 -6.78 52.96
C ASN F 65 -14.18 -5.81 54.14
N ASP F 66 -15.40 -5.54 54.60
CA ASP F 66 -15.63 -4.66 55.74
C ASP F 66 -16.93 -5.06 56.41
N LYS F 67 -16.87 -5.34 57.72
CA LYS F 67 -18.04 -5.82 58.42
C LYS F 67 -19.14 -4.74 58.48
N GLN F 68 -18.76 -3.50 58.77
CA GLN F 68 -19.75 -2.42 58.86
C GLN F 68 -20.42 -2.17 57.51
N VAL F 69 -19.63 -2.11 56.44
CA VAL F 69 -20.19 -1.85 55.12
C VAL F 69 -21.04 -3.03 54.65
N SER F 70 -20.57 -4.26 54.91
CA SER F 70 -21.35 -5.44 54.53
C SER F 70 -22.71 -5.45 55.20
N GLU F 71 -22.76 -4.99 56.46
CA GLU F 71 -24.04 -4.90 57.16
C GLU F 71 -24.96 -3.88 56.50
N PHE F 72 -24.42 -2.74 56.09
CA PHE F 72 -25.22 -1.74 55.40
C PHE F 72 -25.76 -2.29 54.08
N LEU F 73 -24.96 -3.06 53.36
CA LEU F 73 -25.31 -3.58 52.04
C LEU F 73 -26.11 -4.87 52.11
N LYS F 74 -26.66 -5.21 53.27
CA LYS F 74 -27.47 -6.42 53.39
C LYS F 74 -28.75 -6.29 52.56
N ASP F 75 -29.28 -7.44 52.15
CA ASP F 75 -30.44 -7.45 51.25
C ASP F 75 -31.64 -6.78 51.90
N GLU F 76 -31.84 -7.00 53.20
CA GLU F 76 -32.97 -6.37 53.89
C GLU F 76 -32.88 -4.85 53.86
N ASN F 77 -31.66 -4.31 53.87
CA ASN F 77 -31.50 -2.85 53.81
C ASN F 77 -31.61 -2.34 52.37
N MET F 78 -31.07 -3.09 51.41
CA MET F 78 -31.03 -2.64 50.03
C MET F 78 -32.34 -2.90 49.29
N GLU F 79 -33.22 -3.75 49.83
CA GLU F 79 -34.49 -4.03 49.16
C GLU F 79 -35.39 -2.81 49.11
N LYS F 80 -35.13 -1.80 49.95
CA LYS F 80 -35.91 -0.57 49.95
C LYS F 80 -35.55 0.34 48.79
N PHE F 81 -34.47 0.06 48.07
CA PHE F 81 -34.06 0.83 46.91
C PHE F 81 -34.25 0.00 45.65
N ASN F 82 -34.56 0.68 44.55
CA ASN F 82 -34.82 0.04 43.27
C ASN F 82 -33.74 0.41 42.27
N VAL F 83 -33.74 -0.30 41.13
CA VAL F 83 -32.67 -0.22 40.15
C VAL F 83 -33.09 0.60 38.93
N LYS F 84 -34.12 1.43 39.06
CA LYS F 84 -34.55 2.28 37.96
C LYS F 84 -33.38 3.08 37.41
N LEU F 85 -33.28 3.15 36.08
CA LEU F 85 -32.13 3.77 35.44
C LEU F 85 -31.98 5.21 35.90
N GLY F 86 -30.82 5.52 36.49
CA GLY F 86 -30.50 6.85 36.96
C GLY F 86 -30.71 7.07 38.44
N THR F 87 -31.51 6.23 39.10
CA THR F 87 -31.75 6.40 40.52
C THR F 87 -30.50 6.07 41.33
N SER F 88 -30.28 6.82 42.40
CA SER F 88 -29.10 6.63 43.23
C SER F 88 -29.39 7.06 44.66
N LYS F 89 -28.72 6.41 45.62
CA LYS F 89 -28.77 6.81 47.01
C LYS F 89 -27.40 6.56 47.62
N HIS F 90 -26.97 7.46 48.51
CA HIS F 90 -25.73 7.26 49.26
C HIS F 90 -25.93 7.62 50.72
N PHE F 91 -25.25 6.87 51.59
CA PHE F 91 -25.25 7.11 53.02
C PHE F 91 -23.81 7.29 53.50
N TYR F 92 -23.64 8.08 54.55
CA TYR F 92 -22.33 8.31 55.17
C TYR F 92 -22.30 7.55 56.49
N MET F 93 -21.21 6.83 56.73
CA MET F 93 -21.11 5.98 57.92
C MET F 93 -19.65 5.76 58.25
N PHE F 94 -19.42 5.08 59.37
CA PHE F 94 -18.09 4.70 59.80
C PHE F 94 -17.86 3.22 59.55
N ASN F 95 -16.67 2.89 59.05
CA ASN F 95 -16.33 1.50 58.74
C ASN F 95 -15.68 0.87 59.97
N ASP F 96 -15.11 -0.33 59.79
CA ASP F 96 -14.48 -1.03 60.91
C ASP F 96 -13.30 -0.25 61.48
N ASN F 97 -12.59 0.50 60.64
CA ASN F 97 -11.42 1.26 61.07
C ASN F 97 -11.77 2.65 61.58
N LYS F 98 -13.03 2.89 61.92
CA LYS F 98 -13.49 4.18 62.45
C LYS F 98 -13.19 5.32 61.48
N ASN F 99 -13.24 5.05 60.19
CA ASN F 99 -13.02 6.05 59.16
C ASN F 99 -14.34 6.38 58.48
N SER F 100 -14.54 7.66 58.16
CA SER F 100 -15.76 8.07 57.48
C SER F 100 -15.77 7.56 56.05
N VAL F 101 -16.82 6.84 55.69
CA VAL F 101 -16.97 6.30 54.35
C VAL F 101 -18.35 6.63 53.83
N ALA F 102 -18.45 6.75 52.50
CA ALA F 102 -19.72 6.94 51.81
C ALA F 102 -19.91 5.77 50.86
N VAL F 103 -21.07 5.11 50.96
CA VAL F 103 -21.38 3.96 50.12
C VAL F 103 -22.73 4.20 49.47
N GLY F 104 -22.87 3.76 48.23
CA GLY F 104 -24.12 3.96 47.53
C GLY F 104 -24.19 3.13 46.27
N TYR F 105 -25.21 3.41 45.47
CA TYR F 105 -25.43 2.69 44.22
C TYR F 105 -26.01 3.65 43.20
N VAL F 106 -25.96 3.22 41.94
CA VAL F 106 -26.65 3.89 40.84
C VAL F 106 -27.42 2.83 40.08
N GLY F 107 -28.73 3.05 39.89
CA GLY F 107 -29.56 2.06 39.23
C GLY F 107 -29.26 2.00 37.74
N CYS F 108 -29.14 0.79 37.21
CA CYS F 108 -28.83 0.57 35.80
C CYS F 108 -29.97 -0.11 35.06
N GLY F 109 -31.20 -0.02 35.56
CA GLY F 109 -32.34 -0.53 34.85
C GLY F 109 -32.47 -2.04 34.93
N SER F 110 -33.18 -2.59 33.95
CA SER F 110 -33.47 -4.01 33.88
C SER F 110 -32.95 -4.67 32.61
N VAL F 111 -32.34 -3.91 31.70
CA VAL F 111 -31.78 -4.46 30.47
C VAL F 111 -30.32 -4.82 30.72
N ALA F 112 -29.91 -6.00 30.24
CA ALA F 112 -28.56 -6.47 30.49
C ALA F 112 -27.54 -5.68 29.69
N ASP F 113 -27.88 -5.30 28.45
CA ASP F 113 -26.99 -4.57 27.57
C ASP F 113 -27.34 -3.08 27.64
N LEU F 114 -26.44 -2.28 28.21
CA LEU F 114 -26.68 -0.85 28.32
C LEU F 114 -26.25 -0.15 27.04
N SER F 115 -27.12 0.71 26.52
CA SER F 115 -26.77 1.53 25.38
C SER F 115 -25.87 2.68 25.82
N GLU F 116 -25.34 3.41 24.83
CA GLU F 116 -24.56 4.60 25.15
C GLU F 116 -25.40 5.65 25.85
N ALA F 117 -26.68 5.75 25.49
CA ALA F 117 -27.58 6.69 26.17
C ALA F 117 -27.85 6.25 27.59
N ASP F 118 -28.02 4.94 27.81
CA ASP F 118 -28.22 4.44 29.18
C ASP F 118 -27.00 4.70 30.05
N MET F 119 -25.81 4.42 29.52
CA MET F 119 -24.59 4.66 30.27
C MET F 119 -24.40 6.14 30.58
N LYS F 120 -24.82 7.02 29.67
CA LYS F 120 -24.74 8.46 29.93
C LYS F 120 -25.60 8.85 31.12
N ARG F 121 -26.81 8.30 31.21
CA ARG F 121 -27.67 8.61 32.34
C ARG F 121 -27.09 8.05 33.64
N VAL F 122 -26.45 6.89 33.57
CA VAL F 122 -25.80 6.33 34.75
C VAL F 122 -24.65 7.22 35.20
N VAL F 123 -23.83 7.68 34.25
CA VAL F 123 -22.69 8.52 34.60
C VAL F 123 -23.14 9.85 35.18
N LEU F 124 -24.21 10.43 34.60
CA LEU F 124 -24.69 11.72 35.09
C LEU F 124 -25.14 11.63 36.54
N SER F 125 -25.73 10.50 36.92
CA SER F 125 -26.08 10.30 38.32
C SER F 125 -24.84 10.26 39.20
N LEU F 126 -23.75 9.66 38.68
CA LEU F 126 -22.49 9.64 39.42
C LEU F 126 -21.92 11.04 39.57
N VAL F 127 -21.94 11.83 38.49
CA VAL F 127 -21.32 13.16 38.52
C VAL F 127 -22.10 14.10 39.44
N THR F 128 -23.42 13.96 39.50
CA THR F 128 -24.22 14.76 40.41
C THR F 128 -23.81 14.52 41.86
N MET F 129 -23.42 13.28 42.17
CA MET F 129 -22.98 12.93 43.51
C MET F 129 -21.58 13.46 43.81
N LEU F 130 -20.73 13.56 42.78
CA LEU F 130 -19.39 14.09 42.97
C LEU F 130 -19.39 15.60 43.14
N HIS F 131 -20.34 16.29 42.51
CA HIS F 131 -20.40 17.75 42.56
C HIS F 131 -20.90 18.28 43.90
N ASP F 132 -21.41 17.42 44.79
CA ASP F 132 -21.90 17.85 46.08
C ASP F 132 -21.27 17.03 47.21
N ASN F 133 -20.04 16.55 46.98
CA ASN F 133 -19.33 15.76 47.98
C ASN F 133 -17.84 16.00 47.83
N LYS F 134 -17.19 16.42 48.91
CA LYS F 134 -15.77 16.79 48.91
C LYS F 134 -14.89 15.57 49.17
N LEU F 135 -15.09 14.51 48.39
CA LEU F 135 -14.38 13.25 48.58
C LEU F 135 -13.02 13.29 47.91
N SER F 136 -12.12 12.43 48.40
CA SER F 136 -10.77 12.31 47.86
C SER F 136 -10.63 11.14 46.88
N LYS F 137 -11.48 10.12 46.98
CA LYS F 137 -11.41 8.95 46.11
C LYS F 137 -12.82 8.49 45.80
N LEU F 138 -13.03 8.03 44.56
CA LEU F 138 -14.27 7.41 44.15
C LEU F 138 -13.99 5.99 43.68
N THR F 139 -14.78 5.04 44.15
CA THR F 139 -14.65 3.65 43.77
C THR F 139 -15.96 3.17 43.14
N VAL F 140 -15.87 2.65 41.92
CA VAL F 140 -17.01 2.16 41.18
C VAL F 140 -16.87 0.65 41.04
N VAL F 141 -17.91 -0.08 41.41
CA VAL F 141 -17.84 -1.52 41.33
C VAL F 141 -18.75 -1.94 40.19
N PHE F 142 -18.14 -2.51 39.17
CA PHE F 142 -18.92 -2.93 38.00
C PHE F 142 -19.55 -4.29 38.28
N GLU F 143 -20.82 -4.24 38.73
CA GLU F 143 -21.79 -5.30 39.03
C GLU F 143 -22.59 -5.69 37.77
N ILE F 144 -22.19 -5.17 36.63
CA ILE F 144 -22.91 -5.36 35.38
C ILE F 144 -21.93 -5.74 34.28
N ASN F 145 -22.46 -6.06 33.10
CA ASN F 145 -21.64 -6.55 31.99
C ASN F 145 -21.49 -5.47 30.92
N VAL F 146 -20.25 -5.02 30.73
CA VAL F 146 -19.90 -4.03 29.72
C VAL F 146 -18.62 -4.49 29.01
N ASP F 147 -18.53 -4.22 27.72
CA ASP F 147 -17.32 -4.56 26.98
C ASP F 147 -16.25 -3.48 27.20
N LYS F 148 -15.11 -3.67 26.55
CA LYS F 148 -14.01 -2.72 26.69
C LYS F 148 -14.37 -1.35 26.16
N ASN F 149 -15.09 -1.30 25.02
CA ASN F 149 -15.47 -0.02 24.43
C ASN F 149 -16.43 0.74 25.34
N LEU F 150 -17.44 0.05 25.88
CA LEU F 150 -18.38 0.72 26.77
C LEU F 150 -17.73 1.11 28.08
N PHE F 151 -16.75 0.33 28.56
CA PHE F 151 -16.01 0.72 29.76
C PHE F 151 -15.19 1.98 29.50
N ARG F 152 -14.51 2.03 28.36
CA ARG F 152 -13.78 3.24 27.99
C ARG F 152 -14.73 4.43 27.84
N PHE F 153 -15.90 4.20 27.22
CA PHE F 153 -16.90 5.26 27.10
C PHE F 153 -17.37 5.72 28.47
N PHE F 154 -17.50 4.80 29.42
CA PHE F 154 -17.88 5.17 30.78
C PHE F 154 -16.87 6.14 31.38
N LEU F 155 -15.58 5.86 31.21
CA LEU F 155 -14.56 6.74 31.76
C LEU F 155 -14.52 8.08 31.05
N GLU F 156 -14.61 8.07 29.71
CA GLU F 156 -14.65 9.31 28.96
C GLU F 156 -15.80 10.21 29.41
N THR F 157 -17.01 9.64 29.47
CA THR F 157 -18.17 10.42 29.86
C THR F 157 -18.04 10.91 31.31
N LEU F 158 -17.52 10.06 32.19
CA LEU F 158 -17.30 10.47 33.57
C LEU F 158 -16.32 11.64 33.64
N PHE F 159 -15.17 11.52 32.97
CA PHE F 159 -14.19 12.60 32.99
C PHE F 159 -14.77 13.88 32.39
N TYR F 160 -15.50 13.77 31.28
CA TYR F 160 -16.02 14.96 30.60
C TYR F 160 -17.07 15.66 31.45
N GLU F 161 -18.05 14.90 31.95
CA GLU F 161 -19.13 15.51 32.74
C GLU F 161 -18.63 16.02 34.08
N TYR F 162 -17.63 15.35 34.67
CA TYR F 162 -17.08 15.81 35.94
C TYR F 162 -16.41 17.18 35.79
N MET F 163 -15.72 17.40 34.67
CA MET F 163 -15.00 18.65 34.47
C MET F 163 -15.97 19.82 34.30
N THR F 164 -15.61 20.95 34.91
CA THR F 164 -16.42 22.16 34.86
C THR F 164 -15.61 23.29 34.24
N ASP F 165 -16.18 23.94 33.22
CA ASP F 165 -15.50 25.01 32.49
C ASP F 165 -15.74 26.32 33.21
N GLU F 166 -14.67 26.90 33.77
CA GLU F 166 -14.76 28.15 34.52
C GLU F 166 -13.86 29.24 33.94
N ARG F 167 -13.49 29.13 32.66
CA ARG F 167 -12.57 30.10 32.07
C ARG F 167 -13.16 31.51 32.06
N PHE F 168 -14.49 31.63 31.99
CA PHE F 168 -15.14 32.92 31.88
C PHE F 168 -15.81 33.34 33.19
N LYS F 169 -15.54 32.64 34.28
CA LYS F 169 -16.03 33.00 35.60
C LYS F 169 -15.02 33.92 36.30
N SER F 170 -15.52 35.01 36.87
CA SER F 170 -14.67 35.90 37.66
C SER F 170 -14.83 35.63 39.16
N GLU F 178 -13.35 20.80 44.77
CA GLU F 178 -12.42 19.79 45.26
C GLU F 178 -12.59 18.49 44.50
N TYR F 179 -11.83 18.34 43.41
CA TYR F 179 -11.89 17.13 42.60
C TYR F 179 -11.22 15.97 43.32
N ILE F 180 -11.72 14.76 43.06
CA ILE F 180 -11.08 13.56 43.60
C ILE F 180 -9.69 13.41 43.00
N LYS F 181 -8.82 12.71 43.73
CA LYS F 181 -7.46 12.44 43.30
C LYS F 181 -7.22 11.00 42.91
N HIS F 182 -8.14 10.09 43.22
CA HIS F 182 -8.00 8.67 42.90
C HIS F 182 -9.34 8.12 42.44
N LEU F 183 -9.28 7.21 41.46
CA LEU F 183 -10.47 6.52 40.97
C LEU F 183 -10.18 5.03 40.96
N GLY F 184 -10.97 4.27 41.71
CA GLY F 184 -10.86 2.83 41.77
C GLY F 184 -12.02 2.18 41.04
N VAL F 185 -11.74 1.12 40.30
CA VAL F 185 -12.74 0.41 39.52
C VAL F 185 -12.60 -1.09 39.81
N TYR F 186 -13.69 -1.70 40.26
CA TYR F 186 -13.77 -3.14 40.45
C TYR F 186 -14.67 -3.72 39.36
N ILE F 187 -14.15 -4.69 38.61
CA ILE F 187 -14.85 -5.24 37.45
C ILE F 187 -14.31 -6.63 37.17
N ASN F 188 -15.16 -7.48 36.61
CA ASN F 188 -14.72 -8.80 36.18
C ASN F 188 -13.64 -8.67 35.12
N ASN F 189 -12.62 -9.53 35.21
CA ASN F 189 -11.51 -9.54 34.27
C ASN F 189 -10.85 -8.17 34.17
N ALA F 190 -10.41 -7.66 35.33
CA ALA F 190 -9.80 -6.34 35.40
C ALA F 190 -8.64 -6.18 34.43
N ASP F 191 -7.87 -7.26 34.19
CA ASP F 191 -6.65 -7.13 33.39
C ASP F 191 -6.93 -6.73 31.94
N THR F 192 -8.04 -7.18 31.35
CA THR F 192 -8.31 -6.82 29.96
C THR F 192 -8.82 -5.39 29.80
N TYR F 193 -9.31 -4.77 30.88
CA TYR F 193 -9.82 -3.41 30.81
C TYR F 193 -8.77 -2.35 31.13
N LYS F 194 -7.57 -2.76 31.57
CA LYS F 194 -6.58 -1.79 32.04
C LYS F 194 -6.05 -0.91 30.91
N GLU F 195 -5.94 -1.45 29.69
CA GLU F 195 -5.41 -0.66 28.59
C GLU F 195 -6.37 0.44 28.13
N GLU F 196 -7.65 0.35 28.51
CA GLU F 196 -8.63 1.36 28.12
C GLU F 196 -8.60 2.60 28.99
N VAL F 197 -7.89 2.58 30.12
CA VAL F 197 -7.92 3.70 31.05
C VAL F 197 -7.25 4.92 30.45
N GLU F 198 -5.98 4.79 30.05
CA GLU F 198 -5.25 5.94 29.55
C GLU F 198 -5.75 6.39 28.18
N LYS F 199 -6.33 5.48 27.40
CA LYS F 199 -6.94 5.88 26.14
C LYS F 199 -8.18 6.75 26.37
N ALA F 200 -8.95 6.42 27.42
CA ALA F 200 -10.12 7.23 27.76
C ALA F 200 -9.70 8.63 28.21
N ARG F 201 -8.59 8.73 28.95
CA ARG F 201 -8.13 10.04 29.41
C ARG F 201 -7.75 10.93 28.25
N VAL F 202 -7.11 10.37 27.22
CA VAL F 202 -6.78 11.16 26.04
C VAL F 202 -8.05 11.53 25.29
N TYR F 203 -8.96 10.57 25.12
CA TYR F 203 -10.22 10.85 24.46
C TYR F 203 -11.02 11.91 25.21
N TYR F 204 -10.90 11.93 26.54
CA TYR F 204 -11.61 12.94 27.32
C TYR F 204 -11.15 14.35 26.96
N PHE F 205 -9.84 14.58 26.94
CA PHE F 205 -9.36 15.94 26.71
C PHE F 205 -9.59 16.37 25.27
N GLY F 206 -9.43 15.46 24.31
CA GLY F 206 -9.76 15.78 22.93
C GLY F 206 -11.20 16.25 22.78
N THR F 207 -12.12 15.59 23.47
CA THR F 207 -13.51 16.04 23.48
C THR F 207 -13.67 17.34 24.26
N TYR F 208 -12.98 17.45 25.41
CA TYR F 208 -13.09 18.64 26.23
C TYR F 208 -12.41 19.84 25.57
N TYR F 209 -11.28 19.61 24.89
CA TYR F 209 -10.62 20.71 24.17
C TYR F 209 -11.53 21.27 23.09
N ALA F 210 -12.17 20.39 22.31
CA ALA F 210 -13.13 20.85 21.32
C ALA F 210 -14.29 21.60 21.98
N SER F 211 -14.76 21.10 23.11
CA SER F 211 -15.83 21.79 23.84
C SER F 211 -15.39 23.18 24.28
N GLN F 212 -14.12 23.33 24.66
CA GLN F 212 -13.61 24.63 25.08
C GLN F 212 -13.64 25.63 23.92
N LEU F 213 -13.31 25.17 22.71
CA LEU F 213 -13.35 26.05 21.55
C LEU F 213 -14.79 26.42 21.21
N ILE F 214 -15.71 25.45 21.28
CA ILE F 214 -17.11 25.70 20.95
C ILE F 214 -17.73 26.65 21.98
N ALA F 215 -17.51 26.36 23.27
CA ALA F 215 -18.13 27.17 24.31
C ALA F 215 -17.57 28.60 24.33
N ALA F 216 -16.35 28.78 23.84
CA ALA F 216 -15.77 30.11 23.76
C ALA F 216 -16.61 31.01 22.88
N PRO F 217 -17.07 32.17 23.37
CA PRO F 217 -17.92 33.03 22.55
C PRO F 217 -17.18 33.58 21.34
N SER F 218 -17.95 34.16 20.42
CA SER F 218 -17.40 34.56 19.13
C SER F 218 -16.45 35.75 19.24
N ASN F 219 -16.54 36.55 20.30
CA ASN F 219 -15.56 37.61 20.48
C ASN F 219 -14.23 37.07 20.99
N TYR F 220 -14.26 35.95 21.71
CA TYR F 220 -13.03 35.27 22.10
C TYR F 220 -12.53 34.38 20.97
N CYS F 221 -13.43 33.60 20.37
CA CYS F 221 -13.08 32.64 19.34
C CYS F 221 -13.47 33.23 17.99
N ASN F 222 -12.51 33.86 17.31
CA ASN F 222 -12.69 34.44 16.00
C ASN F 222 -11.75 33.75 15.02
N PRO F 223 -11.84 34.00 13.71
CA PRO F 223 -10.94 33.30 12.78
C PRO F 223 -9.46 33.45 13.08
N VAL F 224 -9.04 34.61 13.57
CA VAL F 224 -7.62 34.82 13.87
C VAL F 224 -7.23 34.12 15.16
N SER F 225 -8.04 34.28 16.21
CA SER F 225 -7.72 33.66 17.49
C SER F 225 -7.85 32.15 17.44
N LEU F 226 -8.77 31.63 16.62
CA LEU F 226 -8.93 30.18 16.51
C LEU F 226 -7.74 29.55 15.79
N SER F 227 -7.28 30.18 14.70
CA SER F 227 -6.10 29.66 14.01
C SER F 227 -4.85 29.77 14.87
N ASN F 228 -4.75 30.82 15.69
CA ASN F 228 -3.64 30.91 16.63
C ASN F 228 -3.64 29.74 17.61
N ALA F 229 -4.82 29.38 18.11
CA ALA F 229 -4.92 28.23 19.01
C ALA F 229 -4.58 26.92 18.31
N ALA F 230 -4.91 26.80 17.03
CA ALA F 230 -4.55 25.60 16.28
C ALA F 230 -3.04 25.48 16.12
N VAL F 231 -2.37 26.62 15.87
CA VAL F 231 -0.91 26.61 15.79
C VAL F 231 -0.30 26.21 17.12
N GLU F 232 -0.80 26.81 18.20
CA GLU F 232 -0.31 26.48 19.54
C GLU F 232 -0.51 25.01 19.85
N LEU F 233 -1.64 24.43 19.44
CA LEU F 233 -1.88 23.01 19.65
C LEU F 233 -0.92 22.16 18.82
N ALA F 234 -0.71 22.53 17.55
CA ALA F 234 0.19 21.76 16.69
C ALA F 234 1.62 21.80 17.21
N GLN F 235 2.05 22.94 17.77
CA GLN F 235 3.40 23.02 18.30
C GLN F 235 3.57 22.15 19.53
N LYS F 236 2.54 22.05 20.38
CA LYS F 236 2.64 21.22 21.57
C LYS F 236 2.68 19.74 21.22
N LEU F 237 2.12 19.36 20.08
CA LEU F 237 2.10 17.96 19.66
C LEU F 237 3.14 17.67 18.58
N ASN F 238 3.93 18.67 18.19
CA ASN F 238 4.95 18.51 17.16
C ASN F 238 4.34 18.06 15.82
N LEU F 239 3.18 18.62 15.51
CA LEU F 239 2.55 18.41 14.21
C LEU F 239 2.96 19.51 13.25
N GLU F 240 3.05 19.15 11.97
CA GLU F 240 3.24 20.16 10.93
C GLU F 240 1.99 21.02 10.84
N TYR F 241 2.18 22.33 10.68
CA TYR F 241 1.06 23.26 10.65
C TYR F 241 1.31 24.32 9.59
N LYS F 242 0.21 24.83 9.04
CA LYS F 242 0.27 25.85 8.01
C LYS F 242 -1.03 26.62 8.03
N ILE F 243 -0.95 27.94 8.18
CA ILE F 243 -2.12 28.81 8.21
C ILE F 243 -2.09 29.68 6.95
N LEU F 244 -3.09 29.51 6.09
CA LEU F 244 -3.16 30.25 4.84
C LEU F 244 -3.92 31.55 5.07
N GLY F 245 -3.27 32.68 4.73
CA GLY F 245 -3.89 33.98 4.86
C GLY F 245 -4.62 34.40 3.60
N VAL F 246 -5.20 35.61 3.65
CA VAL F 246 -6.06 36.07 2.57
C VAL F 246 -5.30 36.14 1.26
N LYS F 247 -4.04 36.58 1.29
CA LYS F 247 -3.26 36.72 0.07
C LYS F 247 -3.05 35.37 -0.61
N GLU F 248 -2.73 34.34 0.16
CA GLU F 248 -2.58 33.00 -0.40
C GLU F 248 -3.91 32.44 -0.86
N LEU F 249 -4.99 32.72 -0.12
CA LEU F 249 -6.31 32.23 -0.52
C LEU F 249 -6.78 32.91 -1.80
N GLU F 250 -6.45 34.19 -1.99
CA GLU F 250 -6.76 34.85 -3.24
C GLU F 250 -6.00 34.23 -4.41
N GLU F 251 -4.72 33.90 -4.20
CA GLU F 251 -3.95 33.25 -5.23
C GLU F 251 -4.48 31.86 -5.54
N LEU F 252 -5.03 31.17 -4.53
CA LEU F 252 -5.68 29.88 -4.74
C LEU F 252 -7.10 30.00 -5.24
N LYS F 253 -7.58 31.23 -5.45
CA LYS F 253 -8.88 31.49 -6.09
C LYS F 253 -10.05 30.88 -5.31
N MET F 254 -9.94 30.89 -3.98
CA MET F 254 -11.01 30.36 -3.13
C MET F 254 -12.11 31.41 -2.96
N GLY F 255 -12.83 31.64 -4.05
CA GLY F 255 -13.82 32.72 -4.05
C GLY F 255 -15.03 32.42 -3.19
N ALA F 256 -15.45 31.15 -3.16
CA ALA F 256 -16.60 30.77 -2.33
C ALA F 256 -16.29 30.95 -0.85
N TYR F 257 -15.13 30.46 -0.41
CA TYR F 257 -14.73 30.59 0.99
C TYR F 257 -14.49 32.06 1.35
N LEU F 258 -13.85 32.82 0.48
CA LEU F 258 -13.55 34.22 0.78
C LEU F 258 -14.80 35.08 0.79
N SER F 259 -15.81 34.74 -0.02
CA SER F 259 -17.02 35.55 -0.08
C SER F 259 -17.77 35.54 1.25
N VAL F 260 -17.74 34.43 1.97
CA VAL F 260 -18.47 34.34 3.23
C VAL F 260 -17.90 35.32 4.25
N GLY F 261 -16.58 35.44 4.30
CA GLY F 261 -15.91 36.29 5.26
C GLY F 261 -15.71 37.73 4.85
N LYS F 262 -16.25 38.14 3.70
CA LYS F 262 -16.04 39.51 3.22
C LYS F 262 -16.58 40.54 4.21
N GLY F 263 -17.72 40.26 4.84
CA GLY F 263 -18.33 41.19 5.75
C GLY F 263 -17.81 41.16 7.17
N SER F 264 -16.76 40.40 7.44
CA SER F 264 -16.23 40.27 8.79
C SER F 264 -15.03 41.19 8.99
N MET F 265 -14.86 41.65 10.22
CA MET F 265 -13.68 42.41 10.59
C MET F 265 -12.46 41.53 10.81
N TYR F 266 -12.63 40.21 10.87
CA TYR F 266 -11.56 39.26 11.04
C TYR F 266 -11.21 38.61 9.72
N PRO F 267 -9.94 38.66 9.29
CA PRO F 267 -9.57 38.02 8.02
C PRO F 267 -9.73 36.51 8.07
N ASN F 268 -10.01 35.94 6.91
CA ASN F 268 -10.13 34.50 6.79
C ASN F 268 -8.81 33.82 7.12
N LYS F 269 -8.89 32.66 7.77
CA LYS F 269 -7.71 31.88 8.13
C LYS F 269 -7.99 30.42 7.82
N PHE F 270 -7.17 29.82 6.97
CA PHE F 270 -7.30 28.42 6.59
C PHE F 270 -6.32 27.60 7.43
N ILE F 271 -6.85 26.72 8.26
CA ILE F 271 -6.03 25.89 9.14
C ILE F 271 -5.65 24.61 8.41
N HIS F 272 -4.36 24.28 8.44
CA HIS F 272 -3.86 23.04 7.85
C HIS F 272 -2.84 22.44 8.81
N LEU F 273 -3.29 21.46 9.58
CA LEU F 273 -2.40 20.66 10.41
C LEU F 273 -2.19 19.32 9.73
N THR F 274 -0.99 18.76 9.92
CA THR F 274 -0.63 17.50 9.28
C THR F 274 0.02 16.58 10.30
N TYR F 275 -0.45 15.33 10.35
CA TYR F 275 0.19 14.29 11.13
C TYR F 275 0.73 13.21 10.21
N LYS F 276 2.03 13.00 10.24
CA LYS F 276 2.65 11.88 9.55
C LYS F 276 3.24 10.94 10.59
N SER F 277 2.97 9.65 10.44
CA SER F 277 3.46 8.61 11.32
C SER F 277 4.67 7.90 10.73
N LYS F 278 5.44 7.26 11.61
CA LYS F 278 6.63 6.53 11.19
C LYS F 278 6.25 5.25 10.46
N GLY F 279 6.98 4.97 9.39
CA GLY F 279 6.76 3.77 8.60
C GLY F 279 6.07 4.07 7.29
N ASP F 280 5.69 2.98 6.63
CA ASP F 280 4.98 3.07 5.35
C ASP F 280 3.62 3.72 5.51
N VAL F 281 3.37 4.73 4.68
CA VAL F 281 2.03 5.31 4.68
C VAL F 281 1.12 4.31 3.97
N LYS F 282 0.11 3.83 4.68
CA LYS F 282 -0.84 2.89 4.10
C LYS F 282 -2.19 3.52 3.82
N LYS F 283 -2.52 4.61 4.51
CA LYS F 283 -3.76 5.34 4.30
C LYS F 283 -3.46 6.82 4.44
N LYS F 284 -3.95 7.63 3.51
CA LYS F 284 -3.85 9.08 3.58
C LYS F 284 -5.25 9.62 3.76
N ILE F 285 -5.45 10.42 4.81
CA ILE F 285 -6.77 10.88 5.21
C ILE F 285 -6.76 12.38 5.38
N ALA F 286 -7.81 13.04 4.90
CA ALA F 286 -8.03 14.47 5.09
C ALA F 286 -9.32 14.65 5.88
N LEU F 287 -9.24 15.33 7.01
CA LEU F 287 -10.40 15.62 7.85
C LEU F 287 -10.70 17.11 7.76
N VAL F 288 -11.93 17.43 7.33
CA VAL F 288 -12.33 18.80 7.07
C VAL F 288 -13.40 19.19 8.08
N GLY F 289 -13.18 20.29 8.79
CA GLY F 289 -14.15 20.78 9.74
C GLY F 289 -14.68 22.15 9.39
N LYS F 290 -16.00 22.34 9.49
CA LYS F 290 -16.60 23.65 9.25
C LYS F 290 -16.22 24.60 10.38
N GLY F 291 -15.65 25.75 10.02
CA GLY F 291 -15.15 26.68 11.01
C GLY F 291 -15.73 28.07 10.93
N ILE F 292 -17.04 28.21 11.08
CA ILE F 292 -17.68 29.51 11.15
C ILE F 292 -17.71 29.92 12.62
N THR F 293 -16.85 30.88 12.99
CA THR F 293 -16.76 31.28 14.39
C THR F 293 -18.04 31.97 14.87
N PHE F 294 -18.75 32.65 13.98
CA PHE F 294 -20.09 33.13 14.27
C PHE F 294 -20.88 33.19 12.98
N ASP F 295 -22.12 32.70 13.04
CA ASP F 295 -23.01 32.66 11.88
C ASP F 295 -24.22 33.56 12.18
N SER F 296 -24.10 34.84 11.85
CA SER F 296 -25.25 35.73 11.94
C SER F 296 -26.26 35.45 10.85
N GLY F 297 -25.86 34.72 9.80
CA GLY F 297 -26.68 34.48 8.65
C GLY F 297 -26.39 35.40 7.47
N GLY F 298 -25.60 36.44 7.67
CA GLY F 298 -25.41 37.42 6.63
C GLY F 298 -26.68 38.25 6.43
N TYR F 299 -26.85 38.77 5.22
CA TYR F 299 -28.05 39.54 4.93
C TYR F 299 -29.31 38.70 5.02
N ASN F 300 -29.19 37.37 4.89
CA ASN F 300 -30.25 36.44 5.30
C ASN F 300 -30.15 36.22 6.81
N LEU F 301 -30.40 37.31 7.55
CA LEU F 301 -30.17 37.33 8.99
C LEU F 301 -31.03 36.29 9.70
N LYS F 302 -30.45 35.67 10.73
CA LYS F 302 -31.18 34.71 11.56
C LYS F 302 -32.12 35.49 12.48
N ALA F 303 -33.25 35.90 11.92
CA ALA F 303 -34.25 36.65 12.65
C ALA F 303 -35.59 35.94 12.75
N ALA F 304 -35.79 34.84 12.03
CA ALA F 304 -37.03 34.10 12.12
C ALA F 304 -37.13 33.42 13.48
N PRO F 305 -38.36 33.22 13.98
CA PRO F 305 -38.52 32.52 15.26
C PRO F 305 -37.91 31.12 15.20
N GLY F 306 -37.14 30.78 16.24
CA GLY F 306 -36.47 29.50 16.31
C GLY F 306 -35.12 29.43 15.63
N SER F 307 -34.66 30.53 15.01
CA SER F 307 -33.35 30.50 14.36
C SER F 307 -32.20 30.47 15.37
N MET F 308 -32.44 30.92 16.59
CA MET F 308 -31.49 30.78 17.71
C MET F 308 -30.12 31.36 17.34
N ILE F 309 -30.12 32.68 17.10
CA ILE F 309 -28.88 33.35 16.71
C ILE F 309 -27.86 33.34 17.85
N ASP F 310 -28.33 33.27 19.10
CA ASP F 310 -27.42 33.31 20.24
C ASP F 310 -26.61 32.02 20.40
N LEU F 311 -26.99 30.96 19.69
CA LEU F 311 -26.26 29.70 19.73
C LEU F 311 -25.14 29.64 18.69
N MET F 312 -25.16 30.53 17.71
CA MET F 312 -24.32 30.41 16.51
C MET F 312 -22.82 30.59 16.77
N LYS F 313 -22.37 30.72 18.02
CA LYS F 313 -20.94 30.56 18.29
C LYS F 313 -20.49 29.12 18.09
N PHE F 314 -21.44 28.18 18.09
CA PHE F 314 -21.15 26.75 17.96
C PHE F 314 -20.96 26.32 16.51
N ASP F 315 -21.03 27.25 15.55
CA ASP F 315 -20.93 26.90 14.13
C ASP F 315 -19.53 26.50 13.70
N MET F 316 -18.56 26.49 14.62
CA MET F 316 -17.24 25.93 14.36
C MET F 316 -17.04 24.59 15.04
N SER F 317 -18.14 23.90 15.38
CA SER F 317 -18.03 22.61 16.05
C SER F 317 -17.31 21.59 15.18
N GLY F 318 -17.50 21.65 13.87
CA GLY F 318 -16.78 20.76 12.98
C GLY F 318 -15.28 20.99 13.04
N CYS F 319 -14.87 22.25 13.01
CA CYS F 319 -13.45 22.58 13.18
C CYS F 319 -12.95 22.12 14.55
N ALA F 320 -13.75 22.31 15.59
CA ALA F 320 -13.34 21.91 16.93
C ALA F 320 -13.19 20.40 17.03
N ALA F 321 -14.11 19.65 16.40
CA ALA F 321 -14.01 18.19 16.42
C ALA F 321 -12.75 17.71 15.72
N VAL F 322 -12.40 18.35 14.60
CA VAL F 322 -11.18 18.00 13.89
C VAL F 322 -9.95 18.35 14.73
N LEU F 323 -9.97 19.51 15.39
CA LEU F 323 -8.85 19.90 16.25
C LEU F 323 -8.75 18.99 17.47
N GLY F 324 -9.89 18.62 18.07
CA GLY F 324 -9.86 17.69 19.16
C GLY F 324 -9.33 16.33 18.74
N CYS F 325 -9.67 15.91 17.51
CA CYS F 325 -9.11 14.68 16.97
C CYS F 325 -7.61 14.83 16.74
N ALA F 326 -7.15 16.02 16.35
CA ALA F 326 -5.73 16.25 16.17
C ALA F 326 -4.96 16.05 17.47
N TYR F 327 -5.57 16.39 18.62
CA TYR F 327 -4.93 16.12 19.89
C TYR F 327 -4.82 14.62 20.14
N CYS F 328 -5.93 13.89 19.94
CA CYS F 328 -5.93 12.45 20.19
C CYS F 328 -4.95 11.72 19.29
N VAL F 329 -4.93 12.07 18.00
CA VAL F 329 -3.99 11.43 17.08
C VAL F 329 -2.56 11.82 17.42
N GLY F 330 -2.33 13.09 17.74
CA GLY F 330 -1.00 13.53 18.10
C GLY F 330 -0.50 12.95 19.41
N THR F 331 -1.42 12.61 20.32
CA THR F 331 -1.05 12.05 21.61
C THR F 331 -0.88 10.53 21.54
N LEU F 332 -1.83 9.83 20.91
CA LEU F 332 -1.75 8.38 20.81
C LEU F 332 -0.75 7.93 19.75
N LYS F 333 -0.48 8.77 18.76
CA LYS F 333 0.51 8.53 17.72
C LYS F 333 0.28 7.18 17.03
N PRO F 334 -0.77 7.04 16.22
CA PRO F 334 -0.93 5.81 15.45
C PRO F 334 0.13 5.72 14.37
N GLU F 335 0.24 4.53 13.78
CA GLU F 335 1.28 4.26 12.79
C GLU F 335 0.68 3.98 11.42
N ASN F 336 1.49 4.22 10.40
CA ASN F 336 1.17 3.91 9.00
C ASN F 336 -0.03 4.70 8.48
N VAL F 337 -0.24 5.90 9.00
CA VAL F 337 -1.35 6.75 8.57
C VAL F 337 -0.84 8.19 8.47
N GLU F 338 -1.35 8.92 7.48
CA GLU F 338 -1.05 10.34 7.32
C GLU F 338 -2.36 11.10 7.26
N ILE F 339 -2.58 11.99 8.22
CA ILE F 339 -3.85 12.70 8.39
C ILE F 339 -3.61 14.19 8.24
N HIS F 340 -4.46 14.85 7.45
CA HIS F 340 -4.46 16.30 7.31
C HIS F 340 -5.71 16.85 7.98
N PHE F 341 -5.52 17.83 8.84
CA PHE F 341 -6.60 18.45 9.59
C PHE F 341 -6.85 19.84 8.99
N LEU F 342 -7.99 20.00 8.32
CA LEU F 342 -8.28 21.20 7.55
C LEU F 342 -9.55 21.87 8.07
N SER F 343 -9.58 23.19 7.98
CA SER F 343 -10.77 23.97 8.32
C SER F 343 -10.64 25.35 7.69
N ALA F 344 -11.62 25.71 6.86
CA ALA F 344 -11.66 27.05 6.27
C ALA F 344 -12.45 27.95 7.22
N VAL F 345 -11.71 28.65 8.08
CA VAL F 345 -12.31 29.41 9.17
C VAL F 345 -12.61 30.83 8.72
N CYS F 346 -13.81 31.30 9.05
CA CYS F 346 -14.22 32.68 8.75
C CYS F 346 -15.42 33.01 9.63
N GLU F 347 -16.00 34.19 9.40
CA GLU F 347 -17.13 34.69 10.19
C GLU F 347 -18.17 35.27 9.25
N ASN F 348 -19.44 34.91 9.47
CA ASN F 348 -20.55 35.32 8.61
C ASN F 348 -21.27 36.50 9.27
N MET F 349 -21.05 37.70 8.76
CA MET F 349 -21.53 38.92 9.40
C MET F 349 -22.29 39.78 8.39
N VAL F 350 -22.96 40.81 8.92
CA VAL F 350 -23.69 41.78 8.12
C VAL F 350 -22.88 43.07 8.09
N SER F 351 -22.60 43.56 6.88
CA SER F 351 -21.75 44.73 6.72
C SER F 351 -21.93 45.28 5.32
N LYS F 352 -21.37 46.48 5.09
CA LYS F 352 -21.33 47.02 3.74
C LYS F 352 -20.45 46.19 2.82
N ASN F 353 -19.55 45.37 3.37
CA ASN F 353 -18.64 44.56 2.58
C ASN F 353 -19.12 43.12 2.43
N SER F 354 -20.24 42.76 3.04
CA SER F 354 -20.72 41.38 2.98
C SER F 354 -21.17 41.04 1.57
N TYR F 355 -21.16 39.75 1.26
CA TYR F 355 -21.71 39.29 0.00
C TYR F 355 -23.23 39.22 0.11
N ARG F 356 -23.89 39.44 -1.01
CA ARG F 356 -25.34 39.62 -1.02
C ARG F 356 -26.04 38.37 -1.53
N PRO F 357 -27.29 38.18 -1.17
CA PRO F 357 -28.11 37.15 -1.84
C PRO F 357 -28.21 37.47 -3.33
N GLY F 358 -27.99 36.45 -4.15
CA GLY F 358 -27.97 36.60 -5.58
C GLY F 358 -26.59 36.71 -6.18
N ASP F 359 -25.58 37.02 -5.37
CA ASP F 359 -24.21 37.14 -5.86
C ASP F 359 -23.76 35.83 -6.50
N ILE F 360 -22.98 35.95 -7.58
CA ILE F 360 -22.40 34.80 -8.26
C ILE F 360 -20.90 34.83 -7.99
N ILE F 361 -20.40 33.76 -7.37
CA ILE F 361 -19.00 33.67 -6.96
C ILE F 361 -18.39 32.43 -7.61
N THR F 362 -17.07 32.41 -7.66
CA THR F 362 -16.32 31.36 -8.35
C THR F 362 -15.47 30.60 -7.34
N ALA F 363 -15.68 29.29 -7.26
CA ALA F 363 -14.89 28.44 -6.37
C ALA F 363 -13.49 28.21 -6.97
N SER F 364 -12.62 27.59 -6.16
CA SER F 364 -11.24 27.38 -6.58
C SER F 364 -11.11 26.34 -7.68
N ASN F 365 -12.16 25.56 -7.97
CA ASN F 365 -12.13 24.62 -9.07
C ASN F 365 -12.77 25.18 -10.34
N GLY F 366 -13.08 26.48 -10.36
CA GLY F 366 -13.63 27.11 -11.54
C GLY F 366 -15.15 27.15 -11.60
N LYS F 367 -15.84 26.44 -10.71
CA LYS F 367 -17.30 26.38 -10.75
C LYS F 367 -17.88 27.68 -10.21
N THR F 368 -18.78 28.28 -10.98
CA THR F 368 -19.51 29.46 -10.54
C THR F 368 -20.75 29.04 -9.76
N ILE F 369 -21.00 29.70 -8.63
CA ILE F 369 -22.09 29.36 -7.73
C ILE F 369 -22.97 30.59 -7.57
N GLU F 370 -24.28 30.39 -7.72
CA GLU F 370 -25.26 31.44 -7.47
C GLU F 370 -25.74 31.36 -6.03
N VAL F 371 -25.46 32.39 -5.25
CA VAL F 371 -25.84 32.40 -3.84
C VAL F 371 -27.32 32.75 -3.73
N GLY F 372 -28.11 31.80 -3.22
CA GLY F 372 -29.53 32.03 -3.04
C GLY F 372 -29.86 32.38 -1.60
N ASN F 373 -28.93 32.11 -0.69
CA ASN F 373 -29.16 32.34 0.74
C ASN F 373 -27.80 32.46 1.41
N THR F 374 -27.49 33.65 1.93
CA THR F 374 -26.21 33.86 2.60
C THR F 374 -26.08 33.07 3.89
N ASP F 375 -27.18 32.55 4.44
CA ASP F 375 -27.12 31.72 5.65
C ASP F 375 -26.73 30.28 5.35
N ALA F 376 -26.69 29.88 4.09
CA ALA F 376 -26.13 28.58 3.71
C ALA F 376 -24.64 28.71 3.38
N GLU F 377 -23.90 29.33 4.29
CA GLU F 377 -22.51 29.67 4.05
C GLU F 377 -21.56 28.53 4.35
N GLY F 378 -21.99 27.53 5.14
CA GLY F 378 -21.09 26.44 5.49
C GLY F 378 -20.65 25.65 4.27
N ARG F 379 -21.58 25.33 3.38
CA ARG F 379 -21.23 24.58 2.17
C ARG F 379 -20.35 25.39 1.23
N LEU F 380 -20.41 26.72 1.31
CA LEU F 380 -19.52 27.54 0.48
C LEU F 380 -18.08 27.43 0.95
N THR F 381 -17.86 27.53 2.26
CA THR F 381 -16.52 27.36 2.81
C THR F 381 -16.05 25.92 2.64
N LEU F 382 -16.96 24.96 2.80
CA LEU F 382 -16.59 23.55 2.63
C LEU F 382 -16.23 23.23 1.19
N ALA F 383 -16.86 23.90 0.22
CA ALA F 383 -16.58 23.62 -1.19
C ALA F 383 -15.11 23.84 -1.52
N ASP F 384 -14.57 25.00 -1.13
CA ASP F 384 -13.16 25.28 -1.38
C ASP F 384 -12.25 24.39 -0.53
N ALA F 385 -12.67 24.05 0.68
CA ALA F 385 -11.86 23.18 1.52
C ALA F 385 -11.78 21.77 0.95
N LEU F 386 -12.87 21.29 0.33
CA LEU F 386 -12.84 19.96 -0.28
C LEU F 386 -11.95 19.95 -1.52
N VAL F 387 -11.97 21.03 -2.31
CA VAL F 387 -11.06 21.14 -3.45
C VAL F 387 -9.62 21.15 -2.97
N TYR F 388 -9.35 21.90 -1.89
CA TYR F 388 -8.02 21.89 -1.28
C TYR F 388 -7.65 20.50 -0.78
N ALA F 389 -8.61 19.79 -0.19
CA ALA F 389 -8.33 18.47 0.37
C ALA F 389 -8.00 17.46 -0.71
N GLU F 390 -8.78 17.43 -1.79
CA GLU F 390 -8.54 16.46 -2.85
C GLU F 390 -7.20 16.69 -3.54
N LYS F 391 -6.74 17.94 -3.59
CA LYS F 391 -5.45 18.24 -4.20
C LYS F 391 -4.29 17.61 -3.43
N LEU F 392 -4.48 17.26 -2.17
CA LEU F 392 -3.45 16.61 -1.38
C LEU F 392 -3.23 15.15 -1.76
N GLY F 393 -4.13 14.56 -2.54
CA GLY F 393 -4.00 13.18 -2.94
C GLY F 393 -4.13 12.21 -1.78
N VAL F 394 -5.28 12.22 -1.12
CA VAL F 394 -5.53 11.38 0.03
C VAL F 394 -6.44 10.23 -0.40
N ASP F 395 -6.58 9.23 0.49
CA ASP F 395 -7.46 8.11 0.23
C ASP F 395 -8.89 8.38 0.67
N TYR F 396 -9.07 9.11 1.77
CA TYR F 396 -10.38 9.42 2.30
C TYR F 396 -10.47 10.90 2.64
N ILE F 397 -11.61 11.50 2.29
CA ILE F 397 -11.96 12.85 2.71
C ILE F 397 -13.22 12.73 3.56
N VAL F 398 -13.14 13.16 4.81
CA VAL F 398 -14.27 13.13 5.72
C VAL F 398 -14.46 14.55 6.27
N ASP F 399 -15.62 15.12 6.01
CA ASP F 399 -15.94 16.44 6.54
C ASP F 399 -17.02 16.32 7.61
N ILE F 400 -16.94 17.20 8.60
CA ILE F 400 -17.89 17.24 9.71
C ILE F 400 -18.30 18.69 9.91
N ALA F 401 -19.61 18.93 10.02
CA ALA F 401 -20.10 20.30 9.94
C ALA F 401 -21.48 20.38 10.57
N THR F 402 -21.75 21.51 11.24
CA THR F 402 -23.09 21.86 11.67
C THR F 402 -23.78 22.56 10.49
N LEU F 403 -24.20 21.75 9.51
CA LEU F 403 -24.55 22.26 8.20
C LEU F 403 -26.01 22.69 8.09
N THR F 404 -26.95 21.81 8.44
CA THR F 404 -28.36 22.05 8.17
C THR F 404 -29.18 21.85 9.43
N GLY F 405 -30.03 22.83 9.74
CA GLY F 405 -30.96 22.69 10.85
C GLY F 405 -32.00 21.63 10.64
N ALA F 406 -32.18 21.16 9.39
CA ALA F 406 -33.13 20.09 9.11
C ALA F 406 -32.75 18.80 9.81
N MET F 407 -31.50 18.67 10.28
CA MET F 407 -31.11 17.47 11.00
C MET F 407 -31.93 17.29 12.27
N LEU F 408 -32.44 18.39 12.84
CA LEU F 408 -33.28 18.28 14.02
C LEU F 408 -34.60 17.58 13.72
N TYR F 409 -35.05 17.65 12.46
CA TYR F 409 -36.31 17.02 12.05
C TYR F 409 -36.12 15.64 11.45
N SER F 410 -34.88 15.24 11.16
CA SER F 410 -34.60 13.92 10.60
C SER F 410 -34.12 12.94 11.66
N LEU F 411 -32.95 13.21 12.26
CA LEU F 411 -32.38 12.30 13.26
C LEU F 411 -32.44 12.84 14.68
N GLY F 412 -32.60 14.14 14.87
CA GLY F 412 -32.74 14.70 16.20
C GLY F 412 -31.44 15.16 16.82
N THR F 413 -31.36 15.08 18.15
CA THR F 413 -30.23 15.62 18.90
C THR F 413 -29.24 14.54 19.34
N SER F 414 -29.51 13.27 19.06
CA SER F 414 -28.63 12.19 19.48
C SER F 414 -27.80 11.60 18.34
N TYR F 415 -28.40 11.40 17.17
CA TYR F 415 -27.73 10.76 16.04
C TYR F 415 -27.36 11.81 15.00
N ALA F 416 -26.09 11.82 14.60
CA ALA F 416 -25.66 12.62 13.47
C ALA F 416 -25.90 11.86 12.17
N GLY F 417 -25.99 12.59 11.08
CA GLY F 417 -26.19 11.99 9.77
C GLY F 417 -24.89 11.97 8.97
N VAL F 418 -24.66 10.88 8.26
CA VAL F 418 -23.49 10.74 7.40
C VAL F 418 -23.97 10.49 5.98
N PHE F 419 -23.43 11.25 5.05
CA PHE F 419 -23.65 11.08 3.62
C PHE F 419 -22.31 10.82 2.96
N GLY F 420 -22.34 10.25 1.76
CA GLY F 420 -21.08 9.99 1.08
C GLY F 420 -21.31 9.43 -0.31
N ASN F 421 -20.20 9.29 -1.03
CA ASN F 421 -20.17 8.74 -2.37
C ASN F 421 -19.50 7.37 -2.43
N ASN F 422 -19.18 6.79 -1.28
CA ASN F 422 -18.42 5.55 -1.22
C ASN F 422 -18.96 4.68 -0.11
N GLU F 423 -19.42 3.48 -0.45
CA GLU F 423 -20.01 2.59 0.54
C GLU F 423 -18.98 2.12 1.56
N GLU F 424 -17.77 1.79 1.10
CA GLU F 424 -16.74 1.31 2.02
C GLU F 424 -16.36 2.37 3.03
N LEU F 425 -16.23 3.62 2.60
CA LEU F 425 -15.89 4.69 3.53
C LEU F 425 -17.05 4.96 4.49
N ILE F 426 -18.28 4.95 3.99
CA ILE F 426 -19.45 5.10 4.86
C ILE F 426 -19.49 3.95 5.86
N ASN F 427 -19.14 2.74 5.41
CA ASN F 427 -19.15 1.59 6.30
C ASN F 427 -18.11 1.73 7.41
N LYS F 428 -16.93 2.27 7.09
CA LYS F 428 -15.92 2.52 8.10
C LYS F 428 -16.39 3.58 9.11
N ILE F 429 -17.08 4.61 8.63
CA ILE F 429 -17.60 5.64 9.54
C ILE F 429 -18.63 5.03 10.49
N LEU F 430 -19.50 4.16 9.98
CA LEU F 430 -20.49 3.51 10.83
C LEU F 430 -19.81 2.60 11.85
N GLN F 431 -18.73 1.92 11.43
CA GLN F 431 -18.00 1.07 12.36
C GLN F 431 -17.33 1.90 13.45
N SER F 432 -16.79 3.06 13.09
CA SER F 432 -16.17 3.93 14.09
C SER F 432 -17.22 4.50 15.04
N SER F 433 -18.46 4.69 14.57
CA SER F 433 -19.52 5.14 15.46
C SER F 433 -19.86 4.10 16.50
N LYS F 434 -19.73 2.81 16.16
CA LYS F 434 -20.05 1.75 17.12
C LYS F 434 -18.98 1.66 18.21
N THR F 435 -17.71 1.76 17.84
CA THR F 435 -16.64 1.61 18.82
C THR F 435 -16.42 2.88 19.64
N SER F 436 -16.67 4.05 19.05
CA SER F 436 -16.56 5.30 19.80
C SER F 436 -17.81 5.64 20.59
N ASN F 437 -18.93 4.95 20.32
CA ASN F 437 -20.21 5.18 21.00
C ASN F 437 -20.73 6.59 20.76
N GLU F 438 -20.34 7.21 19.65
CA GLU F 438 -20.94 8.44 19.19
C GLU F 438 -21.88 8.10 18.04
N PRO F 439 -23.19 8.07 18.26
CA PRO F 439 -24.10 7.46 17.27
C PRO F 439 -24.21 8.28 16.00
N VAL F 440 -24.16 7.57 14.87
CA VAL F 440 -24.28 8.16 13.54
C VAL F 440 -25.16 7.25 12.70
N TRP F 441 -25.99 7.84 11.85
CA TRP F 441 -26.88 7.08 10.98
C TRP F 441 -26.65 7.46 9.52
N TRP F 442 -26.67 6.46 8.65
CA TRP F 442 -26.39 6.66 7.23
C TRP F 442 -27.65 7.17 6.52
N LEU F 443 -27.52 8.32 5.85
CA LEU F 443 -28.60 8.93 5.09
C LEU F 443 -28.23 9.00 3.61
N PRO F 444 -29.21 8.95 2.71
CA PRO F 444 -28.89 8.83 1.28
C PRO F 444 -28.66 10.16 0.58
N ILE F 445 -27.84 10.09 -0.46
CA ILE F 445 -27.66 11.18 -1.41
C ILE F 445 -28.53 10.86 -2.61
N ILE F 446 -29.74 11.43 -2.63
CA ILE F 446 -30.73 11.10 -3.65
C ILE F 446 -30.45 11.94 -4.90
N ASN F 447 -30.03 11.27 -5.97
CA ASN F 447 -29.62 11.98 -7.18
C ASN F 447 -30.77 12.67 -7.90
N GLU F 448 -32.02 12.25 -7.65
CA GLU F 448 -33.16 12.87 -8.31
C GLU F 448 -33.30 14.35 -7.95
N TYR F 449 -32.78 14.76 -6.79
CA TYR F 449 -32.86 16.15 -6.38
C TYR F 449 -31.78 17.02 -6.99
N ARG F 450 -30.82 16.42 -7.73
CA ARG F 450 -29.69 17.18 -8.25
C ARG F 450 -30.12 18.29 -9.20
N ALA F 451 -31.22 18.07 -9.95
CA ALA F 451 -31.66 19.05 -10.93
C ALA F 451 -32.06 20.38 -10.30
N THR F 452 -32.43 20.37 -9.03
CA THR F 452 -32.83 21.61 -8.36
C THR F 452 -31.67 22.55 -8.09
N LEU F 453 -30.43 22.10 -8.25
CA LEU F 453 -29.27 22.96 -8.11
C LEU F 453 -28.80 23.52 -9.45
N ASN F 454 -29.54 23.28 -10.53
CA ASN F 454 -29.20 23.80 -11.84
C ASN F 454 -29.55 25.28 -11.88
N SER F 455 -28.53 26.13 -11.90
CA SER F 455 -28.74 27.57 -11.92
C SER F 455 -29.00 28.04 -13.36
N LYS F 456 -29.80 29.10 -13.48
CA LYS F 456 -30.06 29.66 -14.79
C LYS F 456 -28.84 30.38 -15.35
N TYR F 457 -28.00 30.93 -14.49
CA TYR F 457 -26.86 31.73 -14.91
C TYR F 457 -25.51 31.18 -14.49
N ALA F 458 -25.40 30.69 -13.26
CA ALA F 458 -24.15 30.12 -12.77
C ALA F 458 -24.06 28.64 -13.14
N ASP F 459 -22.92 28.03 -12.82
CA ASP F 459 -22.75 26.60 -13.07
C ASP F 459 -23.67 25.77 -12.18
N ILE F 460 -23.89 26.23 -10.95
CA ILE F 460 -24.65 25.46 -9.97
C ILE F 460 -25.28 26.43 -8.98
N ASN F 461 -26.42 26.04 -8.43
CA ASN F 461 -27.06 26.80 -7.37
C ASN F 461 -26.48 26.41 -6.01
N GLN F 462 -26.37 27.40 -5.12
CA GLN F 462 -25.94 27.09 -3.76
C GLN F 462 -27.02 26.36 -2.98
N ILE F 463 -28.29 26.77 -3.14
CA ILE F 463 -29.42 26.18 -2.45
C ILE F 463 -30.51 25.85 -3.44
N SER F 464 -31.40 24.97 -3.03
CA SER F 464 -32.64 24.72 -3.75
C SER F 464 -33.72 25.66 -3.23
N SER F 465 -34.49 26.24 -4.14
CA SER F 465 -35.59 27.11 -3.76
C SER F 465 -36.88 26.36 -3.50
N SER F 466 -36.93 25.06 -3.82
CA SER F 466 -38.14 24.28 -3.69
C SER F 466 -37.99 23.13 -2.70
N VAL F 467 -37.06 22.19 -2.95
CA VAL F 467 -36.93 21.01 -2.11
C VAL F 467 -36.59 21.41 -0.68
N LYS F 468 -37.35 20.88 0.26
CA LYS F 468 -37.15 21.17 1.68
C LYS F 468 -36.23 20.17 2.36
N ALA F 469 -35.80 19.12 1.67
CA ALA F 469 -34.83 18.17 2.21
C ALA F 469 -33.43 18.76 2.09
N SER F 470 -33.19 19.79 2.91
CA SER F 470 -31.98 20.59 2.77
C SER F 470 -30.71 19.79 3.07
N SER F 471 -30.79 18.86 4.02
CA SER F 471 -29.60 18.07 4.36
C SER F 471 -29.15 17.19 3.20
N ILE F 472 -30.09 16.69 2.40
CA ILE F 472 -29.72 15.89 1.23
C ILE F 472 -29.23 16.79 0.11
N VAL F 473 -29.92 17.91 -0.12
CA VAL F 473 -29.51 18.83 -1.17
C VAL F 473 -28.13 19.39 -0.89
N ALA F 474 -27.84 19.72 0.37
CA ALA F 474 -26.51 20.21 0.73
C ALA F 474 -25.44 19.18 0.45
N SER F 475 -25.75 17.90 0.69
CA SER F 475 -24.80 16.84 0.37
C SER F 475 -24.57 16.74 -1.13
N LEU F 476 -25.62 16.97 -1.93
CA LEU F 476 -25.46 16.97 -3.39
C LEU F 476 -24.55 18.12 -3.83
N PHE F 477 -24.65 19.26 -3.16
CA PHE F 477 -23.80 20.39 -3.50
C PHE F 477 -22.34 20.10 -3.18
N LEU F 478 -22.07 19.54 -1.99
CA LEU F 478 -20.69 19.21 -1.62
C LEU F 478 -20.10 18.16 -2.54
N LYS F 479 -20.92 17.23 -3.04
CA LYS F 479 -20.41 16.18 -3.91
C LYS F 479 -19.84 16.74 -5.21
N GLU F 480 -20.34 17.89 -5.65
CA GLU F 480 -19.84 18.50 -6.89
C GLU F 480 -18.42 19.02 -6.76
N PHE F 481 -17.83 18.99 -5.57
CA PHE F 481 -16.48 19.48 -5.35
C PHE F 481 -15.52 18.37 -4.92
N VAL F 482 -15.93 17.11 -5.06
CA VAL F 482 -15.06 15.96 -4.90
C VAL F 482 -15.20 15.12 -6.16
N GLN F 483 -14.13 15.04 -6.95
CA GLN F 483 -14.24 14.46 -8.29
C GLN F 483 -13.95 12.96 -8.32
N ASN F 484 -12.91 12.51 -7.63
CA ASN F 484 -12.47 11.12 -7.78
C ASN F 484 -11.80 10.63 -6.49
N THR F 485 -12.44 10.89 -5.34
CA THR F 485 -11.92 10.45 -4.06
C THR F 485 -13.08 10.00 -3.19
N ALA F 486 -12.86 8.92 -2.44
CA ALA F 486 -13.86 8.46 -1.48
C ALA F 486 -14.10 9.57 -0.44
N TRP F 487 -15.36 9.98 -0.30
CA TRP F 487 -15.68 11.14 0.51
C TRP F 487 -16.93 10.86 1.33
N ALA F 488 -16.91 11.32 2.58
CA ALA F 488 -18.05 11.20 3.48
C ALA F 488 -18.28 12.54 4.17
N HIS F 489 -19.54 12.79 4.55
CA HIS F 489 -19.95 14.07 5.10
C HIS F 489 -20.83 13.83 6.31
N ILE F 490 -20.44 14.36 7.46
CA ILE F 490 -21.15 14.14 8.72
C ILE F 490 -21.78 15.46 9.14
N ASP F 491 -23.12 15.48 9.18
CA ASP F 491 -23.88 16.66 9.60
C ASP F 491 -24.18 16.55 11.09
N ILE F 492 -23.57 17.43 11.88
CA ILE F 492 -23.70 17.40 13.33
C ILE F 492 -24.47 18.62 13.84
N ALA F 493 -25.30 19.23 13.00
CA ALA F 493 -26.00 20.44 13.42
C ALA F 493 -26.98 20.18 14.55
N GLY F 494 -27.54 18.97 14.62
CA GLY F 494 -28.52 18.66 15.64
C GLY F 494 -27.94 18.11 16.93
N VAL F 495 -26.75 17.50 16.84
CA VAL F 495 -26.18 16.78 17.98
C VAL F 495 -25.06 17.54 18.67
N SER F 496 -24.63 18.69 18.13
CA SER F 496 -23.44 19.34 18.65
C SER F 496 -23.67 19.94 20.03
N TRP F 497 -24.82 20.56 20.25
CA TRP F 497 -25.10 21.27 21.49
C TRP F 497 -26.03 20.48 22.39
N ASN F 498 -25.70 20.45 23.68
CA ASN F 498 -26.53 19.81 24.71
C ASN F 498 -27.37 20.89 25.36
N PHE F 499 -28.66 20.93 25.01
CA PHE F 499 -29.53 22.00 25.49
C PHE F 499 -29.97 21.80 26.93
N LYS F 500 -30.08 20.55 27.38
CA LYS F 500 -30.43 20.31 28.78
C LYS F 500 -29.32 20.80 29.71
N ALA F 501 -28.06 20.54 29.35
CA ALA F 501 -26.92 20.94 30.18
C ALA F 501 -26.35 22.30 29.79
N ARG F 502 -26.81 22.89 28.68
CA ARG F 502 -26.36 24.22 28.24
C ARG F 502 -24.85 24.25 28.03
N LYS F 503 -24.34 23.27 27.29
CA LYS F 503 -22.91 23.15 27.05
C LYS F 503 -22.70 22.34 25.78
N PRO F 504 -21.54 22.46 25.14
CA PRO F 504 -21.27 21.64 23.95
C PRO F 504 -21.03 20.19 24.33
N LYS F 505 -21.10 19.33 23.32
CA LYS F 505 -20.83 17.91 23.50
C LYS F 505 -19.43 17.51 23.07
N GLY F 506 -18.76 18.33 22.27
CA GLY F 506 -17.52 17.88 21.64
C GLY F 506 -17.72 16.73 20.68
N PHE F 507 -18.89 16.68 20.03
CA PHE F 507 -19.23 15.55 19.18
C PHE F 507 -18.29 15.45 17.99
N GLY F 508 -17.84 14.22 17.71
CA GLY F 508 -17.03 13.93 16.55
C GLY F 508 -15.58 13.64 16.85
N VAL F 509 -15.07 14.08 18.02
CA VAL F 509 -13.66 13.88 18.35
C VAL F 509 -13.35 12.39 18.43
N ARG F 510 -14.10 11.65 19.25
CA ARG F 510 -13.83 10.23 19.43
C ARG F 510 -14.21 9.42 18.21
N LEU F 511 -15.27 9.82 17.50
CA LEU F 511 -15.68 9.11 16.30
C LEU F 511 -14.61 9.21 15.22
N LEU F 512 -14.10 10.43 14.97
CA LEU F 512 -13.06 10.62 13.96
C LEU F 512 -11.76 9.93 14.35
N THR F 513 -11.42 9.94 15.63
CA THR F 513 -10.19 9.29 16.08
C THR F 513 -10.25 7.78 15.89
N GLU F 514 -11.38 7.16 16.26
CA GLU F 514 -11.55 5.73 16.03
C GLU F 514 -11.47 5.40 14.54
N PHE F 515 -11.98 6.28 13.70
CA PHE F 515 -11.91 6.07 12.25
C PHE F 515 -10.46 6.04 11.78
N VAL F 516 -9.60 6.86 12.38
CA VAL F 516 -8.20 6.90 11.99
C VAL F 516 -7.48 5.64 12.45
N LEU F 517 -7.77 5.17 13.67
CA LEU F 517 -7.03 4.04 14.23
C LEU F 517 -7.40 2.72 13.56
N ASN F 518 -8.66 2.59 13.12
CA ASN F 518 -9.14 1.33 12.57
C ASN F 518 -9.15 1.31 11.04
N ASP F 519 -8.78 2.41 10.40
CA ASP F 519 -8.76 2.48 8.94
C ASP F 519 -7.77 3.52 8.46
N ALA G 1 19.22 -71.26 -20.04
CA ALA G 1 18.54 -70.35 -20.96
C ALA G 1 17.70 -69.33 -20.20
N SER G 2 18.36 -68.45 -19.46
CA SER G 2 17.65 -67.44 -18.68
C SER G 2 17.12 -66.34 -19.59
N GLU G 3 16.32 -65.45 -19.00
CA GLU G 3 15.75 -64.33 -19.71
C GLU G 3 16.51 -63.05 -19.34
N VAL G 4 16.97 -62.33 -20.36
CA VAL G 4 17.78 -61.13 -20.15
C VAL G 4 16.85 -59.99 -19.75
N PRO G 5 17.08 -59.35 -18.61
CA PRO G 5 16.25 -58.20 -18.23
C PRO G 5 16.59 -56.99 -19.09
N GLN G 6 15.59 -56.13 -19.27
CA GLN G 6 15.74 -54.91 -20.06
C GLN G 6 15.28 -53.71 -19.26
N VAL G 7 15.86 -52.56 -19.58
CA VAL G 7 15.35 -51.28 -19.08
C VAL G 7 14.32 -50.70 -20.03
N VAL G 8 14.62 -50.72 -21.33
CA VAL G 8 13.68 -50.34 -22.37
C VAL G 8 13.58 -51.50 -23.36
N SER G 9 12.50 -51.49 -24.15
CA SER G 9 12.25 -52.58 -25.08
C SER G 9 13.30 -52.66 -26.18
N LEU G 10 14.07 -51.58 -26.40
CA LEU G 10 15.10 -51.58 -27.41
C LEU G 10 16.41 -52.18 -26.93
N ASP G 11 16.50 -52.57 -25.66
CA ASP G 11 17.70 -53.22 -25.16
C ASP G 11 17.85 -54.60 -25.77
N PRO G 12 19.01 -54.98 -26.27
CA PRO G 12 19.18 -56.30 -26.87
C PRO G 12 19.08 -57.41 -25.83
N THR G 13 18.64 -58.58 -26.28
CA THR G 13 18.43 -59.72 -25.40
C THR G 13 19.33 -60.90 -25.73
N SER G 14 20.29 -60.73 -26.63
CA SER G 14 21.20 -61.81 -26.98
C SER G 14 22.43 -61.25 -27.67
N ILE G 15 23.52 -62.00 -27.62
CA ILE G 15 24.75 -61.65 -28.32
C ILE G 15 24.66 -62.21 -29.73
N PRO G 16 24.73 -61.37 -30.77
CA PRO G 16 24.78 -61.91 -32.14
C PRO G 16 26.10 -62.65 -32.34
N ILE G 17 25.99 -63.91 -32.76
CA ILE G 17 27.15 -64.77 -32.96
C ILE G 17 27.11 -65.32 -34.37
N GLU G 18 28.20 -65.13 -35.10
CA GLU G 18 28.34 -65.66 -36.46
C GLU G 18 29.11 -66.97 -36.39
N TYR G 19 28.42 -68.08 -36.62
CA TYR G 19 29.06 -69.39 -36.60
C TYR G 19 29.60 -69.78 -37.97
N ASN G 20 28.79 -69.59 -39.02
CA ASN G 20 29.18 -69.95 -40.38
C ASN G 20 29.84 -68.74 -41.01
N THR G 21 31.16 -68.67 -40.87
CA THR G 21 31.92 -67.57 -41.42
C THR G 21 32.35 -67.89 -42.84
N PRO G 22 32.63 -66.87 -43.66
CA PRO G 22 33.13 -67.13 -45.01
C PRO G 22 34.41 -67.95 -45.03
N ILE G 23 35.20 -67.93 -43.96
CA ILE G 23 36.40 -68.76 -43.89
C ILE G 23 36.03 -70.24 -43.99
N HIS G 24 34.90 -70.62 -43.40
CA HIS G 24 34.49 -72.01 -43.42
C HIS G 24 34.06 -72.49 -44.82
N ASP G 25 33.75 -71.57 -45.72
CA ASP G 25 33.39 -71.94 -47.08
C ASP G 25 34.58 -72.01 -48.03
N ILE G 26 35.79 -71.78 -47.52
CA ILE G 26 37.00 -71.78 -48.35
C ILE G 26 37.51 -73.21 -48.47
N LYS G 27 37.57 -73.72 -49.71
CA LYS G 27 38.16 -75.02 -49.96
C LYS G 27 39.68 -74.85 -50.04
N VAL G 28 40.40 -75.56 -49.18
CA VAL G 28 41.85 -75.44 -49.06
C VAL G 28 42.49 -76.66 -49.68
N GLN G 29 43.41 -76.44 -50.61
CA GLN G 29 44.18 -77.50 -51.24
C GLN G 29 45.65 -77.20 -51.09
N VAL G 30 46.42 -78.21 -50.66
CA VAL G 30 47.85 -78.08 -50.45
C VAL G 30 48.56 -79.07 -51.36
N TYR G 31 49.46 -78.56 -52.20
CA TYR G 31 50.25 -79.38 -53.10
C TYR G 31 51.73 -79.29 -52.72
N ASP G 32 52.48 -80.30 -53.13
CA ASP G 32 53.91 -80.30 -52.89
C ASP G 32 54.61 -79.44 -53.93
N ILE G 33 55.58 -78.64 -53.47
CA ILE G 33 56.27 -77.73 -54.38
C ILE G 33 57.13 -78.50 -55.36
N LYS G 34 57.60 -79.69 -54.97
CA LYS G 34 58.46 -80.49 -55.83
C LYS G 34 57.66 -81.13 -56.96
N GLY G 35 56.78 -80.36 -57.60
CA GLY G 35 55.95 -80.86 -58.67
C GLY G 35 55.45 -79.74 -59.56
N GLY G 36 55.96 -78.53 -59.33
CA GLY G 36 55.59 -77.37 -60.12
C GLY G 36 54.33 -76.69 -59.62
N CYS G 37 54.25 -75.39 -59.89
CA CYS G 37 53.11 -74.57 -59.51
C CYS G 37 52.30 -74.21 -60.74
N ASN G 38 50.98 -74.36 -60.64
CA ASN G 38 50.06 -73.95 -61.69
C ASN G 38 49.53 -72.57 -61.32
N VAL G 39 49.69 -71.61 -62.23
CA VAL G 39 49.28 -70.22 -62.01
C VAL G 39 48.11 -69.94 -62.94
N GLU G 40 46.88 -69.98 -62.40
CA GLU G 40 45.69 -69.80 -63.20
C GLU G 40 44.86 -68.67 -62.59
N GLU G 41 43.60 -68.90 -62.25
CA GLU G 41 42.72 -67.86 -61.75
C GLU G 41 43.23 -67.26 -60.43
N GLY G 42 42.69 -66.10 -60.11
CA GLY G 42 42.90 -65.45 -58.83
C GLY G 42 44.30 -64.87 -58.69
N LEU G 43 44.78 -64.82 -57.46
CA LEU G 43 46.06 -64.22 -57.12
C LEU G 43 47.02 -65.29 -56.61
N THR G 44 48.25 -65.29 -57.11
CA THR G 44 49.29 -66.22 -56.69
C THR G 44 50.41 -65.44 -56.05
N ILE G 45 50.72 -65.76 -54.79
CA ILE G 45 51.67 -65.00 -53.99
C ILE G 45 52.81 -65.92 -53.58
N PHE G 46 54.05 -65.46 -53.78
CA PHE G 46 55.24 -66.16 -53.36
C PHE G 46 55.78 -65.53 -52.09
N LEU G 47 56.02 -66.35 -51.07
CA LEU G 47 56.66 -65.88 -49.84
C LEU G 47 58.16 -66.09 -50.00
N VAL G 48 58.89 -65.01 -50.29
CA VAL G 48 60.30 -65.10 -50.62
C VAL G 48 61.13 -64.35 -49.58
N ASN G 49 62.35 -64.82 -49.36
CA ASN G 49 63.30 -64.20 -48.45
C ASN G 49 64.69 -64.27 -49.05
N ASN G 50 65.63 -63.56 -48.43
CA ASN G 50 67.03 -63.59 -48.84
C ASN G 50 67.88 -63.64 -47.59
N PRO G 51 68.28 -64.84 -47.16
CA PRO G 51 69.04 -64.96 -45.90
C PRO G 51 70.38 -64.26 -45.99
N GLY G 52 70.70 -63.49 -44.96
CA GLY G 52 71.94 -62.76 -44.86
C GLY G 52 71.96 -61.43 -45.59
N LYS G 53 71.14 -61.29 -46.64
CA LYS G 53 71.16 -60.09 -47.48
C LYS G 53 70.02 -59.18 -47.05
N GLU G 54 70.33 -58.21 -46.18
CA GLU G 54 69.39 -57.20 -45.71
C GLU G 54 68.82 -56.39 -46.87
N ASN G 55 67.60 -56.73 -47.30
CA ASN G 55 66.91 -56.12 -48.43
C ASN G 55 67.50 -56.61 -49.74
N GLY G 56 67.87 -57.88 -49.79
CA GLY G 56 68.43 -58.46 -50.99
C GLY G 56 67.39 -58.62 -52.08
N PRO G 57 67.82 -59.02 -53.26
CA PRO G 57 66.88 -59.13 -54.39
C PRO G 57 65.92 -60.29 -54.23
N VAL G 58 64.84 -60.22 -55.00
CA VAL G 58 63.83 -61.28 -55.01
C VAL G 58 64.28 -62.37 -55.98
N LYS G 59 64.16 -63.63 -55.55
CA LYS G 59 64.51 -64.77 -56.40
C LYS G 59 63.44 -65.84 -56.23
N ILE G 60 62.76 -66.19 -57.32
CA ILE G 60 61.76 -67.24 -57.30
C ILE G 60 62.46 -68.56 -57.57
N SER G 61 62.36 -69.50 -56.62
CA SER G 61 63.06 -70.77 -56.71
C SER G 61 62.16 -71.93 -57.12
N SER G 62 60.85 -71.77 -57.01
CA SER G 62 59.93 -72.86 -57.30
C SER G 62 59.77 -73.06 -58.81
N LYS G 63 59.57 -74.30 -59.20
CA LYS G 63 59.30 -74.61 -60.60
C LYS G 63 57.87 -74.21 -60.92
N VAL G 64 57.71 -73.42 -61.98
CA VAL G 64 56.40 -72.95 -62.43
C VAL G 64 56.06 -73.70 -63.71
N ASN G 65 54.90 -74.38 -63.70
CA ASN G 65 54.49 -75.17 -64.85
C ASN G 65 53.88 -74.30 -65.93
N ASP G 66 54.55 -73.21 -66.28
CA ASP G 66 54.09 -72.31 -67.33
C ASP G 66 55.30 -71.59 -67.90
N LYS G 67 55.49 -71.69 -69.22
CA LYS G 67 56.67 -71.09 -69.84
C LYS G 67 56.63 -69.57 -69.74
N GLN G 68 55.46 -68.97 -69.98
CA GLN G 68 55.35 -67.52 -69.94
C GLN G 68 55.61 -66.98 -68.54
N VAL G 69 55.03 -67.62 -67.53
CA VAL G 69 55.20 -67.14 -66.16
C VAL G 69 56.64 -67.31 -65.70
N SER G 70 57.25 -68.45 -66.04
CA SER G 70 58.65 -68.67 -65.67
C SER G 70 59.56 -67.60 -66.26
N GLU G 71 59.28 -67.18 -67.50
CA GLU G 71 60.06 -66.11 -68.11
C GLU G 71 59.86 -64.80 -67.36
N PHE G 72 58.62 -64.51 -66.95
CA PHE G 72 58.37 -63.29 -66.18
C PHE G 72 59.11 -63.32 -64.84
N LEU G 73 59.13 -64.47 -64.17
CA LEU G 73 59.73 -64.60 -62.85
C LEU G 73 61.21 -64.94 -62.88
N LYS G 74 61.87 -64.79 -64.02
CA LYS G 74 63.31 -65.06 -64.08
C LYS G 74 64.08 -64.05 -63.24
N ASP G 75 65.28 -64.46 -62.83
CA ASP G 75 66.08 -63.66 -61.89
C ASP G 75 66.36 -62.26 -62.42
N GLU G 76 66.62 -62.13 -63.73
CA GLU G 76 66.90 -60.83 -64.31
C GLU G 76 65.71 -59.88 -64.15
N ASN G 77 64.49 -60.40 -64.16
CA ASN G 77 63.31 -59.56 -64.00
C ASN G 77 63.05 -59.21 -62.54
N MET G 78 63.29 -60.15 -61.63
CA MET G 78 62.97 -59.97 -60.21
C MET G 78 64.01 -59.18 -59.44
N GLU G 79 65.18 -58.93 -60.03
CA GLU G 79 66.25 -58.24 -59.30
C GLU G 79 65.88 -56.81 -58.91
N LYS G 80 64.89 -56.21 -59.55
CA LYS G 80 64.50 -54.85 -59.19
C LYS G 80 63.67 -54.79 -57.93
N PHE G 81 63.20 -55.93 -57.41
CA PHE G 81 62.43 -55.96 -56.17
C PHE G 81 63.23 -56.62 -55.07
N ASN G 82 63.01 -56.16 -53.83
CA ASN G 82 63.71 -56.66 -52.66
C ASN G 82 62.75 -57.38 -51.73
N VAL G 83 63.33 -58.06 -50.74
CA VAL G 83 62.60 -58.96 -49.86
C VAL G 83 62.37 -58.36 -48.47
N LYS G 84 62.45 -57.03 -48.35
CA LYS G 84 62.22 -56.39 -47.06
C LYS G 84 60.90 -56.83 -46.45
N LEU G 85 60.93 -57.12 -45.15
CA LEU G 85 59.78 -57.68 -44.45
C LEU G 85 58.58 -56.76 -44.59
N GLY G 86 57.48 -57.30 -45.14
CA GLY G 86 56.25 -56.57 -45.32
C GLY G 86 56.04 -56.03 -46.72
N THR G 87 57.11 -55.92 -47.52
CA THR G 87 56.99 -55.41 -48.87
C THR G 87 56.22 -56.39 -49.75
N SER G 88 55.47 -55.83 -50.70
CA SER G 88 54.62 -56.64 -51.58
C SER G 88 54.56 -55.97 -52.95
N LYS G 89 54.37 -56.79 -53.97
CA LYS G 89 54.25 -56.33 -55.35
C LYS G 89 53.19 -57.16 -56.07
N HIS G 90 52.61 -56.56 -57.11
CA HIS G 90 51.63 -57.22 -57.95
C HIS G 90 52.14 -57.28 -59.38
N PHE G 91 51.91 -58.42 -60.05
CA PHE G 91 52.32 -58.59 -61.45
C PHE G 91 51.12 -58.99 -62.29
N TYR G 92 51.07 -58.49 -63.52
CA TYR G 92 50.05 -58.85 -64.49
C TYR G 92 50.72 -59.46 -65.71
N MET G 93 50.22 -60.61 -66.17
CA MET G 93 50.80 -61.27 -67.34
C MET G 93 49.80 -62.26 -67.92
N PHE G 94 50.14 -62.80 -69.09
CA PHE G 94 49.38 -63.85 -69.76
C PHE G 94 50.14 -65.16 -69.66
N ASN G 95 49.42 -66.25 -69.39
CA ASN G 95 50.04 -67.55 -69.22
C ASN G 95 50.14 -68.29 -70.55
N ASP G 96 50.52 -69.57 -70.50
CA ASP G 96 50.68 -70.36 -71.71
C ASP G 96 49.38 -70.54 -72.47
N ASN G 97 48.25 -70.57 -71.76
CA ASN G 97 46.94 -70.76 -72.38
C ASN G 97 46.31 -69.43 -72.78
N LYS G 98 47.11 -68.37 -72.90
CA LYS G 98 46.66 -67.03 -73.30
C LYS G 98 45.61 -66.47 -72.34
N ASN G 99 45.72 -66.81 -71.06
CA ASN G 99 44.82 -66.28 -70.03
C ASN G 99 45.57 -65.32 -69.13
N SER G 100 44.90 -64.23 -68.76
CA SER G 100 45.48 -63.25 -67.86
C SER G 100 45.54 -63.79 -66.43
N VAL G 101 46.71 -63.69 -65.81
CA VAL G 101 46.91 -64.16 -64.44
C VAL G 101 47.53 -63.04 -63.62
N ALA G 102 47.30 -63.10 -62.30
CA ALA G 102 47.86 -62.12 -61.37
C ALA G 102 48.79 -62.86 -60.41
N VAL G 103 50.04 -62.39 -60.33
CA VAL G 103 51.09 -62.98 -59.51
C VAL G 103 51.76 -61.89 -58.70
N GLY G 104 52.27 -62.26 -57.54
CA GLY G 104 52.99 -61.30 -56.71
C GLY G 104 53.80 -61.99 -55.65
N TYR G 105 54.36 -61.18 -54.75
CA TYR G 105 55.18 -61.72 -53.68
C TYR G 105 55.01 -60.88 -52.43
N VAL G 106 55.44 -61.44 -51.30
CA VAL G 106 55.52 -60.74 -50.03
C VAL G 106 56.90 -60.98 -49.44
N GLY G 107 57.59 -59.90 -49.09
CA GLY G 107 58.94 -60.03 -48.55
C GLY G 107 58.93 -60.57 -47.13
N CYS G 108 59.82 -61.52 -46.87
CA CYS G 108 59.91 -62.16 -45.56
C CYS G 108 61.23 -61.87 -44.85
N GLY G 109 61.90 -60.77 -45.20
CA GLY G 109 63.09 -60.36 -44.49
C GLY G 109 64.32 -61.17 -44.84
N SER G 110 65.28 -61.14 -43.90
CA SER G 110 66.57 -61.80 -44.08
C SER G 110 66.87 -62.85 -43.03
N VAL G 111 66.01 -63.03 -42.04
CA VAL G 111 66.21 -64.06 -41.02
C VAL G 111 65.48 -65.32 -41.45
N ALA G 112 66.15 -66.47 -41.30
CA ALA G 112 65.56 -67.73 -41.74
C ALA G 112 64.39 -68.13 -40.87
N ASP G 113 64.48 -67.88 -39.57
CA ASP G 113 63.43 -68.24 -38.61
C ASP G 113 62.60 -67.00 -38.31
N LEU G 114 61.35 -67.00 -38.76
CA LEU G 114 60.45 -65.88 -38.52
C LEU G 114 59.78 -66.03 -37.16
N SER G 115 59.78 -64.95 -36.38
CA SER G 115 59.07 -64.95 -35.11
C SER G 115 57.56 -64.83 -35.37
N GLU G 116 56.78 -64.99 -34.30
CA GLU G 116 55.34 -64.81 -34.43
C GLU G 116 54.97 -63.39 -34.84
N ALA G 117 55.74 -62.40 -34.38
CA ALA G 117 55.50 -61.02 -34.80
C ALA G 117 55.85 -60.82 -36.26
N ASP G 118 56.95 -61.42 -36.72
CA ASP G 118 57.34 -61.32 -38.12
C ASP G 118 56.31 -61.99 -39.02
N MET G 119 55.86 -63.19 -38.64
CA MET G 119 54.85 -63.88 -39.42
C MET G 119 53.55 -63.08 -39.48
N LYS G 120 53.22 -62.39 -38.39
CA LYS G 120 52.05 -61.52 -38.40
C LYS G 120 52.20 -60.39 -39.41
N ARG G 121 53.40 -59.82 -39.51
CA ARG G 121 53.65 -58.76 -40.47
C ARG G 121 53.53 -59.27 -41.90
N VAL G 122 53.97 -60.51 -42.15
CA VAL G 122 53.83 -61.10 -43.48
C VAL G 122 52.37 -61.31 -43.82
N VAL G 123 51.59 -61.83 -42.87
CA VAL G 123 50.18 -62.10 -43.13
C VAL G 123 49.41 -60.80 -43.36
N LEU G 124 49.72 -59.75 -42.58
CA LEU G 124 49.04 -58.48 -42.76
C LEU G 124 49.30 -57.89 -44.13
N SER G 125 50.52 -58.08 -44.65
CA SER G 125 50.81 -57.66 -46.03
C SER G 125 49.99 -58.48 -47.02
N LEU G 126 49.81 -59.77 -46.74
CA LEU G 126 48.98 -60.61 -47.60
C LEU G 126 47.53 -60.17 -47.58
N VAL G 127 47.01 -59.84 -46.40
CA VAL G 127 45.60 -59.45 -46.28
C VAL G 127 45.35 -58.14 -47.01
N THR G 128 46.35 -57.24 -47.03
CA THR G 128 46.21 -56.00 -47.79
C THR G 128 45.97 -56.29 -49.27
N MET G 129 46.59 -57.34 -49.80
CA MET G 129 46.35 -57.73 -51.18
C MET G 129 44.99 -58.38 -51.36
N LEU G 130 44.48 -59.04 -50.31
CA LEU G 130 43.15 -59.66 -50.40
C LEU G 130 42.04 -58.63 -50.32
N HIS G 131 42.25 -57.53 -49.58
CA HIS G 131 41.23 -56.51 -49.44
C HIS G 131 41.16 -55.64 -50.69
N ASP G 132 39.97 -55.07 -50.93
CA ASP G 132 39.71 -54.22 -52.09
C ASP G 132 40.05 -54.90 -53.40
N ASN G 133 39.90 -56.22 -53.44
CA ASN G 133 40.16 -56.99 -54.65
C ASN G 133 39.17 -58.15 -54.67
N LYS G 134 38.40 -58.24 -55.75
CA LYS G 134 37.30 -59.20 -55.86
C LYS G 134 37.78 -60.54 -56.42
N LEU G 135 38.77 -61.12 -55.74
CA LEU G 135 39.36 -62.37 -56.20
C LEU G 135 38.53 -63.56 -55.75
N SER G 136 38.62 -64.64 -56.52
CA SER G 136 37.94 -65.89 -56.21
C SER G 136 38.86 -66.94 -55.59
N LYS G 137 40.16 -66.85 -55.84
CA LYS G 137 41.12 -67.82 -55.34
C LYS G 137 42.41 -67.10 -54.96
N LEU G 138 43.03 -67.56 -53.86
CA LEU G 138 44.35 -67.11 -53.45
C LEU G 138 45.28 -68.30 -53.39
N THR G 139 46.47 -68.17 -53.97
CA THR G 139 47.47 -69.23 -53.96
C THR G 139 48.73 -68.70 -53.30
N VAL G 140 49.19 -69.40 -52.26
CA VAL G 140 50.40 -69.03 -51.52
C VAL G 140 51.45 -70.10 -51.78
N VAL G 141 52.62 -69.68 -52.23
CA VAL G 141 53.73 -70.57 -52.53
C VAL G 141 54.80 -70.32 -51.48
N PHE G 142 55.08 -71.32 -50.65
CA PHE G 142 56.00 -71.18 -49.53
C PHE G 142 57.43 -71.41 -50.02
N GLU G 143 58.14 -70.32 -50.32
CA GLU G 143 59.57 -70.36 -50.59
C GLU G 143 60.38 -70.02 -49.35
N ILE G 144 59.83 -70.24 -48.17
CA ILE G 144 60.51 -70.01 -46.90
C ILE G 144 60.40 -71.28 -46.06
N ASN G 145 61.12 -71.29 -44.94
CA ASN G 145 61.22 -72.45 -44.09
C ASN G 145 60.41 -72.23 -42.82
N VAL G 146 59.36 -73.02 -42.64
CA VAL G 146 58.49 -72.95 -41.47
C VAL G 146 58.22 -74.36 -40.98
N ASP G 147 58.13 -74.53 -39.66
CA ASP G 147 57.77 -75.82 -39.11
C ASP G 147 56.25 -75.98 -39.15
N LYS G 148 55.77 -77.11 -38.64
CA LYS G 148 54.34 -77.37 -38.66
C LYS G 148 53.56 -76.36 -37.82
N ASN G 149 54.11 -75.98 -36.65
CA ASN G 149 53.42 -75.05 -35.78
C ASN G 149 53.31 -73.67 -36.43
N LEU G 150 54.40 -73.17 -37.02
CA LEU G 150 54.35 -71.86 -37.67
C LEU G 150 53.50 -71.88 -38.93
N PHE G 151 53.45 -73.02 -39.62
CA PHE G 151 52.57 -73.12 -40.78
C PHE G 151 51.11 -73.04 -40.37
N ARG G 152 50.73 -73.73 -39.30
CA ARG G 152 49.38 -73.60 -38.77
C ARG G 152 49.11 -72.17 -38.31
N PHE G 153 50.10 -71.55 -37.66
CA PHE G 153 49.95 -70.17 -37.21
C PHE G 153 49.72 -69.23 -38.39
N PHE G 154 50.36 -69.48 -39.53
CA PHE G 154 50.14 -68.68 -40.72
C PHE G 154 48.68 -68.74 -41.16
N LEU G 155 48.09 -69.94 -41.17
CA LEU G 155 46.70 -70.09 -41.60
C LEU G 155 45.74 -69.45 -40.61
N GLU G 156 45.96 -69.68 -39.30
CA GLU G 156 45.11 -69.06 -38.29
C GLU G 156 45.13 -67.54 -38.42
N THR G 157 46.33 -66.96 -38.52
CA THR G 157 46.44 -65.51 -38.62
C THR G 157 45.82 -65.01 -39.92
N LEU G 158 46.00 -65.74 -41.01
CA LEU G 158 45.37 -65.36 -42.27
C LEU G 158 43.86 -65.37 -42.13
N PHE G 159 43.30 -66.46 -41.61
CA PHE G 159 41.85 -66.55 -41.44
C PHE G 159 41.33 -65.46 -40.50
N TYR G 160 42.04 -65.20 -39.40
CA TYR G 160 41.57 -64.24 -38.40
C TYR G 160 41.60 -62.82 -38.96
N GLU G 161 42.73 -62.41 -39.54
CA GLU G 161 42.84 -61.04 -40.04
C GLU G 161 41.98 -60.82 -41.28
N TYR G 162 41.80 -61.85 -42.10
CA TYR G 162 40.95 -61.73 -43.28
C TYR G 162 39.50 -61.49 -42.89
N MET G 163 39.05 -62.13 -41.82
CA MET G 163 37.66 -62.01 -41.38
C MET G 163 37.36 -60.62 -40.85
N THR G 164 36.19 -60.10 -41.21
CA THR G 164 35.74 -58.79 -40.76
C THR G 164 34.41 -58.94 -40.03
N ASP G 165 34.34 -58.41 -38.80
CA ASP G 165 33.16 -58.51 -37.96
C ASP G 165 32.21 -57.37 -38.30
N GLU G 166 31.05 -57.71 -38.86
CA GLU G 166 30.04 -56.72 -39.24
C GLU G 166 28.72 -56.93 -38.52
N ARG G 167 28.73 -57.63 -37.38
CA ARG G 167 27.50 -57.93 -36.67
C ARG G 167 26.77 -56.67 -36.22
N PHE G 168 27.51 -55.59 -35.97
CA PHE G 168 26.93 -54.36 -35.45
C PHE G 168 26.89 -53.26 -36.49
N LYS G 169 27.13 -53.58 -37.76
CA LYS G 169 26.99 -52.62 -38.84
C LYS G 169 25.56 -52.70 -39.39
N SER G 170 24.88 -51.56 -39.42
CA SER G 170 23.55 -51.47 -40.02
C SER G 170 23.62 -50.79 -41.38
N THR G 171 23.81 -49.47 -41.41
CA THR G 171 23.83 -48.69 -42.64
C THR G 171 25.21 -48.57 -43.25
N ASP G 172 26.25 -49.12 -42.62
CA ASP G 172 27.63 -48.98 -43.09
C ASP G 172 28.27 -50.35 -43.30
N LYS G 173 27.53 -51.28 -43.88
CA LYS G 173 28.11 -52.55 -44.29
C LYS G 173 28.94 -52.36 -45.56
N ASN G 174 30.12 -52.99 -45.59
CA ASN G 174 31.00 -52.88 -46.74
C ASN G 174 30.35 -53.52 -47.95
N VAL G 175 30.08 -52.70 -48.98
CA VAL G 175 29.34 -53.18 -50.14
C VAL G 175 30.20 -54.03 -51.08
N ASN G 176 31.52 -53.95 -50.98
CA ASN G 176 32.42 -54.63 -51.91
C ASN G 176 33.10 -55.85 -51.28
N MET G 177 32.57 -56.35 -50.17
CA MET G 177 33.18 -57.47 -49.46
C MET G 177 32.90 -58.77 -50.22
N GLU G 178 33.97 -59.45 -50.65
CA GLU G 178 33.86 -60.66 -51.46
C GLU G 178 35.01 -61.59 -51.06
N TYR G 179 34.74 -62.48 -50.12
CA TYR G 179 35.76 -63.42 -49.66
C TYR G 179 36.08 -64.44 -50.74
N ILE G 180 37.33 -64.90 -50.75
CA ILE G 180 37.74 -65.95 -51.68
C ILE G 180 37.02 -67.24 -51.34
N LYS G 181 36.90 -68.10 -52.34
CA LYS G 181 36.27 -69.41 -52.17
C LYS G 181 37.27 -70.55 -52.21
N HIS G 182 38.51 -70.31 -52.64
CA HIS G 182 39.52 -71.35 -52.73
C HIS G 182 40.86 -70.80 -52.28
N LEU G 183 41.62 -71.64 -51.57
CA LEU G 183 42.96 -71.30 -51.12
C LEU G 183 43.90 -72.44 -51.49
N GLY G 184 44.91 -72.15 -52.29
CA GLY G 184 45.92 -73.11 -52.69
C GLY G 184 47.24 -72.83 -51.97
N VAL G 185 47.91 -73.89 -51.52
CA VAL G 185 49.16 -73.78 -50.79
C VAL G 185 50.18 -74.70 -51.42
N TYR G 186 51.33 -74.14 -51.81
CA TYR G 186 52.47 -74.90 -52.31
C TYR G 186 53.57 -74.84 -51.27
N ILE G 187 54.08 -76.01 -50.85
CA ILE G 187 55.06 -76.08 -49.79
C ILE G 187 55.84 -77.38 -49.92
N ASN G 188 57.12 -77.35 -49.54
CA ASN G 188 57.93 -78.56 -49.49
C ASN G 188 57.35 -79.55 -48.48
N ASN G 189 57.36 -80.84 -48.84
CA ASN G 189 56.85 -81.91 -47.99
C ASN G 189 55.42 -81.60 -47.56
N ALA G 190 54.57 -81.33 -48.55
CA ALA G 190 53.18 -80.94 -48.30
C ALA G 190 52.43 -81.95 -47.43
N ASP G 191 52.74 -83.23 -47.55
CA ASP G 191 51.98 -84.25 -46.81
C ASP G 191 52.12 -84.07 -45.30
N THR G 192 53.27 -83.59 -44.83
CA THR G 192 53.46 -83.42 -43.40
C THR G 192 52.75 -82.19 -42.85
N TYR G 193 52.42 -81.22 -43.71
CA TYR G 193 51.72 -80.00 -43.30
C TYR G 193 50.21 -80.12 -43.46
N LYS G 194 49.74 -81.21 -44.09
CA LYS G 194 48.33 -81.34 -44.43
C LYS G 194 47.43 -81.42 -43.20
N GLU G 195 47.92 -82.03 -42.11
CA GLU G 195 47.11 -82.17 -40.91
C GLU G 195 46.88 -80.84 -40.21
N GLU G 196 47.68 -79.82 -40.52
CA GLU G 196 47.54 -78.52 -39.89
C GLU G 196 46.43 -77.67 -40.48
N VAL G 197 45.88 -78.05 -41.64
CA VAL G 197 44.88 -77.21 -42.31
C VAL G 197 43.60 -77.15 -41.48
N GLU G 198 43.01 -78.31 -41.18
CA GLU G 198 41.76 -78.32 -40.44
C GLU G 198 41.96 -77.94 -38.98
N LYS G 199 43.16 -78.16 -38.44
CA LYS G 199 43.46 -77.71 -37.08
C LYS G 199 43.51 -76.19 -37.02
N ALA G 200 44.07 -75.56 -38.07
CA ALA G 200 44.09 -74.10 -38.13
C ALA G 200 42.68 -73.53 -38.23
N ARG G 201 41.81 -74.20 -39.00
CA ARG G 201 40.43 -73.73 -39.13
C ARG G 201 39.70 -73.80 -37.80
N VAL G 202 39.95 -74.86 -37.02
CA VAL G 202 39.34 -74.96 -35.69
C VAL G 202 39.91 -73.90 -34.76
N TYR G 203 41.24 -73.75 -34.77
CA TYR G 203 41.87 -72.72 -33.93
C TYR G 203 41.44 -71.33 -34.33
N TYR G 204 41.21 -71.10 -35.63
CA TYR G 204 40.79 -69.78 -36.09
C TYR G 204 39.44 -69.40 -35.48
N PHE G 205 38.46 -70.29 -35.55
CA PHE G 205 37.13 -69.93 -35.07
C PHE G 205 37.09 -69.81 -33.56
N GLY G 206 37.80 -70.70 -32.86
CA GLY G 206 37.91 -70.56 -31.42
C GLY G 206 38.43 -69.21 -31.01
N THR G 207 39.46 -68.72 -31.71
CA THR G 207 39.97 -67.38 -31.46
C THR G 207 38.96 -66.33 -31.91
N TYR G 208 38.34 -66.53 -33.07
CA TYR G 208 37.38 -65.56 -33.58
C TYR G 208 36.10 -65.55 -32.76
N TYR G 209 35.66 -66.73 -32.29
CA TYR G 209 34.48 -66.79 -31.42
C TYR G 209 34.70 -65.98 -30.15
N ALA G 210 35.85 -66.17 -29.51
CA ALA G 210 36.19 -65.37 -28.33
C ALA G 210 36.24 -63.89 -28.66
N SER G 211 36.79 -63.54 -29.83
CA SER G 211 36.84 -62.15 -30.25
C SER G 211 35.44 -61.57 -30.42
N GLN G 212 34.49 -62.38 -30.90
CA GLN G 212 33.12 -61.90 -31.06
C GLN G 212 32.51 -61.57 -29.71
N LEU G 213 32.78 -62.39 -28.69
CA LEU G 213 32.24 -62.14 -27.37
C LEU G 213 32.86 -60.90 -26.73
N ILE G 214 34.18 -60.72 -26.91
CA ILE G 214 34.86 -59.56 -26.33
C ILE G 214 34.40 -58.28 -27.01
N ALA G 215 34.36 -58.29 -28.34
CA ALA G 215 33.98 -57.08 -29.08
C ALA G 215 32.53 -56.71 -28.83
N ALA G 216 31.68 -57.69 -28.50
CA ALA G 216 30.29 -57.41 -28.20
C ALA G 216 30.18 -56.46 -27.00
N PRO G 217 29.50 -55.33 -27.14
CA PRO G 217 29.42 -54.36 -26.03
C PRO G 217 28.67 -54.95 -24.83
N SER G 218 28.77 -54.23 -23.71
CA SER G 218 28.24 -54.74 -22.45
C SER G 218 26.71 -54.77 -22.43
N ASN G 219 26.04 -53.97 -23.26
CA ASN G 219 24.58 -54.06 -23.35
C ASN G 219 24.16 -55.27 -24.16
N TYR G 220 24.98 -55.70 -25.11
CA TYR G 220 24.71 -56.95 -25.82
C TYR G 220 25.21 -58.15 -25.02
N CYS G 221 26.44 -58.06 -24.52
CA CYS G 221 27.08 -59.16 -23.78
C CYS G 221 27.04 -58.82 -22.29
N ASN G 222 26.03 -59.35 -21.60
CA ASN G 222 25.85 -59.16 -20.18
C ASN G 222 25.92 -60.54 -19.51
N PRO G 223 25.93 -60.62 -18.16
CA PRO G 223 26.04 -61.94 -17.52
C PRO G 223 24.99 -62.95 -17.96
N VAL G 224 23.76 -62.49 -18.25
CA VAL G 224 22.72 -63.42 -18.65
C VAL G 224 22.91 -63.86 -20.10
N SER G 225 23.17 -62.89 -20.99
CA SER G 225 23.33 -63.22 -22.41
C SER G 225 24.62 -63.99 -22.67
N LEU G 226 25.67 -63.73 -21.88
CA LEU G 226 26.92 -64.46 -22.07
C LEU G 226 26.79 -65.91 -21.63
N SER G 227 26.13 -66.16 -20.50
CA SER G 227 25.87 -67.53 -20.07
C SER G 227 24.93 -68.24 -21.02
N ASN G 228 23.96 -67.51 -21.58
CA ASN G 228 23.09 -68.09 -22.61
C ASN G 228 23.90 -68.53 -23.82
N ALA G 229 24.88 -67.72 -24.23
CA ALA G 229 25.73 -68.09 -25.35
C ALA G 229 26.58 -69.31 -25.03
N ALA G 230 27.00 -69.47 -23.78
CA ALA G 230 27.75 -70.65 -23.39
C ALA G 230 26.87 -71.90 -23.47
N VAL G 231 25.59 -71.78 -23.09
CA VAL G 231 24.66 -72.90 -23.19
C VAL G 231 24.49 -73.30 -24.65
N GLU G 232 24.29 -72.32 -25.54
CA GLU G 232 24.13 -72.60 -26.96
C GLU G 232 25.36 -73.29 -27.53
N LEU G 233 26.55 -72.86 -27.11
CA LEU G 233 27.78 -73.50 -27.57
C LEU G 233 27.87 -74.94 -27.08
N ALA G 234 27.55 -75.17 -25.80
CA ALA G 234 27.61 -76.53 -25.26
C ALA G 234 26.61 -77.44 -25.96
N GLN G 235 25.44 -76.91 -26.32
CA GLN G 235 24.46 -77.71 -27.02
C GLN G 235 24.93 -78.08 -28.42
N LYS G 236 25.62 -77.16 -29.10
CA LYS G 236 26.12 -77.46 -30.44
C LYS G 236 27.29 -78.44 -30.40
N LEU G 237 28.04 -78.48 -29.30
CA LEU G 237 29.21 -79.33 -29.18
C LEU G 237 28.98 -80.58 -28.34
N ASN G 238 27.75 -80.79 -27.86
CA ASN G 238 27.42 -81.94 -27.02
C ASN G 238 28.27 -81.98 -25.75
N LEU G 239 28.51 -80.82 -25.17
CA LEU G 239 29.18 -80.72 -23.88
C LEU G 239 28.16 -80.68 -22.75
N GLU G 240 28.55 -81.24 -21.61
CA GLU G 240 27.74 -81.07 -20.41
C GLU G 240 27.86 -79.63 -19.94
N TYR G 241 26.74 -79.06 -19.51
CA TYR G 241 26.72 -77.68 -19.08
C TYR G 241 25.83 -77.51 -17.86
N LYS G 242 26.17 -76.52 -17.04
CA LYS G 242 25.43 -76.20 -15.84
C LYS G 242 25.67 -74.73 -15.54
N ILE G 243 24.59 -73.96 -15.43
CA ILE G 243 24.66 -72.53 -15.16
C ILE G 243 24.10 -72.29 -13.76
N LEU G 244 24.95 -71.82 -12.86
CA LEU G 244 24.58 -71.63 -11.47
C LEU G 244 23.99 -70.24 -11.27
N GLY G 245 22.76 -70.20 -10.72
CA GLY G 245 22.09 -68.94 -10.43
C GLY G 245 22.38 -68.46 -9.02
N VAL G 246 21.74 -67.34 -8.67
CA VAL G 246 22.04 -66.65 -7.41
C VAL G 246 21.75 -67.55 -6.21
N LYS G 247 20.65 -68.30 -6.24
CA LYS G 247 20.29 -69.15 -5.12
C LYS G 247 21.35 -70.21 -4.93
N GLU G 248 21.74 -70.78 -6.06
CA GLU G 248 22.73 -71.85 -6.14
C GLU G 248 24.03 -71.29 -5.60
N LEU G 249 24.32 -70.05 -5.97
CA LEU G 249 25.53 -69.39 -5.49
C LEU G 249 25.42 -68.99 -4.03
N GLU G 250 24.24 -68.56 -3.58
CA GLU G 250 24.05 -68.25 -2.17
C GLU G 250 24.18 -69.52 -1.32
N GLU G 251 23.59 -70.62 -1.78
CA GLU G 251 23.70 -71.88 -1.05
C GLU G 251 25.14 -72.37 -1.03
N LEU G 252 25.92 -72.06 -2.07
CA LEU G 252 27.33 -72.37 -2.11
C LEU G 252 28.19 -71.36 -1.36
N LYS G 253 27.57 -70.36 -0.72
CA LYS G 253 28.27 -69.43 0.16
C LYS G 253 29.33 -68.61 -0.59
N MET G 254 29.08 -68.30 -1.87
CA MET G 254 30.03 -67.56 -2.70
C MET G 254 29.90 -66.05 -2.46
N GLY G 255 30.34 -65.63 -1.28
CA GLY G 255 30.17 -64.23 -0.89
C GLY G 255 31.05 -63.27 -1.66
N ALA G 256 32.27 -63.69 -1.99
CA ALA G 256 33.17 -62.81 -2.74
C ALA G 256 32.66 -62.57 -4.15
N TYR G 257 32.26 -63.64 -4.84
CA TYR G 257 31.74 -63.52 -6.21
C TYR G 257 30.43 -62.74 -6.23
N LEU G 258 29.54 -63.03 -5.28
CA LEU G 258 28.23 -62.37 -5.27
C LEU G 258 28.34 -60.89 -4.92
N SER G 259 29.34 -60.51 -4.11
CA SER G 259 29.48 -59.11 -3.72
C SER G 259 29.80 -58.21 -4.91
N VAL G 260 30.57 -58.73 -5.88
CA VAL G 260 30.92 -57.92 -7.04
C VAL G 260 29.69 -57.58 -7.86
N GLY G 261 28.78 -58.54 -8.01
CA GLY G 261 27.59 -58.37 -8.82
C GLY G 261 26.38 -57.81 -8.10
N LYS G 262 26.52 -57.41 -6.83
CA LYS G 262 25.37 -56.90 -6.08
C LYS G 262 24.76 -55.67 -6.75
N GLY G 263 25.61 -54.79 -7.28
CA GLY G 263 25.15 -53.54 -7.87
C GLY G 263 24.70 -53.62 -9.31
N SER G 264 24.62 -54.81 -9.90
CA SER G 264 24.26 -54.97 -11.29
C SER G 264 22.78 -55.32 -11.44
N MET G 265 22.19 -54.87 -12.54
CA MET G 265 20.82 -55.24 -12.90
C MET G 265 20.73 -56.64 -13.49
N TYR G 266 21.85 -57.27 -13.80
CA TYR G 266 21.90 -58.62 -14.34
C TYR G 266 22.31 -59.59 -13.25
N PRO G 267 21.53 -60.64 -13.00
CA PRO G 267 21.91 -61.60 -11.96
C PRO G 267 23.20 -62.33 -12.31
N ASN G 268 23.95 -62.71 -11.29
CA ASN G 268 25.19 -63.45 -11.49
C ASN G 268 24.91 -64.81 -12.12
N LYS G 269 25.81 -65.23 -13.00
CA LYS G 269 25.69 -66.52 -13.68
C LYS G 269 27.05 -67.19 -13.70
N PHE G 270 27.13 -68.37 -13.10
CA PHE G 270 28.37 -69.15 -13.05
C PHE G 270 28.31 -70.20 -14.15
N ILE G 271 29.23 -70.11 -15.11
CA ILE G 271 29.28 -71.02 -16.24
C ILE G 271 30.14 -72.22 -15.88
N HIS G 272 29.62 -73.42 -16.13
CA HIS G 272 30.36 -74.66 -15.92
C HIS G 272 30.08 -75.58 -17.10
N LEU G 273 31.01 -75.60 -18.05
CA LEU G 273 30.96 -76.55 -19.16
C LEU G 273 31.95 -77.67 -18.87
N THR G 274 31.60 -78.87 -19.32
CA THR G 274 32.44 -80.04 -19.07
C THR G 274 32.57 -80.87 -20.34
N TYR G 275 33.81 -81.22 -20.68
CA TYR G 275 34.09 -82.19 -21.73
C TYR G 275 34.76 -83.40 -21.08
N LYS G 276 34.12 -84.56 -21.18
CA LYS G 276 34.66 -85.81 -20.70
C LYS G 276 34.95 -86.72 -21.88
N SER G 277 36.05 -87.46 -21.80
CA SER G 277 36.42 -88.36 -22.88
C SER G 277 35.75 -89.72 -22.70
N LYS G 278 35.58 -90.43 -23.81
CA LYS G 278 34.96 -91.75 -23.76
C LYS G 278 35.90 -92.76 -23.13
N GLY G 279 37.16 -92.78 -23.57
CA GLY G 279 38.16 -93.65 -23.00
C GLY G 279 38.38 -93.41 -21.51
N ASP G 280 39.42 -94.07 -20.99
CA ASP G 280 39.83 -93.89 -19.61
C ASP G 280 40.39 -92.48 -19.43
N VAL G 281 39.82 -91.73 -18.48
CA VAL G 281 40.28 -90.37 -18.23
C VAL G 281 41.59 -90.41 -17.46
N LYS G 282 42.64 -89.84 -18.04
CA LYS G 282 43.95 -89.82 -17.42
C LYS G 282 44.36 -88.47 -16.85
N LYS G 283 43.74 -87.37 -17.30
CA LYS G 283 44.06 -86.04 -16.80
C LYS G 283 42.79 -85.22 -16.66
N LYS G 284 42.63 -84.57 -15.52
CA LYS G 284 41.51 -83.69 -15.24
C LYS G 284 42.00 -82.26 -15.12
N ILE G 285 41.40 -81.35 -15.87
CA ILE G 285 41.84 -79.97 -15.97
C ILE G 285 40.64 -79.04 -15.74
N ALA G 286 40.86 -77.97 -14.99
CA ALA G 286 39.86 -76.92 -14.78
C ALA G 286 40.40 -75.62 -15.35
N LEU G 287 39.65 -75.03 -16.28
CA LEU G 287 40.01 -73.76 -16.90
C LEU G 287 39.05 -72.69 -16.40
N VAL G 288 39.61 -71.64 -15.77
CA VAL G 288 38.83 -70.58 -15.15
C VAL G 288 39.09 -69.28 -15.91
N GLY G 289 38.03 -68.63 -16.35
CA GLY G 289 38.13 -67.36 -17.07
C GLY G 289 37.41 -66.26 -16.32
N LYS G 290 38.07 -65.11 -16.21
CA LYS G 290 37.44 -63.95 -15.59
C LYS G 290 36.33 -63.42 -16.50
N GLY G 291 35.13 -63.31 -15.95
CA GLY G 291 33.98 -62.93 -16.75
C GLY G 291 33.26 -61.70 -16.25
N ILE G 292 33.94 -60.56 -16.21
CA ILE G 292 33.32 -59.29 -15.88
C ILE G 292 32.85 -58.67 -17.19
N THR G 293 31.54 -58.70 -17.43
CA THR G 293 31.01 -58.21 -18.70
C THR G 293 31.20 -56.71 -18.85
N PHE G 294 31.21 -55.97 -17.74
CA PHE G 294 31.61 -54.58 -17.75
C PHE G 294 32.19 -54.22 -16.40
N ASP G 295 33.33 -53.52 -16.42
CA ASP G 295 34.03 -53.11 -15.21
C ASP G 295 34.01 -51.59 -15.14
N SER G 296 32.96 -51.04 -14.51
CA SER G 296 32.95 -49.61 -14.26
C SER G 296 33.92 -49.23 -13.15
N GLY G 297 34.37 -50.21 -12.37
CA GLY G 297 35.19 -49.98 -11.21
C GLY G 297 34.43 -49.96 -9.89
N GLY G 298 33.11 -49.94 -9.94
CA GLY G 298 32.34 -49.79 -8.72
C GLY G 298 32.48 -48.39 -8.16
N TYR G 299 32.30 -48.27 -6.85
CA TYR G 299 32.44 -46.97 -6.21
C TYR G 299 33.87 -46.44 -6.31
N ASN G 300 34.86 -47.32 -6.51
CA ASN G 300 36.17 -46.92 -6.98
C ASN G 300 36.11 -46.73 -8.51
N LEU G 301 35.31 -45.76 -8.91
CA LEU G 301 34.97 -45.57 -10.32
C LEU G 301 36.21 -45.31 -11.15
N LYS G 302 36.21 -45.85 -12.37
CA LYS G 302 37.30 -45.62 -13.32
C LYS G 302 37.14 -44.22 -13.90
N ALA G 303 37.59 -43.24 -13.11
CA ALA G 303 37.53 -41.84 -13.50
C ALA G 303 38.91 -41.19 -13.62
N ALA G 304 39.96 -41.86 -13.18
CA ALA G 304 41.30 -41.30 -13.29
C ALA G 304 41.74 -41.26 -14.75
N PRO G 305 42.59 -40.30 -15.12
CA PRO G 305 43.09 -40.24 -16.50
C PRO G 305 43.84 -41.52 -16.86
N GLY G 306 43.53 -42.06 -18.04
CA GLY G 306 44.15 -43.28 -18.50
C GLY G 306 43.49 -44.56 -18.02
N SER G 307 42.43 -44.47 -17.20
CA SER G 307 41.76 -45.66 -16.73
C SER G 307 40.97 -46.36 -17.84
N MET G 308 40.61 -45.62 -18.89
CA MET G 308 40.01 -46.19 -20.10
C MET G 308 38.76 -47.01 -19.78
N ILE G 309 37.75 -46.33 -19.24
CA ILE G 309 36.52 -47.00 -18.86
C ILE G 309 35.76 -47.51 -20.09
N ASP G 310 35.96 -46.86 -21.24
CA ASP G 310 35.25 -47.27 -22.46
C ASP G 310 35.77 -48.58 -23.04
N LEU G 311 36.92 -49.07 -22.59
CA LEU G 311 37.44 -50.35 -23.04
C LEU G 311 36.93 -51.52 -22.21
N MET G 312 36.39 -51.24 -21.02
CA MET G 312 36.12 -52.25 -20.00
C MET G 312 35.03 -53.25 -20.38
N LYS G 313 34.49 -53.20 -21.61
CA LYS G 313 33.70 -54.33 -22.10
C LYS G 313 34.56 -55.57 -22.32
N PHE G 314 35.87 -55.40 -22.42
CA PHE G 314 36.80 -56.50 -22.67
C PHE G 314 37.18 -57.26 -21.42
N ASP G 315 36.63 -56.89 -20.26
CA ASP G 315 37.01 -57.51 -19.00
C ASP G 315 36.50 -58.93 -18.85
N MET G 316 35.81 -59.47 -19.85
CA MET G 316 35.46 -60.89 -19.89
C MET G 316 36.31 -61.64 -20.91
N SER G 317 37.48 -61.09 -21.26
CA SER G 317 38.34 -61.74 -22.24
C SER G 317 38.81 -63.10 -21.76
N GLY G 318 39.05 -63.25 -20.46
CA GLY G 318 39.40 -64.55 -19.92
C GLY G 318 38.30 -65.58 -20.10
N CYS G 319 37.06 -65.18 -19.81
CA CYS G 319 35.92 -66.06 -20.05
C CYS G 319 35.80 -66.41 -21.53
N ALA G 320 36.00 -65.43 -22.41
CA ALA G 320 35.90 -65.69 -23.83
C ALA G 320 36.99 -66.65 -24.29
N ALA G 321 38.20 -66.51 -23.76
CA ALA G 321 39.28 -67.43 -24.10
C ALA G 321 38.95 -68.85 -23.65
N VAL G 322 38.35 -68.99 -22.46
CA VAL G 322 37.98 -70.30 -21.96
C VAL G 322 36.87 -70.90 -22.84
N LEU G 323 35.90 -70.09 -23.25
CA LEU G 323 34.83 -70.58 -24.10
C LEU G 323 35.35 -70.89 -25.50
N GLY G 324 36.26 -70.08 -26.03
CA GLY G 324 36.87 -70.39 -27.31
C GLY G 324 37.66 -71.68 -27.26
N CYS G 325 38.33 -71.94 -26.14
CA CYS G 325 39.00 -73.22 -25.96
C CYS G 325 38.00 -74.36 -25.90
N ALA G 326 36.83 -74.12 -25.29
CA ALA G 326 35.79 -75.14 -25.24
C ALA G 326 35.32 -75.54 -26.63
N TYR G 327 35.31 -74.58 -27.57
CA TYR G 327 34.95 -74.91 -28.95
C TYR G 327 36.00 -75.81 -29.58
N CYS G 328 37.27 -75.47 -29.43
CA CYS G 328 38.35 -76.26 -30.02
C CYS G 328 38.37 -77.67 -29.45
N VAL G 329 38.23 -77.79 -28.13
CA VAL G 329 38.26 -79.11 -27.50
C VAL G 329 37.04 -79.94 -27.91
N GLY G 330 35.87 -79.30 -27.93
CA GLY G 330 34.65 -80.02 -28.33
C GLY G 330 34.65 -80.45 -29.78
N THR G 331 35.38 -79.73 -30.63
CA THR G 331 35.44 -80.06 -32.05
C THR G 331 36.52 -81.09 -32.34
N LEU G 332 37.72 -80.90 -31.80
CA LEU G 332 38.82 -81.84 -32.04
C LEU G 332 38.66 -83.12 -31.25
N LYS G 333 37.95 -83.07 -30.13
CA LYS G 333 37.61 -84.20 -29.28
C LYS G 333 38.84 -85.03 -28.90
N PRO G 334 39.72 -84.53 -28.04
CA PRO G 334 40.82 -85.36 -27.56
C PRO G 334 40.30 -86.43 -26.61
N GLU G 335 41.13 -87.44 -26.36
CA GLU G 335 40.75 -88.57 -25.53
C GLU G 335 41.62 -88.63 -24.28
N ASN G 336 41.09 -89.34 -23.28
CA ASN G 336 41.76 -89.58 -21.99
C ASN G 336 41.94 -88.29 -21.21
N VAL G 337 41.05 -87.33 -21.40
CA VAL G 337 41.13 -86.04 -20.71
C VAL G 337 39.73 -85.61 -20.32
N GLU G 338 39.61 -84.96 -19.17
CA GLU G 338 38.35 -84.36 -18.71
C GLU G 338 38.59 -82.90 -18.37
N ILE G 339 37.90 -82.00 -19.08
CA ILE G 339 38.12 -80.56 -18.96
C ILE G 339 36.85 -79.89 -18.44
N HIS G 340 37.01 -79.02 -17.45
CA HIS G 340 35.94 -78.19 -16.94
C HIS G 340 36.22 -76.74 -17.32
N PHE G 341 35.24 -76.10 -17.96
CA PHE G 341 35.35 -74.71 -18.39
C PHE G 341 34.49 -73.86 -17.47
N LEU G 342 35.14 -73.02 -16.66
CA LEU G 342 34.47 -72.28 -15.60
C LEU G 342 34.64 -70.78 -15.79
N SER G 343 33.62 -70.04 -15.37
CA SER G 343 33.68 -68.58 -15.38
C SER G 343 32.59 -68.04 -14.46
N ALA G 344 32.99 -67.26 -13.46
CA ALA G 344 32.05 -66.58 -12.56
C ALA G 344 31.71 -65.23 -13.18
N VAL G 345 30.61 -65.19 -13.92
CA VAL G 345 30.25 -64.03 -14.73
C VAL G 345 29.39 -63.08 -13.91
N CYS G 346 29.72 -61.79 -13.97
CA CYS G 346 28.94 -60.74 -13.29
C CYS G 346 29.33 -59.40 -13.91
N GLU G 347 28.78 -58.32 -13.34
CA GLU G 347 28.99 -56.97 -13.84
C GLU G 347 29.28 -56.05 -12.66
N ASN G 348 30.31 -55.23 -12.78
CA ASN G 348 30.76 -54.34 -11.69
C ASN G 348 30.21 -52.94 -11.96
N MET G 349 29.18 -52.56 -11.22
CA MET G 349 28.45 -51.33 -11.47
C MET G 349 28.32 -50.50 -10.20
N VAL G 350 27.86 -49.27 -10.37
CA VAL G 350 27.61 -48.33 -9.28
C VAL G 350 26.11 -48.24 -9.06
N SER G 351 25.67 -48.47 -7.82
CA SER G 351 24.26 -48.51 -7.51
C SER G 351 24.08 -48.38 -6.01
N LYS G 352 22.82 -48.21 -5.59
CA LYS G 352 22.51 -48.25 -4.17
C LYS G 352 22.74 -49.64 -3.58
N ASN G 353 22.79 -50.67 -4.43
CA ASN G 353 22.98 -52.05 -4.00
C ASN G 353 24.41 -52.51 -4.13
N SER G 354 25.31 -51.68 -4.64
CA SER G 354 26.70 -52.08 -4.83
C SER G 354 27.39 -52.29 -3.49
N TYR G 355 28.44 -53.12 -3.51
CA TYR G 355 29.27 -53.28 -2.34
C TYR G 355 30.26 -52.11 -2.25
N ARG G 356 30.61 -51.75 -1.02
CA ARG G 356 31.35 -50.53 -0.76
C ARG G 356 32.82 -50.83 -0.49
N PRO G 357 33.70 -49.85 -0.71
CA PRO G 357 35.07 -49.97 -0.19
C PRO G 357 35.05 -50.06 1.32
N GLY G 358 35.80 -51.01 1.86
CA GLY G 358 35.84 -51.28 3.27
C GLY G 358 34.98 -52.45 3.71
N ASP G 359 34.03 -52.88 2.87
CA ASP G 359 33.18 -54.01 3.21
C ASP G 359 34.03 -55.26 3.45
N ILE G 360 33.60 -56.08 4.40
CA ILE G 360 34.24 -57.34 4.71
C ILE G 360 33.31 -58.45 4.25
N ILE G 361 33.80 -59.30 3.35
CA ILE G 361 32.99 -60.36 2.75
C ILE G 361 33.68 -61.69 3.00
N THR G 362 32.90 -62.76 2.89
CA THR G 362 33.35 -64.11 3.20
C THR G 362 33.29 -64.97 1.94
N ALA G 363 34.43 -65.52 1.55
CA ALA G 363 34.49 -66.40 0.39
C ALA G 363 33.92 -67.77 0.75
N SER G 364 33.77 -68.62 -0.28
CA SER G 364 33.17 -69.94 -0.10
C SER G 364 34.06 -70.89 0.70
N ASN G 365 35.33 -70.56 0.91
CA ASN G 365 36.21 -71.37 1.73
C ASN G 365 36.31 -70.85 3.16
N GLY G 366 35.46 -69.88 3.53
CA GLY G 366 35.42 -69.37 4.88
C GLY G 366 36.30 -68.16 5.14
N LYS G 367 37.16 -67.80 4.20
CA LYS G 367 38.08 -66.68 4.41
C LYS G 367 37.34 -65.35 4.30
N THR G 368 37.51 -64.51 5.31
CA THR G 368 36.95 -63.16 5.27
C THR G 368 37.93 -62.23 4.57
N ILE G 369 37.41 -61.38 3.68
CA ILE G 369 38.21 -60.49 2.86
C ILE G 369 37.78 -59.06 3.12
N GLU G 370 38.74 -58.18 3.39
CA GLU G 370 38.47 -56.76 3.53
C GLU G 370 38.67 -56.08 2.18
N VAL G 371 37.61 -55.50 1.64
CA VAL G 371 37.66 -54.88 0.32
C VAL G 371 38.29 -53.49 0.46
N GLY G 372 39.44 -53.30 -0.16
CA GLY G 372 40.10 -52.01 -0.12
C GLY G 372 39.86 -51.19 -1.38
N ASN G 373 39.41 -51.86 -2.44
CA ASN G 373 39.20 -51.20 -3.73
C ASN G 373 38.21 -52.03 -4.53
N THR G 374 37.02 -51.48 -4.80
CA THR G 374 36.02 -52.21 -5.56
C THR G 374 36.43 -52.46 -7.01
N ASP G 375 37.46 -51.75 -7.51
CA ASP G 375 37.94 -51.99 -8.86
C ASP G 375 38.86 -53.19 -8.96
N ALA G 376 39.28 -53.76 -7.83
CA ALA G 376 40.00 -55.03 -7.83
C ALA G 376 39.04 -56.20 -7.69
N GLU G 377 38.00 -56.19 -8.54
CA GLU G 377 36.91 -57.16 -8.42
C GLU G 377 37.21 -58.48 -9.10
N GLY G 378 38.17 -58.52 -10.03
CA GLY G 378 38.46 -59.77 -10.72
C GLY G 378 38.95 -60.85 -9.79
N ARG G 379 39.87 -60.50 -8.88
CA ARG G 379 40.40 -61.48 -7.95
C ARG G 379 39.34 -61.95 -6.95
N LEU G 380 38.31 -61.14 -6.71
CA LEU G 380 37.22 -61.57 -5.83
C LEU G 380 36.37 -62.63 -6.50
N THR G 381 36.01 -62.41 -7.76
CA THR G 381 35.26 -63.43 -8.50
C THR G 381 36.11 -64.67 -8.75
N LEU G 382 37.40 -64.49 -9.03
CA LEU G 382 38.28 -65.63 -9.26
C LEU G 382 38.47 -66.44 -7.99
N ALA G 383 38.44 -65.79 -6.82
CA ALA G 383 38.65 -66.50 -5.56
C ALA G 383 37.59 -67.59 -5.37
N ASP G 384 36.31 -67.24 -5.53
CA ASP G 384 35.25 -68.23 -5.38
C ASP G 384 35.28 -69.25 -6.51
N ALA G 385 35.67 -68.82 -7.72
CA ALA G 385 35.75 -69.76 -8.84
C ALA G 385 36.88 -70.76 -8.64
N LEU G 386 37.98 -70.32 -8.02
CA LEU G 386 39.09 -71.23 -7.77
C LEU G 386 38.72 -72.26 -6.70
N VAL G 387 38.00 -71.84 -5.66
CA VAL G 387 37.52 -72.78 -4.65
C VAL G 387 36.58 -73.81 -5.29
N TYR G 388 35.70 -73.34 -6.17
CA TYR G 388 34.83 -74.25 -6.91
C TYR G 388 35.63 -75.21 -7.76
N ALA G 389 36.71 -74.71 -8.40
CA ALA G 389 37.51 -75.55 -9.29
C ALA G 389 38.22 -76.66 -8.52
N GLU G 390 38.83 -76.32 -7.37
CA GLU G 390 39.55 -77.33 -6.60
C GLU G 390 38.62 -78.40 -6.06
N LYS G 391 37.35 -78.05 -5.80
CA LYS G 391 36.39 -79.04 -5.32
C LYS G 391 36.10 -80.10 -6.37
N LEU G 392 36.38 -79.84 -7.65
CA LEU G 392 36.16 -80.81 -8.71
C LEU G 392 37.19 -81.92 -8.72
N GLY G 393 38.30 -81.78 -7.99
CA GLY G 393 39.32 -82.80 -7.95
C GLY G 393 40.02 -82.98 -9.28
N VAL G 394 40.67 -81.92 -9.76
CA VAL G 394 41.36 -81.94 -11.04
C VAL G 394 42.86 -81.99 -10.79
N ASP G 395 43.61 -82.25 -11.86
CA ASP G 395 45.06 -82.28 -11.77
C ASP G 395 45.67 -80.89 -11.92
N TYR G 396 45.11 -80.06 -12.79
CA TYR G 396 45.61 -78.71 -13.04
C TYR G 396 44.47 -77.71 -13.02
N ILE G 397 44.70 -76.56 -12.40
CA ILE G 397 43.80 -75.41 -12.47
C ILE G 397 44.55 -74.29 -13.15
N VAL G 398 44.04 -73.82 -14.28
CA VAL G 398 44.64 -72.73 -15.03
C VAL G 398 43.59 -71.64 -15.19
N ASP G 399 43.87 -70.46 -14.66
CA ASP G 399 43.00 -69.31 -14.82
C ASP G 399 43.65 -68.27 -15.72
N ILE G 400 42.82 -67.57 -16.49
CA ILE G 400 43.26 -66.54 -17.42
C ILE G 400 42.35 -65.33 -17.22
N ALA G 401 42.95 -64.14 -17.10
CA ALA G 401 42.17 -63.01 -16.64
C ALA G 401 42.84 -61.71 -17.06
N THR G 402 42.02 -60.72 -17.41
CA THR G 402 42.47 -59.34 -17.57
C THR G 402 42.47 -58.69 -16.19
N LEU G 403 43.48 -59.05 -15.40
CA LEU G 403 43.44 -58.80 -13.96
C LEU G 403 44.00 -57.44 -13.56
N THR G 404 45.22 -57.11 -13.99
CA THR G 404 45.92 -55.93 -13.51
C THR G 404 46.44 -55.09 -14.66
N GLY G 405 46.15 -53.79 -14.62
CA GLY G 405 46.69 -52.88 -15.62
C GLY G 405 48.20 -52.71 -15.54
N ALA G 406 48.82 -53.13 -14.44
CA ALA G 406 50.27 -53.07 -14.32
C ALA G 406 50.97 -53.96 -15.35
N MET G 407 50.24 -54.89 -15.98
CA MET G 407 50.84 -55.74 -17.00
C MET G 407 51.38 -54.92 -18.17
N LEU G 408 50.79 -53.73 -18.41
CA LEU G 408 51.27 -52.87 -19.47
C LEU G 408 52.65 -52.32 -19.18
N TYR G 409 53.03 -52.22 -17.90
CA TYR G 409 54.33 -51.69 -17.50
C TYR G 409 55.37 -52.79 -17.28
N SER G 410 54.95 -54.06 -17.25
CA SER G 410 55.88 -55.17 -17.08
C SER G 410 56.22 -55.83 -18.40
N LEU G 411 55.22 -56.44 -19.07
CA LEU G 411 55.44 -57.16 -20.31
C LEU G 411 54.90 -56.44 -21.54
N GLY G 412 53.97 -55.50 -21.37
CA GLY G 412 53.49 -54.73 -22.50
C GLY G 412 52.26 -55.33 -23.18
N THR G 413 52.14 -55.10 -24.49
CA THR G 413 50.96 -55.50 -25.24
C THR G 413 51.14 -56.78 -26.04
N SER G 414 52.32 -57.40 -25.98
CA SER G 414 52.61 -58.60 -26.76
CA SER G 414 52.62 -58.59 -26.77
C SER G 414 52.69 -59.85 -25.93
N TYR G 415 53.38 -59.80 -24.79
CA TYR G 415 53.60 -60.98 -23.95
C TYR G 415 52.65 -60.95 -22.74
N ALA G 416 51.95 -62.04 -22.53
CA ALA G 416 51.18 -62.21 -21.31
C ALA G 416 52.07 -62.77 -20.20
N GLY G 417 51.65 -62.56 -18.96
CA GLY G 417 52.37 -63.04 -17.80
C GLY G 417 51.70 -64.26 -17.19
N VAL G 418 52.52 -65.23 -16.78
CA VAL G 418 52.04 -66.44 -16.13
C VAL G 418 52.64 -66.52 -14.74
N PHE G 419 51.79 -66.77 -13.75
CA PHE G 419 52.17 -67.03 -12.38
C PHE G 419 51.65 -68.40 -11.99
N GLY G 420 52.21 -68.98 -10.95
CA GLY G 420 51.75 -70.29 -10.51
C GLY G 420 52.44 -70.74 -9.25
N ASN G 421 51.96 -71.86 -8.73
CA ASN G 421 52.49 -72.49 -7.53
C ASN G 421 53.21 -73.81 -7.84
N ASN G 422 53.41 -74.12 -9.11
CA ASN G 422 53.97 -75.41 -9.52
C ASN G 422 54.85 -75.19 -10.73
N GLU G 423 56.14 -75.54 -10.61
CA GLU G 423 57.07 -75.32 -11.71
C GLU G 423 56.73 -76.17 -12.93
N GLU G 424 56.31 -77.41 -12.71
CA GLU G 424 56.00 -78.29 -13.84
C GLU G 424 54.84 -77.75 -14.67
N LEU G 425 53.82 -77.22 -13.99
CA LEU G 425 52.68 -76.65 -14.72
C LEU G 425 53.08 -75.38 -15.47
N ILE G 426 53.89 -74.53 -14.82
CA ILE G 426 54.38 -73.33 -15.50
C ILE G 426 55.20 -73.71 -16.73
N ASN G 427 55.98 -74.78 -16.63
CA ASN G 427 56.77 -75.22 -17.77
C ASN G 427 55.87 -75.71 -18.90
N LYS G 428 54.78 -76.40 -18.55
CA LYS G 428 53.82 -76.83 -19.56
C LYS G 428 53.13 -75.63 -20.22
N ILE G 429 52.80 -74.61 -19.42
CA ILE G 429 52.20 -73.40 -19.98
C ILE G 429 53.18 -72.71 -20.92
N LEU G 430 54.45 -72.63 -20.53
CA LEU G 430 55.46 -72.02 -21.39
C LEU G 430 55.63 -72.81 -22.68
N GLN G 431 55.55 -74.15 -22.59
CA GLN G 431 55.65 -74.97 -23.79
C GLN G 431 54.44 -74.76 -24.71
N SER G 432 53.25 -74.63 -24.13
CA SER G 432 52.07 -74.37 -24.94
C SER G 432 52.13 -73.00 -25.59
N SER G 433 52.76 -72.02 -24.93
CA SER G 433 52.94 -70.72 -25.55
C SER G 433 53.86 -70.79 -26.77
N LYS G 434 54.83 -71.70 -26.75
CA LYS G 434 55.75 -71.83 -27.88
C LYS G 434 55.06 -72.50 -29.07
N THR G 435 54.28 -73.55 -28.83
CA THR G 435 53.66 -74.28 -29.93
C THR G 435 52.41 -73.56 -30.45
N SER G 436 51.70 -72.84 -29.59
CA SER G 436 50.55 -72.05 -30.04
C SER G 436 50.96 -70.68 -30.58
N ASN G 437 52.20 -70.26 -30.34
CA ASN G 437 52.72 -68.96 -30.79
C ASN G 437 51.97 -67.80 -30.16
N GLU G 438 51.39 -68.01 -28.98
CA GLU G 438 50.86 -66.92 -28.17
C GLU G 438 51.85 -66.66 -27.05
N PRO G 439 52.67 -65.60 -27.13
CA PRO G 439 53.82 -65.50 -26.23
C PRO G 439 53.42 -65.25 -24.79
N VAL G 440 54.12 -65.94 -23.89
CA VAL G 440 53.89 -65.85 -22.45
C VAL G 440 55.24 -65.84 -21.76
N TRP G 441 55.36 -65.03 -20.69
CA TRP G 441 56.60 -64.94 -19.92
C TRP G 441 56.32 -65.22 -18.46
N TRP G 442 57.23 -65.96 -17.82
CA TRP G 442 57.05 -66.37 -16.44
C TRP G 442 57.45 -65.25 -15.49
N LEU G 443 56.53 -64.86 -14.60
CA LEU G 443 56.75 -63.84 -13.59
C LEU G 443 56.62 -64.45 -12.20
N PRO G 444 57.34 -63.91 -11.21
CA PRO G 444 57.40 -64.56 -9.90
C PRO G 444 56.27 -64.16 -8.96
N ILE G 445 55.93 -65.09 -8.08
CA ILE G 445 55.05 -64.83 -6.95
C ILE G 445 55.97 -64.62 -5.75
N ILE G 446 56.26 -63.36 -5.46
CA ILE G 446 57.25 -63.01 -4.44
C ILE G 446 56.57 -63.07 -3.07
N ASN G 447 56.98 -64.04 -2.25
CA ASN G 447 56.32 -64.27 -0.97
C ASN G 447 56.58 -63.16 0.03
N GLU G 448 57.64 -62.38 -0.16
CA GLU G 448 57.92 -61.29 0.78
C GLU G 448 56.81 -60.24 0.79
N TYR G 449 56.06 -60.13 -0.32
CA TYR G 449 54.97 -59.16 -0.39
C TYR G 449 53.69 -59.64 0.28
N ARG G 450 53.64 -60.90 0.72
CA ARG G 450 52.41 -61.45 1.28
C ARG G 450 51.97 -60.71 2.54
N ALA G 451 52.93 -60.19 3.32
CA ALA G 451 52.58 -59.54 4.57
C ALA G 451 51.73 -58.30 4.38
N THR G 452 51.79 -57.66 3.20
CA THR G 452 50.99 -56.47 2.95
C THR G 452 49.51 -56.78 2.75
N LEU G 453 49.14 -58.05 2.63
CA LEU G 453 47.75 -58.45 2.57
C LEU G 453 47.18 -58.84 3.93
N ASN G 454 47.95 -58.65 5.00
CA ASN G 454 47.50 -58.96 6.35
C ASN G 454 46.52 -57.89 6.81
N SER G 455 45.25 -58.25 6.92
CA SER G 455 44.22 -57.31 7.35
C SER G 455 44.17 -57.23 8.87
N LYS G 456 43.83 -56.04 9.37
CA LYS G 456 43.69 -55.85 10.81
C LYS G 456 42.45 -56.53 11.36
N TYR G 457 41.40 -56.65 10.54
CA TYR G 457 40.12 -57.19 10.99
C TYR G 457 39.70 -58.45 10.27
N ALA G 458 39.87 -58.50 8.94
CA ALA G 458 39.51 -59.68 8.18
C ALA G 458 40.67 -60.67 8.16
N ASP G 459 40.44 -61.84 7.57
CA ASP G 459 41.51 -62.84 7.45
C ASP G 459 42.61 -62.35 6.52
N ILE G 460 42.25 -61.63 5.46
CA ILE G 460 43.21 -61.20 4.46
C ILE G 460 42.68 -59.93 3.80
N ASN G 461 43.62 -59.10 3.33
CA ASN G 461 43.27 -57.91 2.56
C ASN G 461 43.08 -58.28 1.10
N GLN G 462 42.13 -57.61 0.44
CA GLN G 462 41.95 -57.81 -0.99
C GLN G 462 43.10 -57.22 -1.78
N ILE G 463 43.56 -56.03 -1.39
CA ILE G 463 44.66 -55.35 -2.06
C ILE G 463 45.68 -54.90 -1.02
N SER G 464 46.90 -54.66 -1.49
CA SER G 464 47.90 -53.98 -0.69
C SER G 464 47.82 -52.49 -1.00
N SER G 465 47.85 -51.65 0.03
CA SER G 465 47.84 -50.21 -0.14
C SER G 465 49.23 -49.62 -0.30
N SER G 466 50.28 -50.44 -0.20
CA SER G 466 51.66 -49.96 -0.26
C SER G 466 52.38 -50.48 -1.49
N VAL G 467 52.55 -51.80 -1.63
CA VAL G 467 53.27 -52.34 -2.78
C VAL G 467 52.54 -52.01 -4.07
N LYS G 468 53.27 -51.46 -5.04
CA LYS G 468 52.69 -51.09 -6.33
C LYS G 468 52.78 -52.20 -7.36
N ALA G 469 53.42 -53.33 -7.02
CA ALA G 469 53.49 -54.48 -7.91
C ALA G 469 52.18 -55.26 -7.84
N SER G 470 51.14 -54.67 -8.42
CA SER G 470 49.80 -55.20 -8.26
C SER G 470 49.62 -56.57 -8.90
N SER G 471 50.31 -56.83 -10.01
CA SER G 471 50.16 -58.13 -10.66
C SER G 471 50.69 -59.26 -9.78
N ILE G 472 51.75 -59.01 -9.01
CA ILE G 472 52.27 -60.01 -8.10
C ILE G 472 51.39 -60.12 -6.86
N VAL G 473 50.94 -58.98 -6.33
CA VAL G 473 50.07 -58.98 -5.15
C VAL G 473 48.77 -59.72 -5.45
N ALA G 474 48.19 -59.46 -6.64
CA ALA G 474 46.97 -60.16 -7.03
C ALA G 474 47.20 -61.66 -7.14
N SER G 475 48.36 -62.06 -7.65
CA SER G 475 48.68 -63.49 -7.71
C SER G 475 48.83 -64.07 -6.31
N LEU G 476 49.40 -63.31 -5.39
CA LEU G 476 49.51 -63.76 -4.00
C LEU G 476 48.14 -63.94 -3.38
N PHE G 477 47.19 -63.07 -3.73
CA PHE G 477 45.82 -63.20 -3.23
C PHE G 477 45.14 -64.45 -3.78
N LEU G 478 45.27 -64.68 -5.09
CA LEU G 478 44.65 -65.85 -5.70
C LEU G 478 45.22 -67.14 -5.14
N LYS G 479 46.50 -67.17 -4.77
CA LYS G 479 47.10 -68.38 -4.25
C LYS G 479 46.44 -68.81 -2.95
N GLU G 480 45.89 -67.86 -2.19
CA GLU G 480 45.24 -68.19 -0.91
C GLU G 480 43.96 -68.99 -1.08
N PHE G 481 43.50 -69.21 -2.31
CA PHE G 481 42.28 -69.97 -2.55
C PHE G 481 42.52 -71.26 -3.31
N VAL G 482 43.78 -71.68 -3.42
CA VAL G 482 44.15 -72.99 -3.95
C VAL G 482 45.03 -73.65 -2.90
N GLN G 483 44.52 -74.72 -2.27
CA GLN G 483 45.18 -75.29 -1.11
C GLN G 483 46.18 -76.39 -1.46
N ASN G 484 45.82 -77.30 -2.35
CA ASN G 484 46.65 -78.48 -2.60
C ASN G 484 46.48 -78.97 -4.04
N THR G 485 46.53 -78.05 -5.00
CA THR G 485 46.42 -78.40 -6.41
C THR G 485 47.36 -77.52 -7.22
N ALA G 486 48.01 -78.12 -8.22
CA ALA G 486 48.84 -77.35 -9.14
C ALA G 486 48.00 -76.32 -9.86
N TRP G 487 48.41 -75.05 -9.77
CA TRP G 487 47.61 -73.95 -10.27
C TRP G 487 48.50 -72.93 -10.97
N ALA G 488 48.00 -72.40 -12.08
CA ALA G 488 48.68 -71.37 -12.84
C ALA G 488 47.70 -70.24 -13.18
N HIS G 489 48.23 -69.04 -13.33
CA HIS G 489 47.41 -67.84 -13.51
C HIS G 489 48.03 -66.99 -14.62
N ILE G 490 47.25 -66.71 -15.66
CA ILE G 490 47.72 -65.97 -16.83
C ILE G 490 47.02 -64.61 -16.83
N ASP G 491 47.81 -63.54 -16.69
CA ASP G 491 47.30 -62.18 -16.70
C ASP G 491 47.40 -61.63 -18.12
N ILE G 492 46.25 -61.43 -18.76
CA ILE G 492 46.19 -60.99 -20.15
C ILE G 492 45.64 -59.58 -20.27
N ALA G 493 45.75 -58.77 -19.20
CA ALA G 493 45.17 -57.43 -19.23
C ALA G 493 45.84 -56.54 -20.27
N GLY G 494 47.12 -56.77 -20.54
CA GLY G 494 47.85 -55.93 -21.48
C GLY G 494 47.79 -56.38 -22.93
N VAL G 495 47.57 -57.68 -23.15
CA VAL G 495 47.66 -58.26 -24.49
C VAL G 495 46.31 -58.57 -25.10
N SER G 496 45.20 -58.43 -24.37
CA SER G 496 43.92 -58.91 -24.88
C SER G 496 43.43 -58.06 -26.04
N TRP G 497 43.61 -56.74 -25.97
CA TRP G 497 43.08 -55.82 -26.97
C TRP G 497 44.19 -55.33 -27.89
N ASN G 498 43.88 -55.30 -29.19
CA ASN G 498 44.79 -54.79 -30.21
C ASN G 498 44.40 -53.35 -30.51
N PHE G 499 45.21 -52.41 -30.01
CA PHE G 499 44.87 -50.99 -30.14
C PHE G 499 45.15 -50.45 -31.54
N LYS G 500 46.11 -51.05 -32.25
CA LYS G 500 46.40 -50.63 -33.62
C LYS G 500 45.21 -50.93 -34.54
N ALA G 501 44.62 -52.11 -34.41
CA ALA G 501 43.49 -52.52 -35.23
C ALA G 501 42.15 -52.22 -34.58
N ARG G 502 42.14 -51.79 -33.32
CA ARG G 502 40.91 -51.45 -32.60
C ARG G 502 39.96 -52.65 -32.53
N LYS G 503 40.50 -53.80 -32.14
CA LYS G 503 39.73 -55.04 -32.09
C LYS G 503 40.40 -55.99 -31.11
N PRO G 504 39.66 -56.96 -30.56
CA PRO G 504 40.28 -57.93 -29.66
C PRO G 504 41.18 -58.89 -30.41
N LYS G 505 42.01 -59.60 -29.65
CA LYS G 505 42.90 -60.60 -30.21
C LYS G 505 42.38 -62.02 -30.07
N GLY G 506 41.43 -62.26 -29.17
CA GLY G 506 41.09 -63.63 -28.82
C GLY G 506 42.24 -64.36 -28.17
N PHE G 507 43.08 -63.64 -27.44
CA PHE G 507 44.30 -64.21 -26.86
C PHE G 507 43.97 -65.29 -25.84
N GLY G 508 44.69 -66.40 -25.92
CA GLY G 508 44.60 -67.48 -24.96
C GLY G 508 43.89 -68.71 -25.46
N VAL G 509 43.07 -68.60 -26.51
CA VAL G 509 42.31 -69.75 -26.99
C VAL G 509 43.26 -70.86 -27.46
N ARG G 510 44.19 -70.51 -28.35
CA ARG G 510 45.11 -71.51 -28.88
C ARG G 510 46.11 -71.96 -27.84
N LEU G 511 46.53 -71.06 -26.95
CA LEU G 511 47.45 -71.43 -25.88
C LEU G 511 46.82 -72.45 -24.94
N LEU G 512 45.59 -72.20 -24.50
CA LEU G 512 44.92 -73.12 -23.59
C LEU G 512 44.61 -74.45 -24.28
N THR G 513 44.24 -74.41 -25.55
CA THR G 513 43.94 -75.64 -26.27
C THR G 513 45.19 -76.50 -26.44
N GLU G 514 46.32 -75.88 -26.81
CA GLU G 514 47.57 -76.62 -26.91
C GLU G 514 47.94 -77.25 -25.56
N PHE G 515 47.65 -76.55 -24.46
CA PHE G 515 47.89 -77.10 -23.14
C PHE G 515 47.03 -78.35 -22.90
N VAL G 516 45.79 -78.33 -23.38
CA VAL G 516 44.90 -79.48 -23.21
C VAL G 516 45.36 -80.65 -24.07
N LEU G 517 45.74 -80.40 -25.32
CA LEU G 517 46.05 -81.47 -26.25
C LEU G 517 47.40 -82.11 -25.99
N ASN G 518 48.36 -81.36 -25.46
CA ASN G 518 49.73 -81.85 -25.31
C ASN G 518 50.01 -82.36 -23.90
N ASP G 519 49.10 -83.16 -23.35
CA ASP G 519 49.39 -83.95 -22.14
C ASP G 519 48.44 -85.14 -22.05
N SER H 2 13.52 -51.65 11.40
CA SER H 2 14.05 -52.63 12.35
C SER H 2 14.61 -53.85 11.63
N GLU H 3 14.14 -54.10 10.41
CA GLU H 3 14.61 -55.21 9.61
C GLU H 3 15.60 -54.69 8.57
N VAL H 4 16.79 -55.27 8.56
CA VAL H 4 17.85 -54.83 7.65
C VAL H 4 17.61 -55.41 6.27
N PRO H 5 17.50 -54.57 5.24
CA PRO H 5 17.33 -55.11 3.89
C PRO H 5 18.63 -55.73 3.38
N GLN H 6 18.49 -56.71 2.50
CA GLN H 6 19.63 -57.40 1.93
C GLN H 6 19.53 -57.38 0.40
N VAL H 7 20.68 -57.42 -0.25
CA VAL H 7 20.74 -57.65 -1.68
C VAL H 7 20.85 -59.14 -1.99
N VAL H 8 21.73 -59.83 -1.26
CA VAL H 8 21.86 -61.27 -1.31
C VAL H 8 21.71 -61.80 0.10
N SER H 9 21.43 -63.11 0.20
CA SER H 9 21.21 -63.72 1.51
C SER H 9 22.46 -63.73 2.37
N LEU H 10 23.64 -63.55 1.77
CA LEU H 10 24.89 -63.54 2.54
C LEU H 10 25.19 -62.17 3.15
N ASP H 11 24.38 -61.16 2.87
CA ASP H 11 24.59 -59.85 3.48
C ASP H 11 24.25 -59.91 4.97
N PRO H 12 25.11 -59.38 5.84
CA PRO H 12 24.81 -59.44 7.27
C PRO H 12 23.64 -58.55 7.64
N THR H 13 22.95 -58.94 8.72
CA THR H 13 21.75 -58.24 9.17
C THR H 13 21.93 -57.63 10.56
N SER H 14 23.13 -57.65 11.11
CA SER H 14 23.38 -57.07 12.43
C SER H 14 24.87 -56.85 12.59
N ILE H 15 25.22 -55.92 13.48
CA ILE H 15 26.62 -55.63 13.82
C ILE H 15 27.02 -56.53 14.95
N PRO H 16 28.03 -57.40 14.78
CA PRO H 16 28.54 -58.20 15.90
C PRO H 16 29.20 -57.29 16.93
N ILE H 17 28.74 -57.37 18.18
CA ILE H 17 29.23 -56.54 19.27
C ILE H 17 29.63 -57.46 20.42
N GLU H 18 30.85 -57.29 20.91
CA GLU H 18 31.36 -58.04 22.06
C GLU H 18 31.19 -57.18 23.31
N TYR H 19 30.27 -57.60 24.18
CA TYR H 19 30.02 -56.86 25.42
C TYR H 19 30.92 -57.34 26.56
N ASN H 20 31.02 -58.65 26.75
CA ASN H 20 31.85 -59.22 27.81
C ASN H 20 33.24 -59.48 27.22
N THR H 21 34.13 -58.51 27.37
CA THR H 21 35.47 -58.61 26.84
C THR H 21 36.41 -59.24 27.86
N PRO H 22 37.53 -59.83 27.41
CA PRO H 22 38.52 -60.36 28.36
C PRO H 22 39.04 -59.33 29.34
N ILE H 23 39.00 -58.04 29.00
CA ILE H 23 39.41 -57.01 29.94
C ILE H 23 38.54 -57.05 31.19
N HIS H 24 37.25 -57.36 31.02
CA HIS H 24 36.33 -57.42 32.15
C HIS H 24 36.64 -58.58 33.09
N ASP H 25 37.40 -59.57 32.64
CA ASP H 25 37.77 -60.71 33.47
C ASP H 25 39.04 -60.48 34.26
N ILE H 26 39.64 -59.30 34.17
CA ILE H 26 40.87 -59.00 34.87
C ILE H 26 40.52 -58.49 36.26
N LYS H 27 40.98 -59.21 37.28
CA LYS H 27 40.79 -58.75 38.65
C LYS H 27 41.88 -57.75 38.99
N VAL H 28 41.47 -56.53 39.35
CA VAL H 28 42.39 -55.43 39.58
C VAL H 28 42.46 -55.16 41.09
N GLN H 29 43.68 -55.15 41.62
CA GLN H 29 43.93 -54.85 43.02
C GLN H 29 44.97 -53.74 43.11
N VAL H 30 44.71 -52.76 43.97
CA VAL H 30 45.60 -51.62 44.17
C VAL H 30 46.09 -51.66 45.61
N TYR H 31 47.41 -51.72 45.78
CA TYR H 31 48.05 -51.72 47.08
C TYR H 31 48.89 -50.46 47.25
N ASP H 32 49.12 -50.08 48.49
CA ASP H 32 49.97 -48.92 48.76
C ASP H 32 51.43 -49.32 48.69
N ILE H 33 52.23 -48.46 48.04
CA ILE H 33 53.64 -48.77 47.85
C ILE H 33 54.39 -48.70 49.17
N LYS H 34 53.93 -47.87 50.11
CA LYS H 34 54.57 -47.73 51.41
C LYS H 34 54.30 -48.94 52.28
N GLY H 35 54.42 -50.13 51.72
CA GLY H 35 54.17 -51.37 52.44
C GLY H 35 54.84 -52.54 51.75
N GLY H 36 55.65 -52.23 50.74
CA GLY H 36 56.41 -53.24 50.02
C GLY H 36 55.61 -53.88 48.89
N CYS H 37 56.35 -54.34 47.87
CA CYS H 37 55.79 -55.00 46.72
C CYS H 37 56.10 -56.50 46.76
N ASN H 38 55.10 -57.31 46.47
CA ASN H 38 55.25 -58.76 46.43
C ASN H 38 55.50 -59.20 45.00
N VAL H 39 56.59 -59.95 44.80
CA VAL H 39 56.95 -60.50 43.49
C VAL H 39 56.71 -62.00 43.56
N GLU H 40 55.56 -62.45 43.07
CA GLU H 40 55.14 -63.84 43.19
C GLU H 40 54.83 -64.46 41.83
N GLU H 41 53.79 -63.99 41.17
CA GLU H 41 53.34 -64.56 39.91
C GLU H 41 53.68 -63.65 38.74
N GLY H 42 53.72 -64.26 37.54
CA GLY H 42 53.66 -63.46 36.34
C GLY H 42 54.87 -62.56 36.13
N LEU H 43 54.57 -61.41 35.53
CA LEU H 43 55.55 -60.40 35.19
C LEU H 43 55.29 -59.17 36.04
N THR H 44 56.35 -58.59 36.60
CA THR H 44 56.25 -57.41 37.45
C THR H 44 57.01 -56.28 36.76
N ILE H 45 56.33 -55.16 36.53
CA ILE H 45 56.87 -54.05 35.78
C ILE H 45 56.96 -52.82 36.66
N PHE H 46 58.13 -52.18 36.65
CA PHE H 46 58.37 -50.93 37.36
C PHE H 46 58.33 -49.79 36.35
N LEU H 47 57.53 -48.77 36.63
CA LEU H 47 57.53 -47.55 35.83
C LEU H 47 58.56 -46.65 36.48
N VAL H 48 59.73 -46.53 35.85
CA VAL H 48 60.88 -45.91 36.49
C VAL H 48 61.12 -44.55 35.85
N ASN H 49 61.70 -43.65 36.65
CA ASN H 49 61.85 -42.26 36.24
C ASN H 49 63.23 -41.73 36.63
N ASN H 50 63.70 -40.75 35.86
CA ASN H 50 64.96 -40.07 36.15
C ASN H 50 64.84 -38.60 35.74
N PRO H 51 64.44 -37.73 36.66
CA PRO H 51 64.32 -36.31 36.32
C PRO H 51 65.66 -35.69 35.99
N GLY H 52 65.63 -34.70 35.10
CA GLY H 52 66.84 -33.99 34.72
C GLY H 52 67.80 -34.84 33.91
N LYS H 53 68.58 -35.68 34.61
CA LYS H 53 69.37 -36.74 33.97
C LYS H 53 68.49 -37.50 33.00
N GLU H 54 68.60 -37.18 31.70
CA GLU H 54 67.79 -37.80 30.65
C GLU H 54 67.89 -39.31 30.65
N ASN H 55 68.75 -39.87 29.81
CA ASN H 55 68.90 -41.32 29.70
C ASN H 55 69.74 -41.90 30.83
N GLY H 56 69.57 -41.38 32.05
CA GLY H 56 70.31 -41.85 33.18
C GLY H 56 69.91 -43.25 33.60
N PRO H 57 70.61 -43.80 34.58
CA PRO H 57 70.39 -45.19 34.97
C PRO H 57 69.04 -45.39 35.65
N VAL H 58 68.62 -46.65 35.67
CA VAL H 58 67.38 -47.03 36.35
C VAL H 58 67.68 -47.26 37.82
N LYS H 59 66.81 -46.75 38.68
CA LYS H 59 66.95 -46.92 40.13
C LYS H 59 65.59 -47.22 40.71
N ILE H 60 65.45 -48.39 41.33
CA ILE H 60 64.20 -48.80 41.96
C ILE H 60 64.21 -48.30 43.40
N SER H 61 63.21 -47.50 43.75
CA SER H 61 63.11 -46.89 45.07
C SER H 61 62.12 -47.62 45.98
N SER H 62 61.26 -48.46 45.42
CA SER H 62 60.23 -49.13 46.19
C SER H 62 60.82 -50.29 46.99
N LYS H 63 60.27 -50.51 48.18
CA LYS H 63 60.67 -51.64 49.00
C LYS H 63 60.08 -52.92 48.42
N VAL H 64 60.92 -53.92 48.21
CA VAL H 64 60.52 -55.21 47.67
C VAL H 64 60.56 -56.22 48.81
N ASN H 65 59.43 -56.89 49.04
CA ASN H 65 59.31 -57.85 50.14
C ASN H 65 59.87 -59.22 49.76
N ASP H 66 61.08 -59.26 49.21
CA ASP H 66 61.74 -60.51 48.88
C ASP H 66 63.23 -60.28 48.87
N LYS H 67 63.98 -61.06 49.66
CA LYS H 67 65.41 -60.83 49.78
C LYS H 67 66.14 -61.08 48.47
N GLN H 68 65.79 -62.17 47.78
CA GLN H 68 66.45 -62.50 46.52
C GLN H 68 66.15 -61.44 45.45
N VAL H 69 64.89 -61.04 45.32
CA VAL H 69 64.51 -60.07 44.30
C VAL H 69 65.11 -58.70 44.61
N SER H 70 65.11 -58.29 45.88
CA SER H 70 65.70 -57.01 46.24
C SER H 70 67.18 -56.97 45.87
N GLU H 71 67.88 -58.10 46.00
CA GLU H 71 69.28 -58.17 45.60
C GLU H 71 69.43 -57.96 44.10
N PHE H 72 68.53 -58.53 43.31
CA PHE H 72 68.57 -58.34 41.86
C PHE H 72 68.36 -56.86 41.51
N LEU H 73 67.43 -56.20 42.19
CA LEU H 73 67.07 -54.83 41.86
C LEU H 73 67.98 -53.80 42.53
N LYS H 74 69.15 -54.22 43.02
CA LYS H 74 70.09 -53.30 43.63
C LYS H 74 70.62 -52.31 42.60
N ASP H 75 71.04 -51.15 43.09
CA ASP H 75 71.48 -50.08 42.21
C ASP H 75 72.69 -50.50 41.37
N GLU H 76 73.62 -51.23 41.98
CA GLU H 76 74.79 -51.69 41.24
C GLU H 76 74.40 -52.58 40.07
N ASN H 77 73.31 -53.33 40.21
CA ASN H 77 72.82 -54.17 39.12
C ASN H 77 72.03 -53.37 38.09
N MET H 78 71.28 -52.37 38.54
CA MET H 78 70.38 -51.64 37.66
C MET H 78 71.06 -50.55 36.84
N GLU H 79 72.31 -50.22 37.15
CA GLU H 79 72.99 -49.12 36.46
C GLU H 79 73.23 -49.38 34.98
N LYS H 80 73.16 -50.63 34.52
CA LYS H 80 73.38 -50.90 33.10
C LYS H 80 72.18 -50.53 32.21
N PHE H 81 71.03 -50.21 32.78
CA PHE H 81 69.86 -49.84 32.01
C PHE H 81 69.53 -48.37 32.19
N ASN H 82 68.94 -47.77 31.15
CA ASN H 82 68.58 -46.35 31.16
C ASN H 82 67.06 -46.19 31.16
N VAL H 83 66.62 -44.95 31.39
CA VAL H 83 65.21 -44.64 31.59
C VAL H 83 64.59 -43.97 30.36
N LYS H 84 65.21 -44.13 29.19
CA LYS H 84 64.66 -43.54 27.97
C LYS H 84 63.22 -43.98 27.73
N LEU H 85 62.39 -43.01 27.34
CA LEU H 85 60.96 -43.23 27.17
C LEU H 85 60.69 -44.34 26.16
N GLY H 86 59.97 -45.38 26.61
CA GLY H 86 59.58 -46.48 25.76
C GLY H 86 60.44 -47.74 25.90
N THR H 87 61.65 -47.61 26.42
CA THR H 87 62.53 -48.76 26.57
C THR H 87 62.02 -49.71 27.65
N SER H 88 62.30 -51.00 27.45
CA SER H 88 61.82 -52.04 28.35
C SER H 88 62.84 -53.17 28.41
N LYS H 89 62.86 -53.86 29.56
CA LYS H 89 63.76 -54.99 29.81
C LYS H 89 63.02 -56.05 30.61
N HIS H 90 63.48 -57.30 30.49
CA HIS H 90 62.95 -58.43 31.23
C HIS H 90 64.05 -59.08 32.06
N PHE H 91 63.69 -59.50 33.28
CA PHE H 91 64.61 -60.20 34.16
C PHE H 91 63.99 -61.52 34.61
N TYR H 92 64.84 -62.55 34.73
CA TYR H 92 64.45 -63.86 35.24
C TYR H 92 65.21 -64.15 36.53
N MET H 93 64.51 -64.61 37.56
CA MET H 93 65.17 -64.93 38.82
C MET H 93 64.28 -65.86 39.63
N PHE H 94 64.85 -66.37 40.72
CA PHE H 94 64.12 -67.16 41.71
C PHE H 94 63.94 -66.33 42.97
N ASN H 95 62.75 -66.39 43.56
CA ASN H 95 62.44 -65.60 44.74
C ASN H 95 62.85 -66.36 46.00
N ASP H 96 62.41 -65.86 47.16
CA ASP H 96 62.78 -66.47 48.44
C ASP H 96 62.24 -67.90 48.55
N ASN H 97 61.09 -68.18 47.94
CA ASN H 97 60.50 -69.50 47.98
C ASN H 97 60.97 -70.41 46.86
N LYS H 98 62.10 -70.06 46.23
CA LYS H 98 62.69 -70.83 45.12
C LYS H 98 61.72 -70.97 43.95
N ASN H 99 60.91 -69.94 43.71
CA ASN H 99 59.97 -69.91 42.60
C ASN H 99 60.45 -68.93 41.53
N SER H 100 60.27 -69.31 40.27
CA SER H 100 60.65 -68.46 39.15
C SER H 100 59.70 -67.28 39.01
N VAL H 101 60.26 -66.07 38.95
CA VAL H 101 59.49 -64.84 38.77
C VAL H 101 60.11 -64.03 37.64
N ALA H 102 59.27 -63.20 37.02
CA ALA H 102 59.69 -62.30 35.95
C ALA H 102 59.51 -60.85 36.37
N VAL H 103 60.58 -60.07 36.27
CA VAL H 103 60.59 -58.67 36.68
C VAL H 103 61.16 -57.84 35.53
N GLY H 104 60.69 -56.60 35.43
CA GLY H 104 61.20 -55.69 34.41
C GLY H 104 60.79 -54.27 34.69
N TYR H 105 61.07 -53.40 33.71
CA TYR H 105 60.76 -51.99 33.85
C TYR H 105 60.39 -51.41 32.49
N VAL H 106 59.78 -50.23 32.52
CA VAL H 106 59.49 -49.44 31.32
C VAL H 106 59.99 -48.02 31.57
N GLY H 107 60.80 -47.51 30.66
CA GLY H 107 61.36 -46.18 30.82
C GLY H 107 60.31 -45.10 30.58
N CYS H 108 60.29 -44.10 31.46
CA CYS H 108 59.32 -43.01 31.39
C CYS H 108 59.97 -41.66 31.09
N GLY H 109 61.16 -41.66 30.49
CA GLY H 109 61.78 -40.42 30.07
C GLY H 109 62.40 -39.63 31.21
N SER H 110 62.56 -38.33 30.98
CA SER H 110 63.20 -37.44 31.93
C SER H 110 62.33 -36.28 32.38
N VAL H 111 61.13 -36.13 31.84
CA VAL H 111 60.22 -35.07 32.25
C VAL H 111 59.30 -35.60 33.33
N ALA H 112 59.07 -34.79 34.36
CA ALA H 112 58.27 -35.24 35.50
C ALA H 112 56.80 -35.37 35.12
N ASP H 113 56.30 -34.47 34.29
CA ASP H 113 54.90 -34.47 33.89
C ASP H 113 54.77 -35.13 32.52
N LEU H 114 54.15 -36.31 32.48
CA LEU H 114 53.94 -37.03 31.23
C LEU H 114 52.63 -36.55 30.59
N SER H 115 52.69 -36.22 29.32
CA SER H 115 51.49 -35.88 28.57
C SER H 115 50.72 -37.15 28.22
N GLU H 116 49.52 -36.95 27.64
CA GLU H 116 48.75 -38.10 27.18
C GLU H 116 49.49 -38.86 26.10
N ALA H 117 50.27 -38.15 25.27
CA ALA H 117 51.09 -38.82 24.26
C ALA H 117 52.23 -39.60 24.92
N ASP H 118 52.81 -39.05 25.99
CA ASP H 118 53.88 -39.77 26.70
C ASP H 118 53.34 -41.05 27.33
N MET H 119 52.17 -40.97 27.97
CA MET H 119 51.56 -42.16 28.56
C MET H 119 51.21 -43.19 27.50
N LYS H 120 50.82 -42.74 26.31
CA LYS H 120 50.52 -43.68 25.23
C LYS H 120 51.76 -44.50 24.85
N ARG H 121 52.92 -43.84 24.78
CA ARG H 121 54.14 -44.57 24.47
C ARG H 121 54.52 -45.53 25.59
N VAL H 122 54.29 -45.14 26.84
CA VAL H 122 54.58 -46.01 27.97
C VAL H 122 53.65 -47.23 27.95
N VAL H 123 52.36 -47.01 27.71
CA VAL H 123 51.41 -48.12 27.70
C VAL H 123 51.69 -49.07 26.54
N LEU H 124 52.02 -48.52 25.36
CA LEU H 124 52.29 -49.38 24.21
C LEU H 124 53.51 -50.26 24.45
N SER H 125 54.52 -49.74 25.15
CA SER H 125 55.65 -50.58 25.54
C SER H 125 55.21 -51.67 26.52
N LEU H 126 54.28 -51.34 27.42
CA LEU H 126 53.75 -52.33 28.33
C LEU H 126 52.99 -53.42 27.59
N VAL H 127 52.17 -53.03 26.60
CA VAL H 127 51.37 -54.00 25.87
C VAL H 127 52.26 -54.93 25.05
N THR H 128 53.38 -54.42 24.53
CA THR H 128 54.33 -55.29 23.82
C THR H 128 54.85 -56.39 24.72
N MET H 129 55.04 -56.08 26.01
CA MET H 129 55.48 -57.10 26.96
C MET H 129 54.34 -58.06 27.29
N LEU H 130 53.09 -57.59 27.21
CA LEU H 130 51.95 -58.47 27.45
C LEU H 130 51.72 -59.41 26.27
N HIS H 131 52.06 -58.98 25.06
CA HIS H 131 51.85 -59.79 23.87
C HIS H 131 52.92 -60.89 23.79
N ASP H 132 52.55 -62.00 23.16
CA ASP H 132 53.42 -63.16 22.97
C ASP H 132 54.01 -63.69 24.28
N ASN H 133 53.24 -63.57 25.36
CA ASN H 133 53.65 -64.09 26.66
C ASN H 133 52.39 -64.57 27.36
N LYS H 134 52.39 -65.84 27.74
CA LYS H 134 51.21 -66.50 28.31
C LYS H 134 51.13 -66.30 29.82
N LEU H 135 51.21 -65.05 30.27
CA LEU H 135 51.22 -64.75 31.70
C LEU H 135 49.80 -64.72 32.26
N SER H 136 49.68 -65.01 33.56
CA SER H 136 48.41 -65.03 34.28
C SER H 136 48.14 -63.77 35.10
N LYS H 137 49.19 -63.06 35.55
CA LYS H 137 49.18 -61.81 36.31
C LYS H 137 50.19 -60.85 35.74
N LEU H 138 49.80 -59.58 35.74
CA LEU H 138 50.71 -58.48 35.54
C LEU H 138 50.66 -57.55 36.75
N THR H 139 51.84 -57.15 37.26
CA THR H 139 51.94 -56.22 38.37
C THR H 139 52.74 -55.00 37.93
N VAL H 140 52.15 -53.82 38.11
CA VAL H 140 52.78 -52.56 37.74
C VAL H 140 53.06 -51.78 39.02
N VAL H 141 54.31 -51.36 39.19
CA VAL H 141 54.75 -50.60 40.35
C VAL H 141 55.01 -49.18 39.87
N PHE H 142 54.22 -48.24 40.37
CA PHE H 142 54.30 -46.85 39.91
C PHE H 142 55.39 -46.12 40.69
N GLU H 143 56.59 -46.07 40.09
CA GLU H 143 57.65 -45.19 40.59
C GLU H 143 57.67 -43.88 39.83
N ILE H 144 56.53 -43.48 39.26
CA ILE H 144 56.41 -42.21 38.57
C ILE H 144 55.26 -41.43 39.23
N ASN H 145 55.17 -40.16 38.89
CA ASN H 145 54.31 -39.20 39.59
C ASN H 145 53.13 -38.82 38.69
N VAL H 146 51.93 -39.29 39.02
CA VAL H 146 50.73 -39.03 38.22
C VAL H 146 49.54 -38.68 39.10
N ASP H 147 48.65 -37.83 38.58
CA ASP H 147 47.41 -37.48 39.26
C ASP H 147 46.37 -38.57 39.06
N LYS H 148 45.18 -38.37 39.64
CA LYS H 148 44.11 -39.35 39.52
C LYS H 148 43.64 -39.51 38.08
N ASN H 149 43.55 -38.41 37.34
CA ASN H 149 43.10 -38.48 35.96
C ASN H 149 44.10 -39.22 35.08
N LEU H 150 45.39 -38.93 35.26
CA LEU H 150 46.41 -39.61 34.46
C LEU H 150 46.54 -41.08 34.82
N PHE H 151 46.30 -41.44 36.08
CA PHE H 151 46.32 -42.85 36.46
C PHE H 151 45.16 -43.60 35.81
N ARG H 152 43.97 -43.00 35.81
CA ARG H 152 42.85 -43.60 35.10
C ARG H 152 43.14 -43.70 33.61
N PHE H 153 43.78 -42.67 33.04
CA PHE H 153 44.15 -42.70 31.63
C PHE H 153 45.10 -43.86 31.34
N PHE H 154 46.00 -44.16 32.27
CA PHE H 154 46.90 -45.30 32.11
C PHE H 154 46.11 -46.59 32.00
N LEU H 155 45.09 -46.78 32.86
CA LEU H 155 44.31 -48.00 32.83
C LEU H 155 43.43 -48.07 31.58
N GLU H 156 42.78 -46.96 31.20
CA GLU H 156 41.96 -46.94 29.99
C GLU H 156 42.79 -47.31 28.77
N THR H 157 43.94 -46.65 28.59
CA THR H 157 44.78 -46.93 27.45
C THR H 157 45.33 -48.36 27.50
N LEU H 158 45.70 -48.83 28.69
CA LEU H 158 46.14 -50.21 28.83
C LEU H 158 45.04 -51.18 28.41
N PHE H 159 43.83 -50.99 28.96
CA PHE H 159 42.71 -51.87 28.61
C PHE H 159 42.40 -51.81 27.13
N TYR H 160 42.40 -50.60 26.55
CA TYR H 160 42.01 -50.44 25.14
C TYR H 160 43.04 -51.08 24.21
N GLU H 161 44.32 -50.75 24.39
CA GLU H 161 45.35 -51.28 23.50
C GLU H 161 45.56 -52.77 23.70
N TYR H 162 45.38 -53.27 24.93
CA TYR H 162 45.51 -54.70 25.17
C TYR H 162 44.45 -55.50 24.42
N MET H 163 43.23 -54.96 24.36
CA MET H 163 42.13 -55.66 23.72
C MET H 163 42.35 -55.77 22.22
N THR H 164 42.01 -56.93 21.65
CA THR H 164 42.15 -57.19 20.23
C THR H 164 40.79 -57.56 19.65
N ASP H 165 40.41 -56.86 18.58
CA ASP H 165 39.11 -57.05 17.93
C ASP H 165 39.23 -58.17 16.91
N GLU H 166 38.54 -59.28 17.16
CA GLU H 166 38.59 -60.46 16.29
C GLU H 166 37.21 -60.83 15.75
N ARG H 167 36.25 -59.91 15.76
CA ARG H 167 34.90 -60.23 15.34
C ARG H 167 34.86 -60.67 13.89
N PHE H 168 35.77 -60.17 13.06
CA PHE H 168 35.74 -60.44 11.63
C PHE H 168 36.84 -61.41 11.18
N LYS H 169 37.53 -62.06 12.11
CA LYS H 169 38.50 -63.09 11.76
C LYS H 169 37.80 -64.45 11.73
N SER H 170 37.96 -65.16 10.62
CA SER H 170 37.45 -66.53 10.52
C SER H 170 38.58 -67.55 10.63
N THR H 171 39.36 -67.68 9.57
CA THR H 171 40.46 -68.64 9.51
C THR H 171 41.76 -68.10 10.10
N ASP H 172 41.80 -66.84 10.50
CA ASP H 172 43.02 -66.25 11.03
C ASP H 172 42.84 -65.80 12.47
N LYS H 173 42.37 -66.72 13.32
CA LYS H 173 42.07 -66.39 14.71
C LYS H 173 43.37 -66.26 15.51
N ASN H 174 43.25 -66.26 16.84
CA ASN H 174 44.36 -65.93 17.71
C ASN H 174 45.38 -67.07 17.81
N VAL H 175 44.95 -68.32 17.64
CA VAL H 175 45.77 -69.50 17.90
C VAL H 175 46.27 -69.46 19.33
N ASN H 176 47.21 -68.57 19.63
CA ASN H 176 47.64 -68.34 21.00
C ASN H 176 46.80 -67.23 21.63
N MET H 177 47.47 -66.22 22.18
CA MET H 177 46.81 -65.05 22.77
C MET H 177 45.86 -65.42 23.90
N GLU H 178 46.38 -65.47 25.13
CA GLU H 178 45.56 -65.65 26.33
C GLU H 178 45.76 -64.44 27.22
N TYR H 179 44.66 -63.76 27.53
CA TYR H 179 44.71 -62.57 28.37
C TYR H 179 45.02 -62.91 29.82
N ILE H 180 45.68 -61.98 30.50
CA ILE H 180 45.93 -62.15 31.92
C ILE H 180 44.59 -62.13 32.67
N LYS H 181 44.59 -62.73 33.86
CA LYS H 181 43.40 -62.77 34.69
C LYS H 181 43.48 -61.89 35.93
N HIS H 182 44.66 -61.37 36.26
CA HIS H 182 44.83 -60.51 37.44
C HIS H 182 45.77 -59.37 37.11
N LEU H 183 45.48 -58.19 37.65
CA LEU H 183 46.34 -57.02 37.50
C LEU H 183 46.56 -56.38 38.86
N GLY H 184 47.82 -56.28 39.28
CA GLY H 184 48.19 -55.64 40.53
C GLY H 184 48.87 -54.31 40.28
N VAL H 185 48.53 -53.32 41.11
CA VAL H 185 49.06 -51.96 40.98
C VAL H 185 49.56 -51.52 42.36
N TYR H 186 50.82 -51.09 42.43
CA TYR H 186 51.41 -50.54 43.65
C TYR H 186 51.64 -49.04 43.47
N ILE H 187 51.08 -48.25 44.40
CA ILE H 187 51.20 -46.80 44.33
C ILE H 187 50.92 -46.24 45.73
N ASN H 188 51.62 -45.18 46.09
CA ASN H 188 51.32 -44.42 47.30
C ASN H 188 49.94 -43.79 47.17
N ASN H 189 49.19 -43.72 48.30
CA ASN H 189 47.82 -43.22 48.22
C ASN H 189 46.96 -44.01 47.23
N ALA H 190 47.11 -45.33 47.35
CA ALA H 190 46.26 -46.25 46.61
C ALA H 190 44.79 -46.00 46.92
N ASP H 191 44.49 -45.59 48.16
CA ASP H 191 43.10 -45.39 48.55
C ASP H 191 42.46 -44.28 47.74
N THR H 192 43.24 -43.25 47.38
CA THR H 192 42.71 -42.17 46.57
C THR H 192 42.62 -42.55 45.10
N TYR H 193 43.40 -43.54 44.65
CA TYR H 193 43.38 -43.99 43.27
C TYR H 193 42.43 -45.17 43.04
N LYS H 194 41.91 -45.77 44.11
CA LYS H 194 41.12 -46.98 43.97
C LYS H 194 39.80 -46.73 43.25
N GLU H 195 39.23 -45.53 43.42
CA GLU H 195 37.95 -45.24 42.77
C GLU H 195 38.10 -45.10 41.25
N GLU H 196 39.32 -44.95 40.75
CA GLU H 196 39.55 -44.83 39.33
C GLU H 196 39.56 -46.18 38.60
N VAL H 197 39.62 -47.29 39.34
CA VAL H 197 39.73 -48.59 38.69
C VAL H 197 38.46 -48.92 37.91
N GLU H 198 37.31 -48.91 38.60
CA GLU H 198 36.06 -49.25 37.93
C GLU H 198 35.62 -48.15 36.98
N LYS H 199 36.02 -46.90 37.23
CA LYS H 199 35.73 -45.82 36.30
C LYS H 199 36.52 -46.00 35.00
N ALA H 200 37.77 -46.45 35.11
CA ALA H 200 38.57 -46.71 33.92
C ALA H 200 37.98 -47.85 33.10
N ARG H 201 37.48 -48.90 33.78
CA ARG H 201 36.89 -50.02 33.06
C ARG H 201 35.64 -49.59 32.30
N VAL H 202 34.83 -48.73 32.90
CA VAL H 202 33.66 -48.20 32.22
C VAL H 202 34.09 -47.29 31.06
N TYR H 203 35.05 -46.41 31.31
CA TYR H 203 35.55 -45.55 30.25
C TYR H 203 36.20 -46.35 29.13
N TYR H 204 36.87 -47.45 29.47
CA TYR H 204 37.51 -48.27 28.46
C TYR H 204 36.48 -48.83 27.49
N PHE H 205 35.41 -49.43 28.01
CA PHE H 205 34.45 -50.10 27.14
C PHE H 205 33.67 -49.11 26.29
N GLY H 206 33.34 -47.95 26.85
CA GLY H 206 32.67 -46.92 26.07
C GLY H 206 33.42 -46.55 24.81
N THR H 207 34.75 -46.37 24.91
CA THR H 207 35.55 -46.12 23.73
C THR H 207 35.67 -47.37 22.87
N TYR H 208 35.84 -48.54 23.50
CA TYR H 208 35.98 -49.77 22.72
C TYR H 208 34.67 -50.14 22.04
N TYR H 209 33.53 -49.89 22.70
CA TYR H 209 32.24 -50.12 22.06
C TYR H 209 32.09 -49.23 20.84
N ALA H 210 32.43 -47.94 20.97
CA ALA H 210 32.41 -47.04 19.83
C ALA H 210 33.39 -47.51 18.75
N SER H 211 34.56 -48.00 19.17
CA SER H 211 35.53 -48.52 18.21
C SER H 211 34.97 -49.71 17.45
N GLN H 212 34.17 -50.55 18.13
CA GLN H 212 33.57 -51.70 17.45
C GLN H 212 32.60 -51.25 16.37
N LEU H 213 31.83 -50.19 16.65
CA LEU H 213 30.89 -49.67 15.66
C LEU H 213 31.63 -49.03 14.48
N ILE H 214 32.69 -48.26 14.76
CA ILE H 214 33.43 -47.60 13.69
C ILE H 214 34.15 -48.62 12.82
N ALA H 215 34.84 -49.57 13.44
CA ALA H 215 35.60 -50.56 12.68
C ALA H 215 34.69 -51.49 11.88
N ALA H 216 33.46 -51.68 12.33
CA ALA H 216 32.51 -52.51 11.61
C ALA H 216 32.28 -51.97 10.21
N PRO H 217 32.48 -52.76 9.16
CA PRO H 217 32.32 -52.25 7.80
C PRO H 217 30.88 -51.84 7.51
N SER H 218 30.73 -51.13 6.40
CA SER H 218 29.44 -50.50 6.07
C SER H 218 28.37 -51.51 5.70
N ASN H 219 28.76 -52.72 5.27
CA ASN H 219 27.75 -53.74 5.02
C ASN H 219 27.24 -54.35 6.33
N TYR H 220 28.08 -54.37 7.37
CA TYR H 220 27.61 -54.77 8.69
C TYR H 220 26.92 -53.62 9.40
N CYS H 221 27.54 -52.45 9.38
CA CYS H 221 27.04 -51.26 10.09
C CYS H 221 26.36 -50.35 9.07
N ASN H 222 25.04 -50.47 8.96
CA ASN H 222 24.22 -49.66 8.06
C ASN H 222 23.22 -48.88 8.92
N PRO H 223 22.47 -47.92 8.35
CA PRO H 223 21.53 -47.16 9.18
C PRO H 223 20.55 -48.00 9.97
N VAL H 224 20.11 -49.13 9.43
CA VAL H 224 19.15 -49.98 10.14
C VAL H 224 19.86 -50.76 11.24
N SER H 225 20.99 -51.39 10.91
CA SER H 225 21.68 -52.21 11.90
C SER H 225 22.31 -51.36 13.01
N LEU H 226 22.73 -50.13 12.69
CA LEU H 226 23.30 -49.27 13.72
C LEU H 226 22.23 -48.79 14.70
N SER H 227 21.06 -48.40 14.18
CA SER H 227 19.97 -48.00 15.06
C SER H 227 19.44 -49.18 15.86
N ASN H 228 19.44 -50.39 15.27
CA ASN H 228 19.07 -51.58 16.02
C ASN H 228 20.02 -51.81 17.20
N ALA H 229 21.31 -51.63 16.97
CA ALA H 229 22.28 -51.77 18.07
C ALA H 229 22.09 -50.71 19.14
N ALA H 230 21.68 -49.50 18.74
CA ALA H 230 21.41 -48.45 19.72
C ALA H 230 20.22 -48.83 20.60
N VAL H 231 19.19 -49.44 20.02
CA VAL H 231 18.05 -49.91 20.79
C VAL H 231 18.50 -50.98 21.79
N GLU H 232 19.29 -51.94 21.33
CA GLU H 232 19.78 -53.00 22.21
C GLU H 232 20.62 -52.42 23.35
N LEU H 233 21.44 -51.42 23.05
CA LEU H 233 22.23 -50.78 24.10
C LEU H 233 21.35 -50.04 25.09
N ALA H 234 20.36 -49.29 24.59
CA ALA H 234 19.46 -48.56 25.47
C ALA H 234 18.65 -49.51 26.35
N GLN H 235 18.28 -50.68 25.81
CA GLN H 235 17.55 -51.66 26.60
C GLN H 235 18.41 -52.23 27.72
N LYS H 236 19.69 -52.44 27.45
CA LYS H 236 20.59 -52.99 28.47
C LYS H 236 20.85 -52.01 29.60
N LEU H 237 20.74 -50.70 29.32
CA LEU H 237 21.01 -49.67 30.31
C LEU H 237 19.75 -49.05 30.89
N ASN H 238 18.57 -49.51 30.47
CA ASN H 238 17.29 -48.96 30.92
C ASN H 238 17.17 -47.47 30.58
N LEU H 239 17.65 -47.10 29.39
CA LEU H 239 17.46 -45.75 28.88
C LEU H 239 16.21 -45.70 28.02
N GLU H 240 15.55 -44.54 28.03
CA GLU H 240 14.45 -44.31 27.10
C GLU H 240 15.00 -44.23 25.69
N TYR H 241 14.27 -44.83 24.74
CA TYR H 241 14.73 -44.87 23.36
C TYR H 241 13.55 -44.65 22.41
N LYS H 242 13.86 -44.05 21.26
CA LYS H 242 12.87 -43.79 20.23
C LYS H 242 13.60 -43.68 18.91
N ILE H 243 13.20 -44.48 17.92
CA ILE H 243 13.82 -44.49 16.60
C ILE H 243 12.81 -43.93 15.61
N LEU H 244 13.14 -42.80 15.01
CA LEU H 244 12.24 -42.11 14.08
C LEU H 244 12.48 -42.65 12.68
N GLY H 245 11.41 -43.16 12.06
CA GLY H 245 11.49 -43.67 10.70
C GLY H 245 11.18 -42.61 9.66
N VAL H 246 11.22 -43.04 8.40
CA VAL H 246 11.09 -42.09 7.29
C VAL H 246 9.76 -41.35 7.36
N LYS H 247 8.69 -42.06 7.72
CA LYS H 247 7.37 -41.42 7.78
C LYS H 247 7.33 -40.35 8.86
N GLU H 248 7.89 -40.63 10.04
CA GLU H 248 7.95 -39.61 11.08
C GLU H 248 8.90 -38.48 10.69
N LEU H 249 10.02 -38.81 10.03
CA LEU H 249 10.94 -37.78 9.59
C LEU H 249 10.33 -36.88 8.52
N GLU H 250 9.49 -37.45 7.65
CA GLU H 250 8.77 -36.65 6.67
C GLU H 250 7.80 -35.68 7.33
N GLU H 251 7.11 -36.14 8.39
CA GLU H 251 6.17 -35.26 9.10
C GLU H 251 6.89 -34.10 9.76
N LEU H 252 8.13 -34.30 10.19
CA LEU H 252 8.97 -33.28 10.82
C LEU H 252 9.69 -32.36 9.82
N LYS H 253 9.41 -32.46 8.52
CA LYS H 253 10.00 -31.57 7.51
C LYS H 253 11.51 -31.71 7.42
N MET H 254 12.08 -32.89 7.72
CA MET H 254 13.53 -33.05 7.73
C MET H 254 14.05 -33.29 6.31
N GLY H 255 13.97 -32.24 5.50
CA GLY H 255 14.35 -32.37 4.09
C GLY H 255 15.84 -32.50 3.88
N ALA H 256 16.64 -31.78 4.68
CA ALA H 256 18.09 -31.85 4.53
C ALA H 256 18.62 -33.23 4.89
N TYR H 257 18.20 -33.75 6.05
CA TYR H 257 18.64 -35.08 6.48
C TYR H 257 18.12 -36.16 5.55
N LEU H 258 16.86 -36.06 5.12
CA LEU H 258 16.28 -37.09 4.26
C LEU H 258 16.89 -37.08 2.87
N SER H 259 17.31 -35.91 2.38
CA SER H 259 17.88 -35.82 1.04
C SER H 259 19.20 -36.58 0.94
N VAL H 260 19.98 -36.61 2.01
CA VAL H 260 21.27 -37.29 1.99
C VAL H 260 21.08 -38.79 1.77
N GLY H 261 20.08 -39.38 2.41
CA GLY H 261 19.83 -40.80 2.34
C GLY H 261 18.94 -41.24 1.21
N LYS H 262 18.55 -40.33 0.30
CA LYS H 262 17.63 -40.68 -0.78
C LYS H 262 18.21 -41.79 -1.66
N GLY H 263 19.51 -41.74 -1.92
CA GLY H 263 20.15 -42.71 -2.80
C GLY H 263 20.56 -44.01 -2.17
N SER H 264 20.20 -44.26 -0.90
CA SER H 264 20.61 -45.47 -0.19
C SER H 264 19.49 -46.49 -0.19
N MET H 265 19.89 -47.77 -0.19
CA MET H 265 18.94 -48.87 -0.03
C MET H 265 18.47 -49.04 1.41
N TYR H 266 19.11 -48.36 2.37
CA TYR H 266 18.75 -48.44 3.78
C TYR H 266 17.96 -47.21 4.18
N PRO H 267 16.77 -47.37 4.76
CA PRO H 267 15.98 -46.21 5.18
C PRO H 267 16.67 -45.45 6.29
N ASN H 268 16.42 -44.14 6.33
CA ASN H 268 16.98 -43.30 7.36
C ASN H 268 16.43 -43.69 8.73
N LYS H 269 17.28 -43.60 9.75
CA LYS H 269 16.90 -43.92 11.12
C LYS H 269 17.48 -42.87 12.05
N PHE H 270 16.61 -42.18 12.77
CA PHE H 270 17.02 -41.15 13.72
C PHE H 270 17.05 -41.75 15.12
N ILE H 271 18.22 -41.78 15.73
CA ILE H 271 18.41 -42.37 17.05
C ILE H 271 18.17 -41.30 18.11
N HIS H 272 17.34 -41.64 19.10
CA HIS H 272 17.08 -40.74 20.23
C HIS H 272 17.09 -41.58 21.51
N LEU H 273 18.21 -41.55 22.22
CA LEU H 273 18.32 -42.14 23.54
C LEU H 273 18.27 -41.05 24.59
N THR H 274 17.69 -41.37 25.74
CA THR H 274 17.54 -40.38 26.82
C THR H 274 17.91 -41.00 28.15
N TYR H 275 18.74 -40.30 28.92
CA TYR H 275 19.02 -40.64 30.30
C TYR H 275 18.52 -39.49 31.19
N LYS H 276 17.61 -39.80 32.10
CA LYS H 276 17.13 -38.83 33.08
C LYS H 276 17.55 -39.27 34.47
N SER H 277 17.90 -38.31 35.31
CA SER H 277 18.32 -38.60 36.67
C SER H 277 17.10 -38.67 37.58
N LYS H 278 17.25 -39.39 38.69
CA LYS H 278 16.15 -39.52 39.64
C LYS H 278 15.94 -38.24 40.44
N GLY H 279 17.01 -37.49 40.70
CA GLY H 279 16.91 -36.25 41.43
C GLY H 279 16.40 -35.10 40.60
N ASP H 280 16.47 -33.91 41.19
CA ASP H 280 16.08 -32.69 40.49
C ASP H 280 17.04 -32.44 39.33
N VAL H 281 16.51 -32.30 38.13
CA VAL H 281 17.32 -32.05 36.94
C VAL H 281 17.79 -30.60 36.94
N LYS H 282 19.10 -30.40 36.98
CA LYS H 282 19.69 -29.07 36.97
C LYS H 282 20.29 -28.68 35.63
N LYS H 283 20.63 -29.65 34.78
CA LYS H 283 21.19 -29.38 33.47
C LYS H 283 20.62 -30.36 32.45
N LYS H 284 20.17 -29.84 31.32
CA LYS H 284 19.68 -30.66 30.21
C LYS H 284 20.64 -30.51 29.05
N ILE H 285 21.13 -31.64 28.53
CA ILE H 285 22.18 -31.65 27.51
C ILE H 285 21.73 -32.55 26.36
N ALA H 286 22.01 -32.10 25.14
CA ALA H 286 21.77 -32.88 23.93
C ALA H 286 23.11 -33.15 23.25
N LEU H 287 23.41 -34.42 23.02
CA LEU H 287 24.63 -34.82 22.34
C LEU H 287 24.26 -35.34 20.95
N VAL H 288 24.82 -34.71 19.92
CA VAL H 288 24.49 -35.01 18.54
C VAL H 288 25.70 -35.62 17.86
N GLY H 289 25.53 -36.79 17.26
CA GLY H 289 26.61 -37.45 16.57
C GLY H 289 26.32 -37.65 15.09
N LYS H 290 27.30 -37.34 14.25
CA LYS H 290 27.15 -37.57 12.82
C LYS H 290 27.14 -39.07 12.54
N GLY H 291 26.11 -39.53 11.86
CA GLY H 291 25.95 -40.96 11.64
C GLY H 291 25.84 -41.37 10.19
N ILE H 292 26.87 -41.08 9.41
CA ILE H 292 26.95 -41.54 8.03
C ILE H 292 27.66 -42.89 8.04
N THR H 293 26.89 -43.96 7.83
CA THR H 293 27.47 -45.29 7.91
C THR H 293 28.45 -45.54 6.77
N PHE H 294 28.23 -44.92 5.62
CA PHE H 294 29.22 -44.89 4.56
C PHE H 294 29.06 -43.60 3.76
N ASP H 295 30.18 -42.95 3.48
CA ASP H 295 30.20 -41.69 2.75
C ASP H 295 30.92 -41.91 1.42
N SER H 296 30.15 -42.29 0.40
CA SER H 296 30.72 -42.38 -0.94
C SER H 296 30.98 -41.01 -1.55
N GLY H 297 30.37 -39.96 -0.99
CA GLY H 297 30.43 -38.64 -1.54
C GLY H 297 29.23 -38.25 -2.38
N GLY H 298 28.35 -39.20 -2.71
CA GLY H 298 27.27 -38.91 -3.61
C GLY H 298 27.77 -38.72 -5.03
N TYR H 299 27.02 -37.96 -5.83
CA TYR H 299 27.46 -37.69 -7.18
C TYR H 299 28.76 -36.88 -7.21
N ASN H 300 29.08 -36.18 -6.14
CA ASN H 300 30.44 -35.68 -5.91
C ASN H 300 31.30 -36.81 -5.33
N LEU H 301 31.48 -37.85 -6.15
CA LEU H 301 32.11 -39.07 -5.68
C LEU H 301 33.52 -38.82 -5.19
N LYS H 302 33.92 -39.55 -4.14
CA LYS H 302 35.28 -39.46 -3.59
C LYS H 302 36.21 -40.24 -4.52
N ALA H 303 36.58 -39.58 -5.62
CA ALA H 303 37.47 -40.18 -6.61
C ALA H 303 38.79 -39.43 -6.76
N ALA H 304 38.93 -38.26 -6.16
CA ALA H 304 40.17 -37.53 -6.25
C ALA H 304 41.27 -38.24 -5.47
N PRO H 305 42.52 -38.09 -5.90
CA PRO H 305 43.63 -38.72 -5.15
C PRO H 305 43.69 -38.23 -3.72
N GLY H 306 43.85 -39.16 -2.79
CA GLY H 306 43.91 -38.84 -1.38
C GLY H 306 42.58 -38.73 -0.67
N SER H 307 41.47 -38.90 -1.39
CA SER H 307 40.16 -38.82 -0.77
C SER H 307 39.87 -40.02 0.13
N MET H 308 40.54 -41.14 -0.11
CA MET H 308 40.48 -42.31 0.77
C MET H 308 39.05 -42.78 1.00
N ILE H 309 38.41 -43.22 -0.08
CA ILE H 309 37.01 -43.66 0.00
C ILE H 309 36.90 -44.92 0.84
N ASP H 310 37.97 -45.73 0.93
CA ASP H 310 37.92 -46.97 1.68
C ASP H 310 37.90 -46.74 3.19
N LEU H 311 38.19 -45.52 3.65
CA LEU H 311 38.11 -45.20 5.07
C LEU H 311 36.71 -44.76 5.50
N MET H 312 35.86 -44.40 4.55
CA MET H 312 34.62 -43.69 4.85
C MET H 312 33.59 -44.53 5.61
N LYS H 313 33.92 -45.75 6.05
CA LYS H 313 33.09 -46.42 7.04
C LYS H 313 33.15 -45.73 8.39
N PHE H 314 34.16 -44.90 8.61
CA PHE H 314 34.35 -44.21 9.88
C PHE H 314 33.52 -42.94 9.98
N ASP H 315 32.71 -42.61 8.97
CA ASP H 315 31.97 -41.36 8.97
C ASP H 315 30.81 -41.35 9.96
N MET H 316 30.60 -42.44 10.70
CA MET H 316 29.66 -42.45 11.81
C MET H 316 30.38 -42.46 13.15
N SER H 317 31.63 -42.02 13.19
CA SER H 317 32.39 -41.98 14.43
C SER H 317 31.75 -41.05 15.44
N GLY H 318 31.15 -39.94 14.98
CA GLY H 318 30.44 -39.06 15.89
C GLY H 318 29.26 -39.75 16.57
N CYS H 319 28.47 -40.49 15.78
CA CYS H 319 27.39 -41.27 16.37
C CYS H 319 27.92 -42.32 17.33
N ALA H 320 29.03 -42.98 16.96
CA ALA H 320 29.60 -44.00 17.84
C ALA H 320 30.10 -43.39 19.15
N ALA H 321 30.70 -42.21 19.07
CA ALA H 321 31.16 -41.54 20.29
C ALA H 321 29.99 -41.17 21.19
N VAL H 322 28.88 -40.72 20.59
CA VAL H 322 27.69 -40.38 21.38
C VAL H 322 27.11 -41.65 22.01
N LEU H 323 27.08 -42.75 21.27
CA LEU H 323 26.57 -44.00 21.82
C LEU H 323 27.51 -44.55 22.88
N GLY H 324 28.82 -44.44 22.66
CA GLY H 324 29.77 -44.85 23.68
C GLY H 324 29.63 -44.02 24.95
N CYS H 325 29.34 -42.74 24.79
CA CYS H 325 29.06 -41.89 25.95
C CYS H 325 27.78 -42.32 26.65
N ALA H 326 26.79 -42.78 25.88
CA ALA H 326 25.55 -43.27 26.46
C ALA H 326 25.79 -44.49 27.35
N TYR H 327 26.76 -45.33 26.99
CA TYR H 327 27.09 -46.47 27.86
C TYR H 327 27.67 -46.00 29.19
N CYS H 328 28.64 -45.08 29.13
CA CYS H 328 29.26 -44.60 30.36
C CYS H 328 28.27 -43.89 31.26
N VAL H 329 27.43 -43.01 30.69
CA VAL H 329 26.44 -42.30 31.48
C VAL H 329 25.39 -43.28 32.02
N GLY H 330 24.96 -44.22 31.18
CA GLY H 330 23.97 -45.20 31.63
C GLY H 330 24.49 -46.14 32.69
N THR H 331 25.80 -46.37 32.72
CA THR H 331 26.40 -47.26 33.72
C THR H 331 26.72 -46.51 35.01
N LEU H 332 27.36 -45.35 34.91
CA LEU H 332 27.74 -44.60 36.10
C LEU H 332 26.56 -43.88 36.74
N LYS H 333 25.51 -43.58 35.97
CA LYS H 333 24.28 -42.97 36.45
C LYS H 333 24.56 -41.70 37.25
N PRO H 334 24.95 -40.60 36.60
CA PRO H 334 25.12 -39.34 37.31
C PRO H 334 23.78 -38.79 37.78
N GLU H 335 23.85 -37.76 38.63
CA GLU H 335 22.67 -37.19 39.26
C GLU H 335 22.44 -35.77 38.76
N ASN H 336 21.18 -35.35 38.84
CA ASN H 336 20.76 -33.99 38.52
C ASN H 336 21.02 -33.63 37.06
N VAL H 337 20.96 -34.62 36.16
CA VAL H 337 21.26 -34.38 34.75
C VAL H 337 20.28 -35.16 33.88
N GLU H 338 19.91 -34.57 32.75
CA GLU H 338 19.10 -35.23 31.72
C GLU H 338 19.82 -35.12 30.39
N ILE H 339 20.17 -36.26 29.78
CA ILE H 339 20.98 -36.31 28.58
C ILE H 339 20.20 -36.94 27.45
N HIS H 340 20.21 -36.31 26.29
CA HIS H 340 19.61 -36.84 25.06
C HIS H 340 20.74 -37.21 24.10
N PHE H 341 20.71 -38.44 23.60
CA PHE H 341 21.71 -38.93 22.66
C PHE H 341 21.07 -39.05 21.28
N LEU H 342 21.48 -38.18 20.37
CA LEU H 342 20.84 -38.04 19.06
C LEU H 342 21.83 -38.33 17.94
N SER H 343 21.31 -38.89 16.85
CA SER H 343 22.12 -39.12 15.65
C SER H 343 21.18 -39.33 14.48
N ALA H 344 21.34 -38.51 13.44
CA ALA H 344 20.59 -38.66 12.19
C ALA H 344 21.38 -39.60 11.29
N VAL H 345 21.06 -40.89 11.35
CA VAL H 345 21.83 -41.92 10.68
C VAL H 345 21.30 -42.15 9.27
N CYS H 346 22.20 -42.20 8.30
CA CYS H 346 21.85 -42.47 6.91
C CYS H 346 23.12 -42.88 6.17
N GLU H 347 23.00 -43.07 4.86
CA GLU H 347 24.10 -43.51 4.02
C GLU H 347 24.12 -42.66 2.74
N ASN H 348 25.30 -42.17 2.38
CA ASN H 348 25.48 -41.27 1.23
C ASN H 348 25.99 -42.11 0.06
N MET H 349 25.10 -42.40 -0.90
CA MET H 349 25.39 -43.33 -1.98
C MET H 349 25.05 -42.71 -3.33
N VAL H 350 25.47 -43.39 -4.38
CA VAL H 350 25.22 -42.99 -5.76
C VAL H 350 24.15 -43.91 -6.33
N SER H 351 23.08 -43.31 -6.85
CA SER H 351 21.94 -44.07 -7.34
C SER H 351 21.08 -43.16 -8.21
N LYS H 352 20.10 -43.77 -8.88
CA LYS H 352 19.11 -42.97 -9.61
C LYS H 352 18.24 -42.15 -8.67
N ASN H 353 18.20 -42.52 -7.39
CA ASN H 353 17.38 -41.84 -6.39
C ASN H 353 18.16 -40.84 -5.55
N SER H 354 19.47 -40.72 -5.78
CA SER H 354 20.30 -39.82 -4.98
C SER H 354 19.94 -38.37 -5.26
N TYR H 355 20.24 -37.50 -4.29
CA TYR H 355 20.09 -36.07 -4.51
C TYR H 355 21.29 -35.53 -5.30
N ARG H 356 21.04 -34.49 -6.08
CA ARG H 356 22.00 -34.03 -7.07
C ARG H 356 22.69 -32.75 -6.60
N PRO H 357 23.89 -32.48 -7.11
CA PRO H 357 24.48 -31.15 -6.94
C PRO H 357 23.60 -30.09 -7.60
N GLY H 358 23.36 -29.00 -6.87
CA GLY H 358 22.47 -27.96 -7.32
C GLY H 358 21.07 -28.03 -6.73
N ASP H 359 20.69 -29.19 -6.20
CA ASP H 359 19.36 -29.35 -5.62
C ASP H 359 19.15 -28.36 -4.47
N ILE H 360 17.93 -27.86 -4.37
CA ILE H 360 17.53 -26.97 -3.27
C ILE H 360 16.59 -27.75 -2.38
N ILE H 361 16.95 -27.88 -1.11
CA ILE H 361 16.20 -28.67 -0.14
C ILE H 361 15.81 -27.77 1.02
N THR H 362 14.81 -28.22 1.78
CA THR H 362 14.22 -27.44 2.85
C THR H 362 14.46 -28.14 4.18
N ALA H 363 15.13 -27.46 5.10
CA ALA H 363 15.38 -28.01 6.42
C ALA H 363 14.10 -27.93 7.26
N SER H 364 14.16 -28.57 8.43
CA SER H 364 12.99 -28.64 9.32
C SER H 364 12.65 -27.31 9.95
N ASN H 365 13.55 -26.32 9.89
CA ASN H 365 13.26 -24.99 10.40
C ASN H 365 12.81 -24.03 9.30
N GLY H 366 12.53 -24.55 8.10
CA GLY H 366 12.03 -23.76 7.01
C GLY H 366 13.09 -23.17 6.09
N LYS H 367 14.36 -23.24 6.45
CA LYS H 367 15.42 -22.65 5.63
C LYS H 367 15.70 -23.51 4.41
N THR H 368 15.68 -22.89 3.24
CA THR H 368 16.03 -23.57 2.00
C THR H 368 17.54 -23.55 1.80
N ILE H 369 18.09 -24.69 1.40
CA ILE H 369 19.53 -24.87 1.27
C ILE H 369 19.83 -25.28 -0.16
N GLU H 370 20.81 -24.60 -0.77
CA GLU H 370 21.29 -24.94 -2.10
C GLU H 370 22.49 -25.89 -1.95
N VAL H 371 22.34 -27.11 -2.44
CA VAL H 371 23.39 -28.11 -2.34
C VAL H 371 24.43 -27.85 -3.43
N GLY H 372 25.64 -27.50 -3.02
CA GLY H 372 26.71 -27.27 -3.97
C GLY H 372 27.64 -28.45 -4.11
N ASN H 373 27.59 -29.37 -3.15
CA ASN H 373 28.50 -30.52 -3.13
C ASN H 373 27.85 -31.61 -2.30
N THR H 374 27.51 -32.73 -2.94
CA THR H 374 26.88 -33.84 -2.23
C THR H 374 27.81 -34.50 -1.22
N ASP H 375 29.11 -34.24 -1.28
CA ASP H 375 30.04 -34.78 -0.31
C ASP H 375 30.07 -33.99 0.99
N ALA H 376 29.44 -32.82 1.03
CA ALA H 376 29.26 -32.09 2.28
C ALA H 376 27.92 -32.44 2.92
N GLU H 377 27.67 -33.74 3.06
CA GLU H 377 26.38 -34.22 3.52
C GLU H 377 26.26 -34.23 5.05
N GLY H 378 27.39 -34.22 5.76
CA GLY H 378 27.33 -34.27 7.22
C GLY H 378 26.61 -33.07 7.82
N ARG H 379 26.94 -31.87 7.32
CA ARG H 379 26.30 -30.66 7.83
C ARG H 379 24.81 -30.61 7.48
N LEU H 380 24.39 -31.31 6.42
CA LEU H 380 22.97 -31.37 6.09
C LEU H 380 22.22 -32.22 7.10
N THR H 381 22.76 -33.39 7.43
CA THR H 381 22.13 -34.24 8.44
C THR H 381 22.20 -33.59 9.81
N LEU H 382 23.31 -32.92 10.12
CA LEU H 382 23.44 -32.24 11.41
C LEU H 382 22.48 -31.07 11.52
N ALA H 383 22.19 -30.40 10.40
CA ALA H 383 21.28 -29.25 10.44
C ALA H 383 19.92 -29.64 10.99
N ASP H 384 19.33 -30.72 10.45
CA ASP H 384 18.04 -31.18 10.94
C ASP H 384 18.14 -31.75 12.35
N ALA H 385 19.26 -32.39 12.69
CA ALA H 385 19.44 -32.92 14.04
C ALA H 385 19.56 -31.79 15.06
N LEU H 386 20.20 -30.68 14.67
CA LEU H 386 20.33 -29.55 15.58
C LEU H 386 18.98 -28.88 15.83
N VAL H 387 18.14 -28.78 14.79
CA VAL H 387 16.79 -28.27 14.96
C VAL H 387 16.00 -29.16 15.90
N TYR H 388 16.13 -30.47 15.74
CA TYR H 388 15.47 -31.42 16.64
C TYR H 388 15.98 -31.24 18.06
N ALA H 389 17.28 -31.03 18.23
CA ALA H 389 17.85 -30.90 19.57
C ALA H 389 17.35 -29.64 20.29
N GLU H 390 17.33 -28.51 19.58
CA GLU H 390 16.89 -27.27 20.20
C GLU H 390 15.41 -27.33 20.58
N LYS H 391 14.60 -28.09 19.84
CA LYS H 391 13.20 -28.23 20.18
C LYS H 391 12.99 -28.94 21.51
N LEU H 392 13.98 -29.68 21.99
CA LEU H 392 13.88 -30.34 23.28
C LEU H 392 14.04 -29.38 24.45
N GLY H 393 14.50 -28.16 24.21
CA GLY H 393 14.68 -27.18 25.26
C GLY H 393 15.77 -27.57 26.24
N VAL H 394 17.00 -27.69 25.75
CA VAL H 394 18.11 -28.09 26.57
C VAL H 394 18.99 -26.88 26.86
N ASP H 395 19.92 -27.03 27.80
CA ASP H 395 20.86 -25.98 28.14
C ASP H 395 22.09 -25.98 27.23
N TYR H 396 22.56 -27.16 26.84
CA TYR H 396 23.73 -27.30 25.99
C TYR H 396 23.44 -28.24 24.85
N ILE H 397 23.89 -27.86 23.65
CA ILE H 397 23.89 -28.75 22.49
C ILE H 397 25.34 -28.91 22.06
N VAL H 398 25.83 -30.15 22.07
CA VAL H 398 27.19 -30.46 21.65
C VAL H 398 27.12 -31.51 20.56
N ASP H 399 27.65 -31.18 19.38
CA ASP H 399 27.72 -32.13 18.28
C ASP H 399 29.18 -32.52 18.04
N ILE H 400 29.37 -33.77 17.61
CA ILE H 400 30.69 -34.31 17.31
C ILE H 400 30.60 -35.05 15.98
N ALA H 401 31.54 -34.77 15.09
CA ALA H 401 31.38 -35.21 13.71
C ALA H 401 32.72 -35.26 12.99
N THR H 402 32.88 -36.25 12.11
CA THR H 402 33.99 -36.29 11.15
C THR H 402 33.57 -35.45 9.94
N LEU H 403 33.63 -34.13 10.12
CA LEU H 403 32.95 -33.22 9.19
C LEU H 403 33.84 -32.80 8.02
N THR H 404 35.05 -32.31 8.29
CA THR H 404 35.87 -31.69 7.26
C THR H 404 37.26 -32.29 7.25
N GLY H 405 37.72 -32.70 6.07
CA GLY H 405 39.09 -33.17 5.92
C GLY H 405 40.13 -32.10 6.13
N ALA H 406 39.72 -30.83 6.10
CA ALA H 406 40.66 -29.74 6.35
C ALA H 406 41.23 -29.77 7.76
N MET H 407 40.62 -30.54 8.67
CA MET H 407 41.16 -30.67 10.02
C MET H 407 42.55 -31.28 10.00
N LEU H 408 42.86 -32.09 8.99
CA LEU H 408 44.19 -32.67 8.87
C LEU H 408 45.24 -31.61 8.57
N TYR H 409 44.84 -30.50 7.95
CA TYR H 409 45.76 -29.43 7.61
C TYR H 409 45.80 -28.33 8.66
N SER H 410 44.87 -28.35 9.62
CA SER H 410 44.84 -27.35 10.70
C SER H 410 45.43 -27.90 11.99
N LEU H 411 44.81 -28.92 12.57
CA LEU H 411 45.25 -29.47 13.84
C LEU H 411 45.93 -30.83 13.72
N GLY H 412 45.68 -31.56 12.63
CA GLY H 412 46.36 -32.83 12.42
C GLY H 412 45.59 -34.03 12.95
N THR H 413 46.33 -35.07 13.36
CA THR H 413 45.75 -36.34 13.76
C THR H 413 45.63 -36.51 15.27
N SER H 414 46.08 -35.53 16.05
CA SER H 414 46.07 -35.64 17.51
C SER H 414 45.05 -34.76 18.20
N TYR H 415 44.86 -33.53 17.74
CA TYR H 415 43.97 -32.57 18.38
C TYR H 415 42.71 -32.38 17.56
N ALA H 416 41.56 -32.54 18.22
CA ALA H 416 40.30 -32.19 17.58
C ALA H 416 40.02 -30.70 17.75
N GLY H 417 39.19 -30.16 16.87
CA GLY H 417 38.82 -28.77 16.91
C GLY H 417 37.39 -28.60 17.47
N VAL H 418 37.21 -27.57 18.27
CA VAL H 418 35.90 -27.24 18.83
C VAL H 418 35.51 -25.83 18.40
N PHE H 419 34.31 -25.69 17.86
CA PHE H 419 33.73 -24.41 17.51
C PHE H 419 32.45 -24.23 18.32
N GLY H 420 32.00 -23.00 18.47
CA GLY H 420 30.79 -22.77 19.23
C GLY H 420 30.35 -21.32 19.20
N ASN H 421 29.17 -21.09 19.77
CA ASN H 421 28.59 -19.76 19.89
C ASN H 421 28.55 -19.27 21.33
N ASN H 422 29.18 -19.99 22.25
CA ASN H 422 29.09 -19.68 23.68
C ASN H 422 30.44 -19.95 24.32
N GLU H 423 31.01 -18.92 24.95
CA GLU H 423 32.33 -19.05 25.55
C GLU H 423 32.32 -20.04 26.71
N GLU H 424 31.28 -20.00 27.55
CA GLU H 424 31.22 -20.89 28.71
C GLU H 424 31.13 -22.35 28.29
N LEU H 425 30.35 -22.65 27.25
CA LEU H 425 30.19 -24.04 26.83
C LEU H 425 31.48 -24.58 26.22
N ILE H 426 32.10 -23.83 25.31
CA ILE H 426 33.37 -24.29 24.75
C ILE H 426 34.47 -24.36 25.81
N ASN H 427 34.45 -23.45 26.80
CA ASN H 427 35.45 -23.52 27.87
C ASN H 427 35.29 -24.79 28.69
N LYS H 428 34.04 -25.21 28.95
CA LYS H 428 33.81 -26.47 29.65
C LYS H 428 34.30 -27.67 28.85
N ILE H 429 34.12 -27.64 27.53
CA ILE H 429 34.60 -28.73 26.69
C ILE H 429 36.12 -28.82 26.79
N LEU H 430 36.80 -27.68 26.78
CA LEU H 430 38.25 -27.69 26.94
C LEU H 430 38.64 -28.25 28.30
N GLN H 431 37.84 -27.94 29.34
CA GLN H 431 38.10 -28.51 30.66
C GLN H 431 37.90 -30.01 30.66
N SER H 432 36.86 -30.49 29.97
CA SER H 432 36.65 -31.92 29.85
C SER H 432 37.75 -32.57 29.03
N SER H 433 38.31 -31.85 28.06
CA SER H 433 39.44 -32.37 27.29
C SER H 433 40.66 -32.55 28.17
N LYS H 434 40.83 -31.70 29.18
CA LYS H 434 41.98 -31.83 30.08
C LYS H 434 41.84 -33.03 31.00
N THR H 435 40.63 -33.24 31.55
CA THR H 435 40.43 -34.32 32.50
C THR H 435 40.28 -35.67 31.83
N SER H 436 39.74 -35.71 30.61
CA SER H 436 39.65 -36.95 29.87
C SER H 436 40.92 -37.28 29.10
N ASN H 437 41.82 -36.31 28.94
CA ASN H 437 43.08 -36.49 28.22
C ASN H 437 42.85 -36.82 26.75
N GLU H 438 41.70 -36.41 26.21
CA GLU H 438 41.45 -36.44 24.78
C GLU H 438 41.63 -35.04 24.24
N PRO H 439 42.77 -34.73 23.59
CA PRO H 439 43.12 -33.32 23.34
C PRO H 439 42.20 -32.66 22.33
N VAL H 440 41.82 -31.42 22.65
CA VAL H 440 40.95 -30.60 21.80
C VAL H 440 41.48 -29.18 21.82
N TRP H 441 41.41 -28.50 20.69
CA TRP H 441 41.85 -27.12 20.57
C TRP H 441 40.71 -26.25 20.06
N TRP H 442 40.61 -25.04 20.62
CA TRP H 442 39.53 -24.12 20.28
C TRP H 442 39.87 -23.39 18.99
N LEU H 443 38.96 -23.47 18.02
CA LEU H 443 39.10 -22.80 16.74
C LEU H 443 37.96 -21.79 16.54
N PRO H 444 38.20 -20.71 15.81
CA PRO H 444 37.20 -19.63 15.74
C PRO H 444 36.16 -19.83 14.65
N ILE H 445 34.98 -19.28 14.90
CA ILE H 445 33.93 -19.17 13.90
C ILE H 445 34.02 -17.75 13.35
N ILE H 446 34.71 -17.60 12.22
CA ILE H 446 35.01 -16.28 11.68
C ILE H 446 33.79 -15.81 10.88
N ASN H 447 33.11 -14.78 11.40
CA ASN H 447 31.87 -14.31 10.80
C ASN H 447 32.07 -13.65 9.45
N GLU H 448 33.29 -13.19 9.14
CA GLU H 448 33.54 -12.55 7.85
C GLU H 448 33.29 -13.49 6.68
N TYR H 449 33.42 -14.81 6.90
CA TYR H 449 33.21 -15.77 5.83
C TYR H 449 31.74 -16.10 5.60
N ARG H 450 30.84 -15.60 6.45
CA ARG H 450 29.43 -15.95 6.34
C ARG H 450 28.84 -15.51 5.01
N ALA H 451 29.34 -14.41 4.44
CA ALA H 451 28.78 -13.90 3.20
C ALA H 451 28.95 -14.88 2.04
N THR H 452 29.93 -15.78 2.11
CA THR H 452 30.14 -16.75 1.04
C THR H 452 29.07 -17.83 1.02
N LEU H 453 28.23 -17.91 2.05
CA LEU H 453 27.10 -18.82 2.08
C LEU H 453 25.82 -18.18 1.57
N ASN H 454 25.88 -16.94 1.06
CA ASN H 454 24.71 -16.26 0.54
C ASN H 454 24.33 -16.87 -0.81
N SER H 455 23.23 -17.61 -0.85
CA SER H 455 22.78 -18.22 -2.09
C SER H 455 21.97 -17.23 -2.92
N LYS H 456 22.06 -17.37 -4.23
CA LYS H 456 21.29 -16.49 -5.12
C LYS H 456 19.81 -16.84 -5.12
N TYR H 457 19.47 -18.10 -4.91
CA TYR H 457 18.09 -18.57 -5.00
C TYR H 457 17.55 -19.14 -3.70
N ALA H 458 18.34 -19.93 -2.98
CA ALA H 458 17.91 -20.50 -1.72
C ALA H 458 18.20 -19.53 -0.59
N ASP H 459 17.78 -19.89 0.62
CA ASP H 459 18.06 -19.05 1.78
C ASP H 459 19.55 -19.02 2.09
N ILE H 460 20.24 -20.14 1.90
CA ILE H 460 21.64 -20.26 2.28
C ILE H 460 22.30 -21.31 1.40
N ASN H 461 23.61 -21.14 1.19
CA ASN H 461 24.40 -22.15 0.49
C ASN H 461 24.85 -23.23 1.46
N GLN H 462 24.93 -24.46 0.96
CA GLN H 462 25.46 -25.54 1.78
C GLN H 462 26.96 -25.40 1.96
N ILE H 463 27.67 -25.06 0.88
CA ILE H 463 29.11 -24.90 0.92
C ILE H 463 29.47 -23.58 0.28
N SER H 464 30.64 -23.08 0.67
CA SER H 464 31.26 -21.98 -0.06
C SER H 464 32.21 -22.58 -1.07
N SER H 465 32.19 -22.01 -2.27
CA SER H 465 33.03 -22.54 -3.30
C SER H 465 34.08 -21.55 -3.75
N SER H 466 34.45 -20.55 -2.87
CA SER H 466 35.74 -19.84 -2.84
C SER H 466 36.54 -20.11 -1.58
N VAL H 467 36.01 -19.74 -0.41
CA VAL H 467 36.79 -19.86 0.82
C VAL H 467 37.18 -21.31 1.07
N LYS H 468 38.47 -21.55 1.30
CA LYS H 468 39.00 -22.89 1.54
C LYS H 468 39.06 -23.28 3.02
N ALA H 469 38.71 -22.38 3.94
CA ALA H 469 38.67 -22.73 5.37
C ALA H 469 37.37 -23.48 5.67
N SER H 470 37.33 -24.72 5.18
CA SER H 470 36.07 -25.48 5.17
C SER H 470 35.58 -25.79 6.59
N SER H 471 36.49 -26.04 7.53
CA SER H 471 36.06 -26.34 8.89
C SER H 471 35.36 -25.14 9.52
N ILE H 472 35.80 -23.93 9.20
CA ILE H 472 35.16 -22.73 9.73
C ILE H 472 33.85 -22.46 9.00
N VAL H 473 33.84 -22.61 7.67
CA VAL H 473 32.63 -22.38 6.89
C VAL H 473 31.54 -23.35 7.30
N ALA H 474 31.90 -24.61 7.51
CA ALA H 474 30.91 -25.60 7.96
C ALA H 474 30.35 -25.24 9.32
N SER H 475 31.20 -24.71 10.20
CA SER H 475 30.71 -24.26 11.51
C SER H 475 29.73 -23.10 11.36
N LEU H 476 29.99 -22.21 10.40
CA LEU H 476 29.06 -21.13 10.13
C LEU H 476 27.72 -21.67 9.63
N PHE H 477 27.75 -22.76 8.86
CA PHE H 477 26.52 -23.37 8.38
C PHE H 477 25.72 -23.97 9.54
N LEU H 478 26.39 -24.69 10.43
CA LEU H 478 25.71 -25.28 11.57
C LEU H 478 25.11 -24.21 12.50
N LYS H 479 25.78 -23.06 12.61
CA LYS H 479 25.29 -22.00 13.49
C LYS H 479 23.93 -21.49 13.06
N GLU H 480 23.61 -21.56 11.76
CA GLU H 480 22.32 -21.09 11.26
C GLU H 480 21.16 -21.96 11.70
N PHE H 481 21.42 -23.10 12.34
CA PHE H 481 20.36 -24.00 12.78
C PHE H 481 20.30 -24.14 14.30
N VAL H 482 20.97 -23.25 15.04
CA VAL H 482 20.85 -23.14 16.48
C VAL H 482 20.49 -21.69 16.77
N GLN H 483 19.27 -21.44 17.25
CA GLN H 483 18.77 -20.08 17.33
C GLN H 483 19.07 -19.39 18.65
N ASN H 484 18.90 -20.07 19.78
CA ASN H 484 19.00 -19.42 21.08
C ASN H 484 19.45 -20.41 22.14
N THR H 485 20.46 -21.22 21.83
CA THR H 485 20.98 -22.20 22.78
C THR H 485 22.50 -22.26 22.66
N ALA H 486 23.15 -22.40 23.81
CA ALA H 486 24.60 -22.60 23.82
C ALA H 486 24.95 -23.88 23.07
N TRP H 487 25.82 -23.76 22.07
CA TRP H 487 26.11 -24.85 21.16
C TRP H 487 27.60 -24.92 20.89
N ALA H 488 28.13 -26.15 20.84
CA ALA H 488 29.53 -26.39 20.51
C ALA H 488 29.60 -27.51 19.50
N HIS H 489 30.66 -27.49 18.69
CA HIS H 489 30.81 -28.41 17.57
C HIS H 489 32.24 -28.94 17.56
N ILE H 490 32.38 -30.26 17.62
CA ILE H 490 33.69 -30.91 17.68
C ILE H 490 33.93 -31.64 16.37
N ASP H 491 34.94 -31.20 15.62
CA ASP H 491 35.31 -31.82 14.35
C ASP H 491 36.41 -32.83 14.62
N ILE H 492 36.09 -34.11 14.45
CA ILE H 492 37.01 -35.19 14.75
C ILE H 492 37.46 -35.93 13.49
N ALA H 493 37.36 -35.27 12.33
CA ALA H 493 37.69 -35.94 11.07
C ALA H 493 39.17 -36.32 11.01
N GLY H 494 40.03 -35.57 11.69
CA GLY H 494 41.45 -35.84 11.64
C GLY H 494 41.94 -36.80 12.71
N VAL H 495 41.22 -36.87 13.83
CA VAL H 495 41.69 -37.63 14.99
C VAL H 495 40.95 -38.95 15.17
N SER H 496 39.93 -39.23 14.38
CA SER H 496 39.09 -40.40 14.65
C SER H 496 39.83 -41.71 14.36
N TRP H 497 40.62 -41.75 13.28
CA TRP H 497 41.27 -42.98 12.85
C TRP H 497 42.75 -42.98 13.20
N ASN H 498 43.23 -44.10 13.72
CA ASN H 498 44.63 -44.32 14.04
C ASN H 498 45.27 -45.06 12.87
N PHE H 499 46.05 -44.33 12.07
CA PHE H 499 46.59 -44.92 10.84
C PHE H 499 47.78 -45.84 11.10
N LYS H 500 48.58 -45.57 12.13
CA LYS H 500 49.68 -46.47 12.44
C LYS H 500 49.18 -47.85 12.87
N ALA H 501 48.14 -47.87 13.70
CA ALA H 501 47.57 -49.12 14.19
C ALA H 501 46.43 -49.65 13.32
N ARG H 502 45.99 -48.87 12.33
CA ARG H 502 44.93 -49.29 11.40
C ARG H 502 43.65 -49.66 12.15
N LYS H 503 43.23 -48.79 13.06
CA LYS H 503 42.05 -49.04 13.88
C LYS H 503 41.50 -47.71 14.37
N PRO H 504 40.23 -47.66 14.76
CA PRO H 504 39.68 -46.42 15.30
C PRO H 504 40.22 -46.13 16.69
N LYS H 505 40.03 -44.89 17.12
CA LYS H 505 40.44 -44.46 18.45
C LYS H 505 39.29 -44.44 19.46
N GLY H 506 38.04 -44.45 19.00
CA GLY H 506 36.93 -44.18 19.89
C GLY H 506 36.96 -42.78 20.47
N PHE H 507 37.48 -41.82 19.69
CA PHE H 507 37.68 -40.47 20.19
C PHE H 507 36.34 -39.81 20.53
N GLY H 508 36.29 -39.16 21.69
CA GLY H 508 35.15 -38.38 22.10
C GLY H 508 34.32 -39.01 23.19
N VAL H 509 34.43 -40.33 23.40
CA VAL H 509 33.61 -41.00 24.40
C VAL H 509 33.92 -40.47 25.80
N ARG H 510 35.20 -40.50 26.18
CA ARG H 510 35.58 -40.04 27.50
C ARG H 510 35.46 -38.52 27.63
N LEU H 511 35.72 -37.79 26.55
CA LEU H 511 35.56 -36.34 26.58
C LEU H 511 34.12 -35.94 26.87
N LEU H 512 33.18 -36.55 26.14
CA LEU H 512 31.77 -36.23 26.34
C LEU H 512 31.29 -36.69 27.71
N THR H 513 31.78 -37.82 28.20
CA THR H 513 31.38 -38.31 29.51
C THR H 513 31.87 -37.39 30.62
N GLU H 514 33.13 -36.96 30.53
CA GLU H 514 33.64 -36.00 31.51
C GLU H 514 32.84 -34.71 31.48
N PHE H 515 32.41 -34.30 30.28
CA PHE H 515 31.59 -33.10 30.16
C PHE H 515 30.24 -33.27 30.85
N VAL H 516 29.67 -34.46 30.75
CA VAL H 516 28.36 -34.72 31.37
C VAL H 516 28.50 -34.84 32.88
N LEU H 517 29.56 -35.51 33.34
CA LEU H 517 29.68 -35.86 34.75
C LEU H 517 30.06 -34.67 35.62
N ASN H 518 30.82 -33.72 35.09
CA ASN H 518 31.36 -32.61 35.88
C ASN H 518 30.53 -31.34 35.71
N ASP H 519 29.21 -31.45 35.71
CA ASP H 519 28.33 -30.30 35.61
C ASP H 519 27.67 -29.98 36.94
N SER I 2 2.75 -37.98 -16.49
CA SER I 2 2.22 -36.71 -16.03
C SER I 2 2.33 -36.56 -14.51
N GLU I 3 2.54 -37.67 -13.81
CA GLU I 3 2.71 -37.65 -12.36
C GLU I 3 4.19 -37.81 -12.04
N VAL I 4 4.72 -36.87 -11.27
CA VAL I 4 6.14 -36.85 -10.95
C VAL I 4 6.44 -37.86 -9.85
N PRO I 5 7.34 -38.81 -10.08
CA PRO I 5 7.70 -39.76 -9.01
C PRO I 5 8.54 -39.09 -7.94
N GLN I 6 8.42 -39.61 -6.72
CA GLN I 6 9.17 -39.10 -5.58
C GLN I 6 9.90 -40.24 -4.89
N VAL I 7 11.02 -39.91 -4.26
CA VAL I 7 11.71 -40.84 -3.35
C VAL I 7 11.18 -40.69 -1.94
N VAL I 8 11.05 -39.44 -1.47
CA VAL I 8 10.40 -39.14 -0.20
C VAL I 8 9.27 -38.16 -0.48
N SER I 9 8.34 -38.05 0.48
CA SER I 9 7.18 -37.19 0.30
C SER I 9 7.56 -35.71 0.23
N LEU I 10 8.77 -35.35 0.66
CA LEU I 10 9.21 -33.96 0.60
C LEU I 10 9.77 -33.57 -0.76
N ASP I 11 9.91 -34.52 -1.67
CA ASP I 11 10.41 -34.19 -3.01
C ASP I 11 9.35 -33.39 -3.76
N PRO I 12 9.73 -32.30 -4.42
CA PRO I 12 8.73 -31.49 -5.14
C PRO I 12 8.19 -32.23 -6.35
N THR I 13 6.95 -31.90 -6.71
CA THR I 13 6.25 -32.56 -7.80
C THR I 13 5.92 -31.61 -8.94
N SER I 14 6.42 -30.38 -8.90
CA SER I 14 6.19 -29.42 -9.97
C SER I 14 7.22 -28.31 -9.87
N ILE I 15 7.44 -27.63 -10.99
CA ILE I 15 8.34 -26.47 -11.04
C ILE I 15 7.53 -25.25 -10.70
N PRO I 16 7.88 -24.51 -9.63
CA PRO I 16 7.20 -23.25 -9.35
C PRO I 16 7.50 -22.24 -10.45
N ILE I 17 6.45 -21.71 -11.07
CA ILE I 17 6.58 -20.77 -12.17
C ILE I 17 5.75 -19.54 -11.85
N GLU I 18 6.38 -18.37 -11.92
CA GLU I 18 5.71 -17.09 -11.72
C GLU I 18 5.37 -16.50 -13.08
N TYR I 19 4.08 -16.46 -13.41
CA TYR I 19 3.62 -15.89 -14.67
C TYR I 19 3.37 -14.39 -14.55
N ASN I 20 2.68 -13.98 -13.50
CA ASN I 20 2.36 -12.57 -13.28
C ASN I 20 3.47 -11.97 -12.43
N THR I 21 4.46 -11.41 -13.10
CA THR I 21 5.59 -10.81 -12.43
C THR I 21 5.31 -9.34 -12.15
N PRO I 22 6.00 -8.74 -11.17
CA PRO I 22 5.83 -7.30 -10.93
C PRO I 22 6.13 -6.44 -12.14
N ILE I 23 6.93 -6.93 -13.09
CA ILE I 23 7.17 -6.18 -14.32
C ILE I 23 5.88 -5.97 -15.09
N HIS I 24 5.00 -6.97 -15.07
CA HIS I 24 3.74 -6.89 -15.81
C HIS I 24 2.77 -5.87 -15.23
N ASP I 25 2.95 -5.47 -13.96
CA ASP I 25 2.08 -4.48 -13.34
C ASP I 25 2.56 -3.05 -13.54
N ILE I 26 3.64 -2.85 -14.30
CA ILE I 26 4.19 -1.52 -14.54
C ILE I 26 3.49 -0.89 -15.73
N LYS I 27 2.84 0.25 -15.50
CA LYS I 27 2.23 1.00 -16.59
C LYS I 27 3.31 1.84 -17.28
N VAL I 28 3.50 1.61 -18.58
CA VAL I 28 4.56 2.24 -19.35
C VAL I 28 3.95 3.29 -20.28
N GLN I 29 4.49 4.50 -20.23
CA GLN I 29 4.06 5.60 -21.08
C GLN I 29 5.26 6.18 -21.82
N VAL I 30 5.09 6.45 -23.11
CA VAL I 30 6.15 7.00 -23.95
C VAL I 30 5.70 8.36 -24.46
N TYR I 31 6.49 9.39 -24.16
CA TYR I 31 6.23 10.76 -24.59
C TYR I 31 7.36 11.23 -25.50
N ASP I 32 7.04 12.21 -26.34
CA ASP I 32 8.04 12.79 -27.23
C ASP I 32 8.86 13.85 -26.49
N ILE I 33 10.18 13.84 -26.73
CA ILE I 33 11.07 14.76 -26.05
C ILE I 33 10.84 16.20 -26.52
N LYS I 34 10.36 16.39 -27.75
CA LYS I 34 10.17 17.73 -28.27
C LYS I 34 9.01 18.46 -27.60
N GLY I 35 8.25 17.78 -26.74
CA GLY I 35 7.14 18.36 -26.04
C GLY I 35 7.40 18.69 -24.59
N GLY I 36 8.65 18.57 -24.13
CA GLY I 36 9.04 18.88 -22.77
C GLY I 36 8.84 17.72 -21.82
N CYS I 37 9.65 17.69 -20.77
CA CYS I 37 9.61 16.64 -19.76
C CYS I 37 9.02 17.21 -18.46
N ASN I 38 8.08 16.46 -17.88
CA ASN I 38 7.48 16.81 -16.60
C ASN I 38 8.15 16.04 -15.48
N VAL I 39 8.65 16.76 -14.48
CA VAL I 39 9.29 16.17 -13.30
C VAL I 39 8.37 16.47 -12.12
N GLU I 40 7.55 15.49 -11.73
CA GLU I 40 6.58 15.69 -10.67
C GLU I 40 6.66 14.68 -9.53
N GLU I 41 7.24 13.50 -9.74
CA GLU I 41 7.30 12.50 -8.68
C GLU I 41 8.34 11.45 -9.04
N GLY I 42 8.77 10.70 -8.03
CA GLY I 42 9.60 9.54 -8.26
C GLY I 42 11.00 9.93 -8.70
N LEU I 43 11.60 9.08 -9.52
CA LEU I 43 12.97 9.27 -10.00
C LEU I 43 12.96 9.52 -11.49
N THR I 44 13.67 10.55 -11.92
CA THR I 44 13.79 10.91 -13.33
C THR I 44 15.27 10.81 -13.72
N ILE I 45 15.57 9.98 -14.71
CA ILE I 45 16.94 9.70 -15.12
C ILE I 45 17.12 10.10 -16.57
N PHE I 46 18.17 10.87 -16.85
CA PHE I 46 18.52 11.28 -18.19
C PHE I 46 19.69 10.43 -18.69
N LEU I 47 19.52 9.83 -19.87
CA LEU I 47 20.61 9.08 -20.50
C LEU I 47 21.37 10.04 -21.41
N VAL I 48 22.51 10.53 -20.94
CA VAL I 48 23.26 11.58 -21.63
C VAL I 48 24.62 11.04 -22.04
N ASN I 49 25.14 11.59 -23.14
CA ASN I 49 26.45 11.25 -23.66
C ASN I 49 27.11 12.53 -24.16
N ASN I 50 28.42 12.43 -24.45
CA ASN I 50 29.17 13.56 -25.00
C ASN I 50 30.12 13.04 -26.06
N PRO I 51 29.71 13.07 -27.32
CA PRO I 51 30.55 12.54 -28.40
C PRO I 51 31.84 13.35 -28.55
N GLY I 52 32.97 12.63 -28.61
CA GLY I 52 34.26 13.28 -28.75
C GLY I 52 35.01 13.41 -27.44
N LYS I 53 34.39 14.07 -26.47
CA LYS I 53 35.03 14.36 -25.18
C LYS I 53 35.04 13.10 -24.33
N GLU I 54 36.16 12.38 -24.37
CA GLU I 54 36.40 11.17 -23.56
C GLU I 54 36.27 11.48 -22.07
N ASN I 55 35.07 11.24 -21.52
CA ASN I 55 34.69 11.54 -20.14
C ASN I 55 34.40 13.02 -20.00
N GLY I 56 33.77 13.60 -21.02
CA GLY I 56 33.43 15.00 -21.03
C GLY I 56 32.33 15.33 -20.05
N PRO I 57 32.02 16.62 -19.90
CA PRO I 57 31.04 17.04 -18.91
C PRO I 57 29.61 16.63 -19.27
N VAL I 58 28.75 16.65 -18.27
CA VAL I 58 27.34 16.34 -18.45
C VAL I 58 26.61 17.59 -18.90
N LYS I 59 25.75 17.45 -19.91
CA LYS I 59 24.96 18.56 -20.42
C LYS I 59 23.54 18.07 -20.68
N ILE I 60 22.57 18.65 -19.99
CA ILE I 60 21.17 18.29 -20.19
C ILE I 60 20.63 19.19 -21.29
N SER I 61 20.17 18.58 -22.39
CA SER I 61 19.71 19.32 -23.55
C SER I 61 18.19 19.38 -23.68
N SER I 62 17.47 18.51 -22.99
CA SER I 62 16.03 18.45 -23.13
C SER I 62 15.36 19.59 -22.35
N LYS I 63 14.27 20.10 -22.91
CA LYS I 63 13.49 21.12 -22.22
C LYS I 63 12.69 20.48 -21.10
N VAL I 64 12.83 21.03 -19.90
CA VAL I 64 12.11 20.54 -18.72
C VAL I 64 11.02 21.54 -18.39
N ASN I 65 9.78 21.04 -18.29
CA ASN I 65 8.63 21.89 -18.03
C ASN I 65 8.50 22.23 -16.56
N ASP I 66 9.59 22.68 -15.95
CA ASP I 66 9.59 23.09 -14.55
C ASP I 66 10.70 24.10 -14.34
N LYS I 67 10.33 25.28 -13.82
CA LYS I 67 11.32 26.35 -13.67
C LYS I 67 12.38 25.99 -12.64
N GLN I 68 11.97 25.43 -11.50
CA GLN I 68 12.91 25.09 -10.45
C GLN I 68 13.87 23.99 -10.91
N VAL I 69 13.34 22.94 -11.55
CA VAL I 69 14.17 21.84 -11.99
C VAL I 69 15.10 22.28 -13.11
N SER I 70 14.60 23.08 -14.05
CA SER I 70 15.43 23.56 -15.15
C SER I 70 16.62 24.37 -14.63
N GLU I 71 16.41 25.17 -13.58
CA GLU I 71 17.52 25.92 -12.99
C GLU I 71 18.56 24.99 -12.38
N PHE I 72 18.09 23.93 -11.71
CA PHE I 72 19.02 22.94 -11.15
C PHE I 72 19.84 22.28 -12.23
N LEU I 73 19.21 21.96 -13.37
CA LEU I 73 19.85 21.23 -14.46
C LEU I 73 20.61 22.13 -15.43
N LYS I 74 20.92 23.36 -15.02
CA LYS I 74 21.69 24.25 -15.89
C LYS I 74 23.09 23.70 -16.12
N ASP I 75 23.68 24.08 -17.25
CA ASP I 75 24.98 23.54 -17.64
C ASP I 75 26.05 23.90 -16.61
N GLU I 76 25.98 25.11 -16.05
CA GLU I 76 26.96 25.52 -15.05
C GLU I 76 26.91 24.61 -13.82
N ASN I 77 25.74 24.07 -13.50
CA ASN I 77 25.62 23.16 -12.35
C ASN I 77 26.08 21.75 -12.72
N MET I 78 25.79 21.31 -13.95
CA MET I 78 26.06 19.95 -14.38
C MET I 78 27.50 19.72 -14.81
N GLU I 79 28.30 20.78 -14.98
CA GLU I 79 29.66 20.61 -15.49
C GLU I 79 30.58 19.83 -14.56
N LYS I 80 30.24 19.70 -13.27
CA LYS I 80 31.09 18.91 -12.38
C LYS I 80 30.90 17.41 -12.54
N PHE I 81 29.92 16.97 -13.32
CA PHE I 81 29.69 15.56 -13.57
C PHE I 81 30.10 15.22 -15.00
N ASN I 82 30.58 13.99 -15.20
CA ASN I 82 31.03 13.53 -16.51
C ASN I 82 30.12 12.41 -17.01
N VAL I 83 30.29 12.08 -18.28
CA VAL I 83 29.41 11.16 -18.99
C VAL I 83 30.04 9.79 -19.18
N LYS I 84 31.07 9.46 -18.40
CA LYS I 84 31.72 8.16 -18.51
C LYS I 84 30.68 7.04 -18.42
N LEU I 85 30.84 6.05 -19.30
CA LEU I 85 29.85 4.97 -19.41
C LEU I 85 29.67 4.25 -18.10
N GLY I 86 28.43 4.23 -17.61
CA GLY I 86 28.06 3.51 -16.40
C GLY I 86 27.95 4.37 -15.14
N THR I 87 28.58 5.55 -15.12
CA THR I 87 28.48 6.41 -13.95
C THR I 87 27.08 6.98 -13.81
N SER I 88 26.69 7.22 -12.56
CA SER I 88 25.35 7.70 -12.25
C SER I 88 25.43 8.62 -11.03
N LYS I 89 24.49 9.56 -10.97
CA LYS I 89 24.40 10.51 -9.86
C LYS I 89 22.93 10.73 -9.52
N HIS I 90 22.68 11.11 -8.27
CA HIS I 90 21.34 11.41 -7.79
C HIS I 90 21.28 12.86 -7.35
N PHE I 91 20.17 13.52 -7.66
CA PHE I 91 19.93 14.90 -7.25
C PHE I 91 18.63 14.98 -6.47
N TYR I 92 18.62 15.82 -5.44
CA TYR I 92 17.43 16.10 -4.65
C TYR I 92 17.07 17.57 -4.81
N MET I 93 15.81 17.86 -5.08
CA MET I 93 15.38 19.24 -5.25
C MET I 93 13.87 19.33 -5.09
N PHE I 94 13.38 20.57 -5.04
CA PHE I 94 11.95 20.85 -5.03
C PHE I 94 11.56 21.46 -6.38
N ASN I 95 10.42 21.03 -6.91
CA ASN I 95 9.97 21.50 -8.21
C ASN I 95 9.12 22.77 -8.03
N ASP I 96 8.46 23.19 -9.11
CA ASP I 96 7.66 24.42 -9.07
C ASP I 96 6.51 24.31 -8.08
N ASN I 97 5.97 23.11 -7.89
CA ASN I 97 4.85 22.90 -6.99
C ASN I 97 5.28 22.61 -5.56
N LYS I 98 6.53 22.94 -5.21
CA LYS I 98 7.06 22.72 -3.87
C LYS I 98 6.99 21.25 -3.46
N ASN I 99 7.18 20.36 -4.45
CA ASN I 99 7.15 18.92 -4.23
C ASN I 99 8.56 18.35 -4.33
N SER I 100 8.84 17.37 -3.47
CA SER I 100 10.13 16.69 -3.49
C SER I 100 10.24 15.82 -4.74
N VAL I 101 11.32 16.01 -5.49
CA VAL I 101 11.57 15.21 -6.69
C VAL I 101 13.00 14.69 -6.64
N ALA I 102 13.21 13.55 -7.31
CA ALA I 102 14.53 12.95 -7.44
C ALA I 102 14.90 12.93 -8.92
N VAL I 103 16.07 13.50 -9.23
CA VAL I 103 16.55 13.60 -10.61
C VAL I 103 17.97 13.07 -10.66
N GLY I 104 18.33 12.50 -11.80
CA GLY I 104 19.68 12.01 -11.98
C GLY I 104 19.96 11.70 -13.43
N TYR I 105 21.12 11.10 -13.67
CA TYR I 105 21.55 10.76 -15.02
C TYR I 105 22.36 9.47 -14.97
N VAL I 106 22.55 8.87 -16.14
CA VAL I 106 23.45 7.75 -16.32
C VAL I 106 24.33 8.03 -17.52
N GLY I 107 25.65 7.96 -17.32
CA GLY I 107 26.57 8.28 -18.40
C GLY I 107 26.63 7.16 -19.43
N CYS I 108 26.60 7.57 -20.70
CA CYS I 108 26.64 6.63 -21.82
C CYS I 108 27.91 6.77 -22.65
N GLY I 109 28.98 7.32 -22.06
CA GLY I 109 30.25 7.39 -22.74
C GLY I 109 30.32 8.49 -23.79
N SER I 110 31.24 8.30 -24.72
CA SER I 110 31.50 9.27 -25.77
C SER I 110 31.31 8.70 -27.17
N VAL I 111 30.96 7.41 -27.28
CA VAL I 111 30.72 6.79 -28.58
C VAL I 111 29.24 6.91 -28.90
N ALA I 112 28.94 7.27 -30.15
CA ALA I 112 27.55 7.50 -30.56
C ALA I 112 26.78 6.19 -30.65
N ASP I 113 27.43 5.12 -31.10
CA ASP I 113 26.78 3.82 -31.28
C ASP I 113 27.11 2.93 -30.09
N LEU I 114 26.10 2.64 -29.28
CA LEU I 114 26.28 1.78 -28.12
C LEU I 114 26.13 0.32 -28.53
N SER I 115 27.08 -0.51 -28.13
CA SER I 115 26.99 -1.94 -28.37
C SER I 115 25.99 -2.57 -27.39
N GLU I 116 25.71 -3.85 -27.61
CA GLU I 116 24.85 -4.57 -26.67
C GLU I 116 25.48 -4.64 -25.29
N ALA I 117 26.81 -4.74 -25.22
CA ALA I 117 27.49 -4.71 -23.93
C ALA I 117 27.44 -3.32 -23.31
N ASP I 118 27.58 -2.27 -24.12
CA ASP I 118 27.50 -0.91 -23.60
C ASP I 118 26.11 -0.59 -23.06
N MET I 119 25.07 -0.94 -23.82
CA MET I 119 23.71 -0.70 -23.36
C MET I 119 23.39 -1.50 -22.11
N LYS I 120 23.94 -2.72 -22.02
CA LYS I 120 23.75 -3.53 -20.82
C LYS I 120 24.39 -2.85 -19.61
N ARG I 121 25.55 -2.23 -19.81
CA ARG I 121 26.20 -1.51 -18.71
C ARG I 121 25.37 -0.31 -18.27
N VAL I 122 24.73 0.37 -19.22
CA VAL I 122 23.87 1.49 -18.87
C VAL I 122 22.65 1.02 -18.07
N VAL I 123 22.04 -0.08 -18.50
CA VAL I 123 20.86 -0.60 -17.81
C VAL I 123 21.22 -1.07 -16.42
N LEU I 124 22.39 -1.71 -16.27
CA LEU I 124 22.80 -2.18 -14.95
C LEU I 124 23.01 -1.03 -13.98
N SER I 125 23.55 0.10 -14.47
CA SER I 125 23.67 1.29 -13.63
C SER I 125 22.30 1.82 -13.24
N LEU I 126 21.33 1.76 -14.15
CA LEU I 126 19.97 2.20 -13.83
C LEU I 126 19.36 1.33 -12.75
N VAL I 127 19.57 0.01 -12.83
CA VAL I 127 18.97 -0.90 -11.85
C VAL I 127 19.57 -0.67 -10.47
N THR I 128 20.85 -0.29 -10.39
CA THR I 128 21.42 0.05 -9.09
C THR I 128 20.69 1.21 -8.43
N MET I 129 20.20 2.16 -9.23
CA MET I 129 19.41 3.26 -8.68
C MET I 129 18.02 2.79 -8.28
N LEU I 130 17.49 1.77 -8.96
CA LEU I 130 16.18 1.23 -8.59
C LEU I 130 16.25 0.37 -7.33
N HIS I 131 17.38 -0.30 -7.10
CA HIS I 131 17.53 -1.17 -5.95
C HIS I 131 17.77 -0.36 -4.68
N ASP I 132 17.33 -0.91 -3.55
CA ASP I 132 17.48 -0.28 -2.23
C ASP I 132 16.90 1.14 -2.21
N ASN I 133 15.85 1.36 -3.01
CA ASN I 133 15.17 2.65 -3.05
C ASN I 133 13.70 2.37 -3.31
N LYS I 134 12.85 2.85 -2.42
CA LYS I 134 11.42 2.53 -2.44
C LYS I 134 10.62 3.51 -3.29
N LEU I 135 11.03 3.63 -4.55
CA LEU I 135 10.38 4.55 -5.47
C LEU I 135 9.13 3.91 -6.07
N SER I 136 8.18 4.76 -6.45
CA SER I 136 6.93 4.32 -7.07
C SER I 136 6.92 4.47 -8.59
N LYS I 137 7.72 5.39 -9.13
CA LYS I 137 7.74 5.64 -10.57
C LYS I 137 9.17 5.94 -11.01
N LEU I 138 9.52 5.45 -12.19
CA LEU I 138 10.80 5.76 -12.82
C LEU I 138 10.52 6.42 -14.17
N THR I 139 11.22 7.52 -14.46
CA THR I 139 11.09 8.23 -15.72
C THR I 139 12.46 8.27 -16.38
N VAL I 140 12.54 7.78 -17.61
CA VAL I 140 13.79 7.74 -18.37
C VAL I 140 13.67 8.69 -19.56
N VAL I 141 14.62 9.61 -19.66
CA VAL I 141 14.66 10.61 -20.73
C VAL I 141 15.83 10.24 -21.64
N PHE I 142 15.53 9.87 -22.88
CA PHE I 142 16.53 9.42 -23.83
C PHE I 142 17.14 10.62 -24.55
N GLU I 143 18.29 11.10 -24.06
CA GLU I 143 19.08 12.10 -24.75
C GLU I 143 20.19 11.48 -25.57
N ILE I 144 20.01 10.22 -25.99
CA ILE I 144 20.98 9.49 -26.81
C ILE I 144 20.28 8.85 -28.02
N ASN I 145 21.09 8.25 -28.89
CA ASN I 145 20.75 7.63 -30.16
C ASN I 145 20.77 6.09 -30.11
N VAL I 146 19.55 5.56 -30.23
CA VAL I 146 19.19 4.15 -30.31
C VAL I 146 18.13 4.02 -31.39
N ASP I 147 18.17 2.91 -32.13
CA ASP I 147 17.11 2.54 -33.05
C ASP I 147 16.01 1.82 -32.27
N LYS I 148 14.98 1.35 -32.97
CA LYS I 148 13.90 0.62 -32.30
C LYS I 148 14.41 -0.69 -31.69
N ASN I 149 15.33 -1.37 -32.37
CA ASN I 149 15.84 -2.63 -31.85
C ASN I 149 16.61 -2.42 -30.55
N LEU I 150 17.47 -1.40 -30.51
CA LEU I 150 18.20 -1.10 -29.29
C LEU I 150 17.29 -0.54 -28.21
N PHE I 151 16.26 0.22 -28.60
CA PHE I 151 15.30 0.70 -27.61
C PHE I 151 14.53 -0.44 -26.98
N ARG I 152 14.08 -1.40 -27.80
CA ARG I 152 13.46 -2.60 -27.26
C ARG I 152 14.44 -3.38 -26.40
N PHE I 153 15.70 -3.48 -26.84
CA PHE I 153 16.71 -4.17 -26.06
C PHE I 153 16.92 -3.50 -24.70
N PHE I 154 16.83 -2.17 -24.66
CA PHE I 154 16.94 -1.44 -23.39
C PHE I 154 15.83 -1.86 -22.43
N LEU I 155 14.60 -1.95 -22.93
CA LEU I 155 13.47 -2.29 -22.06
C LEU I 155 13.53 -3.75 -21.61
N GLU I 156 13.85 -4.68 -22.52
CA GLU I 156 13.99 -6.08 -22.14
C GLU I 156 15.04 -6.25 -21.05
N THR I 157 16.22 -5.66 -21.25
CA THR I 157 17.29 -5.78 -20.27
C THR I 157 16.90 -5.13 -18.95
N LEU I 158 16.23 -3.98 -19.01
CA LEU I 158 15.75 -3.33 -17.79
C LEU I 158 14.77 -4.23 -17.05
N PHE I 159 13.77 -4.76 -17.76
CA PHE I 159 12.80 -5.64 -17.13
C PHE I 159 13.46 -6.88 -16.55
N TYR I 160 14.39 -7.47 -17.29
CA TYR I 160 15.02 -8.72 -16.86
C TYR I 160 15.91 -8.50 -15.64
N GLU I 161 16.78 -7.49 -15.68
CA GLU I 161 17.69 -7.26 -14.56
C GLU I 161 16.96 -6.75 -13.33
N TYR I 162 15.90 -5.96 -13.51
CA TYR I 162 15.13 -5.46 -12.39
C TYR I 162 14.44 -6.60 -11.64
N MET I 163 13.96 -7.60 -12.37
CA MET I 163 13.23 -8.70 -11.75
C MET I 163 14.15 -9.56 -10.90
N THR I 164 13.65 -9.97 -9.73
CA THR I 164 14.39 -10.80 -8.80
C THR I 164 13.61 -12.10 -8.56
N ASP I 165 14.30 -13.23 -8.73
CA ASP I 165 13.68 -14.54 -8.60
C ASP I 165 13.73 -14.97 -7.13
N GLU I 166 12.56 -15.08 -6.51
CA GLU I 166 12.46 -15.45 -5.09
C GLU I 166 11.64 -16.72 -4.91
N ARG I 167 11.49 -17.54 -5.96
CA ARG I 167 10.66 -18.73 -5.87
C ARG I 167 11.18 -19.71 -4.82
N PHE I 168 12.49 -19.73 -4.58
CA PHE I 168 13.08 -20.69 -3.68
C PHE I 168 13.56 -20.05 -2.37
N LYS I 169 13.19 -18.80 -2.12
CA LYS I 169 13.49 -18.16 -0.85
C LYS I 169 12.35 -18.40 0.12
N SER I 170 12.67 -18.93 1.30
CA SER I 170 11.70 -19.10 2.36
C SER I 170 11.85 -18.05 3.44
N THR I 171 12.86 -18.22 4.30
CA THR I 171 13.10 -17.35 5.44
C THR I 171 13.96 -16.13 5.07
N ASP I 172 14.45 -16.04 3.84
CA ASP I 172 15.37 -14.99 3.43
C ASP I 172 14.82 -14.14 2.30
N LYS I 173 13.50 -13.96 2.26
CA LYS I 173 12.91 -13.06 1.29
C LYS I 173 13.28 -11.62 1.61
N ASN I 174 13.55 -10.83 0.57
CA ASN I 174 13.91 -9.43 0.75
C ASN I 174 12.75 -8.67 1.39
N VAL I 175 12.94 -8.21 2.62
CA VAL I 175 11.89 -7.48 3.33
C VAL I 175 11.63 -6.10 2.75
N ASN I 176 12.46 -5.63 1.83
CA ASN I 176 12.32 -4.29 1.27
C ASN I 176 12.13 -4.32 -0.24
N MET I 177 11.71 -5.45 -0.80
CA MET I 177 11.44 -5.54 -2.23
C MET I 177 10.16 -4.80 -2.56
N GLU I 178 10.26 -3.76 -3.40
CA GLU I 178 9.14 -2.87 -3.69
C GLU I 178 9.34 -2.31 -5.10
N TYR I 179 8.75 -2.99 -6.08
CA TYR I 179 8.88 -2.59 -7.48
C TYR I 179 8.07 -1.33 -7.78
N ILE I 180 8.56 -0.55 -8.74
CA ILE I 180 7.85 0.62 -9.22
C ILE I 180 6.55 0.22 -9.90
N LYS I 181 5.60 1.15 -9.97
CA LYS I 181 4.32 0.92 -10.60
C LYS I 181 4.15 1.65 -11.94
N HIS I 182 5.03 2.60 -12.26
CA HIS I 182 4.92 3.36 -13.50
C HIS I 182 6.29 3.57 -14.11
N LEU I 183 6.35 3.53 -15.44
CA LEU I 183 7.58 3.80 -16.18
C LEU I 183 7.28 4.80 -17.30
N GLY I 184 7.95 5.95 -17.26
CA GLY I 184 7.80 6.98 -18.28
C GLY I 184 9.05 7.06 -19.15
N VAL I 185 8.84 7.26 -20.45
CA VAL I 185 9.93 7.32 -21.42
C VAL I 185 9.73 8.56 -22.29
N TYR I 186 10.73 9.42 -22.33
CA TYR I 186 10.74 10.57 -23.22
C TYR I 186 11.76 10.32 -24.31
N ILE I 187 11.31 10.35 -25.56
CA ILE I 187 12.21 9.99 -26.66
C ILE I 187 11.73 10.64 -27.96
N ASN I 188 12.68 10.83 -28.87
CA ASN I 188 12.47 11.29 -30.23
C ASN I 188 11.61 10.31 -30.99
N ASN I 189 10.68 10.81 -31.78
CA ASN I 189 9.77 9.98 -32.54
C ASN I 189 9.05 8.96 -31.64
N ALA I 190 8.46 9.46 -30.54
CA ALA I 190 7.83 8.58 -29.58
C ALA I 190 6.81 7.65 -30.22
N ASP I 191 6.11 8.15 -31.25
CA ASP I 191 5.05 7.38 -31.89
C ASP I 191 5.60 6.11 -32.52
N THR I 192 6.84 6.17 -33.03
CA THR I 192 7.44 4.99 -33.63
C THR I 192 7.95 4.00 -32.60
N TYR I 193 8.22 4.44 -31.37
CA TYR I 193 8.74 3.54 -30.35
C TYR I 193 7.66 2.91 -29.48
N LYS I 194 6.40 3.35 -29.61
CA LYS I 194 5.36 2.84 -28.71
C LYS I 194 5.09 1.36 -28.95
N GLU I 195 5.21 0.90 -30.20
CA GLU I 195 4.96 -0.50 -30.49
C GLU I 195 6.05 -1.42 -29.95
N GLU I 196 7.21 -0.87 -29.60
CA GLU I 196 8.28 -1.68 -29.04
C GLU I 196 8.11 -1.96 -27.56
N VAL I 197 7.20 -1.25 -26.88
CA VAL I 197 7.04 -1.42 -25.44
C VAL I 197 6.48 -2.80 -25.12
N GLU I 198 5.33 -3.14 -25.70
CA GLU I 198 4.71 -4.42 -25.42
C GLU I 198 5.49 -5.57 -26.05
N LYS I 199 6.22 -5.30 -27.13
CA LYS I 199 7.09 -6.34 -27.68
C LYS I 199 8.25 -6.63 -26.73
N ALA I 200 8.79 -5.59 -26.09
CA ALA I 200 9.84 -5.79 -25.09
C ALA I 200 9.31 -6.57 -23.89
N ARG I 201 8.08 -6.27 -23.47
CA ARG I 201 7.49 -6.97 -22.34
C ARG I 201 7.29 -8.45 -22.66
N VAL I 202 6.87 -8.76 -23.89
CA VAL I 202 6.73 -10.16 -24.29
C VAL I 202 8.10 -10.82 -24.39
N TYR I 203 9.06 -10.13 -25.02
CA TYR I 203 10.41 -10.67 -25.13
C TYR I 203 11.04 -10.85 -23.74
N TYR I 204 10.73 -9.94 -22.81
CA TYR I 204 11.28 -10.05 -21.46
C TYR I 204 10.83 -11.35 -20.80
N PHE I 205 9.52 -11.62 -20.82
CA PHE I 205 9.02 -12.77 -20.08
C PHE I 205 9.46 -14.08 -20.72
N GLY I 206 9.50 -14.14 -22.05
CA GLY I 206 10.03 -15.31 -22.71
C GLY I 206 11.44 -15.64 -22.26
N THR I 207 12.28 -14.61 -22.12
CA THR I 207 13.63 -14.82 -21.59
C THR I 207 13.59 -15.14 -20.10
N TYR I 208 12.72 -14.45 -19.34
CA TYR I 208 12.64 -14.69 -17.91
C TYR I 208 12.01 -16.04 -17.61
N TYR I 209 11.03 -16.46 -18.43
CA TYR I 209 10.45 -17.78 -18.27
C TYR I 209 11.49 -18.87 -18.48
N ALA I 210 12.31 -18.74 -19.52
CA ALA I 210 13.40 -19.69 -19.73
C ALA I 210 14.38 -19.68 -18.58
N SER I 211 14.70 -18.48 -18.05
CA SER I 211 15.59 -18.41 -16.91
C SER I 211 14.99 -19.10 -15.69
N GLN I 212 13.67 -19.01 -15.52
CA GLN I 212 13.01 -19.67 -14.40
C GLN I 212 13.15 -21.18 -14.49
N LEU I 213 13.03 -21.74 -15.70
CA LEU I 213 13.18 -23.18 -15.87
C LEU I 213 14.63 -23.61 -15.66
N ILE I 214 15.58 -22.81 -16.16
CA ILE I 214 16.99 -23.17 -16.03
C ILE I 214 17.43 -23.09 -14.58
N ALA I 215 17.07 -22.00 -13.89
CA ALA I 215 17.51 -21.82 -12.51
C ALA I 215 16.87 -22.83 -11.58
N ALA I 216 15.70 -23.36 -11.93
CA ALA I 216 15.05 -24.38 -11.12
C ALA I 216 15.95 -25.60 -10.99
N PRO I 217 16.29 -26.04 -9.78
CA PRO I 217 17.19 -27.19 -9.62
C PRO I 217 16.58 -28.47 -10.18
N SER I 218 17.43 -29.48 -10.29
CA SER I 218 17.05 -30.72 -10.96
C SER I 218 16.04 -31.55 -10.19
N ASN I 219 15.92 -31.34 -8.87
CA ASN I 219 14.86 -32.03 -8.14
C ASN I 219 13.51 -31.37 -8.37
N TYR I 220 13.48 -30.07 -8.65
CA TYR I 220 12.24 -29.41 -9.04
C TYR I 220 11.97 -29.60 -10.53
N CYS I 221 12.98 -29.36 -11.37
CA CYS I 221 12.85 -29.43 -12.82
C CYS I 221 13.44 -30.76 -13.29
N ASN I 222 12.57 -31.76 -13.47
CA ASN I 222 12.94 -33.08 -13.95
C ASN I 222 12.19 -33.34 -15.26
N PRO I 223 12.47 -34.42 -15.98
CA PRO I 223 11.77 -34.65 -17.26
C PRO I 223 10.26 -34.63 -17.16
N VAL I 224 9.69 -35.10 -16.06
CA VAL I 224 8.24 -35.13 -15.94
C VAL I 224 7.70 -33.73 -15.64
N SER I 225 8.30 -33.03 -14.68
CA SER I 225 7.81 -31.70 -14.31
C SER I 225 8.07 -30.69 -15.42
N LEU I 226 9.15 -30.86 -16.18
CA LEU I 226 9.42 -29.94 -17.28
C LEU I 226 8.43 -30.13 -18.42
N SER I 227 8.12 -31.38 -18.78
CA SER I 227 7.11 -31.64 -19.81
C SER I 227 5.72 -31.24 -19.32
N ASN I 228 5.44 -31.42 -18.03
CA ASN I 228 4.18 -30.94 -17.47
C ASN I 228 4.06 -29.42 -17.60
N ALA I 229 5.15 -28.71 -17.32
CA ALA I 229 5.13 -27.25 -17.46
C ALA I 229 4.96 -26.82 -18.91
N ALA I 230 5.51 -27.59 -19.85
CA ALA I 230 5.34 -27.27 -21.26
C ALA I 230 3.88 -27.44 -21.69
N VAL I 231 3.22 -28.47 -21.16
CA VAL I 231 1.80 -28.68 -21.45
C VAL I 231 0.98 -27.51 -20.93
N GLU I 232 1.24 -27.10 -19.68
CA GLU I 232 0.52 -25.97 -19.10
C GLU I 232 0.75 -24.69 -19.91
N LEU I 233 1.99 -24.49 -20.39
CA LEU I 233 2.27 -23.30 -21.19
C LEU I 233 1.50 -23.34 -22.51
N ALA I 234 1.49 -24.50 -23.18
CA ALA I 234 0.75 -24.60 -24.43
C ALA I 234 -0.74 -24.39 -24.21
N GLN I 235 -1.27 -24.84 -23.06
CA GLN I 235 -2.69 -24.65 -22.77
C GLN I 235 -3.03 -23.18 -22.58
N LYS I 236 -2.13 -22.42 -21.94
CA LYS I 236 -2.38 -21.00 -21.74
C LYS I 236 -2.29 -20.22 -23.05
N LEU I 237 -1.53 -20.73 -24.02
CA LEU I 237 -1.34 -20.07 -25.30
C LEU I 237 -2.17 -20.68 -26.43
N ASN I 238 -2.97 -21.70 -26.13
CA ASN I 238 -3.80 -22.38 -27.13
C ASN I 238 -2.96 -22.95 -28.26
N LEU I 239 -1.79 -23.51 -27.90
CA LEU I 239 -0.97 -24.22 -28.86
C LEU I 239 -1.29 -25.70 -28.82
N GLU I 240 -1.17 -26.36 -29.97
CA GLU I 240 -1.26 -27.81 -30.00
C GLU I 240 -0.04 -28.39 -29.31
N TYR I 241 -0.26 -29.43 -28.52
CA TYR I 241 0.82 -30.04 -27.74
C TYR I 241 0.67 -31.55 -27.74
N LYS I 242 1.82 -32.22 -27.61
CA LYS I 242 1.87 -33.68 -27.58
C LYS I 242 3.13 -34.10 -26.85
N ILE I 243 2.97 -34.93 -25.83
CA ILE I 243 4.08 -35.43 -25.03
C ILE I 243 4.23 -36.92 -25.30
N LEU I 244 5.36 -37.30 -25.88
CA LEU I 244 5.62 -38.69 -26.23
C LEU I 244 6.24 -39.40 -25.04
N GLY I 245 5.60 -40.47 -24.58
CA GLY I 245 6.11 -41.26 -23.48
C GLY I 245 6.99 -42.40 -23.94
N VAL I 246 7.48 -43.17 -22.97
CA VAL I 246 8.47 -44.21 -23.24
C VAL I 246 7.93 -45.24 -24.23
N LYS I 247 6.66 -45.60 -24.09
CA LYS I 247 6.09 -46.61 -24.99
C LYS I 247 6.06 -46.11 -26.43
N GLU I 248 5.66 -44.85 -26.63
CA GLU I 248 5.67 -44.29 -27.98
C GLU I 248 7.10 -44.09 -28.49
N LEU I 249 8.03 -43.71 -27.62
CA LEU I 249 9.41 -43.55 -28.05
C LEU I 249 10.03 -44.88 -28.44
N GLU I 250 9.66 -45.97 -27.76
CA GLU I 250 10.12 -47.29 -28.16
C GLU I 250 9.58 -47.66 -29.53
N GLU I 251 8.32 -47.33 -29.81
CA GLU I 251 7.74 -47.61 -31.12
C GLU I 251 8.43 -46.81 -32.21
N LEU I 252 8.88 -45.59 -31.90
CA LEU I 252 9.65 -44.80 -32.84
C LEU I 252 11.12 -45.17 -32.87
N LYS I 253 11.53 -46.18 -32.09
CA LYS I 253 12.88 -46.74 -32.16
C LYS I 253 13.95 -45.70 -31.83
N MET I 254 13.64 -44.79 -30.92
CA MET I 254 14.60 -43.76 -30.51
C MET I 254 15.56 -44.34 -29.48
N GLY I 255 16.45 -45.21 -29.97
CA GLY I 255 17.36 -45.92 -29.08
C GLY I 255 18.42 -45.03 -28.47
N ALA I 256 18.91 -44.05 -29.24
CA ALA I 256 19.92 -43.15 -28.71
C ALA I 256 19.35 -42.27 -27.60
N TYR I 257 18.17 -41.70 -27.82
CA TYR I 257 17.53 -40.86 -26.82
C TYR I 257 17.13 -41.68 -25.59
N LEU I 258 16.58 -42.88 -25.80
CA LEU I 258 16.13 -43.68 -24.67
C LEU I 258 17.29 -44.22 -23.85
N SER I 259 18.43 -44.49 -24.49
CA SER I 259 19.57 -45.04 -23.75
C SER I 259 20.12 -44.05 -22.73
N VAL I 260 20.06 -42.75 -23.03
CA VAL I 260 20.60 -41.74 -22.13
C VAL I 260 19.81 -41.72 -20.82
N GLY I 261 18.49 -41.87 -20.90
CA GLY I 261 17.64 -41.81 -19.74
C GLY I 261 17.41 -43.12 -19.02
N LYS I 262 18.07 -44.21 -19.43
CA LYS I 262 17.84 -45.51 -18.82
C LYS I 262 18.14 -45.50 -17.33
N GLY I 263 19.19 -44.79 -16.92
CA GLY I 263 19.59 -44.78 -15.53
C GLY I 263 18.86 -43.80 -14.64
N SER I 264 17.84 -43.12 -15.15
CA SER I 264 17.12 -42.11 -14.38
C SER I 264 15.84 -42.68 -13.81
N MET I 265 15.46 -42.16 -12.64
CA MET I 265 14.17 -42.51 -12.03
C MET I 265 13.00 -41.80 -12.70
N TYR I 266 13.27 -40.82 -13.57
CA TYR I 266 12.23 -40.09 -14.29
C TYR I 266 12.13 -40.61 -15.72
N PRO I 267 10.96 -41.02 -16.17
CA PRO I 267 10.83 -41.51 -17.54
C PRO I 267 11.08 -40.40 -18.55
N ASN I 268 11.58 -40.79 -19.72
CA ASN I 268 11.84 -39.83 -20.78
C ASN I 268 10.52 -39.21 -21.25
N LYS I 269 10.57 -37.92 -21.60
CA LYS I 269 9.40 -37.20 -22.08
C LYS I 269 9.81 -36.35 -23.26
N PHE I 270 9.20 -36.60 -24.42
CA PHE I 270 9.47 -35.83 -25.63
C PHE I 270 8.41 -34.76 -25.79
N ILE I 271 8.83 -33.51 -25.74
CA ILE I 271 7.93 -32.37 -25.84
C ILE I 271 7.76 -32.00 -27.31
N HIS I 272 6.50 -31.84 -27.74
CA HIS I 272 6.20 -31.42 -29.11
C HIS I 272 5.08 -30.39 -29.03
N LEU I 273 5.45 -29.12 -29.09
CA LEU I 273 4.51 -28.02 -29.21
C LEU I 273 4.48 -27.52 -30.65
N THR I 274 3.30 -27.08 -31.09
CA THR I 274 3.14 -26.61 -32.46
C THR I 274 2.31 -25.34 -32.47
N TYR I 275 2.80 -24.33 -33.19
CA TYR I 275 2.03 -23.13 -33.49
C TYR I 275 1.84 -23.05 -34.99
N LYS I 276 0.59 -23.04 -35.44
CA LYS I 276 0.28 -22.84 -36.84
C LYS I 276 -0.48 -21.52 -37.00
N SER I 277 -0.14 -20.78 -38.05
CA SER I 277 -0.79 -19.50 -38.30
C SER I 277 -2.02 -19.68 -39.19
N LYS I 278 -2.93 -18.73 -39.08
CA LYS I 278 -4.10 -18.73 -39.94
C LYS I 278 -3.68 -18.30 -41.34
N GLY I 279 -4.29 -18.92 -42.34
CA GLY I 279 -3.96 -18.61 -43.71
C GLY I 279 -2.93 -19.56 -44.28
N ASP I 280 -2.43 -19.22 -45.46
CA ASP I 280 -1.42 -20.02 -46.14
C ASP I 280 -0.11 -20.02 -45.34
N VAL I 281 0.36 -21.21 -44.99
CA VAL I 281 1.64 -21.38 -44.32
C VAL I 281 2.74 -21.28 -45.37
N LYS I 282 3.65 -20.33 -45.21
CA LYS I 282 4.72 -20.12 -46.18
C LYS I 282 6.07 -20.68 -45.74
N LYS I 283 6.28 -20.88 -44.43
CA LYS I 283 7.53 -21.42 -43.92
C LYS I 283 7.22 -22.34 -42.77
N LYS I 284 7.81 -23.54 -42.79
CA LYS I 284 7.69 -24.51 -41.71
C LYS I 284 9.04 -24.66 -41.03
N ILE I 285 9.05 -24.49 -39.70
CA ILE I 285 10.27 -24.44 -38.92
C ILE I 285 10.15 -25.41 -37.75
N ALA I 286 11.23 -26.13 -37.47
CA ALA I 286 11.33 -27.01 -36.31
C ALA I 286 12.46 -26.50 -35.43
N LEU I 287 12.13 -26.22 -34.17
CA LEU I 287 13.11 -25.75 -33.19
C LEU I 287 13.35 -26.87 -32.18
N VAL I 288 14.60 -27.30 -32.07
CA VAL I 288 14.98 -28.42 -31.22
C VAL I 288 15.84 -27.89 -30.08
N GLY I 289 15.45 -28.19 -28.85
CA GLY I 289 16.19 -27.76 -27.68
C GLY I 289 16.70 -28.95 -26.88
N LYS I 290 17.96 -28.88 -26.46
CA LYS I 290 18.52 -29.92 -25.61
C LYS I 290 17.88 -29.85 -24.22
N GLY I 291 17.32 -30.98 -23.78
CA GLY I 291 16.60 -30.99 -22.52
C GLY I 291 17.10 -32.01 -21.51
N ILE I 292 18.36 -31.89 -21.11
CA ILE I 292 18.93 -32.71 -20.05
C ILE I 292 18.69 -31.97 -18.73
N THR I 293 17.74 -32.47 -17.93
CA THR I 293 17.39 -31.77 -16.69
C THR I 293 18.52 -31.82 -15.68
N PHE I 294 19.33 -32.88 -15.70
CA PHE I 294 20.58 -32.91 -14.95
C PHE I 294 21.57 -33.81 -15.68
N ASP I 295 22.80 -33.34 -15.81
CA ASP I 295 23.87 -34.07 -16.50
C ASP I 295 24.94 -34.41 -15.49
N SER I 296 24.80 -35.58 -14.85
CA SER I 296 25.86 -36.07 -13.98
C SER I 296 27.05 -36.58 -14.78
N GLY I 297 26.86 -36.83 -16.07
CA GLY I 297 27.88 -37.43 -16.91
C GLY I 297 27.73 -38.92 -17.10
N GLY I 298 26.86 -39.57 -16.34
CA GLY I 298 26.80 -41.02 -16.42
C GLY I 298 28.03 -41.65 -15.80
N TYR I 299 28.35 -42.86 -16.25
CA TYR I 299 29.53 -43.55 -15.73
C TYR I 299 30.83 -42.80 -16.08
N ASN I 300 30.80 -41.97 -17.12
CA ASN I 300 31.84 -40.98 -17.33
C ASN I 300 31.54 -39.75 -16.46
N LEU I 301 31.59 -39.99 -15.14
CA LEU I 301 31.13 -39.02 -14.16
C LEU I 301 31.91 -37.73 -14.26
N LYS I 302 31.22 -36.60 -14.05
CA LYS I 302 31.86 -35.29 -14.02
C LYS I 302 32.58 -35.15 -12.68
N ALA I 303 33.76 -35.77 -12.61
CA ALA I 303 34.57 -35.73 -11.41
C ALA I 303 35.92 -35.05 -11.61
N ALA I 304 36.31 -34.74 -12.84
CA ALA I 304 37.57 -34.06 -13.08
C ALA I 304 37.49 -32.62 -12.58
N PRO I 305 38.62 -32.04 -12.15
CA PRO I 305 38.61 -30.65 -11.71
C PRO I 305 38.15 -29.74 -12.84
N GLY I 306 37.25 -28.81 -12.49
CA GLY I 306 36.68 -27.89 -13.46
C GLY I 306 35.48 -28.40 -14.22
N SER I 307 35.04 -29.64 -13.97
CA SER I 307 33.86 -30.16 -14.66
C SER I 307 32.57 -29.51 -14.18
N MET I 308 32.56 -28.96 -12.97
CA MET I 308 31.45 -28.15 -12.45
C MET I 308 30.13 -28.91 -12.52
N ILE I 309 30.05 -30.01 -11.77
CA ILE I 309 28.85 -30.84 -11.78
C ILE I 309 27.68 -30.08 -11.15
N ASP I 310 27.95 -29.12 -10.26
CA ASP I 310 26.88 -28.38 -9.61
C ASP I 310 26.18 -27.40 -10.54
N LEU I 311 26.76 -27.11 -11.70
CA LEU I 311 26.13 -26.22 -12.67
C LEU I 311 25.17 -26.96 -13.61
N MET I 312 25.28 -28.28 -13.69
CA MET I 312 24.64 -29.07 -14.72
C MET I 312 23.12 -29.11 -14.63
N LYS I 313 22.47 -28.36 -13.73
CA LYS I 313 21.03 -28.18 -13.85
C LYS I 313 20.67 -27.34 -15.06
N PHE I 314 21.64 -26.61 -15.62
CA PHE I 314 21.42 -25.74 -16.78
C PHE I 314 21.48 -26.50 -18.09
N ASP I 315 21.66 -27.82 -18.07
CA ASP I 315 21.80 -28.59 -19.31
C ASP I 315 20.50 -28.72 -20.09
N MET I 316 19.40 -28.14 -19.60
CA MET I 316 18.18 -28.03 -20.38
C MET I 316 17.94 -26.59 -20.85
N SER I 317 19.01 -25.80 -20.92
CA SER I 317 18.88 -24.41 -21.35
C SER I 317 18.37 -24.31 -22.78
N GLY I 318 18.77 -25.26 -23.64
CA GLY I 318 18.24 -25.27 -25.00
C GLY I 318 16.75 -25.49 -25.04
N CYS I 319 16.25 -26.45 -24.25
CA CYS I 319 14.82 -26.67 -24.14
C CYS I 319 14.12 -25.43 -23.60
N ALA I 320 14.72 -24.79 -22.59
CA ALA I 320 14.11 -23.59 -22.01
C ALA I 320 14.04 -22.46 -23.03
N ALA I 321 15.07 -22.30 -23.86
CA ALA I 321 15.05 -21.27 -24.88
C ALA I 321 13.96 -21.54 -25.91
N VAL I 322 13.78 -22.81 -26.27
CA VAL I 322 12.73 -23.18 -27.22
C VAL I 322 11.36 -22.92 -26.60
N LEU I 323 11.19 -23.24 -25.32
CA LEU I 323 9.92 -22.98 -24.65
C LEU I 323 9.67 -21.49 -24.49
N GLY I 324 10.73 -20.72 -24.17
CA GLY I 324 10.57 -19.28 -24.10
C GLY I 324 10.20 -18.69 -25.45
N CYS I 325 10.76 -19.25 -26.53
CA CYS I 325 10.36 -18.82 -27.86
C CYS I 325 8.90 -19.20 -28.16
N ALA I 326 8.46 -20.35 -27.66
CA ALA I 326 7.07 -20.75 -27.87
C ALA I 326 6.11 -19.77 -27.22
N TYR I 327 6.47 -19.20 -26.08
CA TYR I 327 5.63 -18.17 -25.46
C TYR I 327 5.55 -16.93 -26.33
N CYS I 328 6.70 -16.45 -26.82
CA CYS I 328 6.73 -15.24 -27.63
C CYS I 328 5.93 -15.44 -28.92
N VAL I 329 6.12 -16.59 -29.57
CA VAL I 329 5.38 -16.86 -30.80
C VAL I 329 3.90 -17.02 -30.52
N GLY I 330 3.55 -17.73 -29.44
CA GLY I 330 2.15 -17.91 -29.10
C GLY I 330 1.45 -16.62 -28.70
N THR I 331 2.20 -15.66 -28.18
CA THR I 331 1.64 -14.38 -27.77
C THR I 331 1.55 -13.39 -28.93
N LEU I 332 2.64 -13.23 -29.68
CA LEU I 332 2.65 -12.28 -30.79
C LEU I 332 1.90 -12.79 -32.02
N LYS I 333 1.75 -14.11 -32.15
CA LYS I 333 0.98 -14.74 -33.22
C LYS I 333 1.44 -14.28 -34.60
N PRO I 334 2.61 -14.71 -35.07
CA PRO I 334 3.02 -14.38 -36.43
C PRO I 334 2.16 -15.09 -37.46
N GLU I 335 2.29 -14.67 -38.72
CA GLU I 335 1.48 -15.17 -39.81
C GLU I 335 2.32 -15.94 -40.81
N ASN I 336 1.65 -16.84 -41.53
CA ASN I 336 2.26 -17.60 -42.63
C ASN I 336 3.42 -18.47 -42.17
N VAL I 337 3.37 -18.95 -40.93
CA VAL I 337 4.45 -19.77 -40.38
C VAL I 337 3.84 -20.93 -39.59
N GLU I 338 4.51 -22.07 -39.66
CA GLU I 338 4.19 -23.24 -38.84
C GLU I 338 5.47 -23.64 -38.12
N ILE I 339 5.46 -23.55 -36.79
CA ILE I 339 6.65 -23.77 -35.98
C ILE I 339 6.40 -24.93 -35.05
N HIS I 340 7.36 -25.86 -34.99
CA HIS I 340 7.33 -26.98 -34.07
C HIS I 340 8.41 -26.78 -33.01
N PHE I 341 8.02 -26.89 -31.75
CA PHE I 341 8.92 -26.73 -30.61
C PHE I 341 9.17 -28.10 -30.01
N LEU I 342 10.40 -28.60 -30.17
CA LEU I 342 10.73 -29.97 -29.83
C LEU I 342 11.85 -30.01 -28.79
N SER I 343 11.80 -31.02 -27.93
CA SER I 343 12.86 -31.26 -26.95
C SER I 343 12.75 -32.69 -26.45
N ALA I 344 13.81 -33.47 -26.62
CA ALA I 344 13.89 -34.83 -26.09
C ALA I 344 14.44 -34.74 -24.67
N VAL I 345 13.53 -34.70 -23.70
CA VAL I 345 13.89 -34.44 -22.31
C VAL I 345 14.18 -35.75 -21.59
N CYS I 346 15.27 -35.79 -20.84
CA CYS I 346 15.65 -36.94 -20.04
C CYS I 346 16.68 -36.49 -19.01
N GLU I 347 17.22 -37.45 -18.26
CA GLU I 347 18.18 -37.18 -17.20
C GLU I 347 19.33 -38.17 -17.29
N ASN I 348 20.56 -37.67 -17.19
CA ASN I 348 21.76 -38.50 -17.32
C ASN I 348 22.29 -38.79 -15.91
N MET I 349 22.07 -40.02 -15.44
CA MET I 349 22.36 -40.40 -14.07
C MET I 349 23.19 -41.67 -14.04
N VAL I 350 23.69 -41.99 -12.85
CA VAL I 350 24.48 -43.20 -12.59
C VAL I 350 23.61 -44.19 -11.83
N SER I 351 23.49 -45.39 -12.37
CA SER I 351 22.61 -46.40 -11.80
C SER I 351 23.00 -47.76 -12.37
N LYS I 352 22.41 -48.81 -11.79
CA LYS I 352 22.56 -50.15 -12.36
C LYS I 352 21.90 -50.26 -13.74
N ASN I 353 20.99 -49.35 -14.06
CA ASN I 353 20.26 -49.37 -15.32
C ASN I 353 20.84 -48.41 -16.35
N SER I 354 21.89 -47.66 -16.00
CA SER I 354 22.46 -46.69 -16.92
C SER I 354 23.13 -47.39 -18.09
N TYR I 355 23.24 -46.66 -19.20
CA TYR I 355 24.00 -47.16 -20.34
C TYR I 355 25.48 -46.95 -20.09
N ARG I 356 26.28 -47.86 -20.63
CA ARG I 356 27.70 -47.95 -20.30
C ARG I 356 28.56 -47.37 -21.40
N PRO I 357 29.78 -46.93 -21.08
CA PRO I 357 30.76 -46.64 -22.12
C PRO I 357 31.07 -47.91 -22.92
N GLY I 358 31.06 -47.77 -24.25
CA GLY I 358 31.26 -48.89 -25.13
C GLY I 358 29.98 -49.48 -25.70
N ASP I 359 28.83 -49.20 -25.10
CA ASP I 359 27.56 -49.70 -25.59
C ASP I 359 27.31 -49.24 -27.02
N ILE I 360 26.69 -50.12 -27.81
CA ILE I 360 26.29 -49.81 -29.18
C ILE I 360 24.78 -49.74 -29.21
N ILE I 361 24.25 -48.58 -29.60
CA ILE I 361 22.82 -48.32 -29.61
C ILE I 361 22.40 -47.91 -31.01
N THR I 362 21.10 -48.01 -31.28
CA THR I 362 20.54 -47.80 -32.61
C THR I 362 19.60 -46.60 -32.58
N ALA I 363 19.89 -45.59 -33.40
CA ALA I 363 19.04 -44.42 -33.51
C ALA I 363 17.78 -44.73 -34.32
N SER I 364 16.85 -43.78 -34.34
CA SER I 364 15.57 -43.98 -35.02
C SER I 364 15.71 -44.02 -36.54
N ASN I 365 16.85 -43.61 -37.09
CA ASN I 365 17.09 -43.71 -38.52
C ASN I 365 17.87 -44.97 -38.90
N GLY I 366 18.07 -45.89 -37.96
CA GLY I 366 18.73 -47.13 -38.22
C GLY I 366 20.23 -47.14 -38.00
N LYS I 367 20.85 -45.98 -37.80
CA LYS I 367 22.30 -45.92 -37.63
C LYS I 367 22.70 -46.40 -36.25
N THR I 368 23.65 -47.33 -36.21
CA THR I 368 24.21 -47.81 -34.95
C THR I 368 25.35 -46.91 -34.49
N ILE I 369 25.36 -46.59 -33.20
CA ILE I 369 26.30 -45.64 -32.61
C ILE I 369 27.07 -46.35 -31.51
N GLU I 370 28.40 -46.20 -31.53
CA GLU I 370 29.26 -46.71 -30.48
C GLU I 370 29.48 -45.61 -29.46
N VAL I 371 29.03 -45.82 -28.22
CA VAL I 371 29.14 -44.83 -27.17
C VAL I 371 30.55 -44.87 -26.60
N GLY I 372 31.29 -43.77 -26.76
CA GLY I 372 32.63 -43.69 -26.23
C GLY I 372 32.72 -42.92 -24.92
N ASN I 373 31.69 -42.15 -24.62
CA ASN I 373 31.68 -41.32 -23.42
C ASN I 373 30.23 -41.00 -23.08
N THR I 374 29.76 -41.51 -21.93
CA THR I 374 28.37 -41.26 -21.54
C THR I 374 28.11 -39.80 -21.21
N ASP I 375 29.15 -38.99 -21.02
CA ASP I 375 28.95 -37.56 -20.79
C ASP I 375 28.72 -36.78 -22.07
N ALA I 376 28.90 -37.40 -23.23
CA ALA I 376 28.51 -36.81 -24.51
C ALA I 376 27.10 -37.23 -24.90
N GLU I 377 26.16 -37.08 -23.96
CA GLU I 377 24.80 -37.57 -24.14
C GLU I 377 23.91 -36.60 -24.90
N GLY I 378 24.28 -35.32 -24.97
CA GLY I 378 23.43 -34.36 -25.65
C GLY I 378 23.25 -34.68 -27.12
N ARG I 379 24.34 -35.01 -27.81
CA ARG I 379 24.24 -35.35 -29.22
C ARG I 379 23.45 -36.63 -29.46
N LEU I 380 23.38 -37.52 -28.47
CA LEU I 380 22.58 -38.73 -28.61
C LEU I 380 21.09 -38.41 -28.57
N THR I 381 20.67 -37.58 -27.61
CA THR I 381 19.27 -37.17 -27.56
C THR I 381 18.91 -36.29 -28.75
N LEU I 382 19.83 -35.42 -29.16
CA LEU I 382 19.56 -34.56 -30.32
C LEU I 382 19.47 -35.36 -31.61
N ALA I 383 20.22 -36.46 -31.70
CA ALA I 383 20.19 -37.28 -32.92
C ALA I 383 18.78 -37.78 -33.21
N ASP I 384 18.12 -38.36 -32.20
CA ASP I 384 16.76 -38.84 -32.40
C ASP I 384 15.78 -37.69 -32.58
N ALA I 385 16.03 -36.55 -31.92
CA ALA I 385 15.15 -35.40 -32.08
C ALA I 385 15.26 -34.80 -33.48
N LEU I 386 16.45 -34.81 -34.07
CA LEU I 386 16.61 -34.29 -35.42
C LEU I 386 15.94 -35.19 -36.44
N VAL I 387 16.03 -36.52 -36.25
CA VAL I 387 15.32 -37.45 -37.12
C VAL I 387 13.82 -37.23 -37.02
N TYR I 388 13.32 -37.04 -35.79
CA TYR I 388 11.91 -36.72 -35.60
C TYR I 388 11.55 -35.41 -36.28
N ALA I 389 12.43 -34.41 -36.20
CA ALA I 389 12.15 -33.10 -36.78
C ALA I 389 12.08 -33.18 -38.30
N GLU I 390 13.03 -33.86 -38.92
CA GLU I 390 13.04 -33.97 -40.38
C GLU I 390 11.82 -34.74 -40.88
N LYS I 391 11.32 -35.68 -40.08
CA LYS I 391 10.13 -36.43 -40.46
C LYS I 391 8.89 -35.54 -40.54
N LEU I 392 8.92 -34.38 -39.90
CA LEU I 392 7.80 -33.44 -39.98
C LEU I 392 7.72 -32.71 -41.31
N GLY I 393 8.77 -32.78 -42.13
CA GLY I 393 8.79 -32.12 -43.42
C GLY I 393 8.80 -30.61 -43.30
N VAL I 394 9.83 -30.07 -42.66
CA VAL I 394 9.94 -28.64 -42.44
C VAL I 394 11.00 -28.07 -43.40
N ASP I 395 11.03 -26.74 -43.48
CA ASP I 395 12.02 -26.06 -44.31
C ASP I 395 13.33 -25.82 -43.57
N TYR I 396 13.26 -25.53 -42.28
CA TYR I 396 14.44 -25.25 -41.47
C TYR I 396 14.38 -26.03 -40.18
N ILE I 397 15.51 -26.63 -39.81
CA ILE I 397 15.70 -27.24 -38.49
C ILE I 397 16.81 -26.48 -37.80
N VAL I 398 16.50 -25.90 -36.64
CA VAL I 398 17.48 -25.17 -35.84
C VAL I 398 17.48 -25.78 -34.44
N ASP I 399 18.63 -26.30 -34.02
CA ASP I 399 18.78 -26.83 -32.68
C ASP I 399 19.67 -25.92 -31.85
N ILE I 400 19.37 -25.86 -30.55
CA ILE I 400 20.11 -25.03 -29.60
C ILE I 400 20.40 -25.88 -28.37
N ALA I 401 21.66 -25.86 -27.92
CA ALA I 401 22.09 -26.85 -26.93
C ALA I 401 23.33 -26.36 -26.20
N THR I 402 23.40 -26.69 -24.91
CA THR I 402 24.63 -26.55 -24.13
C THR I 402 25.45 -27.81 -24.36
N LEU I 403 26.07 -27.89 -25.54
CA LEU I 403 26.58 -29.16 -26.04
C LEU I 403 28.02 -29.44 -25.60
N THR I 404 28.94 -28.51 -25.83
CA THR I 404 30.36 -28.77 -25.63
C THR I 404 30.98 -27.66 -24.79
N GLY I 405 31.70 -28.05 -23.73
CA GLY I 405 32.45 -27.10 -22.94
C GLY I 405 33.60 -26.44 -23.67
N ALA I 406 34.00 -26.99 -24.82
CA ALA I 406 35.08 -26.38 -25.60
C ALA I 406 34.72 -24.97 -26.09
N MET I 407 33.44 -24.61 -26.08
CA MET I 407 33.05 -23.26 -26.48
C MET I 407 33.65 -22.20 -25.56
N LEU I 408 33.98 -22.55 -24.31
CA LEU I 408 34.62 -21.60 -23.42
C LEU I 408 36.01 -21.22 -23.91
N TYR I 409 36.66 -22.11 -24.66
CA TYR I 409 38.00 -21.86 -25.19
C TYR I 409 37.98 -21.31 -26.60
N SER I 410 36.83 -21.33 -27.28
CA SER I 410 36.70 -20.81 -28.64
C SER I 410 36.09 -19.42 -28.65
N LEU I 411 34.84 -19.29 -28.22
CA LEU I 411 34.13 -18.02 -28.25
C LEU I 411 33.96 -17.38 -26.88
N GLY I 412 34.03 -18.15 -25.80
CA GLY I 412 33.94 -17.58 -24.47
C GLY I 412 32.52 -17.55 -23.91
N THR I 413 32.23 -16.53 -23.08
CA THR I 413 30.96 -16.45 -22.37
C THR I 413 29.96 -15.49 -23.01
N SER I 414 30.35 -14.77 -24.05
CA SER I 414 29.49 -13.76 -24.66
C SER I 414 28.87 -14.22 -25.98
N TYR I 415 29.63 -14.90 -26.83
CA TYR I 415 29.20 -15.28 -28.16
C TYR I 415 28.90 -16.77 -28.22
N ALA I 416 27.72 -17.12 -28.71
CA ALA I 416 27.40 -18.51 -29.02
C ALA I 416 27.90 -18.84 -30.41
N GLY I 417 28.10 -20.14 -30.65
CA GLY I 417 28.55 -20.63 -31.95
C GLY I 417 27.40 -21.25 -32.71
N VAL I 418 27.38 -21.01 -34.02
CA VAL I 418 26.38 -21.60 -34.90
C VAL I 418 27.08 -22.42 -35.97
N PHE I 419 26.64 -23.66 -36.14
CA PHE I 419 27.09 -24.55 -37.20
C PHE I 419 25.89 -24.92 -38.06
N GLY I 420 26.15 -25.38 -39.27
CA GLY I 420 25.04 -25.77 -40.14
C GLY I 420 25.53 -26.34 -41.44
N ASN I 421 24.57 -26.83 -42.22
CA ASN I 421 24.82 -27.38 -43.55
C ASN I 421 24.25 -26.50 -44.65
N ASN I 422 23.79 -25.30 -44.32
CA ASN I 422 23.11 -24.42 -45.25
C ASN I 422 23.53 -22.98 -44.99
N GLU I 423 24.12 -22.34 -46.01
CA GLU I 423 24.62 -20.98 -45.84
C GLU I 423 23.49 -19.99 -45.60
N GLU I 424 22.39 -20.11 -46.34
CA GLU I 424 21.29 -19.15 -46.20
C GLU I 424 20.66 -19.23 -44.82
N LEU I 425 20.50 -20.44 -44.28
CA LEU I 425 19.92 -20.58 -42.95
C LEU I 425 20.85 -20.03 -41.88
N ILE I 426 22.16 -20.30 -42.01
CA ILE I 426 23.12 -19.73 -41.08
C ILE I 426 23.09 -18.21 -41.15
N ASN I 427 22.92 -17.66 -42.36
CA ASN I 427 22.87 -16.21 -42.51
C ASN I 427 21.63 -15.62 -41.83
N LYS I 428 20.50 -16.33 -41.92
CA LYS I 428 19.31 -15.88 -41.22
C LYS I 428 19.52 -15.89 -39.71
N ILE I 429 20.21 -16.91 -39.21
CA ILE I 429 20.53 -16.97 -37.78
C ILE I 429 21.42 -15.80 -37.38
N LEU I 430 22.42 -15.50 -38.22
CA LEU I 430 23.30 -14.36 -37.92
C LEU I 430 22.54 -13.05 -37.95
N GLN I 431 21.59 -12.91 -38.89
CA GLN I 431 20.79 -11.69 -38.94
C GLN I 431 19.86 -11.59 -37.73
N SER I 432 19.27 -12.70 -37.31
CA SER I 432 18.43 -12.68 -36.12
C SER I 432 19.25 -12.38 -34.87
N SER I 433 20.51 -12.80 -34.84
CA SER I 433 21.39 -12.46 -33.73
C SER I 433 21.65 -10.95 -33.69
N LYS I 434 21.67 -10.30 -34.86
CA LYS I 434 21.90 -8.86 -34.89
C LYS I 434 20.70 -8.09 -34.37
N THR I 435 19.49 -8.50 -34.76
CA THR I 435 18.30 -7.77 -34.35
C THR I 435 17.87 -8.13 -32.93
N SER I 436 18.15 -9.35 -32.48
CA SER I 436 17.85 -9.76 -31.11
C SER I 436 18.93 -9.35 -30.13
N ASN I 437 20.11 -8.95 -30.60
CA ASN I 437 21.23 -8.54 -29.75
C ASN I 437 21.72 -9.69 -28.87
N GLU I 438 21.51 -10.93 -29.31
CA GLU I 438 22.12 -12.10 -28.69
C GLU I 438 23.29 -12.56 -29.57
N PRO I 439 24.54 -12.30 -29.18
CA PRO I 439 25.64 -12.45 -30.13
C PRO I 439 25.93 -13.90 -30.48
N VAL I 440 26.16 -14.14 -31.78
CA VAL I 440 26.45 -15.47 -32.30
C VAL I 440 27.55 -15.34 -33.36
N TRP I 441 28.45 -16.31 -33.42
CA TRP I 441 29.54 -16.35 -34.39
C TRP I 441 29.49 -17.67 -35.17
N TRP I 442 29.75 -17.58 -36.47
CA TRP I 442 29.69 -18.75 -37.35
C TRP I 442 30.98 -19.54 -37.26
N LEU I 443 30.87 -20.83 -36.93
CA LEU I 443 32.01 -21.73 -36.84
C LEU I 443 31.85 -22.86 -37.85
N PRO I 444 32.95 -23.41 -38.37
CA PRO I 444 32.87 -24.37 -39.47
C PRO I 444 32.66 -25.81 -39.03
N ILE I 445 32.00 -26.56 -39.91
CA ILE I 445 31.91 -28.01 -39.80
C ILE I 445 32.99 -28.57 -40.71
N ILE I 446 34.14 -28.89 -40.13
CA ILE I 446 35.33 -29.28 -40.89
C ILE I 446 35.20 -30.76 -41.26
N ASN I 447 35.02 -31.04 -42.56
CA ASN I 447 34.77 -32.40 -43.00
C ASN I 447 35.98 -33.32 -42.85
N GLU I 448 37.19 -32.75 -42.77
CA GLU I 448 38.38 -33.60 -42.62
C GLU I 448 38.36 -34.38 -41.32
N TYR I 449 37.65 -33.89 -40.30
CA TYR I 449 37.57 -34.59 -39.02
C TYR I 449 36.56 -35.71 -39.02
N ARG I 450 35.77 -35.86 -40.08
CA ARG I 450 34.72 -36.87 -40.10
C ARG I 450 35.27 -38.28 -39.94
N ALA I 451 36.48 -38.53 -40.43
CA ALA I 451 37.05 -39.87 -40.37
C ALA I 451 37.27 -40.35 -38.94
N THR I 452 37.42 -39.44 -37.98
CA THR I 452 37.62 -39.85 -36.60
C THR I 452 36.35 -40.41 -35.96
N LEU I 453 35.21 -40.29 -36.62
CA LEU I 453 33.97 -40.89 -36.16
C LEU I 453 33.70 -42.23 -36.80
N ASN I 454 34.65 -42.76 -37.57
CA ASN I 454 34.52 -44.07 -38.20
C ASN I 454 34.71 -45.15 -37.15
N SER I 455 33.62 -45.83 -36.80
CA SER I 455 33.68 -46.88 -35.79
C SER I 455 34.12 -48.20 -36.42
N LYS I 456 34.83 -49.00 -35.63
CA LYS I 456 35.26 -50.31 -36.10
C LYS I 456 34.10 -51.29 -36.17
N TYR I 457 33.09 -51.14 -35.31
CA TYR I 457 31.99 -52.08 -35.22
C TYR I 457 30.64 -51.46 -35.52
N ALA I 458 30.36 -50.26 -34.99
CA ALA I 458 29.10 -49.60 -35.26
C ALA I 458 29.18 -48.79 -36.54
N ASP I 459 28.05 -48.21 -36.96
CA ASP I 459 28.05 -47.36 -38.15
C ASP I 459 28.87 -46.10 -37.93
N ILE I 460 28.84 -45.55 -36.72
CA ILE I 460 29.50 -44.28 -36.43
C ILE I 460 29.85 -44.23 -34.96
N ASN I 461 30.92 -43.50 -34.64
CA ASN I 461 31.30 -43.25 -33.27
C ASN I 461 30.53 -42.06 -32.72
N GLN I 462 30.21 -42.13 -31.42
CA GLN I 462 29.58 -41.00 -30.76
C GLN I 462 30.57 -39.85 -30.59
N ILE I 463 31.81 -40.16 -30.24
CA ILE I 463 32.85 -39.16 -30.02
C ILE I 463 34.10 -39.56 -30.79
N SER I 464 34.96 -38.57 -31.00
CA SER I 464 36.30 -38.82 -31.52
C SER I 464 37.25 -39.06 -30.36
N SER I 465 38.12 -40.05 -30.52
CA SER I 465 39.11 -40.36 -29.48
C SER I 465 40.38 -39.53 -29.59
N SER I 466 40.56 -38.79 -30.68
CA SER I 466 41.78 -38.03 -30.92
C SER I 466 41.51 -36.54 -31.02
N VAL I 467 40.70 -36.11 -32.00
CA VAL I 467 40.50 -34.68 -32.24
C VAL I 467 39.88 -34.03 -31.03
N LYS I 468 40.49 -32.94 -30.57
CA LYS I 468 40.03 -32.19 -29.40
C LYS I 468 39.08 -31.05 -29.76
N ALA I 469 38.82 -30.83 -31.06
CA ALA I 469 37.86 -29.82 -31.49
C ALA I 469 36.45 -30.36 -31.31
N SER I 470 36.05 -30.43 -30.03
CA SER I 470 34.83 -31.14 -29.66
C SER I 470 33.58 -30.47 -30.23
N SER I 471 33.57 -29.14 -30.28
CA SER I 471 32.39 -28.44 -30.81
C SER I 471 32.19 -28.74 -32.29
N ILE I 472 33.28 -28.88 -33.04
CA ILE I 472 33.17 -29.21 -34.46
C ILE I 472 32.84 -30.69 -34.65
N VAL I 473 33.48 -31.55 -33.87
CA VAL I 473 33.22 -32.99 -33.97
C VAL I 473 31.77 -33.31 -33.63
N ALA I 474 31.24 -32.67 -32.58
CA ALA I 474 29.84 -32.89 -32.22
C ALA I 474 28.91 -32.44 -33.34
N SER I 475 29.24 -31.34 -34.00
CA SER I 475 28.43 -30.89 -35.14
C SER I 475 28.50 -31.91 -36.28
N LEU I 476 29.66 -32.53 -36.48
CA LEU I 476 29.77 -33.56 -37.51
C LEU I 476 28.88 -34.75 -37.19
N PHE I 477 28.76 -35.10 -35.91
CA PHE I 477 27.89 -36.20 -35.51
C PHE I 477 26.43 -35.85 -35.76
N LEU I 478 26.01 -34.64 -35.35
CA LEU I 478 24.62 -34.22 -35.55
C LEU I 478 24.27 -34.16 -37.03
N LYS I 479 25.23 -33.80 -37.89
CA LYS I 479 24.97 -33.68 -39.31
C LYS I 479 24.54 -35.02 -39.92
N GLU I 480 24.99 -36.13 -39.34
CA GLU I 480 24.65 -37.46 -39.85
C GLU I 480 23.19 -37.83 -39.63
N PHE I 481 22.43 -37.00 -38.92
CA PHE I 481 21.04 -37.29 -38.64
C PHE I 481 20.09 -36.27 -39.26
N VAL I 482 20.58 -35.46 -40.19
CA VAL I 482 19.76 -34.58 -41.02
C VAL I 482 20.14 -34.90 -42.45
N GLN I 483 19.19 -35.47 -43.21
CA GLN I 483 19.54 -36.02 -44.52
C GLN I 483 19.39 -35.02 -45.66
N ASN I 484 18.30 -34.25 -45.69
CA ASN I 484 18.03 -33.39 -46.84
C ASN I 484 17.20 -32.18 -46.41
N THR I 485 17.59 -31.54 -45.32
CA THR I 485 16.89 -30.36 -44.83
C THR I 485 17.91 -29.35 -44.33
N ALA I 486 17.65 -28.07 -44.60
CA ALA I 486 18.50 -27.01 -44.08
C ALA I 486 18.50 -27.05 -42.57
N TRP I 487 19.70 -27.14 -41.99
CA TRP I 487 19.84 -27.38 -40.56
C TRP I 487 20.95 -26.49 -40.01
N ALA I 488 20.70 -25.94 -38.81
CA ALA I 488 21.67 -25.13 -38.11
C ALA I 488 21.71 -25.58 -36.65
N HIS I 489 22.86 -25.38 -36.01
CA HIS I 489 23.10 -25.87 -34.66
C HIS I 489 23.77 -24.77 -33.86
N ILE I 490 23.14 -24.38 -32.74
CA ILE I 490 23.63 -23.28 -31.92
C ILE I 490 24.11 -23.87 -30.59
N ASP I 491 25.42 -23.76 -30.34
CA ASP I 491 26.02 -24.25 -29.11
C ASP I 491 26.10 -23.11 -28.11
N ILE I 492 25.31 -23.21 -27.04
CA ILE I 492 25.23 -22.16 -26.03
C ILE I 492 25.82 -22.62 -24.69
N ALA I 493 26.71 -23.61 -24.72
CA ALA I 493 27.27 -24.14 -23.48
C ALA I 493 28.09 -23.11 -22.73
N GLY I 494 28.70 -22.16 -23.45
CA GLY I 494 29.53 -21.16 -22.80
C GLY I 494 28.80 -19.91 -22.39
N VAL I 495 27.68 -19.60 -23.05
CA VAL I 495 26.98 -18.33 -22.83
C VAL I 495 25.71 -18.49 -22.01
N SER I 496 25.30 -19.72 -21.67
CA SER I 496 23.99 -19.91 -21.04
C SER I 496 23.97 -19.33 -19.62
N TRP I 497 25.05 -19.51 -18.87
CA TRP I 497 25.08 -19.09 -17.48
C TRP I 497 25.86 -17.79 -17.31
N ASN I 498 25.31 -16.88 -16.52
CA ASN I 498 25.96 -15.62 -16.19
C ASN I 498 26.65 -15.81 -14.85
N PHE I 499 27.97 -15.96 -14.88
CA PHE I 499 28.73 -16.28 -13.68
C PHE I 499 28.93 -15.07 -12.78
N LYS I 500 28.99 -13.86 -13.36
CA LYS I 500 29.10 -12.66 -12.53
C LYS I 500 27.85 -12.45 -11.69
N ALA I 501 26.67 -12.65 -12.29
CA ALA I 501 25.42 -12.47 -11.59
C ALA I 501 24.88 -13.75 -10.95
N ARG I 502 25.51 -14.89 -11.22
CA ARG I 502 25.11 -16.19 -10.65
C ARG I 502 23.66 -16.52 -10.98
N LYS I 503 23.31 -16.39 -12.25
CA LYS I 503 21.94 -16.62 -12.70
C LYS I 503 21.98 -16.94 -14.20
N PRO I 504 20.94 -17.59 -14.73
CA PRO I 504 20.91 -17.87 -16.17
C PRO I 504 20.67 -16.58 -16.96
N LYS I 505 20.95 -16.68 -18.25
CA LYS I 505 20.71 -15.57 -19.16
C LYS I 505 19.42 -15.70 -19.95
N GLY I 506 18.84 -16.90 -20.03
CA GLY I 506 17.75 -17.11 -20.96
C GLY I 506 18.18 -16.97 -22.41
N PHE I 507 19.43 -17.32 -22.70
CA PHE I 507 20.00 -17.10 -24.03
C PHE I 507 19.26 -17.91 -25.08
N GLY I 508 18.93 -17.26 -26.19
CA GLY I 508 18.34 -17.90 -27.34
C GLY I 508 16.87 -17.60 -27.55
N VAL I 509 16.17 -17.15 -26.51
CA VAL I 509 14.74 -16.89 -26.64
C VAL I 509 14.50 -15.78 -27.66
N ARG I 510 15.16 -14.64 -27.46
CA ARG I 510 14.96 -13.51 -28.37
C ARG I 510 15.56 -13.78 -29.75
N LEU I 511 16.68 -14.50 -29.80
CA LEU I 511 17.30 -14.83 -31.07
C LEU I 511 16.38 -15.72 -31.92
N LEU I 512 15.84 -16.78 -31.32
CA LEU I 512 14.95 -17.67 -32.06
C LEU I 512 13.65 -16.99 -32.44
N THR I 513 13.14 -16.11 -31.58
CA THR I 513 11.89 -15.40 -31.89
C THR I 513 12.07 -14.46 -33.07
N GLU I 514 13.19 -13.70 -33.09
CA GLU I 514 13.46 -12.85 -34.24
C GLU I 514 13.62 -13.67 -35.50
N PHE I 515 14.20 -14.87 -35.39
CA PHE I 515 14.39 -15.73 -36.55
C PHE I 515 13.05 -16.14 -37.15
N VAL I 516 12.09 -16.53 -36.30
CA VAL I 516 10.80 -16.98 -36.84
C VAL I 516 9.94 -15.80 -37.29
N LEU I 517 10.07 -14.64 -36.64
CA LEU I 517 9.22 -13.51 -36.98
C LEU I 517 9.72 -12.75 -38.20
N ASN I 518 11.04 -12.69 -38.40
CA ASN I 518 11.64 -11.90 -39.47
C ASN I 518 12.01 -12.83 -40.61
N ASP I 519 11.13 -12.91 -41.62
CA ASP I 519 11.39 -13.73 -42.80
C ASP I 519 10.98 -13.00 -44.07
N ALA J 1 76.41 -12.44 -39.57
CA ALA J 1 76.73 -13.75 -39.02
C ALA J 1 77.41 -13.62 -37.66
N SER J 2 76.72 -13.99 -36.60
CA SER J 2 77.33 -13.98 -35.28
C SER J 2 77.94 -15.35 -34.98
N GLU J 3 78.41 -15.52 -33.75
CA GLU J 3 78.99 -16.77 -33.31
C GLU J 3 78.03 -17.49 -32.38
N VAL J 4 77.73 -18.74 -32.69
CA VAL J 4 76.80 -19.51 -31.88
C VAL J 4 77.54 -20.00 -30.64
N PRO J 5 77.07 -19.67 -29.44
CA PRO J 5 77.73 -20.17 -28.23
C PRO J 5 77.46 -21.65 -28.02
N GLN J 6 78.42 -22.31 -27.37
CA GLN J 6 78.30 -23.73 -27.07
C GLN J 6 78.55 -23.96 -25.58
N VAL J 7 77.95 -25.02 -25.06
CA VAL J 7 78.28 -25.52 -23.74
C VAL J 7 79.43 -26.51 -23.81
N VAL J 8 79.35 -27.45 -24.75
CA VAL J 8 80.44 -28.37 -25.04
C VAL J 8 80.78 -28.23 -26.52
N SER J 9 81.97 -28.70 -26.88
CA SER J 9 82.44 -28.55 -28.25
C SER J 9 81.61 -29.34 -29.24
N LEU J 10 80.83 -30.33 -28.79
CA LEU J 10 80.01 -31.12 -29.67
C LEU J 10 78.67 -30.46 -30.00
N ASP J 11 78.37 -29.32 -29.41
CA ASP J 11 77.13 -28.62 -29.73
C ASP J 11 77.22 -28.04 -31.13
N PRO J 12 76.19 -28.21 -31.96
CA PRO J 12 76.25 -27.68 -33.33
C PRO J 12 76.19 -26.15 -33.34
N THR J 13 76.77 -25.57 -34.39
CA THR J 13 76.86 -24.12 -34.53
C THR J 13 76.10 -23.60 -35.75
N SER J 14 75.34 -24.44 -36.44
CA SER J 14 74.57 -23.99 -37.60
C SER J 14 73.46 -24.99 -37.89
N ILE J 15 72.44 -24.51 -38.57
CA ILE J 15 71.31 -25.36 -39.01
C ILE J 15 71.66 -25.92 -40.37
N PRO J 16 71.72 -27.26 -40.52
CA PRO J 16 71.91 -27.85 -41.84
C PRO J 16 70.69 -27.57 -42.72
N ILE J 17 70.92 -26.99 -43.89
CA ILE J 17 69.86 -26.60 -44.80
C ILE J 17 70.13 -27.24 -46.17
N GLU J 18 69.13 -27.94 -46.70
CA GLU J 18 69.19 -28.53 -48.03
C GLU J 18 68.51 -27.60 -49.02
N TYR J 19 69.30 -26.97 -49.89
CA TYR J 19 68.74 -26.08 -50.91
C TYR J 19 68.42 -26.83 -52.20
N ASN J 20 69.34 -27.67 -52.66
CA ASN J 20 69.17 -28.44 -53.89
C ASN J 20 68.56 -29.79 -53.54
N THR J 21 67.24 -29.88 -53.61
CA THR J 21 66.55 -31.12 -53.30
C THR J 21 66.40 -31.96 -54.56
N PRO J 22 66.25 -33.28 -54.42
CA PRO J 22 65.98 -34.11 -55.61
C PRO J 22 64.72 -33.70 -56.35
N ILE J 23 63.77 -33.05 -55.67
CA ILE J 23 62.56 -32.56 -56.34
C ILE J 23 62.92 -31.56 -57.43
N HIS J 24 63.96 -30.74 -57.20
CA HIS J 24 64.33 -29.73 -58.17
C HIS J 24 64.88 -30.32 -59.47
N ASP J 25 65.31 -31.58 -59.45
CA ASP J 25 65.81 -32.25 -60.64
C ASP J 25 64.72 -32.99 -61.41
N ILE J 26 63.46 -32.88 -61.01
CA ILE J 26 62.37 -33.60 -61.65
C ILE J 26 61.88 -32.78 -62.84
N LYS J 27 61.99 -33.35 -64.04
CA LYS J 27 61.46 -32.71 -65.24
C LYS J 27 59.96 -33.01 -65.34
N VAL J 28 59.16 -31.94 -65.38
CA VAL J 28 57.70 -32.05 -65.38
C VAL J 28 57.19 -31.71 -66.77
N GLN J 29 56.36 -32.60 -67.32
CA GLN J 29 55.73 -32.40 -68.62
C GLN J 29 54.23 -32.57 -68.44
N VAL J 30 53.45 -31.67 -69.03
CA VAL J 30 51.99 -31.69 -68.93
C VAL J 30 51.44 -31.87 -70.34
N TYR J 31 50.68 -32.94 -70.55
CA TYR J 31 50.07 -33.24 -71.83
C TYR J 31 48.55 -33.18 -71.72
N ASP J 32 47.91 -32.95 -72.86
CA ASP J 32 46.45 -32.92 -72.89
C ASP J 32 45.89 -34.34 -72.94
N ILE J 33 44.86 -34.59 -72.14
CA ILE J 33 44.28 -35.93 -72.06
C ILE J 33 43.54 -36.28 -73.33
N LYS J 34 43.02 -35.29 -74.06
CA LYS J 34 42.23 -35.53 -75.26
C LYS J 34 43.08 -36.00 -76.43
N GLY J 35 43.99 -36.94 -76.21
CA GLY J 35 44.84 -37.42 -77.28
C GLY J 35 45.42 -38.78 -76.97
N GLY J 36 44.94 -39.38 -75.90
CA GLY J 36 45.45 -40.68 -75.52
C GLY J 36 46.68 -40.55 -74.64
N CYS J 37 46.89 -41.55 -73.81
CA CYS J 37 48.02 -41.59 -72.89
C CYS J 37 49.07 -42.58 -73.36
N ASN J 38 50.33 -42.17 -73.31
CA ASN J 38 51.45 -43.06 -73.58
C ASN J 38 51.89 -43.58 -72.22
N VAL J 39 51.90 -44.90 -72.06
CA VAL J 39 52.21 -45.46 -70.76
C VAL J 39 53.56 -46.13 -70.91
N GLU J 40 54.72 -45.35 -71.05
CA GLU J 40 55.46 -46.56 -71.28
C GLU J 40 56.72 -46.70 -70.44
N GLU J 41 57.23 -45.64 -69.85
CA GLU J 41 58.34 -45.82 -68.93
C GLU J 41 57.78 -45.58 -67.55
N GLY J 42 58.45 -46.14 -66.55
CA GLY J 42 58.06 -45.79 -65.20
C GLY J 42 56.70 -46.33 -64.80
N LEU J 43 56.05 -45.57 -63.92
CA LEU J 43 54.76 -45.94 -63.32
C LEU J 43 53.68 -44.96 -63.77
N THR J 44 52.52 -45.49 -64.17
CA THR J 44 51.39 -44.69 -64.62
C THR J 44 50.21 -44.90 -63.68
N ILE J 45 49.72 -43.81 -63.10
CA ILE J 45 48.64 -43.85 -62.11
C ILE J 45 47.47 -43.03 -62.64
N PHE J 46 46.27 -43.60 -62.59
CA PHE J 46 45.05 -42.93 -62.99
C PHE J 46 44.28 -42.43 -61.77
N LEU J 47 43.91 -41.16 -61.78
CA LEU J 47 43.08 -40.59 -60.71
C LEU J 47 41.61 -40.74 -61.14
N VAL J 48 40.94 -41.73 -60.55
CA VAL J 48 39.59 -42.09 -60.98
C VAL J 48 38.61 -41.87 -59.84
N ASN J 49 37.36 -41.59 -60.20
CA ASN J 49 36.26 -41.41 -59.27
C ASN J 49 35.02 -42.06 -59.84
N ASN J 50 33.99 -42.21 -59.01
CA ASN J 50 32.71 -42.77 -59.45
C ASN J 50 31.59 -41.97 -58.79
N PRO J 51 31.10 -40.93 -59.46
CA PRO J 51 30.05 -40.10 -58.85
C PRO J 51 28.77 -40.90 -58.63
N GLY J 52 28.13 -40.66 -57.50
CA GLY J 52 26.92 -41.39 -57.15
C GLY J 52 27.13 -42.76 -56.55
N LYS J 53 28.01 -43.56 -57.15
CA LYS J 53 28.26 -44.92 -56.68
C LYS J 53 29.25 -44.86 -55.51
N GLU J 54 28.69 -44.85 -54.29
CA GLU J 54 29.45 -44.86 -53.05
C GLU J 54 30.37 -46.07 -52.96
N ASN J 55 31.63 -45.90 -53.36
CA ASN J 55 32.64 -46.95 -53.41
C ASN J 55 32.40 -47.83 -54.63
N GLY J 56 31.98 -47.22 -55.74
CA GLY J 56 31.72 -47.95 -56.96
C GLY J 56 32.98 -48.46 -57.62
N PRO J 57 32.82 -49.22 -58.69
CA PRO J 57 33.97 -49.84 -59.36
C PRO J 57 34.82 -48.80 -60.09
N VAL J 58 36.05 -49.21 -60.39
CA VAL J 58 36.98 -48.38 -61.14
C VAL J 58 36.73 -48.57 -62.63
N LYS J 59 36.69 -47.45 -63.37
CA LYS J 59 36.52 -47.49 -64.81
C LYS J 59 37.48 -46.48 -65.44
N ILE J 60 38.39 -46.97 -66.27
CA ILE J 60 39.36 -46.12 -66.96
C ILE J 60 38.75 -45.66 -68.28
N SER J 61 38.70 -44.35 -68.48
CA SER J 61 38.08 -43.80 -69.68
C SER J 61 39.10 -43.36 -70.73
N SER J 62 40.37 -43.20 -70.37
CA SER J 62 41.36 -42.72 -71.32
C SER J 62 41.83 -43.84 -72.25
N LYS J 63 42.05 -43.49 -73.51
CA LYS J 63 42.64 -44.41 -74.47
C LYS J 63 44.14 -44.51 -74.24
N VAL J 64 44.66 -45.73 -74.11
CA VAL J 64 46.08 -45.97 -73.89
C VAL J 64 46.68 -46.54 -75.17
N ASN J 65 47.74 -45.90 -75.66
CA ASN J 65 48.38 -46.31 -76.90
C ASN J 65 49.33 -47.49 -76.68
N ASP J 66 48.85 -48.54 -76.01
CA ASP J 66 49.63 -49.74 -75.77
C ASP J 66 48.67 -50.91 -75.61
N LYS J 67 48.88 -51.96 -76.41
CA LYS J 67 47.94 -53.09 -76.42
C LYS J 67 47.95 -53.83 -75.08
N GLN J 68 49.13 -54.09 -74.52
CA GLN J 68 49.21 -54.84 -73.28
C GLN J 68 48.53 -54.09 -72.13
N VAL J 69 48.82 -52.80 -71.99
CA VAL J 69 48.23 -52.00 -70.93
C VAL J 69 46.73 -51.82 -71.15
N SER J 70 46.32 -51.60 -72.41
CA SER J 70 44.90 -51.43 -72.71
C SER J 70 44.10 -52.66 -72.30
N GLU J 71 44.65 -53.86 -72.50
CA GLU J 71 43.97 -55.07 -72.05
C GLU J 71 43.89 -55.11 -70.53
N PHE J 72 44.96 -54.69 -69.85
CA PHE J 72 44.95 -54.66 -68.40
C PHE J 72 43.88 -53.71 -67.88
N LEU J 73 43.69 -52.57 -68.55
CA LEU J 73 42.77 -51.53 -68.09
C LEU J 73 41.34 -51.75 -68.60
N LYS J 74 41.01 -52.94 -69.09
CA LYS J 74 39.64 -53.19 -69.53
C LYS J 74 38.68 -53.18 -68.34
N ASP J 75 37.41 -52.88 -68.64
CA ASP J 75 36.42 -52.69 -67.59
C ASP J 75 36.26 -53.95 -66.73
N GLU J 76 36.29 -55.12 -67.36
CA GLU J 76 36.14 -56.37 -66.60
C GLU J 76 37.27 -56.54 -65.59
N ASN J 77 38.46 -56.03 -65.89
CA ASN J 77 39.57 -56.14 -64.95
C ASN J 77 39.51 -55.07 -63.88
N MET J 78 39.12 -53.84 -64.24
CA MET J 78 39.16 -52.73 -63.30
C MET J 78 37.95 -52.70 -62.37
N GLU J 79 36.88 -53.41 -62.71
CA GLU J 79 35.69 -53.41 -61.87
C GLU J 79 35.93 -54.11 -60.54
N LYS J 80 37.00 -54.90 -60.43
CA LYS J 80 37.31 -55.57 -59.17
C LYS J 80 37.89 -54.64 -58.13
N PHE J 81 38.22 -53.41 -58.51
CA PHE J 81 38.73 -52.40 -57.61
C PHE J 81 37.68 -51.29 -57.44
N ASN J 82 37.67 -50.67 -56.27
CA ASN J 82 36.71 -49.62 -55.96
C ASN J 82 37.43 -48.27 -55.84
N VAL J 83 36.63 -47.20 -55.80
CA VAL J 83 37.17 -45.85 -55.88
C VAL J 83 37.15 -45.15 -54.52
N LYS J 84 37.07 -45.91 -53.43
CA LYS J 84 37.11 -45.32 -52.09
C LYS J 84 38.32 -44.42 -51.95
N LEU J 85 38.11 -43.24 -51.37
CA LEU J 85 39.15 -42.22 -51.32
C LEU J 85 40.41 -42.76 -50.64
N GLY J 86 41.52 -42.74 -51.37
CA GLY J 86 42.79 -43.20 -50.87
C GLY J 86 43.18 -44.60 -51.29
N THR J 87 42.22 -45.42 -51.69
CA THR J 87 42.53 -46.79 -52.10
C THR J 87 43.31 -46.78 -53.40
N SER J 88 44.26 -47.69 -53.52
CA SER J 88 45.11 -47.75 -54.71
C SER J 88 45.60 -49.17 -54.94
N LYS J 89 45.83 -49.48 -56.21
CA LYS J 89 46.48 -50.72 -56.61
C LYS J 89 47.37 -50.40 -57.81
N HIS J 90 48.55 -51.01 -57.86
CA HIS J 90 49.41 -50.90 -59.03
C HIS J 90 49.98 -52.27 -59.35
N PHE J 91 50.11 -52.55 -60.65
CA PHE J 91 50.62 -53.83 -61.14
C PHE J 91 51.83 -53.59 -62.04
N TYR J 92 52.74 -54.56 -62.06
CA TYR J 92 53.93 -54.53 -62.90
C TYR J 92 53.75 -55.51 -64.05
N MET J 93 54.08 -55.08 -65.26
CA MET J 93 53.85 -55.88 -66.44
C MET J 93 54.81 -55.42 -67.55
N PHE J 94 54.77 -56.14 -68.67
CA PHE J 94 55.54 -55.81 -69.86
C PHE J 94 54.61 -55.19 -70.90
N ASN J 95 55.08 -54.13 -71.55
CA ASN J 95 54.30 -53.42 -72.55
C ASN J 95 54.55 -54.05 -73.92
N ASP J 96 54.11 -53.36 -74.98
CA ASP J 96 54.26 -53.90 -76.33
C ASP J 96 55.72 -54.08 -76.71
N ASN J 97 56.61 -53.23 -76.19
CA ASN J 97 58.03 -53.29 -76.50
C ASN J 97 58.80 -54.17 -75.52
N LYS J 98 58.11 -55.04 -74.77
CA LYS J 98 58.73 -55.94 -73.81
C LYS J 98 59.53 -55.18 -72.75
N ASN J 99 59.03 -54.00 -72.36
CA ASN J 99 59.64 -53.18 -71.32
C ASN J 99 58.78 -53.24 -70.07
N SER J 100 59.43 -53.28 -68.91
CA SER J 100 58.71 -53.34 -67.65
C SER J 100 58.03 -52.01 -67.34
N VAL J 101 56.72 -52.06 -67.10
CA VAL J 101 55.93 -50.89 -66.76
C VAL J 101 55.07 -51.20 -65.54
N ALA J 102 54.73 -50.16 -64.79
CA ALA J 102 53.82 -50.27 -63.66
C ALA J 102 52.61 -49.39 -63.92
N VAL J 103 51.42 -49.96 -63.81
CA VAL J 103 50.17 -49.24 -64.06
C VAL J 103 49.25 -49.41 -62.86
N GLY J 104 48.51 -48.36 -62.52
CA GLY J 104 47.62 -48.43 -61.39
C GLY J 104 46.68 -47.25 -61.35
N TYR J 105 45.98 -47.14 -60.21
CA TYR J 105 45.00 -46.09 -60.01
C TYR J 105 45.01 -45.65 -58.54
N VAL J 106 44.42 -44.48 -58.28
CA VAL J 106 44.14 -44.01 -56.94
C VAL J 106 42.69 -43.56 -56.88
N GLY J 107 41.93 -44.09 -55.93
CA GLY J 107 40.52 -43.75 -55.83
C GLY J 107 40.32 -42.34 -55.31
N CYS J 108 39.41 -41.62 -55.96
CA CYS J 108 39.11 -40.23 -55.60
C CYS J 108 37.68 -40.06 -55.10
N GLY J 109 37.04 -41.13 -54.63
CA GLY J 109 35.72 -41.02 -54.02
C GLY J 109 34.61 -40.88 -55.03
N SER J 110 33.50 -40.30 -54.56
CA SER J 110 32.29 -40.15 -55.36
C SER J 110 31.86 -38.69 -55.52
N VAL J 111 32.55 -37.75 -54.89
CA VAL J 111 32.25 -36.34 -55.05
C VAL J 111 33.13 -35.78 -56.17
N ALA J 112 32.54 -34.99 -57.04
CA ALA J 112 33.29 -34.50 -58.20
C ALA J 112 34.36 -33.48 -57.79
N ASP J 113 34.06 -32.65 -56.81
CA ASP J 113 34.99 -31.60 -56.35
C ASP J 113 35.69 -32.09 -55.10
N LEU J 114 36.99 -32.34 -55.21
CA LEU J 114 37.80 -32.80 -54.08
C LEU J 114 38.29 -31.59 -53.30
N SER J 115 38.16 -31.64 -51.97
CA SER J 115 38.70 -30.60 -51.13
C SER J 115 40.22 -30.76 -51.00
N GLU J 116 40.85 -29.76 -50.36
CA GLU J 116 42.29 -29.86 -50.11
C GLU J 116 42.63 -31.04 -49.22
N ALA J 117 41.75 -31.37 -48.26
CA ALA J 117 41.99 -32.55 -47.43
C ALA J 117 41.84 -33.83 -48.25
N ASP J 118 40.87 -33.86 -49.16
CA ASP J 118 40.69 -35.01 -50.03
C ASP J 118 41.88 -35.19 -50.96
N MET J 119 42.35 -34.11 -51.58
CA MET J 119 43.51 -34.19 -52.45
C MET J 119 44.75 -34.62 -51.68
N LYS J 120 44.87 -34.23 -50.42
CA LYS J 120 45.98 -34.68 -49.59
C LYS J 120 45.97 -36.19 -49.44
N ARG J 121 44.79 -36.79 -49.26
CA ARG J 121 44.70 -38.23 -49.14
C ARG J 121 45.07 -38.92 -50.45
N VAL J 122 44.68 -38.31 -51.59
CA VAL J 122 45.05 -38.86 -52.88
C VAL J 122 46.57 -38.80 -53.07
N VAL J 123 47.18 -37.67 -52.70
CA VAL J 123 48.62 -37.53 -52.86
C VAL J 123 49.37 -38.48 -51.95
N LEU J 124 48.89 -38.65 -50.71
CA LEU J 124 49.56 -39.54 -49.77
C LEU J 124 49.55 -40.98 -50.26
N SER J 125 48.46 -41.40 -50.91
CA SER J 125 48.43 -42.71 -51.53
C SER J 125 49.43 -42.79 -52.69
N LEU J 126 49.57 -41.70 -53.44
CA LEU J 126 50.55 -41.65 -54.52
C LEU J 126 51.97 -41.76 -53.98
N VAL J 127 52.26 -41.03 -52.90
CA VAL J 127 53.61 -41.01 -52.33
C VAL J 127 53.97 -42.37 -51.75
N THR J 128 52.99 -43.09 -51.19
CA THR J 128 53.25 -44.42 -50.67
C THR J 128 53.79 -45.35 -51.77
N MET J 129 53.28 -45.20 -53.00
CA MET J 129 53.80 -46.01 -54.10
C MET J 129 55.17 -45.51 -54.56
N LEU J 130 55.45 -44.22 -54.43
CA LEU J 130 56.75 -43.70 -54.83
C LEU J 130 57.84 -44.07 -53.84
N HIS J 131 57.52 -44.17 -52.55
CA HIS J 131 58.49 -44.54 -51.54
C HIS J 131 58.77 -46.04 -51.54
N ASP J 132 58.27 -46.75 -52.55
CA ASP J 132 58.43 -48.18 -52.73
C ASP J 132 58.61 -48.52 -54.20
N ASN J 133 59.21 -47.61 -54.97
CA ASN J 133 59.34 -47.82 -56.41
C ASN J 133 60.64 -47.21 -56.91
N LYS J 134 61.50 -48.04 -57.51
CA LYS J 134 62.78 -47.58 -58.04
C LYS J 134 62.70 -47.18 -59.50
N LEU J 135 61.58 -46.62 -59.95
CA LEU J 135 61.38 -46.24 -61.33
C LEU J 135 61.88 -44.82 -61.58
N SER J 136 62.09 -44.51 -62.86
CA SER J 136 62.63 -43.22 -63.27
C SER J 136 61.57 -42.19 -63.61
N LYS J 137 60.34 -42.61 -63.92
CA LYS J 137 59.30 -41.67 -64.32
C LYS J 137 57.97 -42.07 -63.69
N LEU J 138 57.21 -41.07 -63.29
CA LEU J 138 55.84 -41.25 -62.81
C LEU J 138 54.91 -40.44 -63.70
N THR J 139 53.83 -41.05 -64.15
CA THR J 139 52.83 -40.40 -64.99
C THR J 139 51.48 -40.46 -64.29
N VAL J 140 50.85 -39.30 -64.10
CA VAL J 140 49.57 -39.19 -63.45
C VAL J 140 48.54 -38.77 -64.49
N VAL J 141 47.46 -39.55 -64.60
CA VAL J 141 46.40 -39.30 -65.56
C VAL J 141 45.18 -38.82 -64.79
N PHE J 142 44.81 -37.57 -65.01
CA PHE J 142 43.71 -36.95 -64.27
C PHE J 142 42.39 -37.28 -64.96
N GLU J 143 41.70 -38.31 -64.47
CA GLU J 143 40.33 -38.59 -64.88
C GLU J 143 39.33 -37.97 -63.93
N ILE J 144 39.74 -36.90 -63.24
CA ILE J 144 38.91 -36.12 -62.34
C ILE J 144 39.07 -34.65 -62.73
N ASN J 145 38.24 -33.81 -62.14
CA ASN J 145 38.18 -32.39 -62.49
C ASN J 145 38.75 -31.55 -61.35
N VAL J 146 39.84 -30.83 -61.63
CA VAL J 146 40.48 -29.94 -60.67
C VAL J 146 40.76 -28.62 -61.37
N ASP J 147 40.63 -27.51 -60.63
CA ASP J 147 40.93 -26.21 -61.19
C ASP J 147 42.44 -25.96 -61.16
N LYS J 148 42.85 -24.78 -61.63
CA LYS J 148 44.26 -24.44 -61.68
C LYS J 148 44.88 -24.37 -60.28
N ASN J 149 44.16 -23.79 -59.32
CA ASN J 149 44.70 -23.67 -57.98
C ASN J 149 44.87 -25.03 -57.31
N LEU J 150 43.87 -25.91 -57.44
CA LEU J 150 43.98 -27.23 -56.83
C LEU J 150 45.02 -28.08 -57.54
N PHE J 151 45.21 -27.90 -58.84
CA PHE J 151 46.26 -28.63 -59.55
C PHE J 151 47.64 -28.23 -59.05
N ARG J 152 47.86 -26.92 -58.85
CA ARG J 152 49.11 -26.48 -58.24
C ARG J 152 49.26 -27.04 -56.84
N PHE J 153 48.17 -27.07 -56.06
CA PHE J 153 48.21 -27.66 -54.74
C PHE J 153 48.58 -29.14 -54.81
N PHE J 154 48.08 -29.84 -55.82
CA PHE J 154 48.45 -31.24 -56.00
C PHE J 154 49.95 -31.39 -56.21
N LEU J 155 50.54 -30.55 -57.04
CA LEU J 155 51.98 -30.64 -57.30
C LEU J 155 52.78 -30.26 -56.06
N GLU J 156 52.40 -29.18 -55.38
CA GLU J 156 53.08 -28.78 -54.15
C GLU J 156 53.05 -29.90 -53.12
N THR J 157 51.86 -30.44 -52.86
CA THR J 157 51.72 -31.50 -51.86
C THR J 157 52.49 -32.75 -52.29
N LEU J 158 52.45 -33.08 -53.59
CA LEU J 158 53.23 -34.21 -54.07
C LEU J 158 54.71 -34.00 -53.82
N PHE J 159 55.24 -32.83 -54.21
CA PHE J 159 56.65 -32.54 -54.00
C PHE J 159 57.01 -32.57 -52.52
N TYR J 160 56.17 -31.97 -51.68
CA TYR J 160 56.49 -31.85 -50.25
C TYR J 160 56.49 -33.20 -49.56
N GLU J 161 55.44 -33.98 -49.74
CA GLU J 161 55.36 -35.29 -49.07
C GLU J 161 56.36 -36.28 -49.64
N TYR J 162 56.67 -36.15 -50.94
CA TYR J 162 57.66 -37.03 -51.56
C TYR J 162 59.04 -36.84 -50.95
N MET J 163 59.40 -35.61 -50.64
CA MET J 163 60.72 -35.29 -50.09
C MET J 163 60.86 -35.84 -48.67
N THR J 164 62.04 -36.39 -48.38
CA THR J 164 62.34 -36.95 -47.07
C THR J 164 63.53 -36.23 -46.46
N ASP J 165 63.37 -35.74 -45.23
CA ASP J 165 64.39 -34.98 -44.53
C ASP J 165 65.33 -35.96 -43.82
N GLU J 166 66.59 -36.01 -44.26
CA GLU J 166 67.58 -36.91 -43.69
C GLU J 166 68.79 -36.16 -43.12
N ARG J 167 68.61 -34.88 -42.80
CA ARG J 167 69.74 -34.07 -42.33
C ARG J 167 70.34 -34.60 -41.03
N PHE J 168 69.53 -35.26 -40.19
CA PHE J 168 69.99 -35.75 -38.90
C PHE J 168 70.17 -37.26 -38.88
N LYS J 169 70.13 -37.90 -40.04
CA LYS J 169 70.42 -39.32 -40.19
C LYS J 169 71.90 -39.52 -40.49
N SER J 170 72.51 -40.49 -39.80
CA SER J 170 73.91 -40.83 -40.07
C SER J 170 74.05 -42.03 -41.00
N ASN J 174 67.68 -44.48 -49.14
CA ASN J 174 66.84 -45.65 -48.93
C ASN J 174 67.19 -46.75 -49.93
N VAL J 175 67.03 -48.01 -49.50
CA VAL J 175 67.34 -49.16 -50.34
C VAL J 175 66.07 -49.71 -50.96
N ASN J 176 65.01 -48.92 -50.87
CA ASN J 176 63.72 -49.30 -51.36
C ASN J 176 63.18 -48.31 -52.35
N MET J 177 63.89 -47.23 -52.58
CA MET J 177 63.43 -46.31 -53.61
C MET J 177 64.55 -45.40 -54.09
N GLU J 178 64.20 -44.66 -55.13
CA GLU J 178 65.01 -44.02 -56.17
C GLU J 178 64.13 -42.92 -56.67
N TYR J 179 64.61 -41.70 -56.49
CA TYR J 179 63.82 -40.53 -56.82
C TYR J 179 63.58 -40.45 -58.32
N ILE J 180 62.35 -40.10 -58.67
CA ILE J 180 62.03 -40.02 -60.06
C ILE J 180 62.81 -38.87 -60.68
N LYS J 181 63.05 -39.00 -61.98
CA LYS J 181 63.70 -37.98 -62.75
C LYS J 181 62.75 -37.27 -63.70
N HIS J 182 61.55 -37.82 -63.93
CA HIS J 182 60.57 -37.24 -64.84
C HIS J 182 59.19 -37.42 -64.24
N LEU J 183 58.34 -36.41 -64.43
CA LEU J 183 56.95 -36.47 -64.00
C LEU J 183 56.06 -36.05 -65.17
N GLY J 184 55.18 -36.94 -65.59
CA GLY J 184 54.23 -36.67 -66.67
C GLY J 184 52.83 -36.52 -66.10
N VAL J 185 52.10 -35.54 -66.63
CA VAL J 185 50.73 -35.25 -66.18
C VAL J 185 49.84 -35.16 -67.41
N TYR J 186 48.77 -35.94 -67.41
CA TYR J 186 47.74 -35.88 -68.45
C TYR J 186 46.49 -35.25 -67.84
N ILE J 187 46.00 -34.18 -68.47
CA ILE J 187 44.87 -33.43 -67.93
C ILE J 187 44.21 -32.68 -69.08
N ASN J 188 42.89 -32.50 -68.98
CA ASN J 188 42.16 -31.68 -69.92
C ASN J 188 42.62 -30.23 -69.83
N ASN J 189 42.70 -29.56 -70.99
CA ASN J 189 43.17 -28.18 -71.07
C ASN J 189 44.57 -28.04 -70.46
N ALA J 190 45.48 -28.91 -70.93
CA ALA J 190 46.85 -28.93 -70.41
C ALA J 190 47.53 -27.57 -70.48
N ASP J 191 47.24 -26.81 -71.54
CA ASP J 191 47.96 -25.55 -71.76
C ASP J 191 47.70 -24.55 -70.64
N THR J 192 46.51 -24.58 -70.04
CA THR J 192 46.19 -23.63 -68.97
C THR J 192 46.83 -24.02 -67.64
N TYR J 193 47.21 -25.28 -67.46
CA TYR J 193 47.83 -25.74 -66.22
C TYR J 193 49.34 -25.69 -66.24
N LYS J 194 49.96 -25.43 -67.39
CA LYS J 194 51.42 -25.52 -67.49
C LYS J 194 52.13 -24.46 -66.66
N GLU J 195 51.55 -23.27 -66.53
CA GLU J 195 52.19 -22.20 -65.79
C GLU J 195 52.24 -22.46 -64.28
N GLU J 196 51.43 -23.40 -63.79
CA GLU J 196 51.41 -23.71 -62.36
C GLU J 196 52.55 -24.63 -61.94
N VAL J 197 53.27 -25.23 -62.89
CA VAL J 197 54.30 -26.21 -62.55
C VAL J 197 55.45 -25.54 -61.80
N GLU J 198 56.05 -24.51 -62.40
CA GLU J 198 57.18 -23.86 -61.76
C GLU J 198 56.76 -23.04 -60.55
N LYS J 199 55.51 -22.58 -60.51
CA LYS J 199 55.02 -21.91 -59.31
C LYS J 199 54.88 -22.90 -58.16
N ALA J 200 54.44 -24.12 -58.46
CA ALA J 200 54.37 -25.16 -57.44
C ALA J 200 55.76 -25.52 -56.92
N ARG J 201 56.75 -25.56 -57.81
CA ARG J 201 58.11 -25.88 -57.38
C ARG J 201 58.65 -24.83 -56.44
N VAL J 202 58.36 -23.55 -56.71
CA VAL J 202 58.78 -22.49 -55.81
C VAL J 202 58.02 -22.58 -54.48
N TYR J 203 56.69 -22.77 -54.56
CA TYR J 203 55.90 -22.91 -53.35
C TYR J 203 56.31 -24.14 -52.55
N TYR J 204 56.71 -25.21 -53.24
CA TYR J 204 57.14 -26.43 -52.53
C TYR J 204 58.35 -26.14 -51.66
N PHE J 205 59.38 -25.51 -52.22
CA PHE J 205 60.61 -25.33 -51.46
C PHE J 205 60.42 -24.32 -50.34
N GLY J 206 59.65 -23.27 -50.58
CA GLY J 206 59.32 -22.34 -49.51
C GLY J 206 58.68 -23.05 -48.33
N THR J 207 57.77 -23.98 -48.61
CA THR J 207 57.18 -24.79 -47.54
C THR J 207 58.19 -25.77 -46.96
N TYR J 208 59.00 -26.40 -47.82
CA TYR J 208 59.97 -27.37 -47.32
C TYR J 208 61.10 -26.68 -46.56
N TYR J 209 61.51 -25.49 -47.01
CA TYR J 209 62.51 -24.73 -46.28
C TYR J 209 62.03 -24.39 -44.88
N ALA J 210 60.78 -23.90 -44.78
CA ALA J 210 60.21 -23.64 -43.46
C ALA J 210 60.12 -24.91 -42.64
N SER J 211 59.77 -26.03 -43.26
CA SER J 211 59.71 -27.30 -42.57
C SER J 211 61.08 -27.71 -42.03
N GLN J 212 62.13 -27.41 -42.78
CA GLN J 212 63.49 -27.73 -42.33
C GLN J 212 63.84 -26.94 -41.08
N LEU J 213 63.45 -25.67 -41.02
CA LEU J 213 63.73 -24.85 -39.84
C LEU J 213 62.94 -25.34 -38.63
N ILE J 214 61.67 -25.68 -38.83
CA ILE J 214 60.83 -26.14 -37.72
C ILE J 214 61.33 -27.48 -37.20
N ALA J 215 61.58 -28.43 -38.10
CA ALA J 215 62.00 -29.77 -37.69
C ALA J 215 63.36 -29.76 -37.02
N ALA J 216 64.20 -28.78 -37.35
CA ALA J 216 65.52 -28.67 -36.74
C ALA J 216 65.37 -28.50 -35.23
N PRO J 217 65.99 -29.36 -34.42
CA PRO J 217 65.84 -29.28 -32.98
C PRO J 217 66.40 -27.98 -32.42
N SER J 218 66.07 -27.71 -31.16
CA SER J 218 66.38 -26.42 -30.56
C SER J 218 67.88 -26.24 -30.31
N ASN J 219 68.64 -27.34 -30.21
CA ASN J 219 70.09 -27.20 -30.09
C ASN J 219 70.74 -26.84 -31.43
N TYR J 220 70.13 -27.25 -32.54
CA TYR J 220 70.60 -26.81 -33.85
C TYR J 220 70.04 -25.45 -34.21
N CYS J 221 68.73 -25.25 -34.00
CA CYS J 221 68.04 -24.03 -34.36
C CYS J 221 67.85 -23.19 -33.10
N ASN J 222 68.76 -22.24 -32.89
CA ASN J 222 68.74 -21.33 -31.75
C ASN J 222 68.61 -19.90 -32.28
N PRO J 223 68.40 -18.90 -31.43
CA PRO J 223 68.28 -17.53 -31.94
C PRO J 223 69.43 -17.06 -32.79
N VAL J 224 70.67 -17.49 -32.49
CA VAL J 224 71.82 -17.05 -33.28
C VAL J 224 71.88 -17.80 -34.61
N SER J 225 71.74 -19.12 -34.57
CA SER J 225 71.85 -19.91 -35.80
C SER J 225 70.67 -19.67 -36.73
N LEU J 226 69.48 -19.38 -36.18
CA LEU J 226 68.32 -19.13 -37.02
C LEU J 226 68.46 -17.80 -37.75
N SER J 227 68.93 -16.76 -37.06
CA SER J 227 69.15 -15.48 -37.72
C SER J 227 70.29 -15.58 -38.73
N ASN J 228 71.32 -16.40 -38.43
CA ASN J 228 72.38 -16.62 -39.41
C ASN J 228 71.84 -17.24 -40.68
N ALA J 229 70.93 -18.22 -40.54
CA ALA J 229 70.31 -18.83 -41.72
C ALA J 229 69.48 -17.82 -42.49
N ALA J 230 68.82 -16.89 -41.78
CA ALA J 230 68.04 -15.86 -42.46
C ALA J 230 68.95 -14.93 -43.26
N VAL J 231 70.13 -14.61 -42.71
CA VAL J 231 71.09 -13.79 -43.45
C VAL J 231 71.55 -14.51 -44.70
N GLU J 232 71.91 -15.79 -44.56
CA GLU J 232 72.34 -16.58 -45.71
C GLU J 232 71.25 -16.66 -46.77
N LEU J 233 70.00 -16.82 -46.34
CA LEU J 233 68.89 -16.85 -47.29
C LEU J 233 68.71 -15.51 -47.98
N ALA J 234 68.80 -14.42 -47.23
CA ALA J 234 68.66 -13.09 -47.83
C ALA J 234 69.80 -12.81 -48.81
N GLN J 235 71.00 -13.30 -48.50
CA GLN J 235 72.13 -13.11 -49.41
C GLN J 235 71.94 -13.89 -50.71
N LYS J 236 71.38 -15.10 -50.61
CA LYS J 236 71.17 -15.91 -51.81
C LYS J 236 70.07 -15.32 -52.69
N LEU J 237 69.14 -14.57 -52.11
CA LEU J 237 68.03 -14.00 -52.85
C LEU J 237 68.22 -12.51 -53.15
N ASN J 238 69.34 -11.92 -52.74
CA ASN J 238 69.63 -10.50 -52.94
C ASN J 238 68.58 -9.63 -52.26
N LEU J 239 68.15 -10.04 -51.07
CA LEU J 239 67.28 -9.22 -50.24
C LEU J 239 68.11 -8.39 -49.27
N GLU J 240 67.61 -7.21 -48.94
CA GLU J 240 68.21 -6.44 -47.85
C GLU J 240 67.94 -7.14 -46.53
N TYR J 241 68.95 -7.16 -45.66
CA TYR J 241 68.83 -7.85 -44.39
C TYR J 241 69.50 -7.04 -43.29
N LYS J 242 68.97 -7.19 -42.08
CA LYS J 242 69.49 -6.50 -40.91
C LYS J 242 69.13 -7.30 -39.68
N ILE J 243 70.14 -7.63 -38.88
CA ILE J 243 69.96 -8.40 -37.65
C ILE J 243 70.25 -7.49 -36.46
N LEU J 244 69.25 -7.23 -35.65
CA LEU J 244 69.38 -6.35 -34.50
C LEU J 244 69.85 -7.16 -33.30
N GLY J 245 70.97 -6.75 -32.71
CA GLY J 245 71.50 -7.42 -31.53
C GLY J 245 70.97 -6.82 -30.24
N VAL J 246 71.44 -7.38 -29.13
CA VAL J 246 70.91 -7.01 -27.82
C VAL J 246 71.10 -5.53 -27.54
N LYS J 247 72.27 -4.98 -27.91
CA LYS J 247 72.55 -3.57 -27.64
C LYS J 247 71.59 -2.66 -28.40
N GLU J 248 71.33 -2.96 -29.67
CA GLU J 248 70.37 -2.17 -30.43
C GLU J 248 68.94 -2.36 -29.93
N LEU J 249 68.59 -3.58 -29.50
CA LEU J 249 67.26 -3.80 -28.98
C LEU J 249 67.04 -3.05 -27.67
N GLU J 250 68.09 -2.94 -26.85
CA GLU J 250 67.99 -2.15 -25.62
C GLU J 250 67.77 -0.67 -25.93
N GLU J 251 68.46 -0.14 -26.94
CA GLU J 251 68.27 1.25 -27.31
C GLU J 251 66.87 1.50 -27.85
N LEU J 252 66.28 0.50 -28.51
CA LEU J 252 64.91 0.60 -28.95
C LEU J 252 63.91 0.27 -27.85
N LYS J 253 64.39 -0.02 -26.64
CA LYS J 253 63.57 -0.20 -25.45
C LYS J 253 62.57 -1.35 -25.60
N MET J 254 62.97 -2.42 -26.28
CA MET J 254 62.11 -3.59 -26.45
C MET J 254 62.17 -4.45 -25.19
N GLY J 255 61.58 -3.91 -24.12
CA GLY J 255 61.67 -4.58 -22.82
C GLY J 255 60.87 -5.87 -22.75
N ALA J 256 59.71 -5.90 -23.41
CA ALA J 256 58.90 -7.12 -23.41
C ALA J 256 59.61 -8.24 -24.15
N TYR J 257 60.13 -7.94 -25.34
CA TYR J 257 60.86 -8.95 -26.11
C TYR J 257 62.14 -9.37 -25.40
N LEU J 258 62.87 -8.43 -24.83
CA LEU J 258 64.14 -8.77 -24.17
C LEU J 258 63.91 -9.57 -22.89
N SER J 259 62.80 -9.33 -22.19
CA SER J 259 62.54 -10.03 -20.94
C SER J 259 62.35 -11.52 -21.15
N VAL J 260 61.77 -11.91 -22.29
CA VAL J 260 61.53 -13.33 -22.57
C VAL J 260 62.85 -14.08 -22.69
N GLY J 261 63.84 -13.47 -23.35
CA GLY J 261 65.12 -14.09 -23.59
C GLY J 261 66.15 -13.91 -22.50
N LYS J 262 65.79 -13.31 -21.37
CA LYS J 262 66.76 -13.05 -20.31
C LYS J 262 67.41 -14.33 -19.80
N GLY J 263 66.61 -15.39 -19.66
CA GLY J 263 67.08 -16.65 -19.13
C GLY J 263 67.78 -17.58 -20.11
N SER J 264 68.01 -17.15 -21.34
CA SER J 264 68.60 -18.00 -22.35
C SER J 264 70.09 -17.74 -22.48
N MET J 265 70.84 -18.80 -22.82
CA MET J 265 72.25 -18.66 -23.12
C MET J 265 72.51 -18.09 -24.51
N TYR J 266 71.47 -17.99 -25.35
CA TYR J 266 71.60 -17.44 -26.69
C TYR J 266 71.05 -16.02 -26.72
N PRO J 267 71.84 -15.06 -27.19
CA PRO J 267 71.34 -13.67 -27.24
C PRO J 267 70.19 -13.53 -28.22
N ASN J 268 69.30 -12.59 -27.91
CA ASN J 268 68.17 -12.30 -28.78
C ASN J 268 68.66 -11.77 -30.13
N LYS J 269 67.95 -12.16 -31.19
CA LYS J 269 68.28 -11.73 -32.55
C LYS J 269 66.99 -11.35 -33.27
N PHE J 270 66.90 -10.10 -33.71
CA PHE J 270 65.74 -9.61 -34.43
C PHE J 270 66.03 -9.63 -35.92
N ILE J 271 65.27 -10.45 -36.65
CA ILE J 271 65.46 -10.62 -38.09
C ILE J 271 64.63 -9.58 -38.84
N HIS J 272 65.27 -8.89 -39.79
CA HIS J 272 64.57 -7.91 -40.63
C HIS J 272 65.07 -8.08 -42.06
N LEU J 273 64.30 -8.80 -42.88
CA LEU J 273 64.56 -8.91 -44.30
C LEU J 273 63.60 -8.00 -45.06
N THR J 274 64.06 -7.48 -46.19
CA THR J 274 63.28 -6.55 -46.99
C THR J 274 63.37 -6.92 -48.45
N TYR J 275 62.22 -6.97 -49.12
CA TYR J 275 62.15 -7.08 -50.57
C TYR J 275 61.50 -5.82 -51.11
N LYS J 276 62.23 -5.10 -51.95
CA LYS J 276 61.72 -3.92 -52.64
C LYS J 276 61.66 -4.20 -54.13
N SER J 277 60.61 -3.69 -54.78
CA SER J 277 60.46 -3.89 -56.21
C SER J 277 61.23 -2.82 -56.97
N LYS J 278 61.59 -3.15 -58.21
CA LYS J 278 62.35 -2.20 -59.03
C LYS J 278 61.49 -1.03 -59.50
N GLY J 279 60.18 -1.21 -59.56
CA GLY J 279 59.28 -0.16 -59.98
C GLY J 279 58.81 0.68 -58.80
N ASP J 280 57.83 1.54 -59.09
CA ASP J 280 57.24 2.37 -58.05
C ASP J 280 56.52 1.49 -57.03
N VAL J 281 56.88 1.64 -55.76
CA VAL J 281 56.27 0.87 -54.68
C VAL J 281 54.88 1.43 -54.40
N LYS J 282 53.86 0.58 -54.58
CA LYS J 282 52.48 0.98 -54.34
C LYS J 282 51.87 0.40 -53.07
N LYS J 283 52.45 -0.68 -52.53
CA LYS J 283 51.94 -1.29 -51.31
C LYS J 283 53.11 -1.72 -50.44
N LYS J 284 53.04 -1.39 -49.15
CA LYS J 284 54.04 -1.78 -48.16
C LYS J 284 53.42 -2.73 -47.16
N ILE J 285 54.06 -3.88 -46.97
CA ILE J 285 53.53 -4.95 -46.13
C ILE J 285 54.61 -5.39 -45.16
N ALA J 286 54.22 -5.63 -43.90
CA ALA J 286 55.11 -6.16 -42.88
C ALA J 286 54.56 -7.51 -42.42
N LEU J 287 55.39 -8.55 -42.54
CA LEU J 287 55.04 -9.89 -42.09
C LEU J 287 55.86 -10.21 -40.85
N VAL J 288 55.17 -10.50 -39.75
CA VAL J 288 55.81 -10.74 -38.45
C VAL J 288 55.58 -12.19 -38.05
N GLY J 289 56.66 -12.89 -37.75
CA GLY J 289 56.55 -14.28 -37.33
C GLY J 289 57.09 -14.50 -35.93
N LYS J 290 56.36 -15.25 -35.12
CA LYS J 290 56.84 -15.58 -33.78
C LYS J 290 58.02 -16.54 -33.87
N GLY J 291 59.13 -16.18 -33.23
CA GLY J 291 60.35 -16.95 -33.35
C GLY J 291 60.93 -17.43 -32.04
N ILE J 292 60.18 -18.25 -31.30
CA ILE J 292 60.68 -18.88 -30.07
C ILE J 292 61.31 -20.21 -30.47
N THR J 293 62.64 -20.26 -30.46
CA THR J 293 63.32 -21.47 -30.91
C THR J 293 63.07 -22.64 -29.98
N PHE J 294 62.83 -22.38 -28.69
CA PHE J 294 62.34 -23.39 -27.78
C PHE J 294 61.50 -22.73 -26.70
N ASP J 295 60.34 -23.31 -26.42
CA ASP J 295 59.41 -22.76 -25.42
C ASP J 295 59.28 -23.78 -24.30
N SER J 296 60.17 -23.67 -23.30
CA SER J 296 60.02 -24.48 -22.10
C SER J 296 58.88 -23.99 -21.23
N GLY J 297 58.40 -22.77 -21.44
CA GLY J 297 57.41 -22.15 -20.59
C GLY J 297 57.96 -21.21 -19.56
N GLY J 298 59.29 -21.19 -19.38
CA GLY J 298 59.86 -20.40 -18.30
C GLY J 298 59.54 -21.02 -16.95
N TYR J 299 59.52 -20.18 -15.92
CA TYR J 299 59.19 -20.67 -14.59
C TYR J 299 57.77 -21.22 -14.52
N ASN J 300 56.89 -20.81 -15.43
CA ASN J 300 55.64 -21.53 -15.68
C ASN J 300 55.92 -22.72 -16.59
N LEU J 301 56.70 -23.65 -16.05
CA LEU J 301 57.24 -24.76 -16.85
C LEU J 301 56.12 -25.62 -17.43
N LYS J 302 56.34 -26.10 -18.65
CA LYS J 302 55.40 -27.00 -19.32
C LYS J 302 55.51 -28.38 -18.70
N ALA J 303 54.89 -28.54 -17.53
CA ALA J 303 54.90 -29.80 -16.80
C ALA J 303 53.53 -30.43 -16.66
N ALA J 304 52.46 -29.72 -17.00
CA ALA J 304 51.12 -30.30 -16.92
C ALA J 304 50.93 -31.36 -18.00
N PRO J 305 50.10 -32.36 -17.73
CA PRO J 305 49.83 -33.39 -18.76
C PRO J 305 49.26 -32.77 -20.02
N GLY J 306 49.80 -33.19 -21.16
CA GLY J 306 49.36 -32.68 -22.44
C GLY J 306 50.03 -31.40 -22.89
N SER J 307 50.92 -30.82 -22.08
CA SER J 307 51.61 -29.61 -22.49
C SER J 307 52.63 -29.86 -23.59
N MET J 308 53.10 -31.10 -23.72
CA MET J 308 53.94 -31.55 -24.84
C MET J 308 55.17 -30.65 -25.01
N ILE J 309 56.03 -30.67 -23.98
CA ILE J 309 57.22 -29.83 -24.01
C ILE J 309 58.20 -30.29 -25.09
N ASP J 310 58.16 -31.57 -25.47
CA ASP J 310 59.08 -32.09 -26.48
C ASP J 310 58.75 -31.61 -27.89
N LEU J 311 57.58 -31.02 -28.10
CA LEU J 311 57.20 -30.48 -29.40
C LEU J 311 57.64 -29.03 -29.58
N MET J 312 57.97 -28.33 -28.50
CA MET J 312 58.13 -26.88 -28.49
C MET J 312 59.33 -26.38 -29.30
N LYS J 313 60.06 -27.23 -30.02
CA LYS J 313 60.98 -26.71 -31.03
C LYS J 313 60.24 -26.05 -32.18
N PHE J 314 58.95 -26.34 -32.34
CA PHE J 314 58.12 -25.80 -33.40
C PHE J 314 57.59 -24.41 -33.10
N ASP J 315 57.95 -23.83 -31.95
CA ASP J 315 57.41 -22.54 -31.55
C ASP J 315 57.97 -21.38 -32.37
N MET J 316 58.83 -21.65 -33.35
CA MET J 316 59.26 -20.66 -34.33
C MET J 316 58.64 -20.90 -35.70
N SER J 317 57.52 -21.63 -35.75
CA SER J 317 56.86 -21.92 -37.02
C SER J 317 56.42 -20.64 -37.72
N GLY J 318 55.98 -19.64 -36.95
CA GLY J 318 55.64 -18.36 -37.55
C GLY J 318 56.82 -17.70 -38.22
N CYS J 319 57.97 -17.69 -37.55
CA CYS J 319 59.19 -17.16 -38.16
C CYS J 319 59.56 -17.97 -39.40
N ALA J 320 59.43 -19.29 -39.32
CA ALA J 320 59.76 -20.13 -40.47
C ALA J 320 58.83 -19.86 -41.64
N ALA J 321 57.54 -19.64 -41.36
CA ALA J 321 56.60 -19.34 -42.44
C ALA J 321 56.93 -18.00 -43.09
N VAL J 322 57.31 -17.00 -42.28
CA VAL J 322 57.68 -15.71 -42.84
C VAL J 322 58.96 -15.84 -43.65
N LEU J 323 59.93 -16.62 -43.15
CA LEU J 323 61.17 -16.81 -43.90
C LEU J 323 60.93 -17.62 -45.17
N GLY J 324 60.07 -18.64 -45.09
CA GLY J 324 59.73 -19.40 -46.28
C GLY J 324 59.00 -18.54 -47.31
N CYS J 325 58.16 -17.62 -46.83
CA CYS J 325 57.51 -16.68 -47.73
C CYS J 325 58.54 -15.74 -48.37
N ALA J 326 59.59 -15.37 -47.63
CA ALA J 326 60.63 -14.53 -48.20
C ALA J 326 61.33 -15.20 -49.36
N TYR J 327 61.47 -16.53 -49.33
CA TYR J 327 62.05 -17.24 -50.46
C TYR J 327 61.16 -17.14 -51.69
N CYS J 328 59.85 -17.39 -51.51
CA CYS J 328 58.92 -17.33 -52.65
C CYS J 328 58.87 -15.93 -53.25
N VAL J 329 58.81 -14.91 -52.40
CA VAL J 329 58.77 -13.53 -52.89
C VAL J 329 60.09 -13.18 -53.57
N GLY J 330 61.21 -13.56 -52.97
CA GLY J 330 62.50 -13.24 -53.57
C GLY J 330 62.75 -13.96 -54.87
N THR J 331 62.12 -15.11 -55.07
CA THR J 331 62.30 -15.88 -56.30
C THR J 331 61.32 -15.41 -57.39
N LEU J 332 60.05 -15.25 -57.05
CA LEU J 332 59.05 -14.84 -58.02
C LEU J 332 59.12 -13.35 -58.35
N LYS J 333 59.66 -12.53 -57.45
CA LYS J 333 59.89 -11.10 -57.64
C LYS J 333 58.63 -10.36 -58.09
N PRO J 334 57.67 -10.15 -57.20
CA PRO J 334 56.49 -9.35 -57.55
C PRO J 334 56.86 -7.88 -57.76
N GLU J 335 55.91 -7.13 -58.30
CA GLU J 335 56.13 -5.74 -58.66
C GLU J 335 55.30 -4.82 -57.78
N ASN J 336 55.79 -3.58 -57.64
CA ASN J 336 55.08 -2.50 -56.96
C ASN J 336 54.79 -2.83 -55.49
N VAL J 337 55.65 -3.60 -54.85
CA VAL J 337 55.45 -3.99 -53.46
C VAL J 337 56.76 -3.90 -52.70
N GLU J 338 56.68 -3.50 -51.44
CA GLU J 338 57.81 -3.50 -50.52
C GLU J 338 57.40 -4.30 -49.30
N ILE J 339 58.09 -5.40 -49.03
CA ILE J 339 57.71 -6.33 -47.98
C ILE J 339 58.83 -6.42 -46.96
N HIS J 340 58.48 -6.33 -45.69
CA HIS J 340 59.41 -6.50 -44.58
C HIS J 340 59.10 -7.81 -43.87
N PHE J 341 60.13 -8.64 -43.70
CA PHE J 341 60.00 -9.93 -43.03
C PHE J 341 60.64 -9.79 -41.67
N LEU J 342 59.82 -9.81 -40.61
CA LEU J 342 60.27 -9.52 -39.26
C LEU J 342 60.01 -10.71 -38.35
N SER J 343 60.90 -10.88 -37.38
CA SER J 343 60.73 -11.92 -36.36
C SER J 343 61.63 -11.59 -35.18
N ALA J 344 61.04 -11.44 -34.00
CA ALA J 344 61.78 -11.23 -32.76
C ALA J 344 62.13 -12.60 -32.20
N VAL J 345 63.32 -13.09 -32.54
CA VAL J 345 63.72 -14.46 -32.22
C VAL J 345 64.40 -14.49 -30.87
N CYS J 346 64.02 -15.46 -30.03
CA CYS J 346 64.65 -15.66 -28.72
C CYS J 346 64.29 -17.07 -28.24
N GLU J 347 64.68 -17.37 -27.01
CA GLU J 347 64.46 -18.69 -26.42
C GLU J 347 63.96 -18.51 -24.99
N ASN J 348 62.89 -19.23 -24.64
CA ASN J 348 62.23 -19.12 -23.33
C ASN J 348 62.69 -20.26 -22.45
N MET J 349 63.56 -19.97 -21.49
CA MET J 349 64.21 -20.99 -20.67
C MET J 349 64.09 -20.66 -19.20
N VAL J 350 64.47 -21.63 -18.36
CA VAL J 350 64.46 -21.50 -16.91
C VAL J 350 65.89 -21.30 -16.44
N SER J 351 66.13 -20.24 -15.69
CA SER J 351 67.48 -19.88 -15.27
C SER J 351 67.40 -18.90 -14.12
N LYS J 352 68.56 -18.62 -13.51
CA LYS J 352 68.65 -17.57 -12.52
C LYS J 352 68.40 -16.19 -13.13
N ASN J 353 68.56 -16.07 -14.45
CA ASN J 353 68.39 -14.80 -15.15
C ASN J 353 67.02 -14.67 -15.80
N SER J 354 66.17 -15.70 -15.72
CA SER J 354 64.88 -15.67 -16.39
C SER J 354 63.97 -14.62 -15.74
N TYR J 355 63.00 -14.15 -16.52
CA TYR J 355 61.98 -13.28 -15.97
C TYR J 355 60.94 -14.11 -15.23
N ARG J 356 60.36 -13.51 -14.20
CA ARG J 356 59.52 -14.25 -13.26
C ARG J 356 58.05 -13.94 -13.49
N PRO J 357 57.17 -14.84 -13.10
CA PRO J 357 55.74 -14.50 -13.02
C PRO J 357 55.54 -13.35 -12.04
N GLY J 358 54.78 -12.35 -12.45
CA GLY J 358 54.55 -11.17 -11.66
C GLY J 358 55.41 -9.98 -12.05
N ASP J 359 56.50 -10.21 -12.79
CA ASP J 359 57.36 -9.12 -13.23
C ASP J 359 56.58 -8.13 -14.08
N ILE J 360 56.90 -6.85 -13.94
CA ILE J 360 56.30 -5.79 -14.75
C ILE J 360 57.38 -5.26 -15.68
N ILE J 361 57.12 -5.35 -16.98
CA ILE J 361 58.09 -4.98 -18.01
C ILE J 361 57.47 -3.90 -18.89
N THR J 362 58.34 -3.19 -19.62
CA THR J 362 57.94 -2.03 -20.40
C THR J 362 58.21 -2.30 -21.88
N ALA J 363 57.16 -2.21 -22.70
CA ALA J 363 57.30 -2.38 -24.13
C ALA J 363 57.91 -1.12 -24.77
N SER J 364 58.26 -1.24 -26.05
CA SER J 364 58.90 -0.14 -26.75
C SER J 364 57.96 1.03 -27.02
N ASN J 365 56.66 0.85 -26.84
CA ASN J 365 55.70 1.94 -26.99
C ASN J 365 55.34 2.58 -25.66
N GLY J 366 56.05 2.23 -24.58
CA GLY J 366 55.84 2.83 -23.29
C GLY J 366 54.87 2.09 -22.38
N LYS J 367 54.13 1.11 -22.90
CA LYS J 367 53.13 0.42 -22.10
C LYS J 367 53.79 -0.57 -21.15
N THR J 368 53.43 -0.49 -19.87
CA THR J 368 53.89 -1.43 -18.87
C THR J 368 52.97 -2.64 -18.85
N ILE J 369 53.56 -3.83 -18.79
CA ILE J 369 52.83 -5.09 -18.86
C ILE J 369 53.11 -5.89 -17.60
N GLU J 370 52.06 -6.39 -16.96
CA GLU J 370 52.20 -7.27 -15.81
C GLU J 370 52.18 -8.72 -16.29
N VAL J 371 53.29 -9.43 -16.08
CA VAL J 371 53.42 -10.81 -16.52
C VAL J 371 52.71 -11.72 -15.53
N GLY J 372 51.66 -12.40 -16.00
CA GLY J 372 50.95 -13.33 -15.15
C GLY J 372 51.34 -14.78 -15.39
N ASN J 373 52.01 -15.03 -16.51
CA ASN J 373 52.38 -16.39 -16.88
C ASN J 373 53.54 -16.32 -17.87
N THR J 374 54.71 -16.83 -17.47
CA THR J 374 55.89 -16.78 -18.33
C THR J 374 55.74 -17.65 -19.58
N ASP J 375 54.77 -18.57 -19.61
CA ASP J 375 54.53 -19.37 -20.80
C ASP J 375 53.72 -18.64 -21.86
N ALA J 376 53.17 -17.47 -21.53
CA ALA J 376 52.53 -16.63 -22.53
C ALA J 376 53.52 -15.61 -23.10
N GLU J 377 54.68 -16.11 -23.52
CA GLU J 377 55.77 -15.25 -23.96
C GLU J 377 55.67 -14.84 -25.43
N GLY J 378 54.90 -15.57 -26.23
CA GLY J 378 54.79 -15.24 -27.64
C GLY J 378 54.22 -13.86 -27.88
N ARG J 379 53.14 -13.53 -27.16
CA ARG J 379 52.54 -12.20 -27.32
C ARG J 379 53.45 -11.09 -26.81
N LEU J 380 54.37 -11.39 -25.90
CA LEU J 380 55.31 -10.38 -25.43
C LEU J 380 56.32 -10.03 -26.50
N THR J 381 56.89 -11.04 -27.15
CA THR J 381 57.83 -10.79 -28.24
C THR J 381 57.13 -10.15 -29.43
N LEU J 382 55.90 -10.58 -29.72
CA LEU J 382 55.15 -10.00 -30.83
C LEU J 382 54.79 -8.55 -30.58
N ALA J 383 54.57 -8.18 -29.31
CA ALA J 383 54.21 -6.79 -28.99
C ALA J 383 55.27 -5.81 -29.46
N ASP J 384 56.53 -6.08 -29.11
CA ASP J 384 57.62 -5.20 -29.55
C ASP J 384 57.83 -5.28 -31.06
N ALA J 385 57.62 -6.47 -31.65
CA ALA J 385 57.77 -6.60 -33.10
C ALA J 385 56.68 -5.84 -33.83
N LEU J 386 55.47 -5.81 -33.27
CA LEU J 386 54.38 -5.06 -33.91
C LEU J 386 54.62 -3.55 -33.84
N VAL J 387 55.16 -3.08 -32.72
CA VAL J 387 55.53 -1.67 -32.61
C VAL J 387 56.62 -1.33 -33.62
N TYR J 388 57.60 -2.23 -33.78
CA TYR J 388 58.63 -2.03 -34.79
C TYR J 388 58.04 -2.00 -36.19
N ALA J 389 57.07 -2.87 -36.47
CA ALA J 389 56.49 -2.94 -37.80
C ALA J 389 55.71 -1.67 -38.14
N GLU J 390 54.88 -1.20 -37.20
CA GLU J 390 54.09 0.00 -37.48
C GLU J 390 54.96 1.22 -37.68
N LYS J 391 56.13 1.26 -37.02
CA LYS J 391 57.06 2.37 -37.21
C LYS J 391 57.62 2.42 -38.63
N LEU J 392 57.56 1.33 -39.37
CA LEU J 392 58.03 1.30 -40.75
C LEU J 392 57.08 1.99 -41.72
N GLY J 393 55.86 2.31 -41.30
CA GLY J 393 54.89 2.95 -42.17
C GLY J 393 54.43 2.07 -43.30
N VAL J 394 53.83 0.94 -42.97
CA VAL J 394 53.36 -0.01 -43.96
C VAL J 394 51.84 0.09 -44.08
N ASP J 395 51.29 -0.56 -45.10
CA ASP J 395 49.84 -0.58 -45.29
C ASP J 395 49.19 -1.72 -44.50
N TYR J 396 49.84 -2.88 -44.44
CA TYR J 396 49.30 -4.04 -43.74
C TYR J 396 50.37 -4.65 -42.85
N ILE J 397 49.95 -5.05 -41.65
CA ILE J 397 50.78 -5.85 -40.75
C ILE J 397 50.06 -7.16 -40.52
N VAL J 398 50.72 -8.27 -40.87
CA VAL J 398 50.17 -9.60 -40.70
C VAL J 398 51.16 -10.42 -39.87
N ASP J 399 50.71 -10.91 -38.72
CA ASP J 399 51.54 -11.76 -37.89
C ASP J 399 50.99 -13.19 -37.89
N ILE J 400 51.90 -14.15 -37.79
CA ILE J 400 51.58 -15.57 -37.77
C ILE J 400 52.38 -16.21 -36.64
N ALA J 401 51.71 -17.01 -35.82
CA ALA J 401 52.32 -17.45 -34.58
C ALA J 401 51.63 -18.70 -34.06
N THR J 402 52.42 -19.59 -33.45
CA THR J 402 51.89 -20.70 -32.65
C THR J 402 51.62 -20.17 -31.25
N LEU J 403 50.52 -19.41 -31.14
CA LEU J 403 50.31 -18.55 -29.98
C LEU J 403 49.59 -19.25 -28.82
N THR J 404 48.43 -19.86 -29.08
CA THR J 404 47.59 -20.36 -28.00
C THR J 404 47.19 -21.81 -28.27
N GLY J 405 47.38 -22.66 -27.25
CA GLY J 405 46.94 -24.04 -27.35
C GLY J 405 45.44 -24.20 -27.41
N ALA J 406 44.67 -23.16 -27.06
CA ALA J 406 43.22 -23.23 -27.15
C ALA J 406 42.74 -23.41 -28.58
N MET J 407 43.60 -23.16 -29.57
CA MET J 407 43.21 -23.37 -30.96
C MET J 407 42.87 -24.83 -31.24
N LEU J 408 43.43 -25.76 -30.46
CA LEU J 408 43.09 -27.17 -30.64
C LEU J 408 41.66 -27.46 -30.24
N TYR J 409 41.09 -26.65 -29.35
CA TYR J 409 39.71 -26.86 -28.90
C TYR J 409 38.70 -26.01 -29.66
N SER J 410 39.16 -25.06 -30.48
CA SER J 410 38.27 -24.22 -31.28
C SER J 410 38.19 -24.71 -32.73
N LEU J 411 39.31 -24.66 -33.46
CA LEU J 411 39.33 -25.05 -34.85
C LEU J 411 40.05 -26.36 -35.12
N GLY J 412 40.89 -26.83 -34.20
CA GLY J 412 41.54 -28.12 -34.36
C GLY J 412 42.88 -28.05 -35.06
N THR J 413 43.22 -29.12 -35.78
CA THR J 413 44.53 -29.27 -36.40
C THR J 413 44.54 -28.95 -37.89
N SER J 414 43.39 -28.64 -38.49
CA SER J 414 43.31 -28.39 -39.92
C SER J 414 43.18 -26.92 -40.28
N TYR J 415 42.36 -26.18 -39.55
CA TYR J 415 42.06 -24.78 -39.87
C TYR J 415 42.77 -23.86 -38.88
N ALA J 416 43.50 -22.89 -39.40
CA ALA J 416 44.06 -21.83 -38.56
C ALA J 416 43.03 -20.72 -38.37
N GLY J 417 43.21 -19.96 -37.30
CA GLY J 417 42.33 -18.84 -36.98
C GLY J 417 42.98 -17.52 -37.32
N VAL J 418 42.19 -16.59 -37.86
CA VAL J 418 42.65 -15.25 -38.17
C VAL J 418 41.82 -14.24 -37.38
N PHE J 419 42.51 -13.32 -36.71
CA PHE J 419 41.91 -12.20 -36.01
C PHE J 419 42.47 -10.93 -36.61
N GLY J 420 41.77 -9.81 -36.41
CA GLY J 420 42.26 -8.56 -36.96
C GLY J 420 41.40 -7.39 -36.56
N ASN J 421 41.88 -6.21 -36.94
CA ASN J 421 41.19 -4.95 -36.69
C ASN J 421 40.66 -4.31 -37.97
N ASN J 422 40.72 -5.02 -39.10
CA ASN J 422 40.38 -4.46 -40.39
C ASN J 422 39.67 -5.53 -41.21
N GLU J 423 38.43 -5.22 -41.64
CA GLU J 423 37.65 -6.19 -42.40
C GLU J 423 38.29 -6.49 -43.75
N GLU J 424 38.80 -5.46 -44.43
CA GLU J 424 39.38 -5.67 -45.76
C GLU J 424 40.60 -6.57 -45.69
N LEU J 425 41.43 -6.41 -44.66
CA LEU J 425 42.62 -7.26 -44.54
C LEU J 425 42.24 -8.69 -44.22
N ILE J 426 41.25 -8.89 -43.33
CA ILE J 426 40.79 -10.24 -43.03
C ILE J 426 40.24 -10.91 -44.28
N ASN J 427 39.53 -10.16 -45.12
CA ASN J 427 38.99 -10.73 -46.34
C ASN J 427 40.09 -11.11 -47.32
N LYS J 428 41.14 -10.29 -47.41
CA LYS J 428 42.28 -10.63 -48.26
C LYS J 428 42.97 -11.89 -47.77
N ILE J 429 43.11 -12.03 -46.44
CA ILE J 429 43.70 -13.25 -45.89
C ILE J 429 42.83 -14.45 -46.19
N LEU J 430 41.50 -14.29 -46.05
CA LEU J 430 40.59 -15.39 -46.37
C LEU J 430 40.65 -15.75 -47.85
N GLN J 431 40.79 -14.74 -48.71
CA GLN J 431 40.91 -15.01 -50.14
C GLN J 431 42.20 -15.74 -50.45
N SER J 432 43.30 -15.36 -49.80
CA SER J 432 44.56 -16.07 -49.99
C SER J 432 44.49 -17.49 -49.44
N SER J 433 43.71 -17.71 -48.38
CA SER J 433 43.52 -19.06 -47.88
C SER J 433 42.80 -19.94 -48.88
N LYS J 434 41.89 -19.37 -49.67
CA LYS J 434 41.16 -20.16 -50.66
C LYS J 434 42.05 -20.54 -51.84
N THR J 435 42.86 -19.59 -52.32
CA THR J 435 43.69 -19.87 -53.50
C THR J 435 44.94 -20.66 -53.15
N SER J 436 45.47 -20.49 -51.93
CA SER J 436 46.60 -21.29 -51.50
C SER J 436 46.20 -22.65 -50.95
N ASN J 437 44.92 -22.85 -50.66
CA ASN J 437 44.39 -24.11 -50.12
C ASN J 437 44.98 -24.43 -48.75
N GLU J 438 45.40 -23.40 -48.02
CA GLU J 438 45.75 -23.53 -46.61
C GLU J 438 44.58 -22.99 -45.79
N PRO J 439 43.76 -23.85 -45.19
CA PRO J 439 42.47 -23.38 -44.66
C PRO J 439 42.62 -22.48 -43.45
N VAL J 440 41.84 -21.40 -43.44
CA VAL J 440 41.83 -20.42 -42.36
C VAL J 440 40.39 -20.03 -42.09
N TRP J 441 40.04 -19.81 -40.82
CA TRP J 441 38.71 -19.40 -40.43
C TRP J 441 38.78 -18.12 -39.62
N TRP J 442 37.84 -17.21 -39.87
CA TRP J 442 37.82 -15.92 -39.20
C TRP J 442 37.18 -16.05 -37.81
N LEU J 443 37.91 -15.61 -36.79
CA LEU J 443 37.45 -15.62 -35.42
C LEU J 443 37.36 -14.20 -34.88
N PRO J 444 36.46 -13.94 -33.93
CA PRO J 444 36.20 -12.56 -33.51
C PRO J 444 37.13 -12.07 -32.41
N ILE J 445 37.35 -10.76 -32.43
CA ILE J 445 38.00 -10.05 -31.33
C ILE J 445 36.89 -9.42 -30.51
N ILE J 446 36.48 -10.11 -29.44
CA ILE J 446 35.32 -9.69 -28.65
C ILE J 446 35.78 -8.64 -27.65
N ASN J 447 35.31 -7.39 -27.84
CA ASN J 447 35.77 -6.29 -27.01
C ASN J 447 35.29 -6.39 -25.57
N GLU J 448 34.23 -7.16 -25.30
CA GLU J 448 33.75 -7.31 -23.94
C GLU J 448 34.78 -7.98 -23.04
N TYR J 449 35.68 -8.78 -23.62
CA TYR J 449 36.72 -9.45 -22.83
C TYR J 449 37.91 -8.55 -22.54
N ARG J 450 37.95 -7.34 -23.10
CA ARG J 450 39.10 -6.47 -22.93
C ARG J 450 39.33 -6.10 -21.47
N ALA J 451 38.27 -6.02 -20.67
CA ALA J 451 38.39 -5.60 -19.28
C ALA J 451 39.24 -6.55 -18.45
N THR J 452 39.36 -7.82 -18.86
CA THR J 452 40.18 -8.77 -18.09
C THR J 452 41.67 -8.50 -18.23
N LEU J 453 42.08 -7.62 -19.15
CA LEU J 453 43.46 -7.22 -19.28
C LEU J 453 43.79 -5.96 -18.49
N ASN J 454 42.84 -5.45 -17.72
CA ASN J 454 43.06 -4.27 -16.89
C ASN J 454 43.88 -4.68 -15.67
N SER J 455 45.15 -4.27 -15.63
CA SER J 455 46.02 -4.60 -14.52
C SER J 455 45.81 -3.63 -13.37
N LYS J 456 45.98 -4.13 -12.15
CA LYS J 456 45.86 -3.27 -10.97
C LYS J 456 47.03 -2.30 -10.86
N TYR J 457 48.20 -2.70 -11.35
CA TYR J 457 49.41 -1.90 -11.19
C TYR J 457 50.03 -1.47 -12.51
N ALA J 458 50.10 -2.35 -13.50
CA ALA J 458 50.67 -2.02 -14.80
C ALA J 458 49.61 -1.41 -15.70
N ASP J 459 50.04 -0.99 -16.90
CA ASP J 459 49.09 -0.45 -17.88
C ASP J 459 48.14 -1.53 -18.37
N ILE J 460 48.62 -2.76 -18.52
CA ILE J 460 47.82 -3.84 -19.09
C ILE J 460 48.35 -5.16 -18.56
N ASN J 461 47.47 -6.14 -18.46
CA ASN J 461 47.85 -7.49 -18.11
C ASN J 461 48.28 -8.26 -19.35
N GLN J 462 49.26 -9.14 -19.17
CA GLN J 462 49.68 -10.01 -20.27
C GLN J 462 48.61 -11.07 -20.56
N ILE J 463 48.03 -11.65 -19.52
CA ILE J 463 47.02 -12.69 -19.65
C ILE J 463 45.82 -12.35 -18.77
N SER J 464 44.70 -12.98 -19.09
CA SER J 464 43.53 -12.95 -18.22
C SER J 464 43.59 -14.10 -17.23
N SER J 465 43.24 -13.81 -15.98
CA SER J 465 43.21 -14.84 -14.95
C SER J 465 41.87 -15.58 -14.89
N SER J 466 40.86 -15.12 -15.61
CA SER J 466 39.52 -15.71 -15.56
C SER J 466 39.08 -16.25 -16.92
N VAL J 467 38.99 -15.39 -17.94
CA VAL J 467 38.45 -15.82 -19.23
C VAL J 467 39.31 -16.91 -19.83
N LYS J 468 38.67 -18.01 -20.24
CA LYS J 468 39.36 -19.15 -20.81
C LYS J 468 39.47 -19.08 -22.33
N ALA J 469 38.87 -18.07 -22.97
CA ALA J 469 39.00 -17.87 -24.40
C ALA J 469 40.33 -17.18 -24.69
N SER J 470 41.42 -17.94 -24.49
CA SER J 470 42.76 -17.35 -24.51
C SER J 470 43.13 -16.83 -25.89
N SER J 471 42.69 -17.50 -26.95
CA SER J 471 43.04 -17.03 -28.29
C SER J 471 42.43 -15.66 -28.58
N ILE J 472 41.25 -15.39 -28.05
CA ILE J 472 40.65 -14.07 -28.23
C ILE J 472 41.31 -13.05 -27.32
N VAL J 473 41.60 -13.45 -26.07
CA VAL J 473 42.27 -12.56 -25.13
C VAL J 473 43.65 -12.18 -25.65
N ALA J 474 44.38 -13.15 -26.19
CA ALA J 474 45.70 -12.86 -26.75
C ALA J 474 45.61 -11.88 -27.92
N SER J 475 44.57 -12.01 -28.75
CA SER J 475 44.38 -11.06 -29.84
C SER J 475 44.08 -9.66 -29.30
N LEU J 476 43.33 -9.58 -28.19
CA LEU J 476 43.08 -8.29 -27.58
C LEU J 476 44.36 -7.66 -27.06
N PHE J 477 45.29 -8.48 -26.56
CA PHE J 477 46.57 -7.98 -26.09
C PHE J 477 47.39 -7.44 -27.25
N LEU J 478 47.47 -8.20 -28.34
CA LEU J 478 48.23 -7.76 -29.51
C LEU J 478 47.67 -6.48 -30.11
N LYS J 479 46.35 -6.30 -30.06
CA LYS J 479 45.73 -5.12 -30.64
C LYS J 479 46.20 -3.83 -29.99
N GLU J 480 46.59 -3.89 -28.71
CA GLU J 480 47.04 -2.71 -27.99
C GLU J 480 48.39 -2.19 -28.47
N PHE J 481 49.05 -2.90 -29.39
CA PHE J 481 50.36 -2.48 -29.89
C PHE J 481 50.32 -2.15 -31.38
N VAL J 482 49.13 -2.00 -31.96
CA VAL J 482 48.93 -1.49 -33.31
C VAL J 482 47.97 -0.32 -33.19
N GLN J 483 48.45 0.89 -33.46
CA GLN J 483 47.67 2.09 -33.18
C GLN J 483 46.82 2.55 -34.36
N ASN J 484 47.36 2.54 -35.57
CA ASN J 484 46.66 3.14 -36.71
C ASN J 484 47.05 2.43 -38.00
N THR J 485 47.08 1.10 -37.98
CA THR J 485 47.42 0.34 -39.17
C THR J 485 46.55 -0.92 -39.24
N ALA J 486 46.10 -1.25 -40.45
CA ALA J 486 45.37 -2.49 -40.66
C ALA J 486 46.25 -3.67 -40.28
N TRP J 487 45.75 -4.51 -39.37
CA TRP J 487 46.56 -5.57 -38.78
C TRP J 487 45.73 -6.85 -38.68
N ALA J 488 46.36 -7.98 -38.98
CA ALA J 488 45.74 -9.29 -38.88
C ALA J 488 46.70 -10.24 -38.17
N HIS J 489 46.12 -11.23 -37.50
CA HIS J 489 46.88 -12.15 -36.65
C HIS J 489 46.41 -13.57 -36.92
N ILE J 490 47.34 -14.44 -37.31
CA ILE J 490 47.03 -15.82 -37.67
C ILE J 490 47.63 -16.73 -36.60
N ASP J 491 46.76 -17.43 -35.87
CA ASP J 491 47.17 -18.36 -34.84
C ASP J 491 47.25 -19.76 -35.44
N ILE J 492 48.47 -20.29 -35.57
CA ILE J 492 48.70 -21.58 -36.20
C ILE J 492 49.16 -22.63 -35.18
N ALA J 493 48.85 -22.43 -33.90
CA ALA J 493 49.33 -23.34 -32.87
C ALA J 493 48.78 -24.74 -33.03
N GLY J 494 47.58 -24.87 -33.61
CA GLY J 494 46.97 -26.17 -33.75
C GLY J 494 47.29 -26.87 -35.06
N VAL J 495 47.64 -26.11 -36.10
CA VAL J 495 47.82 -26.67 -37.44
C VAL J 495 49.27 -26.80 -37.85
N SER J 496 50.21 -26.32 -37.03
CA SER J 496 51.61 -26.25 -37.47
C SER J 496 52.23 -27.63 -37.61
N TRP J 497 51.94 -28.54 -36.67
CA TRP J 497 52.58 -29.84 -36.64
C TRP J 497 51.65 -30.93 -37.15
N ASN J 498 52.19 -31.83 -37.97
CA ASN J 498 51.46 -32.98 -38.49
C ASN J 498 51.81 -34.17 -37.58
N PHE J 499 50.88 -34.53 -36.70
CA PHE J 499 51.15 -35.56 -35.70
C PHE J 499 51.07 -36.96 -36.27
N LYS J 500 50.23 -37.17 -37.30
CA LYS J 500 50.17 -38.48 -37.94
C LYS J 500 51.49 -38.81 -38.63
N ALA J 501 52.09 -37.84 -39.32
CA ALA J 501 53.34 -38.03 -40.02
C ALA J 501 54.56 -37.68 -39.19
N ARG J 502 54.38 -37.10 -38.00
CA ARG J 502 55.49 -36.74 -37.10
C ARG J 502 56.47 -35.79 -37.78
N LYS J 503 55.95 -34.74 -38.39
CA LYS J 503 56.76 -33.79 -39.13
C LYS J 503 55.99 -32.47 -39.22
N PRO J 504 56.68 -31.35 -39.46
CA PRO J 504 55.97 -30.08 -39.61
C PRO J 504 55.21 -30.03 -40.93
N LYS J 505 54.30 -29.06 -41.01
CA LYS J 505 53.52 -28.82 -42.22
C LYS J 505 54.08 -27.69 -43.08
N GLY J 506 54.91 -26.82 -42.52
CA GLY J 506 55.28 -25.60 -43.21
C GLY J 506 54.11 -24.68 -43.44
N PHE J 507 53.14 -24.69 -42.53
CA PHE J 507 51.91 -23.94 -42.72
C PHE J 507 52.18 -22.45 -42.74
N GLY J 508 51.55 -21.76 -43.70
CA GLY J 508 51.60 -20.32 -43.80
C GLY J 508 52.43 -19.79 -44.95
N VAL J 509 53.36 -20.59 -45.48
CA VAL J 509 54.23 -20.10 -46.55
C VAL J 509 53.42 -19.73 -47.78
N ARG J 510 52.58 -20.66 -48.26
CA ARG J 510 51.81 -20.40 -49.47
C ARG J 510 50.70 -19.38 -49.21
N LEU J 511 50.12 -19.39 -48.02
CA LEU J 511 49.08 -18.41 -47.69
C LEU J 511 49.64 -17.00 -47.72
N LEU J 512 50.78 -16.79 -47.07
CA LEU J 512 51.37 -15.46 -47.03
C LEU J 512 51.85 -15.02 -48.41
N THR J 513 52.38 -15.95 -49.20
CA THR J 513 52.85 -15.60 -50.54
C THR J 513 51.68 -15.21 -51.45
N GLU J 514 50.59 -15.98 -51.41
CA GLU J 514 49.41 -15.63 -52.19
C GLU J 514 48.86 -14.27 -51.77
N PHE J 515 48.94 -13.95 -50.47
CA PHE J 515 48.49 -12.66 -49.99
C PHE J 515 49.34 -11.54 -50.58
N VAL J 516 50.63 -11.78 -50.76
CA VAL J 516 51.52 -10.77 -51.31
C VAL J 516 51.29 -10.62 -52.81
N LEU J 517 51.20 -11.74 -53.53
CA LEU J 517 51.19 -11.68 -54.99
C LEU J 517 49.83 -11.27 -55.54
N ASN J 518 48.73 -11.61 -54.87
CA ASN J 518 47.39 -11.36 -55.39
C ASN J 518 46.73 -10.14 -54.76
N ASP J 519 47.52 -9.13 -54.40
CA ASP J 519 46.98 -7.90 -53.83
C ASP J 519 47.95 -6.73 -54.00
N SER K 2 75.33 -3.16 -2.77
CA SER K 2 74.51 -1.96 -2.94
C SER K 2 74.21 -1.71 -4.41
N GLU K 3 74.87 -2.46 -5.29
CA GLU K 3 74.65 -2.34 -6.73
C GLU K 3 73.78 -3.50 -7.18
N VAL K 4 72.65 -3.18 -7.81
CA VAL K 4 71.72 -4.21 -8.25
C VAL K 4 72.23 -4.79 -9.57
N PRO K 5 72.45 -6.10 -9.65
CA PRO K 5 72.87 -6.69 -10.92
C PRO K 5 71.72 -6.72 -11.91
N GLN K 6 72.07 -6.65 -13.19
CA GLN K 6 71.09 -6.68 -14.26
C GLN K 6 71.45 -7.75 -15.28
N VAL K 7 70.43 -8.27 -15.95
CA VAL K 7 70.64 -9.13 -17.11
C VAL K 7 70.66 -8.29 -18.39
N VAL K 8 69.72 -7.36 -18.51
CA VAL K 8 69.70 -6.38 -19.60
C VAL K 8 69.66 -4.99 -18.99
N SER K 9 70.02 -4.00 -19.80
CA SER K 9 70.08 -2.63 -19.32
C SER K 9 68.71 -2.08 -18.93
N LEU K 10 67.63 -2.70 -19.40
CA LEU K 10 66.28 -2.26 -19.06
C LEU K 10 65.79 -2.80 -17.72
N ASP K 11 66.56 -3.66 -17.07
CA ASP K 11 66.16 -4.17 -15.75
C ASP K 11 66.25 -3.04 -14.73
N PRO K 12 65.23 -2.86 -13.88
CA PRO K 12 65.28 -1.79 -12.89
C PRO K 12 66.32 -2.08 -11.80
N THR K 13 66.85 -1.01 -11.22
CA THR K 13 67.89 -1.11 -10.21
C THR K 13 67.46 -0.57 -8.85
N SER K 14 66.18 -0.23 -8.68
CA SER K 14 65.69 0.25 -7.40
C SER K 14 64.16 0.10 -7.36
N ILE K 15 63.66 0.06 -6.15
CA ILE K 15 62.18 -0.01 -5.93
C ILE K 15 61.68 1.39 -5.85
N PRO K 16 60.75 1.79 -6.76
CA PRO K 16 60.11 3.11 -6.62
C PRO K 16 59.25 3.14 -5.36
N ILE K 17 59.49 4.15 -4.52
CA ILE K 17 58.81 4.29 -3.23
C ILE K 17 58.18 5.68 -3.17
N GLU K 18 56.88 5.71 -2.88
CA GLU K 18 56.11 6.93 -2.69
C GLU K 18 55.99 7.17 -1.19
N TYR K 19 56.72 8.14 -0.70
CA TYR K 19 56.69 8.58 0.69
C TYR K 19 55.62 9.62 0.88
N ASN K 20 55.57 10.49 -0.13
CA ASN K 20 54.85 11.77 -0.15
C ASN K 20 53.47 11.58 -0.81
N THR K 21 52.53 11.03 -0.01
CA THR K 21 51.19 10.69 -0.51
C THR K 21 50.16 11.79 -0.30
N PRO K 22 49.14 11.83 -1.17
CA PRO K 22 48.04 12.79 -0.99
C PRO K 22 47.31 12.65 0.32
N ILE K 23 47.34 11.48 0.96
CA ILE K 23 46.70 11.31 2.27
C ILE K 23 47.31 12.26 3.29
N HIS K 24 48.62 12.51 3.19
CA HIS K 24 49.29 13.40 4.13
C HIS K 24 48.87 14.85 3.97
N ASP K 25 48.25 15.21 2.85
CA ASP K 25 47.77 16.57 2.63
C ASP K 25 46.34 16.78 3.10
N ILE K 26 45.71 15.77 3.71
CA ILE K 26 44.32 15.88 4.15
C ILE K 26 44.30 16.49 5.54
N LYS K 27 43.63 17.65 5.66
CA LYS K 27 43.44 18.28 6.96
C LYS K 27 42.24 17.63 7.65
N VAL K 28 42.47 17.08 8.83
CA VAL K 28 41.45 16.34 9.57
C VAL K 28 41.00 17.18 10.76
N GLN K 29 39.69 17.38 10.87
CA GLN K 29 39.08 18.10 11.98
C GLN K 29 38.01 17.21 12.60
N VAL K 30 38.00 17.13 13.92
CA VAL K 30 37.06 16.30 14.66
C VAL K 30 36.22 17.20 15.55
N TYR K 31 34.90 17.14 15.35
CA TYR K 31 33.95 17.92 16.15
C TYR K 31 33.08 16.95 16.94
N ASP K 32 32.51 17.47 18.03
CA ASP K 32 31.61 16.67 18.84
C ASP K 32 30.23 16.66 18.21
N ILE K 33 29.59 15.49 18.22
CA ILE K 33 28.28 15.37 17.57
C ILE K 33 27.25 16.21 18.33
N LYS K 34 27.45 16.42 19.62
CA LYS K 34 26.52 17.24 20.39
C LYS K 34 26.71 18.70 20.00
N GLY K 35 25.65 19.33 19.52
CA GLY K 35 25.75 20.72 19.11
C GLY K 35 25.41 20.93 17.64
N GLY K 36 24.97 19.87 16.97
CA GLY K 36 24.56 20.00 15.58
C GLY K 36 25.72 19.85 14.61
N CYS K 37 25.39 19.40 13.41
CA CYS K 37 26.35 19.23 12.33
C CYS K 37 26.12 20.29 11.26
N ASN K 38 27.21 20.89 10.78
CA ASN K 38 27.17 21.89 9.72
C ASN K 38 27.41 21.22 8.38
N VAL K 39 26.50 21.42 7.44
CA VAL K 39 26.59 20.88 6.08
C VAL K 39 26.79 22.07 5.15
N GLU K 40 28.04 22.30 4.74
CA GLU K 40 28.37 23.47 3.93
C GLU K 40 29.00 23.07 2.61
N GLU K 41 30.19 22.48 2.60
CA GLU K 41 30.87 22.07 1.38
C GLU K 41 30.98 20.55 1.30
N GLY K 42 31.22 20.06 0.09
CA GLY K 42 31.61 18.67 -0.12
C GLY K 42 30.50 17.66 0.12
N LEU K 43 30.91 16.48 0.57
CA LEU K 43 30.02 15.34 0.78
C LEU K 43 29.96 14.99 2.26
N THR K 44 28.75 14.80 2.77
CA THR K 44 28.51 14.44 4.16
C THR K 44 27.81 13.08 4.21
N ILE K 45 28.42 12.13 4.93
CA ILE K 45 27.93 10.77 5.00
C ILE K 45 27.62 10.45 6.46
N PHE K 46 26.44 9.90 6.71
CA PHE K 46 26.03 9.47 8.04
C PHE K 46 26.17 7.96 8.15
N LEU K 47 26.84 7.50 9.21
CA LEU K 47 26.97 6.07 9.49
C LEU K 47 25.80 5.66 10.36
N VAL K 48 24.82 4.98 9.77
CA VAL K 48 23.56 4.67 10.43
C VAL K 48 23.40 3.16 10.55
N ASN K 49 22.69 2.74 11.60
CA ASN K 49 22.38 1.35 11.86
C ASN K 49 20.96 1.27 12.39
N ASN K 50 20.41 0.06 12.46
CA ASN K 50 19.08 -0.17 13.02
C ASN K 50 19.11 -1.45 13.82
N PRO K 51 19.38 -1.36 15.13
CA PRO K 51 19.44 -2.58 15.95
C PRO K 51 18.09 -3.27 16.03
N GLY K 52 18.11 -4.58 15.92
CA GLY K 52 16.89 -5.38 15.98
C GLY K 52 16.22 -5.64 14.65
N LYS K 53 16.07 -4.61 13.83
CA LYS K 53 15.41 -4.72 12.53
C LYS K 53 16.47 -5.01 11.47
N GLU K 54 16.65 -6.30 11.15
CA GLU K 54 17.58 -6.73 10.12
C GLU K 54 17.22 -6.08 8.79
N ASN K 55 18.03 -5.09 8.37
CA ASN K 55 17.82 -4.32 7.14
C ASN K 55 16.68 -3.31 7.34
N GLY K 56 16.59 -2.74 8.54
CA GLY K 56 15.57 -1.78 8.86
C GLY K 56 15.80 -0.45 8.16
N PRO K 57 14.85 0.47 8.30
CA PRO K 57 14.96 1.74 7.59
C PRO K 57 16.05 2.63 8.18
N VAL K 58 16.45 3.61 7.39
CA VAL K 58 17.46 4.58 7.83
C VAL K 58 16.77 5.69 8.59
N LYS K 59 17.35 6.08 9.72
CA LYS K 59 16.84 7.17 10.53
C LYS K 59 18.01 8.02 11.00
N ILE K 60 18.04 9.28 10.57
CA ILE K 60 19.08 10.21 10.95
C ILE K 60 18.65 10.92 12.23
N SER K 61 19.47 10.82 13.28
CA SER K 61 19.11 11.40 14.55
C SER K 61 19.81 12.73 14.82
N SER K 62 20.88 13.05 14.10
CA SER K 62 21.66 14.26 14.38
C SER K 62 20.96 15.50 13.86
N LYS K 63 21.10 16.59 14.63
CA LYS K 63 20.60 17.88 14.20
C LYS K 63 21.56 18.49 13.17
N VAL K 64 21.02 18.88 12.02
CA VAL K 64 21.79 19.49 10.95
C VAL K 64 21.41 20.96 10.88
N ASN K 65 22.43 21.83 10.93
CA ASN K 65 22.20 23.27 10.93
C ASN K 65 21.97 23.79 9.51
N ASP K 66 21.07 23.15 8.78
CA ASP K 66 20.71 23.58 7.44
C ASP K 66 19.30 23.12 7.15
N LYS K 67 18.42 24.08 6.79
CA LYS K 67 17.02 23.75 6.60
C LYS K 67 16.81 22.83 5.40
N GLN K 68 17.49 23.10 4.28
CA GLN K 68 17.33 22.26 3.10
C GLN K 68 17.81 20.84 3.36
N VAL K 69 18.98 20.70 4.00
CA VAL K 69 19.50 19.38 4.29
C VAL K 69 18.63 18.68 5.32
N SER K 70 18.16 19.42 6.33
CA SER K 70 17.27 18.84 7.34
C SER K 70 16.02 18.28 6.70
N GLU K 71 15.49 18.95 5.68
CA GLU K 71 14.33 18.44 4.97
C GLU K 71 14.65 17.14 4.25
N PHE K 72 15.84 17.05 3.65
CA PHE K 72 16.25 15.82 2.99
C PHE K 72 16.35 14.66 3.97
N LEU K 73 16.85 14.93 5.18
CA LEU K 73 17.07 13.90 6.18
C LEU K 73 15.84 13.61 7.03
N LYS K 74 14.66 14.04 6.59
CA LYS K 74 13.45 13.75 7.35
C LYS K 74 13.18 12.25 7.35
N ASP K 75 12.49 11.79 8.39
CA ASP K 75 12.27 10.35 8.55
C ASP K 75 11.50 9.77 7.38
N GLU K 76 10.49 10.49 6.89
CA GLU K 76 9.70 10.00 5.75
C GLU K 76 10.57 9.82 4.51
N ASN K 77 11.61 10.65 4.35
CA ASN K 77 12.48 10.53 3.20
C ASN K 77 13.52 9.44 3.39
N MET K 78 14.06 9.29 4.60
CA MET K 78 15.15 8.35 4.82
C MET K 78 14.67 6.91 5.01
N GLU K 79 13.39 6.71 5.33
CA GLU K 79 12.90 5.36 5.55
C GLU K 79 12.88 4.54 4.26
N LYS K 80 12.99 5.19 3.10
CA LYS K 80 13.02 4.47 1.84
C LYS K 80 14.35 3.75 1.61
N PHE K 81 15.36 4.03 2.45
CA PHE K 81 16.64 3.36 2.40
C PHE K 81 16.79 2.49 3.64
N ASN K 82 17.52 1.38 3.50
CA ASN K 82 17.73 0.45 4.59
C ASN K 82 19.19 0.47 5.03
N VAL K 83 19.45 -0.18 6.15
CA VAL K 83 20.75 -0.08 6.82
C VAL K 83 21.59 -1.34 6.60
N LYS K 84 21.27 -2.14 5.58
CA LYS K 84 22.07 -3.33 5.29
C LYS K 84 23.54 -2.96 5.17
N LEU K 85 24.39 -3.75 5.80
CA LEU K 85 25.81 -3.42 5.90
C LEU K 85 26.41 -3.23 4.51
N GLY K 86 26.96 -2.04 4.27
CA GLY K 86 27.58 -1.71 3.01
C GLY K 86 26.69 -0.93 2.06
N THR K 87 25.38 -0.97 2.24
CA THR K 87 24.49 -0.23 1.35
C THR K 87 24.67 1.27 1.58
N SER K 88 24.61 2.03 0.50
CA SER K 88 24.83 3.46 0.60
C SER K 88 24.10 4.19 -0.51
N LYS K 89 23.69 5.42 -0.22
CA LYS K 89 23.13 6.33 -1.22
C LYS K 89 23.63 7.73 -0.88
N HIS K 90 23.96 8.52 -1.91
CA HIS K 90 24.28 9.92 -1.72
C HIS K 90 23.53 10.75 -2.76
N PHE K 91 23.08 11.93 -2.35
CA PHE K 91 22.33 12.84 -3.19
C PHE K 91 23.00 14.19 -3.26
N TYR K 92 22.81 14.88 -4.38
CA TYR K 92 23.33 16.23 -4.60
C TYR K 92 22.17 17.22 -4.55
N MET K 93 22.37 18.32 -3.84
CA MET K 93 21.31 19.31 -3.64
C MET K 93 21.94 20.65 -3.30
N PHE K 94 21.09 21.66 -3.19
CA PHE K 94 21.51 23.00 -2.76
C PHE K 94 21.12 23.20 -1.31
N ASN K 95 22.04 23.78 -0.54
CA ASN K 95 21.82 24.01 0.88
C ASN K 95 21.17 25.38 1.08
N ASP K 96 21.16 25.87 2.32
CA ASP K 96 20.52 27.15 2.59
C ASP K 96 21.17 28.30 1.83
N ASN K 97 22.47 28.21 1.60
CA ASN K 97 23.20 29.26 0.89
C ASN K 97 23.25 29.03 -0.62
N LYS K 98 22.37 28.17 -1.15
CA LYS K 98 22.31 27.87 -2.58
C LYS K 98 23.66 27.33 -3.08
N ASN K 99 24.34 26.57 -2.24
CA ASN K 99 25.62 25.94 -2.58
C ASN K 99 25.40 24.45 -2.78
N SER K 100 26.10 23.90 -3.77
CA SER K 100 25.96 22.48 -4.07
C SER K 100 26.62 21.64 -2.97
N VAL K 101 25.84 20.72 -2.39
CA VAL K 101 26.31 19.82 -1.35
C VAL K 101 25.89 18.41 -1.71
N ALA K 102 26.65 17.44 -1.21
CA ALA K 102 26.32 16.03 -1.36
C ALA K 102 26.10 15.44 0.03
N VAL K 103 24.95 14.80 0.24
CA VAL K 103 24.62 14.21 1.52
C VAL K 103 24.19 12.76 1.28
N GLY K 104 24.56 11.88 2.21
CA GLY K 104 24.21 10.48 2.06
C GLY K 104 24.45 9.72 3.34
N TYR K 105 24.38 8.40 3.22
CA TYR K 105 24.56 7.52 4.36
C TYR K 105 25.25 6.24 3.91
N VAL K 106 25.78 5.50 4.89
CA VAL K 106 26.30 4.16 4.68
C VAL K 106 25.69 3.27 5.76
N GLY K 107 25.06 2.17 5.34
CA GLY K 107 24.42 1.29 6.30
C GLY K 107 25.43 0.49 7.11
N CYS K 108 25.20 0.42 8.41
CA CYS K 108 26.09 -0.28 9.33
C CYS K 108 25.43 -1.50 9.97
N GLY K 109 24.37 -2.03 9.35
CA GLY K 109 23.77 -3.25 9.82
C GLY K 109 22.88 -3.06 11.04
N SER K 110 22.70 -4.16 11.77
CA SER K 110 21.82 -4.19 12.94
C SER K 110 22.55 -4.56 14.23
N VAL K 111 23.84 -4.84 14.17
CA VAL K 111 24.61 -5.15 15.37
C VAL K 111 25.23 -3.86 15.88
N ALA K 112 25.14 -3.65 17.21
CA ALA K 112 25.62 -2.40 17.78
C ALA K 112 27.14 -2.31 17.76
N ASP K 113 27.82 -3.42 17.98
CA ASP K 113 29.28 -3.47 18.02
C ASP K 113 29.79 -3.97 16.67
N LEU K 114 30.44 -3.08 15.92
CA LEU K 114 30.99 -3.45 14.62
C LEU K 114 32.36 -4.08 14.78
N SER K 115 32.56 -5.22 14.12
CA SER K 115 33.86 -5.86 14.09
C SER K 115 34.78 -5.12 13.11
N GLU K 116 36.06 -5.50 13.12
CA GLU K 116 37.00 -4.93 12.16
C GLU K 116 36.60 -5.28 10.73
N ALA K 117 36.03 -6.46 10.50
CA ALA K 117 35.57 -6.82 9.17
C ALA K 117 34.37 -5.98 8.75
N ASP K 118 33.46 -5.70 9.68
CA ASP K 118 32.31 -4.85 9.37
C ASP K 118 32.76 -3.43 9.05
N MET K 119 33.69 -2.89 9.85
CA MET K 119 34.21 -1.54 9.58
C MET K 119 34.92 -1.47 8.23
N LYS K 120 35.58 -2.56 7.83
CA LYS K 120 36.20 -2.58 6.49
C LYS K 120 35.14 -2.46 5.41
N ARG K 121 34.00 -3.14 5.59
CA ARG K 121 32.92 -3.04 4.61
C ARG K 121 32.33 -1.64 4.55
N VAL K 122 32.23 -0.98 5.71
CA VAL K 122 31.73 0.40 5.74
C VAL K 122 32.69 1.34 5.02
N VAL K 123 33.99 1.18 5.28
CA VAL K 123 34.98 2.06 4.66
C VAL K 123 35.03 1.85 3.15
N LEU K 124 34.95 0.59 2.70
CA LEU K 124 34.99 0.32 1.27
C LEU K 124 33.82 0.96 0.56
N SER K 125 32.65 1.00 1.20
CA SER K 125 31.53 1.73 0.65
C SER K 125 31.81 3.23 0.61
N LEU K 126 32.51 3.74 1.62
CA LEU K 126 32.90 5.15 1.63
C LEU K 126 33.88 5.46 0.51
N VAL K 127 34.88 4.59 0.31
CA VAL K 127 35.90 4.84 -0.69
C VAL K 127 35.30 4.79 -2.11
N THR K 128 34.32 3.92 -2.33
CA THR K 128 33.65 3.87 -3.63
C THR K 128 33.00 5.22 -3.95
N MET K 129 32.45 5.89 -2.93
CA MET K 129 31.88 7.22 -3.15
C MET K 129 32.97 8.27 -3.32
N LEU K 130 34.15 8.07 -2.70
CA LEU K 130 35.22 9.03 -2.86
C LEU K 130 35.89 8.92 -4.23
N HIS K 131 35.95 7.71 -4.79
CA HIS K 131 36.58 7.50 -6.09
C HIS K 131 35.73 7.93 -7.26
N ASP K 132 34.43 8.16 -7.06
CA ASP K 132 33.52 8.56 -8.13
C ASP K 132 32.91 9.93 -7.85
N ASN K 133 33.62 10.78 -7.10
CA ASN K 133 33.13 12.11 -6.79
C ASN K 133 34.30 13.07 -6.64
N LYS K 134 34.27 14.16 -7.38
CA LYS K 134 35.36 15.13 -7.42
C LYS K 134 35.22 16.18 -6.32
N LEU K 135 35.05 15.72 -5.10
CA LEU K 135 34.81 16.57 -3.94
C LEU K 135 36.12 17.07 -3.34
N SER K 136 36.01 18.19 -2.63
CA SER K 136 37.14 18.79 -1.93
C SER K 136 37.17 18.44 -0.44
N LYS K 137 36.02 18.09 0.14
CA LYS K 137 35.92 17.78 1.55
C LYS K 137 34.94 16.63 1.75
N LEU K 138 35.27 15.73 2.68
CA LEU K 138 34.38 14.66 3.10
C LEU K 138 34.12 14.80 4.59
N THR K 139 32.86 14.70 4.98
CA THR K 139 32.45 14.78 6.38
C THR K 139 31.72 13.51 6.76
N VAL K 140 32.20 12.84 7.81
CA VAL K 140 31.62 11.59 8.30
C VAL K 140 31.00 11.86 9.66
N VAL K 141 29.73 11.52 9.81
CA VAL K 141 28.99 11.71 11.06
C VAL K 141 28.75 10.33 11.65
N PHE K 142 29.35 10.08 12.81
CA PHE K 142 29.27 8.77 13.47
C PHE K 142 28.01 8.71 14.31
N GLU K 143 26.96 8.12 13.74
CA GLU K 143 25.76 7.80 14.51
C GLU K 143 25.76 6.37 15.01
N ILE K 144 26.95 5.79 15.16
CA ILE K 144 27.15 4.46 15.71
C ILE K 144 28.18 4.57 16.83
N ASN K 145 28.37 3.48 17.56
CA ASN K 145 29.22 3.47 18.73
C ASN K 145 30.51 2.71 18.43
N VAL K 146 31.64 3.41 18.47
CA VAL K 146 32.96 2.83 18.26
C VAL K 146 33.89 3.35 19.33
N ASP K 147 34.81 2.50 19.79
CA ASP K 147 35.79 2.93 20.77
C ASP K 147 36.94 3.66 20.07
N LYS K 148 37.94 4.07 20.87
CA LYS K 148 39.06 4.80 20.31
C LYS K 148 39.86 3.94 19.34
N ASN K 149 40.05 2.66 19.65
CA ASN K 149 40.82 1.79 18.77
C ASN K 149 40.12 1.58 17.43
N LEU K 150 38.81 1.32 17.45
CA LEU K 150 38.08 1.11 16.21
C LEU K 150 37.97 2.40 15.41
N PHE K 151 37.90 3.55 16.07
CA PHE K 151 37.90 4.82 15.35
C PHE K 151 39.22 5.04 14.64
N ARG K 152 40.34 4.77 15.31
CA ARG K 152 41.64 4.86 14.65
C ARG K 152 41.74 3.86 13.51
N PHE K 153 41.22 2.65 13.70
CA PHE K 153 41.20 1.65 12.63
C PHE K 153 40.37 2.14 11.45
N PHE K 154 39.28 2.86 11.73
CA PHE K 154 38.47 3.44 10.66
C PHE K 154 39.28 4.40 9.82
N LEU K 155 40.07 5.26 10.47
CA LEU K 155 40.87 6.23 9.73
C LEU K 155 42.00 5.55 8.96
N GLU K 156 42.68 4.60 9.60
CA GLU K 156 43.73 3.85 8.91
C GLU K 156 43.19 3.17 7.65
N THR K 157 42.09 2.43 7.80
CA THR K 157 41.51 1.71 6.67
C THR K 157 41.02 2.68 5.59
N LEU K 158 40.41 3.80 6.00
CA LEU K 158 39.98 4.80 5.04
C LEU K 158 41.17 5.34 4.25
N PHE K 159 42.22 5.74 4.94
CA PHE K 159 43.41 6.26 4.25
C PHE K 159 44.03 5.20 3.34
N TYR K 160 44.12 3.96 3.80
CA TYR K 160 44.79 2.93 3.01
C TYR K 160 44.01 2.60 1.74
N GLU K 161 42.71 2.34 1.86
CA GLU K 161 41.92 1.98 0.69
C GLU K 161 41.75 3.16 -0.26
N TYR K 162 41.69 4.38 0.27
CA TYR K 162 41.57 5.57 -0.56
C TYR K 162 42.79 5.73 -1.46
N MET K 163 43.98 5.43 -0.93
CA MET K 163 45.21 5.61 -1.67
C MET K 163 45.31 4.60 -2.81
N THR K 164 45.78 5.06 -3.97
CA THR K 164 45.94 4.21 -5.15
C THR K 164 47.39 4.22 -5.59
N ASP K 165 47.95 3.03 -5.76
CA ASP K 165 49.36 2.87 -6.13
C ASP K 165 49.47 2.92 -7.64
N GLU K 166 50.13 3.96 -8.16
CA GLU K 166 50.31 4.16 -9.60
C GLU K 166 51.78 4.19 -9.99
N ARG K 167 52.66 3.65 -9.15
CA ARG K 167 54.10 3.71 -9.42
C ARG K 167 54.46 3.02 -10.73
N PHE K 168 53.69 2.01 -11.13
CA PHE K 168 53.99 1.21 -12.30
C PHE K 168 53.08 1.51 -13.48
N LYS K 169 52.29 2.58 -13.41
CA LYS K 169 51.46 3.00 -14.53
C LYS K 169 52.23 3.98 -15.41
N SER K 170 52.29 3.67 -16.70
CA SER K 170 52.89 4.58 -17.67
C SER K 170 51.82 5.31 -18.48
N THR K 171 51.29 4.65 -19.51
CA THR K 171 50.28 5.28 -20.36
C THR K 171 48.93 5.41 -19.65
N ASP K 172 48.66 4.56 -18.66
CA ASP K 172 47.42 4.62 -17.91
C ASP K 172 47.36 5.86 -17.02
N GLU K 178 42.18 13.53 -8.17
CA GLU K 178 41.89 14.65 -7.30
C GLU K 178 41.42 14.20 -5.92
N TYR K 179 42.37 14.03 -5.01
CA TYR K 179 42.06 13.62 -3.64
C TYR K 179 41.43 14.77 -2.87
N ILE K 180 40.59 14.41 -1.89
CA ILE K 180 40.02 15.43 -1.03
C ILE K 180 41.13 16.09 -0.21
N LYS K 181 40.88 17.33 0.21
CA LYS K 181 41.84 18.07 1.00
C LYS K 181 41.42 18.26 2.46
N HIS K 182 40.17 17.95 2.80
CA HIS K 182 39.69 18.11 4.16
C HIS K 182 38.83 16.91 4.54
N LEU K 183 38.96 16.47 5.79
CA LEU K 183 38.15 15.40 6.34
C LEU K 183 37.58 15.86 7.67
N GLY K 184 36.25 15.89 7.75
CA GLY K 184 35.55 16.27 8.98
C GLY K 184 34.90 15.04 9.60
N VAL K 185 34.97 14.95 10.92
CA VAL K 185 34.41 13.82 11.66
C VAL K 185 33.56 14.37 12.79
N TYR K 186 32.30 13.95 12.84
CA TYR K 186 31.39 14.27 13.94
C TYR K 186 31.19 13.00 14.75
N ILE K 187 31.46 13.07 16.05
CA ILE K 187 31.37 11.89 16.90
C ILE K 187 31.18 12.37 18.34
N ASN K 188 30.44 11.58 19.12
CA ASN K 188 30.28 11.85 20.53
C ASN K 188 31.63 11.69 21.25
N ASN K 189 31.88 12.58 22.22
CA ASN K 189 33.14 12.61 22.97
C ASN K 189 34.32 12.76 22.02
N ALA K 190 34.21 13.75 21.12
CA ALA K 190 35.25 14.00 20.12
C ALA K 190 36.62 14.23 20.74
N ASP K 191 36.68 14.86 21.92
CA ASP K 191 37.97 15.25 22.48
C ASP K 191 38.86 14.05 22.77
N THR K 192 38.28 12.90 23.11
CA THR K 192 39.08 11.72 23.40
C THR K 192 39.58 11.03 22.14
N TYR K 193 38.97 11.30 20.98
CA TYR K 193 39.37 10.69 19.72
C TYR K 193 40.40 11.52 18.95
N LYS K 194 40.66 12.75 19.37
CA LYS K 194 41.52 13.63 18.58
C LYS K 194 42.95 13.14 18.50
N GLU K 195 43.45 12.49 19.57
CA GLU K 195 44.82 12.00 19.56
C GLU K 195 45.01 10.81 18.62
N GLU K 196 43.93 10.15 18.21
CA GLU K 196 44.03 9.00 17.32
C GLU K 196 44.21 9.40 15.86
N VAL K 197 44.02 10.67 15.51
CA VAL K 197 44.08 11.08 14.11
C VAL K 197 45.49 10.94 13.56
N GLU K 198 46.46 11.59 14.22
CA GLU K 198 47.82 11.55 13.72
C GLU K 198 48.46 10.17 13.92
N LYS K 199 48.00 9.41 14.92
CA LYS K 199 48.48 8.04 15.06
C LYS K 199 47.99 7.17 13.91
N ALA K 200 46.75 7.39 13.46
CA ALA K 200 46.23 6.67 12.31
C ALA K 200 47.01 7.02 11.05
N ARG K 201 47.39 8.28 10.90
CA ARG K 201 48.15 8.70 9.74
C ARG K 201 49.52 8.01 9.70
N VAL K 202 50.16 7.87 10.85
CA VAL K 202 51.42 7.14 10.92
C VAL K 202 51.20 5.66 10.65
N TYR K 203 50.18 5.08 11.27
CA TYR K 203 49.87 3.67 11.04
C TYR K 203 49.51 3.42 9.58
N TYR K 204 48.83 4.37 8.94
CA TYR K 204 48.45 4.20 7.54
C TYR K 204 49.67 4.04 6.64
N PHE K 205 50.65 4.94 6.78
CA PHE K 205 51.79 4.90 5.86
C PHE K 205 52.66 3.69 6.14
N GLY K 206 52.84 3.32 7.42
CA GLY K 206 53.54 2.09 7.73
C GLY K 206 52.91 0.90 7.03
N THR K 207 51.58 0.83 7.02
CA THR K 207 50.89 -0.23 6.28
C THR K 207 51.04 -0.02 4.77
N TYR K 208 50.94 1.22 4.31
CA TYR K 208 51.05 1.49 2.88
C TYR K 208 52.48 1.28 2.38
N TYR K 209 53.48 1.65 3.20
CA TYR K 209 54.87 1.40 2.82
C TYR K 209 55.13 -0.08 2.64
N ALA K 210 54.66 -0.90 3.58
CA ALA K 210 54.78 -2.35 3.43
C ALA K 210 54.04 -2.84 2.20
N SER K 211 52.86 -2.29 1.94
CA SER K 211 52.12 -2.67 0.73
C SER K 211 52.89 -2.32 -0.53
N GLN K 212 53.61 -1.19 -0.52
CA GLN K 212 54.41 -0.80 -1.67
C GLN K 212 55.53 -1.80 -1.93
N LEU K 213 56.16 -2.30 -0.87
CA LEU K 213 57.21 -3.29 -1.03
C LEU K 213 56.64 -4.62 -1.52
N ILE K 214 55.50 -5.03 -0.98
CA ILE K 214 54.90 -6.31 -1.37
C ILE K 214 54.42 -6.26 -2.82
N ALA K 215 53.71 -5.18 -3.17
CA ALA K 215 53.16 -5.07 -4.52
C ALA K 215 54.26 -4.95 -5.57
N ALA K 216 55.42 -4.44 -5.19
CA ALA K 216 56.55 -4.31 -6.13
C ALA K 216 56.96 -5.68 -6.66
N PRO K 217 56.97 -5.86 -7.98
CA PRO K 217 57.32 -7.17 -8.54
C PRO K 217 58.77 -7.56 -8.23
N SER K 218 59.07 -8.83 -8.48
CA SER K 218 60.36 -9.38 -8.09
C SER K 218 61.51 -8.85 -8.93
N ASN K 219 61.24 -8.34 -10.13
CA ASN K 219 62.31 -7.71 -10.91
C ASN K 219 62.63 -6.32 -10.39
N TYR K 220 61.65 -5.63 -9.80
CA TYR K 220 61.90 -4.36 -9.12
C TYR K 220 62.39 -4.60 -7.69
N CYS K 221 61.72 -5.48 -6.96
CA CYS K 221 62.03 -5.75 -5.56
C CYS K 221 62.80 -7.07 -5.49
N ASN K 222 64.13 -6.98 -5.45
CA ASN K 222 65.01 -8.13 -5.36
C ASN K 222 65.81 -8.00 -4.06
N PRO K 223 66.58 -9.02 -3.65
CA PRO K 223 67.32 -8.92 -2.38
C PRO K 223 68.21 -7.69 -2.26
N VAL K 224 68.82 -7.25 -3.36
CA VAL K 224 69.71 -6.09 -3.29
C VAL K 224 68.90 -4.80 -3.20
N SER K 225 67.87 -4.66 -4.02
CA SER K 225 67.07 -3.44 -4.01
C SER K 225 66.24 -3.31 -2.73
N LEU K 226 65.82 -4.44 -2.15
CA LEU K 226 65.03 -4.37 -0.92
C LEU K 226 65.87 -3.90 0.26
N SER K 227 67.09 -4.42 0.39
CA SER K 227 67.97 -3.95 1.46
C SER K 227 68.38 -2.49 1.26
N ASN K 228 68.55 -2.07 0.01
CA ASN K 228 68.83 -0.66 -0.25
C ASN K 228 67.69 0.23 0.21
N ALA K 229 66.44 -0.21 -0.03
CA ALA K 229 65.30 0.56 0.45
C ALA K 229 65.22 0.59 1.96
N ALA K 230 65.64 -0.50 2.62
CA ALA K 230 65.67 -0.50 4.09
C ALA K 230 66.70 0.48 4.61
N VAL K 231 67.86 0.58 3.95
CA VAL K 231 68.88 1.56 4.34
C VAL K 231 68.33 2.98 4.19
N GLU K 232 67.69 3.24 3.04
CA GLU K 232 67.10 4.57 2.82
C GLU K 232 66.06 4.88 3.89
N LEU K 233 65.26 3.89 4.28
CA LEU K 233 64.28 4.09 5.34
C LEU K 233 64.97 4.37 6.67
N ALA K 234 66.02 3.62 7.00
CA ALA K 234 66.73 3.83 8.25
C ALA K 234 67.39 5.20 8.29
N GLN K 235 67.92 5.66 7.15
CA GLN K 235 68.54 6.98 7.11
C GLN K 235 67.50 8.09 7.26
N LYS K 236 66.33 7.92 6.64
CA LYS K 236 65.28 8.92 6.74
C LYS K 236 64.66 8.95 8.13
N LEU K 237 64.69 7.83 8.84
CA LEU K 237 64.13 7.70 10.18
C LEU K 237 65.20 7.79 11.24
N ASN K 238 66.44 8.00 10.84
CA ASN K 238 67.56 8.14 11.75
C ASN K 238 67.77 6.87 12.58
N LEU K 239 67.55 5.72 11.95
CA LEU K 239 67.76 4.41 12.55
C LEU K 239 69.14 3.84 12.27
N GLU K 240 69.66 3.06 13.22
CA GLU K 240 70.88 2.30 12.98
C GLU K 240 70.60 1.21 11.96
N TYR K 241 71.53 1.02 11.03
CA TYR K 241 71.33 0.04 9.97
C TYR K 241 72.64 -0.68 9.69
N LYS K 242 72.50 -1.95 9.29
CA LYS K 242 73.64 -2.78 8.95
C LYS K 242 73.16 -3.87 8.00
N ILE K 243 73.79 -3.97 6.84
CA ILE K 243 73.42 -4.96 5.83
C ILE K 243 74.58 -5.94 5.71
N LEU K 244 74.33 -7.19 6.05
CA LEU K 244 75.35 -8.24 6.03
C LEU K 244 75.39 -8.88 4.65
N GLY K 245 76.57 -8.89 4.02
CA GLY K 245 76.76 -9.52 2.73
C GLY K 245 77.17 -10.97 2.86
N VAL K 246 77.37 -11.59 1.69
CA VAL K 246 77.63 -13.03 1.63
C VAL K 246 78.89 -13.40 2.41
N LYS K 247 79.94 -12.58 2.32
CA LYS K 247 81.19 -12.90 2.99
C LYS K 247 81.01 -12.93 4.50
N GLU K 248 80.29 -11.95 5.05
CA GLU K 248 80.00 -11.96 6.49
C GLU K 248 79.03 -13.09 6.85
N LEU K 249 78.06 -13.37 5.98
CA LEU K 249 77.14 -14.47 6.26
C LEU K 249 77.84 -15.82 6.24
N GLU K 250 78.83 -15.98 5.37
CA GLU K 250 79.63 -17.20 5.38
C GLU K 250 80.44 -17.33 6.67
N GLU K 251 81.00 -16.21 7.14
CA GLU K 251 81.75 -16.26 8.40
C GLU K 251 80.84 -16.61 9.58
N LEU K 252 79.58 -16.18 9.53
CA LEU K 252 78.62 -16.55 10.56
C LEU K 252 78.02 -17.93 10.32
N LYS K 253 78.45 -18.63 9.26
CA LYS K 253 78.09 -20.02 9.01
C LYS K 253 76.58 -20.20 8.82
N MET K 254 75.92 -19.23 8.20
CA MET K 254 74.48 -19.29 7.95
C MET K 254 74.23 -20.16 6.72
N GLY K 255 74.43 -21.47 6.90
CA GLY K 255 74.35 -22.39 5.78
C GLY K 255 72.93 -22.58 5.26
N ALA K 256 71.95 -22.59 6.17
CA ALA K 256 70.56 -22.76 5.74
C ALA K 256 70.09 -21.55 4.93
N TYR K 257 70.37 -20.35 5.43
CA TYR K 257 69.97 -19.13 4.73
C TYR K 257 70.72 -19.00 3.39
N LEU K 258 72.02 -19.31 3.38
CA LEU K 258 72.78 -19.17 2.16
C LEU K 258 72.40 -20.21 1.11
N SER K 259 71.97 -21.39 1.55
CA SER K 259 71.63 -22.45 0.60
C SER K 259 70.42 -22.07 -0.25
N VAL K 260 69.45 -21.35 0.34
CA VAL K 260 68.24 -20.99 -0.39
C VAL K 260 68.57 -20.06 -1.56
N GLY K 261 69.48 -19.12 -1.34
CA GLY K 261 69.82 -18.13 -2.34
C GLY K 261 70.91 -18.53 -3.31
N LYS K 262 71.39 -19.78 -3.25
CA LYS K 262 72.47 -20.21 -4.14
C LYS K 262 72.08 -20.07 -5.60
N GLY K 263 70.83 -20.39 -5.93
CA GLY K 263 70.37 -20.35 -7.30
C GLY K 263 69.94 -19.00 -7.83
N SER K 264 70.11 -17.94 -7.05
CA SER K 264 69.67 -16.61 -7.44
C SER K 264 70.84 -15.80 -8.00
N MET K 265 70.52 -14.92 -8.96
CA MET K 265 71.52 -13.98 -9.48
C MET K 265 71.76 -12.81 -8.54
N TYR K 266 70.93 -12.65 -7.49
CA TYR K 266 71.08 -11.58 -6.51
C TYR K 266 71.70 -12.13 -5.24
N PRO K 267 72.79 -11.54 -4.76
CA PRO K 267 73.41 -12.04 -3.52
C PRO K 267 72.50 -11.82 -2.32
N ASN K 268 72.63 -12.71 -1.34
CA ASN K 268 71.85 -12.60 -0.11
C ASN K 268 72.21 -11.31 0.62
N LYS K 269 71.21 -10.69 1.25
CA LYS K 269 71.40 -9.47 2.01
C LYS K 269 70.62 -9.59 3.31
N PHE K 270 71.31 -9.50 4.43
CA PHE K 270 70.70 -9.58 5.76
C PHE K 270 70.47 -8.17 6.29
N ILE K 271 69.21 -7.81 6.49
CA ILE K 271 68.85 -6.48 6.97
C ILE K 271 68.84 -6.48 8.49
N HIS K 272 69.51 -5.50 9.08
CA HIS K 272 69.53 -5.33 10.54
C HIS K 272 69.34 -3.85 10.83
N LEU K 273 68.11 -3.46 11.15
CA LEU K 273 67.81 -2.13 11.62
C LEU K 273 67.60 -2.15 13.13
N THR K 274 67.97 -1.06 13.79
CA THR K 274 67.87 -0.98 15.23
C THR K 274 67.29 0.37 15.64
N TYR K 275 66.30 0.34 16.53
CA TYR K 275 65.79 1.53 17.18
C TYR K 275 66.10 1.42 18.67
N LYS K 276 66.87 2.37 19.18
CA LYS K 276 67.17 2.47 20.61
C LYS K 276 66.53 3.73 21.17
N SER K 277 66.01 3.63 22.38
CA SER K 277 65.38 4.78 23.02
C SER K 277 66.42 5.59 23.77
N LYS K 278 66.10 6.87 23.96
CA LYS K 278 67.01 7.77 24.66
C LYS K 278 67.05 7.50 26.16
N GLY K 279 66.00 6.90 26.72
CA GLY K 279 65.95 6.60 28.13
C GLY K 279 66.60 5.27 28.46
N ASP K 280 66.41 4.85 29.71
CA ASP K 280 66.93 3.56 30.16
C ASP K 280 66.24 2.44 29.38
N VAL K 281 67.04 1.58 28.75
CA VAL K 281 66.45 0.49 27.99
C VAL K 281 65.93 -0.57 28.96
N LYS K 282 64.62 -0.79 28.91
CA LYS K 282 63.96 -1.76 29.79
C LYS K 282 63.49 -3.01 29.08
N LYS K 283 63.31 -2.97 27.76
CA LYS K 283 62.87 -4.14 27.00
C LYS K 283 63.60 -4.18 25.66
N LYS K 284 64.14 -5.34 25.33
CA LYS K 284 64.80 -5.57 24.05
C LYS K 284 63.98 -6.57 23.24
N ILE K 285 63.64 -6.18 22.01
CA ILE K 285 62.75 -6.96 21.16
C ILE K 285 63.40 -7.12 19.79
N ALA K 286 63.29 -8.32 19.23
CA ALA K 286 63.75 -8.61 17.88
C ALA K 286 62.54 -9.02 17.03
N LEU K 287 62.31 -8.30 15.95
CA LEU K 287 61.24 -8.61 15.01
C LEU K 287 61.88 -9.16 13.73
N VAL K 288 61.50 -10.38 13.37
CA VAL K 288 62.10 -11.08 12.24
C VAL K 288 61.06 -11.23 11.15
N GLY K 289 61.40 -10.79 9.95
CA GLY K 289 60.48 -10.91 8.83
C GLY K 289 61.03 -11.77 7.72
N LYS K 290 60.21 -12.67 7.19
CA LYS K 290 60.62 -13.50 6.07
C LYS K 290 60.75 -12.63 4.82
N GLY K 291 61.92 -12.68 4.18
CA GLY K 291 62.19 -11.83 3.06
C GLY K 291 62.58 -12.55 1.79
N ILE K 292 61.70 -13.40 1.29
CA ILE K 292 61.91 -14.05 0.00
C ILE K 292 61.28 -13.18 -1.07
N THR K 293 62.11 -12.49 -1.85
CA THR K 293 61.60 -11.57 -2.86
C THR K 293 60.84 -12.29 -3.96
N PHE K 294 61.22 -13.52 -4.26
CA PHE K 294 60.41 -14.37 -5.14
C PHE K 294 60.62 -15.82 -4.75
N ASP K 295 59.53 -16.57 -4.68
CA ASP K 295 59.54 -17.97 -4.32
C ASP K 295 59.04 -18.79 -5.50
N SER K 296 59.97 -19.18 -6.38
CA SER K 296 59.63 -20.11 -7.45
C SER K 296 59.41 -21.53 -6.93
N GLY K 297 59.86 -21.82 -5.72
CA GLY K 297 59.82 -23.15 -5.16
C GLY K 297 61.12 -23.92 -5.29
N GLY K 298 62.07 -23.41 -6.07
CA GLY K 298 63.27 -24.17 -6.33
C GLY K 298 62.97 -25.35 -7.23
N TYR K 299 63.80 -26.39 -7.12
CA TYR K 299 63.58 -27.58 -7.94
C TYR K 299 62.27 -28.28 -7.60
N ASN K 300 61.73 -28.05 -6.40
CA ASN K 300 60.33 -28.37 -6.12
C ASN K 300 59.44 -27.23 -6.65
N LEU K 301 59.46 -27.07 -7.97
CA LEU K 301 58.85 -25.91 -8.61
C LEU K 301 57.36 -25.84 -8.33
N LYS K 302 56.86 -24.62 -8.16
CA LYS K 302 55.43 -24.39 -7.95
C LYS K 302 54.71 -24.57 -9.29
N ALA K 303 54.48 -25.83 -9.63
CA ALA K 303 53.80 -26.20 -10.86
C ALA K 303 52.50 -26.94 -10.65
N ALA K 304 52.20 -27.37 -9.43
CA ALA K 304 50.95 -28.06 -9.16
C ALA K 304 49.76 -27.10 -9.29
N PRO K 305 48.60 -27.61 -9.66
CA PRO K 305 47.41 -26.74 -9.75
C PRO K 305 47.11 -26.08 -8.42
N GLY K 306 46.87 -24.77 -8.47
CA GLY K 306 46.58 -23.99 -7.28
C GLY K 306 47.79 -23.49 -6.53
N SER K 307 49.01 -23.80 -6.99
CA SER K 307 50.21 -23.32 -6.29
C SER K 307 50.42 -21.83 -6.46
N MET K 308 49.85 -21.22 -7.51
CA MET K 308 49.83 -19.78 -7.69
C MET K 308 51.23 -19.17 -7.63
N ILE K 309 52.06 -19.58 -8.59
CA ILE K 309 53.44 -19.08 -8.63
C ILE K 309 53.48 -17.60 -8.96
N ASP K 310 52.47 -17.09 -9.67
CA ASP K 310 52.45 -15.68 -10.07
C ASP K 310 52.19 -14.73 -8.90
N LEU K 311 51.75 -15.25 -7.76
CA LEU K 311 51.54 -14.42 -6.58
C LEU K 311 52.79 -14.27 -5.73
N MET K 312 53.79 -15.14 -5.92
CA MET K 312 54.91 -15.31 -5.01
C MET K 312 55.85 -14.11 -4.93
N LYS K 313 55.57 -12.96 -5.55
CA LYS K 313 56.31 -11.75 -5.21
C LYS K 313 56.01 -11.29 -3.79
N PHE K 314 54.90 -11.76 -3.20
CA PHE K 314 54.47 -11.36 -1.87
C PHE K 314 55.16 -12.13 -0.76
N ASP K 315 56.07 -13.05 -1.09
CA ASP K 315 56.69 -13.89 -0.05
C ASP K 315 57.67 -13.12 0.81
N MET K 316 57.84 -11.81 0.60
CA MET K 316 58.59 -10.96 1.52
C MET K 316 57.67 -10.08 2.34
N SER K 317 56.39 -10.47 2.46
CA SER K 317 55.42 -9.68 3.22
C SER K 317 55.83 -9.56 4.68
N GLY K 318 56.42 -10.62 5.24
CA GLY K 318 56.91 -10.55 6.61
C GLY K 318 58.00 -9.51 6.77
N CYS K 319 58.94 -9.47 5.82
CA CYS K 319 59.96 -8.42 5.83
C CYS K 319 59.32 -7.05 5.67
N ALA K 320 58.35 -6.92 4.78
CA ALA K 320 57.69 -5.63 4.57
C ALA K 320 56.95 -5.20 5.83
N ALA K 321 56.31 -6.13 6.52
CA ALA K 321 55.62 -5.79 7.77
C ALA K 321 56.62 -5.33 8.83
N VAL K 322 57.77 -5.99 8.90
CA VAL K 322 58.80 -5.60 9.86
C VAL K 322 59.34 -4.21 9.52
N LEU K 323 59.57 -3.94 8.23
CA LEU K 323 60.05 -2.62 7.82
C LEU K 323 58.97 -1.56 8.02
N GLY K 324 57.71 -1.89 7.72
CA GLY K 324 56.63 -0.95 7.96
C GLY K 324 56.46 -0.62 9.44
N CYS K 325 56.69 -1.61 10.31
CA CYS K 325 56.67 -1.34 11.74
C CYS K 325 57.83 -0.43 12.14
N ALA K 326 58.98 -0.58 11.49
CA ALA K 326 60.12 0.28 11.77
C ALA K 326 59.80 1.74 11.47
N TYR K 327 58.97 2.00 10.46
CA TYR K 327 58.54 3.38 10.20
C TYR K 327 57.72 3.91 11.36
N CYS K 328 56.72 3.13 11.81
CA CYS K 328 55.88 3.59 12.91
C CYS K 328 56.67 3.78 14.18
N VAL K 329 57.56 2.84 14.51
CA VAL K 329 58.37 2.97 15.71
C VAL K 329 59.34 4.14 15.59
N GLY K 330 59.97 4.29 14.42
CA GLY K 330 60.88 5.40 14.21
C GLY K 330 60.20 6.75 14.20
N THR K 331 58.91 6.79 13.82
CA THR K 331 58.17 8.03 13.78
C THR K 331 57.56 8.39 15.12
N LEU K 332 56.90 7.41 15.77
CA LEU K 332 56.27 7.67 17.06
C LEU K 332 57.27 7.73 18.20
N LYS K 333 58.45 7.12 18.03
CA LYS K 333 59.56 7.17 18.97
C LYS K 333 59.14 6.76 20.38
N PRO K 334 58.89 5.47 20.64
CA PRO K 334 58.62 5.02 22.00
C PRO K 334 59.86 5.13 22.87
N GLU K 335 59.65 5.00 24.18
CA GLU K 335 60.72 5.17 25.16
C GLU K 335 61.00 3.87 25.89
N ASN K 336 62.23 3.76 26.40
CA ASN K 336 62.66 2.65 27.24
C ASN K 336 62.60 1.30 26.52
N VAL K 337 62.77 1.31 25.20
CA VAL K 337 62.68 0.08 24.41
C VAL K 337 63.78 0.08 23.36
N GLU K 338 64.30 -1.11 23.07
CA GLU K 338 65.27 -1.32 22.00
C GLU K 338 64.75 -2.40 21.07
N ILE K 339 64.53 -2.03 19.81
CA ILE K 339 63.91 -2.91 18.82
C ILE K 339 64.90 -3.17 17.70
N HIS K 340 65.05 -4.45 17.33
CA HIS K 340 65.84 -4.85 16.18
C HIS K 340 64.93 -5.38 15.09
N PHE K 341 65.09 -4.84 13.89
CA PHE K 341 64.28 -5.24 12.72
C PHE K 341 65.17 -6.06 11.80
N LEU K 342 64.88 -7.36 11.70
CA LEU K 342 65.74 -8.31 11.01
C LEU K 342 65.00 -8.98 9.85
N SER K 343 65.74 -9.29 8.80
CA SER K 343 65.20 -10.04 7.67
C SER K 343 66.35 -10.63 6.86
N ALA K 344 66.36 -11.95 6.72
CA ALA K 344 67.34 -12.64 5.88
C ALA K 344 66.77 -12.71 4.47
N VAL K 345 67.12 -11.74 3.64
CA VAL K 345 66.51 -11.57 2.33
C VAL K 345 67.28 -12.36 1.29
N CYS K 346 66.55 -13.08 0.44
CA CYS K 346 67.14 -13.83 -0.67
C CYS K 346 66.04 -14.16 -1.66
N GLU K 347 66.40 -14.95 -2.69
CA GLU K 347 65.48 -15.32 -3.76
C GLU K 347 65.62 -16.80 -4.03
N ASN K 348 64.48 -17.50 -4.14
CA ASN K 348 64.45 -18.95 -4.33
C ASN K 348 64.17 -19.24 -5.81
N MET K 349 65.22 -19.65 -6.54
CA MET K 349 65.14 -19.81 -7.98
C MET K 349 65.68 -21.18 -8.41
N VAL K 350 65.46 -21.50 -9.68
CA VAL K 350 65.93 -22.74 -10.29
C VAL K 350 67.13 -22.42 -11.17
N SER K 351 68.23 -23.12 -10.93
CA SER K 351 69.48 -22.83 -11.62
C SER K 351 70.41 -24.03 -11.47
N LYS K 352 71.53 -23.99 -12.20
CA LYS K 352 72.57 -24.99 -12.01
C LYS K 352 73.21 -24.89 -10.64
N ASN K 353 73.09 -23.74 -9.97
CA ASN K 353 73.68 -23.52 -8.67
C ASN K 353 72.71 -23.69 -7.51
N SER K 354 71.43 -23.96 -7.80
CA SER K 354 70.44 -24.07 -6.74
C SER K 354 70.70 -25.31 -5.88
N TYR K 355 70.21 -25.26 -4.65
CA TYR K 355 70.27 -26.42 -3.78
C TYR K 355 69.16 -27.40 -4.15
N ARG K 356 69.44 -28.68 -3.95
CA ARG K 356 68.57 -29.75 -4.43
C ARG K 356 67.77 -30.36 -3.29
N PRO K 357 66.63 -30.98 -3.60
CA PRO K 357 65.97 -31.83 -2.62
C PRO K 357 66.89 -32.97 -2.20
N GLY K 358 66.99 -33.20 -0.89
CA GLY K 358 67.87 -34.19 -0.34
C GLY K 358 69.17 -33.63 0.21
N ASP K 359 69.55 -32.42 -0.19
CA ASP K 359 70.77 -31.80 0.31
C ASP K 359 70.73 -31.68 1.82
N ILE K 360 71.88 -31.88 2.46
CA ILE K 360 72.04 -31.72 3.90
C ILE K 360 72.88 -30.48 4.14
N ILE K 361 72.32 -29.51 4.85
CA ILE K 361 72.96 -28.22 5.09
C ILE K 361 73.06 -28.00 6.59
N THR K 362 73.95 -27.09 6.97
CA THR K 362 74.28 -26.83 8.36
C THR K 362 73.91 -25.40 8.72
N ALA K 363 73.05 -25.24 9.72
CA ALA K 363 72.66 -23.92 10.20
C ALA K 363 73.79 -23.29 11.02
N SER K 364 73.60 -22.02 11.36
CA SER K 364 74.63 -21.27 12.09
C SER K 364 74.80 -21.74 13.53
N ASN K 365 73.89 -22.55 14.05
CA ASN K 365 74.04 -23.12 15.39
C ASN K 365 74.60 -24.53 15.36
N GLY K 366 75.06 -25.00 14.20
CA GLY K 366 75.66 -26.31 14.09
C GLY K 366 74.71 -27.43 13.72
N LYS K 367 73.40 -27.18 13.72
CA LYS K 367 72.42 -28.22 13.44
C LYS K 367 72.39 -28.52 11.93
N THR K 368 72.53 -29.79 11.58
CA THR K 368 72.42 -30.22 10.19
C THR K 368 70.97 -30.51 9.85
N ILE K 369 70.55 -30.05 8.67
CA ILE K 369 69.17 -30.15 8.22
C ILE K 369 69.14 -30.90 6.90
N GLU K 370 68.26 -31.89 6.81
CA GLU K 370 68.03 -32.62 5.56
C GLU K 370 66.89 -31.95 4.81
N VAL K 371 67.17 -31.42 3.63
CA VAL K 371 66.18 -30.70 2.84
C VAL K 371 65.29 -31.71 2.13
N GLY K 372 64.00 -31.72 2.48
CA GLY K 372 63.07 -32.62 1.84
C GLY K 372 62.25 -31.95 0.75
N ASN K 373 62.23 -30.62 0.76
CA ASN K 373 61.43 -29.86 -0.21
C ASN K 373 62.01 -28.46 -0.28
N THR K 374 62.56 -28.10 -1.45
CA THR K 374 63.14 -26.77 -1.62
C THR K 374 62.11 -25.65 -1.56
N ASP K 375 60.82 -25.97 -1.68
CA ASP K 375 59.80 -24.94 -1.56
C ASP K 375 59.47 -24.61 -0.12
N ALA K 376 59.96 -25.39 0.84
CA ALA K 376 59.88 -25.04 2.26
C ALA K 376 61.13 -24.28 2.70
N GLU K 377 61.50 -23.27 1.92
CA GLU K 377 62.73 -22.54 2.14
C GLU K 377 62.60 -21.42 3.16
N GLY K 378 61.38 -20.99 3.46
CA GLY K 378 61.19 -19.90 4.41
C GLY K 378 61.69 -20.24 5.79
N ARG K 379 61.38 -21.46 6.28
CA ARG K 379 61.85 -21.87 7.59
C ARG K 379 63.36 -22.04 7.64
N LEU K 380 64.01 -22.30 6.50
CA LEU K 380 65.47 -22.40 6.49
C LEU K 380 66.10 -21.04 6.70
N THR K 381 65.61 -20.01 5.99
CA THR K 381 66.12 -18.66 6.19
C THR K 381 65.76 -18.15 7.58
N LEU K 382 64.58 -18.49 8.07
CA LEU K 382 64.18 -18.07 9.41
C LEU K 382 65.04 -18.75 10.47
N ALA K 383 65.50 -19.98 10.21
CA ALA K 383 66.33 -20.69 11.18
C ALA K 383 67.59 -19.90 11.51
N ASP K 384 68.31 -19.46 10.48
CA ASP K 384 69.50 -18.66 10.72
C ASP K 384 69.17 -17.28 11.28
N ALA K 385 68.04 -16.71 10.86
CA ALA K 385 67.65 -15.40 11.39
C ALA K 385 67.27 -15.49 12.86
N LEU K 386 66.67 -16.60 13.29
CA LEU K 386 66.32 -16.76 14.70
C LEU K 386 67.57 -16.96 15.55
N VAL K 387 68.56 -17.71 15.03
CA VAL K 387 69.82 -17.86 15.74
C VAL K 387 70.53 -16.52 15.87
N TYR K 388 70.52 -15.72 14.80
CA TYR K 388 71.09 -14.38 14.85
C TYR K 388 70.36 -13.51 15.87
N ALA K 389 69.04 -13.64 15.94
CA ALA K 389 68.26 -12.80 16.85
C ALA K 389 68.55 -13.14 18.31
N GLU K 390 68.57 -14.43 18.64
CA GLU K 390 68.81 -14.83 20.02
C GLU K 390 70.20 -14.43 20.50
N LYS K 391 71.17 -14.39 19.59
CA LYS K 391 72.51 -13.97 19.96
C LYS K 391 72.57 -12.52 20.41
N LEU K 392 71.57 -11.72 20.04
CA LEU K 392 71.51 -10.32 20.47
C LEU K 392 71.10 -10.17 21.93
N GLY K 393 70.60 -11.23 22.56
CA GLY K 393 70.18 -11.16 23.95
C GLY K 393 68.98 -10.26 24.15
N VAL K 394 67.86 -10.61 23.52
CA VAL K 394 66.65 -9.82 23.61
C VAL K 394 65.67 -10.52 24.54
N ASP K 395 64.59 -9.81 24.90
CA ASP K 395 63.56 -10.38 25.76
C ASP K 395 62.52 -11.16 24.96
N TYR K 396 62.15 -10.65 23.78
CA TYR K 396 61.14 -11.28 22.94
C TYR K 396 61.63 -11.36 21.51
N ILE K 397 61.40 -12.51 20.87
CA ILE K 397 61.61 -12.68 19.44
C ILE K 397 60.26 -13.01 18.80
N VAL K 398 59.84 -12.17 17.87
CA VAL K 398 58.58 -12.37 17.15
C VAL K 398 58.90 -12.38 15.66
N ASP K 399 58.59 -13.48 14.99
CA ASP K 399 58.76 -13.59 13.55
C ASP K 399 57.41 -13.61 12.86
N ILE K 400 57.37 -13.04 11.66
CA ILE K 400 56.16 -12.96 10.85
C ILE K 400 56.53 -13.39 9.43
N ALA K 401 55.74 -14.29 8.85
CA ALA K 401 56.18 -14.95 7.64
C ALA K 401 54.98 -15.53 6.89
N THR K 402 55.05 -15.47 5.56
CA THR K 402 54.13 -16.21 4.68
C THR K 402 54.69 -17.62 4.53
N LEU K 403 54.51 -18.42 5.58
CA LEU K 403 55.26 -19.67 5.71
C LEU K 403 54.58 -20.86 5.06
N THR K 404 53.32 -21.13 5.39
CA THR K 404 52.67 -22.38 4.98
C THR K 404 51.33 -22.08 4.33
N GLY K 405 51.11 -22.68 3.15
CA GLY K 405 49.82 -22.57 2.48
C GLY K 405 48.69 -23.26 3.21
N ALA K 406 49.01 -24.12 4.19
CA ALA K 406 47.98 -24.77 4.99
C ALA K 406 47.18 -23.77 5.81
N MET K 407 47.68 -22.54 5.97
CA MET K 407 46.95 -21.52 6.72
C MET K 407 45.60 -21.23 6.08
N LEU K 408 45.49 -21.42 4.76
CA LEU K 408 44.21 -21.20 4.07
C LEU K 408 43.16 -22.21 4.49
N TYR K 409 43.57 -23.39 4.94
CA TYR K 409 42.64 -24.44 5.33
C TYR K 409 42.36 -24.46 6.83
N SER K 410 43.12 -23.71 7.62
CA SER K 410 42.90 -23.62 9.07
C SER K 410 42.13 -22.35 9.44
N LEU K 411 42.73 -21.18 9.22
CA LEU K 411 42.11 -19.93 9.57
C LEU K 411 41.62 -19.11 8.39
N GLY K 412 42.13 -19.36 7.19
CA GLY K 412 41.63 -18.67 6.01
C GLY K 412 42.37 -17.40 5.68
N THR K 413 41.66 -16.44 5.09
CA THR K 413 42.26 -15.22 4.58
C THR K 413 42.07 -14.03 5.52
N SER K 414 41.34 -14.19 6.62
CA SER K 414 41.08 -13.09 7.54
C SER K 414 41.92 -13.15 8.81
N TYR K 415 42.14 -14.34 9.35
CA TYR K 415 42.82 -14.50 10.63
C TYR K 415 44.20 -15.11 10.40
N ALA K 416 45.22 -14.47 10.95
CA ALA K 416 46.55 -15.06 10.96
C ALA K 416 46.70 -15.98 12.16
N GLY K 417 47.65 -16.90 12.06
CA GLY K 417 47.93 -17.84 13.14
C GLY K 417 49.21 -17.44 13.87
N VAL K 418 49.18 -17.58 15.20
CA VAL K 418 50.34 -17.31 16.04
C VAL K 418 50.70 -18.57 16.80
N PHE K 419 51.97 -18.95 16.74
CA PHE K 419 52.54 -20.04 17.50
C PHE K 419 53.66 -19.48 18.38
N GLY K 420 54.04 -20.22 19.41
CA GLY K 420 55.09 -19.75 20.28
C GLY K 420 55.45 -20.76 21.34
N ASN K 421 56.51 -20.44 22.08
CA ASN K 421 56.99 -21.26 23.19
C ASN K 421 56.76 -20.61 24.54
N ASN K 422 56.04 -19.49 24.59
CA ASN K 422 55.89 -18.72 25.81
C ASN K 422 54.47 -18.18 25.88
N GLU K 423 53.74 -18.54 26.93
CA GLU K 423 52.34 -18.13 27.06
C GLU K 423 52.22 -16.62 27.22
N GLU K 424 53.10 -16.00 28.00
CA GLU K 424 53.02 -14.56 28.23
C GLU K 424 53.22 -13.78 26.94
N LEU K 425 54.15 -14.22 26.08
CA LEU K 425 54.40 -13.51 24.83
C LEU K 425 53.23 -13.66 23.86
N ILE K 426 52.62 -14.86 23.80
CA ILE K 426 51.45 -15.06 22.96
C ILE K 426 50.34 -14.09 23.37
N ASN K 427 50.24 -13.77 24.66
CA ASN K 427 49.24 -12.80 25.13
C ASN K 427 49.44 -11.41 24.56
N LYS K 428 50.67 -10.93 24.53
CA LYS K 428 50.87 -9.60 24.00
C LYS K 428 50.51 -9.54 22.53
N ILE K 429 50.81 -10.62 21.78
CA ILE K 429 50.40 -10.68 20.39
C ILE K 429 48.88 -10.67 20.27
N LEU K 430 48.20 -11.47 21.11
CA LEU K 430 46.73 -11.48 21.08
C LEU K 430 46.16 -10.15 21.53
N GLN K 431 46.76 -9.53 22.55
CA GLN K 431 46.31 -8.22 23.00
C GLN K 431 46.58 -7.16 21.93
N SER K 432 47.73 -7.24 21.27
CA SER K 432 48.03 -6.30 20.19
C SER K 432 47.10 -6.50 19.00
N SER K 433 46.62 -7.73 18.78
CA SER K 433 45.67 -7.96 17.71
C SER K 433 44.33 -7.28 17.99
N LYS K 434 43.94 -7.17 19.27
CA LYS K 434 42.69 -6.52 19.60
C LYS K 434 42.77 -5.00 19.42
N THR K 435 43.88 -4.40 19.84
CA THR K 435 43.99 -2.95 19.75
C THR K 435 44.36 -2.48 18.36
N SER K 436 45.10 -3.28 17.60
CA SER K 436 45.40 -2.96 16.21
C SER K 436 44.31 -3.39 15.25
N ASN K 437 43.38 -4.25 15.70
CA ASN K 437 42.28 -4.76 14.89
C ASN K 437 42.79 -5.56 13.69
N GLU K 438 43.98 -6.14 13.81
CA GLU K 438 44.48 -7.12 12.84
C GLU K 438 44.31 -8.50 13.45
N PRO K 439 43.30 -9.28 13.02
CA PRO K 439 42.94 -10.48 13.78
C PRO K 439 43.96 -11.60 13.66
N VAL K 440 44.25 -12.23 14.80
CA VAL K 440 45.17 -13.36 14.89
C VAL K 440 44.57 -14.36 15.87
N TRP K 441 44.79 -15.64 15.60
CA TRP K 441 44.28 -16.72 16.45
C TRP K 441 45.43 -17.60 16.91
N TRP K 442 45.37 -18.03 18.16
CA TRP K 442 46.42 -18.84 18.77
C TRP K 442 46.25 -20.29 18.35
N LEU K 443 47.30 -20.86 17.76
CA LEU K 443 47.32 -22.24 17.33
C LEU K 443 48.41 -23.01 18.09
N PRO K 444 48.22 -24.30 18.32
CA PRO K 444 49.15 -25.04 19.20
C PRO K 444 50.36 -25.59 18.48
N ILE K 445 51.45 -25.71 19.25
CA ILE K 445 52.64 -26.42 18.82
C ILE K 445 52.56 -27.81 19.45
N ILE K 446 52.06 -28.77 18.68
CA ILE K 446 51.77 -30.11 19.18
C ILE K 446 53.06 -30.92 19.18
N ASN K 447 53.57 -31.24 20.38
CA ASN K 447 54.85 -31.90 20.51
C ASN K 447 54.85 -33.33 20.01
N GLU K 448 53.68 -33.98 19.92
CA GLU K 448 53.63 -35.34 19.43
C GLU K 448 54.10 -35.44 17.97
N TYR K 449 53.99 -34.34 17.21
CA TYR K 449 54.42 -34.34 15.82
C TYR K 449 55.92 -34.13 15.67
N ARG K 450 56.64 -33.86 16.76
CA ARG K 450 58.06 -33.56 16.68
C ARG K 450 58.85 -34.74 16.11
N ALA K 451 58.41 -35.96 16.37
CA ALA K 451 59.14 -37.15 15.93
C ALA K 451 59.22 -37.25 14.41
N THR K 452 58.29 -36.64 13.67
CA THR K 452 58.36 -36.72 12.22
C THR K 452 59.48 -35.89 11.61
N LEU K 453 60.13 -35.05 12.41
CA LEU K 453 61.29 -34.30 11.97
C LEU K 453 62.60 -35.01 12.30
N ASN K 454 62.54 -36.22 12.84
CA ASN K 454 63.73 -36.99 13.16
C ASN K 454 64.32 -37.54 11.87
N SER K 455 65.45 -36.98 11.43
CA SER K 455 66.07 -37.43 10.21
C SER K 455 66.96 -38.64 10.46
N LYS K 456 67.04 -39.51 9.45
CA LYS K 456 67.90 -40.69 9.57
C LYS K 456 69.37 -40.31 9.50
N TYR K 457 69.71 -39.24 8.78
CA TYR K 457 71.11 -38.88 8.55
C TYR K 457 71.47 -37.52 9.12
N ALA K 458 70.62 -36.51 8.95
CA ALA K 458 70.90 -35.20 9.51
C ALA K 458 70.37 -35.10 10.94
N ASP K 459 70.65 -33.98 11.59
CA ASP K 459 70.16 -33.76 12.95
C ASP K 459 68.64 -33.63 12.95
N ILE K 460 68.08 -33.01 11.92
CA ILE K 460 66.65 -32.72 11.88
C ILE K 460 66.21 -32.64 10.42
N ASN K 461 64.95 -33.02 10.18
CA ASN K 461 64.35 -32.87 8.87
C ASN K 461 63.78 -31.47 8.70
N GLN K 462 63.86 -30.96 7.47
CA GLN K 462 63.24 -29.67 7.18
C GLN K 462 61.72 -29.77 7.20
N ILE K 463 61.18 -30.85 6.61
CA ILE K 463 59.74 -31.06 6.52
C ILE K 463 59.42 -32.47 6.98
N SER K 464 58.15 -32.68 7.31
CA SER K 464 57.62 -34.01 7.55
C SER K 464 57.08 -34.59 6.25
N SER K 465 57.37 -35.87 6.01
CA SER K 465 56.89 -36.54 4.82
C SER K 465 55.50 -37.13 4.98
N SER K 466 54.94 -37.15 6.19
CA SER K 466 53.65 -37.77 6.45
C SER K 466 52.63 -36.77 6.97
N VAL K 467 52.89 -36.13 8.12
CA VAL K 467 51.90 -35.25 8.74
C VAL K 467 51.56 -34.10 7.82
N LYS K 468 50.26 -33.88 7.61
CA LYS K 468 49.77 -32.82 6.75
C LYS K 468 49.52 -31.52 7.49
N ALA K 469 49.68 -31.49 8.81
CA ALA K 469 49.55 -30.27 9.59
C ALA K 469 50.84 -29.45 9.46
N SER K 470 51.02 -28.89 8.26
CA SER K 470 52.30 -28.28 7.91
C SER K 470 52.59 -27.04 8.74
N SER K 471 51.56 -26.27 9.09
CA SER K 471 51.78 -25.07 9.88
C SER K 471 52.27 -25.41 11.29
N ILE K 472 51.81 -26.52 11.85
CA ILE K 472 52.28 -26.93 13.17
C ILE K 472 53.68 -27.54 13.08
N VAL K 473 53.93 -28.36 12.05
CA VAL K 473 55.24 -28.96 11.87
C VAL K 473 56.30 -27.88 11.63
N ALA K 474 55.97 -26.89 10.81
CA ALA K 474 56.91 -25.79 10.56
C ALA K 474 57.24 -25.04 11.84
N SER K 475 56.25 -24.86 12.71
CA SER K 475 56.49 -24.22 14.00
C SER K 475 57.42 -25.06 14.86
N LEU K 476 57.29 -26.39 14.79
CA LEU K 476 58.20 -27.26 15.53
C LEU K 476 59.63 -27.13 15.01
N PHE K 477 59.79 -26.94 13.70
CA PHE K 477 61.12 -26.76 13.14
C PHE K 477 61.74 -25.45 13.61
N LEU K 478 60.98 -24.35 13.54
CA LEU K 478 61.48 -23.06 13.98
C LEU K 478 61.80 -23.06 15.47
N LYS K 479 61.04 -23.83 16.26
CA LYS K 479 61.27 -23.88 17.70
C LYS K 479 62.65 -24.45 18.04
N GLU K 480 63.19 -25.30 17.17
CA GLU K 480 64.49 -25.91 17.40
C GLU K 480 65.65 -24.92 17.29
N PHE K 481 65.39 -23.68 16.90
CA PHE K 481 66.45 -22.68 16.73
C PHE K 481 66.31 -21.51 17.70
N VAL K 482 65.48 -21.64 18.73
CA VAL K 482 65.39 -20.70 19.83
C VAL K 482 65.57 -21.50 21.12
N GLN K 483 66.69 -21.26 21.82
CA GLN K 483 67.08 -22.11 22.94
C GLN K 483 66.53 -21.64 24.28
N ASN K 484 66.58 -20.35 24.57
CA ASN K 484 66.24 -19.85 25.90
C ASN K 484 65.70 -18.42 25.82
N THR K 485 64.80 -18.18 24.87
CA THR K 485 64.20 -16.86 24.70
C THR K 485 62.73 -17.02 24.36
N ALA K 486 61.90 -16.15 24.93
CA ALA K 486 60.48 -16.11 24.58
C ALA K 486 60.33 -15.82 23.09
N TRP K 487 59.63 -16.70 22.39
CA TRP K 487 59.55 -16.61 20.94
C TRP K 487 58.14 -16.88 20.46
N ALA K 488 57.70 -16.11 19.47
CA ALA K 488 56.40 -16.28 18.84
C ALA K 488 56.55 -16.22 17.33
N HIS K 489 55.64 -16.89 16.63
CA HIS K 489 55.71 -17.03 15.18
C HIS K 489 54.33 -16.78 14.60
N ILE K 490 54.24 -15.80 13.71
CA ILE K 490 52.97 -15.39 13.10
C ILE K 490 52.99 -15.79 11.64
N ASP K 491 52.10 -16.70 11.27
CA ASP K 491 52.00 -17.19 9.89
C ASP K 491 50.93 -16.36 9.16
N ILE K 492 51.36 -15.54 8.21
CA ILE K 492 50.47 -14.64 7.50
C ILE K 492 50.31 -15.05 6.04
N ALA K 493 50.56 -16.32 5.72
CA ALA K 493 50.51 -16.77 4.33
C ALA K 493 49.10 -16.65 3.75
N GLY K 494 48.07 -16.78 4.59
CA GLY K 494 46.70 -16.73 4.10
C GLY K 494 46.09 -15.35 4.08
N VAL K 495 46.58 -14.44 4.93
CA VAL K 495 45.96 -13.14 5.10
C VAL K 495 46.74 -12.02 4.42
N SER K 496 47.91 -12.30 3.86
CA SER K 496 48.77 -11.22 3.37
C SER K 496 48.19 -10.56 2.13
N TRP K 497 47.62 -11.35 1.22
CA TRP K 497 47.14 -10.82 -0.05
C TRP K 497 45.62 -10.69 -0.05
N ASN K 498 45.13 -9.58 -0.57
CA ASN K 498 43.70 -9.33 -0.73
C ASN K 498 43.35 -9.71 -2.17
N PHE K 499 42.71 -10.87 -2.34
CA PHE K 499 42.45 -11.38 -3.68
C PHE K 499 41.25 -10.68 -4.31
N LYS K 500 40.29 -10.22 -3.51
CA LYS K 500 39.17 -9.47 -4.08
C LYS K 500 39.62 -8.14 -4.67
N ALA K 501 40.52 -7.43 -3.98
CA ALA K 501 41.01 -6.14 -4.43
C ALA K 501 42.29 -6.24 -5.26
N ARG K 502 42.90 -7.43 -5.34
CA ARG K 502 44.11 -7.66 -6.14
C ARG K 502 45.25 -6.74 -5.69
N LYS K 503 45.48 -6.70 -4.38
CA LYS K 503 46.50 -5.85 -3.79
C LYS K 503 46.87 -6.40 -2.43
N PRO K 504 48.05 -6.05 -1.90
CA PRO K 504 48.42 -6.53 -0.57
C PRO K 504 47.60 -5.87 0.53
N LYS K 505 47.65 -6.46 1.71
CA LYS K 505 46.97 -5.91 2.88
C LYS K 505 47.89 -5.11 3.79
N GLY K 506 49.21 -5.30 3.67
CA GLY K 506 50.13 -4.74 4.64
C GLY K 506 49.95 -5.32 6.03
N PHE K 507 49.54 -6.59 6.11
CA PHE K 507 49.20 -7.21 7.38
C PHE K 507 50.42 -7.30 8.29
N GLY K 508 50.23 -6.93 9.56
CA GLY K 508 51.25 -7.08 10.58
C GLY K 508 51.90 -5.78 11.02
N VAL K 509 51.83 -4.73 10.21
CA VAL K 509 52.49 -3.47 10.57
C VAL K 509 51.89 -2.90 11.85
N ARG K 510 50.57 -2.72 11.87
CA ARG K 510 49.93 -2.13 13.03
C ARG K 510 49.94 -3.09 14.22
N LEU K 511 49.82 -4.39 13.96
CA LEU K 511 49.87 -5.37 15.04
C LEU K 511 51.24 -5.37 15.72
N LEU K 512 52.31 -5.38 14.93
CA LEU K 512 53.65 -5.40 15.51
C LEU K 512 53.95 -4.08 16.22
N THR K 513 53.46 -2.97 15.67
CA THR K 513 53.69 -1.67 16.30
C THR K 513 52.98 -1.57 17.64
N GLU K 514 51.72 -2.02 17.70
CA GLU K 514 50.99 -2.05 18.96
C GLU K 514 51.71 -2.91 20.00
N PHE K 515 52.33 -4.00 19.55
CA PHE K 515 53.09 -4.86 20.46
C PHE K 515 54.28 -4.10 21.04
N VAL K 516 54.93 -3.27 20.22
CA VAL K 516 56.09 -2.52 20.69
C VAL K 516 55.67 -1.38 21.62
N LEU K 517 54.61 -0.67 21.27
CA LEU K 517 54.21 0.51 22.04
C LEU K 517 53.56 0.13 23.36
N ASN K 518 52.83 -0.98 23.40
CA ASN K 518 52.08 -1.36 24.60
C ASN K 518 52.82 -2.43 25.39
N SER L 2 90.91 -33.48 -9.06
CA SER L 2 90.01 -32.40 -9.47
C SER L 2 89.46 -31.66 -8.25
N GLU L 3 89.21 -30.36 -8.41
CA GLU L 3 88.66 -29.54 -7.35
C GLU L 3 87.18 -29.31 -7.61
N VAL L 4 86.36 -29.62 -6.61
CA VAL L 4 84.91 -29.48 -6.77
C VAL L 4 84.53 -28.01 -6.63
N PRO L 5 83.78 -27.46 -7.58
CA PRO L 5 83.36 -26.05 -7.47
C PRO L 5 82.30 -25.88 -6.40
N GLN L 6 82.26 -24.67 -5.84
CA GLN L 6 81.29 -24.30 -4.83
C GLN L 6 80.55 -23.03 -5.25
N VAL L 7 79.32 -22.91 -4.77
CA VAL L 7 78.58 -21.65 -4.89
C VAL L 7 78.87 -20.74 -3.69
N VAL L 8 78.83 -21.32 -2.49
CA VAL L 8 79.22 -20.61 -1.28
C VAL L 8 80.34 -21.41 -0.61
N SER L 9 81.06 -20.72 0.29
CA SER L 9 82.20 -21.34 0.95
C SER L 9 81.78 -22.49 1.87
N LEU L 10 80.51 -22.56 2.25
CA LEU L 10 80.01 -23.62 3.11
C LEU L 10 79.65 -24.90 2.34
N ASP L 11 79.75 -24.88 1.02
CA ASP L 11 79.48 -26.08 0.23
C ASP L 11 80.56 -27.12 0.48
N PRO L 12 80.20 -28.39 0.69
CA PRO L 12 81.22 -29.40 0.94
C PRO L 12 82.06 -29.68 -0.29
N THR L 13 83.30 -30.12 -0.06
CA THR L 13 84.24 -30.37 -1.14
C THR L 13 84.66 -31.83 -1.23
N SER L 14 84.07 -32.72 -0.44
CA SER L 14 84.39 -34.13 -0.49
C SER L 14 83.27 -34.92 0.16
N ILE L 15 83.20 -36.20 -0.18
CA ILE L 15 82.23 -37.12 0.42
C ILE L 15 82.88 -37.70 1.67
N PRO L 16 82.29 -37.50 2.86
CA PRO L 16 82.81 -38.16 4.06
C PRO L 16 82.61 -39.67 3.94
N ILE L 17 83.70 -40.42 4.09
CA ILE L 17 83.68 -41.86 3.95
C ILE L 17 84.27 -42.49 5.20
N GLU L 18 83.52 -43.41 5.80
CA GLU L 18 83.96 -44.15 6.98
C GLU L 18 84.49 -45.50 6.51
N TYR L 19 85.81 -45.67 6.60
CA TYR L 19 86.45 -46.92 6.20
C TYR L 19 86.55 -47.89 7.38
N ASN L 20 86.96 -47.38 8.54
CA ASN L 20 87.16 -48.19 9.74
C ASN L 20 85.87 -48.17 10.55
N THR L 21 85.01 -49.15 10.30
CA THR L 21 83.74 -49.25 11.00
C THR L 21 83.89 -50.12 12.25
N PRO L 22 83.02 -49.92 13.24
CA PRO L 22 83.05 -50.78 14.44
C PRO L 22 82.85 -52.26 14.12
N ILE L 23 82.20 -52.59 13.00
CA ILE L 23 82.04 -53.98 12.61
C ILE L 23 83.38 -54.66 12.42
N HIS L 24 84.37 -53.92 11.92
CA HIS L 24 85.68 -54.50 11.66
C HIS L 24 86.42 -54.88 12.95
N ASP L 25 86.02 -54.33 14.09
CA ASP L 25 86.65 -54.63 15.37
C ASP L 25 86.01 -55.82 16.09
N ILE L 26 85.02 -56.46 15.48
CA ILE L 26 84.31 -57.57 16.12
C ILE L 26 85.07 -58.86 15.84
N LYS L 27 85.53 -59.53 16.90
CA LYS L 27 86.17 -60.83 16.78
C LYS L 27 85.10 -61.91 16.69
N VAL L 28 85.11 -62.68 15.60
CA VAL L 28 84.09 -63.68 15.31
C VAL L 28 84.67 -65.07 15.53
N GLN L 29 83.97 -65.89 16.33
CA GLN L 29 84.34 -67.27 16.60
C GLN L 29 83.15 -68.17 16.30
N VAL L 30 83.41 -69.29 15.64
CA VAL L 30 82.39 -70.25 15.26
C VAL L 30 82.69 -71.57 15.97
N TYR L 31 81.72 -72.04 16.77
CA TYR L 31 81.84 -73.27 17.54
C TYR L 31 80.81 -74.31 17.06
N ASP L 32 81.12 -75.57 17.35
CA ASP L 32 80.26 -76.68 17.00
C ASP L 32 79.15 -76.88 18.04
N ILE L 33 77.96 -77.22 17.54
CA ILE L 33 76.80 -77.40 18.41
C ILE L 33 76.98 -78.62 19.31
N LYS L 34 77.60 -79.67 18.79
CA LYS L 34 77.74 -80.94 19.49
C LYS L 34 78.79 -80.91 20.60
N GLY L 35 78.79 -79.88 21.43
CA GLY L 35 79.74 -79.79 22.52
C GLY L 35 79.24 -78.86 23.59
N GLY L 36 77.98 -78.44 23.44
CA GLY L 36 77.38 -77.54 24.41
C GLY L 36 77.70 -76.09 24.12
N CYS L 37 76.82 -75.19 24.57
CA CYS L 37 77.02 -73.76 24.39
C CYS L 37 77.43 -73.16 25.73
N ASN L 38 78.42 -72.27 25.69
CA ASN L 38 78.89 -71.59 26.90
C ASN L 38 78.17 -70.26 27.04
N VAL L 39 77.51 -70.06 28.18
CA VAL L 39 76.80 -68.83 28.49
C VAL L 39 77.57 -68.16 29.61
N GLU L 40 78.41 -67.18 29.25
CA GLU L 40 79.27 -66.51 30.22
C GLU L 40 79.03 -65.01 30.19
N GLU L 41 79.39 -64.32 29.11
CA GLU L 41 79.20 -62.89 28.98
C GLU L 41 78.16 -62.58 27.91
N GLY L 42 77.62 -61.36 27.98
CA GLY L 42 76.83 -60.82 26.89
C GLY L 42 75.46 -61.47 26.70
N LEU L 43 75.02 -61.48 25.45
CA LEU L 43 73.70 -61.96 25.07
C LEU L 43 73.82 -63.21 24.22
N THR L 44 73.01 -64.22 24.55
CA THR L 44 72.96 -65.48 23.82
C THR L 44 71.57 -65.65 23.23
N ILE L 45 71.49 -65.80 21.91
CA ILE L 45 70.23 -65.88 21.20
C ILE L 45 70.17 -67.21 20.46
N PHE L 46 69.06 -67.92 20.62
CA PHE L 46 68.81 -69.18 19.93
C PHE L 46 67.86 -68.94 18.76
N LEU L 47 68.26 -69.38 17.57
CA LEU L 47 67.40 -69.30 16.39
C LEU L 47 66.61 -70.60 16.30
N VAL L 48 65.35 -70.55 16.70
CA VAL L 48 64.51 -71.74 16.86
C VAL L 48 63.33 -71.68 15.90
N ASN L 49 62.83 -72.86 15.53
CA ASN L 49 61.68 -73.00 14.65
C ASN L 49 60.81 -74.15 15.17
N ASN L 50 59.60 -74.24 14.63
CA ASN L 50 58.67 -75.31 14.98
C ASN L 50 57.96 -75.76 13.72
N PRO L 51 58.48 -76.79 13.02
CA PRO L 51 57.94 -77.30 11.77
C PRO L 51 56.53 -77.89 11.90
N LYS L 53 54.03 -77.09 13.50
CA LYS L 53 53.16 -76.25 14.32
C LYS L 53 53.29 -74.77 13.93
N GLU L 54 52.37 -74.32 13.07
CA GLU L 54 52.28 -72.93 12.62
C GLU L 54 52.14 -71.99 13.81
N ASN L 55 53.27 -71.42 14.24
CA ASN L 55 53.38 -70.55 15.41
C ASN L 55 53.35 -71.38 16.69
N GLY L 56 53.98 -72.55 16.63
CA GLY L 56 54.05 -73.44 17.77
C GLY L 56 54.96 -72.92 18.86
N PRO L 57 55.00 -73.63 19.99
CA PRO L 57 55.80 -73.16 21.12
C PRO L 57 57.30 -73.30 20.87
N VAL L 58 58.07 -72.59 21.67
CA VAL L 58 59.53 -72.61 21.59
C VAL L 58 60.07 -73.81 22.37
N LYS L 59 61.01 -74.53 21.75
CA LYS L 59 61.68 -75.65 22.40
C LYS L 59 63.16 -75.60 22.03
N ILE L 60 64.01 -75.42 23.04
CA ILE L 60 65.46 -75.36 22.84
C ILE L 60 66.02 -76.77 22.94
N SER L 61 66.74 -77.20 21.89
CA SER L 61 67.27 -78.55 21.82
C SER L 61 68.75 -78.64 22.17
N SER L 62 69.48 -77.54 22.17
CA SER L 62 70.91 -77.58 22.44
C SER L 62 71.18 -77.70 23.93
N LYS L 63 72.23 -78.44 24.26
CA LYS L 63 72.68 -78.56 25.65
C LYS L 63 73.45 -77.31 26.05
N VAL L 64 73.06 -76.69 27.16
CA VAL L 64 73.71 -75.49 27.67
C VAL L 64 74.49 -75.86 28.93
N ASN L 65 75.78 -75.53 28.94
CA ASN L 65 76.67 -75.87 30.04
C ASN L 65 76.55 -74.88 31.20
N ASP L 66 75.34 -74.61 31.65
CA ASP L 66 75.11 -73.71 32.77
C ASP L 66 73.81 -74.11 33.45
N LYS L 67 73.88 -74.36 34.76
CA LYS L 67 72.72 -74.85 35.49
C LYS L 67 71.60 -73.79 35.53
N GLN L 68 71.95 -72.53 35.77
CA GLN L 68 70.95 -71.48 35.82
C GLN L 68 70.27 -71.29 34.48
N VAL L 69 71.06 -71.28 33.40
CA VAL L 69 70.49 -71.07 32.06
C VAL L 69 69.63 -72.26 31.64
N SER L 70 70.08 -73.48 31.96
CA SER L 70 69.29 -74.67 31.61
C SER L 70 67.90 -74.62 32.25
N GLU L 71 67.81 -74.12 33.48
CA GLU L 71 66.51 -73.98 34.12
C GLU L 71 65.66 -72.94 33.40
N PHE L 72 66.28 -71.84 32.98
CA PHE L 72 65.55 -70.82 32.23
C PHE L 72 65.02 -71.36 30.92
N LEU L 73 65.82 -72.18 30.22
CA LEU L 73 65.46 -72.70 28.92
C LEU L 73 64.66 -74.00 29.01
N LYS L 74 64.09 -74.31 30.17
CA LYS L 74 63.29 -75.52 30.29
C LYS L 74 62.03 -75.42 29.45
N ASP L 75 61.51 -76.57 29.04
CA ASP L 75 60.37 -76.59 28.12
C ASP L 75 59.15 -75.93 28.74
N GLU L 76 58.93 -76.14 30.04
CA GLU L 76 57.79 -75.52 30.72
C GLU L 76 57.88 -74.00 30.70
N ASN L 77 59.10 -73.45 30.74
CA ASN L 77 59.26 -72.00 30.69
C ASN L 77 59.16 -71.46 29.27
N MET L 78 59.74 -72.17 28.30
CA MET L 78 59.79 -71.67 26.93
C MET L 78 58.50 -71.95 26.15
N GLU L 79 57.65 -72.84 26.65
CA GLU L 79 56.41 -73.16 25.94
C GLU L 79 55.45 -71.98 25.91
N LYS L 80 55.65 -70.99 26.77
CA LYS L 80 54.80 -69.80 26.80
C LYS L 80 55.09 -68.83 25.65
N PHE L 81 56.16 -69.05 24.90
CA PHE L 81 56.52 -68.24 23.75
C PHE L 81 56.31 -69.05 22.48
N ASN L 82 56.01 -68.37 21.39
CA ASN L 82 55.80 -69.01 20.09
C ASN L 82 56.91 -68.61 19.13
N VAL L 83 56.96 -69.32 18.01
CA VAL L 83 58.06 -69.21 17.06
C VAL L 83 57.68 -68.40 15.82
N LYS L 84 56.65 -67.56 15.92
CA LYS L 84 56.25 -66.74 14.78
C LYS L 84 57.44 -65.95 14.25
N LEU L 85 57.57 -65.92 12.92
CA LEU L 85 58.74 -65.34 12.29
C LEU L 85 58.94 -63.89 12.71
N GLY L 86 60.10 -63.60 13.29
CA GLY L 86 60.46 -62.27 13.72
C GLY L 86 60.26 -62.02 15.20
N THR L 87 59.42 -62.80 15.87
CA THR L 87 59.18 -62.59 17.28
C THR L 87 60.42 -62.97 18.09
N SER L 88 60.68 -62.22 19.15
CA SER L 88 61.86 -62.46 19.97
C SER L 88 61.58 -62.04 21.41
N LYS L 89 62.23 -62.73 22.33
CA LYS L 89 62.22 -62.36 23.74
C LYS L 89 63.60 -62.64 24.30
N HIS L 90 64.11 -61.73 25.12
CA HIS L 90 65.36 -61.96 25.84
C HIS L 90 65.18 -61.57 27.30
N PHE L 91 65.79 -62.33 28.19
CA PHE L 91 65.73 -62.09 29.63
C PHE L 91 67.14 -61.94 30.18
N TYR L 92 67.24 -61.17 31.26
CA TYR L 92 68.50 -60.96 31.97
C TYR L 92 68.43 -61.74 33.28
N MET L 93 69.50 -62.46 33.60
CA MET L 93 69.54 -63.28 34.80
C MET L 93 71.00 -63.46 35.21
N PHE L 94 71.19 -64.14 36.34
CA PHE L 94 72.52 -64.48 36.81
C PHE L 94 72.82 -65.94 36.50
N ASN L 95 74.03 -66.19 36.03
CA ASN L 95 74.45 -67.55 35.66
C ASN L 95 75.03 -68.26 36.86
N ASP L 96 75.68 -69.41 36.63
CA ASP L 96 76.25 -70.18 37.72
C ASP L 96 77.36 -69.42 38.44
N ASN L 97 78.11 -68.59 37.70
CA ASN L 97 79.21 -67.83 38.26
C ASN L 97 78.81 -66.45 38.74
N LYS L 98 77.51 -66.23 38.98
CA LYS L 98 77.00 -64.94 39.46
C LYS L 98 77.32 -63.82 38.47
N ASN L 99 77.27 -64.13 37.18
CA ASN L 99 77.51 -63.16 36.13
C ASN L 99 76.18 -62.77 35.49
N SER L 100 76.04 -61.48 35.18
CA SER L 100 74.84 -61.03 34.51
C SER L 100 74.88 -61.53 33.07
N VAL L 101 73.85 -62.27 32.67
CA VAL L 101 73.77 -62.79 31.31
C VAL L 101 72.40 -62.50 30.75
N ALA L 102 72.34 -62.37 29.42
CA ALA L 102 71.09 -62.19 28.70
C ALA L 102 70.94 -63.35 27.74
N VAL L 103 69.82 -64.05 27.82
CA VAL L 103 69.54 -65.19 26.95
C VAL L 103 68.17 -64.98 26.33
N GLY L 104 68.02 -65.41 25.09
CA GLY L 104 66.76 -65.24 24.41
C GLY L 104 66.70 -66.05 23.13
N TYR L 105 65.67 -65.76 22.34
CA TYR L 105 65.46 -66.46 21.08
C TYR L 105 64.86 -65.50 20.07
N VAL L 106 64.93 -65.90 18.80
CA VAL L 106 64.23 -65.23 17.71
C VAL L 106 63.49 -66.30 16.92
N GLY L 107 62.19 -66.08 16.73
CA GLY L 107 61.38 -67.08 16.05
C GLY L 107 61.68 -67.14 14.56
N CYS L 108 61.81 -68.36 14.05
CA CYS L 108 62.13 -68.60 12.65
C CYS L 108 60.99 -69.27 11.90
N GLY L 109 59.77 -69.18 12.42
CA GLY L 109 58.62 -69.69 11.70
C GLY L 109 58.50 -71.20 11.79
N SER L 110 57.79 -71.75 10.80
CA SER L 110 57.52 -73.18 10.72
C SER L 110 58.06 -73.82 9.46
N VAL L 111 58.66 -73.06 8.56
CA VAL L 111 59.24 -73.60 7.34
C VAL L 111 60.71 -73.92 7.61
N ALA L 112 61.15 -75.09 7.15
CA ALA L 112 62.50 -75.54 7.44
C ALA L 112 63.54 -74.73 6.67
N ASP L 113 63.24 -74.36 5.43
CA ASP L 113 64.15 -73.62 4.58
C ASP L 113 63.77 -72.15 4.60
N LEU L 114 64.62 -71.32 5.19
CA LEU L 114 64.37 -69.89 5.26
C LEU L 114 64.86 -69.20 3.99
N SER L 115 64.01 -68.36 3.42
CA SER L 115 64.40 -67.56 2.27
C SER L 115 65.29 -66.40 2.72
N GLU L 116 65.85 -65.68 1.73
CA GLU L 116 66.63 -64.50 2.06
C GLU L 116 65.79 -63.45 2.77
N ALA L 117 64.51 -63.35 2.43
CA ALA L 117 63.61 -62.44 3.13
C ALA L 117 63.35 -62.94 4.54
N ASP L 118 63.24 -64.25 4.73
CA ASP L 118 63.04 -64.81 6.06
C ASP L 118 64.25 -64.52 6.95
N MET L 119 65.46 -64.71 6.43
CA MET L 119 66.66 -64.40 7.21
C MET L 119 66.73 -62.92 7.53
N LYS L 120 66.27 -62.06 6.61
CA LYS L 120 66.27 -60.62 6.86
C LYS L 120 65.36 -60.28 8.03
N ARG L 121 64.20 -60.92 8.12
CA ARG L 121 63.30 -60.65 9.24
C ARG L 121 63.89 -61.12 10.56
N VAL L 122 64.61 -62.25 10.55
CA VAL L 122 65.24 -62.74 11.76
C VAL L 122 66.36 -61.82 12.21
N VAL L 123 67.19 -61.35 11.26
CA VAL L 123 68.32 -60.50 11.61
C VAL L 123 67.84 -59.16 12.17
N LEU L 124 66.78 -58.59 11.57
CA LEU L 124 66.28 -57.30 12.06
C LEU L 124 65.78 -57.41 13.50
N SER L 125 65.16 -58.54 13.84
CA SER L 125 64.78 -58.76 15.23
C SER L 125 66.02 -58.90 16.12
N LEU L 126 67.06 -59.54 15.60
CA LEU L 126 68.32 -59.66 16.34
C LEU L 126 68.96 -58.29 16.55
N VAL L 127 68.96 -57.46 15.50
CA VAL L 127 69.58 -56.14 15.59
C VAL L 127 68.80 -55.24 16.54
N THR L 128 67.48 -55.43 16.63
CA THR L 128 66.67 -54.65 17.56
C THR L 128 67.13 -54.85 19.00
N MET L 129 67.54 -56.08 19.35
CA MET L 129 68.06 -56.32 20.69
C MET L 129 69.48 -55.77 20.85
N LEU L 130 70.25 -55.71 19.76
CA LEU L 130 71.61 -55.17 19.84
C LEU L 130 71.60 -53.65 19.98
N HIS L 131 70.61 -52.98 19.40
CA HIS L 131 70.56 -51.52 19.42
C HIS L 131 70.09 -50.96 20.76
N ASP L 132 69.44 -51.74 21.60
CA ASP L 132 68.95 -51.25 22.89
C ASP L 132 69.54 -52.02 24.06
N ASN L 133 70.74 -52.56 23.91
CA ASN L 133 71.39 -53.29 24.98
C ASN L 133 72.90 -53.12 24.86
N LYS L 134 73.54 -52.66 25.94
CA LYS L 134 74.96 -52.29 25.95
C LYS L 134 75.88 -53.47 26.31
N LEU L 135 75.72 -54.60 25.64
CA LEU L 135 76.53 -55.78 25.92
C LEU L 135 77.84 -55.74 25.15
N SER L 136 78.80 -56.54 25.61
CA SER L 136 80.12 -56.63 24.99
C SER L 136 80.26 -57.80 24.02
N LYS L 137 79.43 -58.84 24.16
CA LYS L 137 79.52 -60.01 23.31
C LYS L 137 78.13 -60.51 22.97
N LEU L 138 77.95 -60.97 21.73
CA LEU L 138 76.72 -61.62 21.29
C LEU L 138 77.03 -63.02 20.80
N THR L 139 76.24 -64.00 21.24
CA THR L 139 76.38 -65.39 20.83
C THR L 139 75.08 -65.87 20.18
N VAL L 140 75.19 -66.39 18.97
CA VAL L 140 74.03 -66.87 18.21
C VAL L 140 74.14 -68.38 18.10
N VAL L 141 73.07 -69.08 18.50
CA VAL L 141 73.01 -70.53 18.47
C VAL L 141 72.03 -70.95 17.37
N PHE L 142 72.55 -71.61 16.34
CA PHE L 142 71.77 -72.00 15.17
C PHE L 142 71.09 -73.34 15.44
N GLU L 143 69.81 -73.29 15.83
CA GLU L 143 68.98 -74.48 15.93
C GLU L 143 68.14 -74.68 14.67
N ILE L 144 68.60 -74.15 13.55
CA ILE L 144 67.94 -74.29 12.25
C ILE L 144 68.97 -74.74 11.22
N ASN L 145 68.49 -75.02 10.02
CA ASN L 145 69.31 -75.56 8.93
C ASN L 145 69.58 -74.42 7.94
N VAL L 146 70.86 -74.08 7.78
CA VAL L 146 71.29 -72.98 6.94
C VAL L 146 72.45 -73.44 6.06
N ASP L 147 72.50 -72.90 4.84
CA ASP L 147 73.59 -73.21 3.93
C ASP L 147 74.84 -72.43 4.31
N LYS L 148 75.94 -72.69 3.58
CA LYS L 148 77.12 -71.86 3.75
C LYS L 148 76.86 -70.46 3.24
N ASN L 149 76.17 -70.36 2.10
CA ASN L 149 75.85 -69.07 1.51
C ASN L 149 74.88 -68.28 2.37
N LEU L 150 73.83 -68.94 2.86
CA LEU L 150 72.85 -68.25 3.70
C LEU L 150 73.46 -67.88 5.06
N PHE L 151 74.39 -68.69 5.56
CA PHE L 151 75.09 -68.32 6.79
C PHE L 151 75.91 -67.06 6.58
N ARG L 152 76.60 -66.97 5.44
CA ARG L 152 77.31 -65.74 5.10
C ARG L 152 76.33 -64.58 4.94
N PHE L 153 75.17 -64.85 4.33
CA PHE L 153 74.15 -63.81 4.20
C PHE L 153 73.67 -63.35 5.57
N PHE L 154 73.55 -64.28 6.53
CA PHE L 154 73.18 -63.90 7.88
C PHE L 154 74.22 -62.95 8.47
N LEU L 155 75.50 -63.24 8.26
CA LEU L 155 76.56 -62.38 8.78
C LEU L 155 76.58 -61.04 8.06
N GLU L 156 76.44 -61.06 6.73
CA GLU L 156 76.41 -59.81 5.96
C GLU L 156 75.27 -58.92 6.42
N THR L 157 74.05 -59.47 6.50
CA THR L 157 72.91 -58.67 6.91
C THR L 157 73.05 -58.20 8.35
N LEU L 158 73.57 -59.07 9.22
CA LEU L 158 73.80 -58.66 10.61
C LEU L 158 74.78 -57.50 10.68
N PHE L 159 75.92 -57.63 10.00
CA PHE L 159 76.91 -56.55 10.01
C PHE L 159 76.34 -55.27 9.41
N TYR L 160 75.61 -55.39 8.29
CA TYR L 160 75.12 -54.20 7.61
C TYR L 160 74.04 -53.49 8.41
N GLU L 161 73.03 -54.22 8.87
CA GLU L 161 71.94 -53.59 9.61
C GLU L 161 72.38 -53.10 10.98
N TYR L 162 73.34 -53.79 11.61
CA TYR L 162 73.88 -53.35 12.89
C TYR L 162 74.55 -51.99 12.74
N MET L 163 75.21 -51.78 11.61
CA MET L 163 75.97 -50.55 11.38
C MET L 163 75.03 -49.35 11.24
N THR L 164 75.44 -48.23 11.83
CA THR L 164 74.66 -46.99 11.79
C THR L 164 75.50 -45.88 11.18
N ASP L 165 74.95 -45.22 10.15
CA ASP L 165 75.64 -44.15 9.43
C ASP L 165 75.37 -42.83 10.13
N GLU L 166 76.42 -42.23 10.71
CA GLU L 166 76.30 -40.97 11.45
C GLU L 166 77.19 -39.87 10.88
N ARG L 167 77.60 -39.99 9.61
CA ARG L 167 78.53 -39.01 9.05
C ARG L 167 77.96 -37.60 9.04
N PHE L 168 76.63 -37.47 8.94
CA PHE L 168 75.99 -36.16 8.81
C PHE L 168 75.30 -35.72 10.09
N LYS L 169 75.52 -36.41 11.20
CA LYS L 169 75.02 -35.99 12.50
C LYS L 169 76.05 -35.09 13.18
N SER L 170 75.61 -33.94 13.69
CA SER L 170 76.49 -33.07 14.44
C SER L 170 76.90 -33.71 15.76
N GLU L 178 79.43 -49.12 23.21
CA GLU L 178 78.30 -49.15 22.27
C GLU L 178 78.24 -50.47 21.51
N TYR L 179 79.06 -50.59 20.47
CA TYR L 179 79.09 -51.80 19.67
C TYR L 179 79.75 -52.94 20.43
N ILE L 180 79.28 -54.17 20.14
CA ILE L 180 79.90 -55.36 20.71
C ILE L 180 81.30 -55.53 20.13
N LYS L 181 82.14 -56.24 20.88
CA LYS L 181 83.50 -56.53 20.45
C LYS L 181 83.74 -57.98 20.08
N HIS L 182 82.80 -58.88 20.38
CA HIS L 182 82.95 -60.30 20.09
C HIS L 182 81.62 -60.88 19.61
N LEU L 183 81.70 -61.78 18.64
CA LEU L 183 80.53 -62.49 18.13
C LEU L 183 80.81 -63.99 18.10
N GLY L 184 80.00 -64.75 18.82
CA GLY L 184 80.11 -66.20 18.86
C GLY L 184 78.97 -66.85 18.10
N VAL L 185 79.29 -67.91 17.35
CA VAL L 185 78.32 -68.63 16.53
C VAL L 185 78.43 -70.12 16.82
N TYR L 186 77.32 -70.75 17.18
CA TYR L 186 77.23 -72.19 17.36
C TYR L 186 76.39 -72.77 16.23
N ILE L 187 76.95 -73.75 15.52
CA ILE L 187 76.28 -74.31 14.34
C ILE L 187 76.83 -75.71 14.10
N ASN L 188 75.99 -76.58 13.55
CA ASN L 188 76.42 -77.91 13.13
C ASN L 188 77.47 -77.82 12.03
N ASN L 189 78.48 -78.69 12.11
CA ASN L 189 79.59 -78.70 11.16
C ASN L 189 80.24 -77.32 11.09
N ALA L 190 80.61 -76.81 12.27
CA ALA L 190 81.19 -75.48 12.38
C ALA L 190 82.40 -75.27 11.46
N ASP L 191 83.19 -76.32 11.24
CA ASP L 191 84.40 -76.17 10.44
C ASP L 191 84.10 -75.76 9.00
N THR L 192 82.95 -76.18 8.47
CA THR L 192 82.60 -75.86 7.10
C THR L 192 82.13 -74.42 6.92
N TYR L 193 81.70 -73.75 7.98
CA TYR L 193 81.22 -72.38 7.91
C TYR L 193 82.30 -71.34 8.19
N LYS L 194 83.49 -71.76 8.64
CA LYS L 194 84.49 -70.80 9.11
C LYS L 194 85.01 -69.91 7.98
N GLU L 195 85.13 -70.43 6.76
CA GLU L 195 85.65 -69.62 5.67
C GLU L 195 84.70 -68.53 5.22
N GLU L 196 83.41 -68.61 5.59
CA GLU L 196 82.45 -67.59 5.19
C GLU L 196 82.49 -66.35 6.07
N VAL L 197 83.18 -66.40 7.21
CA VAL L 197 83.16 -65.28 8.16
C VAL L 197 83.84 -64.05 7.57
N GLU L 198 85.10 -64.19 7.16
CA GLU L 198 85.85 -63.03 6.67
C GLU L 198 85.35 -62.57 5.31
N LYS L 199 84.76 -63.48 4.53
CA LYS L 199 84.15 -63.07 3.27
C LYS L 199 82.93 -62.20 3.52
N ALA L 200 82.15 -62.52 4.55
CA ALA L 200 80.99 -61.69 4.89
C ALA L 200 81.42 -60.31 5.33
N ARG L 201 82.53 -60.20 6.07
CA ARG L 201 83.03 -58.90 6.49
C ARG L 201 83.42 -58.05 5.29
N VAL L 202 84.03 -58.68 4.28
CA VAL L 202 84.34 -57.96 3.05
C VAL L 202 83.06 -57.60 2.30
N TYR L 203 82.14 -58.56 2.19
CA TYR L 203 80.87 -58.30 1.53
C TYR L 203 80.06 -57.23 2.26
N TYR L 204 80.16 -57.21 3.59
CA TYR L 204 79.44 -56.20 4.37
C TYR L 204 79.90 -54.79 4.01
N PHE L 205 81.21 -54.56 4.02
CA PHE L 205 81.70 -53.20 3.82
C PHE L 205 81.50 -52.75 2.38
N GLY L 206 81.69 -53.65 1.43
CA GLY L 206 81.39 -53.32 0.04
C GLY L 206 79.96 -52.84 -0.14
N THR L 207 79.02 -53.51 0.53
CA THR L 207 77.63 -53.06 0.51
C THR L 207 77.47 -51.76 1.31
N TYR L 208 78.14 -51.67 2.46
CA TYR L 208 78.01 -50.46 3.28
C TYR L 208 78.72 -49.27 2.62
N TYR L 209 79.84 -49.51 1.95
CA TYR L 209 80.52 -48.44 1.23
C TYR L 209 79.62 -47.88 0.13
N ALA L 210 78.97 -48.77 -0.64
CA ALA L 210 78.02 -48.32 -1.64
C ALA L 210 76.86 -47.57 -0.99
N SER L 211 76.39 -48.05 0.16
CA SER L 211 75.32 -47.36 0.87
C SER L 211 75.76 -45.96 1.30
N GLN L 212 77.03 -45.80 1.68
CA GLN L 212 77.52 -44.49 2.07
C GLN L 212 77.48 -43.51 0.90
N LEU L 213 77.82 -43.98 -0.31
CA LEU L 213 77.78 -43.11 -1.48
C LEU L 213 76.35 -42.75 -1.84
N ILE L 214 75.44 -43.73 -1.76
CA ILE L 214 74.04 -43.46 -2.12
C ILE L 214 73.40 -42.51 -1.11
N ALA L 215 73.58 -42.79 0.19
CA ALA L 215 72.97 -41.97 1.22
C ALA L 215 73.54 -40.56 1.24
N ALA L 216 74.78 -40.38 0.78
CA ALA L 216 75.39 -39.06 0.72
C ALA L 216 74.57 -38.15 -0.19
N PRO L 217 74.12 -36.99 0.30
CA PRO L 217 73.29 -36.11 -0.53
C PRO L 217 74.07 -35.58 -1.72
N SER L 218 73.32 -35.01 -2.67
CA SER L 218 73.89 -34.61 -3.95
C SER L 218 74.81 -33.40 -3.83
N ASN L 219 74.69 -32.60 -2.77
CA ASN L 219 75.63 -31.51 -2.57
C ASN L 219 76.96 -32.03 -2.02
N TYR L 220 76.93 -33.15 -1.29
CA TYR L 220 78.16 -33.80 -0.87
C TYR L 220 78.70 -34.69 -1.97
N CYS L 221 77.84 -35.49 -2.59
CA CYS L 221 78.22 -36.45 -3.62
C CYS L 221 77.84 -35.86 -4.98
N ASN L 222 78.81 -35.24 -5.65
CA ASN L 222 78.62 -34.66 -6.98
C ASN L 222 79.56 -35.37 -7.95
N PRO L 223 79.45 -35.13 -9.27
CA PRO L 223 80.34 -35.85 -10.20
C PRO L 223 81.83 -35.67 -9.89
N VAL L 224 82.23 -34.51 -9.39
CA VAL L 224 83.64 -34.29 -9.09
C VAL L 224 84.04 -35.01 -7.80
N SER L 225 83.23 -34.86 -6.75
CA SER L 225 83.57 -35.48 -5.48
C SER L 225 83.41 -36.99 -5.53
N LEU L 226 82.48 -37.50 -6.33
CA LEU L 226 82.30 -38.95 -6.43
C LEU L 226 83.47 -39.60 -7.16
N SER L 227 83.92 -39.00 -8.26
CA SER L 227 85.08 -39.53 -8.96
C SER L 227 86.35 -39.40 -8.11
N ASN L 228 86.45 -38.34 -7.32
CA ASN L 228 87.57 -38.22 -6.39
C ASN L 228 87.57 -39.37 -5.39
N ALA L 229 86.39 -39.75 -4.88
CA ALA L 229 86.30 -40.88 -3.97
C ALA L 229 86.66 -42.19 -4.67
N ALA L 230 86.35 -42.31 -5.96
CA ALA L 230 86.71 -43.52 -6.69
C ALA L 230 88.23 -43.63 -6.84
N VAL L 231 88.90 -42.52 -7.09
CA VAL L 231 90.36 -42.53 -7.17
C VAL L 231 90.95 -42.90 -5.81
N GLU L 232 90.45 -42.28 -4.75
CA GLU L 232 90.91 -42.59 -3.41
C GLU L 232 90.70 -44.06 -3.07
N LEU L 233 89.56 -44.62 -3.49
CA LEU L 233 89.30 -46.04 -3.26
C LEU L 233 90.26 -46.91 -4.06
N ALA L 234 90.49 -46.57 -5.33
CA ALA L 234 91.38 -47.36 -6.17
C ALA L 234 92.82 -47.31 -5.66
N GLN L 235 93.23 -46.17 -5.11
CA GLN L 235 94.60 -46.05 -4.59
C GLN L 235 94.80 -46.95 -3.38
N LYS L 236 93.77 -47.08 -2.53
CA LYS L 236 93.91 -47.93 -1.35
C LYS L 236 93.99 -49.41 -1.71
N LEU L 237 93.41 -49.81 -2.84
CA LEU L 237 93.42 -51.20 -3.27
C LEU L 237 94.39 -51.48 -4.42
N ASN L 238 95.11 -50.47 -4.91
CA ASN L 238 96.04 -50.64 -6.03
C ASN L 238 95.38 -51.16 -7.29
N LEU L 239 94.20 -50.64 -7.60
CA LEU L 239 93.59 -50.86 -8.90
C LEU L 239 94.02 -49.71 -9.81
N GLU L 240 94.15 -50.00 -11.10
CA GLU L 240 94.42 -48.93 -12.05
C GLU L 240 93.20 -48.02 -12.15
N TYR L 241 93.45 -46.71 -12.27
CA TYR L 241 92.35 -45.75 -12.30
C TYR L 241 92.63 -44.70 -13.35
N LYS L 242 91.55 -44.18 -13.92
CA LYS L 242 91.62 -43.16 -14.97
C LYS L 242 90.32 -42.38 -14.94
N ILE L 243 90.41 -41.06 -14.81
CA ILE L 243 89.25 -40.18 -14.76
C ILE L 243 89.24 -39.35 -16.04
N LEU L 244 88.20 -39.53 -16.85
CA LEU L 244 88.08 -38.83 -18.12
C LEU L 244 87.38 -37.50 -17.89
N GLY L 245 88.04 -36.40 -18.25
CA GLY L 245 87.47 -35.08 -18.13
C GLY L 245 86.73 -34.68 -19.39
N VAL L 246 86.19 -33.45 -19.36
CA VAL L 246 85.34 -32.98 -20.45
C VAL L 246 86.10 -32.98 -21.76
N LYS L 247 87.38 -32.57 -21.72
CA LYS L 247 88.17 -32.47 -22.94
C LYS L 247 88.36 -33.83 -23.60
N GLU L 248 88.67 -34.86 -22.81
CA GLU L 248 88.80 -36.21 -23.37
C GLU L 248 87.46 -36.76 -23.82
N LEU L 249 86.39 -36.48 -23.08
CA LEU L 249 85.08 -36.97 -23.46
C LEU L 249 84.62 -36.33 -24.76
N GLU L 250 84.95 -35.06 -24.97
CA GLU L 250 84.66 -34.43 -26.25
C GLU L 250 85.45 -35.07 -27.37
N GLU L 251 86.72 -35.41 -27.11
CA GLU L 251 87.53 -36.10 -28.11
C GLU L 251 86.98 -37.48 -28.43
N LEU L 252 86.40 -38.17 -27.44
CA LEU L 252 85.76 -39.45 -27.69
C LEU L 252 84.34 -39.30 -28.22
N LYS L 253 83.87 -38.06 -28.42
CA LYS L 253 82.59 -37.77 -29.08
C LYS L 253 81.40 -38.38 -28.31
N MET L 254 81.49 -38.40 -26.98
CA MET L 254 80.42 -38.92 -26.15
C MET L 254 79.33 -37.85 -26.00
N GLY L 255 78.62 -37.62 -27.10
CA GLY L 255 77.65 -36.54 -27.13
C GLY L 255 76.43 -36.80 -26.28
N ALA L 256 75.99 -38.06 -26.22
CA ALA L 256 74.82 -38.39 -25.40
C ALA L 256 75.13 -38.19 -23.92
N TYR L 257 76.28 -38.70 -23.48
CA TYR L 257 76.67 -38.55 -22.08
C TYR L 257 76.92 -37.08 -21.74
N LEU L 258 77.58 -36.33 -22.64
CA LEU L 258 77.89 -34.94 -22.35
C LEU L 258 76.65 -34.07 -22.36
N SER L 259 75.64 -34.40 -23.17
CA SER L 259 74.44 -33.58 -23.25
C SER L 259 73.67 -33.58 -21.93
N VAL L 260 73.69 -34.71 -21.21
CA VAL L 260 72.96 -34.79 -19.95
C VAL L 260 73.54 -33.83 -18.93
N GLY L 261 74.86 -33.72 -18.88
CA GLY L 261 75.52 -32.88 -17.90
C GLY L 261 75.72 -31.43 -18.29
N LYS L 262 75.18 -31.01 -19.44
CA LYS L 262 75.38 -29.64 -19.90
C LYS L 262 74.83 -28.63 -18.90
N GLY L 263 73.69 -28.94 -18.29
CA GLY L 263 73.06 -28.02 -17.37
C GLY L 263 73.58 -28.04 -15.95
N SER L 264 74.64 -28.80 -15.67
CA SER L 264 75.16 -28.91 -14.32
C SER L 264 76.36 -27.98 -14.12
N MET L 265 76.51 -27.49 -12.89
CA MET L 265 77.69 -26.71 -12.52
C MET L 265 78.91 -27.58 -12.27
N TYR L 266 78.73 -28.90 -12.20
CA TYR L 266 79.82 -29.86 -11.98
C TYR L 266 80.20 -30.50 -13.29
N PRO L 267 81.48 -30.46 -13.68
CA PRO L 267 81.89 -31.09 -14.94
C PRO L 267 81.72 -32.59 -14.91
N ASN L 268 81.47 -33.16 -16.09
CA ASN L 268 81.33 -34.59 -16.22
C ASN L 268 82.64 -35.30 -15.88
N LYS L 269 82.53 -36.47 -15.24
CA LYS L 269 83.68 -37.27 -14.88
C LYS L 269 83.38 -38.73 -15.18
N PHE L 270 84.18 -39.35 -16.03
CA PHE L 270 84.02 -40.74 -16.40
C PHE L 270 85.00 -41.57 -15.58
N ILE L 271 84.46 -42.46 -14.75
CA ILE L 271 85.27 -43.29 -13.86
C ILE L 271 85.64 -44.58 -14.59
N HIS L 272 86.92 -44.92 -14.57
CA HIS L 272 87.42 -46.16 -15.16
C HIS L 272 88.43 -46.76 -14.18
N LEU L 273 87.97 -47.72 -13.38
CA LEU L 273 88.84 -48.50 -12.53
C LEU L 273 89.09 -49.86 -13.17
N THR L 274 90.28 -50.40 -12.96
CA THR L 274 90.66 -51.67 -13.55
C THR L 274 91.34 -52.55 -12.52
N TYR L 275 90.90 -53.80 -12.44
CA TYR L 275 91.58 -54.82 -11.67
C TYR L 275 92.07 -55.89 -12.63
N LYS L 276 93.38 -56.12 -12.65
CA LYS L 276 93.97 -57.18 -13.46
C LYS L 276 94.50 -58.25 -12.52
N SER L 277 94.26 -59.51 -12.87
CA SER L 277 94.68 -60.60 -12.01
C SER L 277 96.07 -61.10 -12.39
N LYS L 278 96.72 -61.70 -11.39
CA LYS L 278 98.02 -62.33 -11.61
C LYS L 278 97.79 -63.65 -12.34
N GLY L 279 98.57 -63.89 -13.38
CA GLY L 279 98.44 -65.11 -14.15
C GLY L 279 97.62 -64.91 -15.41
N ASP L 280 97.30 -66.03 -16.04
CA ASP L 280 96.51 -66.02 -17.26
C ASP L 280 95.10 -65.52 -16.98
N VAL L 281 94.70 -64.47 -17.69
CA VAL L 281 93.34 -63.93 -17.60
C VAL L 281 92.42 -64.84 -18.42
N LYS L 282 91.42 -65.40 -17.76
CA LYS L 282 90.50 -66.30 -18.44
C LYS L 282 89.16 -65.66 -18.76
N LYS L 283 88.79 -64.58 -18.07
CA LYS L 283 87.54 -63.88 -18.32
C LYS L 283 87.80 -62.38 -18.19
N LYS L 284 87.32 -61.61 -19.17
CA LYS L 284 87.41 -60.16 -19.14
C LYS L 284 85.99 -59.60 -19.00
N ILE L 285 85.79 -58.78 -17.99
CA ILE L 285 84.46 -58.28 -17.64
C ILE L 285 84.50 -56.77 -17.50
N ALA L 286 83.47 -56.11 -18.01
CA ALA L 286 83.27 -54.68 -17.84
C ALA L 286 81.98 -54.48 -17.06
N LEU L 287 82.06 -53.79 -15.93
CA LEU L 287 80.91 -53.48 -15.10
C LEU L 287 80.61 -52.00 -15.22
N VAL L 288 79.40 -51.68 -15.66
CA VAL L 288 78.98 -50.31 -15.93
C VAL L 288 77.92 -49.91 -14.93
N GLY L 289 78.14 -48.79 -14.24
CA GLY L 289 77.18 -48.29 -13.29
C GLY L 289 76.65 -46.93 -13.67
N LYS L 290 75.33 -46.74 -13.60
CA LYS L 290 74.75 -45.43 -13.86
C LYS L 290 75.11 -44.47 -12.75
N GLY L 291 75.70 -43.34 -13.12
CA GLY L 291 76.19 -42.41 -12.12
C GLY L 291 75.61 -41.01 -12.21
N ILE L 292 74.30 -40.89 -12.07
CA ILE L 292 73.66 -39.60 -12.00
C ILE L 292 73.60 -39.19 -10.53
N THR L 293 74.46 -38.23 -10.16
CA THR L 293 74.55 -37.84 -8.76
C THR L 293 73.27 -37.18 -8.27
N PHE L 294 72.56 -36.49 -9.16
CA PHE L 294 71.21 -36.02 -8.86
C PHE L 294 70.43 -35.96 -10.16
N ASP L 295 69.20 -36.47 -10.13
CA ASP L 295 68.32 -36.49 -11.30
C ASP L 295 67.12 -35.62 -11.00
N SER L 296 67.22 -34.33 -11.32
CA SER L 296 66.06 -33.46 -11.22
C SER L 296 65.06 -33.74 -12.33
N GLY L 297 65.47 -34.47 -13.38
CA GLY L 297 64.66 -34.71 -14.55
C GLY L 297 64.96 -33.78 -15.71
N GLY L 298 65.75 -32.73 -15.50
CA GLY L 298 65.96 -31.76 -16.55
C GLY L 298 64.70 -30.93 -16.76
N TYR L 299 64.57 -30.40 -17.97
CA TYR L 299 63.38 -29.61 -18.29
C TYR L 299 62.10 -30.43 -18.22
N ASN L 300 62.20 -31.76 -18.35
CA ASN L 300 61.11 -32.66 -17.96
C ASN L 300 61.17 -32.88 -16.44
N LEU L 301 60.93 -31.79 -15.72
CA LEU L 301 61.16 -31.76 -14.28
C LEU L 301 60.29 -32.80 -13.56
N LYS L 302 60.86 -33.40 -12.52
CA LYS L 302 60.14 -34.35 -11.68
C LYS L 302 59.19 -33.56 -10.77
N ALA L 303 58.07 -33.16 -11.35
CA ALA L 303 57.05 -32.40 -10.62
C ALA L 303 55.72 -33.13 -10.51
N ALA L 304 55.53 -34.23 -11.23
CA ALA L 304 54.31 -34.98 -11.15
C ALA L 304 54.20 -35.66 -9.79
N PRO L 305 52.99 -35.89 -9.29
CA PRO L 305 52.83 -36.60 -8.02
C PRO L 305 53.44 -37.99 -8.08
N GLY L 306 54.20 -38.34 -7.05
CA GLY L 306 54.85 -39.63 -6.98
C GLY L 306 56.21 -39.71 -7.66
N SER L 307 56.68 -38.62 -8.28
CA SER L 307 57.98 -38.67 -8.92
C SER L 307 59.12 -38.71 -7.91
N MET L 308 58.88 -38.24 -6.68
CA MET L 308 59.81 -38.37 -5.57
C MET L 308 61.18 -37.78 -5.92
N ILE L 309 61.20 -36.48 -6.17
CA ILE L 309 62.44 -35.81 -6.52
C ILE L 309 63.40 -35.80 -5.34
N ASP L 310 62.88 -35.86 -4.11
CA ASP L 310 63.74 -35.84 -2.93
C ASP L 310 64.53 -37.13 -2.74
N LEU L 311 64.17 -38.19 -3.46
CA LEU L 311 64.91 -39.44 -3.40
C LEU L 311 66.06 -39.51 -4.40
N MET L 312 66.05 -38.64 -5.40
CA MET L 312 66.91 -38.76 -6.58
C MET L 312 68.39 -38.57 -6.29
N LYS L 313 68.84 -38.44 -5.04
CA LYS L 313 70.26 -38.59 -4.76
C LYS L 313 70.72 -40.04 -4.96
N PHE L 314 69.78 -40.98 -4.97
CA PHE L 314 70.08 -42.40 -5.10
C PHE L 314 70.29 -42.82 -6.55
N ASP L 315 70.21 -41.89 -7.50
CA ASP L 315 70.31 -42.23 -8.92
C ASP L 315 71.71 -42.63 -9.35
N MET L 316 72.68 -42.66 -8.43
CA MET L 316 74.00 -43.23 -8.70
C MET L 316 74.18 -44.58 -8.01
N SER L 317 73.07 -45.26 -7.69
CA SER L 317 73.15 -46.54 -7.01
C SER L 317 73.89 -47.57 -7.86
N GLY L 318 73.71 -47.52 -9.17
CA GLY L 318 74.46 -48.41 -10.05
C GLY L 318 75.96 -48.17 -9.97
N CYS L 319 76.36 -46.90 -10.00
CA CYS L 319 77.76 -46.56 -9.83
C CYS L 319 78.28 -47.01 -8.46
N ALA L 320 77.46 -46.82 -7.41
CA ALA L 320 77.88 -47.22 -6.07
C ALA L 320 78.04 -48.74 -5.98
N ALA L 321 77.14 -49.49 -6.61
CA ALA L 321 77.26 -50.95 -6.60
C ALA L 321 78.52 -51.40 -7.32
N VAL L 322 78.84 -50.74 -8.44
CA VAL L 322 80.06 -51.09 -9.18
C VAL L 322 81.29 -50.76 -8.36
N LEU L 323 81.29 -49.60 -7.67
CA LEU L 323 82.43 -49.25 -6.82
C LEU L 323 82.51 -50.15 -5.60
N GLY L 324 81.36 -50.50 -5.02
CA GLY L 324 81.36 -51.44 -3.90
C GLY L 324 81.88 -52.80 -4.30
N CYS L 325 81.57 -53.23 -5.52
CA CYS L 325 82.12 -54.48 -6.03
C CYS L 325 83.63 -54.36 -6.22
N ALA L 326 84.11 -53.18 -6.62
CA ALA L 326 85.55 -52.97 -6.78
C ALA L 326 86.30 -53.16 -5.47
N TYR L 327 85.68 -52.79 -4.35
CA TYR L 327 86.31 -53.02 -3.05
C TYR L 327 86.45 -54.51 -2.77
N CYS L 328 85.36 -55.27 -2.96
CA CYS L 328 85.39 -56.70 -2.68
C CYS L 328 86.39 -57.41 -3.58
N VAL L 329 86.41 -57.08 -4.87
CA VAL L 329 87.36 -57.70 -5.79
C VAL L 329 88.78 -57.32 -5.44
N GLY L 330 89.01 -56.04 -5.11
CA GLY L 330 90.35 -55.60 -4.76
C GLY L 330 90.84 -56.19 -3.45
N THR L 331 89.93 -56.55 -2.55
CA THR L 331 90.28 -57.13 -1.27
C THR L 331 90.46 -58.65 -1.36
N LEU L 332 89.51 -59.34 -1.98
CA LEU L 332 89.58 -60.79 -2.10
C LEU L 332 90.57 -61.24 -3.16
N LYS L 333 90.86 -60.39 -4.15
CA LYS L 333 91.85 -60.64 -5.19
C LYS L 333 91.58 -61.98 -5.90
N PRO L 334 90.54 -62.06 -6.71
CA PRO L 334 90.29 -63.28 -7.49
C PRO L 334 91.34 -63.49 -8.56
N GLU L 335 91.33 -64.68 -9.13
CA GLU L 335 92.32 -65.07 -10.13
C GLU L 335 91.67 -65.27 -11.49
N ASN L 336 92.48 -65.11 -12.55
CA ASN L 336 92.07 -65.38 -13.93
C ASN L 336 90.93 -64.47 -14.39
N VAL L 337 90.87 -63.24 -13.87
CA VAL L 337 89.80 -62.31 -14.24
C VAL L 337 90.39 -60.91 -14.41
N GLU L 338 89.86 -60.17 -15.38
CA GLU L 338 90.18 -58.76 -15.57
C GLU L 338 88.87 -58.00 -15.59
N ILE L 339 88.68 -57.11 -14.63
CA ILE L 339 87.41 -56.41 -14.45
C ILE L 339 87.65 -54.91 -14.61
N HIS L 340 86.79 -54.26 -15.39
CA HIS L 340 86.78 -52.82 -15.55
C HIS L 340 85.55 -52.26 -14.89
N PHE L 341 85.73 -51.28 -14.01
CA PHE L 341 84.66 -50.65 -13.27
C PHE L 341 84.43 -49.28 -13.88
N LEU L 342 83.30 -49.11 -14.56
CA LEU L 342 83.02 -47.92 -15.35
C LEU L 342 81.76 -47.22 -14.86
N SER L 343 81.76 -45.90 -14.98
CA SER L 343 80.58 -45.11 -14.65
C SER L 343 80.71 -43.74 -15.30
N ALA L 344 79.75 -43.38 -16.15
CA ALA L 344 79.70 -42.06 -16.76
C ALA L 344 78.92 -41.15 -15.81
N VAL L 345 79.66 -40.44 -14.96
CA VAL L 345 79.06 -39.67 -13.88
C VAL L 345 78.77 -38.26 -14.35
N CYS L 346 77.56 -37.79 -14.04
CA CYS L 346 77.14 -36.42 -14.34
C CYS L 346 75.92 -36.09 -13.48
N GLU L 347 75.34 -34.91 -13.73
CA GLU L 347 74.20 -34.42 -12.97
C GLU L 347 73.17 -33.83 -13.92
N ASN L 348 71.91 -34.19 -13.72
CA ASN L 348 70.80 -33.77 -14.59
C ASN L 348 70.09 -32.59 -13.92
N MET L 349 70.33 -31.39 -14.43
CA MET L 349 69.87 -30.16 -13.79
C MET L 349 69.12 -29.29 -14.80
N VAL L 350 68.45 -28.27 -14.27
CA VAL L 350 67.73 -27.30 -15.07
C VAL L 350 68.53 -26.00 -15.08
N SER L 351 68.83 -25.50 -16.28
CA SER L 351 69.67 -24.33 -16.44
C SER L 351 69.49 -23.79 -17.84
N LYS L 352 70.05 -22.60 -18.08
CA LYS L 352 70.11 -22.06 -19.42
C LYS L 352 70.99 -22.89 -20.35
N ASN L 353 71.88 -23.71 -19.78
CA ASN L 353 72.79 -24.55 -20.55
C ASN L 353 72.31 -25.98 -20.70
N SER L 354 71.18 -26.33 -20.11
CA SER L 354 70.70 -27.71 -20.16
C SER L 354 70.28 -28.08 -21.59
N TYR L 355 70.31 -29.37 -21.87
CA TYR L 355 69.78 -29.87 -23.12
C TYR L 355 68.25 -29.94 -23.05
N ARG L 356 67.61 -29.75 -24.19
CA ARG L 356 66.17 -29.56 -24.25
C ARG L 356 65.48 -30.83 -24.74
N PRO L 357 64.20 -31.00 -24.40
CA PRO L 357 63.39 -32.02 -25.07
C PRO L 357 63.30 -31.70 -26.56
N GLY L 358 63.52 -32.72 -27.38
CA GLY L 358 63.56 -32.57 -28.82
C GLY L 358 64.95 -32.45 -29.41
N ASP L 359 65.95 -32.15 -28.58
CA ASP L 359 67.33 -32.05 -29.05
C ASP L 359 67.77 -33.36 -29.68
N ILE L 360 68.58 -33.26 -30.74
CA ILE L 360 69.17 -34.42 -31.40
C ILE L 360 70.66 -34.42 -31.09
N ILE L 361 71.12 -35.50 -30.48
CA ILE L 361 72.50 -35.63 -30.03
C ILE L 361 73.13 -36.84 -30.69
N THR L 362 74.46 -36.87 -30.70
CA THR L 362 75.22 -37.90 -31.40
C THR L 362 76.05 -38.68 -30.39
N ALA L 363 75.83 -39.99 -30.33
CA ALA L 363 76.60 -40.85 -29.45
C ALA L 363 78.00 -41.07 -30.02
N SER L 364 78.86 -41.70 -29.21
CA SER L 364 80.25 -41.92 -29.61
C SER L 364 80.39 -42.96 -30.72
N ASN L 365 79.35 -43.72 -31.02
CA ASN L 365 79.37 -44.67 -32.12
C ASN L 365 78.73 -44.13 -33.38
N GLY L 366 78.43 -42.83 -33.41
CA GLY L 366 77.87 -42.18 -34.59
C GLY L 366 76.36 -42.13 -34.66
N LYS L 367 75.66 -42.85 -33.77
CA LYS L 367 74.21 -42.88 -33.82
C LYS L 367 73.62 -41.58 -33.28
N THR L 368 72.75 -40.96 -34.06
CA THR L 368 72.04 -39.76 -33.63
C THR L 368 70.77 -40.17 -32.88
N ILE L 369 70.52 -39.49 -31.76
CA ILE L 369 69.41 -39.81 -30.87
C ILE L 369 68.52 -38.59 -30.74
N GLU L 370 67.21 -38.77 -30.91
CA GLU L 370 66.24 -37.71 -30.69
C GLU L 370 65.73 -37.80 -29.26
N VAL L 371 65.98 -36.76 -28.47
CA VAL L 371 65.60 -36.75 -27.07
C VAL L 371 64.12 -36.42 -26.95
N GLY L 372 63.33 -37.35 -26.44
CA GLY L 372 61.92 -37.13 -26.24
C GLY L 372 61.57 -36.76 -24.81
N ASN L 373 62.50 -37.03 -23.90
CA ASN L 373 62.27 -36.80 -22.48
C ASN L 373 63.62 -36.66 -21.80
N THR L 374 63.91 -35.46 -21.26
CA THR L 374 65.19 -35.23 -20.59
C THR L 374 65.30 -36.02 -19.29
N ASP L 375 64.20 -36.54 -18.77
CA ASP L 375 64.25 -37.37 -17.56
C ASP L 375 64.64 -38.81 -17.86
N ALA L 376 64.70 -39.20 -19.13
CA ALA L 376 65.25 -40.50 -19.50
C ALA L 376 66.73 -40.38 -19.82
N GLU L 377 67.48 -39.75 -18.91
CA GLU L 377 68.88 -39.43 -19.15
C GLU L 377 69.81 -40.59 -18.82
N GLY L 378 69.36 -41.55 -18.03
CA GLY L 378 70.21 -42.67 -17.65
C GLY L 378 70.66 -43.49 -18.84
N ARG L 379 69.72 -43.80 -19.74
CA ARG L 379 70.06 -44.57 -20.93
C ARG L 379 70.98 -43.81 -21.88
N LEU L 380 70.96 -42.48 -21.83
CA LEU L 380 71.87 -41.70 -22.66
C LEU L 380 73.31 -41.81 -22.16
N THR L 381 73.50 -41.67 -20.84
CA THR L 381 74.84 -41.83 -20.28
C THR L 381 75.32 -43.27 -20.41
N LEU L 382 74.41 -44.24 -20.24
CA LEU L 382 74.80 -45.65 -20.38
C LEU L 382 75.16 -45.99 -21.82
N ALA L 383 74.54 -45.32 -22.79
CA ALA L 383 74.82 -45.60 -24.20
C ALA L 383 76.29 -45.38 -24.52
N ASP L 384 76.83 -44.21 -24.14
CA ASP L 384 78.23 -43.93 -24.40
C ASP L 384 79.14 -44.82 -23.56
N ALA L 385 78.74 -45.16 -22.34
CA ALA L 385 79.55 -46.03 -21.50
C ALA L 385 79.60 -47.44 -22.06
N LEU L 386 78.50 -47.90 -22.66
CA LEU L 386 78.49 -49.24 -23.25
C LEU L 386 79.39 -49.30 -24.49
N VAL L 387 79.39 -48.23 -25.29
CA VAL L 387 80.31 -48.16 -26.42
C VAL L 387 81.76 -48.16 -25.93
N TYR L 388 82.04 -47.40 -24.87
CA TYR L 388 83.37 -47.41 -24.27
C TYR L 388 83.73 -48.79 -23.74
N ALA L 389 82.76 -49.48 -23.14
CA ALA L 389 83.03 -50.80 -22.55
C ALA L 389 83.36 -51.82 -23.65
N GLU L 390 82.58 -51.82 -24.73
CA GLU L 390 82.83 -52.79 -25.80
C GLU L 390 84.17 -52.54 -26.47
N LYS L 391 84.61 -51.29 -26.52
CA LYS L 391 85.91 -50.98 -27.11
C LYS L 391 87.07 -51.55 -26.29
N LEU L 392 86.83 -51.90 -25.03
CA LEU L 392 87.86 -52.51 -24.21
C LEU L 392 88.12 -53.98 -24.57
N GLY L 393 87.25 -54.58 -25.38
CA GLY L 393 87.42 -55.96 -25.77
C GLY L 393 87.26 -56.95 -24.63
N VAL L 394 86.08 -56.96 -24.01
CA VAL L 394 85.79 -57.84 -22.89
C VAL L 394 84.88 -58.97 -23.38
N ASP L 395 84.72 -59.98 -22.52
CA ASP L 395 83.82 -61.09 -22.80
C ASP L 395 82.39 -60.80 -22.36
N TYR L 396 82.22 -60.10 -21.24
CA TYR L 396 80.91 -59.78 -20.71
C TYR L 396 80.82 -58.30 -20.36
N ILE L 397 79.71 -57.68 -20.69
CA ILE L 397 79.38 -56.34 -20.25
C ILE L 397 78.12 -56.43 -19.41
N VAL L 398 78.20 -56.00 -18.16
CA VAL L 398 77.07 -56.01 -17.23
C VAL L 398 76.88 -54.60 -16.71
N ASP L 399 75.71 -54.02 -16.96
CA ASP L 399 75.37 -52.70 -16.43
C ASP L 399 74.28 -52.83 -15.38
N ILE L 400 74.34 -51.93 -14.39
CA ILE L 400 73.37 -51.88 -13.30
C ILE L 400 72.97 -50.42 -13.12
N ALA L 401 71.67 -50.16 -13.04
CA ALA L 401 71.18 -48.79 -13.13
C ALA L 401 69.79 -48.68 -12.51
N THR L 402 69.53 -47.54 -11.87
CA THR L 402 68.18 -47.16 -11.46
C THR L 402 67.52 -46.47 -12.66
N LEU L 403 67.11 -47.31 -13.63
CA LEU L 403 66.77 -46.79 -14.94
C LEU L 403 65.30 -46.38 -15.07
N THR L 404 64.37 -47.28 -14.74
CA THR L 404 62.95 -47.04 -15.02
C THR L 404 62.12 -47.26 -13.78
N GLY L 405 61.25 -46.29 -13.47
CA GLY L 405 60.32 -46.43 -12.36
C GLY L 405 59.28 -47.51 -12.58
N ALA L 406 59.12 -47.98 -13.81
CA ALA L 406 58.17 -49.06 -14.09
C ALA L 406 58.55 -50.35 -13.39
N MET L 407 59.79 -50.47 -12.91
CA MET L 407 60.19 -51.66 -12.16
C MET L 407 59.36 -51.82 -10.89
N LEU L 408 58.85 -50.73 -10.34
CA LEU L 408 58.01 -50.81 -9.16
C LEU L 408 56.68 -51.51 -9.46
N TYR L 409 56.24 -51.46 -10.71
CA TYR L 409 54.97 -52.08 -11.11
C TYR L 409 55.14 -53.47 -11.69
N SER L 410 56.37 -53.90 -11.97
CA SER L 410 56.63 -55.23 -12.50
C SER L 410 57.09 -56.19 -11.40
N LEU L 411 58.26 -55.94 -10.81
CA LEU L 411 58.80 -56.81 -9.77
C LEU L 411 58.74 -56.22 -8.37
N GLY L 412 58.60 -54.90 -8.24
CA GLY L 412 58.47 -54.31 -6.93
C GLY L 412 59.78 -53.87 -6.30
N THR L 413 59.86 -53.93 -4.98
CA THR L 413 60.99 -53.41 -4.23
C THR L 413 61.97 -54.49 -3.79
N SER L 414 61.67 -55.76 -4.03
CA SER L 414 62.54 -56.85 -3.59
C SER L 414 63.37 -57.46 -4.70
N TYR L 415 62.79 -57.63 -5.89
CA TYR L 415 63.45 -58.31 -7.00
C TYR L 415 63.87 -57.29 -8.06
N ALA L 416 65.13 -57.33 -8.44
CA ALA L 416 65.59 -56.55 -9.59
C ALA L 416 65.35 -57.34 -10.87
N GLY L 417 65.29 -56.61 -11.99
CA GLY L 417 65.09 -57.21 -13.30
C GLY L 417 66.39 -57.24 -14.08
N VAL L 418 66.62 -58.34 -14.79
CA VAL L 418 67.79 -58.50 -15.65
C VAL L 418 67.32 -58.73 -17.08
N PHE L 419 67.87 -57.94 -18.00
CA PHE L 419 67.65 -58.10 -19.42
C PHE L 419 69.00 -58.35 -20.08
N GLY L 420 68.99 -58.92 -21.29
CA GLY L 420 70.25 -59.18 -21.95
C GLY L 420 70.05 -59.74 -23.34
N ASN L 421 71.17 -59.87 -24.05
CA ASN L 421 71.21 -60.40 -25.41
C ASN L 421 71.86 -61.77 -25.47
N ASN L 422 72.16 -62.39 -24.33
CA ASN L 422 72.89 -63.64 -24.28
C ASN L 422 72.33 -64.51 -23.17
N GLU L 423 71.85 -65.71 -23.52
CA GLU L 423 71.25 -66.58 -22.52
C GLU L 423 72.26 -67.04 -21.49
N GLU L 424 73.48 -67.37 -21.93
CA GLU L 424 74.48 -67.88 -20.99
C GLU L 424 74.86 -66.83 -19.96
N LEU L 425 74.97 -65.56 -20.37
CA LEU L 425 75.29 -64.51 -19.43
C LEU L 425 74.15 -64.26 -18.45
N ILE L 426 72.92 -64.29 -18.95
CA ILE L 426 71.76 -64.15 -18.07
C ILE L 426 71.73 -65.28 -17.04
N ASN L 427 72.11 -66.48 -17.46
CA ASN L 427 72.12 -67.62 -16.54
C ASN L 427 73.18 -67.44 -15.45
N LYS L 428 74.34 -66.88 -15.81
CA LYS L 428 75.37 -66.63 -14.81
C LYS L 428 74.90 -65.60 -13.77
N ILE L 429 74.21 -64.56 -14.23
CA ILE L 429 73.68 -63.55 -13.31
C ILE L 429 72.62 -64.17 -12.40
N LEU L 430 71.75 -65.02 -12.96
CA LEU L 430 70.75 -65.69 -12.14
C LEU L 430 71.39 -66.61 -11.12
N GLN L 431 72.47 -67.30 -11.52
CA GLN L 431 73.18 -68.14 -10.57
C GLN L 431 73.86 -67.31 -9.49
N SER L 432 74.43 -66.16 -9.86
CA SER L 432 75.03 -65.28 -8.88
C SER L 432 73.98 -64.69 -7.95
N SER L 433 72.74 -64.53 -8.43
CA SER L 433 71.66 -64.08 -7.57
C SER L 433 71.33 -65.10 -6.49
N LYS L 434 71.48 -66.40 -6.81
CA LYS L 434 71.19 -67.43 -5.82
C LYS L 434 72.25 -67.48 -4.72
N THR L 435 73.53 -67.36 -5.09
CA THR L 435 74.60 -67.47 -4.12
C THR L 435 74.80 -66.20 -3.32
N SER L 436 74.53 -65.03 -3.92
CA SER L 436 74.63 -63.76 -3.21
C SER L 436 73.36 -63.43 -2.43
N ASN L 437 72.25 -64.13 -2.70
CA ASN L 437 70.98 -63.91 -2.03
C ASN L 437 70.43 -62.49 -2.29
N GLU L 438 70.82 -61.90 -3.41
CA GLU L 438 70.22 -60.66 -3.88
C GLU L 438 69.27 -61.04 -5.03
N PRO L 439 67.95 -61.08 -4.80
CA PRO L 439 67.06 -61.71 -5.77
C PRO L 439 66.91 -60.89 -7.05
N VAL L 440 66.95 -61.60 -8.18
CA VAL L 440 66.82 -61.00 -9.50
C VAL L 440 65.97 -61.93 -10.36
N TRP L 441 65.14 -61.34 -11.22
CA TRP L 441 64.28 -62.10 -12.12
C TRP L 441 64.53 -61.71 -13.56
N TRP L 442 64.52 -62.71 -14.45
CA TRP L 442 64.81 -62.49 -15.86
C TRP L 442 63.57 -61.97 -16.57
N LEU L 443 63.72 -60.82 -17.24
CA LEU L 443 62.65 -60.21 -18.00
C LEU L 443 63.04 -60.14 -19.48
N PRO L 444 62.06 -60.19 -20.38
CA PRO L 444 62.38 -60.32 -21.81
C PRO L 444 62.62 -59.00 -22.51
N ILE L 445 63.47 -59.06 -23.53
CA ILE L 445 63.67 -57.96 -24.47
C ILE L 445 62.82 -58.30 -25.70
N ILE L 446 61.61 -57.74 -25.75
CA ILE L 446 60.64 -58.10 -26.78
C ILE L 446 60.95 -57.28 -28.03
N ASN L 447 61.40 -57.95 -29.09
CA ASN L 447 61.83 -57.26 -30.30
C ASN L 447 60.69 -56.59 -31.05
N GLU L 448 59.44 -57.02 -30.83
CA GLU L 448 58.32 -56.39 -31.51
C GLU L 448 58.18 -54.93 -31.14
N TYR L 449 58.68 -54.52 -29.98
CA TYR L 449 58.61 -53.13 -29.55
C TYR L 449 59.71 -52.27 -30.16
N ARG L 450 60.65 -52.86 -30.89
CA ARG L 450 61.77 -52.09 -31.42
C ARG L 450 61.32 -50.97 -32.35
N ALA L 451 60.21 -51.18 -33.07
CA ALA L 451 59.76 -50.18 -34.04
C ALA L 451 59.38 -48.85 -33.40
N THR L 452 59.04 -48.85 -32.11
CA THR L 452 58.65 -47.60 -31.46
C THR L 452 59.82 -46.66 -31.23
N LEU L 453 61.06 -47.12 -31.42
CA LEU L 453 62.24 -46.27 -31.31
C LEU L 453 62.68 -45.72 -32.67
N ASN L 454 61.92 -45.97 -33.73
CA ASN L 454 62.26 -45.44 -35.04
C ASN L 454 61.96 -43.95 -35.08
N SER L 455 62.99 -43.13 -35.08
CA SER L 455 62.82 -41.68 -35.11
C SER L 455 62.59 -41.20 -36.54
N LYS L 456 61.80 -40.13 -36.67
CA LYS L 456 61.54 -39.57 -37.99
C LYS L 456 62.75 -38.84 -38.54
N TYR L 457 63.58 -38.27 -37.66
CA TYR L 457 64.70 -37.45 -38.06
C TYR L 457 66.05 -37.98 -37.61
N ALA L 458 66.15 -38.47 -36.37
CA ALA L 458 67.40 -39.03 -35.88
C ALA L 458 67.48 -40.50 -36.24
N ASP L 459 68.62 -41.12 -35.92
CA ASP L 459 68.78 -42.55 -36.19
C ASP L 459 67.84 -43.38 -35.32
N ILE L 460 67.62 -42.94 -34.07
CA ILE L 460 66.83 -43.71 -33.11
C ILE L 460 66.20 -42.75 -32.12
N ASN L 461 65.05 -43.15 -31.59
CA ASN L 461 64.41 -42.40 -30.51
C ASN L 461 64.99 -42.81 -29.16
N GLN L 462 65.10 -41.84 -28.26
CA GLN L 462 65.53 -42.15 -26.90
C GLN L 462 64.43 -42.89 -26.14
N ILE L 463 63.17 -42.46 -26.30
CA ILE L 463 62.05 -43.05 -25.59
C ILE L 463 60.95 -43.39 -26.58
N SER L 464 60.04 -44.25 -26.13
CA SER L 464 58.80 -44.51 -26.84
C SER L 464 57.73 -43.54 -26.38
N SER L 465 56.99 -42.99 -27.34
CA SER L 465 55.88 -42.10 -27.01
C SER L 465 54.57 -42.83 -26.79
N SER L 466 54.54 -44.13 -27.10
CA SER L 466 53.31 -44.93 -27.01
C SER L 466 53.44 -46.08 -26.03
N VAL L 467 54.38 -47.01 -26.27
CA VAL L 467 54.49 -48.21 -25.44
C VAL L 467 54.79 -47.84 -24.00
N LYS L 468 54.00 -48.39 -23.08
CA LYS L 468 54.16 -48.10 -21.66
C LYS L 468 55.09 -49.09 -20.95
N ALA L 469 55.57 -50.12 -21.64
CA ALA L 469 56.54 -51.04 -21.06
C ALA L 469 57.93 -50.41 -21.14
N SER L 470 58.12 -49.38 -20.30
CA SER L 470 59.31 -48.54 -20.41
C SER L 470 60.59 -49.31 -20.07
N SER L 471 60.53 -50.24 -19.13
CA SER L 471 61.72 -51.00 -18.77
C SER L 471 62.22 -51.86 -19.94
N ILE L 472 61.30 -52.38 -20.75
CA ILE L 472 61.70 -53.17 -21.91
C ILE L 472 62.20 -52.25 -23.04
N VAL L 473 61.52 -51.14 -23.26
CA VAL L 473 61.93 -50.19 -24.30
C VAL L 473 63.33 -49.65 -24.00
N ALA L 474 63.60 -49.33 -22.73
CA ALA L 474 64.92 -48.86 -22.36
C ALA L 474 65.98 -49.93 -22.63
N SER L 475 65.65 -51.20 -22.38
CA SER L 475 66.58 -52.27 -22.71
C SER L 475 66.81 -52.38 -24.21
N LEU L 476 65.77 -52.14 -25.00
CA LEU L 476 65.93 -52.14 -26.45
C LEU L 476 66.83 -51.01 -26.90
N PHE L 477 66.74 -49.86 -26.22
CA PHE L 477 67.62 -48.73 -26.55
C PHE L 477 69.06 -49.05 -26.21
N LEU L 478 69.31 -49.62 -25.03
CA LEU L 478 70.67 -49.97 -24.64
C LEU L 478 71.27 -51.02 -25.56
N LYS L 479 70.43 -51.94 -26.07
CA LYS L 479 70.95 -53.01 -26.94
C LYS L 479 71.55 -52.46 -28.22
N GLU L 480 71.08 -51.30 -28.67
CA GLU L 480 71.60 -50.71 -29.91
C GLU L 480 73.03 -50.20 -29.76
N PHE L 481 73.60 -50.23 -28.56
CA PHE L 481 74.97 -49.75 -28.34
C PHE L 481 75.92 -50.86 -27.92
N VAL L 482 75.51 -52.12 -28.05
CA VAL L 482 76.40 -53.27 -27.89
C VAL L 482 76.26 -54.11 -29.15
N GLN L 483 77.32 -54.17 -29.95
CA GLN L 483 77.23 -54.76 -31.29
C GLN L 483 77.55 -56.24 -31.32
N ASN L 484 78.58 -56.69 -30.61
CA ASN L 484 79.04 -58.07 -30.75
C ASN L 484 79.67 -58.55 -29.45
N THR L 485 79.00 -58.29 -28.33
CA THR L 485 79.48 -58.73 -27.02
C THR L 485 78.31 -59.18 -26.16
N ALA L 486 78.50 -60.25 -25.42
CA ALA L 486 77.49 -60.70 -24.47
C ALA L 486 77.25 -59.60 -23.43
N TRP L 487 76.00 -59.16 -23.31
CA TRP L 487 75.68 -58.00 -22.50
C TRP L 487 74.40 -58.26 -21.73
N ALA L 488 74.38 -57.83 -20.46
CA ALA L 488 73.21 -57.93 -19.61
C ALA L 488 73.00 -56.60 -18.89
N HIS L 489 71.74 -56.33 -18.53
CA HIS L 489 71.34 -55.04 -17.96
C HIS L 489 70.45 -55.30 -16.76
N ILE L 490 70.83 -54.77 -15.60
CA ILE L 490 70.11 -54.98 -14.35
C ILE L 490 69.47 -53.66 -13.93
N ASP L 491 68.14 -53.64 -13.91
CA ASP L 491 67.39 -52.45 -13.52
C ASP L 491 67.05 -52.56 -12.03
N ILE L 492 67.66 -51.69 -11.23
CA ILE L 492 67.50 -51.73 -9.77
C ILE L 492 66.74 -50.51 -9.27
N ALA L 493 65.94 -49.87 -10.12
CA ALA L 493 65.26 -48.64 -9.71
C ALA L 493 64.27 -48.89 -8.58
N GLY L 494 63.69 -50.09 -8.51
CA GLY L 494 62.70 -50.39 -7.50
C GLY L 494 63.27 -50.95 -6.21
N VAL L 495 64.45 -51.57 -6.28
CA VAL L 495 65.01 -52.28 -5.14
C VAL L 495 66.14 -51.54 -4.46
N SER L 496 66.58 -50.40 -5.00
CA SER L 496 67.78 -49.75 -4.48
C SER L 496 67.54 -49.15 -3.10
N TRP L 497 66.38 -48.54 -2.89
CA TRP L 497 66.10 -47.83 -1.64
C TRP L 497 65.17 -48.64 -0.74
N ASN L 498 65.50 -48.66 0.55
CA ASN L 498 64.67 -49.31 1.58
C ASN L 498 63.83 -48.22 2.22
N PHE L 499 62.54 -48.19 1.87
CA PHE L 499 61.66 -47.12 2.33
C PHE L 499 61.19 -47.33 3.77
N LYS L 500 61.07 -48.58 4.21
CA LYS L 500 60.69 -48.82 5.60
C LYS L 500 61.77 -48.33 6.55
N ALA L 501 63.04 -48.57 6.22
CA ALA L 501 64.16 -48.15 7.06
C ALA L 501 64.72 -46.79 6.67
N ARG L 502 64.28 -46.22 5.55
CA ARG L 502 64.71 -44.89 5.09
C ARG L 502 66.22 -44.83 4.89
N LYS L 503 66.76 -45.81 4.17
CA LYS L 503 68.19 -45.91 3.93
C LYS L 503 68.40 -46.76 2.68
N PRO L 504 69.55 -46.63 2.03
CA PRO L 504 69.84 -47.48 0.86
C PRO L 504 70.09 -48.91 1.27
N LYS L 505 70.03 -49.80 0.27
CA LYS L 505 70.29 -51.21 0.48
C LYS L 505 71.70 -51.62 0.07
N GLY L 506 72.38 -50.82 -0.75
CA GLY L 506 73.61 -51.28 -1.36
C GLY L 506 73.41 -52.43 -2.31
N PHE L 507 72.25 -52.49 -2.95
CA PHE L 507 71.88 -53.63 -3.79
C PHE L 507 72.82 -53.74 -4.99
N GLY L 508 73.27 -54.97 -5.26
CA GLY L 508 74.08 -55.27 -6.42
C GLY L 508 75.54 -55.52 -6.13
N VAL L 509 76.05 -55.06 -4.99
CA VAL L 509 77.46 -55.23 -4.68
C VAL L 509 77.83 -56.70 -4.59
N ARG L 510 77.10 -57.45 -3.75
CA ARG L 510 77.41 -58.87 -3.57
C ARG L 510 77.05 -59.70 -4.79
N LEU L 511 75.98 -59.32 -5.49
CA LEU L 511 75.60 -60.05 -6.70
C LEU L 511 76.68 -59.94 -7.77
N LEU L 512 77.17 -58.72 -8.01
CA LEU L 512 78.20 -58.52 -9.03
C LEU L 512 79.51 -59.19 -8.62
N THR L 513 79.83 -59.18 -7.32
CA THR L 513 81.05 -59.82 -6.86
C THR L 513 80.98 -61.34 -7.05
N GLU L 514 79.84 -61.95 -6.69
CA GLU L 514 79.67 -63.38 -6.91
C GLU L 514 79.77 -63.73 -8.39
N PHE L 515 79.26 -62.86 -9.26
CA PHE L 515 79.37 -63.10 -10.69
C PHE L 515 80.82 -63.09 -11.15
N VAL L 516 81.65 -62.23 -10.55
CA VAL L 516 83.06 -62.16 -10.92
C VAL L 516 83.81 -63.36 -10.35
N LEU L 517 83.53 -63.72 -9.10
CA LEU L 517 84.30 -64.76 -8.42
C LEU L 517 83.97 -66.16 -8.91
N ASN L 518 82.73 -66.41 -9.32
CA ASN L 518 82.30 -67.77 -9.65
C ASN L 518 82.34 -68.09 -11.13
N ASP L 519 82.10 -67.12 -12.00
CA ASP L 519 82.14 -67.37 -13.44
C ASP L 519 82.36 -66.08 -14.23
C CO3 M . -49.56 11.44 13.34
O1 CO3 M . -48.30 11.76 13.26
O2 CO3 M . -50.31 11.46 12.28
O3 CO3 M . -50.06 11.09 14.50
ZN ZN N . -53.10 12.93 9.44
ZN ZN O . -52.99 15.46 11.45
OH3 1PE P . -62.50 -8.39 -10.96
C13 1PE P . -62.18 -6.11 -10.35
C23 1PE P . -63.11 -7.11 -10.94
OH4 1PE P . -61.20 -5.72 -11.31
C14 1PE P . -60.35 -3.99 -12.72
C24 1PE P . -61.53 -4.50 -11.96
OH5 1PE P . -60.17 -4.75 -13.91
C15 1PE P . -60.80 -5.13 -16.17
C25 1PE P . -61.22 -4.58 -14.84
OH6 1PE P . -60.49 -6.51 -16.06
C13 5IF Q . -48.51 16.01 9.24
C15 5IF Q . -48.35 15.61 6.89
C17 5IF Q . -47.55 17.41 5.33
C20 5IF Q . -46.94 18.38 2.82
C21 5IF Q . -46.61 18.91 1.44
C24 5IF Q . -47.78 18.74 5.02
C26 5IF Q . -48.08 17.30 9.08
C02 5IF Q . -47.18 16.34 12.31
C03 5IF Q . -46.88 17.25 13.49
C04 5IF Q . -45.95 16.52 14.46
C05 5IF Q . -46.21 18.53 13.01
C06 5IF Q . -48.18 17.59 14.21
C08 5IF Q . -48.88 15.49 10.64
C09 5IF Q . -50.34 15.07 10.70
C14 5IF Q . -48.65 15.16 8.16
C16 5IF Q . -47.89 16.91 6.72
C18 5IF Q . -47.01 16.56 4.38
C19 5IF Q . -46.70 17.04 3.12
C23 5IF Q . -47.48 19.22 3.77
C25 5IF Q . -47.75 17.76 7.81
N07 5IF Q . -48.52 16.35 11.74
N10 5IF Q . -50.70 13.70 11.02
O01 5IF Q . -46.35 15.62 11.87
O11 5IF Q . -52.05 13.35 11.08
O12 5IF Q . -51.19 15.87 10.48
O22 5IF Q . -45.96 20.15 1.58
C CO3 R . -60.93 37.24 29.42
O1 CO3 R . -60.99 35.99 29.79
O2 CO3 R . -62.03 37.86 29.11
O3 CO3 R . -59.80 37.87 29.38
ZN ZN S . -60.29 31.67 29.17
ZN ZN T . -60.17 32.57 26.17
S SO4 U . -71.19 21.16 15.04
O1 SO4 U . -70.24 20.43 14.20
O2 SO4 U . -70.59 21.37 16.36
O3 SO4 U . -71.48 22.44 14.42
O4 SO4 U . -72.41 20.38 15.18
OH4 1PE V . -61.09 12.25 54.51
C14 1PE V . -61.17 13.86 52.76
C24 1PE V . -60.37 13.29 53.87
OH5 1PE V . -62.32 14.53 53.27
C15 1PE V . -64.35 15.60 52.62
C25 1PE V . -63.45 14.43 52.41
OH6 1PE V . -65.63 15.15 53.05
C16 1PE V . -66.68 13.77 54.69
C26 1PE V . -65.67 14.84 54.43
OH7 1PE V . -66.90 13.57 56.07
C13 5IF W . -55.68 34.21 27.90
C15 5IF W . -54.39 32.93 29.47
C17 5IF W . -52.15 31.95 28.82
C20 5IF W . -49.88 30.47 29.34
C21 5IF W . -48.63 29.66 29.62
C24 5IF W . -51.52 31.28 27.79
C26 5IF W . -54.71 34.02 26.93
C02 5IF W . -56.44 37.12 26.30
C03 5IF W . -56.43 37.85 24.95
C04 5IF W . -57.66 38.75 24.87
C05 5IF W . -55.16 38.68 24.82
C06 5IF W . -56.49 36.81 23.84
C08 5IF W . -56.94 35.00 27.57
C09 5IF W . -58.19 34.13 27.64
C14 5IF W . -55.52 33.66 29.16
C16 5IF W . -53.40 32.76 28.51
C18 5IF W . -51.66 31.88 30.10
C19 5IF W . -50.52 31.14 30.36
C23 5IF W . -50.38 30.53 28.05
C25 5IF W . -53.57 33.30 27.24
N07 5IF W . -56.89 35.75 26.34
N10 5IF W . -59.25 34.41 28.58
O01 5IF W . -56.08 37.67 27.28
O11 5IF W . -60.39 33.58 28.60
O12 5IF W . -58.29 33.21 26.91
O22 5IF W . -47.56 30.18 28.88
C CO3 X . -64.16 35.41 -2.75
O1 CO3 X . -64.32 34.27 -3.35
O2 CO3 X . -65.06 35.82 -1.90
O3 CO3 X . -63.10 36.13 -2.98
ZN ZN Y . -66.43 36.58 2.14
ZN ZN Z . -64.23 34.56 2.78
S SO4 AA . -63.32 54.13 -26.70
O1 SO4 AA . -62.42 53.98 -27.83
O2 SO4 AA . -62.72 53.54 -25.50
O3 SO4 AA . -63.58 55.55 -26.47
O4 SO4 AA . -64.58 53.45 -26.99
OH4 1PE BA . -90.64 57.37 6.35
C14 1PE BA . -89.95 55.57 4.95
C24 1PE BA . -89.94 56.13 6.34
OH5 1PE BA . -89.08 54.45 4.88
C15 1PE BA . -90.51 53.30 3.33
C25 1PE BA . -89.77 53.23 4.63
OH6 1PE BA . -91.75 52.62 3.42
C26 1PE BA . -92.55 52.78 2.25
OH4 1PE CA . -83.60 39.47 21.34
C14 1PE CA . -85.32 38.09 22.27
C24 1PE CA . -83.88 38.47 22.31
OH5 1PE CA . -85.51 36.96 21.43
C15 1PE CA . -87.53 37.63 20.35
C25 1PE CA . -86.87 36.62 21.24
OH6 1PE CA . -88.94 37.54 20.47
C26 1PE CA . -89.48 38.41 21.45
C13 5IF DA . -61.48 38.52 1.98
C15 5IF DA . -62.19 40.73 2.61
C17 5IF DA . -60.80 42.17 4.13
C20 5IF DA . -60.33 44.48 5.58
C21 5IF DA . -60.08 45.75 6.39
C24 5IF DA . -60.13 42.10 5.34
C26 5IF DA . -60.33 38.67 2.75
C02 5IF DA . -59.60 36.56 0.05
C03 5IF DA . -58.45 35.55 -0.03
C04 5IF DA . -58.92 34.31 -0.79
C05 5IF DA . -57.26 36.17 -0.75
C06 5IF DA . -58.04 35.13 1.39
C08 5IF DA . -61.75 37.22 1.25
C09 5IF DA . -62.89 36.47 1.94
C14 5IF DA . -62.42 39.55 1.93
C16 5IF DA . -61.04 40.87 3.36
C18 5IF DA . -61.24 43.39 3.64
C19 5IF DA . -61.01 44.55 4.37
C23 5IF DA . -59.89 43.26 6.06
C25 5IF DA . -60.11 39.85 3.43
N07 5IF DA . -60.62 36.34 1.06
N10 5IF DA . -64.15 36.21 1.27
O01 5IF DA . -59.64 37.50 -0.67
O11 5IF DA . -64.35 36.64 -0.04
O12 5IF DA . -62.73 36.12 3.06
O22 5IF DA . -58.82 45.65 6.99
C CO3 EA . -40.13 52.67 -2.70
O1 CO3 EA . -39.25 52.10 -3.46
O2 CO3 EA . -41.14 52.00 -2.24
O3 CO3 EA . -39.99 53.94 -2.40
ZN ZN FA . -36.31 49.08 -3.87
ZN ZN GA . -36.80 48.79 -0.86
C13 5IF HA . -40.90 46.53 -2.58
C15 5IF HA . -40.74 45.10 -4.49
C17 5IF HA . -41.30 42.64 -4.33
C20 5IF HA . -41.51 40.10 -5.41
C21 5IF HA . -41.64 38.69 -5.99
C24 5IF HA . -41.14 41.53 -3.52
C26 5IF HA . -41.31 45.46 -1.80
C02 5IF HA . -42.69 48.36 -0.41
C03 5IF HA . -43.19 48.57 1.02
C04 5IF HA . -43.91 49.91 1.10
C05 5IF HA . -44.14 47.44 1.42
C06 5IF HA . -41.99 48.58 1.97
C08 5IF HA . -40.74 47.92 -1.97
C09 5IF HA . -39.30 48.39 -2.04
C14 5IF HA . -40.60 46.35 -3.92
C16 5IF HA . -41.16 44.03 -3.72
C18 5IF HA . -41.56 42.48 -5.68
C19 5IF HA . -41.66 41.21 -6.22
C23 5IF HA . -41.25 40.26 -4.05
C25 5IF HA . -41.44 44.22 -2.37
N07 5IF HA . -41.28 48.11 -0.64
N10 5IF HA . -38.96 49.70 -2.57
O01 5IF HA . -43.45 48.39 -1.32
O11 5IF HA . -37.61 50.10 -2.62
O12 5IF HA . -38.43 47.68 -1.66
O22 5IF HA . -42.97 38.27 -5.91
C CO3 IA . -32.80 46.21 28.09
O1 CO3 IA . -31.69 45.63 28.43
O2 CO3 IA . -33.93 45.59 28.23
O3 CO3 IA . -32.79 47.42 27.63
ZN ZN JA . -33.08 49.88 24.12
ZN ZN KA . -32.84 47.23 22.56
S SO4 LA . -19.57 48.26 8.36
O1 SO4 LA . -18.28 48.96 8.30
O2 SO4 LA . -19.35 46.86 8.67
O3 SO4 LA . -20.23 48.37 7.06
O4 SO4 LA . -20.41 48.87 9.39
S SO4 MA . -47.36 54.07 54.83
O1 SO4 MA . -47.09 54.32 53.42
O2 SO4 MA . -46.95 52.71 55.18
O3 SO4 MA . -46.62 55.02 55.65
O4 SO4 MA . -48.79 54.23 55.08
OH3 1PE NA . -29.88 81.43 31.48
C13 1PE NA . -30.17 79.46 30.18
C23 1PE NA . -29.95 80.93 30.15
OH4 1PE NA . -31.55 79.16 30.10
C14 1PE NA . -33.36 78.19 28.89
C24 1PE NA . -31.89 78.40 28.95
OH5 1PE NA . -34.02 79.39 28.54
C15 1PE NA . -36.07 80.58 28.20
C25 1PE NA . -35.44 79.27 28.50
OH6 1PE NA . -35.16 81.64 28.50
C13 5IF OA . -37.50 47.08 24.07
C15 5IF OA . -38.99 48.95 24.05
C17 5IF OA . -41.09 48.94 22.64
C20 5IF OA . -43.37 50.12 21.62
C21 5IF OA . -44.63 50.75 21.05
C24 5IF OA . -41.60 48.52 21.43
C26 5IF OA . -38.31 46.41 23.16
C02 5IF OA . -36.93 44.12 25.33
C03 5IF OA . -36.79 42.61 25.17
C04 5IF OA . -36.38 41.99 26.51
C05 5IF OA . -38.12 42.00 24.72
C06 5IF OA . -35.72 42.32 24.13
C08 5IF OA . -36.21 46.43 24.54
C09 5IF OA . -35.03 47.06 23.79
C14 5IF OA . -37.83 48.35 24.50
C16 5IF OA . -39.81 48.28 23.16
C18 5IF OA . -41.70 49.96 23.34
C19 5IF OA . -42.86 50.54 22.83
C23 5IF OA . -42.75 49.10 20.92
C25 5IF OA . -39.47 47.01 22.71
N07 5IF OA . -36.15 44.99 24.47
N10 5IF OA . -33.95 47.73 24.46
O01 5IF OA . -37.67 44.58 26.14
O11 5IF OA . -33.94 47.85 25.87
O12 5IF OA . -35.02 46.98 22.61
O22 5IF OA . -45.39 49.74 20.43
C CO3 PA . -24.83 25.25 4.75
O1 CO3 PA . -24.42 25.60 3.57
O2 CO3 PA . -25.90 24.51 4.89
O3 CO3 PA . -24.15 25.61 5.80
ZN ZN QA . -23.44 27.91 9.36
ZN ZN RA . -25.61 29.80 8.14
S SO4 SA . -2.60 37.89 19.45
O1 SO4 SA . -1.29 38.23 18.90
O2 SO4 SA . -3.06 36.64 18.84
O3 SO4 SA . -3.54 38.96 19.14
O4 SO4 SA . -2.51 37.73 20.89
C13 5IF TA . -28.44 26.23 9.90
C15 5IF TA . -28.07 25.08 11.98
C17 5IF TA . -29.77 25.22 13.84
C20 5IF TA . -30.68 24.68 16.39
C21 5IF TA . -31.19 24.39 17.79
C24 5IF TA . -30.66 26.08 14.46
C26 5IF TA . -29.64 26.72 10.36
C02 5IF TA . -29.83 25.95 6.91
C03 5IF TA . -30.85 26.41 5.88
C04 5IF TA . -32.26 26.16 6.39
C05 5IF TA . -30.66 27.91 5.63
C06 5IF TA . -30.63 25.66 4.58
C08 5IF TA . -27.94 26.61 8.51
C09 5IF TA . -26.90 27.71 8.62
C14 5IF TA . -27.65 25.42 10.70
C16 5IF TA . -29.29 25.56 12.44
C18 5IF TA . -29.33 24.09 14.50
C19 5IF TA . -29.78 23.82 15.78
C23 5IF TA . -31.12 25.81 15.74
C25 5IF TA . -30.07 26.39 11.65
N07 5IF TA . -28.96 26.93 7.53
N10 5IF TA . -25.55 27.53 8.14
O01 5IF TA . -29.76 24.81 7.21
O11 5IF TA . -25.16 26.31 7.57
O12 5IF TA . -27.22 28.75 9.09
O22 5IF TA . -32.56 24.08 17.73
C CO3 UA . 41.64 -57.55 -10.00
O1 CO3 UA . 42.74 -56.85 -10.07
O2 CO3 UA . 40.89 -57.69 -11.05
O3 CO3 UA . 41.29 -58.09 -8.87
ZN ZN VA . 38.29 -56.13 -13.90
ZN ZN WA . 38.25 -53.63 -11.89
S SO4 XA . 58.59 -56.80 -64.31
O1 SO4 XA . 59.91 -56.36 -64.74
O2 SO4 XA . 58.61 -58.23 -64.05
O3 SO4 XA . 58.21 -56.08 -63.10
O4 SO4 XA . 57.61 -56.51 -65.36
S SO4 YA . 30.83 -74.01 -36.93
O1 SO4 YA . 31.40 -74.38 -38.23
O2 SO4 YA . 31.30 -74.92 -35.90
O3 SO4 YA . 31.25 -72.64 -36.59
O4 SO4 YA . 29.37 -74.07 -37.00
S SO4 ZA . 59.81 -66.19 -3.88
O1 SO4 ZA . 59.29 -67.49 -3.49
O2 SO4 ZA . 61.27 -66.21 -3.83
O3 SO4 ZA . 59.30 -65.16 -2.96
O4 SO4 ZA . 59.37 -65.89 -5.24
C13 5IF AB . 42.79 -52.96 -14.08
C15 5IF AB . 43.06 -53.31 -16.45
C17 5IF AB . 43.68 -51.42 -17.99
C20 5IF AB . 44.21 -50.37 -20.48
C21 5IF AB . 44.49 -49.77 -21.86
C24 5IF AB . 43.48 -50.07 -18.23
C26 5IF AB . 43.08 -51.62 -14.24
C02 5IF AB . 44.13 -52.78 -10.97
C03 5IF AB . 44.45 -51.90 -9.78
C04 5IF AB . 45.11 -52.74 -8.69
C05 5IF AB . 45.40 -50.78 -10.21
C06 5IF AB . 43.16 -51.30 -9.23
C08 5IF AB . 42.45 -53.52 -12.71
C09 5IF AB . 40.99 -53.96 -12.61
C14 5IF AB . 42.77 -53.81 -15.18
C16 5IF AB . 43.37 -51.97 -16.60
C18 5IF AB . 44.13 -52.26 -19.00
C19 5IF AB . 44.39 -51.73 -20.26
C23 5IF AB . 43.75 -49.54 -19.48
C25 5IF AB . 43.38 -51.12 -15.51
N07 5IF AB . 42.82 -52.68 -11.58
N10 5IF AB . 40.66 -55.35 -12.33
O01 5IF AB . 44.93 -53.55 -11.38
O11 5IF AB . 39.32 -55.73 -12.23
O12 5IF AB . 40.12 -53.17 -12.78
O22 5IF AB . 45.75 -50.21 -22.29
C CO3 BB . 30.14 -31.87 5.99
O1 CO3 BB . 30.17 -33.08 6.48
O2 CO3 BB . 29.01 -31.34 5.67
O3 CO3 BB . 31.25 -31.21 5.83
ZN ZN CB . 30.73 -37.20 5.57
ZN ZN DB . 30.98 -36.41 2.63
S SO4 EB . 20.07 -47.74 -8.55
O1 SO4 EB . 20.93 -48.62 -9.34
O2 SO4 EB . 20.68 -47.53 -7.24
O3 SO4 EB . 19.95 -46.45 -9.23
O4 SO4 EB . 18.75 -48.35 -8.38
C13 5IF FB . 35.42 -34.89 4.34
C15 5IF FB . 36.67 -36.18 5.93
C17 5IF FB . 38.96 -37.05 5.37
C20 5IF FB . 41.23 -38.52 5.96
C21 5IF FB . 42.49 -39.32 6.26
C24 5IF FB . 39.63 -37.73 4.36
C26 5IF FB . 36.45 -35.00 3.41
C02 5IF FB . 34.78 -31.87 3.01
C03 5IF FB . 34.75 -30.94 1.80
C04 5IF FB . 34.34 -29.54 2.23
C05 5IF FB . 36.11 -30.89 1.12
C06 5IF FB . 33.70 -31.48 0.81
C08 5IF FB . 34.13 -34.15 3.98
C09 5IF FB . 33.03 -35.17 3.72
C14 5IF FB . 35.52 -35.48 5.58
C16 5IF FB . 37.70 -36.27 5.01
C18 5IF FB . 39.42 -37.12 6.68
C19 5IF FB . 40.56 -37.85 6.97
C23 5IF FB . 40.77 -38.46 4.65
C25 5IF FB . 37.60 -35.70 3.75
N07 5IF FB . 34.18 -33.18 2.90
N10 5IF FB . 31.85 -35.25 4.58
O01 5IF FB . 35.28 -31.51 4.02
O11 5IF FB . 31.73 -34.37 5.66
O12 5IF FB . 33.14 -35.91 2.81
O22 5IF FB . 43.52 -38.89 5.42
C CO3 GB . 27.30 -33.75 -26.32
O1 CO3 GB . 28.49 -33.23 -26.42
O2 CO3 GB . 27.02 -34.88 -26.92
O3 CO3 GB . 26.38 -33.16 -25.63
ZN ZN HB . 24.97 -32.51 -21.43
ZN ZN IB . 27.13 -34.51 -20.79
OH3 1PE JB . -0.49 -11.81 -17.50
C13 1PE JB . 1.81 -12.40 -17.79
C23 1PE JB . 0.72 -11.45 -18.16
OH4 1PE JB . 1.43 -13.72 -18.14
C14 1PE JB . 1.91 -15.76 -19.28
C24 1PE JB . 2.40 -14.40 -18.90
OH5 1PE JB . 0.94 -15.66 -20.31
C15 1PE JB . -1.20 -16.71 -20.43
C25 1PE JB . 0.28 -16.89 -20.57
OH6 1PE JB . -1.70 -15.88 -21.47
C13 5IF KB . 29.91 -30.60 -21.61
C15 5IF KB . 29.24 -28.37 -21.09
C17 5IF KB . 30.57 -26.96 -19.48
C20 5IF KB . 31.01 -24.64 -18.05
C21 5IF KB . 31.26 -23.35 -17.27
C24 5IF KB . 31.34 -26.98 -18.33
C26 5IF KB . 31.00 -30.49 -20.77
C02 5IF KB . 31.92 -32.48 -23.38
C03 5IF KB . 33.08 -33.47 -23.42
C04 5IF KB . 34.20 -32.93 -24.31
C05 5IF KB . 33.62 -33.68 -22.01
C06 5IF KB . 32.59 -34.80 -23.97
C08 5IF KB . 29.66 -31.91 -22.35
C09 5IF KB . 28.52 -32.67 -21.67
C14 5IF KB . 29.03 -29.55 -21.77
C16 5IF KB . 30.33 -28.25 -20.24
C18 5IF KB . 30.01 -25.77 -19.92
C19 5IF KB . 30.23 -24.61 -19.21
C23 5IF KB . 31.56 -25.82 -17.62
C25 5IF KB . 31.21 -29.31 -20.07
N07 5IF KB . 30.82 -32.76 -22.48
N10 5IF KB . 27.27 -32.95 -22.33
O01 5IF KB . 31.91 -31.52 -24.07
O11 5IF KB . 27.05 -32.54 -23.65
O12 5IF KB . 28.67 -33.01 -20.55
O22 5IF KB . 32.43 -23.51 -16.53
C CO3 LB . 51.40 -16.50 -26.09
O1 CO3 LB . 52.25 -17.08 -26.87
O2 CO3 LB . 50.30 -17.11 -25.77
O3 CO3 LB . 51.64 -15.31 -25.64
ZN ZN MB . 55.31 -20.04 -27.23
ZN ZN NB . 54.77 -20.30 -24.22
OH3 1PE OB . 67.45 -23.67 -57.56
C13 1PE OB . 67.59 -24.63 -55.39
C23 1PE OB . 67.32 -24.88 -56.83
OH4 1PE OB . 66.61 -23.74 -54.86
C14 1PE OB . 67.87 -22.34 -53.39
C24 1PE OB . 66.84 -23.41 -53.50
OH5 1PE OB . 67.26 -21.06 -53.50
C15 1PE OB . 69.18 -19.76 -54.10
C25 1PE OB . 68.11 -20.01 -53.08
OH6 1PE OB . 68.73 -18.79 -55.03
C13 5IF PB . 50.66 -22.57 -25.93
C15 5IF PB . 50.77 -23.94 -27.90
C17 5IF PB . 50.19 -26.38 -27.82
C20 5IF PB . 49.90 -28.85 -29.02
C21 5IF PB . 49.73 -30.21 -29.68
C24 5IF PB . 50.32 -27.53 -27.07
C26 5IF PB . 50.25 -23.66 -25.18
C02 5IF PB . 48.89 -20.69 -23.78
C03 5IF PB . 48.36 -20.52 -22.37
C04 5IF PB . 47.60 -19.20 -22.27
C05 5IF PB . 47.45 -21.68 -22.00
C06 5IF PB . 49.55 -20.48 -21.39
C08 5IF PB . 50.85 -21.21 -25.29
C09 5IF PB . 52.30 -20.77 -25.34
C14 5IF PB . 50.92 -22.71 -27.29
C16 5IF PB . 50.36 -25.02 -27.15
C18 5IF PB . 49.91 -26.45 -29.17
C19 5IF PB . 49.76 -27.69 -29.78
C23 5IF PB . 50.17 -28.77 -27.66
C25 5IF PB . 50.09 -24.89 -25.80
N07 5IF PB . 50.29 -21.05 -23.97
N10 5IF PB . 52.67 -19.49 -25.92
O01 5IF PB . 48.20 -20.54 -24.71
O11 5IF PB . 54.01 -19.11 -25.95
O12 5IF PB . 53.13 -21.47 -24.89
O22 5IF PB . 49.25 -31.12 -28.72
C CO3 QB . 58.44 -22.82 4.82
O1 CO3 QB . 59.53 -23.44 5.15
O2 CO3 QB . 57.27 -23.40 4.96
O3 CO3 QB . 58.49 -21.61 4.36
ZN ZN RB . 58.09 -19.15 0.83
ZN ZN SB . 58.44 -21.78 -0.69
S SO4 TB . 71.66 0.71 -7.16
O1 SO4 TB . 72.18 -0.24 -8.14
O2 SO4 TB . 72.76 1.35 -6.46
O3 SO4 TB . 70.86 1.73 -7.84
O4 SO4 TB . 70.81 0.00 -6.20
OH3 1PE UB . 59.82 13.42 8.62
C13 1PE UB . 61.51 11.99 7.72
C23 1PE UB . 61.07 13.40 7.94
OH4 1PE UB . 60.45 11.23 7.17
C14 1PE UB . 59.57 9.06 6.67
C24 1PE UB . 60.79 9.86 6.98
OH5 1PE UB . 58.91 9.59 5.52
C15 1PE UB . 56.87 10.28 4.53
C25 1PE UB . 57.50 9.42 5.57
OH6 1PE UB . 55.63 10.78 5.01
C16 1PE UB . 56.10 13.07 5.48
C26 1PE UB . 55.37 12.11 4.59
OH7 1PE UB . 55.21 14.05 6.01
C13 5IF VB . 53.76 -22.05 0.71
C15 5IF VB . 52.29 -20.15 0.70
C17 5IF VB . 50.17 -20.13 -0.64
C20 5IF VB . 47.86 -18.89 -1.55
C21 5IF VB . 46.59 -18.21 -2.04
C24 5IF VB . 49.61 -20.51 -1.85
C26 5IF VB . 52.91 -22.72 -0.17
C02 5IF VB . 54.37 -25.01 1.98
C03 5IF VB . 54.54 -26.52 1.83
C04 5IF VB . 54.92 -27.13 3.19
C05 5IF VB . 53.24 -27.16 1.34
C06 5IF VB . 55.66 -26.80 0.82
C08 5IF VB . 55.05 -22.70 1.18
C09 5IF VB . 56.22 -22.05 0.46
C14 5IF VB . 53.46 -20.77 1.13
C16 5IF VB . 51.44 -20.82 -0.16
C18 5IF VB . 49.59 -19.13 0.11
C19 5IF VB . 48.44 -18.51 -0.34
C23 5IF VB . 48.45 -19.89 -2.30
C25 5IF VB . 51.75 -22.09 -0.60
N07 5IF VB . 55.13 -24.15 1.12
N10 5IF VB . 57.29 -21.37 1.18
O01 5IF VB . 53.62 -24.58 2.78
O11 5IF VB . 57.23 -21.30 2.58
O12 5IF VB . 56.27 -22.10 -0.72
O22 5IF VB . 46.82 -17.72 -3.34
C CO3 WB . 66.48 -43.80 -18.23
O1 CO3 WB . 66.93 -43.42 -19.39
O2 CO3 WB . 65.31 -44.37 -18.15
O3 CO3 WB . 67.19 -43.60 -17.16
ZN ZN XB . 67.92 -41.18 -13.70
ZN ZN YB . 65.69 -39.38 -15.08
S SO4 ZB . 71.77 -20.78 -14.80
O1 SO4 ZB . 73.07 -20.14 -14.91
O2 SO4 ZB . 71.94 -22.17 -14.38
O3 SO4 ZB . 71.10 -20.76 -16.10
O4 SO4 ZB . 70.95 -20.07 -13.83
OH3 1PE AC . 94.49 -41.80 0.32
C13 1PE AC . 92.69 -41.33 1.81
C23 1PE AC . 93.92 -40.81 1.16
OH4 1PE AC . 92.98 -41.79 3.13
C14 1PE AC . 91.81 -43.62 4.13
C24 1PE AC . 91.82 -42.16 3.86
OH5 1PE AC . 91.64 -43.87 5.52
C15 1PE AC . 91.74 -46.20 6.05
C25 1PE AC . 92.47 -44.90 6.02
OH6 1PE AC . 91.97 -46.92 4.85
C13 5IF BC . 62.79 -42.99 -13.38
C15 5IF BC . 63.19 -44.05 -11.27
C17 5IF BC . 61.51 -43.92 -9.41
C20 5IF BC . 60.67 -44.53 -6.84
C21 5IF BC . 60.21 -44.85 -5.43
C24 5IF BC . 60.60 -43.10 -8.77
C26 5IF BC . 61.58 -42.52 -12.92
C02 5IF BC . 61.52 -43.16 -16.53
C03 5IF BC . 60.49 -42.66 -17.52
C04 5IF BC . 60.26 -43.71 -18.60
C05 5IF BC . 59.17 -42.36 -16.79
C06 5IF BC . 61.01 -41.37 -18.16
C08 5IF BC . 63.27 -42.66 -14.79
C09 5IF BC . 64.52 -41.78 -14.80
C14 5IF BC . 63.60 -43.76 -12.56
C16 5IF BC . 61.97 -43.59 -10.82
C18 5IF BC . 62.00 -45.05 -8.77
C19 5IF BC . 61.58 -45.35 -7.48
C23 5IF BC . 60.18 -43.39 -7.48
C25 5IF BC . 61.16 -42.82 -11.64
N07 5IF BC . 62.27 -42.21 -15.73
N10 5IF BC . 65.73 -42.23 -15.44
O01 5IF BC . 61.73 -44.32 -16.41
O11 5IF BC . 66.87 -41.40 -15.45
O12 5IF BC . 64.48 -40.72 -14.28
O22 5IF BC . 58.90 -44.36 -5.27
#